data_8YFQ
#
_entry.id   8YFQ
#
_cell.length_a   1.00
_cell.length_b   1.00
_cell.length_c   1.00
_cell.angle_alpha   90.00
_cell.angle_beta   90.00
_cell.angle_gamma   90.00
#
_symmetry.space_group_name_H-M   'P 1'
#
loop_
_entity.id
_entity.type
_entity.pdbx_description
1 polymer 'DNA-directed RNA polymerase subunit'
2 polymer 'DNA-directed RNA polymerase subunit beta'
3 polymer 'RNA polymerase II third largest subunit B44, part of central core'
4 polymer 'RNA polymerase II subunit B32'
5 polymer 'DNA-directed RNA polymerases I, II, and III subunit RPABC1'
6 polymer 'RNA polymerase subunit ABC23, common to RNA polymerases I, II, and III'
7 polymer 'RNA polymerase II subunit'
8 polymer 'DNA-directed RNA polymerases I, II, and III subunit RPABC3'
9 polymer 'DNA-directed RNA polymerase subunit'
10 polymer 'RNA polymerase subunit ABC10-beta, common to RNA polymerases I, II, and III'
11 polymer 'RNA polymerase II subunit B12.5'
12 polymer 'RNA polymerase subunit ABC10-alpha'
13 polymer 'DNA (90-mer)'
14 polymer 'DNA (90-mer)'
15 polymer 'RNA (22-mer)'
16 polymer "5'-3' exoribonuclease"
17 polymer 'Decapping nuclease'
18 non-polymer 'ZINC ION'
19 non-polymer 'MAGNESIUM ION'
#
loop_
_entity_poly.entity_id
_entity_poly.type
_entity_poly.pdbx_seq_one_letter_code
_entity_poly.pdbx_strand_id
1 'polypeptide(L)'
;MSQFPYSSAPLRSVKEVQFGLLSPEEIRAISVVKIEYPEIMDESRQRPREGGLNDPKLGSIDRNFKCQTCGEGMAECPGH
FGHMELAKPVFHIGFIPKIKKVCECICMNCGKLLLDETNPTMAQAIRIRDPKKRFNAVWQLCKTKMVCEADAPVDEYSEQ
KVVSRGGCGNTQPVVRKDGMKLWGTWKKSGFSDRDAQPERKLLTPGEILNVFKHISPEDCFRLGFNEDYARPEWMIITVL
PVPPPQVRPSIAMDETTQGQDDLTHKLSDILKANINVQKLEMDGSPQHIINEVEQLLQFHVATYMDNDIAGQPQALQKSG
RPVKAIRARLKGKEGRLRGNLMGKRVDFSARTVISGDPNLELDQVGVPISIAKTLSYPETVTQYNIHRLTEYVRNGPNEH
PGAKYVIRDNGDRIDLRYHKRAGDIVLQYGWKVERHLMDDDPVLFNRQPSLHKMSMMAHRVKVMPYSTFRLNLSVTSPYN
ADFDGDEMNLHVPQSEETRAELSQLCAVPLQIVSPQSNKPVMGIVQDTLCGVRKMTLRDTFIEYEQVMNMLFWVPSWDGV
VPQPAILKPKPLWTGKQLLSIAIPSGIHLQRTDGGNSLLSPKDNGMLIVDGKVMFGVVDKKTVGSGGGGLIHTVMREKGP
KICAELFGNIQKVVNYWLLHNGFSIGIGDAIADASTMKEITHAISSAKEQVQEIIYKAQHNELELKPGMTLRESFEGEVS
RTLNDARDSAGRSAEMNLKDLNNVKQMVSAGSKGSFINIAQMSACVGQQMVEGKRIAFGFADRSLPHFTKDDFSPESKGF
VENSYLRGLTPQEFFFHAMAGREGLIDTAVKTAETGYIQRRLVKALEDIMVHYDGTTRNSLGDIIQFLYGEDGLDGTQVE
RQTIDTIPGSDKAFHKRYYVDLMDEKNSIKPDVIEYAADILGDVELQKELNSEYEQLVSDRKFLREIVFVNGDHNWPLPV
NLRRIIQNAQQIFHLDRAKASDLTIPEIIHGVRDLCKKLFVLRGENELIKEAQQNATSLFQCLVRARLATRRILEEFRLN
RDAFEWVLGTIEAQFQRSLVHPGEMVGVIAAQSIGEPATQMTLNTFHYAGVSSKNVTLGVPRLKEILNVAKNIKTPALTV
YLDREIALDIEKAKVIQSSIEYTTLKNVTSATEIYYDPDPTSTVIEEDFDTVEAYFSIPDEKVEETIDKQSPWLLRLELD
RARMLDKQLTMNQVADKISEVFSDDLFVMWSEDNADKLIIRCRVIRDPKAMDEELEAEEDQMLKRIEAHMLDLIALRGIP
GISKVYMVKHKVSVPDESGEYKNEELWALETDGINLAEVMAVPGVDSSRTYSNSFVEILSVLGIEATRSSLYKEILNVIA
FDGSYVNYRHMALLVDVMTSRGYLMAITRHGINRADTGALMRCSFEETVEILFEAGAAAELDDCRGVSENVMLGQLAPMG
TGAFDVMIDEKLLTSLPADYAPTMPLFKGKATQGSATPYDNNAQYDDEFNHDDVADVMFSPMAETGSGDDRSGGLTEYAG
IQSPYQPTSPGLSATSPGFAPTSPGFAPTSPRYSPTSPGYSPTSPSYSPTSPSYSPTSPSYSPTSPSYSPTSPSYSPTSP
SYSPTSPSYSPTSPSYSPTSPSYSPTSPQYSPTSPQYSPTSPQYSPTSPQYSPTSPQYSPTSPQYSPTSPQYSPTSPQYS
PTSPQYSPTSPQYSPTSPQYSPTSPQYSPTSPQYSPTSPQYSPASPQYSPSRHSPNGESKEGE
;
A
2 'polypeptide(L)'
;MSYDPYSIDDTITTEDCWTVISAFFEEKGLVSQQLDSFDEFMETSIQDLVWEEPRLILDQPAQHTNEKDNINKRYEIRFG
KIYLSRPTMTEADGTTHAMFPQEARLRNLTYSSPVYLDMEKSMFTSIDDEGNPNATLDWQQVHEPIKDGVEEGNKVHIGK
VPIMLRSKFCSLRTLDEVDLYKMKECPYDMGGYFVINGSEKVLIAQERSAANIVQVFKKAAPSPISHVAEIRSALEKGSR
LISTMQIKLYGREDKGTGRTIKATLPYVKQDIPIVIVFRALGVVPDGEILQHICYDENDWQMLEMLKPCIEEGFVIQDKE
VALDFIGRRGSAALGIRREKRIQYAKDILQKELLPHITQEEGFETRKTFFLGYMVNRLLLCALERKDQDDRDHFGKKRLD
LAGPLLANLFRILFRKLTREIYRYMQRCIETDRDFNLNLAVKSTTITSGLKYSLATGNWGEQKKAMSSRAGVSQVLNRYT
YSSTLSHLRRTNTPIGRDGKLAKPRQLHNTHWGLVCPAETPEGQACGLVKNLSLLSGISIGSPSEPIINFLEEWGMEPLE
DYDPAQHTKSTRIFVNGVWTGIHRDPSMLVSTMRDLRRSGAISPEVSIIRDIREREFKIFTDVGRVYRPLFIVEDDESKD
NKGELRITKEHIRKIQQGYDDDAMNDDSEEQEQDVYGWSSLVTSGVIEYVDGEEEETIMIAMTPEDLQTRSLEQKEIDLN
DTAKRIKPEMSTSSHHTFTHCEIHPSMILGVAASIIPFPDHNQSPRNTYQSAMGKQAMGVFLTNYNVRMDTMANILYYPQ
KPLAKTQAMEYLKFRELPAGQNAIVAIACYSGYNQEDSMIMNQSSIDRGLFRSLFFRSYMDQEKRFGISIVEEFEKPTRA
TTLRLKHGTYEKLDEDGLIAPGVRVSGDDIIIGKTTPIPPDTEELGQRTKYHTKRDASTPLRSTENGIVDQVLLTTNQEG
LKFVKVRMRTTKVPQIGDKFASRHGQKGTIGVTYRHEDMPFSAEGIVPDLIINPHAIPSRMTVAHLIECLLSKVGSIRGY
EGDATPFTDLTVDAVSNLLRDNGYQSRGFEVMYNGHTGKKLMAQVFFGPTYYQRLRHMVDDKIHARARGPVQVLTRQPVE
GRSRDGGLRFGEMERDCMIAHGAAGFLKERLMEASDAFRVHVCGICGLMSVIANLKKNQFECRSCKNKTNIYQLHIPYAA
KLLFQELMAMNIAPRLYTERSGVSMRS
;
B
3 'polypeptide(L)'
;MSKEPKVNIINAQDDEVELMLSDVNLSLANSLRRTMLAEVPTLAIDLVEIKMNTSVLADEFISHRLGLIPLVSEDVEEMK
YSRDCTCEDYCDECSVVLELSARHEGEEGTTDVYSSSLIKVSGPGNLNVGEPVRRDDYDQGILLCKLRNHQELNIRCIAK
KGIAKEHAKWSPCSAIAFEYDPHNKLKHTDFWFEVDAKKEWPDSKYATWEEPPKPGEVFDYKAKPNRFYMTVETTGSLKA
NQVFSRGIKTLQEKLANVLFELENSRPANTTAYGGATAYGGQTVYGRETSYGGNTNYGDYNAPY
;
C
4 'polypeptide(L)'
;MNVSTSTVGARRRRAKQQVDDEENATLLRLGPEFALKQYDHDGNEHDLIALSLSESRLLIREALKARSRARNGGVDIESS
NGEIDDDELAKVTSGAVANGVVKKTLDYLNTFARFKDEETCTAVDQLLHNSSDCSVLHPFEIAQLSSLGCEDVDEAITLI
PSLAAKKEVNLQRILDELNRLEDPYK
;
D
5 'polypeptide(L)'
;MEDNNRIISRLWRSFRTVKEMAADRGYFISQEEMDQSLEEFRSKICDSMGNPQRKLMSFLANPTPEALEKYSDLGTLWVE
FCDEPSVGIKTMRNFCLRIQEKNFSTGIFIYQNNITPSANKMIPTVSPAIIETFQESDLVVNITHHELVPKHIRLSDGEK
SQLLQRYKLKESQLPRIQREDPVARYLGLKRGQVVKIIRRSETSGRYASYRICL
;
E
6 'polypeptide(L)'
;MSEDEAFNEQTENFENFEDEHFSDDNFEDRSTQPEDYAVGVTADGRQIINGDGIQEVNGTIKAHRKRSNKELAILKEERT
TTPYLTKYERARILGTRALQISMNAPVLVDIEGETDPLQIAMKELSQRKIPLVIRRYLPDGSYEDWGCDELIVDN
;
F
7 'polypeptide(L)'
;MFFLKDLSLILTLHPSYFGPQMNQYLREKLLTDVEGTCTGQFGYIVTVLDGMNIDVGKGRIIPGSGSAEFEVKYRAVVWK
PFKGEVVDAIVSNVSPIGFFADVGPLNVFVSTRLIPDNLVYNPSNSPPAYMSNDELITKGSKVRLKVVGTRTDVNEIYAI
GSIKEDFLGAI
;
G
8 'polypeptide(L)'
;MSSALFDDIFTVQTVDNGRYNKVSRIIGISTTNSAIKLTLDINNEMFPVSQDDSLTVTLANSLSLDGEDESANFSKSWRP
PKPTDKSLADDYDYVMFGTVYKFEEGDEDKIKVYVSFGGLLMCLEGGYKSLASLKQDNLYILIRR
;
H
9 'polypeptide(L)'
;MASFRFCLECNNMLYPKEDKENQRLLYSCRNCDYTELAEDPKVYRHELITNIGETAGIVDDIGQDPTLPRSDKECPECHS
RDCVFFQSQQRRKDTNMTLFYVCLNCKKTFRDESE
;
I
10 'polypeptide(L)' MIIPVRCFSCGKVVGDKWDAYLRLLEEGKQEGDALDELKLKRYCCRRMVLTHVDLIEKFLRYNPLEKKDFDS J
11 'polypeptide(L)'
;MNAPDRFELFILPDDVPKLKITPDSRVPNCIIIKFEREDHTLANLLREELALYPDVTFVAYKVEHPLFANFVMRLQTEEG
TRPKQALERACASIINKLKTLDHKFNEEWNIKNFSLND
;
K
12 'polypeptide(L)' MSREGFVAPSGTDLAAAASGVAPNKHYGVKYTCGACAHNFSLNKSDPVRCKECGHRVIYKARTKRMIQFDAR L
13 'polydeoxyribonucleotide'
;(DG)(DT)(DC)(DA)(DA)(DG)(DG)(DC)(DA)(DG)(DT)(DA)(DC)(DT)(DA)(DG)(DT)(DA)(DA)(DT)
(DT)(DT)(DA)(DG)(DC)(DA)(DA)(DT)(DC)(DC)(DA)(DA)(DC)(DT)(DA)(DC)(DT)(DT)(DT)(DA)
(DT)(DC)(DT)(DT)(DT)(DT)(DA)(DA)(DT)(DC)(DA)(DA)(DT)(DC)(DT)(DA)(DC)(DA)(DA)(DT)
(DA)(DA)(DC)(DT)(DG)(DG)(DG)(DG)(DG)(DG)(DC)(DT)(DA)(DC)(DC)(DG)(DA)(DC)(DG)(DC)
(DT)(DA)(DG)(DG)(DG)(DA)(DT)(DC)(DC)(DT)
;
N
14 'polydeoxyribonucleotide'
;(DA)(DG)(DG)(DA)(DT)(DC)(DC)(DC)(DT)(DA)(DG)(DC)(DG)(DT)(DC)(DG)(DG)(DT)(DA)(DG)
(DC)(DC)(DC)(DC)(DC)(DC)(DA)(DG)(DT)(DT)(DA)(DT)(DT)(DG)(DT)(DA)(DG)(DA)(DT)(DT)
(DG)(DA)(DT)(DT)(DA)(DA)(DA)(DA)(DG)(DA)(DT)(DA)(DA)(DA)(DG)(DT)(DA)(DG)(DT)(DT)
(DG)(DA)(DG)(DC)(DC)(DT)(DG)(DG)(DT)(DC)(DA)(DT)(DT)(DA)(DC)(DT)(DA)(DG)(DT)(DA)
(DC)(DT)(DG)(DC)(DC)(DT)(DT)(DG)(DA)(DC)
;
T
15 'polyribonucleotide' AUAUAUGCAUAAAGACCAGGCU P
16 'polypeptide(L)'
;MGVPALFRWLSRKYPKIISPVIQDEDVDIDGESRPTRYEDPNPNGELDNLYLDMNGIVHPCSHPEHKPVPETEDEMMLDV
FAYTENVIMMARPRKVIYIAVDGVAPRAKMNQQRSRRFRSAQDAKDANEKKAAELKEMEKKGEIIDDAIKNKKTWDSNAI
TPGTPFMHRLADSLRYWAAYKLTTDPGWSGIEVIISDASVPGQGQHKIMSYVRSLRSSPKHDPNTTHCIYGLNANLIFLG
LATHEPHFKILREDVFAQDKKSYSLQDQLRMTDIERQELKDKKTPFLWLHLNILREYLQIELNVPGLSFPFDLEKSIDDW
VFICFFCGNNFLPHLPSLDVRDNSITTLVTIWKQILPTMKGYLTTDGYLNLPAVERLLAELAKKEDYIFRKRYEDEKRSL
ENQKRRKLAQEQSSARSQNAPNISTGKDKAPLTPNQNIPLYTTSGESVGIKMTDSEMVNNSALITKANEANKSIAELLKQ
NLQNEINKKRKISNEEQEVVKESVEEVVEEEDDVLVTSDPEDSSTEILIPKNEEIRLWEPGYRKRYYETKFHTKDPQKVK
KIARNMVQKYIEGVSWVLLYYYQGCPSWNWYYPYHYAPFAADFVNLSELKIEFVEGTPFRPYEQLMSVLPAASSHNLPDV
FRSLMSDANSEIIDFYPEEFPLDMNGKKVIWQAIPLLPFIDENRLLKAVQSKYDQLTEDEKFRNTNRSEILVLGRSHSHY
PTLVKELYEEGKDSYEFQVDSSGVSGVAIKLQSFDRSGVLRLPVKQLEGYRHYPDISNRDFLMVEFKQLPKSHAKSMILS
GLIPHLRRLTQEDKDSILYGGTNFYGRNRFSPEENADFKQYIGPHGKSQYLPRQGGYKAFIQIHSDEAKGHRHGIYHGGS
HTETEFRRGGGYHQHGNRGGRGGYQGNQGYQANSGGYQNSYQGSYQGGYRGGYQGGSQGRYQAGYQSGYQGGYQGEYKNG
YQGGYQGNQGNQGYNRQTYNASKSGTLPMKRRHNSGPSSGLEVLFQ
;
R
17 'polypeptide(L)'
;GPGMSKEKILPLAARSKKAMLRQPKQVAYFSRDLNYKTHPDRSNLSYYYLPDGDIDNSIDLSVGSKHFLLGDSVELSKLD
PILLALKEIEKESGAKTKDRIITWRGIMRKLLTLPYDSEEDFVLDVVSFDGQLFIQFNVPYLKSKDVQKQGDTEFHKKLQ
FSGYKFEKMATLPKPWPECTRKEIDSRAKSKCNNIEQYGAIVRTGISRIKILIGGAVACTADYYDENDPLSRYIELKTTR
TINQYKDMIAFEKKLFRTWAQCFLLGIPKIIYGFRDDNCILRTVEEFSTNDIPLMVKNNPLNEQPKKENCYMSSINFYGA
VVEWLNESVKDDQVWKLSYAKRNRQYLVLKEVTDENEKQQIVDSAIPAWFKEWRSELRNSEGNI
;
S
#
loop_
_chem_comp.id
_chem_comp.type
_chem_comp.name
_chem_comp.formula
A RNA linking ADENOSINE-5'-MONOPHOSPHATE 'C10 H14 N5 O7 P'
C RNA linking CYTIDINE-5'-MONOPHOSPHATE 'C9 H14 N3 O8 P'
DA DNA linking 2'-DEOXYADENOSINE-5'-MONOPHOSPHATE 'C10 H14 N5 O6 P'
DC DNA linking 2'-DEOXYCYTIDINE-5'-MONOPHOSPHATE 'C9 H14 N3 O7 P'
DG DNA linking 2'-DEOXYGUANOSINE-5'-MONOPHOSPHATE 'C10 H14 N5 O7 P'
DT DNA linking THYMIDINE-5'-MONOPHOSPHATE 'C10 H15 N2 O8 P'
G RNA linking GUANOSINE-5'-MONOPHOSPHATE 'C10 H14 N5 O8 P'
MG non-polymer 'MAGNESIUM ION' 'Mg 2'
U RNA linking URIDINE-5'-MONOPHOSPHATE 'C9 H13 N2 O9 P'
ZN non-polymer 'ZINC ION' 'Zn 2'
#
# COMPACT_ATOMS: atom_id res chain seq x y z
N SER A 2 -3.13 -1.34 18.27
CA SER A 2 -3.16 -1.07 19.70
C SER A 2 -3.55 0.39 19.98
N GLN A 3 -3.86 1.12 18.90
CA GLN A 3 -4.27 2.51 19.02
C GLN A 3 -5.74 2.68 19.37
N PHE A 4 -6.52 1.59 19.34
CA PHE A 4 -7.93 1.68 19.66
C PHE A 4 -8.11 1.90 21.17
N PRO A 5 -9.18 2.58 21.57
CA PRO A 5 -9.46 2.73 23.01
C PRO A 5 -9.78 1.39 23.65
N TYR A 6 -9.48 1.29 24.93
CA TYR A 6 -9.65 0.04 25.65
C TYR A 6 -11.13 -0.32 25.77
N SER A 7 -11.42 -1.61 25.59
CA SER A 7 -12.77 -2.14 25.71
C SER A 7 -12.74 -3.37 26.61
N SER A 8 -13.76 -3.51 27.46
CA SER A 8 -13.81 -4.63 28.39
C SER A 8 -14.19 -5.94 27.73
N ALA A 9 -14.72 -5.89 26.51
CA ALA A 9 -15.08 -7.12 25.82
C ALA A 9 -13.83 -7.92 25.45
N PRO A 10 -13.85 -9.23 25.60
CA PRO A 10 -12.68 -10.04 25.22
C PRO A 10 -12.44 -9.99 23.72
N LEU A 11 -11.16 -10.09 23.36
CA LEU A 11 -10.73 -10.02 21.97
C LEU A 11 -10.34 -11.41 21.48
N ARG A 12 -10.90 -11.81 20.34
CA ARG A 12 -10.57 -13.08 19.72
C ARG A 12 -10.67 -12.91 18.21
N SER A 13 -10.57 -14.02 17.49
CA SER A 13 -10.58 -14.02 16.03
C SER A 13 -11.77 -14.81 15.50
N VAL A 14 -12.22 -14.43 14.32
CA VAL A 14 -13.32 -15.13 13.66
C VAL A 14 -12.87 -16.53 13.26
N LYS A 15 -13.66 -17.53 13.64
CA LYS A 15 -13.37 -18.91 13.31
C LYS A 15 -14.36 -19.53 12.33
N GLU A 16 -15.58 -19.02 12.26
CA GLU A 16 -16.59 -19.52 11.36
C GLU A 16 -17.44 -18.37 10.85
N VAL A 17 -17.78 -18.42 9.57
CA VAL A 17 -18.65 -17.42 8.94
C VAL A 17 -19.92 -18.13 8.48
N GLN A 18 -21.06 -17.71 9.00
CA GLN A 18 -22.35 -18.30 8.68
C GLN A 18 -23.13 -17.34 7.80
N PHE A 19 -23.49 -17.79 6.60
CA PHE A 19 -24.26 -16.99 5.65
C PHE A 19 -25.73 -17.33 5.74
N GLY A 20 -26.55 -16.40 5.27
CA GLY A 20 -27.99 -16.60 5.30
C GLY A 20 -28.71 -15.36 4.81
N LEU A 21 -30.02 -15.36 5.02
CA LEU A 21 -30.89 -14.27 4.62
C LEU A 21 -31.45 -13.57 5.85
N LEU A 22 -31.62 -12.25 5.75
CA LEU A 22 -32.10 -11.44 6.85
C LEU A 22 -33.61 -11.50 6.88
N SER A 23 -34.16 -12.09 7.95
CA SER A 23 -35.60 -12.14 8.11
C SER A 23 -36.15 -10.74 8.40
N PRO A 24 -37.40 -10.46 8.02
CA PRO A 24 -37.98 -9.15 8.33
C PRO A 24 -38.01 -8.83 9.81
N GLU A 25 -38.24 -9.83 10.66
CA GLU A 25 -38.19 -9.61 12.10
C GLU A 25 -36.79 -9.21 12.53
N GLU A 26 -35.76 -9.89 12.01
CA GLU A 26 -34.38 -9.53 12.34
C GLU A 26 -34.04 -8.13 11.82
N ILE A 27 -34.53 -7.80 10.62
CA ILE A 27 -34.26 -6.47 10.07
C ILE A 27 -34.88 -5.40 10.95
N ARG A 28 -36.12 -5.62 11.41
CA ARG A 28 -36.76 -4.66 12.31
C ARG A 28 -36.04 -4.59 13.65
N ALA A 29 -35.53 -5.74 14.13
CA ALA A 29 -34.88 -5.75 15.44
C ALA A 29 -33.54 -5.03 15.41
N ILE A 30 -32.73 -5.25 14.37
CA ILE A 30 -31.42 -4.62 14.31
C ILE A 30 -31.50 -3.12 14.03
N SER A 31 -32.63 -2.66 13.48
CA SER A 31 -32.76 -1.26 13.15
C SER A 31 -32.97 -0.41 14.40
N VAL A 32 -32.55 0.85 14.32
CA VAL A 32 -32.72 1.79 15.42
C VAL A 32 -33.65 2.95 15.08
N VAL A 33 -34.02 3.12 13.80
CA VAL A 33 -34.89 4.21 13.39
C VAL A 33 -35.59 3.80 12.10
N LYS A 34 -36.83 4.25 11.94
CA LYS A 34 -37.61 4.00 10.74
C LYS A 34 -37.48 5.19 9.80
N ILE A 35 -37.19 4.92 8.54
CA ILE A 35 -36.98 5.95 7.53
C ILE A 35 -38.25 6.09 6.70
N GLU A 36 -38.90 7.25 6.80
CA GLU A 36 -40.14 7.48 6.08
C GLU A 36 -40.26 8.84 5.41
N TYR A 37 -39.36 9.80 5.69
CA TYR A 37 -39.50 11.15 5.17
C TYR A 37 -38.61 11.34 3.95
N PRO A 38 -39.19 11.66 2.79
CA PRO A 38 -38.35 11.84 1.59
C PRO A 38 -37.35 12.99 1.70
N GLU A 39 -37.70 14.05 2.40
CA GLU A 39 -36.85 15.22 2.49
C GLU A 39 -35.63 14.96 3.36
N ILE A 40 -34.59 15.77 3.15
CA ILE A 40 -33.34 15.66 3.87
C ILE A 40 -33.19 16.76 4.91
N MET A 41 -33.29 18.01 4.49
CA MET A 41 -33.18 19.15 5.39
C MET A 41 -34.57 19.59 5.85
N ASP A 42 -34.60 20.32 6.96
CA ASP A 42 -35.86 20.85 7.46
C ASP A 42 -36.23 22.14 6.74
N GLU A 43 -35.45 23.20 6.99
CA GLU A 43 -35.55 24.43 6.20
C GLU A 43 -34.17 25.00 5.87
N SER A 44 -33.18 24.12 5.71
CA SER A 44 -31.82 24.48 5.29
C SER A 44 -31.11 25.35 6.33
N ARG A 45 -31.10 24.87 7.58
CA ARG A 45 -30.34 25.48 8.66
C ARG A 45 -29.67 24.38 9.49
N GLN A 46 -29.04 23.43 8.81
CA GLN A 46 -28.49 22.22 9.43
C GLN A 46 -29.64 21.46 10.11
N ARG A 47 -29.33 20.69 11.15
CA ARG A 47 -30.32 19.90 11.89
C ARG A 47 -31.13 19.01 10.95
N PRO A 48 -30.55 17.91 10.46
CA PRO A 48 -31.24 17.10 9.46
C PRO A 48 -32.56 16.55 9.96
N ARG A 49 -33.39 16.15 9.01
CA ARG A 49 -34.75 15.67 9.31
C ARG A 49 -34.71 14.44 10.20
N GLU A 50 -35.58 14.44 11.21
CA GLU A 50 -35.72 13.30 12.11
C GLU A 50 -36.45 12.19 11.38
N GLY A 51 -35.85 11.01 11.32
CA GLY A 51 -36.42 9.91 10.56
C GLY A 51 -36.11 9.93 9.09
N GLY A 52 -35.25 10.83 8.64
CA GLY A 52 -34.87 10.91 7.25
C GLY A 52 -33.72 9.98 6.90
N LEU A 53 -33.21 10.15 5.68
CA LEU A 53 -32.12 9.32 5.20
C LEU A 53 -30.81 9.59 5.95
N ASN A 54 -30.66 10.76 6.54
CA ASN A 54 -29.46 11.11 7.28
C ASN A 54 -29.78 11.43 8.74
N ASP A 55 -30.57 10.58 9.37
CA ASP A 55 -30.89 10.76 10.78
C ASP A 55 -29.62 10.67 11.61
N PRO A 56 -29.46 11.51 12.63
CA PRO A 56 -28.26 11.40 13.50
C PRO A 56 -28.17 10.08 14.23
N LYS A 57 -29.29 9.37 14.42
CA LYS A 57 -29.24 8.07 15.08
C LYS A 57 -28.58 7.01 14.21
N LEU A 58 -28.54 7.22 12.89
CA LEU A 58 -27.90 6.24 12.01
C LEU A 58 -26.40 6.18 12.27
N GLY A 59 -25.77 7.32 12.48
CA GLY A 59 -24.33 7.34 12.73
C GLY A 59 -23.80 8.75 12.68
N SER A 60 -22.49 8.85 12.88
CA SER A 60 -21.79 10.12 12.88
C SER A 60 -20.64 10.06 11.87
N ILE A 61 -20.55 11.09 11.03
CA ILE A 61 -19.49 11.20 10.03
C ILE A 61 -18.65 12.45 10.19
N ASP A 62 -18.94 13.28 11.19
CA ASP A 62 -18.21 14.52 11.42
C ASP A 62 -17.89 14.65 12.90
N ARG A 63 -16.81 15.37 13.19
CA ARG A 63 -16.41 15.60 14.58
C ARG A 63 -17.25 16.66 15.27
N ASN A 64 -18.05 17.42 14.53
CA ASN A 64 -18.90 18.44 15.16
C ASN A 64 -19.99 17.81 16.00
N PHE A 65 -20.58 16.72 15.52
CA PHE A 65 -21.67 16.04 16.23
C PHE A 65 -21.31 14.57 16.40
N LYS A 66 -21.46 14.07 17.62
CA LYS A 66 -21.22 12.67 17.91
C LYS A 66 -22.47 11.84 17.63
N CYS A 67 -22.27 10.52 17.53
CA CYS A 67 -23.38 9.61 17.27
C CYS A 67 -24.34 9.59 18.45
N GLN A 68 -25.63 9.65 18.16
CA GLN A 68 -26.65 9.67 19.20
C GLN A 68 -27.02 8.28 19.70
N THR A 69 -26.51 7.22 19.06
CA THR A 69 -26.80 5.85 19.46
C THR A 69 -25.66 5.22 20.25
N CYS A 70 -24.44 5.27 19.73
CA CYS A 70 -23.29 4.68 20.41
C CYS A 70 -22.59 5.68 21.34
N GLY A 71 -22.62 6.96 21.02
CA GLY A 71 -22.01 7.98 21.85
C GLY A 71 -20.56 8.29 21.52
N GLU A 72 -19.95 7.60 20.56
CA GLU A 72 -18.57 7.84 20.18
C GLU A 72 -18.50 8.68 18.92
N GLY A 73 -17.28 9.08 18.56
CA GLY A 73 -17.05 9.86 17.37
C GLY A 73 -17.01 9.01 16.12
N MET A 74 -16.71 9.68 15.01
CA MET A 74 -16.65 8.99 13.72
C MET A 74 -15.49 8.00 13.64
N ALA A 75 -14.47 8.16 14.48
CA ALA A 75 -13.32 7.26 14.46
C ALA A 75 -13.64 5.90 15.05
N GLU A 76 -14.67 5.80 15.89
CA GLU A 76 -15.00 4.55 16.56
C GLU A 76 -16.39 4.02 16.23
N CYS A 77 -17.33 4.89 15.90
CA CYS A 77 -18.69 4.44 15.59
C CYS A 77 -18.69 3.67 14.29
N PRO A 78 -19.15 2.41 14.27
CA PRO A 78 -19.18 1.65 13.02
C PRO A 78 -20.40 1.89 12.16
N GLY A 79 -21.34 2.70 12.63
CA GLY A 79 -22.58 2.92 11.89
C GLY A 79 -23.70 2.02 12.36
N HIS A 80 -24.92 2.51 12.31
CA HIS A 80 -26.09 1.77 12.77
C HIS A 80 -27.14 1.75 11.67
N PHE A 81 -27.81 0.61 11.54
CA PHE A 81 -28.75 0.39 10.45
C PHE A 81 -30.14 0.90 10.80
N GLY A 82 -30.95 1.12 9.76
CA GLY A 82 -32.35 1.43 9.91
C GLY A 82 -33.20 0.49 9.08
N HIS A 83 -34.51 0.70 9.17
CA HIS A 83 -35.45 -0.10 8.40
C HIS A 83 -36.48 0.81 7.74
N MET A 84 -36.95 0.39 6.56
CA MET A 84 -37.99 1.10 5.83
C MET A 84 -39.06 0.10 5.41
N GLU A 85 -40.30 0.36 5.82
CA GLU A 85 -41.40 -0.54 5.49
C GLU A 85 -41.90 -0.29 4.08
N LEU A 86 -42.12 -1.38 3.34
CA LEU A 86 -42.61 -1.30 1.98
C LEU A 86 -44.12 -1.56 1.95
N ALA A 87 -44.83 -0.75 1.17
CA ALA A 87 -46.27 -0.93 1.05
C ALA A 87 -46.63 -2.26 0.41
N LYS A 88 -45.86 -2.68 -0.59
CA LYS A 88 -46.10 -3.94 -1.29
C LYS A 88 -44.80 -4.74 -1.35
N PRO A 89 -44.90 -6.06 -1.34
CA PRO A 89 -43.68 -6.89 -1.46
C PRO A 89 -43.01 -6.70 -2.81
N VAL A 90 -41.69 -6.80 -2.79
CA VAL A 90 -40.85 -6.57 -3.97
C VAL A 90 -39.91 -7.75 -4.15
N PHE A 91 -39.79 -8.22 -5.39
CA PHE A 91 -38.86 -9.29 -5.71
C PHE A 91 -37.41 -8.82 -5.53
N HIS A 92 -36.53 -9.79 -5.25
CA HIS A 92 -35.10 -9.56 -5.18
C HIS A 92 -34.49 -9.91 -6.54
N ILE A 93 -33.74 -8.96 -7.11
CA ILE A 93 -33.21 -9.15 -8.45
C ILE A 93 -32.20 -10.30 -8.49
N GLY A 94 -31.42 -10.48 -7.42
CA GLY A 94 -30.51 -11.60 -7.36
C GLY A 94 -31.17 -12.94 -7.09
N PHE A 95 -32.46 -12.94 -6.75
CA PHE A 95 -33.20 -14.16 -6.46
C PHE A 95 -34.36 -14.37 -7.43
N ILE A 96 -34.33 -13.70 -8.58
CA ILE A 96 -35.41 -13.88 -9.56
C ILE A 96 -35.49 -15.31 -10.08
N PRO A 97 -34.40 -15.94 -10.56
CA PRO A 97 -34.56 -17.29 -11.12
C PRO A 97 -34.83 -18.36 -10.09
N LYS A 98 -34.10 -18.33 -8.96
CA LYS A 98 -34.22 -19.40 -7.97
C LYS A 98 -35.64 -19.51 -7.43
N ILE A 99 -36.28 -18.37 -7.14
CA ILE A 99 -37.68 -18.39 -6.73
C ILE A 99 -38.53 -19.10 -7.76
N LYS A 100 -38.32 -18.79 -9.04
CA LYS A 100 -39.05 -19.47 -10.11
C LYS A 100 -38.81 -20.97 -10.06
N LYS A 101 -37.57 -21.39 -9.76
CA LYS A 101 -37.30 -22.81 -9.60
C LYS A 101 -38.11 -23.40 -8.47
N VAL A 102 -38.23 -22.67 -7.36
CA VAL A 102 -39.10 -23.12 -6.27
C VAL A 102 -40.54 -23.22 -6.75
N CYS A 103 -40.95 -22.29 -7.62
CA CYS A 103 -42.28 -22.35 -8.19
C CYS A 103 -42.50 -23.60 -9.03
N GLU A 104 -41.43 -24.22 -9.52
CA GLU A 104 -41.53 -25.46 -10.26
C GLU A 104 -41.39 -26.69 -9.37
N CYS A 105 -41.24 -26.51 -8.06
CA CYS A 105 -41.07 -27.62 -7.12
C CYS A 105 -42.28 -27.81 -6.24
N ILE A 106 -42.83 -26.74 -5.66
CA ILE A 106 -43.95 -26.82 -4.75
C ILE A 106 -45.23 -26.50 -5.49
N CYS A 107 -46.35 -26.87 -4.90
CA CYS A 107 -47.66 -26.52 -5.44
C CYS A 107 -47.95 -25.05 -5.17
N MET A 108 -48.81 -24.47 -6.02
CA MET A 108 -49.18 -23.08 -5.90
C MET A 108 -50.43 -22.86 -5.04
N ASN A 109 -51.06 -23.92 -4.55
CA ASN A 109 -52.24 -23.78 -3.71
C ASN A 109 -52.00 -24.30 -2.30
N CYS A 110 -51.57 -25.55 -2.14
CA CYS A 110 -51.28 -26.09 -0.82
C CYS A 110 -49.83 -25.89 -0.40
N GLY A 111 -48.98 -25.39 -1.29
CA GLY A 111 -47.58 -25.18 -0.97
C GLY A 111 -46.82 -26.44 -0.65
N LYS A 112 -47.14 -27.55 -1.30
CA LYS A 112 -46.51 -28.84 -1.05
C LYS A 112 -45.73 -29.28 -2.27
N LEU A 113 -44.67 -30.04 -2.04
CA LEU A 113 -43.86 -30.56 -3.12
C LEU A 113 -44.67 -31.54 -3.98
N LEU A 114 -44.39 -31.52 -5.28
CA LEU A 114 -45.12 -32.39 -6.20
C LEU A 114 -44.81 -33.86 -5.96
N LEU A 115 -43.61 -34.17 -5.49
CA LEU A 115 -43.20 -35.55 -5.22
C LEU A 115 -42.93 -35.73 -3.73
N ASP A 116 -43.19 -36.93 -3.24
CA ASP A 116 -42.97 -37.28 -1.85
C ASP A 116 -41.94 -38.41 -1.75
N GLU A 117 -41.76 -38.92 -0.53
CA GLU A 117 -40.78 -39.97 -0.29
C GLU A 117 -41.19 -41.31 -0.88
N THR A 118 -42.43 -41.45 -1.35
CA THR A 118 -42.86 -42.72 -1.95
C THR A 118 -42.11 -43.00 -3.23
N ASN A 119 -41.81 -41.97 -4.02
CA ASN A 119 -41.05 -42.15 -5.25
C ASN A 119 -39.64 -42.62 -4.91
N PRO A 120 -39.13 -43.67 -5.56
CA PRO A 120 -37.77 -44.13 -5.22
C PRO A 120 -36.68 -43.15 -5.59
N THR A 121 -36.77 -42.54 -6.79
CA THR A 121 -35.77 -41.55 -7.19
C THR A 121 -35.78 -40.36 -6.25
N MET A 122 -36.97 -39.90 -5.85
CA MET A 122 -37.06 -38.82 -4.89
C MET A 122 -36.47 -39.24 -3.54
N ALA A 123 -36.69 -40.49 -3.14
CA ALA A 123 -36.13 -40.99 -1.90
C ALA A 123 -34.60 -40.96 -1.93
N GLN A 124 -34.01 -41.36 -3.05
CA GLN A 124 -32.55 -41.29 -3.19
C GLN A 124 -32.07 -39.85 -3.22
N ALA A 125 -32.81 -38.96 -3.89
CA ALA A 125 -32.40 -37.56 -3.96
C ALA A 125 -32.49 -36.87 -2.61
N ILE A 126 -33.38 -37.33 -1.73
CA ILE A 126 -33.50 -36.74 -0.40
C ILE A 126 -32.22 -36.97 0.40
N ARG A 127 -31.63 -38.16 0.28
CA ARG A 127 -30.48 -38.55 1.09
C ARG A 127 -29.20 -37.80 0.73
N ILE A 128 -29.24 -36.83 -0.18
CA ILE A 128 -28.05 -36.08 -0.55
C ILE A 128 -27.73 -35.09 0.57
N ARG A 129 -26.48 -35.12 1.04
CA ARG A 129 -26.09 -34.29 2.17
C ARG A 129 -25.94 -32.82 1.77
N ASP A 130 -25.34 -32.55 0.62
CA ASP A 130 -25.07 -31.18 0.21
C ASP A 130 -26.37 -30.51 -0.24
N PRO A 131 -26.76 -29.37 0.35
CA PRO A 131 -28.05 -28.77 0.00
C PRO A 131 -28.18 -28.35 -1.45
N LYS A 132 -27.09 -27.87 -2.08
CA LYS A 132 -27.21 -27.32 -3.43
C LYS A 132 -27.53 -28.41 -4.44
N LYS A 133 -26.77 -29.51 -4.44
CA LYS A 133 -27.04 -30.58 -5.39
C LYS A 133 -28.33 -31.32 -5.06
N ARG A 134 -28.67 -31.40 -3.77
CA ARG A 134 -29.95 -32.00 -3.39
C ARG A 134 -31.11 -31.19 -3.96
N PHE A 135 -31.05 -29.86 -3.83
CA PHE A 135 -32.08 -29.02 -4.39
C PHE A 135 -32.12 -29.12 -5.91
N ASN A 136 -30.95 -29.20 -6.54
CA ASN A 136 -30.89 -29.34 -8.00
C ASN A 136 -31.57 -30.64 -8.43
N ALA A 137 -31.28 -31.74 -7.74
CA ALA A 137 -31.89 -33.02 -8.07
C ALA A 137 -33.40 -32.99 -7.85
N VAL A 138 -33.84 -32.39 -6.74
CA VAL A 138 -35.28 -32.31 -6.48
C VAL A 138 -35.99 -31.49 -7.54
N TRP A 139 -35.40 -30.35 -7.94
CA TRP A 139 -36.01 -29.53 -8.98
C TRP A 139 -36.04 -30.27 -10.30
N GLN A 140 -34.95 -30.94 -10.67
CA GLN A 140 -34.91 -31.67 -11.93
C GLN A 140 -35.94 -32.79 -11.96
N LEU A 141 -36.14 -33.47 -10.83
CA LEU A 141 -37.11 -34.56 -10.78
C LEU A 141 -38.55 -34.05 -10.73
N CYS A 142 -38.81 -32.92 -10.07
CA CYS A 142 -40.17 -32.44 -9.88
C CYS A 142 -40.64 -31.50 -10.97
N LYS A 143 -39.75 -31.01 -11.84
CA LYS A 143 -40.20 -30.17 -12.93
C LYS A 143 -40.94 -30.95 -14.02
N THR A 144 -40.72 -32.27 -14.10
CA THR A 144 -41.38 -33.07 -15.11
C THR A 144 -42.88 -33.18 -14.86
N LYS A 145 -43.25 -33.52 -13.63
CA LYS A 145 -44.67 -33.59 -13.28
C LYS A 145 -45.27 -32.20 -13.22
N MET A 146 -46.53 -32.09 -13.63
CA MET A 146 -47.17 -30.79 -13.79
C MET A 146 -48.51 -30.69 -13.09
N VAL A 147 -48.94 -31.73 -12.37
CA VAL A 147 -50.24 -31.77 -11.71
C VAL A 147 -50.03 -32.14 -10.25
N CYS A 148 -50.69 -31.39 -9.35
CA CYS A 148 -50.65 -31.70 -7.93
C CYS A 148 -51.56 -32.89 -7.64
N GLU A 149 -51.01 -33.92 -6.99
CA GLU A 149 -51.75 -35.14 -6.72
C GLU A 149 -52.65 -34.96 -5.51
N ALA A 150 -53.93 -35.30 -5.67
CA ALA A 150 -54.86 -35.21 -4.55
C ALA A 150 -54.55 -36.23 -3.48
N ASP A 151 -54.19 -37.45 -3.87
CA ASP A 151 -53.88 -38.51 -2.93
C ASP A 151 -52.37 -38.75 -2.84
N SER A 164 -53.25 -39.92 2.57
CA SER A 164 -52.85 -39.21 1.36
C SER A 164 -51.70 -38.24 1.65
N ARG A 165 -51.30 -37.50 0.63
CA ARG A 165 -50.23 -36.52 0.76
C ARG A 165 -50.75 -35.12 1.10
N GLY A 166 -52.06 -34.97 1.28
CA GLY A 166 -52.63 -33.66 1.57
C GLY A 166 -52.73 -32.73 0.39
N GLY A 167 -52.59 -33.25 -0.83
CA GLY A 167 -52.67 -32.39 -2.00
C GLY A 167 -54.07 -31.88 -2.26
N CYS A 168 -54.14 -30.75 -2.95
CA CYS A 168 -55.40 -30.10 -3.27
C CYS A 168 -56.02 -30.64 -4.55
N GLY A 169 -55.30 -31.44 -5.33
CA GLY A 169 -55.84 -32.00 -6.55
C GLY A 169 -55.94 -31.04 -7.70
N ASN A 170 -55.36 -29.85 -7.59
CA ASN A 170 -55.43 -28.87 -8.66
C ASN A 170 -54.32 -29.12 -9.68
N THR A 171 -54.29 -28.30 -10.72
CA THR A 171 -53.29 -28.38 -11.77
C THR A 171 -52.30 -27.24 -11.62
N GLN A 172 -51.01 -27.57 -11.59
CA GLN A 172 -49.99 -26.56 -11.42
C GLN A 172 -49.87 -25.70 -12.68
N PRO A 173 -49.41 -24.46 -12.55
CA PRO A 173 -49.11 -23.65 -13.73
C PRO A 173 -47.64 -23.76 -14.13
N VAL A 174 -47.35 -23.26 -15.33
CA VAL A 174 -45.99 -23.17 -15.84
C VAL A 174 -45.53 -21.74 -15.71
N VAL A 175 -44.35 -21.55 -15.11
CA VAL A 175 -43.82 -20.23 -14.76
C VAL A 175 -42.72 -19.88 -15.74
N ARG A 176 -42.85 -18.73 -16.39
CA ARG A 176 -41.83 -18.20 -17.29
C ARG A 176 -41.32 -16.88 -16.73
N LYS A 177 -40.06 -16.56 -17.05
CA LYS A 177 -39.43 -15.33 -16.58
C LYS A 177 -39.36 -14.32 -17.72
N ASP A 178 -39.89 -13.13 -17.48
CA ASP A 178 -39.87 -12.04 -18.46
C ASP A 178 -39.40 -10.79 -17.73
N GLY A 179 -38.12 -10.45 -17.92
CA GLY A 179 -37.56 -9.29 -17.22
C GLY A 179 -37.60 -9.52 -15.73
N MET A 180 -38.27 -8.62 -15.01
CA MET A 180 -38.49 -8.75 -13.58
C MET A 180 -39.89 -9.25 -13.25
N LYS A 181 -40.49 -10.05 -14.13
CA LYS A 181 -41.85 -10.52 -13.96
C LYS A 181 -41.90 -12.03 -14.14
N LEU A 182 -42.85 -12.65 -13.43
CA LEU A 182 -43.09 -14.09 -13.52
C LEU A 182 -44.48 -14.30 -14.12
N TRP A 183 -44.52 -14.86 -15.32
CA TRP A 183 -45.76 -15.10 -16.04
C TRP A 183 -46.18 -16.55 -15.81
N GLY A 184 -47.36 -16.74 -15.22
CA GLY A 184 -47.87 -18.07 -14.96
C GLY A 184 -48.97 -18.42 -15.92
N THR A 185 -48.76 -19.49 -16.69
CA THR A 185 -49.74 -19.96 -17.66
C THR A 185 -50.33 -21.28 -17.17
N TRP A 186 -51.66 -21.37 -17.21
CA TRP A 186 -52.39 -22.53 -16.76
C TRP A 186 -52.98 -23.24 -17.97
N LYS A 187 -52.62 -24.51 -18.14
CA LYS A 187 -53.12 -25.32 -19.25
C LYS A 187 -54.40 -26.00 -18.81
N LYS A 188 -55.54 -25.47 -19.25
CA LYS A 188 -56.84 -26.02 -18.87
C LYS A 188 -57.53 -26.66 -20.06
N GLN A 197 -58.39 -23.53 -23.93
CA GLN A 197 -57.20 -22.69 -23.96
C GLN A 197 -56.66 -22.45 -22.57
N PRO A 198 -55.40 -22.00 -22.49
CA PRO A 198 -54.80 -21.73 -21.18
C PRO A 198 -55.00 -20.29 -20.74
N GLU A 199 -54.64 -19.96 -19.50
CA GLU A 199 -54.81 -18.62 -18.97
C GLU A 199 -53.47 -18.12 -18.45
N ARG A 200 -53.03 -16.97 -18.93
CA ARG A 200 -51.76 -16.39 -18.52
C ARG A 200 -52.03 -15.22 -17.57
N LYS A 201 -51.37 -15.24 -16.42
CA LYS A 201 -51.57 -14.23 -15.39
C LYS A 201 -50.23 -13.84 -14.79
N LEU A 202 -50.24 -12.74 -14.05
CA LEU A 202 -49.03 -12.23 -13.41
C LEU A 202 -48.94 -12.76 -11.98
N LEU A 203 -47.77 -13.29 -11.64
CA LEU A 203 -47.53 -13.82 -10.30
C LEU A 203 -47.03 -12.68 -9.42
N THR A 204 -47.94 -12.07 -8.67
CA THR A 204 -47.59 -10.96 -7.80
C THR A 204 -46.72 -11.47 -6.64
N PRO A 205 -45.81 -10.63 -6.13
CA PRO A 205 -44.99 -11.05 -4.99
C PRO A 205 -45.79 -11.43 -3.76
N GLY A 206 -46.95 -10.82 -3.54
CA GLY A 206 -47.74 -11.16 -2.36
C GLY A 206 -48.24 -12.58 -2.37
N GLU A 207 -48.77 -13.03 -3.51
CA GLU A 207 -49.26 -14.40 -3.60
C GLU A 207 -48.14 -15.41 -3.46
N ILE A 208 -46.99 -15.14 -4.08
CA ILE A 208 -45.86 -16.06 -3.99
C ILE A 208 -45.33 -16.12 -2.57
N LEU A 209 -45.27 -14.97 -1.89
CA LEU A 209 -44.83 -14.96 -0.49
C LEU A 209 -45.80 -15.71 0.40
N ASN A 210 -47.11 -15.55 0.17
CA ASN A 210 -48.10 -16.27 0.94
C ASN A 210 -47.99 -17.78 0.71
N VAL A 211 -47.76 -18.19 -0.53
CA VAL A 211 -47.57 -19.61 -0.83
C VAL A 211 -46.31 -20.15 -0.14
N PHE A 212 -45.23 -19.37 -0.19
CA PHE A 212 -43.97 -19.80 0.41
C PHE A 212 -44.08 -19.90 1.93
N LYS A 213 -44.89 -19.04 2.55
CA LYS A 213 -45.03 -19.06 3.99
C LYS A 213 -45.71 -20.33 4.51
N HIS A 214 -46.36 -21.09 3.63
CA HIS A 214 -47.07 -22.30 4.03
C HIS A 214 -46.21 -23.56 3.90
N ILE A 215 -44.94 -23.42 3.53
CA ILE A 215 -44.07 -24.59 3.37
C ILE A 215 -43.73 -25.16 4.74
N SER A 216 -43.90 -26.47 4.88
CA SER A 216 -43.58 -27.14 6.14
C SER A 216 -42.07 -27.14 6.37
N PRO A 217 -41.64 -27.18 7.64
CA PRO A 217 -40.19 -27.22 7.91
C PRO A 217 -39.48 -28.40 7.28
N GLU A 218 -40.13 -29.58 7.23
CA GLU A 218 -39.52 -30.73 6.58
C GLU A 218 -39.36 -30.49 5.08
N ASP A 219 -40.39 -29.92 4.44
CA ASP A 219 -40.29 -29.61 3.02
C ASP A 219 -39.27 -28.52 2.75
N CYS A 220 -39.16 -27.55 3.65
CA CYS A 220 -38.12 -26.53 3.51
C CYS A 220 -36.73 -27.14 3.63
N PHE A 221 -36.55 -28.08 4.57
CA PHE A 221 -35.26 -28.75 4.72
C PHE A 221 -34.92 -29.58 3.49
N ARG A 222 -35.91 -30.29 2.94
CA ARG A 222 -35.66 -31.14 1.78
C ARG A 222 -35.53 -30.37 0.47
N LEU A 223 -35.81 -29.07 0.48
CA LEU A 223 -35.65 -28.23 -0.69
C LEU A 223 -34.29 -27.57 -0.79
N GLY A 224 -33.37 -27.90 0.13
CA GLY A 224 -32.07 -27.28 0.16
C GLY A 224 -31.99 -26.00 0.94
N PHE A 225 -33.09 -25.56 1.56
CA PHE A 225 -33.10 -24.36 2.38
C PHE A 225 -32.95 -24.73 3.86
N ASN A 226 -32.76 -23.70 4.68
CA ASN A 226 -32.56 -23.87 6.11
C ASN A 226 -33.72 -23.24 6.86
N GLU A 227 -34.30 -24.00 7.80
CA GLU A 227 -35.39 -23.47 8.61
C GLU A 227 -34.92 -22.30 9.46
N ASP A 228 -33.71 -22.38 10.00
CA ASP A 228 -33.22 -21.38 10.93
C ASP A 228 -32.54 -20.19 10.25
N TYR A 229 -31.91 -20.40 9.11
CA TYR A 229 -31.07 -19.37 8.49
C TYR A 229 -31.61 -18.85 7.17
N ALA A 230 -31.97 -19.74 6.23
CA ALA A 230 -32.36 -19.34 4.88
C ALA A 230 -33.76 -19.88 4.58
N ARG A 231 -34.78 -19.12 4.94
CA ARG A 231 -36.17 -19.45 4.67
C ARG A 231 -36.59 -18.88 3.31
N PRO A 232 -37.28 -19.69 2.50
CA PRO A 232 -37.59 -19.24 1.12
C PRO A 232 -38.37 -17.93 1.05
N GLU A 233 -39.35 -17.71 1.93
CA GLU A 233 -40.16 -16.50 1.81
C GLU A 233 -39.38 -15.24 2.16
N TRP A 234 -38.20 -15.37 2.79
CA TRP A 234 -37.34 -14.23 3.01
C TRP A 234 -36.67 -13.77 1.72
N MET A 235 -36.73 -14.57 0.65
CA MET A 235 -36.17 -14.18 -0.64
C MET A 235 -36.94 -13.03 -1.26
N ILE A 236 -38.20 -12.84 -0.88
CA ILE A 236 -39.01 -11.71 -1.33
C ILE A 236 -38.88 -10.58 -0.32
N ILE A 237 -38.58 -9.37 -0.80
CA ILE A 237 -38.34 -8.23 0.07
C ILE A 237 -39.67 -7.62 0.48
N THR A 238 -39.90 -7.50 1.79
CA THR A 238 -41.02 -6.75 2.32
C THR A 238 -40.60 -5.58 3.21
N VAL A 239 -39.38 -5.59 3.74
CA VAL A 239 -38.83 -4.47 4.49
C VAL A 239 -37.39 -4.28 4.03
N LEU A 240 -37.00 -3.01 3.82
CA LEU A 240 -35.69 -2.72 3.25
C LEU A 240 -34.76 -2.17 4.31
N PRO A 241 -33.60 -2.79 4.50
CA PRO A 241 -32.59 -2.20 5.39
C PRO A 241 -32.05 -0.89 4.83
N VAL A 242 -31.68 0.01 5.73
CA VAL A 242 -31.12 1.30 5.37
C VAL A 242 -29.72 1.39 5.97
N PRO A 243 -28.68 1.35 5.15
CA PRO A 243 -27.30 1.36 5.68
C PRO A 243 -26.97 2.69 6.30
N PRO A 244 -26.02 2.72 7.24
CA PRO A 244 -25.62 3.99 7.87
C PRO A 244 -24.91 4.88 6.88
N PRO A 245 -24.74 6.17 7.19
CA PRO A 245 -24.05 7.08 6.25
C PRO A 245 -22.59 6.73 6.03
N GLN A 246 -22.00 5.84 6.81
CA GLN A 246 -20.64 5.39 6.55
C GLN A 246 -20.55 4.66 5.21
N VAL A 247 -21.56 3.85 4.89
CA VAL A 247 -21.59 3.16 3.61
C VAL A 247 -21.72 4.14 2.46
N ARG A 248 -22.44 5.23 2.67
CA ARG A 248 -22.71 6.23 1.63
C ARG A 248 -22.26 7.60 2.14
N PRO A 249 -20.95 7.86 2.13
CA PRO A 249 -20.43 9.07 2.75
C PRO A 249 -20.91 10.32 2.04
N SER A 250 -21.12 11.38 2.82
CA SER A 250 -21.59 12.64 2.27
C SER A 250 -20.51 13.28 1.41
N ILE A 251 -20.93 13.80 0.26
CA ILE A 251 -20.00 14.38 -0.71
C ILE A 251 -20.31 15.87 -0.82
N ALA A 252 -19.29 16.64 -1.20
CA ALA A 252 -19.42 18.08 -1.35
C ALA A 252 -18.95 18.48 -2.74
N MET A 253 -19.88 18.87 -3.60
CA MET A 253 -19.53 19.21 -4.98
C MET A 253 -18.64 20.44 -5.04
N ASP A 254 -18.93 21.46 -4.23
CA ASP A 254 -18.12 22.68 -4.25
C ASP A 254 -18.25 23.35 -2.88
N GLU A 255 -17.22 23.17 -2.05
CA GLU A 255 -17.07 23.88 -0.78
C GLU A 255 -18.26 23.68 0.16
N THR A 256 -19.00 24.76 0.43
CA THR A 256 -20.06 24.71 1.43
C THR A 256 -21.19 23.75 1.03
N THR A 257 -21.56 23.76 -0.25
CA THR A 257 -22.65 22.91 -0.71
C THR A 257 -22.25 21.45 -0.61
N GLN A 258 -23.12 20.65 0.00
CA GLN A 258 -22.87 19.22 0.18
C GLN A 258 -23.82 18.42 -0.71
N GLY A 259 -23.26 17.57 -1.54
CA GLY A 259 -24.05 16.70 -2.40
C GLY A 259 -24.40 15.39 -1.71
N GLN A 260 -24.93 14.47 -2.51
CA GLN A 260 -25.31 13.15 -2.02
C GLN A 260 -24.76 12.08 -2.95
N ASP A 261 -24.49 10.92 -2.38
CA ASP A 261 -23.99 9.80 -3.16
C ASP A 261 -25.10 9.20 -4.02
N ASP A 262 -24.72 8.29 -4.92
CA ASP A 262 -25.71 7.61 -5.74
C ASP A 262 -26.65 6.77 -4.89
N LEU A 263 -26.13 6.14 -3.84
CA LEU A 263 -26.96 5.34 -2.95
C LEU A 263 -28.00 6.21 -2.23
N THR A 264 -27.60 7.41 -1.81
CA THR A 264 -28.53 8.30 -1.13
C THR A 264 -29.69 8.68 -2.06
N HIS A 265 -29.37 9.05 -3.30
CA HIS A 265 -30.41 9.41 -4.26
C HIS A 265 -31.30 8.22 -4.59
N LYS A 266 -30.70 7.04 -4.72
CA LYS A 266 -31.50 5.85 -5.03
C LYS A 266 -32.45 5.50 -3.88
N LEU A 267 -31.97 5.60 -2.63
CA LEU A 267 -32.84 5.37 -1.49
C LEU A 267 -33.94 6.41 -1.41
N SER A 268 -33.61 7.67 -1.71
CA SER A 268 -34.64 8.71 -1.73
C SER A 268 -35.70 8.43 -2.78
N ASP A 269 -35.29 7.99 -3.96
CA ASP A 269 -36.24 7.65 -5.02
C ASP A 269 -37.10 6.45 -4.63
N ILE A 270 -36.49 5.44 -3.99
CA ILE A 270 -37.25 4.27 -3.55
C ILE A 270 -38.29 4.68 -2.50
N LEU A 271 -37.90 5.52 -1.55
CA LEU A 271 -38.84 5.95 -0.51
C LEU A 271 -39.94 6.82 -1.10
N LYS A 272 -39.60 7.64 -2.09
CA LYS A 272 -40.62 8.44 -2.78
C LYS A 272 -41.61 7.54 -3.51
N ALA A 273 -41.11 6.50 -4.17
CA ALA A 273 -42.01 5.56 -4.84
C ALA A 273 -42.90 4.83 -3.83
N ASN A 274 -42.34 4.45 -2.69
CA ASN A 274 -43.12 3.76 -1.67
C ASN A 274 -44.22 4.66 -1.10
N ILE A 275 -43.90 5.91 -0.82
CA ILE A 275 -44.92 6.82 -0.28
C ILE A 275 -45.94 7.15 -1.36
N ASN A 276 -45.53 7.18 -2.63
CA ASN A 276 -46.50 7.34 -3.72
C ASN A 276 -47.45 6.16 -3.78
N VAL A 277 -46.92 4.95 -3.63
CA VAL A 277 -47.76 3.75 -3.61
C VAL A 277 -48.78 3.83 -2.49
N GLN A 278 -48.31 4.21 -1.29
CA GLN A 278 -49.21 4.28 -0.14
C GLN A 278 -50.28 5.36 -0.35
N LYS A 279 -49.86 6.56 -0.78
CA LYS A 279 -50.80 7.67 -0.91
C LYS A 279 -51.77 7.47 -2.06
N LEU A 280 -51.42 6.66 -3.06
CA LEU A 280 -52.37 6.37 -4.13
C LEU A 280 -53.22 5.16 -3.80
N GLU A 281 -52.74 4.27 -2.92
CA GLU A 281 -53.55 3.16 -2.46
C GLU A 281 -54.65 3.64 -1.52
N MET A 282 -54.36 4.62 -0.65
CA MET A 282 -55.41 5.13 0.22
C MET A 282 -56.46 5.90 -0.58
N ASP A 283 -56.08 6.44 -1.73
CA ASP A 283 -57.00 7.12 -2.64
C ASP A 283 -57.72 6.10 -3.51
N GLY A 284 -58.38 6.58 -4.57
CA GLY A 284 -59.04 5.69 -5.51
C GLY A 284 -58.08 4.70 -6.16
N SER A 285 -58.66 3.73 -6.85
CA SER A 285 -57.93 2.58 -7.37
C SER A 285 -58.13 2.42 -8.87
N PRO A 286 -57.42 3.21 -9.68
CA PRO A 286 -57.35 2.91 -11.11
C PRO A 286 -56.28 1.86 -11.39
N GLN A 287 -56.66 0.58 -11.29
CA GLN A 287 -55.77 -0.58 -11.21
C GLN A 287 -54.53 -0.51 -12.08
N HIS A 288 -54.66 0.03 -13.31
CA HIS A 288 -53.50 0.15 -14.18
C HIS A 288 -52.47 1.09 -13.58
N ILE A 289 -52.91 2.18 -12.95
CA ILE A 289 -51.98 3.12 -12.31
C ILE A 289 -51.25 2.43 -11.17
N ILE A 290 -51.97 1.66 -10.35
CA ILE A 290 -51.32 0.92 -9.27
C ILE A 290 -50.30 -0.05 -9.84
N ASN A 291 -50.65 -0.75 -10.91
CA ASN A 291 -49.73 -1.71 -11.51
C ASN A 291 -48.47 -1.03 -12.00
N GLU A 292 -48.60 0.09 -12.70
CA GLU A 292 -47.41 0.73 -13.27
C GLU A 292 -46.56 1.40 -12.18
N VAL A 293 -47.19 1.95 -11.15
CA VAL A 293 -46.40 2.51 -10.04
C VAL A 293 -45.66 1.39 -9.31
N GLU A 294 -46.31 0.24 -9.10
CA GLU A 294 -45.65 -0.88 -8.46
C GLU A 294 -44.49 -1.40 -9.30
N GLN A 295 -44.67 -1.44 -10.62
CA GLN A 295 -43.57 -1.84 -11.50
C GLN A 295 -42.41 -0.85 -11.42
N LEU A 296 -42.72 0.44 -11.34
CA LEU A 296 -41.67 1.45 -11.19
C LEU A 296 -40.92 1.26 -9.88
N LEU A 297 -41.65 0.99 -8.79
CA LEU A 297 -41.00 0.75 -7.50
C LEU A 297 -40.12 -0.48 -7.54
N GLN A 298 -40.61 -1.56 -8.17
CA GLN A 298 -39.82 -2.78 -8.31
C GLN A 298 -38.56 -2.52 -9.13
N PHE A 299 -38.69 -1.74 -10.20
CA PHE A 299 -37.53 -1.40 -11.01
C PHE A 299 -36.51 -0.60 -10.21
N HIS A 300 -36.99 0.35 -9.40
CA HIS A 300 -36.09 1.14 -8.58
C HIS A 300 -35.34 0.28 -7.57
N VAL A 301 -36.06 -0.65 -6.93
CA VAL A 301 -35.41 -1.54 -5.95
C VAL A 301 -34.39 -2.43 -6.64
N ALA A 302 -34.75 -2.97 -7.80
CA ALA A 302 -33.83 -3.84 -8.53
C ALA A 302 -32.57 -3.10 -8.94
N THR A 303 -32.73 -1.88 -9.48
CA THR A 303 -31.56 -1.09 -9.86
C THR A 303 -30.74 -0.65 -8.66
N TYR A 304 -31.39 -0.50 -7.50
CA TYR A 304 -30.63 -0.30 -6.27
C TYR A 304 -29.75 -1.51 -5.97
N MET A 305 -30.32 -2.71 -6.09
CA MET A 305 -29.55 -3.91 -5.82
C MET A 305 -28.61 -4.26 -6.98
N ASP A 306 -29.05 -4.01 -8.22
CA ASP A 306 -28.28 -4.44 -9.39
C ASP A 306 -28.68 -3.54 -10.55
N ASN A 307 -27.75 -2.72 -11.02
CA ASN A 307 -27.99 -1.83 -12.15
C ASN A 307 -27.52 -2.41 -13.48
N ASP A 308 -27.00 -3.64 -13.49
CA ASP A 308 -26.49 -4.28 -14.69
C ASP A 308 -27.43 -5.39 -15.14
N ILE A 309 -28.74 -5.14 -15.05
CA ILE A 309 -29.73 -6.12 -15.47
C ILE A 309 -29.78 -6.15 -17.00
N ALA A 310 -29.64 -7.34 -17.57
CA ALA A 310 -29.65 -7.48 -19.01
C ALA A 310 -31.08 -7.50 -19.54
N GLY A 311 -31.24 -7.06 -20.79
CA GLY A 311 -32.51 -7.07 -21.47
C GLY A 311 -33.32 -5.79 -21.33
N GLN A 312 -33.00 -4.95 -20.36
CA GLN A 312 -33.70 -3.69 -20.15
C GLN A 312 -32.70 -2.57 -19.93
N PRO A 313 -33.05 -1.34 -20.28
CA PRO A 313 -32.14 -0.21 -20.03
C PRO A 313 -31.87 -0.01 -18.55
N GLN A 314 -30.62 0.31 -18.23
CA GLN A 314 -30.24 0.54 -16.85
C GLN A 314 -30.72 1.91 -16.38
N ALA A 315 -30.89 2.05 -15.08
CA ALA A 315 -31.31 3.32 -14.51
C ALA A 315 -30.19 4.34 -14.60
N LEU A 316 -30.52 5.55 -15.07
CA LEU A 316 -29.54 6.61 -15.20
C LEU A 316 -29.61 7.54 -13.99
N GLN A 317 -28.45 8.03 -13.59
CA GLN A 317 -28.39 9.07 -12.57
C GLN A 317 -28.87 10.39 -13.17
N LYS A 318 -29.03 11.39 -12.30
CA LYS A 318 -29.51 12.70 -12.75
C LYS A 318 -28.57 13.30 -13.79
N SER A 319 -27.26 13.21 -13.55
CA SER A 319 -26.27 13.77 -14.48
C SER A 319 -26.23 13.03 -15.81
N GLY A 320 -26.86 11.87 -15.93
CA GLY A 320 -26.87 11.09 -17.15
C GLY A 320 -26.01 9.85 -17.11
N ARG A 321 -25.06 9.77 -16.19
CA ARG A 321 -24.25 8.57 -16.04
C ARG A 321 -25.09 7.46 -15.39
N PRO A 322 -24.74 6.20 -15.65
CA PRO A 322 -25.46 5.10 -15.00
C PRO A 322 -25.27 5.12 -13.49
N VAL A 323 -26.30 4.66 -12.79
CA VAL A 323 -26.27 4.64 -11.32
C VAL A 323 -25.32 3.54 -10.85
N LYS A 324 -24.43 3.90 -9.92
CA LYS A 324 -23.47 2.95 -9.36
C LYS A 324 -24.15 2.16 -8.26
N ALA A 325 -24.54 0.93 -8.56
CA ALA A 325 -25.20 0.06 -7.60
C ALA A 325 -24.18 -0.67 -6.74
N ILE A 326 -24.68 -1.40 -5.75
CA ILE A 326 -23.82 -2.16 -4.86
C ILE A 326 -23.14 -3.29 -5.60
N ARG A 327 -23.82 -3.90 -6.58
CA ARG A 327 -23.21 -4.96 -7.37
C ARG A 327 -21.97 -4.43 -8.11
N ALA A 328 -22.08 -3.24 -8.70
CA ALA A 328 -20.93 -2.64 -9.36
C ALA A 328 -19.80 -2.34 -8.37
N ARG A 329 -20.16 -1.99 -7.13
CA ARG A 329 -19.14 -1.74 -6.12
C ARG A 329 -18.42 -3.02 -5.72
N LEU A 330 -19.12 -4.15 -5.70
CA LEU A 330 -18.52 -5.39 -5.22
C LEU A 330 -17.60 -6.02 -6.27
N LYS A 331 -18.14 -6.37 -7.43
CA LYS A 331 -17.36 -7.10 -8.41
C LYS A 331 -16.43 -6.17 -9.18
N GLY A 332 -15.63 -6.76 -10.06
CA GLY A 332 -14.70 -6.01 -10.88
C GLY A 332 -13.29 -6.01 -10.31
N LYS A 333 -12.33 -5.70 -11.18
CA LYS A 333 -10.94 -5.59 -10.74
C LYS A 333 -10.78 -4.41 -9.77
N GLU A 334 -11.46 -3.31 -10.03
CA GLU A 334 -11.43 -2.14 -9.15
C GLU A 334 -12.50 -2.21 -8.07
N GLY A 335 -13.22 -3.32 -7.97
CA GLY A 335 -14.27 -3.47 -6.99
C GLY A 335 -13.73 -3.63 -5.58
N ARG A 336 -14.66 -3.91 -4.67
CA ARG A 336 -14.31 -4.01 -3.25
C ARG A 336 -13.39 -5.21 -2.98
N LEU A 337 -13.78 -6.39 -3.46
CA LEU A 337 -13.06 -7.61 -3.10
C LEU A 337 -11.64 -7.60 -3.67
N ARG A 338 -11.49 -7.22 -4.94
CA ARG A 338 -10.20 -7.26 -5.60
C ARG A 338 -9.44 -5.94 -5.52
N GLY A 339 -10.01 -4.91 -4.89
CA GLY A 339 -9.36 -3.62 -4.86
C GLY A 339 -9.20 -3.03 -3.48
N ASN A 340 -9.81 -3.65 -2.47
CA ASN A 340 -9.71 -3.17 -1.10
C ASN A 340 -9.45 -4.25 -0.07
N LEU A 341 -9.61 -5.53 -0.41
CA LEU A 341 -9.37 -6.62 0.51
C LEU A 341 -8.24 -7.53 0.07
N MET A 342 -8.29 -8.04 -1.16
CA MET A 342 -7.17 -8.82 -1.70
C MET A 342 -5.96 -7.93 -1.90
N GLY A 343 -6.16 -6.72 -2.37
CA GLY A 343 -5.07 -5.76 -2.51
C GLY A 343 -5.53 -4.39 -2.03
N LYS A 344 -4.57 -3.63 -1.53
CA LYS A 344 -4.89 -2.33 -0.96
C LYS A 344 -3.65 -1.47 -0.95
N ARG A 345 -3.85 -0.17 -0.77
CA ARG A 345 -2.74 0.76 -0.62
C ARG A 345 -2.25 0.72 0.83
N VAL A 346 -0.93 0.76 0.99
CA VAL A 346 -0.30 0.53 2.29
C VAL A 346 0.61 1.70 2.63
N ASP A 347 0.86 1.86 3.92
CA ASP A 347 1.74 2.90 4.43
C ASP A 347 3.17 2.37 4.51
N PHE A 348 4.09 3.26 4.88
CA PHE A 348 5.51 2.93 5.07
C PHE A 348 6.10 2.29 3.80
N SER A 349 5.81 2.91 2.66
CA SER A 349 6.29 2.43 1.38
C SER A 349 6.86 3.59 0.58
N ALA A 350 7.82 3.27 -0.28
CA ALA A 350 8.46 4.26 -1.15
C ALA A 350 8.62 3.66 -2.53
N ARG A 351 8.76 4.54 -3.52
CA ARG A 351 8.93 4.12 -4.91
C ARG A 351 9.78 5.13 -5.64
N THR A 352 10.80 4.67 -6.34
CA THR A 352 11.66 5.59 -7.08
C THR A 352 12.44 4.84 -8.15
N VAL A 353 13.17 5.61 -8.96
CA VAL A 353 13.96 5.04 -10.05
C VAL A 353 15.16 4.30 -9.48
N ILE A 354 15.54 3.21 -10.14
CA ILE A 354 16.67 2.39 -9.72
C ILE A 354 17.90 2.73 -10.54
N SER A 355 19.06 2.36 -10.01
CA SER A 355 20.33 2.57 -10.69
C SER A 355 21.28 1.46 -10.27
N GLY A 356 22.32 1.26 -11.08
CA GLY A 356 23.31 0.24 -10.80
C GLY A 356 24.44 0.73 -9.94
N ASP A 357 25.05 -0.20 -9.20
CA ASP A 357 26.17 0.13 -8.33
C ASP A 357 27.08 -1.09 -8.15
N PRO A 358 28.24 -1.10 -8.81
CA PRO A 358 29.16 -2.25 -8.64
C PRO A 358 29.74 -2.35 -7.24
N ASN A 359 29.71 -1.27 -6.45
CA ASN A 359 30.33 -1.26 -5.13
C ASN A 359 29.36 -1.61 -4.02
N LEU A 360 28.33 -2.41 -4.31
CA LEU A 360 27.37 -2.85 -3.31
C LEU A 360 27.36 -4.37 -3.25
N GLU A 361 26.98 -4.89 -2.09
CA GLU A 361 26.84 -6.32 -1.92
C GLU A 361 25.57 -6.80 -2.62
N LEU A 362 25.43 -8.13 -2.70
CA LEU A 362 24.28 -8.71 -3.38
C LEU A 362 22.97 -8.36 -2.68
N ASP A 363 22.97 -8.36 -1.34
CA ASP A 363 21.77 -8.10 -0.54
C ASP A 363 21.75 -6.70 0.04
N GLN A 364 22.24 -5.71 -0.71
CA GLN A 364 22.27 -4.33 -0.26
C GLN A 364 21.54 -3.45 -1.26
N VAL A 365 20.76 -2.49 -0.75
CA VAL A 365 20.05 -1.53 -1.57
C VAL A 365 20.40 -0.13 -1.09
N GLY A 366 20.72 0.75 -2.05
CA GLY A 366 21.00 2.14 -1.70
C GLY A 366 19.70 2.93 -1.59
N VAL A 367 19.55 3.64 -0.47
CA VAL A 367 18.34 4.37 -0.15
C VAL A 367 18.69 5.85 -0.08
N PRO A 368 17.94 6.73 -0.74
CA PRO A 368 18.24 8.16 -0.68
C PRO A 368 18.06 8.71 0.73
N ILE A 369 18.68 9.88 0.96
CA ILE A 369 18.60 10.53 2.26
C ILE A 369 17.16 10.92 2.57
N SER A 370 16.46 11.50 1.59
CA SER A 370 15.09 11.96 1.82
C SER A 370 14.15 10.80 2.10
N ILE A 371 14.30 9.69 1.37
CA ILE A 371 13.45 8.53 1.60
C ILE A 371 13.73 7.93 2.97
N ALA A 372 15.01 7.81 3.35
CA ALA A 372 15.35 7.27 4.65
C ALA A 372 14.86 8.17 5.78
N LYS A 373 14.82 9.48 5.55
CA LYS A 373 14.32 10.39 6.57
C LYS A 373 12.80 10.36 6.67
N THR A 374 12.12 10.20 5.54
CA THR A 374 10.65 10.15 5.56
C THR A 374 10.15 8.86 6.21
N LEU A 375 10.71 7.72 5.79
CA LEU A 375 10.32 6.45 6.38
C LEU A 375 10.92 6.31 7.77
N SER A 376 10.25 5.53 8.62
CA SER A 376 10.68 5.39 10.00
C SER A 376 10.36 3.98 10.49
N TYR A 377 11.08 3.57 11.54
CA TYR A 377 10.87 2.29 12.19
C TYR A 377 10.70 2.52 13.68
N PRO A 378 9.67 1.95 14.31
CA PRO A 378 9.49 2.09 15.76
C PRO A 378 10.33 1.08 16.52
N GLU A 379 11.31 1.56 17.26
CA GLU A 379 12.18 0.73 18.09
C GLU A 379 11.84 0.96 19.56
N THR A 380 11.72 -0.15 20.30
CA THR A 380 11.43 -0.03 21.72
C THR A 380 12.66 0.47 22.48
N VAL A 381 12.43 0.93 23.70
CA VAL A 381 13.47 1.50 24.54
C VAL A 381 13.87 0.45 25.58
N THR A 382 15.10 -0.04 25.49
CA THR A 382 15.64 -0.99 26.43
C THR A 382 16.96 -0.46 26.99
N GLN A 383 17.55 -1.20 27.92
CA GLN A 383 18.83 -0.81 28.48
C GLN A 383 19.98 -1.03 27.51
N TYR A 384 19.75 -1.73 26.39
CA TYR A 384 20.79 -2.00 25.42
C TYR A 384 20.90 -0.92 24.35
N ASN A 385 19.89 -0.05 24.20
CA ASN A 385 19.91 0.95 23.14
C ASN A 385 19.37 2.29 23.63
N ILE A 386 19.44 2.55 24.94
CA ILE A 386 18.92 3.81 25.46
C ILE A 386 19.74 5.00 24.98
N HIS A 387 21.07 4.86 24.97
CA HIS A 387 21.94 5.97 24.59
C HIS A 387 21.78 6.31 23.11
N ARG A 388 21.74 5.29 22.25
CA ARG A 388 21.57 5.53 20.82
C ARG A 388 20.22 6.19 20.53
N LEU A 389 19.16 5.74 21.19
CA LEU A 389 17.85 6.31 20.96
C LEU A 389 17.78 7.75 21.46
N THR A 390 18.40 8.04 22.61
CA THR A 390 18.43 9.41 23.09
C THR A 390 19.22 10.31 22.14
N GLU A 391 20.33 9.81 21.60
CA GLU A 391 21.08 10.59 20.63
C GLU A 391 20.27 10.85 19.36
N TYR A 392 19.53 9.83 18.90
CA TYR A 392 18.69 10.01 17.71
C TYR A 392 17.58 11.03 17.97
N VAL A 393 17.00 11.01 19.17
CA VAL A 393 15.98 11.99 19.52
C VAL A 393 16.58 13.39 19.57
N ARG A 394 17.77 13.52 20.16
CA ARG A 394 18.42 14.83 20.23
C ARG A 394 18.78 15.35 18.85
N ASN A 395 19.11 14.46 17.90
CA ASN A 395 19.42 14.91 16.55
C ASN A 395 18.21 15.53 15.87
N GLY A 396 17.02 14.96 16.08
CA GLY A 396 15.81 15.50 15.52
C GLY A 396 15.44 14.88 14.19
N PRO A 397 14.25 15.22 13.68
CA PRO A 397 13.79 14.61 12.42
C PRO A 397 14.42 15.23 11.17
N ASN A 398 15.05 16.39 11.26
CA ASN A 398 15.62 17.04 10.10
C ASN A 398 17.07 16.65 9.84
N GLU A 399 17.69 15.90 10.73
CA GLU A 399 19.09 15.48 10.59
C GLU A 399 19.18 13.98 10.68
N HIS A 400 19.89 13.37 9.72
CA HIS A 400 20.10 11.94 9.73
C HIS A 400 21.46 11.61 10.32
N PRO A 401 21.56 10.64 11.25
CA PRO A 401 20.46 9.84 11.79
C PRO A 401 19.62 10.60 12.82
N GLY A 402 18.34 10.28 12.89
CA GLY A 402 17.45 10.97 13.80
C GLY A 402 16.16 10.19 14.00
N ALA A 403 15.22 10.85 14.67
CA ALA A 403 13.93 10.25 14.98
C ALA A 403 12.81 11.24 14.68
N LYS A 404 11.62 10.71 14.41
CA LYS A 404 10.47 11.52 14.04
C LYS A 404 9.47 11.67 15.19
N TYR A 405 9.06 10.56 15.80
CA TYR A 405 8.06 10.57 16.86
C TYR A 405 8.59 9.81 18.06
N VAL A 406 8.04 10.13 19.23
CA VAL A 406 8.32 9.41 20.47
C VAL A 406 7.00 8.93 21.05
N ILE A 407 6.84 7.62 21.19
CA ILE A 407 5.60 7.03 21.65
C ILE A 407 5.73 6.69 23.12
N ARG A 408 4.81 7.19 23.94
CA ARG A 408 4.81 6.94 25.37
C ARG A 408 4.31 5.52 25.65
N ASP A 409 4.32 5.15 26.93
CA ASP A 409 3.82 3.84 27.33
C ASP A 409 2.32 3.71 27.09
N ASN A 410 1.56 4.77 27.35
CA ASN A 410 0.11 4.73 27.19
C ASN A 410 -0.32 4.86 25.73
N GLY A 411 0.60 5.14 24.81
CA GLY A 411 0.28 5.30 23.41
C GLY A 411 0.24 6.73 22.92
N ASP A 412 0.51 7.70 23.79
CA ASP A 412 0.56 9.09 23.35
C ASP A 412 1.81 9.34 22.51
N ARG A 413 1.66 10.18 21.49
CA ARG A 413 2.73 10.44 20.53
C ARG A 413 3.23 11.87 20.70
N ILE A 414 4.54 12.03 20.72
CA ILE A 414 5.20 13.33 20.78
C ILE A 414 5.86 13.55 19.42
N ASP A 415 5.50 14.65 18.77
CA ASP A 415 6.06 15.02 17.47
C ASP A 415 7.33 15.84 17.70
N LEU A 416 8.46 15.33 17.23
CA LEU A 416 9.73 16.03 17.41
C LEU A 416 9.84 17.26 16.51
N ARG A 417 8.99 17.38 15.49
CA ARG A 417 9.01 18.57 14.65
C ARG A 417 8.54 19.80 15.41
N TYR A 418 7.46 19.67 16.18
CA TYR A 418 6.94 20.79 16.97
C TYR A 418 7.52 20.86 18.36
N HIS A 419 8.34 19.89 18.76
CA HIS A 419 8.98 19.90 20.07
C HIS A 419 10.37 20.53 19.91
N LYS A 420 10.46 21.82 20.23
CA LYS A 420 11.70 22.56 20.09
C LYS A 420 12.58 22.47 21.33
N ARG A 421 12.16 21.72 22.36
CA ARG A 421 12.98 21.53 23.54
C ARG A 421 13.30 20.04 23.70
N ALA A 422 13.67 19.39 22.62
CA ALA A 422 13.98 17.97 22.64
C ALA A 422 15.39 17.66 23.10
N GLY A 423 16.20 18.68 23.39
CA GLY A 423 17.56 18.47 23.85
C GLY A 423 17.71 18.05 25.29
N ASP A 424 16.63 18.13 26.08
CA ASP A 424 16.65 17.75 27.49
C ASP A 424 15.44 16.89 27.82
N ILE A 425 15.18 15.88 26.99
CA ILE A 425 14.10 14.93 27.21
C ILE A 425 14.71 13.57 27.47
N VAL A 426 14.15 12.83 28.43
CA VAL A 426 14.64 11.53 28.84
C VAL A 426 13.63 10.47 28.42
N LEU A 427 14.14 9.36 27.90
CA LEU A 427 13.30 8.25 27.48
C LEU A 427 13.16 7.23 28.61
N GLN A 428 11.97 6.65 28.73
CA GLN A 428 11.69 5.63 29.72
C GLN A 428 11.62 4.26 29.06
N TYR A 429 11.93 3.23 29.85
CA TYR A 429 11.86 1.87 29.34
C TYR A 429 10.43 1.51 28.97
N GLY A 430 10.29 0.82 27.84
CA GLY A 430 8.98 0.48 27.31
C GLY A 430 8.44 1.48 26.31
N TRP A 431 9.07 2.65 26.17
CA TRP A 431 8.64 3.61 25.17
C TRP A 431 9.07 3.16 23.78
N LYS A 432 8.48 3.78 22.77
CA LYS A 432 8.79 3.50 21.37
C LYS A 432 9.26 4.78 20.70
N VAL A 433 10.38 4.70 20.00
CA VAL A 433 10.95 5.82 19.26
C VAL A 433 10.91 5.48 17.79
N GLU A 434 10.27 6.33 17.00
CA GLU A 434 10.18 6.11 15.55
C GLU A 434 11.42 6.73 14.91
N ARG A 435 12.48 5.94 14.84
CA ARG A 435 13.74 6.43 14.33
C ARG A 435 13.79 6.34 12.81
N HIS A 436 14.77 7.01 12.22
CA HIS A 436 14.93 7.00 10.78
C HIS A 436 15.42 5.64 10.30
N LEU A 437 15.37 5.44 8.99
CA LEU A 437 15.88 4.21 8.39
C LEU A 437 17.40 4.21 8.45
N MET A 438 17.98 3.28 9.19
CA MET A 438 19.42 3.20 9.39
C MET A 438 20.02 2.13 8.49
N ASP A 439 21.34 1.96 8.60
CA ASP A 439 22.03 0.95 7.82
C ASP A 439 21.71 -0.44 8.35
N ASP A 440 21.84 -1.43 7.46
CA ASP A 440 21.62 -2.84 7.78
C ASP A 440 20.19 -3.09 8.28
N ASP A 441 19.23 -2.33 7.77
CA ASP A 441 17.83 -2.52 8.12
C ASP A 441 17.15 -3.34 7.03
N PRO A 442 16.57 -4.50 7.35
CA PRO A 442 15.93 -5.31 6.31
C PRO A 442 14.67 -4.64 5.80
N VAL A 443 14.55 -4.56 4.47
CA VAL A 443 13.40 -3.96 3.81
C VAL A 443 13.00 -4.85 2.64
N LEU A 444 11.69 -4.99 2.43
CA LEU A 444 11.20 -5.67 1.24
C LEU A 444 11.36 -4.76 0.03
N PHE A 445 11.73 -5.34 -1.11
CA PHE A 445 12.06 -4.58 -2.30
C PHE A 445 11.47 -5.32 -3.48
N ASN A 446 10.72 -4.60 -4.33
CA ASN A 446 9.80 -5.21 -5.27
C ASN A 446 9.80 -4.45 -6.59
N ARG A 447 9.56 -5.20 -7.67
CA ARG A 447 9.28 -4.62 -8.98
C ARG A 447 8.02 -5.25 -9.53
N GLN A 448 7.17 -4.41 -10.14
CA GLN A 448 5.92 -4.95 -10.68
C GLN A 448 6.00 -5.06 -12.20
N PRO A 449 5.38 -6.09 -12.81
CA PRO A 449 4.58 -7.14 -12.16
C PRO A 449 5.43 -8.20 -11.45
N SER A 450 4.86 -8.83 -10.43
CA SER A 450 5.56 -9.84 -9.64
C SER A 450 5.17 -11.21 -10.17
N LEU A 451 5.99 -11.72 -11.10
CA LEU A 451 5.70 -13.01 -11.72
C LEU A 451 6.02 -14.19 -10.81
N HIS A 452 7.07 -14.08 -10.01
CA HIS A 452 7.47 -15.16 -9.13
C HIS A 452 8.03 -14.57 -7.84
N LYS A 453 8.35 -15.47 -6.89
CA LYS A 453 8.75 -15.03 -5.56
C LYS A 453 10.09 -14.29 -5.55
N MET A 454 10.90 -14.45 -6.59
CA MET A 454 12.17 -13.74 -6.65
C MET A 454 12.03 -12.28 -7.04
N SER A 455 10.82 -11.84 -7.41
CA SER A 455 10.57 -10.45 -7.74
C SER A 455 10.31 -9.59 -6.51
N MET A 456 10.40 -10.16 -5.31
CA MET A 456 10.13 -9.42 -4.08
C MET A 456 11.03 -10.03 -3.00
N MET A 457 12.12 -9.31 -2.68
CA MET A 457 13.17 -9.87 -1.84
C MET A 457 13.57 -8.87 -0.76
N ALA A 458 14.17 -9.39 0.30
CA ALA A 458 14.58 -8.56 1.44
C ALA A 458 16.04 -8.14 1.26
N HIS A 459 16.28 -6.84 1.30
CA HIS A 459 17.60 -6.26 1.16
C HIS A 459 17.98 -5.52 2.44
N ARG A 460 19.25 -5.15 2.53
CA ARG A 460 19.79 -4.37 3.65
C ARG A 460 19.99 -2.94 3.20
N VAL A 461 19.54 -1.99 4.03
CA VAL A 461 19.55 -0.58 3.66
C VAL A 461 20.96 -0.03 3.80
N LYS A 462 21.40 0.72 2.79
CA LYS A 462 22.59 1.55 2.89
C LYS A 462 22.19 2.96 2.46
N VAL A 463 22.32 3.92 3.37
CA VAL A 463 21.88 5.28 3.10
C VAL A 463 22.93 5.99 2.25
N MET A 464 22.49 6.53 1.11
CA MET A 464 23.37 7.12 0.12
C MET A 464 22.77 8.42 -0.38
N PRO A 465 23.59 9.33 -0.91
CA PRO A 465 23.04 10.55 -1.51
C PRO A 465 22.32 10.29 -2.83
N TYR A 466 21.76 11.35 -3.42
CA TYR A 466 21.02 11.30 -4.68
C TYR A 466 19.74 10.49 -4.55
N SER A 467 18.86 10.57 -5.55
CA SER A 467 17.47 10.17 -5.39
C SER A 467 17.12 8.86 -6.09
N THR A 468 18.10 8.02 -6.36
CA THR A 468 17.86 6.75 -7.05
C THR A 468 18.22 5.57 -6.16
N PHE A 469 17.41 4.52 -6.22
CA PHE A 469 17.76 3.27 -5.57
C PHE A 469 18.95 2.64 -6.25
N ARG A 470 19.90 2.14 -5.46
CA ARG A 470 21.10 1.50 -5.97
C ARG A 470 20.97 -0.01 -5.82
N LEU A 471 21.32 -0.73 -6.88
CA LEU A 471 21.19 -2.18 -6.89
C LEU A 471 22.46 -2.81 -7.43
N ASN A 472 22.77 -4.00 -6.93
CA ASN A 472 23.83 -4.81 -7.51
C ASN A 472 23.42 -5.27 -8.90
N LEU A 473 24.41 -5.43 -9.77
CA LEU A 473 24.10 -5.81 -11.15
C LEU A 473 23.65 -7.25 -11.28
N SER A 474 23.94 -8.09 -10.28
CA SER A 474 23.59 -9.50 -10.36
C SER A 474 22.14 -9.79 -9.97
N VAL A 475 21.44 -8.83 -9.36
CA VAL A 475 20.04 -9.03 -8.98
C VAL A 475 19.07 -8.44 -9.99
N THR A 476 19.56 -7.92 -11.12
CA THR A 476 18.66 -7.36 -12.12
C THR A 476 17.89 -8.46 -12.83
N SER A 477 18.53 -9.59 -13.12
CA SER A 477 17.85 -10.66 -13.83
C SER A 477 16.68 -11.27 -13.07
N PRO A 478 16.79 -11.60 -11.77
CA PRO A 478 15.58 -12.07 -11.06
C PRO A 478 14.49 -11.04 -10.98
N TYR A 479 14.83 -9.75 -10.88
CA TYR A 479 13.85 -8.68 -10.88
C TYR A 479 13.36 -8.34 -12.28
N ASN A 480 14.05 -8.78 -13.32
CA ASN A 480 13.74 -8.46 -14.71
C ASN A 480 13.69 -6.94 -14.91
N ALA A 481 14.74 -6.27 -14.46
CA ALA A 481 14.80 -4.81 -14.48
C ALA A 481 16.08 -4.35 -15.18
N ASP A 482 15.97 -3.20 -15.83
CA ASP A 482 17.14 -2.49 -16.35
C ASP A 482 17.14 -1.08 -15.80
N PHE A 483 18.04 -0.23 -16.29
CA PHE A 483 18.19 1.13 -15.77
C PHE A 483 17.91 2.17 -16.85
N ASP A 484 16.85 1.96 -17.62
CA ASP A 484 16.40 2.92 -18.61
C ASP A 484 15.19 3.72 -18.14
N GLY A 485 14.92 3.73 -16.84
CA GLY A 485 13.79 4.46 -16.30
C GLY A 485 12.85 3.61 -15.48
N ASP A 486 13.33 2.46 -15.01
CA ASP A 486 12.51 1.60 -14.19
C ASP A 486 12.26 2.21 -12.81
N GLU A 487 11.07 2.00 -12.29
CA GLU A 487 10.70 2.42 -10.95
C GLU A 487 10.43 1.19 -10.11
N MET A 488 10.93 1.19 -8.88
CA MET A 488 10.81 0.04 -7.99
C MET A 488 10.37 0.51 -6.62
N ASN A 489 9.80 -0.43 -5.87
CA ASN A 489 9.11 -0.15 -4.60
C ASN A 489 9.85 -0.77 -3.42
N LEU A 490 9.70 -0.14 -2.27
CA LEU A 490 10.34 -0.56 -1.03
C LEU A 490 9.33 -0.49 0.10
N HIS A 491 9.29 -1.53 0.92
CA HIS A 491 8.41 -1.62 2.08
C HIS A 491 9.24 -1.87 3.34
N VAL A 492 8.87 -1.20 4.41
CA VAL A 492 9.61 -1.23 5.67
C VAL A 492 8.77 -1.98 6.71
N PRO A 493 9.25 -3.10 7.24
CA PRO A 493 8.54 -3.74 8.36
C PRO A 493 8.58 -2.88 9.60
N GLN A 494 7.53 -3.00 10.41
CA GLN A 494 7.37 -2.18 11.61
C GLN A 494 7.29 -2.99 12.88
N SER A 495 7.83 -4.21 12.88
CA SER A 495 7.78 -5.06 14.06
C SER A 495 9.00 -5.97 14.05
N GLU A 496 9.34 -6.49 15.24
CA GLU A 496 10.49 -7.37 15.36
C GLU A 496 10.23 -8.72 14.71
N GLU A 497 9.01 -9.24 14.86
CA GLU A 497 8.68 -10.54 14.28
C GLU A 497 8.75 -10.50 12.77
N THR A 498 8.22 -9.45 12.15
CA THR A 498 8.28 -9.35 10.70
C THR A 498 9.68 -9.01 10.20
N ARG A 499 10.46 -8.27 11.00
CA ARG A 499 11.86 -8.07 10.67
C ARG A 499 12.62 -9.40 10.64
N ALA A 500 12.38 -10.24 11.64
CA ALA A 500 13.01 -11.57 11.66
C ALA A 500 12.52 -12.43 10.50
N GLU A 501 11.23 -12.35 10.18
CA GLU A 501 10.69 -13.11 9.05
C GLU A 501 11.36 -12.69 7.75
N LEU A 502 11.53 -11.38 7.53
CA LEU A 502 12.20 -10.89 6.34
C LEU A 502 13.66 -11.31 6.32
N SER A 503 14.33 -11.27 7.48
CA SER A 503 15.75 -11.58 7.52
C SER A 503 16.02 -13.07 7.33
N GLN A 504 15.12 -13.94 7.77
CA GLN A 504 15.36 -15.37 7.74
C GLN A 504 14.62 -16.11 6.64
N LEU A 505 13.68 -15.47 5.96
CA LEU A 505 12.90 -16.15 4.92
C LEU A 505 13.07 -15.51 3.54
N CYS A 506 12.95 -14.19 3.44
CA CYS A 506 12.93 -13.50 2.17
C CYS A 506 14.27 -12.84 1.82
N ALA A 507 15.33 -13.19 2.54
CA ALA A 507 16.63 -12.58 2.29
C ALA A 507 17.14 -12.94 0.90
N VAL A 508 17.86 -11.98 0.30
CA VAL A 508 18.38 -12.19 -1.06
C VAL A 508 19.29 -13.41 -1.17
N PRO A 509 20.29 -13.61 -0.30
CA PRO A 509 21.15 -14.79 -0.46
C PRO A 509 20.40 -16.12 -0.43
N LEU A 510 19.30 -16.20 0.33
CA LEU A 510 18.52 -17.43 0.37
C LEU A 510 17.76 -17.71 -0.92
N GLN A 511 17.66 -16.72 -1.82
CA GLN A 511 16.90 -16.87 -3.05
C GLN A 511 17.80 -17.03 -4.28
N ILE A 512 19.07 -17.39 -4.08
CA ILE A 512 19.97 -17.56 -5.22
C ILE A 512 19.53 -18.73 -6.09
N VAL A 513 19.17 -19.85 -5.48
CA VAL A 513 18.71 -21.04 -6.19
C VAL A 513 17.20 -21.08 -6.13
N SER A 514 16.56 -21.24 -7.30
CA SER A 514 15.11 -21.26 -7.41
C SER A 514 14.59 -22.68 -7.55
N PRO A 515 13.40 -22.97 -7.01
CA PRO A 515 12.84 -24.31 -7.12
C PRO A 515 12.19 -24.61 -8.46
N GLN A 516 12.07 -23.61 -9.35
CA GLN A 516 11.43 -23.85 -10.63
C GLN A 516 12.22 -24.83 -11.49
N SER A 517 13.55 -24.68 -11.53
CA SER A 517 14.38 -25.56 -12.35
C SER A 517 15.64 -25.99 -11.62
N ASN A 518 15.62 -26.00 -10.29
CA ASN A 518 16.75 -26.36 -9.42
C ASN A 518 18.09 -25.82 -9.92
N LYS A 519 18.10 -24.59 -10.39
CA LYS A 519 19.30 -23.94 -10.88
C LYS A 519 19.29 -22.50 -10.41
N PRO A 520 20.47 -21.87 -10.28
CA PRO A 520 20.51 -20.48 -9.82
C PRO A 520 19.85 -19.52 -10.80
N VAL A 521 19.30 -18.44 -10.27
CA VAL A 521 18.72 -17.38 -11.08
C VAL A 521 19.54 -16.11 -11.06
N MET A 522 20.58 -16.04 -10.24
CA MET A 522 21.49 -14.90 -10.22
C MET A 522 22.87 -15.36 -10.68
N GLY A 523 23.49 -14.56 -11.56
CA GLY A 523 24.79 -14.90 -12.08
C GLY A 523 25.55 -13.66 -12.49
N ILE A 524 26.82 -13.86 -12.83
CA ILE A 524 27.66 -12.78 -13.30
C ILE A 524 27.22 -12.39 -14.70
N VAL A 525 26.81 -11.13 -14.87
CA VAL A 525 26.20 -10.67 -16.11
C VAL A 525 26.83 -9.36 -16.55
N GLN A 526 26.61 -9.02 -17.81
CA GLN A 526 26.96 -7.73 -18.42
C GLN A 526 28.49 -7.60 -18.41
N ASP A 527 29.01 -6.39 -18.13
CA ASP A 527 30.42 -6.10 -18.36
C ASP A 527 31.33 -7.06 -17.60
N THR A 528 31.00 -7.32 -16.33
CA THR A 528 31.78 -8.23 -15.52
C THR A 528 31.98 -9.56 -16.22
N LEU A 529 30.90 -10.12 -16.76
CA LEU A 529 31.02 -11.36 -17.52
C LEU A 529 32.02 -11.21 -18.65
N CYS A 530 31.83 -10.20 -19.50
CA CYS A 530 32.78 -9.95 -20.57
C CYS A 530 34.17 -9.76 -19.99
N GLY A 531 34.27 -9.03 -18.88
CA GLY A 531 35.56 -8.79 -18.27
C GLY A 531 36.28 -10.07 -17.92
N VAL A 532 35.57 -11.04 -17.32
CA VAL A 532 36.28 -12.23 -16.90
C VAL A 532 36.73 -13.03 -18.12
N ARG A 533 35.99 -12.93 -19.23
CA ARG A 533 36.43 -13.60 -20.45
C ARG A 533 37.72 -12.98 -20.97
N LYS A 534 37.91 -11.68 -20.77
CA LYS A 534 39.17 -11.06 -21.11
C LYS A 534 40.22 -11.20 -20.02
N MET A 535 39.82 -11.68 -18.84
CA MET A 535 40.74 -11.77 -17.71
C MET A 535 41.42 -13.12 -17.62
N THR A 536 40.68 -14.20 -17.85
CA THR A 536 41.19 -15.56 -17.69
C THR A 536 41.78 -16.13 -18.96
N LEU A 537 42.12 -15.28 -19.92
CA LEU A 537 42.80 -15.75 -21.13
C LEU A 537 44.21 -16.22 -20.79
N ARG A 538 44.73 -17.12 -21.63
CA ARG A 538 46.04 -17.70 -21.37
C ARG A 538 47.16 -16.67 -21.50
N ASP A 539 46.96 -15.63 -22.31
CA ASP A 539 47.98 -14.62 -22.56
C ASP A 539 47.71 -13.32 -21.79
N THR A 540 47.20 -13.42 -20.57
CA THR A 540 46.96 -12.26 -19.72
C THR A 540 47.93 -12.32 -18.54
N PHE A 541 48.76 -11.28 -18.39
CA PHE A 541 49.75 -11.21 -17.33
C PHE A 541 49.65 -9.86 -16.64
N ILE A 542 49.85 -9.86 -15.32
CA ILE A 542 49.66 -8.68 -14.49
C ILE A 542 50.95 -8.38 -13.73
N GLU A 543 51.34 -7.11 -13.72
CA GLU A 543 52.53 -6.69 -12.99
C GLU A 543 52.25 -6.60 -11.50
N TYR A 544 53.33 -6.44 -10.73
CA TYR A 544 53.24 -6.60 -9.27
C TYR A 544 52.33 -5.57 -8.62
N GLU A 545 52.47 -4.29 -9.01
CA GLU A 545 51.69 -3.25 -8.35
C GLU A 545 50.20 -3.41 -8.59
N GLN A 546 49.81 -3.74 -9.83
CA GLN A 546 48.41 -4.00 -10.11
C GLN A 546 47.92 -5.23 -9.35
N VAL A 547 48.78 -6.24 -9.18
CA VAL A 547 48.40 -7.41 -8.40
C VAL A 547 48.12 -7.02 -6.95
N MET A 548 48.97 -6.17 -6.37
CA MET A 548 48.73 -5.73 -5.00
C MET A 548 47.43 -4.94 -4.89
N ASN A 549 47.16 -4.05 -5.84
CA ASN A 549 45.90 -3.31 -5.81
C ASN A 549 44.70 -4.24 -5.92
N MET A 550 44.75 -5.21 -6.83
CA MET A 550 43.63 -6.12 -7.01
C MET A 550 43.44 -7.02 -5.80
N LEU A 551 44.53 -7.47 -5.19
CA LEU A 551 44.43 -8.28 -3.98
C LEU A 551 43.82 -7.48 -2.83
N PHE A 552 44.23 -6.21 -2.69
CA PHE A 552 43.63 -5.39 -1.65
C PHE A 552 42.16 -5.10 -1.95
N TRP A 553 41.77 -5.11 -3.23
CA TRP A 553 40.38 -4.87 -3.58
C TRP A 553 39.46 -6.01 -3.17
N VAL A 554 39.98 -7.16 -2.77
CA VAL A 554 39.18 -8.32 -2.40
C VAL A 554 38.79 -8.15 -0.92
N PRO A 555 37.50 -8.03 -0.60
CA PRO A 555 37.12 -7.96 0.82
C PRO A 555 37.47 -9.21 1.61
N SER A 556 37.43 -10.39 1.00
CA SER A 556 37.66 -11.64 1.69
C SER A 556 39.10 -12.15 1.54
N TRP A 557 40.02 -11.29 1.13
CA TRP A 557 41.41 -11.68 1.00
C TRP A 557 42.01 -11.98 2.37
N ASP A 558 42.87 -13.00 2.42
CA ASP A 558 43.47 -13.43 3.67
C ASP A 558 44.79 -12.73 3.97
N GLY A 559 45.21 -11.80 3.13
CA GLY A 559 46.43 -11.06 3.38
C GLY A 559 47.71 -11.74 2.97
N VAL A 560 47.63 -12.85 2.24
CA VAL A 560 48.79 -13.58 1.78
C VAL A 560 48.91 -13.41 0.27
N VAL A 561 50.05 -12.92 -0.19
CA VAL A 561 50.30 -12.71 -1.61
C VAL A 561 50.69 -14.04 -2.24
N PRO A 562 49.95 -14.52 -3.24
CA PRO A 562 50.31 -15.80 -3.87
C PRO A 562 51.58 -15.67 -4.70
N GLN A 563 52.24 -16.82 -4.87
CA GLN A 563 53.45 -16.85 -5.68
C GLN A 563 53.11 -16.59 -7.14
N PRO A 564 53.89 -15.73 -7.82
CA PRO A 564 53.62 -15.47 -9.23
C PRO A 564 53.89 -16.70 -10.08
N ALA A 565 53.17 -16.78 -11.21
CA ALA A 565 53.38 -17.90 -12.13
C ALA A 565 54.75 -17.84 -12.78
N ILE A 566 55.31 -16.64 -12.94
CA ILE A 566 56.64 -16.45 -13.51
C ILE A 566 57.49 -15.69 -12.50
N LEU A 567 58.68 -16.21 -12.22
CA LEU A 567 59.59 -15.61 -11.24
C LEU A 567 60.73 -14.84 -11.90
N LYS A 568 61.24 -15.32 -13.03
CA LYS A 568 62.40 -14.77 -13.70
C LYS A 568 62.09 -14.61 -15.18
N PRO A 569 62.52 -13.51 -15.83
CA PRO A 569 63.33 -12.40 -15.30
C PRO A 569 62.50 -11.27 -14.67
N LYS A 570 61.19 -11.45 -14.59
CA LYS A 570 60.32 -10.43 -14.01
C LYS A 570 59.08 -11.12 -13.47
N PRO A 571 58.68 -10.82 -12.24
CA PRO A 571 57.47 -11.45 -11.69
C PRO A 571 56.24 -11.11 -12.51
N LEU A 572 55.38 -12.10 -12.70
CA LEU A 572 54.17 -11.93 -13.49
C LEU A 572 53.08 -12.84 -12.94
N TRP A 573 51.88 -12.29 -12.78
CA TRP A 573 50.72 -13.06 -12.35
C TRP A 573 49.73 -13.15 -13.49
N THR A 574 49.14 -14.33 -13.67
CA THR A 574 48.08 -14.50 -14.65
C THR A 574 46.73 -14.14 -14.05
N GLY A 575 45.77 -13.84 -14.92
CA GLY A 575 44.43 -13.52 -14.46
C GLY A 575 43.72 -14.67 -13.79
N LYS A 576 44.10 -15.91 -14.11
CA LYS A 576 43.50 -17.08 -13.48
C LYS A 576 43.79 -17.11 -11.99
N GLN A 577 45.01 -16.76 -11.59
CA GLN A 577 45.34 -16.71 -10.17
C GLN A 577 44.55 -15.62 -9.45
N LEU A 578 44.42 -14.45 -10.08
CA LEU A 578 43.67 -13.36 -9.46
C LEU A 578 42.21 -13.72 -9.30
N LEU A 579 41.62 -14.41 -10.28
CA LEU A 579 40.24 -14.85 -10.14
C LEU A 579 40.12 -15.96 -9.10
N SER A 580 41.09 -16.86 -9.03
CA SER A 580 41.06 -17.94 -8.05
C SER A 580 41.20 -17.40 -6.64
N ILE A 581 41.80 -16.23 -6.48
CA ILE A 581 41.86 -15.58 -5.17
C ILE A 581 40.45 -15.34 -4.64
N ALA A 582 39.54 -14.90 -5.51
CA ALA A 582 38.17 -14.64 -5.10
C ALA A 582 37.40 -15.92 -4.79
N ILE A 583 37.76 -17.02 -5.43
CA ILE A 583 37.04 -18.28 -5.22
C ILE A 583 37.44 -18.87 -3.87
N PRO A 584 36.50 -19.21 -3.00
CA PRO A 584 36.86 -19.79 -1.70
C PRO A 584 37.48 -21.17 -1.86
N SER A 585 38.34 -21.51 -0.91
CA SER A 585 39.03 -22.79 -0.94
C SER A 585 38.07 -23.94 -0.66
N GLY A 586 38.48 -25.14 -1.05
CA GLY A 586 37.67 -26.32 -0.86
C GLY A 586 36.63 -26.56 -1.92
N ILE A 587 36.67 -25.85 -3.04
CA ILE A 587 35.70 -25.98 -4.12
C ILE A 587 36.35 -26.73 -5.26
N HIS A 588 35.71 -27.80 -5.72
CA HIS A 588 36.18 -28.61 -6.83
C HIS A 588 35.13 -28.60 -7.93
N LEU A 589 35.58 -28.35 -9.16
CA LEU A 589 34.69 -28.26 -10.31
C LEU A 589 35.38 -28.81 -11.54
N GLN A 590 34.65 -29.59 -12.32
CA GLN A 590 35.18 -30.20 -13.54
C GLN A 590 34.14 -30.11 -14.64
N ARG A 591 34.56 -29.67 -15.83
CA ARG A 591 33.67 -29.60 -16.97
C ARG A 591 34.49 -29.77 -18.25
N THR A 592 33.93 -30.49 -19.20
CA THR A 592 34.57 -30.72 -20.49
C THR A 592 33.77 -30.08 -21.61
N ASP A 593 34.47 -29.55 -22.61
CA ASP A 593 33.86 -28.87 -23.75
C ASP A 593 34.34 -29.55 -25.02
N GLY A 594 33.42 -30.23 -25.70
CA GLY A 594 33.76 -30.92 -26.94
C GLY A 594 34.74 -32.05 -26.78
N GLY A 595 34.71 -32.75 -25.65
CA GLY A 595 35.63 -33.86 -25.43
C GLY A 595 37.08 -33.46 -25.39
N ASN A 596 37.39 -32.33 -24.75
CA ASN A 596 38.77 -31.89 -24.64
C ASN A 596 39.54 -32.74 -23.65
N SER A 597 40.85 -32.83 -23.88
CA SER A 597 41.73 -33.60 -23.01
C SER A 597 42.26 -32.69 -21.90
N LEU A 598 43.13 -33.25 -21.05
CA LEU A 598 43.74 -32.46 -19.99
C LEU A 598 44.79 -31.50 -20.53
N LEU A 599 45.28 -31.72 -21.75
CA LEU A 599 46.18 -30.76 -22.38
C LEU A 599 45.47 -29.43 -22.64
N SER A 600 44.21 -29.49 -23.05
CA SER A 600 43.41 -28.30 -23.35
C SER A 600 44.09 -27.37 -24.34
N PRO A 601 44.32 -27.81 -25.58
CA PRO A 601 44.97 -26.91 -26.55
C PRO A 601 44.16 -25.67 -26.87
N LYS A 602 42.83 -25.76 -26.85
CA LYS A 602 41.96 -24.64 -27.14
C LYS A 602 41.57 -23.85 -25.90
N ASP A 603 42.10 -24.24 -24.72
CA ASP A 603 41.80 -23.57 -23.45
C ASP A 603 40.30 -23.57 -23.16
N ASN A 604 39.62 -24.65 -23.52
CA ASN A 604 38.21 -24.83 -23.21
C ASN A 604 38.06 -25.78 -22.04
N GLY A 605 36.81 -26.05 -21.66
CA GLY A 605 36.55 -26.81 -20.47
C GLY A 605 36.81 -25.97 -19.23
N MET A 606 36.90 -26.66 -18.09
CA MET A 606 37.15 -25.98 -16.82
C MET A 606 37.60 -27.01 -15.80
N LEU A 607 38.67 -26.68 -15.07
CA LEU A 607 39.10 -27.49 -13.93
C LEU A 607 39.48 -26.55 -12.80
N ILE A 608 38.71 -26.60 -11.70
CA ILE A 608 38.98 -25.83 -10.50
C ILE A 608 39.25 -26.82 -9.38
N VAL A 609 40.43 -26.72 -8.77
CA VAL A 609 40.84 -27.63 -7.71
C VAL A 609 41.18 -26.80 -6.48
N ASP A 610 40.45 -27.05 -5.39
CA ASP A 610 40.66 -26.36 -4.10
C ASP A 610 40.58 -24.86 -4.26
N GLY A 611 39.62 -24.40 -5.06
CA GLY A 611 39.43 -22.97 -5.27
C GLY A 611 40.43 -22.32 -6.18
N LYS A 612 41.25 -23.10 -6.89
CA LYS A 612 42.23 -22.57 -7.83
C LYS A 612 41.94 -23.14 -9.22
N VAL A 613 41.95 -22.27 -10.22
CA VAL A 613 41.62 -22.66 -11.58
C VAL A 613 42.86 -23.27 -12.23
N MET A 614 42.82 -24.59 -12.47
CA MET A 614 43.93 -25.23 -13.16
C MET A 614 43.98 -24.82 -14.63
N PHE A 615 42.85 -24.90 -15.33
CA PHE A 615 42.75 -24.45 -16.71
C PHE A 615 41.30 -24.22 -17.06
N GLY A 616 41.09 -23.50 -18.16
CA GLY A 616 39.75 -23.20 -18.64
C GLY A 616 39.42 -21.73 -18.59
N VAL A 617 38.97 -21.17 -19.70
CA VAL A 617 38.56 -19.78 -19.76
C VAL A 617 37.20 -19.64 -19.08
N VAL A 618 37.11 -18.71 -18.14
CA VAL A 618 35.87 -18.52 -17.38
C VAL A 618 34.93 -17.65 -18.19
N ASP A 619 33.71 -18.14 -18.39
CA ASP A 619 32.71 -17.46 -19.21
C ASP A 619 31.34 -17.77 -18.65
N LYS A 620 30.30 -17.56 -19.46
CA LYS A 620 28.93 -17.82 -19.02
C LYS A 620 28.72 -19.28 -18.63
N LYS A 621 29.50 -20.18 -19.22
CA LYS A 621 29.37 -21.60 -18.88
C LYS A 621 29.81 -21.90 -17.45
N THR A 622 30.62 -21.04 -16.84
CA THR A 622 31.14 -21.26 -15.50
C THR A 622 30.48 -20.37 -14.46
N VAL A 623 30.51 -19.06 -14.66
CA VAL A 623 29.98 -18.11 -13.68
C VAL A 623 28.59 -17.61 -14.07
N GLY A 624 27.91 -18.29 -14.98
CA GLY A 624 26.58 -17.91 -15.38
C GLY A 624 25.53 -18.46 -14.44
N SER A 625 24.28 -18.36 -14.88
CA SER A 625 23.14 -18.81 -14.10
C SER A 625 22.78 -20.26 -14.38
N GLY A 626 23.53 -20.96 -15.21
CA GLY A 626 23.22 -22.34 -15.51
C GLY A 626 23.48 -23.27 -14.34
N GLY A 627 22.79 -24.41 -14.37
CA GLY A 627 22.96 -25.38 -13.32
C GLY A 627 24.29 -26.11 -13.42
N GLY A 628 24.79 -26.54 -12.27
CA GLY A 628 26.05 -27.25 -12.22
C GLY A 628 27.28 -26.39 -12.36
N GLY A 629 27.13 -25.06 -12.38
CA GLY A 629 28.24 -24.16 -12.55
C GLY A 629 28.95 -23.85 -11.25
N LEU A 630 29.81 -22.83 -11.29
CA LEU A 630 30.55 -22.43 -10.10
C LEU A 630 29.62 -21.89 -9.02
N ILE A 631 28.63 -21.09 -9.40
CA ILE A 631 27.74 -20.50 -8.41
C ILE A 631 26.92 -21.57 -7.69
N HIS A 632 26.38 -22.52 -8.44
CA HIS A 632 25.59 -23.59 -7.83
C HIS A 632 26.44 -24.45 -6.91
N THR A 633 27.64 -24.81 -7.36
CA THR A 633 28.53 -25.65 -6.54
C THR A 633 28.93 -24.92 -5.26
N VAL A 634 29.30 -23.64 -5.38
CA VAL A 634 29.71 -22.86 -4.21
C VAL A 634 28.55 -22.72 -3.24
N MET A 635 27.35 -22.44 -3.76
CA MET A 635 26.17 -22.35 -2.91
C MET A 635 25.96 -23.65 -2.14
N ARG A 636 25.76 -24.76 -2.85
CA ARG A 636 25.48 -26.04 -2.21
C ARG A 636 26.60 -26.52 -1.32
N GLU A 637 27.83 -26.05 -1.52
CA GLU A 637 28.95 -26.50 -0.71
C GLU A 637 29.19 -25.65 0.52
N LYS A 638 28.92 -24.35 0.46
CA LYS A 638 29.26 -23.45 1.56
C LYS A 638 28.05 -22.78 2.19
N GLY A 639 27.14 -22.23 1.39
CA GLY A 639 26.05 -21.46 1.95
C GLY A 639 25.76 -20.18 1.20
N PRO A 640 24.57 -19.62 1.42
CA PRO A 640 24.18 -18.38 0.73
C PRO A 640 25.09 -17.20 1.05
N LYS A 641 25.57 -17.10 2.30
CA LYS A 641 26.45 -16.00 2.65
C LYS A 641 27.75 -16.06 1.86
N ILE A 642 28.35 -17.25 1.77
CA ILE A 642 29.56 -17.40 0.98
C ILE A 642 29.30 -17.18 -0.50
N CYS A 643 28.12 -17.59 -0.98
CA CYS A 643 27.79 -17.35 -2.39
C CYS A 643 27.70 -15.86 -2.70
N ALA A 644 27.06 -15.10 -1.81
CA ALA A 644 26.98 -13.65 -2.00
C ALA A 644 28.36 -13.01 -1.90
N GLU A 645 29.21 -13.50 -0.99
CA GLU A 645 30.57 -13.00 -0.89
C GLU A 645 31.33 -13.27 -2.19
N LEU A 646 31.15 -14.46 -2.78
CA LEU A 646 31.79 -14.77 -4.05
C LEU A 646 31.31 -13.82 -5.15
N PHE A 647 30.00 -13.56 -5.20
CA PHE A 647 29.47 -12.60 -6.16
C PHE A 647 30.17 -11.27 -6.04
N GLY A 648 30.24 -10.73 -4.82
CA GLY A 648 30.85 -9.43 -4.61
C GLY A 648 32.33 -9.42 -4.96
N ASN A 649 33.06 -10.47 -4.56
CA ASN A 649 34.50 -10.52 -4.82
C ASN A 649 34.80 -10.56 -6.30
N ILE A 650 34.10 -11.44 -7.03
CA ILE A 650 34.31 -11.56 -8.47
C ILE A 650 33.96 -10.25 -9.16
N GLN A 651 32.84 -9.64 -8.78
CA GLN A 651 32.44 -8.38 -9.39
C GLN A 651 33.50 -7.31 -9.18
N LYS A 652 34.00 -7.18 -7.95
CA LYS A 652 34.98 -6.13 -7.65
C LYS A 652 36.28 -6.35 -8.42
N VAL A 653 36.80 -7.57 -8.42
CA VAL A 653 38.08 -7.82 -9.06
C VAL A 653 37.98 -7.61 -10.56
N VAL A 654 36.94 -8.16 -11.19
CA VAL A 654 36.81 -8.04 -12.64
C VAL A 654 36.52 -6.59 -13.02
N ASN A 655 35.75 -5.87 -12.20
CA ASN A 655 35.48 -4.47 -12.50
C ASN A 655 36.74 -3.62 -12.44
N TYR A 656 37.60 -3.87 -11.45
CA TYR A 656 38.86 -3.13 -11.38
C TYR A 656 39.74 -3.46 -12.58
N TRP A 657 39.84 -4.74 -12.94
CA TRP A 657 40.68 -5.11 -14.08
C TRP A 657 40.16 -4.49 -15.38
N LEU A 658 38.84 -4.46 -15.57
CA LEU A 658 38.29 -3.85 -16.77
C LEU A 658 38.42 -2.33 -16.75
N LEU A 659 38.38 -1.73 -15.55
CA LEU A 659 38.63 -0.30 -15.43
C LEU A 659 40.04 0.05 -15.89
N HIS A 660 41.01 -0.76 -15.49
CA HIS A 660 42.41 -0.46 -15.82
C HIS A 660 42.89 -1.17 -17.08
N ASN A 661 42.01 -1.85 -17.79
CA ASN A 661 42.33 -2.43 -19.10
C ASN A 661 41.56 -1.75 -20.23
N GLY A 662 40.24 -1.67 -20.12
CA GLY A 662 39.43 -0.99 -21.11
C GLY A 662 38.79 -1.96 -22.08
N PHE A 663 37.62 -1.57 -22.59
CA PHE A 663 36.90 -2.35 -23.58
C PHE A 663 35.96 -1.42 -24.32
N SER A 664 35.74 -1.70 -25.60
CA SER A 664 34.92 -0.83 -26.44
C SER A 664 34.43 -1.62 -27.64
N ILE A 665 33.45 -1.02 -28.34
CA ILE A 665 32.95 -1.55 -29.60
C ILE A 665 32.89 -0.39 -30.59
N GLY A 666 32.95 -0.72 -31.89
CA GLY A 666 32.97 0.30 -32.91
C GLY A 666 32.32 -0.19 -34.19
N ILE A 667 32.28 0.70 -35.18
CA ILE A 667 31.69 0.36 -36.47
C ILE A 667 32.56 -0.67 -37.20
N GLY A 668 33.89 -0.57 -37.06
CA GLY A 668 34.78 -1.47 -37.74
C GLY A 668 34.65 -2.92 -37.34
N ASP A 669 33.98 -3.19 -36.22
CA ASP A 669 33.73 -4.56 -35.82
C ASP A 669 32.66 -5.23 -36.67
N ALA A 670 31.89 -4.45 -37.42
CA ALA A 670 30.84 -4.99 -38.28
C ALA A 670 31.25 -5.03 -39.74
N ILE A 671 32.54 -4.86 -40.04
CA ILE A 671 33.03 -4.79 -41.40
C ILE A 671 33.91 -6.01 -41.66
N ALA A 672 33.59 -6.76 -42.72
CA ALA A 672 34.36 -7.92 -43.13
C ALA A 672 35.26 -7.55 -44.32
N ASP A 673 36.29 -8.37 -44.52
CA ASP A 673 37.24 -8.12 -45.60
C ASP A 673 36.60 -8.44 -46.96
N ALA A 674 37.36 -8.15 -48.02
CA ALA A 674 36.83 -8.29 -49.36
C ALA A 674 36.53 -9.74 -49.72
N SER A 675 37.40 -10.66 -49.30
CA SER A 675 37.22 -12.07 -49.66
C SER A 675 35.94 -12.63 -49.05
N THR A 676 35.68 -12.32 -47.78
CA THR A 676 34.47 -12.83 -47.13
C THR A 676 33.22 -12.23 -47.75
N MET A 677 33.25 -10.94 -48.09
CA MET A 677 32.12 -10.33 -48.78
C MET A 677 31.89 -10.97 -50.14
N LYS A 678 32.97 -11.30 -50.85
CA LYS A 678 32.83 -11.99 -52.13
C LYS A 678 32.21 -13.36 -51.95
N GLU A 679 32.63 -14.09 -50.90
CA GLU A 679 32.05 -15.40 -50.62
C GLU A 679 30.55 -15.28 -50.30
N ILE A 680 30.18 -14.28 -49.51
CA ILE A 680 28.78 -14.08 -49.14
C ILE A 680 27.95 -13.76 -50.38
N THR A 681 28.46 -12.88 -51.24
CA THR A 681 27.75 -12.54 -52.46
C THR A 681 27.61 -13.75 -53.38
N HIS A 682 28.66 -14.57 -53.47
CA HIS A 682 28.59 -15.78 -54.28
C HIS A 682 27.54 -16.74 -53.74
N ALA A 683 27.49 -16.92 -52.42
CA ALA A 683 26.48 -17.80 -51.82
C ALA A 683 25.07 -17.28 -52.08
N ILE A 684 24.88 -15.97 -51.95
CA ILE A 684 23.56 -15.39 -52.18
C ILE A 684 23.14 -15.55 -53.64
N SER A 685 24.08 -15.34 -54.57
CA SER A 685 23.77 -15.51 -55.98
C SER A 685 23.44 -16.95 -56.32
N SER A 686 24.18 -17.90 -55.74
CA SER A 686 23.88 -19.31 -55.96
C SER A 686 22.51 -19.67 -55.42
N ALA A 687 22.15 -19.14 -54.25
CA ALA A 687 20.82 -19.38 -53.70
C ALA A 687 19.73 -18.80 -54.58
N LYS A 688 19.96 -17.60 -55.12
CA LYS A 688 18.97 -16.99 -56.01
C LYS A 688 18.81 -17.82 -57.28
N GLU A 689 19.92 -18.35 -57.81
CA GLU A 689 19.83 -19.23 -58.97
C GLU A 689 19.06 -20.51 -58.65
N GLN A 690 19.28 -21.07 -57.45
CA GLN A 690 18.53 -22.25 -57.05
C GLN A 690 17.03 -21.95 -56.91
N VAL A 691 16.70 -20.77 -56.37
CA VAL A 691 15.30 -20.39 -56.26
C VAL A 691 14.68 -20.21 -57.64
N GLN A 692 15.44 -19.63 -58.58
CA GLN A 692 14.94 -19.51 -59.95
C GLN A 692 14.71 -20.88 -60.57
N GLU A 693 15.61 -21.83 -60.32
CA GLU A 693 15.42 -23.19 -60.83
C GLU A 693 14.18 -23.83 -60.21
N ILE A 694 13.95 -23.61 -58.92
CA ILE A 694 12.76 -24.15 -58.26
C ILE A 694 11.50 -23.54 -58.87
N ILE A 695 11.52 -22.24 -59.16
CA ILE A 695 10.38 -21.59 -59.78
C ILE A 695 10.13 -22.18 -61.16
N TYR A 696 11.19 -22.39 -61.95
CA TYR A 696 11.04 -22.99 -63.27
C TYR A 696 10.45 -24.39 -63.18
N LYS A 697 10.92 -25.18 -62.21
CA LYS A 697 10.38 -26.53 -62.03
C LYS A 697 8.91 -26.50 -61.63
N ALA A 698 8.54 -25.59 -60.75
CA ALA A 698 7.16 -25.52 -60.29
C ALA A 698 6.23 -25.03 -61.38
N GLN A 699 6.69 -24.11 -62.22
CA GLN A 699 5.84 -23.58 -63.29
C GLN A 699 5.61 -24.57 -64.42
N HIS A 700 6.38 -25.65 -64.47
CA HIS A 700 6.23 -26.67 -65.51
C HIS A 700 5.73 -28.00 -64.96
N ASN A 701 5.13 -27.99 -63.77
CA ASN A 701 4.59 -29.19 -63.12
C ASN A 701 5.67 -30.26 -62.94
N GLU A 702 6.86 -29.83 -62.53
CA GLU A 702 7.97 -30.74 -62.28
C GLU A 702 8.33 -30.86 -60.81
N LEU A 703 7.84 -29.96 -59.96
CA LEU A 703 8.17 -30.01 -58.54
C LEU A 703 7.50 -31.19 -57.87
N GLU A 704 8.25 -31.91 -57.04
CA GLU A 704 7.70 -33.05 -56.33
C GLU A 704 6.70 -32.60 -55.29
N LEU A 705 5.59 -33.33 -55.21
CA LEU A 705 4.51 -32.98 -54.28
C LEU A 705 4.80 -33.58 -52.91
N LYS A 706 4.86 -32.72 -51.89
CA LYS A 706 5.03 -33.21 -50.53
C LYS A 706 3.76 -33.91 -50.06
N PRO A 707 3.88 -34.93 -49.22
CA PRO A 707 2.69 -35.65 -48.75
C PRO A 707 1.83 -34.78 -47.85
N GLY A 708 0.54 -34.70 -48.16
CA GLY A 708 -0.38 -33.93 -47.35
C GLY A 708 -0.24 -32.43 -47.49
N MET A 709 0.36 -31.94 -48.57
CA MET A 709 0.55 -30.52 -48.80
C MET A 709 0.18 -30.15 -50.23
N THR A 710 -0.23 -28.90 -50.40
CA THR A 710 -0.55 -28.37 -51.71
C THR A 710 0.73 -28.05 -52.47
N LEU A 711 0.63 -27.99 -53.80
CA LEU A 711 1.78 -27.68 -54.64
C LEU A 711 2.34 -26.30 -54.31
N ARG A 712 1.46 -25.31 -54.15
CA ARG A 712 1.92 -23.97 -53.78
C ARG A 712 2.57 -23.96 -52.41
N GLU A 713 2.01 -24.71 -51.46
CA GLU A 713 2.61 -24.79 -50.13
C GLU A 713 3.98 -25.45 -50.18
N SER A 714 4.11 -26.52 -50.98
CA SER A 714 5.41 -27.18 -51.11
C SER A 714 6.43 -26.26 -51.74
N PHE A 715 6.03 -25.52 -52.78
CA PHE A 715 6.95 -24.58 -53.42
C PHE A 715 7.39 -23.48 -52.46
N GLU A 716 6.44 -22.94 -51.68
CA GLU A 716 6.78 -21.92 -50.71
C GLU A 716 7.72 -22.46 -49.64
N GLY A 717 7.47 -23.67 -49.17
CA GLY A 717 8.36 -24.28 -48.19
C GLY A 717 9.76 -24.49 -48.73
N GLU A 718 9.86 -24.96 -49.98
CA GLU A 718 11.16 -25.15 -50.60
C GLU A 718 11.92 -23.83 -50.72
N VAL A 719 11.24 -22.78 -51.17
CA VAL A 719 11.89 -21.48 -51.32
C VAL A 719 12.33 -20.94 -49.97
N SER A 720 11.47 -21.05 -48.95
CA SER A 720 11.82 -20.56 -47.62
C SER A 720 13.01 -21.32 -47.05
N ARG A 721 13.04 -22.64 -47.23
CA ARG A 721 14.16 -23.44 -46.74
C ARG A 721 15.46 -23.04 -47.44
N THR A 722 15.41 -22.84 -48.76
CA THR A 722 16.60 -22.45 -49.50
C THR A 722 17.11 -21.09 -49.02
N LEU A 723 16.21 -20.13 -48.83
CA LEU A 723 16.64 -18.80 -48.40
C LEU A 723 17.19 -18.83 -46.98
N ASN A 724 16.58 -19.61 -46.09
CA ASN A 724 17.11 -19.73 -44.73
C ASN A 724 18.48 -20.38 -44.72
N ASP A 725 18.67 -21.41 -45.55
CA ASP A 725 19.98 -22.04 -45.63
C ASP A 725 21.03 -21.07 -46.18
N ALA A 726 20.65 -20.25 -47.15
CA ALA A 726 21.57 -19.24 -47.67
C ALA A 726 21.96 -18.24 -46.60
N ARG A 727 20.98 -17.76 -45.83
CA ARG A 727 21.29 -16.81 -44.77
C ARG A 727 22.19 -17.44 -43.72
N ASP A 728 21.92 -18.70 -43.36
CA ASP A 728 22.76 -19.38 -42.38
C ASP A 728 24.19 -19.57 -42.89
N SER A 729 24.34 -19.93 -44.16
CA SER A 729 25.68 -20.11 -44.72
C SER A 729 26.45 -18.78 -44.76
N ALA A 730 25.78 -17.70 -45.17
CA ALA A 730 26.44 -16.40 -45.18
C ALA A 730 26.85 -15.98 -43.77
N GLY A 731 25.97 -16.19 -42.79
CA GLY A 731 26.32 -15.88 -41.42
C GLY A 731 27.48 -16.72 -40.91
N ARG A 732 27.51 -18.00 -41.27
CA ARG A 732 28.61 -18.86 -40.86
C ARG A 732 29.93 -18.38 -41.45
N SER A 733 29.94 -17.99 -42.72
CA SER A 733 31.15 -17.45 -43.33
C SER A 733 31.59 -16.17 -42.63
N ALA A 734 30.64 -15.27 -42.35
CA ALA A 734 30.98 -14.02 -41.68
C ALA A 734 31.54 -14.28 -40.28
N GLU A 735 30.96 -15.23 -39.55
CA GLU A 735 31.47 -15.56 -38.21
C GLU A 735 32.85 -16.20 -38.28
N MET A 736 33.09 -17.04 -39.29
CA MET A 736 34.40 -17.65 -39.43
C MET A 736 35.47 -16.63 -39.79
N ASN A 737 35.09 -15.58 -40.52
CA ASN A 737 36.06 -14.54 -40.85
C ASN A 737 36.50 -13.73 -39.65
N LEU A 738 35.68 -13.65 -38.61
CA LEU A 738 35.94 -12.73 -37.50
C LEU A 738 37.24 -13.07 -36.78
N LYS A 739 38.01 -12.03 -36.46
CA LYS A 739 39.26 -12.16 -35.75
C LYS A 739 39.03 -12.28 -34.25
N ASP A 740 40.07 -12.71 -33.53
CA ASP A 740 39.98 -12.82 -32.08
C ASP A 740 39.85 -11.46 -31.41
N LEU A 741 40.40 -10.42 -32.02
CA LEU A 741 40.33 -9.07 -31.46
C LEU A 741 39.02 -8.37 -31.76
N ASN A 742 38.13 -9.00 -32.56
CA ASN A 742 36.84 -8.39 -32.84
C ASN A 742 36.02 -8.29 -31.57
N ASN A 743 35.41 -7.14 -31.36
CA ASN A 743 34.69 -6.88 -30.11
C ASN A 743 33.36 -7.61 -30.07
N VAL A 744 32.66 -7.70 -31.20
CA VAL A 744 31.40 -8.45 -31.24
C VAL A 744 31.65 -9.93 -30.99
N LYS A 745 32.72 -10.47 -31.56
CA LYS A 745 33.08 -11.86 -31.31
C LYS A 745 33.44 -12.07 -29.83
N GLN A 746 34.12 -11.09 -29.23
CA GLN A 746 34.44 -11.19 -27.81
C GLN A 746 33.17 -11.20 -26.96
N MET A 747 32.21 -10.34 -27.29
CA MET A 747 30.95 -10.34 -26.55
C MET A 747 30.21 -11.66 -26.72
N VAL A 748 30.17 -12.19 -27.94
CA VAL A 748 29.47 -13.45 -28.19
C VAL A 748 30.14 -14.60 -27.45
N SER A 749 31.47 -14.66 -27.49
CA SER A 749 32.20 -15.71 -26.80
C SER A 749 32.01 -15.62 -25.29
N ALA A 750 32.00 -14.40 -24.74
CA ALA A 750 31.74 -14.23 -23.31
C ALA A 750 30.31 -14.61 -22.95
N GLY A 751 29.38 -14.49 -23.90
CA GLY A 751 27.99 -14.75 -23.63
C GLY A 751 27.24 -13.61 -22.97
N SER A 752 27.90 -12.48 -22.74
CA SER A 752 27.25 -11.35 -22.08
C SER A 752 26.15 -10.76 -22.96
N LYS A 753 26.40 -10.62 -24.25
CA LYS A 753 25.41 -10.06 -25.16
C LYS A 753 25.74 -10.50 -26.58
N GLY A 754 24.71 -10.52 -27.42
CA GLY A 754 24.87 -10.87 -28.82
C GLY A 754 24.76 -12.35 -29.08
N SER A 755 24.66 -12.68 -30.36
CA SER A 755 24.51 -14.07 -30.79
C SER A 755 24.97 -14.18 -32.24
N PHE A 756 24.83 -15.39 -32.79
CA PHE A 756 25.23 -15.63 -34.18
C PHE A 756 24.37 -14.86 -35.15
N ILE A 757 23.05 -14.81 -34.89
CA ILE A 757 22.13 -14.14 -35.82
C ILE A 757 22.40 -12.64 -35.88
N ASN A 758 22.80 -12.03 -34.75
CA ASN A 758 23.11 -10.60 -34.75
C ASN A 758 24.31 -10.31 -35.66
N ILE A 759 25.36 -11.12 -35.56
CA ILE A 759 26.52 -10.94 -36.43
C ILE A 759 26.14 -11.18 -37.89
N ALA A 760 25.33 -12.22 -38.14
CA ALA A 760 24.93 -12.52 -39.50
C ALA A 760 24.15 -11.37 -40.12
N GLN A 761 23.22 -10.78 -39.37
CA GLN A 761 22.42 -9.67 -39.90
C GLN A 761 23.21 -8.37 -39.99
N MET A 762 24.17 -8.16 -39.09
CA MET A 762 24.95 -6.93 -39.14
C MET A 762 26.01 -6.94 -40.25
N SER A 763 26.57 -8.11 -40.56
CA SER A 763 27.70 -8.18 -41.47
C SER A 763 27.38 -8.83 -42.82
N ALA A 764 26.52 -9.84 -42.86
CA ALA A 764 26.34 -10.63 -44.08
C ALA A 764 24.99 -10.41 -44.73
N CYS A 765 23.89 -10.67 -44.01
CA CYS A 765 22.56 -10.65 -44.64
C CYS A 765 21.47 -10.60 -43.59
N VAL A 766 20.49 -9.72 -43.78
CA VAL A 766 19.36 -9.65 -42.85
C VAL A 766 18.52 -10.92 -42.95
N GLY A 767 18.24 -11.39 -44.16
CA GLY A 767 17.52 -12.62 -44.37
C GLY A 767 16.10 -12.38 -44.88
N GLN A 768 15.36 -13.47 -44.97
CA GLN A 768 13.99 -13.43 -45.46
C GLN A 768 13.05 -12.95 -44.36
N GLN A 769 12.18 -12.01 -44.71
CA GLN A 769 11.19 -11.49 -43.77
C GLN A 769 9.91 -12.29 -43.87
N MET A 770 9.38 -12.73 -42.73
CA MET A 770 8.22 -13.60 -42.67
C MET A 770 7.11 -12.93 -41.87
N VAL A 771 5.89 -13.00 -42.40
CA VAL A 771 4.70 -12.48 -41.73
C VAL A 771 3.69 -13.60 -41.62
N GLU A 772 3.26 -13.89 -40.39
CA GLU A 772 2.31 -14.97 -40.10
C GLU A 772 2.82 -16.32 -40.61
N GLY A 773 4.13 -16.54 -40.51
CA GLY A 773 4.73 -17.80 -40.89
C GLY A 773 4.93 -18.00 -42.38
N LYS A 774 4.57 -17.02 -43.21
CA LYS A 774 4.75 -17.10 -44.64
C LYS A 774 5.51 -15.87 -45.13
N ARG A 775 5.83 -15.85 -46.42
CA ARG A 775 6.49 -14.70 -47.02
C ARG A 775 5.51 -13.54 -47.14
N ILE A 776 5.99 -12.43 -47.70
CA ILE A 776 5.16 -11.24 -47.83
C ILE A 776 4.06 -11.50 -48.86
N ALA A 777 2.81 -11.33 -48.43
CA ALA A 777 1.67 -11.62 -49.28
C ALA A 777 1.49 -10.53 -50.33
N PHE A 778 0.68 -10.84 -51.34
CA PHE A 778 0.39 -9.91 -52.43
C PHE A 778 -0.74 -9.00 -51.99
N GLY A 779 -0.38 -7.89 -51.34
CA GLY A 779 -1.39 -6.93 -50.91
C GLY A 779 -2.07 -6.25 -52.07
N PHE A 780 -1.33 -5.95 -53.13
CA PHE A 780 -1.90 -5.35 -54.33
C PHE A 780 -2.46 -6.45 -55.23
N ALA A 781 -2.80 -6.10 -56.46
CA ALA A 781 -3.33 -7.06 -57.43
C ALA A 781 -2.20 -7.96 -57.91
N ASP A 782 -2.05 -9.11 -57.27
CA ASP A 782 -1.06 -10.13 -57.64
C ASP A 782 0.37 -9.59 -57.58
N ARG A 783 0.64 -8.68 -56.65
CA ARG A 783 2.00 -8.20 -56.43
C ARG A 783 2.08 -7.60 -55.03
N SER A 784 3.28 -7.69 -54.44
CA SER A 784 3.47 -7.16 -53.09
C SER A 784 3.52 -5.63 -53.09
N LEU A 785 4.20 -5.05 -54.08
CA LEU A 785 4.35 -3.61 -54.18
C LEU A 785 4.10 -3.20 -55.63
N PRO A 786 3.67 -1.94 -55.86
CA PRO A 786 3.45 -1.49 -57.24
C PRO A 786 4.73 -1.32 -58.05
N HIS A 787 5.90 -1.53 -57.46
CA HIS A 787 7.16 -1.44 -58.18
C HIS A 787 7.58 -2.77 -58.79
N PHE A 788 6.78 -3.82 -58.65
CA PHE A 788 7.05 -5.12 -59.22
C PHE A 788 5.96 -5.47 -60.22
N THR A 789 6.29 -6.38 -61.14
CA THR A 789 5.31 -6.87 -62.10
C THR A 789 4.41 -7.91 -61.44
N LYS A 790 3.32 -8.23 -62.13
CA LYS A 790 2.36 -9.20 -61.61
C LYS A 790 2.94 -10.60 -61.64
N ASP A 791 2.54 -11.41 -60.64
CA ASP A 791 2.95 -12.81 -60.52
C ASP A 791 4.47 -12.95 -60.47
N ASP A 792 5.09 -12.18 -59.60
CA ASP A 792 6.54 -12.24 -59.38
C ASP A 792 6.82 -13.02 -58.11
N PHE A 793 7.55 -14.13 -58.24
CA PHE A 793 7.86 -14.99 -57.12
C PHE A 793 9.34 -15.02 -56.77
N SER A 794 10.12 -14.08 -57.30
CA SER A 794 11.52 -13.99 -56.93
C SER A 794 11.64 -13.58 -55.46
N PRO A 795 12.73 -13.98 -54.79
CA PRO A 795 12.87 -13.63 -53.37
C PRO A 795 12.81 -12.15 -53.09
N GLU A 796 13.46 -11.33 -53.92
CA GLU A 796 13.47 -9.89 -53.71
C GLU A 796 12.09 -9.28 -53.84
N SER A 797 11.16 -9.97 -54.49
CA SER A 797 9.80 -9.50 -54.63
C SER A 797 8.86 -10.01 -53.54
N LYS A 798 9.37 -10.83 -52.60
CA LYS A 798 8.51 -11.38 -51.57
C LYS A 798 9.12 -11.30 -50.18
N GLY A 799 9.97 -10.31 -49.95
CA GLY A 799 10.45 -10.04 -48.60
C GLY A 799 11.79 -10.66 -48.25
N PHE A 800 12.74 -10.65 -49.19
CA PHE A 800 14.09 -11.12 -48.93
C PHE A 800 15.03 -9.91 -48.92
N VAL A 801 15.69 -9.70 -47.79
CA VAL A 801 16.64 -8.61 -47.62
C VAL A 801 18.04 -9.20 -47.78
N GLU A 802 18.60 -9.09 -48.98
CA GLU A 802 19.92 -9.64 -49.25
C GLU A 802 21.06 -8.76 -48.76
N ASN A 803 20.78 -7.52 -48.39
CA ASN A 803 21.80 -6.62 -47.86
C ASN A 803 21.86 -6.73 -46.34
N SER A 804 22.96 -6.26 -45.78
CA SER A 804 23.15 -6.24 -44.34
C SER A 804 22.82 -4.86 -43.79
N TYR A 805 22.79 -4.77 -42.46
CA TYR A 805 22.53 -3.48 -41.82
C TYR A 805 23.64 -2.49 -42.09
N LEU A 806 24.88 -2.97 -42.17
CA LEU A 806 26.00 -2.09 -42.50
C LEU A 806 25.87 -1.51 -43.90
N ARG A 807 25.45 -2.33 -44.86
CA ARG A 807 25.30 -1.86 -46.24
C ARG A 807 24.05 -1.02 -46.45
N GLY A 808 23.08 -1.09 -45.55
CA GLY A 808 21.83 -0.40 -45.73
C GLY A 808 20.77 -1.30 -46.34
N LEU A 809 19.55 -0.74 -46.45
CA LEU A 809 18.41 -1.46 -46.97
C LEU A 809 17.76 -0.67 -48.09
N THR A 810 17.35 -1.36 -49.14
CA THR A 810 16.57 -0.75 -50.21
C THR A 810 15.17 -0.42 -49.68
N PRO A 811 14.47 0.53 -50.31
CA PRO A 811 13.15 0.92 -49.80
C PRO A 811 12.16 -0.24 -49.69
N GLN A 812 12.16 -1.15 -50.65
CA GLN A 812 11.28 -2.31 -50.55
C GLN A 812 11.65 -3.20 -49.37
N GLU A 813 12.96 -3.45 -49.20
CA GLU A 813 13.42 -4.23 -48.06
C GLU A 813 13.11 -3.51 -46.75
N PHE A 814 13.22 -2.18 -46.74
CA PHE A 814 12.88 -1.41 -45.56
C PHE A 814 11.41 -1.57 -45.20
N PHE A 815 10.53 -1.51 -46.20
CA PHE A 815 9.11 -1.68 -45.95
C PHE A 815 8.78 -3.09 -45.46
N PHE A 816 9.40 -4.10 -46.05
CA PHE A 816 9.16 -5.47 -45.62
C PHE A 816 9.65 -5.71 -44.20
N HIS A 817 10.83 -5.15 -43.86
CA HIS A 817 11.33 -5.25 -42.50
C HIS A 817 10.41 -4.55 -41.51
N ALA A 818 9.86 -3.39 -41.91
CA ALA A 818 8.92 -2.70 -41.05
C ALA A 818 7.66 -3.52 -40.83
N MET A 819 7.17 -4.19 -41.88
CA MET A 819 6.00 -5.06 -41.74
C MET A 819 6.28 -6.19 -40.77
N ALA A 820 7.45 -6.83 -40.90
CA ALA A 820 7.80 -7.91 -40.00
C ALA A 820 7.92 -7.43 -38.56
N GLY A 821 8.54 -6.27 -38.35
CA GLY A 821 8.67 -5.73 -37.00
C GLY A 821 7.33 -5.38 -36.39
N ARG A 822 6.42 -4.80 -37.18
CA ARG A 822 5.08 -4.50 -36.69
C ARG A 822 4.34 -5.77 -36.30
N GLU A 823 4.46 -6.83 -37.12
CA GLU A 823 3.83 -8.10 -36.79
C GLU A 823 4.39 -8.65 -35.48
N GLY A 824 5.71 -8.57 -35.29
CA GLY A 824 6.30 -9.05 -34.05
C GLY A 824 5.82 -8.28 -32.83
N LEU A 825 5.76 -6.95 -32.95
CA LEU A 825 5.28 -6.13 -31.84
C LEU A 825 3.84 -6.45 -31.49
N ILE A 826 2.98 -6.62 -32.52
CA ILE A 826 1.58 -6.96 -32.26
C ILE A 826 1.48 -8.32 -31.59
N ASP A 827 2.28 -9.29 -32.05
CA ASP A 827 2.26 -10.61 -31.44
C ASP A 827 2.67 -10.57 -29.97
N THR A 828 3.72 -9.82 -29.66
CA THR A 828 4.15 -9.70 -28.27
C THR A 828 3.06 -9.03 -27.42
N ALA A 829 2.45 -7.97 -27.94
CA ALA A 829 1.42 -7.25 -27.19
C ALA A 829 0.22 -8.15 -26.91
N VAL A 830 -0.21 -8.93 -27.89
CA VAL A 830 -1.37 -9.79 -27.65
C VAL A 830 -0.99 -10.98 -26.78
N LYS A 831 0.28 -11.39 -26.79
CA LYS A 831 0.70 -12.53 -25.99
C LYS A 831 0.79 -12.19 -24.52
N THR A 832 1.23 -10.96 -24.19
CA THR A 832 1.44 -10.61 -22.78
C THR A 832 0.15 -10.70 -21.97
N ALA A 833 -0.96 -10.18 -22.52
CA ALA A 833 -2.22 -10.18 -21.77
C ALA A 833 -2.73 -11.60 -21.54
N GLU A 834 -2.67 -12.44 -22.57
CA GLU A 834 -3.10 -13.82 -22.41
C GLU A 834 -2.24 -14.56 -21.40
N THR A 835 -0.93 -14.34 -21.43
CA THR A 835 -0.05 -14.96 -20.45
C THR A 835 -0.38 -14.50 -19.04
N GLY A 836 -0.64 -13.21 -18.87
CA GLY A 836 -1.00 -12.71 -17.54
C GLY A 836 -2.29 -13.30 -17.01
N TYR A 837 -3.31 -13.39 -17.88
CA TYR A 837 -4.57 -13.99 -17.45
C TYR A 837 -4.41 -15.46 -17.10
N ILE A 838 -3.62 -16.19 -17.90
CA ILE A 838 -3.37 -17.60 -17.62
C ILE A 838 -2.65 -17.76 -16.29
N GLN A 839 -1.65 -16.91 -16.02
CA GLN A 839 -0.92 -16.98 -14.77
C GLN A 839 -1.84 -16.69 -13.58
N ARG A 840 -2.71 -15.68 -13.71
CA ARG A 840 -3.63 -15.37 -12.61
C ARG A 840 -4.59 -16.53 -12.35
N ARG A 841 -5.11 -17.13 -13.43
CA ARG A 841 -6.01 -18.27 -13.26
C ARG A 841 -5.30 -19.44 -12.58
N LEU A 842 -4.05 -19.72 -12.98
CA LEU A 842 -3.30 -20.81 -12.35
C LEU A 842 -3.07 -20.52 -10.87
N VAL A 843 -2.70 -19.28 -10.54
CA VAL A 843 -2.45 -18.93 -9.15
C VAL A 843 -3.71 -19.09 -8.32
N LYS A 844 -4.85 -18.64 -8.85
CA LYS A 844 -6.11 -18.80 -8.13
C LYS A 844 -6.50 -20.27 -8.00
N ALA A 845 -6.15 -21.09 -9.00
CA ALA A 845 -6.48 -22.51 -8.93
C ALA A 845 -5.66 -23.23 -7.86
N LEU A 846 -4.37 -22.94 -7.78
CA LEU A 846 -3.47 -23.60 -6.84
C LEU A 846 -3.14 -22.71 -5.64
N GLU A 847 -4.09 -21.89 -5.19
CA GLU A 847 -3.80 -20.90 -4.16
C GLU A 847 -3.69 -21.51 -2.78
N ASP A 848 -4.54 -22.48 -2.46
CA ASP A 848 -4.71 -22.96 -1.08
C ASP A 848 -4.14 -24.36 -0.88
N ILE A 849 -2.98 -24.63 -1.48
CA ILE A 849 -2.35 -25.94 -1.40
C ILE A 849 -1.09 -25.83 -0.55
N MET A 850 -0.99 -26.66 0.48
CA MET A 850 0.11 -26.60 1.42
C MET A 850 0.56 -28.02 1.76
N VAL A 851 1.85 -28.16 2.09
CA VAL A 851 2.40 -29.42 2.56
C VAL A 851 2.27 -29.47 4.07
N HIS A 852 1.63 -30.52 4.58
CA HIS A 852 1.35 -30.64 6.00
C HIS A 852 2.44 -31.46 6.69
N TYR A 853 2.31 -31.60 8.01
CA TYR A 853 3.34 -32.23 8.82
C TYR A 853 3.39 -33.74 8.67
N ASP A 854 2.37 -34.36 8.07
CA ASP A 854 2.39 -35.80 7.81
C ASP A 854 2.97 -36.14 6.45
N GLY A 855 3.45 -35.15 5.71
CA GLY A 855 4.03 -35.37 4.40
C GLY A 855 3.04 -35.31 3.25
N THR A 856 1.75 -35.24 3.53
CA THR A 856 0.74 -35.19 2.49
C THR A 856 0.60 -33.76 1.94
N THR A 857 -0.05 -33.66 0.80
CA THR A 857 -0.32 -32.38 0.15
C THR A 857 -1.83 -32.22 0.04
N ARG A 858 -2.38 -31.28 0.80
CA ARG A 858 -3.82 -31.11 0.91
C ARG A 858 -4.21 -29.67 0.61
N ASN A 859 -5.47 -29.48 0.24
CA ASN A 859 -6.03 -28.16 0.01
C ASN A 859 -6.66 -27.65 1.30
N SER A 860 -7.43 -26.55 1.19
CA SER A 860 -8.06 -25.97 2.37
C SER A 860 -9.18 -26.85 2.94
N LEU A 861 -9.78 -27.72 2.12
CA LEU A 861 -10.81 -28.62 2.59
C LEU A 861 -10.26 -29.85 3.28
N GLY A 862 -8.94 -30.07 3.23
CA GLY A 862 -8.35 -31.28 3.76
C GLY A 862 -8.24 -32.41 2.76
N ASP A 863 -8.74 -32.23 1.54
CA ASP A 863 -8.63 -33.27 0.52
C ASP A 863 -7.18 -33.47 0.13
N ILE A 864 -6.73 -34.72 0.10
CA ILE A 864 -5.36 -35.01 -0.29
C ILE A 864 -5.24 -34.94 -1.80
N ILE A 865 -4.32 -34.09 -2.28
CA ILE A 865 -3.97 -34.05 -3.69
C ILE A 865 -2.87 -35.04 -4.00
N GLN A 866 -1.81 -35.05 -3.20
CA GLN A 866 -0.73 -36.01 -3.31
C GLN A 866 -0.43 -36.59 -1.94
N PHE A 867 -0.23 -37.90 -1.88
CA PHE A 867 0.15 -38.53 -0.62
C PHE A 867 1.57 -38.20 -0.21
N LEU A 868 2.38 -37.68 -1.13
CA LEU A 868 3.71 -37.19 -0.85
C LEU A 868 4.07 -36.15 -1.90
N TYR A 869 4.63 -35.03 -1.47
CA TYR A 869 4.91 -33.93 -2.38
C TYR A 869 5.96 -34.35 -3.40
N GLY A 870 5.60 -34.27 -4.68
CA GLY A 870 6.50 -34.69 -5.74
C GLY A 870 6.82 -36.16 -5.76
N GLU A 871 6.04 -36.98 -5.05
CA GLU A 871 6.22 -38.42 -4.91
C GLU A 871 7.54 -38.80 -4.24
N ASP A 872 8.29 -37.81 -3.73
CA ASP A 872 9.51 -38.09 -3.00
C ASP A 872 9.66 -37.27 -1.73
N GLY A 873 8.87 -36.23 -1.52
CA GLY A 873 8.99 -35.40 -0.34
C GLY A 873 10.27 -34.60 -0.26
N LEU A 874 10.72 -34.03 -1.37
CA LEU A 874 11.95 -33.27 -1.43
C LEU A 874 11.69 -31.86 -1.94
N ASP A 875 12.48 -30.92 -1.46
CA ASP A 875 12.40 -29.55 -1.93
C ASP A 875 12.94 -29.44 -3.34
N GLY A 876 12.44 -28.44 -4.08
CA GLY A 876 12.85 -28.26 -5.46
C GLY A 876 14.25 -27.71 -5.62
N THR A 877 14.79 -27.08 -4.58
CA THR A 877 16.11 -26.47 -4.64
C THR A 877 17.23 -27.41 -4.19
N GLN A 878 16.90 -28.63 -3.76
CA GLN A 878 17.88 -29.54 -3.19
C GLN A 878 18.14 -30.74 -4.09
N VAL A 879 17.93 -30.62 -5.39
CA VAL A 879 18.16 -31.71 -6.33
C VAL A 879 19.10 -31.22 -7.42
N GLU A 880 20.02 -32.11 -7.83
CA GLU A 880 20.95 -31.83 -8.91
C GLU A 880 20.98 -33.02 -9.86
N ARG A 881 21.38 -32.76 -11.09
CA ARG A 881 21.41 -33.81 -12.11
C ARG A 881 22.56 -34.77 -11.82
N GLN A 882 22.22 -36.01 -11.47
CA GLN A 882 23.20 -37.05 -11.24
C GLN A 882 22.89 -38.25 -12.12
N THR A 883 23.91 -39.04 -12.40
CA THR A 883 23.77 -40.23 -13.23
C THR A 883 23.76 -41.48 -12.37
N ILE A 884 22.91 -42.43 -12.73
CA ILE A 884 22.83 -43.72 -12.05
C ILE A 884 23.66 -44.70 -12.86
N ASP A 885 24.80 -45.12 -12.31
CA ASP A 885 25.77 -45.90 -13.05
C ASP A 885 25.30 -47.33 -13.34
N THR A 886 24.21 -47.79 -12.72
CA THR A 886 23.74 -49.14 -12.96
C THR A 886 23.05 -49.29 -14.31
N ILE A 887 22.30 -48.27 -14.74
CA ILE A 887 21.50 -48.33 -15.96
C ILE A 887 22.36 -48.49 -17.22
N PRO A 888 23.36 -47.65 -17.48
CA PRO A 888 24.05 -47.73 -18.78
C PRO A 888 25.13 -48.81 -18.79
N GLY A 889 25.68 -49.02 -19.97
CA GLY A 889 26.75 -49.99 -20.14
C GLY A 889 26.23 -51.37 -20.50
N SER A 890 27.13 -52.17 -21.08
CA SER A 890 26.79 -53.53 -21.45
C SER A 890 26.85 -54.44 -20.23
N ASP A 891 26.39 -55.68 -20.41
CA ASP A 891 26.41 -56.65 -19.32
C ASP A 891 27.83 -56.98 -18.91
N LYS A 892 28.74 -57.10 -19.87
CA LYS A 892 30.13 -57.39 -19.54
C LYS A 892 30.76 -56.26 -18.75
N ALA A 893 30.47 -55.00 -19.14
CA ALA A 893 31.00 -53.86 -18.40
C ALA A 893 30.45 -53.82 -16.98
N PHE A 894 29.15 -54.10 -16.83
CA PHE A 894 28.54 -54.16 -15.51
C PHE A 894 29.19 -55.22 -14.64
N HIS A 895 29.40 -56.42 -15.20
CA HIS A 895 30.02 -57.50 -14.46
C HIS A 895 31.46 -57.16 -14.07
N LYS A 896 32.21 -56.56 -14.99
CA LYS A 896 33.59 -56.19 -14.69
C LYS A 896 33.65 -55.11 -13.61
N ARG A 897 32.73 -54.15 -13.65
CA ARG A 897 32.78 -53.03 -12.72
C ARG A 897 32.32 -53.45 -11.32
N TYR A 898 31.32 -54.31 -11.22
CA TYR A 898 30.68 -54.56 -9.94
C TYR A 898 30.99 -55.92 -9.32
N TYR A 899 31.10 -56.98 -10.11
CA TYR A 899 31.27 -58.31 -9.54
C TYR A 899 32.67 -58.49 -8.95
N VAL A 900 32.73 -59.11 -7.78
CA VAL A 900 33.98 -59.43 -7.09
C VAL A 900 33.98 -60.92 -6.80
N ASP A 901 35.04 -61.62 -7.23
CA ASP A 901 35.17 -63.06 -7.04
C ASP A 901 36.41 -63.32 -6.19
N LEU A 902 36.19 -63.75 -4.95
CA LEU A 902 37.30 -64.06 -4.05
C LEU A 902 37.91 -65.43 -4.29
N MET A 903 37.23 -66.30 -5.03
CA MET A 903 37.77 -67.63 -5.31
C MET A 903 38.89 -67.59 -6.34
N ASP A 904 38.85 -66.63 -7.27
CA ASP A 904 39.85 -66.49 -8.32
C ASP A 904 40.74 -65.30 -8.02
N GLU A 905 42.05 -65.48 -8.16
CA GLU A 905 43.00 -64.41 -7.88
C GLU A 905 42.83 -63.24 -8.83
N LYS A 906 42.61 -63.52 -10.12
CA LYS A 906 42.55 -62.45 -11.11
C LYS A 906 41.34 -61.55 -10.89
N ASN A 907 40.19 -62.14 -10.56
CA ASN A 907 38.96 -61.38 -10.41
C ASN A 907 38.77 -60.80 -9.02
N SER A 908 39.70 -61.06 -8.10
CA SER A 908 39.57 -60.56 -6.74
C SER A 908 40.12 -59.14 -6.65
N ILE A 909 40.12 -58.59 -5.43
CA ILE A 909 40.67 -57.26 -5.19
C ILE A 909 42.18 -57.31 -5.35
N LYS A 910 42.74 -56.25 -5.92
CA LYS A 910 44.18 -56.18 -6.12
C LYS A 910 44.91 -56.20 -4.79
N PRO A 911 45.97 -56.99 -4.64
CA PRO A 911 46.63 -57.10 -3.33
C PRO A 911 47.30 -55.82 -2.85
N ASP A 912 47.61 -54.89 -3.74
CA ASP A 912 48.36 -53.69 -3.38
C ASP A 912 47.48 -52.55 -2.90
N VAL A 913 46.16 -52.73 -2.88
CA VAL A 913 45.25 -51.68 -2.42
C VAL A 913 44.59 -52.00 -1.08
N ILE A 914 44.75 -53.21 -0.57
CA ILE A 914 44.16 -53.63 0.70
C ILE A 914 45.23 -54.26 1.56
N GLU A 915 45.19 -53.97 2.86
CA GLU A 915 46.15 -54.54 3.81
C GLU A 915 45.82 -55.96 4.22
N TYR A 916 44.61 -56.43 3.92
CA TYR A 916 44.16 -57.77 4.31
C TYR A 916 44.13 -58.74 3.13
N ALA A 917 45.07 -58.57 2.19
CA ALA A 917 45.10 -59.44 1.01
C ALA A 917 45.47 -60.88 1.32
N ALA A 918 46.00 -61.15 2.52
CA ALA A 918 46.38 -62.51 2.88
C ALA A 918 45.16 -63.35 3.25
N ASP A 919 44.39 -62.90 4.23
CA ASP A 919 43.22 -63.64 4.72
C ASP A 919 41.94 -63.24 4.00
N ILE A 920 42.00 -63.22 2.66
CA ILE A 920 40.80 -62.93 1.87
C ILE A 920 40.55 -63.97 0.78
N LEU A 921 41.54 -64.72 0.33
CA LEU A 921 41.33 -65.73 -0.69
C LEU A 921 40.64 -66.95 -0.10
N GLY A 922 39.61 -67.45 -0.79
CA GLY A 922 38.95 -68.67 -0.41
C GLY A 922 37.92 -68.54 0.69
N ASP A 923 37.68 -67.33 1.20
CA ASP A 923 36.68 -67.14 2.24
C ASP A 923 35.28 -67.40 1.70
N VAL A 924 34.40 -67.87 2.58
CA VAL A 924 33.04 -68.22 2.22
C VAL A 924 32.03 -67.18 2.67
N GLU A 925 32.21 -66.62 3.87
CA GLU A 925 31.27 -65.60 4.36
C GLU A 925 31.38 -64.32 3.55
N LEU A 926 32.61 -63.87 3.29
CA LEU A 926 32.80 -62.67 2.47
C LEU A 926 32.30 -62.89 1.05
N GLN A 927 32.52 -64.09 0.51
CA GLN A 927 32.02 -64.41 -0.82
C GLN A 927 30.50 -64.39 -0.85
N LYS A 928 29.85 -64.92 0.19
CA LYS A 928 28.39 -64.88 0.25
C LYS A 928 27.88 -63.45 0.36
N GLU A 929 28.55 -62.63 1.15
CA GLU A 929 28.15 -61.22 1.26
C GLU A 929 28.29 -60.50 -0.09
N LEU A 930 29.40 -60.75 -0.79
CA LEU A 930 29.60 -60.14 -2.09
C LEU A 930 28.56 -60.64 -3.10
N ASN A 931 28.21 -61.92 -3.02
CA ASN A 931 27.17 -62.45 -3.89
C ASN A 931 25.83 -61.79 -3.63
N SER A 932 25.50 -61.58 -2.35
CA SER A 932 24.25 -60.89 -2.01
C SER A 932 24.25 -59.46 -2.52
N GLU A 933 25.38 -58.77 -2.39
CA GLU A 933 25.49 -57.41 -2.91
C GLU A 933 25.33 -57.39 -4.43
N TYR A 934 25.94 -58.35 -5.12
CA TYR A 934 25.81 -58.40 -6.58
C TYR A 934 24.37 -58.71 -6.99
N GLU A 935 23.69 -59.59 -6.26
CA GLU A 935 22.30 -59.87 -6.56
C GLU A 935 21.43 -58.64 -6.34
N GLN A 936 21.70 -57.88 -5.28
CA GLN A 936 20.97 -56.62 -5.08
C GLN A 936 21.22 -55.64 -6.22
N LEU A 937 22.46 -55.55 -6.67
CA LEU A 937 22.77 -54.67 -7.80
C LEU A 937 22.06 -55.11 -9.08
N VAL A 938 22.02 -56.42 -9.32
CA VAL A 938 21.33 -56.94 -10.50
C VAL A 938 19.84 -56.66 -10.43
N SER A 939 19.25 -56.84 -9.24
CA SER A 939 17.83 -56.52 -9.07
C SER A 939 17.57 -55.04 -9.30
N ASP A 940 18.45 -54.18 -8.81
CA ASP A 940 18.29 -52.74 -9.05
C ASP A 940 18.39 -52.43 -10.54
N ARG A 941 19.33 -53.07 -11.24
CA ARG A 941 19.46 -52.86 -12.68
C ARG A 941 18.20 -53.28 -13.42
N LYS A 942 17.65 -54.44 -13.06
CA LYS A 942 16.42 -54.91 -13.69
C LYS A 942 15.26 -53.96 -13.41
N PHE A 943 15.12 -53.51 -12.17
CA PHE A 943 14.03 -52.62 -11.80
C PHE A 943 14.14 -51.28 -12.52
N LEU A 944 15.36 -50.76 -12.66
CA LEU A 944 15.54 -49.49 -13.34
C LEU A 944 15.31 -49.60 -14.84
N ARG A 945 15.81 -50.68 -15.46
CA ARG A 945 15.72 -50.79 -16.91
C ARG A 945 14.33 -51.18 -17.38
N GLU A 946 13.63 -52.05 -16.65
CA GLU A 946 12.38 -52.61 -17.14
C GLU A 946 11.14 -51.87 -16.65
N ILE A 947 11.25 -51.00 -15.65
CA ILE A 947 10.07 -50.37 -15.08
C ILE A 947 10.15 -48.86 -15.16
N VAL A 948 11.17 -48.28 -14.53
CA VAL A 948 11.23 -46.82 -14.38
C VAL A 948 11.68 -46.16 -15.67
N PHE A 949 12.89 -46.45 -16.12
CA PHE A 949 13.49 -45.82 -17.29
C PHE A 949 13.66 -46.88 -18.37
N VAL A 950 12.65 -47.01 -19.23
CA VAL A 950 12.71 -47.99 -20.31
C VAL A 950 13.51 -47.48 -21.51
N ASN A 951 13.69 -46.16 -21.64
CA ASN A 951 14.41 -45.58 -22.76
C ASN A 951 15.92 -45.53 -22.53
N GLY A 952 16.39 -45.94 -21.36
CA GLY A 952 17.81 -45.98 -21.08
C GLY A 952 18.42 -44.71 -20.56
N ASP A 953 17.62 -43.67 -20.33
CA ASP A 953 18.15 -42.44 -19.76
C ASP A 953 18.61 -42.66 -18.32
N HIS A 954 19.77 -42.10 -17.98
CA HIS A 954 20.36 -42.31 -16.66
C HIS A 954 20.67 -41.03 -15.91
N ASN A 955 20.65 -39.87 -16.56
CA ASN A 955 20.96 -38.60 -15.90
C ASN A 955 19.64 -37.95 -15.48
N TRP A 956 19.38 -37.91 -14.17
CA TRP A 956 18.13 -37.44 -13.64
C TRP A 956 18.38 -36.59 -12.40
N PRO A 957 17.47 -35.68 -12.06
CA PRO A 957 17.63 -34.89 -10.84
C PRO A 957 17.40 -35.75 -9.60
N LEU A 958 18.40 -35.79 -8.73
CA LEU A 958 18.35 -36.53 -7.48
C LEU A 958 18.98 -35.68 -6.39
N PRO A 959 18.65 -35.93 -5.14
CA PRO A 959 19.26 -35.18 -4.04
C PRO A 959 20.63 -35.74 -3.67
N VAL A 960 21.39 -34.91 -2.95
CA VAL A 960 22.68 -35.27 -2.38
C VAL A 960 23.68 -35.65 -3.47
N ASN A 961 24.51 -34.69 -3.87
CA ASN A 961 25.55 -34.96 -4.88
C ASN A 961 26.62 -35.86 -4.27
N LEU A 962 26.65 -37.13 -4.71
CA LEU A 962 27.59 -38.09 -4.13
C LEU A 962 29.01 -37.89 -4.63
N ARG A 963 29.17 -37.45 -5.89
CA ARG A 963 30.51 -37.23 -6.43
C ARG A 963 31.23 -36.13 -5.66
N ARG A 964 30.52 -35.04 -5.36
CA ARG A 964 31.12 -33.96 -4.59
C ARG A 964 31.52 -34.43 -3.20
N ILE A 965 30.67 -35.25 -2.56
CA ILE A 965 31.00 -35.78 -1.24
C ILE A 965 32.25 -36.65 -1.31
N ILE A 966 32.33 -37.52 -2.32
CA ILE A 966 33.47 -38.41 -2.45
C ILE A 966 34.76 -37.63 -2.66
N GLN A 967 34.72 -36.65 -3.56
CA GLN A 967 35.94 -35.87 -3.82
C GLN A 967 36.30 -34.99 -2.63
N ASN A 968 35.32 -34.48 -1.90
CA ASN A 968 35.62 -33.72 -0.68
C ASN A 968 36.27 -34.60 0.36
N ALA A 969 35.80 -35.83 0.52
CA ALA A 969 36.44 -36.76 1.45
C ALA A 969 37.85 -37.08 1.02
N GLN A 970 38.06 -37.29 -0.28
CA GLN A 970 39.40 -37.57 -0.79
C GLN A 970 40.35 -36.41 -0.53
N GLN A 971 39.87 -35.18 -0.74
CA GLN A 971 40.71 -34.01 -0.50
C GLN A 971 40.99 -33.83 0.99
N ILE A 972 39.99 -34.07 1.84
CA ILE A 972 40.15 -33.83 3.27
C ILE A 972 41.09 -34.84 3.90
N PHE A 973 40.93 -36.12 3.55
CA PHE A 973 41.68 -37.18 4.23
C PHE A 973 43.00 -37.50 3.55
N HIS A 974 43.34 -36.84 2.44
CA HIS A 974 44.62 -37.01 1.75
C HIS A 974 44.84 -38.46 1.35
N LEU A 975 43.96 -38.93 0.45
CA LEU A 975 43.94 -40.32 0.02
C LEU A 975 44.91 -40.59 -1.13
N ASP A 976 45.95 -39.78 -1.29
CA ASP A 976 46.97 -40.01 -2.29
C ASP A 976 48.01 -40.99 -1.76
N ARG A 977 49.14 -41.09 -2.45
CA ARG A 977 50.31 -41.90 -2.09
C ARG A 977 50.04 -43.40 -2.18
N ALA A 978 48.89 -43.80 -2.71
CA ALA A 978 48.56 -45.22 -2.94
C ALA A 978 48.66 -46.03 -1.65
N LYS A 979 48.20 -45.45 -0.54
CA LYS A 979 48.20 -46.17 0.72
C LYS A 979 47.17 -47.29 0.69
N ALA A 980 47.57 -48.46 1.19
CA ALA A 980 46.68 -49.60 1.22
C ALA A 980 45.54 -49.35 2.21
N SER A 981 44.31 -49.56 1.76
CA SER A 981 43.14 -49.28 2.57
C SER A 981 42.96 -50.35 3.65
N ASP A 982 42.56 -49.90 4.85
CA ASP A 982 42.27 -50.80 5.96
C ASP A 982 40.76 -50.99 6.15
N LEU A 983 40.00 -50.96 5.07
CA LEU A 983 38.55 -51.04 5.11
C LEU A 983 38.12 -52.42 4.60
N THR A 984 37.60 -53.25 5.49
CA THR A 984 37.20 -54.60 5.13
C THR A 984 35.88 -54.58 4.36
N ILE A 985 35.69 -55.62 3.55
CA ILE A 985 34.46 -55.74 2.76
C ILE A 985 33.21 -55.82 3.62
N PRO A 986 33.14 -56.64 4.69
CA PRO A 986 31.93 -56.65 5.51
C PRO A 986 31.62 -55.30 6.13
N GLU A 987 32.63 -54.52 6.49
CA GLU A 987 32.38 -53.16 7.00
C GLU A 987 31.70 -52.31 5.95
N ILE A 988 32.17 -52.37 4.70
CA ILE A 988 31.57 -51.58 3.63
C ILE A 988 30.12 -52.01 3.40
N ILE A 989 29.88 -53.32 3.34
CA ILE A 989 28.55 -53.81 3.03
C ILE A 989 27.58 -53.45 4.15
N HIS A 990 27.98 -53.66 5.41
CA HIS A 990 27.10 -53.34 6.52
C HIS A 990 26.87 -51.85 6.65
N GLY A 991 27.89 -51.03 6.39
CA GLY A 991 27.70 -49.59 6.43
C GLY A 991 26.74 -49.10 5.37
N VAL A 992 26.87 -49.61 4.14
CA VAL A 992 25.94 -49.21 3.08
C VAL A 992 24.52 -49.68 3.42
N ARG A 993 24.38 -50.90 3.93
CA ARG A 993 23.06 -51.41 4.28
C ARG A 993 22.42 -50.58 5.40
N ASP A 994 23.21 -50.19 6.40
CA ASP A 994 22.67 -49.37 7.48
C ASP A 994 22.33 -47.97 6.99
N LEU A 995 23.15 -47.40 6.10
CA LEU A 995 22.85 -46.08 5.57
C LEU A 995 21.57 -46.07 4.75
N CYS A 996 21.36 -47.12 3.94
CA CYS A 996 20.15 -47.18 3.11
C CYS A 996 18.88 -47.28 3.95
N LYS A 997 18.97 -47.77 5.19
CA LYS A 997 17.81 -47.88 6.06
C LYS A 997 17.62 -46.65 6.95
N LYS A 998 18.54 -45.70 6.93
CA LYS A 998 18.46 -44.52 7.78
C LYS A 998 18.07 -43.26 7.04
N LEU A 999 17.72 -43.38 5.75
CA LEU A 999 17.26 -42.23 4.97
C LEU A 999 15.77 -42.04 5.23
N PHE A 1000 15.47 -41.39 6.35
CA PHE A 1000 14.09 -41.28 6.82
C PHE A 1000 13.39 -40.11 6.12
N VAL A 1001 12.27 -40.41 5.47
CA VAL A 1001 11.37 -39.40 4.94
C VAL A 1001 10.07 -39.37 5.74
N LEU A 1002 9.49 -40.54 6.00
CA LEU A 1002 8.31 -40.67 6.84
C LEU A 1002 8.66 -41.54 8.03
N ARG A 1003 8.28 -41.10 9.23
CA ARG A 1003 8.61 -41.79 10.47
C ARG A 1003 7.37 -42.44 11.04
N GLY A 1004 7.50 -43.69 11.46
CA GLY A 1004 6.41 -44.44 12.04
C GLY A 1004 6.62 -45.93 11.86
N GLU A 1005 5.94 -46.70 12.72
CA GLU A 1005 6.03 -48.15 12.69
C GLU A 1005 4.89 -48.80 11.92
N ASN A 1006 3.97 -48.01 11.36
CA ASN A 1006 2.89 -48.56 10.56
C ASN A 1006 3.43 -49.17 9.29
N GLU A 1007 2.80 -50.27 8.84
CA GLU A 1007 3.26 -50.95 7.63
C GLU A 1007 3.12 -50.06 6.41
N LEU A 1008 2.04 -49.27 6.33
CA LEU A 1008 1.89 -48.34 5.22
C LEU A 1008 2.98 -47.29 5.23
N ILE A 1009 3.38 -46.83 6.41
CA ILE A 1009 4.46 -45.85 6.50
C ILE A 1009 5.77 -46.44 6.00
N LYS A 1010 6.07 -47.69 6.38
CA LYS A 1010 7.29 -48.33 5.89
C LYS A 1010 7.25 -48.51 4.38
N GLU A 1011 6.10 -48.93 3.84
CA GLU A 1011 5.98 -49.11 2.40
C GLU A 1011 6.16 -47.78 1.67
N ALA A 1012 5.56 -46.71 2.18
CA ALA A 1012 5.71 -45.41 1.56
C ALA A 1012 7.16 -44.92 1.63
N GLN A 1013 7.83 -45.17 2.76
CA GLN A 1013 9.23 -44.80 2.89
C GLN A 1013 10.10 -45.52 1.87
N GLN A 1014 9.87 -46.83 1.71
CA GLN A 1014 10.64 -47.60 0.74
C GLN A 1014 10.36 -47.11 -0.68
N ASN A 1015 9.10 -46.86 -1.01
CA ASN A 1015 8.76 -46.37 -2.34
C ASN A 1015 9.38 -45.00 -2.61
N ALA A 1016 9.43 -44.15 -1.59
CA ALA A 1016 9.98 -42.80 -1.79
C ALA A 1016 11.50 -42.85 -1.93
N THR A 1017 12.17 -43.73 -1.21
CA THR A 1017 13.63 -43.76 -1.20
C THR A 1017 14.23 -44.82 -2.12
N SER A 1018 13.41 -45.50 -2.92
CA SER A 1018 13.93 -46.52 -3.82
C SER A 1018 14.99 -45.97 -4.77
N LEU A 1019 14.70 -44.85 -5.43
CA LEU A 1019 15.62 -44.31 -6.42
C LEU A 1019 16.93 -43.84 -5.79
N PHE A 1020 16.85 -43.15 -4.65
CA PHE A 1020 18.06 -42.71 -3.97
C PHE A 1020 18.87 -43.89 -3.46
N GLN A 1021 18.20 -44.95 -2.98
CA GLN A 1021 18.91 -46.15 -2.57
C GLN A 1021 19.63 -46.79 -3.75
N CYS A 1022 18.98 -46.82 -4.91
CA CYS A 1022 19.63 -47.35 -6.11
C CYS A 1022 20.86 -46.54 -6.47
N LEU A 1023 20.75 -45.21 -6.43
CA LEU A 1023 21.90 -44.37 -6.74
C LEU A 1023 23.04 -44.58 -5.76
N VAL A 1024 22.72 -44.65 -4.46
CA VAL A 1024 23.75 -44.83 -3.45
C VAL A 1024 24.43 -46.19 -3.61
N ARG A 1025 23.65 -47.25 -3.85
CA ARG A 1025 24.23 -48.56 -4.06
C ARG A 1025 25.09 -48.60 -5.32
N ALA A 1026 24.69 -47.87 -6.35
CA ALA A 1026 25.52 -47.78 -7.55
C ALA A 1026 26.84 -47.09 -7.26
N ARG A 1027 26.82 -46.00 -6.50
CA ARG A 1027 28.05 -45.27 -6.22
C ARG A 1027 28.93 -45.99 -5.21
N LEU A 1028 28.32 -46.51 -4.13
CA LEU A 1028 29.07 -47.10 -3.03
C LEU A 1028 29.17 -48.62 -3.19
N ALA A 1029 29.75 -49.04 -4.31
CA ALA A 1029 30.01 -50.45 -4.54
C ALA A 1029 31.34 -50.85 -3.93
N THR A 1030 31.43 -52.11 -3.50
CA THR A 1030 32.63 -52.59 -2.82
C THR A 1030 33.87 -52.48 -3.70
N ARG A 1031 33.74 -52.92 -4.95
CA ARG A 1031 34.87 -52.81 -5.88
C ARG A 1031 35.22 -51.36 -6.16
N ARG A 1032 34.20 -50.51 -6.33
CA ARG A 1032 34.44 -49.09 -6.59
C ARG A 1032 35.11 -48.41 -5.40
N ILE A 1033 34.65 -48.73 -4.18
CA ILE A 1033 35.26 -48.14 -2.99
C ILE A 1033 36.70 -48.61 -2.84
N LEU A 1034 36.95 -49.91 -3.02
CA LEU A 1034 38.28 -50.46 -2.76
C LEU A 1034 39.28 -50.11 -3.85
N GLU A 1035 38.83 -49.90 -5.09
CA GLU A 1035 39.74 -49.67 -6.21
C GLU A 1035 39.63 -48.27 -6.80
N GLU A 1036 38.42 -47.84 -7.17
CA GLU A 1036 38.28 -46.57 -7.87
C GLU A 1036 38.50 -45.39 -6.93
N PHE A 1037 37.91 -45.43 -5.74
CA PHE A 1037 37.97 -44.31 -4.82
C PHE A 1037 39.05 -44.44 -3.76
N ARG A 1038 39.35 -45.66 -3.31
CA ARG A 1038 40.40 -45.92 -2.33
C ARG A 1038 40.16 -45.15 -1.03
N LEU A 1039 39.04 -45.48 -0.38
CA LEU A 1039 38.69 -44.89 0.90
C LEU A 1039 39.22 -45.74 2.05
N ASN A 1040 39.28 -45.14 3.23
CA ASN A 1040 39.63 -45.84 4.45
C ASN A 1040 38.46 -45.78 5.42
N ARG A 1041 38.68 -46.23 6.65
CA ARG A 1041 37.62 -46.27 7.65
C ARG A 1041 37.10 -44.86 7.96
N ASP A 1042 38.01 -43.92 8.20
CA ASP A 1042 37.60 -42.56 8.53
C ASP A 1042 36.86 -41.92 7.37
N ALA A 1043 37.39 -42.07 6.16
CA ALA A 1043 36.74 -41.50 4.98
C ALA A 1043 35.36 -42.13 4.75
N PHE A 1044 35.26 -43.44 4.91
CA PHE A 1044 33.98 -44.12 4.72
C PHE A 1044 32.95 -43.64 5.73
N GLU A 1045 33.35 -43.53 7.00
CA GLU A 1045 32.43 -43.04 8.03
C GLU A 1045 32.00 -41.61 7.75
N TRP A 1046 32.95 -40.77 7.33
CA TRP A 1046 32.63 -39.38 7.03
C TRP A 1046 31.65 -39.29 5.86
N VAL A 1047 31.85 -40.11 4.82
CA VAL A 1047 30.95 -40.11 3.67
C VAL A 1047 29.55 -40.54 4.09
N LEU A 1048 29.46 -41.60 4.91
CA LEU A 1048 28.15 -42.07 5.36
C LEU A 1048 27.43 -41.00 6.17
N GLY A 1049 28.14 -40.37 7.11
CA GLY A 1049 27.53 -39.33 7.92
C GLY A 1049 27.10 -38.13 7.09
N THR A 1050 27.94 -37.70 6.14
CA THR A 1050 27.60 -36.57 5.30
C THR A 1050 26.39 -36.89 4.43
N ILE A 1051 26.32 -38.10 3.88
CA ILE A 1051 25.18 -38.49 3.06
C ILE A 1051 23.89 -38.45 3.88
N GLU A 1052 23.94 -39.01 5.09
CA GLU A 1052 22.75 -39.01 5.95
C GLU A 1052 22.32 -37.59 6.30
N ALA A 1053 23.28 -36.75 6.67
CA ALA A 1053 22.95 -35.38 7.06
C ALA A 1053 22.39 -34.59 5.89
N GLN A 1054 22.98 -34.73 4.70
CA GLN A 1054 22.50 -33.99 3.55
C GLN A 1054 21.13 -34.47 3.11
N PHE A 1055 20.87 -35.77 3.17
CA PHE A 1055 19.53 -36.26 2.85
C PHE A 1055 18.50 -35.75 3.85
N GLN A 1056 18.86 -35.71 5.14
CA GLN A 1056 17.95 -35.15 6.12
C GLN A 1056 17.69 -33.67 5.86
N ARG A 1057 18.72 -32.95 5.40
CA ARG A 1057 18.58 -31.52 5.12
C ARG A 1057 17.89 -31.23 3.80
N SER A 1058 17.74 -32.21 2.91
CA SER A 1058 17.16 -31.98 1.60
C SER A 1058 15.65 -32.21 1.56
N LEU A 1059 15.02 -32.53 2.70
CA LEU A 1059 13.59 -32.76 2.73
C LEU A 1059 12.82 -31.44 2.63
N VAL A 1060 11.57 -31.54 2.18
CA VAL A 1060 10.71 -30.37 2.07
C VAL A 1060 10.17 -30.02 3.45
N HIS A 1061 10.17 -28.72 3.76
CA HIS A 1061 9.73 -28.27 5.07
C HIS A 1061 8.21 -28.20 5.12
N PRO A 1062 7.57 -28.78 6.15
CA PRO A 1062 6.11 -28.70 6.25
C PRO A 1062 5.64 -27.27 6.41
N GLY A 1063 4.43 -27.00 5.91
CA GLY A 1063 3.91 -25.66 5.84
C GLY A 1063 4.30 -24.90 4.60
N GLU A 1064 4.98 -25.54 3.65
CA GLU A 1064 5.38 -24.88 2.43
C GLU A 1064 4.18 -24.70 1.50
N MET A 1065 4.03 -23.50 0.94
CA MET A 1065 2.93 -23.21 0.02
C MET A 1065 3.35 -23.67 -1.38
N VAL A 1066 3.23 -24.98 -1.61
CA VAL A 1066 3.71 -25.55 -2.85
C VAL A 1066 2.80 -25.22 -4.03
N GLY A 1067 1.51 -24.98 -3.77
CA GLY A 1067 0.60 -24.70 -4.87
C GLY A 1067 0.92 -23.40 -5.58
N VAL A 1068 1.14 -22.33 -4.82
CA VAL A 1068 1.47 -21.04 -5.42
C VAL A 1068 2.83 -21.10 -6.09
N ILE A 1069 3.77 -21.83 -5.49
CA ILE A 1069 5.10 -21.98 -6.09
C ILE A 1069 4.99 -22.70 -7.43
N ALA A 1070 4.20 -23.77 -7.49
CA ALA A 1070 4.01 -24.49 -8.75
C ALA A 1070 3.32 -23.62 -9.79
N ALA A 1071 2.31 -22.86 -9.38
CA ALA A 1071 1.60 -21.98 -10.32
C ALA A 1071 2.54 -20.93 -10.90
N GLN A 1072 3.36 -20.32 -10.04
CA GLN A 1072 4.31 -19.31 -10.52
C GLN A 1072 5.38 -19.94 -11.40
N SER A 1073 5.88 -21.12 -11.03
CA SER A 1073 6.91 -21.79 -11.81
C SER A 1073 6.40 -22.28 -13.15
N ILE A 1074 5.09 -22.50 -13.29
CA ILE A 1074 4.52 -22.85 -14.58
C ILE A 1074 4.20 -21.61 -15.40
N GLY A 1075 3.70 -20.55 -14.76
CA GLY A 1075 3.34 -19.34 -15.49
C GLY A 1075 4.53 -18.50 -15.92
N GLU A 1076 5.67 -18.61 -15.23
CA GLU A 1076 6.83 -17.80 -15.59
C GLU A 1076 7.38 -18.10 -16.97
N PRO A 1077 7.59 -19.37 -17.38
CA PRO A 1077 8.07 -19.61 -18.75
C PRO A 1077 7.07 -19.15 -19.81
N ALA A 1078 5.79 -19.08 -19.49
CA ALA A 1078 4.79 -18.66 -20.48
C ALA A 1078 5.02 -17.23 -20.94
N THR A 1079 5.58 -16.38 -20.09
CA THR A 1079 5.90 -15.02 -20.50
C THR A 1079 6.97 -15.01 -21.58
N GLN A 1080 8.02 -15.83 -21.42
CA GLN A 1080 9.05 -15.93 -22.44
C GLN A 1080 8.50 -16.56 -23.72
N MET A 1081 7.68 -17.60 -23.58
CA MET A 1081 7.10 -18.29 -24.74
C MET A 1081 5.58 -18.24 -24.73
N ASN A 1095 3.18 -30.59 -37.88
CA ASN A 1095 2.51 -29.28 -37.73
C ASN A 1095 1.32 -29.40 -36.78
N VAL A 1096 1.55 -29.03 -35.52
CA VAL A 1096 0.52 -29.08 -34.49
C VAL A 1096 0.50 -27.75 -33.74
N THR A 1097 -0.59 -27.52 -33.02
CA THR A 1097 -0.72 -26.30 -32.23
C THR A 1097 0.27 -26.32 -31.08
N LEU A 1098 1.01 -25.23 -30.91
CA LEU A 1098 2.03 -25.13 -29.88
C LEU A 1098 2.08 -23.71 -29.36
N GLY A 1099 2.64 -23.56 -28.15
CA GLY A 1099 2.82 -22.26 -27.55
C GLY A 1099 1.72 -21.86 -26.60
N VAL A 1100 1.49 -20.54 -26.49
CA VAL A 1100 0.44 -20.04 -25.60
C VAL A 1100 -0.94 -20.55 -25.99
N PRO A 1101 -1.36 -20.54 -27.28
CA PRO A 1101 -2.68 -21.10 -27.60
C PRO A 1101 -2.83 -22.56 -27.17
N ARG A 1102 -1.80 -23.38 -27.33
CA ARG A 1102 -1.89 -24.78 -26.93
C ARG A 1102 -1.99 -24.91 -25.41
N LEU A 1103 -1.24 -24.08 -24.67
CA LEU A 1103 -1.33 -24.11 -23.22
C LEU A 1103 -2.72 -23.69 -22.74
N LYS A 1104 -3.28 -22.66 -23.35
CA LYS A 1104 -4.64 -22.24 -23.01
C LYS A 1104 -5.66 -23.32 -23.35
N GLU A 1105 -5.46 -23.98 -24.49
CA GLU A 1105 -6.35 -25.05 -24.91
C GLU A 1105 -6.29 -26.23 -23.93
N ILE A 1106 -5.10 -26.55 -23.43
CA ILE A 1106 -4.95 -27.61 -22.45
C ILE A 1106 -5.60 -27.22 -21.13
N LEU A 1107 -5.34 -25.99 -20.66
CA LEU A 1107 -5.85 -25.57 -19.36
C LEU A 1107 -7.37 -25.47 -19.36
N ASN A 1108 -7.95 -24.97 -20.45
CA ASN A 1108 -9.39 -24.80 -20.52
C ASN A 1108 -10.14 -26.10 -20.74
N VAL A 1109 -9.44 -27.19 -21.07
CA VAL A 1109 -10.03 -28.48 -21.41
C VAL A 1109 -11.05 -28.27 -22.52
N ALA A 1110 -10.57 -27.98 -23.72
CA ALA A 1110 -11.45 -27.73 -24.85
C ALA A 1110 -11.98 -29.04 -25.41
N LYS A 1111 -13.29 -29.11 -25.62
CA LYS A 1111 -13.89 -30.31 -26.20
C LYS A 1111 -13.52 -30.46 -27.67
N ASN A 1112 -13.31 -29.34 -28.36
CA ASN A 1112 -12.87 -29.34 -29.75
C ASN A 1112 -11.38 -28.99 -29.80
N ILE A 1113 -10.60 -29.79 -30.49
CA ILE A 1113 -9.16 -29.63 -30.58
C ILE A 1113 -8.83 -28.98 -31.91
N LYS A 1114 -7.98 -27.96 -31.89
CA LYS A 1114 -7.62 -27.26 -33.12
C LYS A 1114 -6.92 -28.18 -34.10
N THR A 1115 -5.98 -29.00 -33.63
CA THR A 1115 -5.24 -29.93 -34.47
C THR A 1115 -5.26 -31.31 -33.81
N PRO A 1116 -6.38 -32.03 -33.90
CA PRO A 1116 -6.43 -33.38 -33.34
C PRO A 1116 -5.47 -34.32 -34.06
N ALA A 1117 -4.91 -35.26 -33.30
CA ALA A 1117 -3.94 -36.19 -33.87
C ALA A 1117 -3.89 -37.44 -33.00
N LEU A 1118 -3.50 -38.54 -33.64
CA LEU A 1118 -3.25 -39.80 -32.97
C LEU A 1118 -1.89 -40.35 -33.42
N THR A 1119 -1.14 -40.89 -32.46
CA THR A 1119 0.10 -41.57 -32.73
C THR A 1119 -0.13 -43.07 -32.59
N VAL A 1120 -0.01 -43.80 -33.69
CA VAL A 1120 -0.31 -45.22 -33.75
C VAL A 1120 0.99 -45.98 -33.93
N TYR A 1121 1.26 -46.90 -33.00
CA TYR A 1121 2.42 -47.76 -33.07
C TYR A 1121 2.02 -49.13 -33.58
N LEU A 1122 2.80 -49.67 -34.50
CA LEU A 1122 2.52 -50.96 -35.11
C LEU A 1122 3.31 -52.07 -34.40
N ASP A 1123 3.02 -53.31 -34.80
CA ASP A 1123 3.73 -54.44 -34.24
C ASP A 1123 5.19 -54.44 -34.72
N ARG A 1124 6.02 -55.21 -34.01
CA ARG A 1124 7.45 -55.21 -34.31
C ARG A 1124 7.72 -55.72 -35.72
N GLU A 1125 7.05 -56.80 -36.13
CA GLU A 1125 7.23 -57.30 -37.48
C GLU A 1125 6.69 -56.32 -38.51
N ILE A 1126 5.60 -55.61 -38.18
CA ILE A 1126 5.06 -54.60 -39.09
C ILE A 1126 5.98 -53.40 -39.17
N ALA A 1127 6.51 -52.96 -38.04
CA ALA A 1127 7.32 -51.75 -38.00
C ALA A 1127 8.61 -51.90 -38.80
N LEU A 1128 9.11 -53.13 -38.96
CA LEU A 1128 10.33 -53.37 -39.70
C LEU A 1128 10.08 -53.60 -41.19
N ASP A 1129 8.82 -53.71 -41.62
CA ASP A 1129 8.47 -53.94 -43.01
C ASP A 1129 7.68 -52.76 -43.53
N ILE A 1130 8.22 -52.08 -44.55
CA ILE A 1130 7.57 -50.89 -45.08
C ILE A 1130 6.28 -51.25 -45.82
N GLU A 1131 6.24 -52.42 -46.45
CA GLU A 1131 5.06 -52.80 -47.23
C GLU A 1131 3.85 -53.04 -46.34
N LYS A 1132 4.04 -53.77 -45.23
CA LYS A 1132 2.94 -54.02 -44.32
C LYS A 1132 2.47 -52.73 -43.64
N ALA A 1133 3.42 -51.86 -43.30
CA ALA A 1133 3.06 -50.57 -42.73
C ALA A 1133 2.25 -49.74 -43.72
N LYS A 1134 2.64 -49.77 -45.00
CA LYS A 1134 1.88 -49.06 -46.03
C LYS A 1134 0.47 -49.65 -46.17
N VAL A 1135 0.36 -50.98 -46.11
CA VAL A 1135 -0.95 -51.61 -46.23
C VAL A 1135 -1.86 -51.20 -45.07
N ILE A 1136 -1.32 -51.23 -43.85
CA ILE A 1136 -2.13 -50.85 -42.69
C ILE A 1136 -2.46 -49.36 -42.72
N GLN A 1137 -1.54 -48.53 -43.22
CA GLN A 1137 -1.84 -47.10 -43.37
C GLN A 1137 -2.97 -46.88 -44.36
N SER A 1138 -2.96 -47.62 -45.47
CA SER A 1138 -4.06 -47.51 -46.43
C SER A 1138 -5.37 -47.99 -45.83
N SER A 1139 -5.32 -49.04 -45.02
CA SER A 1139 -6.54 -49.56 -44.39
C SER A 1139 -7.10 -48.57 -43.37
N ILE A 1140 -6.23 -47.87 -42.64
CA ILE A 1140 -6.68 -46.96 -41.59
C ILE A 1140 -7.35 -45.74 -42.20
N GLU A 1141 -6.80 -45.21 -43.29
CA GLU A 1141 -7.26 -43.95 -43.84
C GLU A 1141 -8.72 -44.03 -44.28
N TYR A 1142 -9.46 -42.96 -44.01
CA TYR A 1142 -10.89 -42.91 -44.31
C TYR A 1142 -11.08 -42.45 -45.76
N THR A 1143 -11.76 -43.27 -46.55
CA THR A 1143 -12.04 -42.96 -47.95
C THR A 1143 -13.53 -43.10 -48.21
N THR A 1144 -14.13 -42.09 -48.81
CA THR A 1144 -15.54 -42.07 -49.14
C THR A 1144 -15.71 -41.97 -50.65
N LEU A 1145 -16.98 -42.04 -51.09
CA LEU A 1145 -17.26 -41.95 -52.52
C LEU A 1145 -16.91 -40.57 -53.07
N LYS A 1146 -17.15 -39.51 -52.27
CA LYS A 1146 -16.80 -38.17 -52.71
C LYS A 1146 -15.31 -37.99 -52.90
N ASN A 1147 -14.50 -38.74 -52.15
CA ASN A 1147 -13.04 -38.63 -52.25
C ASN A 1147 -12.49 -39.20 -53.55
N VAL A 1148 -13.29 -39.94 -54.32
CA VAL A 1148 -12.84 -40.49 -55.58
C VAL A 1148 -13.71 -40.08 -56.77
N THR A 1149 -14.95 -39.67 -56.55
CA THR A 1149 -15.82 -39.28 -57.66
C THR A 1149 -15.38 -37.93 -58.21
N SER A 1150 -15.26 -37.86 -59.54
CA SER A 1150 -14.85 -36.62 -60.20
C SER A 1150 -16.02 -35.88 -60.83
N ALA A 1151 -17.03 -36.59 -61.33
CA ALA A 1151 -18.19 -35.95 -61.94
C ALA A 1151 -19.39 -36.88 -61.87
N THR A 1152 -20.58 -36.29 -61.86
CA THR A 1152 -21.83 -37.02 -61.85
C THR A 1152 -22.78 -36.45 -62.89
N GLU A 1153 -23.54 -37.34 -63.53
CA GLU A 1153 -24.47 -36.96 -64.58
C GLU A 1153 -25.79 -37.69 -64.38
N ILE A 1154 -26.87 -37.08 -64.87
CA ILE A 1154 -28.19 -37.71 -64.96
C ILE A 1154 -28.51 -37.87 -66.43
N TYR A 1155 -28.84 -39.09 -66.84
CA TYR A 1155 -29.11 -39.39 -68.23
C TYR A 1155 -30.50 -39.98 -68.39
N TYR A 1156 -31.06 -39.84 -69.59
CA TYR A 1156 -32.33 -40.42 -69.95
C TYR A 1156 -32.07 -41.57 -70.92
N ASP A 1157 -32.43 -42.79 -70.51
CA ASP A 1157 -32.14 -43.98 -71.29
C ASP A 1157 -33.44 -44.61 -71.77
N PRO A 1158 -33.86 -44.36 -73.01
CA PRO A 1158 -35.14 -44.92 -73.50
C PRO A 1158 -35.19 -46.44 -73.50
N ASP A 1159 -34.06 -47.10 -73.77
CA ASP A 1159 -34.01 -48.55 -73.80
C ASP A 1159 -33.10 -49.12 -72.72
N PRO A 1160 -33.62 -49.99 -71.84
CA PRO A 1160 -32.74 -50.64 -70.86
C PRO A 1160 -31.72 -51.57 -71.49
N THR A 1161 -31.97 -52.08 -72.70
CA THR A 1161 -31.06 -53.04 -73.32
C THR A 1161 -29.78 -52.38 -73.84
N SER A 1162 -29.83 -51.11 -74.19
CA SER A 1162 -28.68 -50.43 -74.79
C SER A 1162 -28.57 -49.03 -74.20
N THR A 1163 -27.77 -48.19 -74.84
CA THR A 1163 -27.60 -46.81 -74.41
C THR A 1163 -27.29 -45.94 -75.61
N VAL A 1164 -27.53 -44.64 -75.45
CA VAL A 1164 -27.33 -43.70 -76.54
C VAL A 1164 -25.84 -43.52 -76.83
N ILE A 1165 -25.02 -43.39 -75.79
CA ILE A 1165 -23.60 -43.14 -75.97
C ILE A 1165 -22.91 -44.41 -76.47
N GLU A 1166 -21.94 -44.23 -77.37
CA GLU A 1166 -21.19 -45.35 -77.90
C GLU A 1166 -20.03 -45.78 -77.01
N GLU A 1167 -19.64 -44.96 -76.04
CA GLU A 1167 -18.56 -45.34 -75.14
C GLU A 1167 -18.96 -46.53 -74.26
N ASP A 1168 -20.18 -46.52 -73.74
CA ASP A 1168 -20.68 -47.61 -72.92
C ASP A 1168 -21.61 -48.56 -73.68
N PHE A 1169 -21.70 -48.40 -75.01
CA PHE A 1169 -22.55 -49.28 -75.79
C PHE A 1169 -22.06 -50.73 -75.72
N ASP A 1170 -20.75 -50.94 -75.85
CA ASP A 1170 -20.20 -52.28 -75.72
C ASP A 1170 -20.44 -52.86 -74.33
N THR A 1171 -20.29 -52.02 -73.30
CA THR A 1171 -20.50 -52.48 -71.93
C THR A 1171 -21.94 -52.91 -71.71
N VAL A 1172 -22.91 -52.09 -72.15
CA VAL A 1172 -24.30 -52.43 -71.93
C VAL A 1172 -24.73 -53.60 -72.81
N GLU A 1173 -24.08 -53.79 -73.96
CA GLU A 1173 -24.40 -54.93 -74.80
C GLU A 1173 -23.85 -56.23 -74.21
N ALA A 1174 -22.62 -56.20 -73.68
CA ALA A 1174 -22.02 -57.40 -73.13
C ALA A 1174 -22.61 -57.78 -71.78
N TYR A 1175 -22.96 -56.79 -70.96
CA TYR A 1175 -23.48 -57.05 -69.63
C TYR A 1175 -24.99 -57.18 -69.57
N PHE A 1176 -25.67 -57.11 -70.71
CA PHE A 1176 -27.12 -57.26 -70.74
C PHE A 1176 -27.56 -57.91 -72.05
N SER A 1191 -39.17 -46.24 -65.51
CA SER A 1191 -38.29 -45.12 -65.25
C SER A 1191 -37.03 -45.20 -66.10
N PRO A 1192 -36.94 -44.35 -67.12
CA PRO A 1192 -35.78 -44.36 -68.02
C PRO A 1192 -34.57 -43.56 -67.55
N TRP A 1193 -34.55 -43.14 -66.28
CA TRP A 1193 -33.48 -42.30 -65.77
C TRP A 1193 -32.31 -43.15 -65.25
N LEU A 1194 -31.10 -42.62 -65.45
CA LEU A 1194 -29.88 -43.31 -65.04
C LEU A 1194 -28.93 -42.31 -64.38
N LEU A 1195 -28.18 -42.81 -63.41
CA LEU A 1195 -27.16 -42.03 -62.72
C LEU A 1195 -25.79 -42.51 -63.22
N ARG A 1196 -24.97 -41.57 -63.68
CA ARG A 1196 -23.65 -41.88 -64.23
C ARG A 1196 -22.59 -41.22 -63.37
N LEU A 1197 -21.57 -41.98 -63.00
CA LEU A 1197 -20.45 -41.48 -62.19
C LEU A 1197 -19.16 -41.64 -62.96
N GLU A 1198 -18.34 -40.59 -62.98
CA GLU A 1198 -17.02 -40.62 -63.60
C GLU A 1198 -15.98 -40.31 -62.53
N LEU A 1199 -14.97 -41.18 -62.42
CA LEU A 1199 -13.97 -41.10 -61.37
C LEU A 1199 -12.65 -40.58 -61.94
N ASP A 1200 -11.64 -40.53 -61.07
CA ASP A 1200 -10.30 -40.11 -61.44
C ASP A 1200 -9.36 -41.29 -61.32
N ARG A 1201 -8.65 -41.60 -62.42
CA ARG A 1201 -7.79 -42.79 -62.45
C ARG A 1201 -6.67 -42.70 -61.42
N ALA A 1202 -6.01 -41.55 -61.34
CA ALA A 1202 -4.89 -41.39 -60.41
C ALA A 1202 -5.36 -41.54 -58.97
N ARG A 1203 -6.48 -40.91 -58.63
CA ARG A 1203 -7.04 -41.05 -57.29
C ARG A 1203 -7.70 -42.40 -57.07
N MET A 1204 -8.12 -43.08 -58.14
CA MET A 1204 -8.65 -44.42 -57.99
C MET A 1204 -7.54 -45.39 -57.61
N LEU A 1205 -6.38 -45.28 -58.27
CA LEU A 1205 -5.24 -46.14 -57.94
C LEU A 1205 -4.51 -45.70 -56.69
N ASP A 1206 -4.66 -44.43 -56.28
CA ASP A 1206 -3.99 -43.95 -55.07
C ASP A 1206 -4.49 -44.70 -53.84
N LYS A 1207 -5.80 -44.93 -53.75
CA LYS A 1207 -6.38 -45.63 -52.61
C LYS A 1207 -6.29 -47.14 -52.73
N GLN A 1208 -5.70 -47.65 -53.81
CA GLN A 1208 -5.54 -49.09 -54.03
C GLN A 1208 -6.90 -49.79 -54.03
N LEU A 1209 -7.86 -49.22 -54.74
CA LEU A 1209 -9.21 -49.74 -54.82
C LEU A 1209 -9.50 -50.26 -56.22
N THR A 1210 -10.24 -51.36 -56.29
CA THR A 1210 -10.71 -51.92 -57.55
C THR A 1210 -12.18 -51.58 -57.77
N MET A 1211 -12.65 -51.81 -58.99
CA MET A 1211 -14.05 -51.57 -59.31
C MET A 1211 -14.97 -52.57 -58.63
N ASN A 1212 -14.52 -53.81 -58.44
CA ASN A 1212 -15.34 -54.81 -57.79
C ASN A 1212 -15.65 -54.41 -56.35
N GLN A 1213 -14.65 -53.87 -55.65
CA GLN A 1213 -14.86 -53.47 -54.26
C GLN A 1213 -15.91 -52.37 -54.13
N VAL A 1214 -15.76 -51.30 -54.91
CA VAL A 1214 -16.70 -50.18 -54.81
C VAL A 1214 -18.08 -50.58 -55.31
N ALA A 1215 -18.13 -51.43 -56.35
CA ALA A 1215 -19.41 -51.91 -56.84
C ALA A 1215 -20.13 -52.75 -55.78
N ASP A 1216 -19.41 -53.64 -55.10
CA ASP A 1216 -20.02 -54.43 -54.05
C ASP A 1216 -20.46 -53.56 -52.89
N LYS A 1217 -19.66 -52.53 -52.56
CA LYS A 1217 -20.03 -51.63 -51.47
C LYS A 1217 -21.31 -50.86 -51.78
N ILE A 1218 -21.40 -50.31 -53.00
CA ILE A 1218 -22.60 -49.55 -53.34
C ILE A 1218 -23.80 -50.48 -53.51
N SER A 1219 -23.57 -51.74 -53.87
CA SER A 1219 -24.66 -52.70 -53.94
C SER A 1219 -25.19 -53.05 -52.55
N GLU A 1220 -24.28 -53.31 -51.60
CA GLU A 1220 -24.72 -53.75 -50.28
C GLU A 1220 -25.26 -52.59 -49.45
N VAL A 1221 -24.79 -51.37 -49.70
CA VAL A 1221 -25.22 -50.24 -48.87
C VAL A 1221 -26.68 -49.90 -49.12
N PHE A 1222 -27.19 -50.17 -50.32
CA PHE A 1222 -28.57 -49.85 -50.68
C PHE A 1222 -29.44 -51.09 -50.83
N SER A 1223 -28.92 -52.26 -50.49
CA SER A 1223 -29.63 -53.54 -50.60
C SER A 1223 -30.03 -53.72 -52.06
N ASP A 1224 -31.30 -53.98 -52.37
CA ASP A 1224 -31.75 -54.16 -53.75
C ASP A 1224 -32.75 -53.08 -54.15
N ASP A 1225 -32.65 -51.90 -53.55
CA ASP A 1225 -33.53 -50.78 -53.87
C ASP A 1225 -32.99 -49.91 -55.00
N LEU A 1226 -31.85 -50.26 -55.59
CA LEU A 1226 -31.24 -49.47 -56.64
C LEU A 1226 -30.38 -50.39 -57.49
N PHE A 1227 -30.80 -50.66 -58.73
CA PHE A 1227 -30.03 -51.52 -59.61
C PHE A 1227 -28.72 -50.83 -59.98
N VAL A 1228 -27.64 -51.61 -60.05
CA VAL A 1228 -26.32 -51.08 -60.34
C VAL A 1228 -25.71 -51.86 -61.50
N MET A 1229 -25.07 -51.14 -62.42
CA MET A 1229 -24.34 -51.74 -63.52
C MET A 1229 -22.94 -51.15 -63.52
N TRP A 1230 -21.94 -51.99 -63.24
CA TRP A 1230 -20.57 -51.54 -63.07
C TRP A 1230 -19.69 -52.11 -64.17
N SER A 1231 -18.79 -51.27 -64.68
CA SER A 1231 -17.90 -51.62 -65.77
C SER A 1231 -16.50 -51.92 -65.24
N GLU A 1232 -15.76 -52.76 -65.96
CA GLU A 1232 -14.42 -53.14 -65.57
C GLU A 1232 -13.44 -52.01 -65.91
N ASP A 1233 -12.14 -52.28 -65.74
CA ASP A 1233 -11.11 -51.33 -66.11
C ASP A 1233 -10.96 -51.17 -67.61
N ASN A 1234 -11.57 -52.05 -68.40
CA ASN A 1234 -11.47 -51.95 -69.86
C ASN A 1234 -12.13 -50.69 -70.38
N ALA A 1235 -13.16 -50.20 -69.69
CA ALA A 1235 -13.84 -48.98 -70.11
C ALA A 1235 -12.93 -47.77 -69.91
N ASP A 1236 -12.83 -46.94 -70.96
CA ASP A 1236 -12.02 -45.73 -70.86
C ASP A 1236 -12.60 -44.77 -69.84
N LYS A 1237 -13.92 -44.60 -69.82
CA LYS A 1237 -14.59 -43.77 -68.84
C LYS A 1237 -14.96 -44.62 -67.63
N LEU A 1238 -14.67 -44.10 -66.44
CA LEU A 1238 -14.81 -44.87 -65.20
C LEU A 1238 -16.26 -44.81 -64.74
N ILE A 1239 -17.11 -45.54 -65.46
CA ILE A 1239 -18.56 -45.38 -65.37
C ILE A 1239 -19.16 -46.49 -64.52
N ILE A 1240 -19.99 -46.12 -63.56
CA ILE A 1240 -20.82 -47.03 -62.78
C ILE A 1240 -22.22 -46.45 -62.76
N ARG A 1241 -23.16 -47.09 -63.46
CA ARG A 1241 -24.50 -46.57 -63.60
C ARG A 1241 -25.45 -47.13 -62.55
N CYS A 1242 -26.42 -46.30 -62.16
CA CYS A 1242 -27.43 -46.67 -61.18
C CYS A 1242 -28.81 -46.37 -61.73
N ARG A 1243 -29.76 -47.27 -61.48
CA ARG A 1243 -31.14 -47.13 -61.92
C ARG A 1243 -32.08 -47.33 -60.75
N VAL A 1244 -33.04 -46.41 -60.60
CA VAL A 1244 -34.03 -46.54 -59.54
C VAL A 1244 -34.96 -47.72 -59.84
N ILE A 1245 -35.30 -48.46 -58.80
CA ILE A 1245 -36.14 -49.65 -58.96
C ILE A 1245 -37.59 -49.22 -59.13
N ARG A 1246 -38.21 -49.67 -60.21
CA ARG A 1246 -39.61 -49.36 -60.48
C ARG A 1246 -40.51 -50.18 -59.57
N ASP A 1247 -41.50 -49.53 -58.98
CA ASP A 1247 -42.44 -50.20 -58.09
C ASP A 1247 -43.74 -49.41 -57.96
N GLU A 1258 -42.44 -38.36 -63.30
CA GLU A 1258 -41.57 -37.37 -62.69
C GLU A 1258 -40.90 -37.91 -61.43
N GLU A 1259 -39.59 -38.13 -61.50
CA GLU A 1259 -38.83 -38.65 -60.38
C GLU A 1259 -37.50 -37.92 -60.22
N ASP A 1260 -37.46 -36.63 -60.58
CA ASP A 1260 -36.20 -35.90 -60.59
C ASP A 1260 -35.75 -35.56 -59.16
N GLN A 1261 -36.69 -35.13 -58.30
CA GLN A 1261 -36.32 -34.66 -56.98
C GLN A 1261 -35.76 -35.78 -56.11
N MET A 1262 -36.46 -36.91 -56.04
CA MET A 1262 -35.98 -38.02 -55.23
C MET A 1262 -34.71 -38.62 -55.80
N LEU A 1263 -34.56 -38.64 -57.13
CA LEU A 1263 -33.32 -39.12 -57.73
C LEU A 1263 -32.15 -38.22 -57.38
N LYS A 1264 -32.36 -36.90 -57.39
CA LYS A 1264 -31.30 -35.97 -57.00
C LYS A 1264 -30.97 -36.14 -55.52
N ARG A 1265 -31.99 -36.39 -54.68
CA ARG A 1265 -31.74 -36.64 -53.27
C ARG A 1265 -30.91 -37.91 -53.08
N ILE A 1266 -31.23 -38.96 -53.85
CA ILE A 1266 -30.45 -40.20 -53.79
C ILE A 1266 -29.02 -39.96 -54.24
N GLU A 1267 -28.83 -39.16 -55.29
CA GLU A 1267 -27.48 -38.85 -55.76
C GLU A 1267 -26.70 -38.08 -54.70
N ALA A 1268 -27.34 -37.12 -54.03
CA ALA A 1268 -26.68 -36.40 -52.95
C ALA A 1268 -26.32 -37.33 -51.80
N HIS A 1269 -27.21 -38.26 -51.47
CA HIS A 1269 -26.93 -39.27 -50.45
C HIS A 1269 -25.70 -40.09 -50.85
N MET A 1270 -25.64 -40.51 -52.11
CA MET A 1270 -24.49 -41.28 -52.59
C MET A 1270 -23.21 -40.47 -52.51
N LEU A 1271 -23.28 -39.19 -52.88
CA LEU A 1271 -22.08 -38.35 -52.87
C LEU A 1271 -21.59 -38.11 -51.44
N ASP A 1272 -22.51 -37.94 -50.49
CA ASP A 1272 -22.11 -37.52 -49.15
C ASP A 1272 -21.87 -38.70 -48.20
N LEU A 1273 -22.89 -39.52 -47.96
CA LEU A 1273 -22.85 -40.44 -46.84
C LEU A 1273 -22.10 -41.73 -47.14
N ILE A 1274 -21.88 -42.07 -48.41
CA ILE A 1274 -21.31 -43.37 -48.76
C ILE A 1274 -19.83 -43.39 -48.38
N ALA A 1275 -19.43 -44.41 -47.61
CA ALA A 1275 -18.05 -44.60 -47.20
C ALA A 1275 -17.60 -45.98 -47.64
N LEU A 1276 -16.41 -46.06 -48.23
CA LEU A 1276 -15.90 -47.32 -48.78
C LEU A 1276 -15.16 -48.13 -47.71
N ARG A 1277 -14.10 -47.56 -47.15
CA ARG A 1277 -13.33 -48.25 -46.11
C ARG A 1277 -12.55 -47.23 -45.31
N GLY A 1278 -12.13 -47.63 -44.12
CA GLY A 1278 -11.33 -46.80 -43.26
C GLY A 1278 -12.09 -46.39 -41.99
N ILE A 1279 -11.31 -45.99 -41.00
CA ILE A 1279 -11.89 -45.54 -39.73
C ILE A 1279 -12.43 -44.12 -39.91
N PRO A 1280 -13.71 -43.87 -39.59
CA PRO A 1280 -14.24 -42.52 -39.76
C PRO A 1280 -13.58 -41.52 -38.84
N GLY A 1281 -13.49 -40.28 -39.31
CA GLY A 1281 -12.86 -39.21 -38.58
C GLY A 1281 -11.38 -39.06 -38.81
N ILE A 1282 -10.76 -39.93 -39.61
CA ILE A 1282 -9.33 -39.89 -39.88
C ILE A 1282 -9.15 -39.23 -41.25
N SER A 1283 -8.78 -37.94 -41.24
CA SER A 1283 -8.66 -37.21 -42.50
C SER A 1283 -7.42 -37.64 -43.28
N LYS A 1284 -6.28 -37.78 -42.61
CA LYS A 1284 -5.04 -38.11 -43.28
C LYS A 1284 -4.17 -38.94 -42.37
N VAL A 1285 -3.32 -39.78 -42.97
CA VAL A 1285 -2.37 -40.62 -42.24
C VAL A 1285 -1.00 -40.41 -42.84
N TYR A 1286 0.00 -40.20 -41.98
CA TYR A 1286 1.39 -40.01 -42.41
C TYR A 1286 2.27 -41.09 -41.79
N MET A 1287 3.25 -41.56 -42.55
CA MET A 1287 4.23 -42.50 -42.05
C MET A 1287 5.39 -41.74 -41.42
N VAL A 1288 5.71 -42.06 -40.18
CA VAL A 1288 6.76 -41.38 -39.42
C VAL A 1288 7.80 -42.42 -39.01
N LYS A 1289 9.07 -42.04 -39.16
CA LYS A 1289 10.19 -42.88 -38.73
C LYS A 1289 10.54 -42.50 -37.29
N HIS A 1290 10.35 -43.43 -36.37
CA HIS A 1290 10.62 -43.21 -34.96
C HIS A 1290 11.93 -43.93 -34.59
N LYS A 1291 12.85 -43.19 -33.98
CA LYS A 1291 14.11 -43.75 -33.51
C LYS A 1291 14.00 -43.99 -32.02
N VAL A 1292 14.14 -45.26 -31.61
CA VAL A 1292 14.01 -45.66 -30.22
C VAL A 1292 15.27 -46.40 -29.79
N SER A 1293 15.48 -46.45 -28.48
CA SER A 1293 16.64 -47.08 -27.89
C SER A 1293 16.20 -48.36 -27.19
N VAL A 1294 16.80 -49.49 -27.58
CA VAL A 1294 16.48 -50.79 -27.00
C VAL A 1294 17.79 -51.55 -26.75
N PRO A 1295 17.94 -52.21 -25.61
CA PRO A 1295 19.15 -52.99 -25.38
C PRO A 1295 19.28 -54.16 -26.34
N ASP A 1296 20.52 -54.47 -26.71
CA ASP A 1296 20.81 -55.57 -27.62
C ASP A 1296 21.09 -56.84 -26.80
N GLU A 1297 21.64 -57.86 -27.47
CA GLU A 1297 21.98 -59.10 -26.78
C GLU A 1297 23.04 -58.84 -25.70
N SER A 1298 23.99 -57.96 -25.98
CA SER A 1298 25.02 -57.62 -25.00
C SER A 1298 24.52 -56.71 -23.89
N GLY A 1299 23.34 -56.12 -24.04
CA GLY A 1299 22.78 -55.24 -23.04
C GLY A 1299 22.98 -53.76 -23.32
N GLU A 1300 23.82 -53.39 -24.28
CA GLU A 1300 24.05 -52.00 -24.58
C GLU A 1300 22.86 -51.40 -25.32
N TYR A 1301 22.51 -50.17 -24.96
CA TYR A 1301 21.41 -49.47 -25.62
C TYR A 1301 21.86 -48.99 -27.00
N LYS A 1302 21.04 -49.27 -28.01
CA LYS A 1302 21.35 -48.89 -29.38
C LYS A 1302 20.11 -48.28 -30.03
N ASN A 1303 20.33 -47.44 -31.03
CA ASN A 1303 19.25 -46.78 -31.73
C ASN A 1303 18.63 -47.72 -32.75
N GLU A 1304 17.30 -47.80 -32.76
CA GLU A 1304 16.56 -48.62 -33.70
C GLU A 1304 15.48 -47.77 -34.35
N GLU A 1305 15.30 -47.95 -35.66
CA GLU A 1305 14.35 -47.18 -36.44
C GLU A 1305 13.14 -48.04 -36.76
N LEU A 1306 11.95 -47.52 -36.47
CA LEU A 1306 10.69 -48.21 -36.71
C LEU A 1306 9.73 -47.26 -37.42
N TRP A 1307 8.63 -47.83 -37.93
CA TRP A 1307 7.63 -47.07 -38.66
C TRP A 1307 6.36 -46.97 -37.82
N ALA A 1308 5.83 -45.75 -37.69
CA ALA A 1308 4.60 -45.50 -36.98
C ALA A 1308 3.71 -44.61 -37.82
N LEU A 1309 2.47 -44.43 -37.38
CA LEU A 1309 1.49 -43.64 -38.11
C LEU A 1309 1.11 -42.42 -37.29
N GLU A 1310 0.95 -41.28 -37.96
CA GLU A 1310 0.43 -40.06 -37.36
C GLU A 1310 -0.82 -39.67 -38.12
N THR A 1311 -1.97 -39.71 -37.45
CA THR A 1311 -3.26 -39.57 -38.11
C THR A 1311 -3.96 -38.31 -37.63
N ASP A 1312 -4.39 -37.49 -38.59
CA ASP A 1312 -5.23 -36.34 -38.27
C ASP A 1312 -6.62 -36.82 -37.87
N GLY A 1313 -7.20 -36.15 -36.88
CA GLY A 1313 -8.47 -36.56 -36.33
C GLY A 1313 -8.30 -37.57 -35.21
N ILE A 1314 -9.33 -37.67 -34.38
CA ILE A 1314 -9.29 -38.50 -33.18
C ILE A 1314 -10.37 -39.58 -33.28
N ASN A 1315 -9.93 -40.84 -33.18
CA ASN A 1315 -10.84 -41.98 -33.00
C ASN A 1315 -10.02 -43.07 -32.32
N LEU A 1316 -10.15 -43.17 -31.01
CA LEU A 1316 -9.23 -44.00 -30.24
C LEU A 1316 -9.61 -45.48 -30.30
N ALA A 1317 -10.82 -45.81 -29.87
CA ALA A 1317 -11.19 -47.22 -29.70
C ALA A 1317 -11.18 -47.97 -31.03
N GLU A 1318 -11.69 -47.35 -32.09
CA GLU A 1318 -11.74 -48.02 -33.39
C GLU A 1318 -10.35 -48.29 -33.92
N VAL A 1319 -9.42 -47.34 -33.78
CA VAL A 1319 -8.06 -47.55 -34.24
C VAL A 1319 -7.36 -48.60 -33.39
N MET A 1320 -7.60 -48.58 -32.07
CA MET A 1320 -7.02 -49.62 -31.20
C MET A 1320 -7.52 -51.00 -31.56
N ALA A 1321 -8.78 -51.13 -31.97
CA ALA A 1321 -9.33 -52.43 -32.34
C ALA A 1321 -8.85 -52.93 -33.70
N VAL A 1322 -8.16 -52.10 -34.47
CA VAL A 1322 -7.71 -52.49 -35.81
C VAL A 1322 -6.60 -53.53 -35.67
N PRO A 1323 -6.69 -54.67 -36.36
CA PRO A 1323 -5.60 -55.66 -36.29
C PRO A 1323 -4.32 -55.13 -36.92
N GLY A 1324 -3.20 -55.64 -36.41
CA GLY A 1324 -1.91 -55.17 -36.84
C GLY A 1324 -1.43 -53.89 -36.17
N VAL A 1325 -2.16 -53.41 -35.17
CA VAL A 1325 -1.84 -52.18 -34.47
C VAL A 1325 -1.56 -52.53 -33.01
N ASP A 1326 -0.46 -52.00 -32.47
CA ASP A 1326 -0.12 -52.22 -31.08
C ASP A 1326 -1.09 -51.47 -30.18
N SER A 1327 -2.14 -52.16 -29.73
CA SER A 1327 -3.19 -51.53 -28.94
C SER A 1327 -2.73 -51.12 -27.55
N SER A 1328 -1.59 -51.62 -27.09
CA SER A 1328 -1.07 -51.29 -25.77
C SER A 1328 -0.24 -50.01 -25.77
N ARG A 1329 -0.04 -49.37 -26.92
CA ARG A 1329 0.77 -48.18 -27.01
C ARG A 1329 0.12 -47.03 -27.76
N THR A 1330 -1.12 -47.19 -28.24
CA THR A 1330 -1.78 -46.13 -28.97
C THR A 1330 -2.04 -44.93 -28.08
N TYR A 1331 -1.78 -43.74 -28.61
CA TYR A 1331 -1.83 -42.51 -27.83
C TYR A 1331 -2.61 -41.45 -28.60
N SER A 1332 -3.25 -40.54 -27.86
CA SER A 1332 -4.00 -39.43 -28.42
C SER A 1332 -3.59 -38.14 -27.71
N ASN A 1333 -3.61 -37.05 -28.46
CA ASN A 1333 -3.32 -35.74 -27.89
C ASN A 1333 -4.53 -35.07 -27.24
N SER A 1334 -5.71 -35.68 -27.35
CA SER A 1334 -6.92 -35.19 -26.71
C SER A 1334 -7.16 -36.04 -25.46
N PHE A 1335 -6.79 -35.51 -24.29
CA PHE A 1335 -6.92 -36.25 -23.05
C PHE A 1335 -8.38 -36.49 -22.65
N VAL A 1336 -9.31 -35.73 -23.22
CA VAL A 1336 -10.73 -36.03 -23.01
C VAL A 1336 -11.07 -37.39 -23.59
N GLU A 1337 -10.56 -37.69 -24.79
CA GLU A 1337 -10.77 -39.01 -25.38
C GLU A 1337 -10.07 -40.09 -24.55
N ILE A 1338 -8.91 -39.76 -23.98
CA ILE A 1338 -8.22 -40.72 -23.11
C ILE A 1338 -9.06 -41.04 -21.89
N LEU A 1339 -9.69 -40.02 -21.29
CA LEU A 1339 -10.59 -40.26 -20.17
C LEU A 1339 -11.79 -41.08 -20.60
N SER A 1340 -12.32 -40.81 -21.79
CA SER A 1340 -13.49 -41.55 -22.27
C SER A 1340 -13.16 -43.00 -22.56
N VAL A 1341 -11.92 -43.30 -22.95
CA VAL A 1341 -11.53 -44.63 -23.40
C VAL A 1341 -10.69 -45.37 -22.35
N LEU A 1342 -9.59 -44.76 -21.90
CA LEU A 1342 -8.62 -45.47 -21.08
C LEU A 1342 -8.95 -45.40 -19.59
N GLY A 1343 -8.99 -44.19 -19.04
CA GLY A 1343 -9.24 -44.04 -17.62
C GLY A 1343 -8.80 -42.66 -17.14
N ILE A 1344 -8.63 -42.56 -15.82
CA ILE A 1344 -8.25 -41.31 -15.18
C ILE A 1344 -6.75 -41.23 -14.94
N GLU A 1345 -6.10 -42.35 -14.59
CA GLU A 1345 -4.65 -42.34 -14.42
C GLU A 1345 -3.96 -42.17 -15.76
N ALA A 1346 -4.45 -42.83 -16.81
CA ALA A 1346 -3.94 -42.60 -18.14
C ALA A 1346 -4.18 -41.17 -18.58
N THR A 1347 -5.32 -40.59 -18.18
CA THR A 1347 -5.58 -39.18 -18.46
C THR A 1347 -4.56 -38.29 -17.79
N ARG A 1348 -4.21 -38.58 -16.53
CA ARG A 1348 -3.21 -37.79 -15.84
C ARG A 1348 -1.85 -37.90 -16.53
N SER A 1349 -1.47 -39.12 -16.95
CA SER A 1349 -0.21 -39.30 -17.64
C SER A 1349 -0.18 -38.53 -18.95
N SER A 1350 -1.27 -38.61 -19.72
CA SER A 1350 -1.32 -37.91 -21.01
C SER A 1350 -1.31 -36.39 -20.81
N LEU A 1351 -2.01 -35.91 -19.78
CA LEU A 1351 -2.00 -34.47 -19.49
C LEU A 1351 -0.61 -33.99 -19.12
N TYR A 1352 0.10 -34.77 -18.28
CA TYR A 1352 1.47 -34.40 -17.95
C TYR A 1352 2.36 -34.42 -19.18
N LYS A 1353 2.18 -35.40 -20.06
CA LYS A 1353 2.98 -35.48 -21.28
C LYS A 1353 2.73 -34.27 -22.17
N GLU A 1354 1.47 -33.88 -22.33
CA GLU A 1354 1.15 -32.72 -23.16
C GLU A 1354 1.72 -31.44 -22.58
N ILE A 1355 1.58 -31.24 -21.27
CA ILE A 1355 2.11 -30.03 -20.63
C ILE A 1355 3.64 -30.00 -20.75
N LEU A 1356 4.28 -31.15 -20.54
CA LEU A 1356 5.74 -31.21 -20.68
C LEU A 1356 6.18 -30.89 -22.10
N ASN A 1357 5.46 -31.42 -23.09
CA ASN A 1357 5.81 -31.12 -24.48
C ASN A 1357 5.67 -29.64 -24.77
N VAL A 1358 4.58 -29.02 -24.31
CA VAL A 1358 4.39 -27.59 -24.54
C VAL A 1358 5.48 -26.78 -23.86
N ILE A 1359 5.86 -27.17 -22.64
CA ILE A 1359 6.86 -26.40 -21.90
C ILE A 1359 8.24 -26.57 -22.53
N ALA A 1360 8.60 -27.77 -22.94
CA ALA A 1360 9.96 -28.08 -23.36
C ALA A 1360 10.14 -28.08 -24.87
N PHE A 1361 9.14 -27.65 -25.64
CA PHE A 1361 9.35 -27.51 -27.08
C PHE A 1361 10.42 -26.46 -27.39
N ASP A 1362 10.40 -25.34 -26.66
CA ASP A 1362 11.35 -24.25 -26.90
C ASP A 1362 12.63 -24.41 -26.11
N GLY A 1363 12.79 -25.51 -25.37
CA GLY A 1363 13.99 -25.77 -24.61
C GLY A 1363 13.92 -25.40 -23.14
N SER A 1364 12.83 -24.81 -22.69
CA SER A 1364 12.69 -24.48 -21.28
C SER A 1364 12.52 -25.73 -20.45
N TYR A 1365 13.00 -25.68 -19.20
CA TYR A 1365 12.92 -26.80 -18.28
C TYR A 1365 12.20 -26.36 -17.02
N VAL A 1366 11.21 -27.16 -16.60
CA VAL A 1366 10.47 -26.93 -15.37
C VAL A 1366 10.51 -28.23 -14.56
N ASN A 1367 10.72 -28.10 -13.24
CA ASN A 1367 10.84 -29.26 -12.38
C ASN A 1367 9.57 -30.10 -12.43
N TYR A 1368 9.74 -31.42 -12.28
CA TYR A 1368 8.64 -32.35 -12.46
C TYR A 1368 7.55 -32.16 -11.41
N ARG A 1369 7.91 -31.74 -10.20
CA ARG A 1369 6.94 -31.70 -9.11
C ARG A 1369 5.85 -30.67 -9.35
N HIS A 1370 6.16 -29.54 -9.98
CA HIS A 1370 5.14 -28.52 -10.23
C HIS A 1370 4.10 -29.01 -11.21
N MET A 1371 4.55 -29.60 -12.33
CA MET A 1371 3.60 -30.13 -13.31
C MET A 1371 2.83 -31.31 -12.73
N ALA A 1372 3.48 -32.14 -11.91
CA ALA A 1372 2.78 -33.24 -11.26
C ALA A 1372 1.68 -32.73 -10.34
N LEU A 1373 1.98 -31.67 -9.57
CA LEU A 1373 0.96 -31.08 -8.70
C LEU A 1373 -0.19 -30.51 -9.52
N LEU A 1374 0.12 -29.85 -10.63
CA LEU A 1374 -0.93 -29.28 -11.47
C LEU A 1374 -1.84 -30.36 -12.04
N VAL A 1375 -1.25 -31.43 -12.59
CA VAL A 1375 -2.07 -32.49 -13.17
C VAL A 1375 -2.76 -33.32 -12.11
N ASP A 1376 -2.25 -33.34 -10.88
CA ASP A 1376 -2.97 -34.01 -9.80
C ASP A 1376 -4.17 -33.20 -9.35
N VAL A 1377 -4.02 -31.87 -9.29
CA VAL A 1377 -5.16 -31.01 -8.95
C VAL A 1377 -6.22 -31.08 -10.04
N MET A 1378 -5.80 -31.09 -11.31
CA MET A 1378 -6.76 -31.10 -12.41
C MET A 1378 -7.57 -32.39 -12.45
N THR A 1379 -7.00 -33.51 -12.02
CA THR A 1379 -7.64 -34.81 -12.10
C THR A 1379 -7.79 -35.45 -10.71
N SER A 1380 -8.23 -34.66 -9.73
CA SER A 1380 -8.37 -35.17 -8.37
C SER A 1380 -9.78 -35.61 -8.03
N ARG A 1381 -10.80 -35.16 -8.78
CA ARG A 1381 -12.18 -35.50 -8.50
C ARG A 1381 -12.72 -36.58 -9.41
N GLY A 1382 -11.87 -37.25 -10.19
CA GLY A 1382 -12.29 -38.26 -11.13
C GLY A 1382 -12.68 -37.74 -12.50
N TYR A 1383 -12.74 -36.42 -12.67
CA TYR A 1383 -13.03 -35.81 -13.96
C TYR A 1383 -12.13 -34.60 -14.14
N LEU A 1384 -12.01 -34.16 -15.39
CA LEU A 1384 -11.13 -33.02 -15.68
C LEU A 1384 -11.71 -31.75 -15.09
N MET A 1385 -10.89 -31.02 -14.34
CA MET A 1385 -11.27 -29.76 -13.73
C MET A 1385 -10.53 -28.65 -14.49
N ALA A 1386 -11.27 -27.94 -15.34
CA ALA A 1386 -10.68 -26.88 -16.13
C ALA A 1386 -10.24 -25.73 -15.24
N ILE A 1387 -9.15 -25.07 -15.64
CA ILE A 1387 -8.62 -23.93 -14.86
C ILE A 1387 -9.38 -22.71 -15.36
N THR A 1388 -10.56 -22.51 -14.80
CA THR A 1388 -11.45 -21.40 -15.15
C THR A 1388 -12.53 -21.33 -14.08
N ARG A 1389 -13.50 -20.45 -14.29
CA ARG A 1389 -14.60 -20.32 -13.34
C ARG A 1389 -15.55 -21.51 -13.38
N HIS A 1390 -15.53 -22.29 -14.46
CA HIS A 1390 -16.42 -23.44 -14.58
C HIS A 1390 -15.89 -24.66 -13.85
N GLY A 1391 -14.61 -24.68 -13.47
CA GLY A 1391 -14.06 -25.80 -12.74
C GLY A 1391 -13.66 -25.45 -11.32
N ILE A 1392 -13.17 -24.23 -11.11
CA ILE A 1392 -12.71 -23.84 -9.78
C ILE A 1392 -13.88 -23.51 -8.87
N ASN A 1393 -14.84 -22.72 -9.37
CA ASN A 1393 -15.95 -22.28 -8.54
C ASN A 1393 -16.94 -23.38 -8.22
N ARG A 1394 -16.83 -24.54 -8.86
CA ARG A 1394 -17.72 -25.66 -8.60
C ARG A 1394 -17.25 -26.53 -7.45
N ALA A 1395 -16.11 -26.20 -6.84
CA ALA A 1395 -15.60 -26.97 -5.71
C ALA A 1395 -16.42 -26.66 -4.45
N ASP A 1396 -16.19 -27.47 -3.42
CA ASP A 1396 -16.88 -27.33 -2.14
C ASP A 1396 -16.11 -26.46 -1.16
N THR A 1397 -15.27 -25.54 -1.65
CA THR A 1397 -14.49 -24.68 -0.79
C THR A 1397 -15.37 -23.58 -0.20
N GLY A 1398 -14.75 -22.70 0.59
CA GLY A 1398 -15.49 -21.62 1.21
C GLY A 1398 -16.00 -20.62 0.20
N ALA A 1399 -17.13 -19.98 0.54
CA ALA A 1399 -17.71 -18.98 -0.35
C ALA A 1399 -16.85 -17.74 -0.44
N LEU A 1400 -16.17 -17.37 0.64
CA LEU A 1400 -15.36 -16.16 0.64
C LEU A 1400 -14.18 -16.27 -0.33
N MET A 1401 -13.52 -17.43 -0.36
CA MET A 1401 -12.41 -17.61 -1.29
C MET A 1401 -12.88 -17.82 -2.72
N ARG A 1402 -14.09 -18.36 -2.91
CA ARG A 1402 -14.61 -18.57 -4.25
C ARG A 1402 -15.07 -17.25 -4.88
N CYS A 1403 -15.66 -16.36 -4.07
CA CYS A 1403 -16.13 -15.09 -4.60
C CYS A 1403 -14.97 -14.17 -4.96
N SER A 1404 -13.81 -14.35 -4.33
CA SER A 1404 -12.66 -13.49 -4.60
C SER A 1404 -12.09 -13.70 -6.00
N PHE A 1405 -12.35 -14.87 -6.62
CA PHE A 1405 -11.80 -15.13 -7.95
C PHE A 1405 -12.67 -14.47 -9.03
N GLU A 1406 -13.90 -14.94 -9.19
CA GLU A 1406 -14.82 -14.41 -10.19
C GLU A 1406 -16.24 -14.62 -9.70
N GLU A 1407 -17.16 -13.85 -10.28
CA GLU A 1407 -18.60 -13.91 -9.97
C GLU A 1407 -18.83 -13.75 -8.48
N THR A 1408 -18.35 -12.63 -7.94
CA THR A 1408 -18.39 -12.41 -6.49
C THR A 1408 -19.83 -12.33 -5.99
N VAL A 1409 -20.65 -11.48 -6.63
CA VAL A 1409 -22.00 -11.27 -6.14
C VAL A 1409 -22.87 -12.50 -6.33
N GLU A 1410 -22.69 -13.23 -7.45
CA GLU A 1410 -23.49 -14.43 -7.66
C GLU A 1410 -23.15 -15.50 -6.63
N ILE A 1411 -21.87 -15.68 -6.33
CA ILE A 1411 -21.46 -16.65 -5.31
C ILE A 1411 -21.97 -16.24 -3.94
N LEU A 1412 -21.90 -14.95 -3.62
CA LEU A 1412 -22.39 -14.47 -2.33
C LEU A 1412 -23.89 -14.67 -2.19
N PHE A 1413 -24.64 -14.39 -3.26
CA PHE A 1413 -26.09 -14.60 -3.23
C PHE A 1413 -26.43 -16.08 -3.08
N GLU A 1414 -25.71 -16.94 -3.79
CA GLU A 1414 -25.93 -18.38 -3.66
C GLU A 1414 -25.61 -18.86 -2.25
N ALA A 1415 -24.54 -18.33 -1.65
CA ALA A 1415 -24.18 -18.70 -0.29
C ALA A 1415 -25.24 -18.24 0.70
N GLY A 1416 -25.78 -17.03 0.50
CA GLY A 1416 -26.85 -16.57 1.36
C GLY A 1416 -28.12 -17.38 1.22
N ALA A 1417 -28.44 -17.79 0.00
CA ALA A 1417 -29.65 -18.59 -0.21
C ALA A 1417 -29.49 -20.01 0.31
N ALA A 1418 -28.30 -20.59 0.20
CA ALA A 1418 -28.07 -21.97 0.61
C ALA A 1418 -27.61 -22.08 2.06
N ALA A 1419 -27.43 -20.96 2.76
CA ALA A 1419 -27.01 -20.95 4.16
C ALA A 1419 -25.71 -21.72 4.37
N GLU A 1420 -24.75 -21.49 3.47
CA GLU A 1420 -23.45 -22.14 3.57
C GLU A 1420 -22.67 -21.60 4.76
N LEU A 1421 -21.78 -22.43 5.29
CA LEU A 1421 -20.94 -22.08 6.41
C LEU A 1421 -19.48 -22.12 5.97
N ASP A 1422 -18.73 -21.06 6.30
CA ASP A 1422 -17.31 -20.97 5.97
C ASP A 1422 -16.50 -21.29 7.22
N ASP A 1423 -15.63 -22.29 7.11
CA ASP A 1423 -14.83 -22.73 8.24
C ASP A 1423 -13.57 -21.88 8.46
N CYS A 1424 -13.27 -20.96 7.54
CA CYS A 1424 -12.11 -20.07 7.64
C CYS A 1424 -10.80 -20.85 7.80
N ARG A 1425 -10.67 -21.93 7.04
CA ARG A 1425 -9.44 -22.71 7.03
C ARG A 1425 -8.52 -22.39 5.87
N GLY A 1426 -9.03 -21.74 4.83
CA GLY A 1426 -8.22 -21.35 3.70
C GLY A 1426 -7.44 -20.07 3.97
N VAL A 1427 -6.70 -19.65 2.96
CA VAL A 1427 -5.86 -18.46 3.12
C VAL A 1427 -6.58 -17.18 2.69
N SER A 1428 -7.47 -17.26 1.70
CA SER A 1428 -8.11 -16.05 1.18
C SER A 1428 -8.99 -15.39 2.22
N GLU A 1429 -9.85 -16.18 2.88
CA GLU A 1429 -10.73 -15.62 3.89
C GLU A 1429 -9.99 -15.19 5.15
N ASN A 1430 -8.83 -15.78 5.42
CA ASN A 1430 -7.99 -15.29 6.50
C ASN A 1430 -7.35 -13.95 6.13
N VAL A 1431 -6.97 -13.79 4.86
CA VAL A 1431 -6.40 -12.52 4.42
C VAL A 1431 -7.45 -11.41 4.45
N MET A 1432 -8.65 -11.68 3.92
CA MET A 1432 -9.65 -10.62 3.86
C MET A 1432 -10.17 -10.24 5.24
N LEU A 1433 -10.02 -11.12 6.23
CA LEU A 1433 -10.42 -10.83 7.59
C LEU A 1433 -9.29 -10.28 8.43
N GLY A 1434 -8.10 -10.11 7.86
CA GLY A 1434 -6.98 -9.54 8.58
C GLY A 1434 -6.47 -10.37 9.74
N GLN A 1435 -6.32 -11.68 9.54
CA GLN A 1435 -5.83 -12.58 10.57
C GLN A 1435 -4.54 -13.24 10.10
N LEU A 1436 -3.95 -14.05 10.98
CA LEU A 1436 -2.74 -14.80 10.65
C LEU A 1436 -3.17 -16.05 9.88
N ALA A 1437 -2.82 -16.10 8.60
CA ALA A 1437 -3.23 -17.21 7.77
C ALA A 1437 -2.49 -18.49 8.19
N PRO A 1438 -3.13 -19.66 8.10
CA PRO A 1438 -2.46 -20.92 8.47
C PRO A 1438 -1.50 -21.41 7.39
N MET A 1439 -0.51 -20.57 7.07
CA MET A 1439 0.48 -20.87 6.06
C MET A 1439 1.84 -20.40 6.53
N GLY A 1440 2.89 -21.11 6.11
CA GLY A 1440 4.25 -20.77 6.46
C GLY A 1440 4.49 -20.71 7.95
N THR A 1441 4.79 -19.51 8.46
CA THR A 1441 5.04 -19.33 9.88
C THR A 1441 3.76 -19.41 10.70
N GLY A 1442 2.60 -19.28 10.06
CA GLY A 1442 1.32 -19.38 10.73
C GLY A 1442 0.71 -20.77 10.75
N ALA A 1443 1.45 -21.79 10.33
CA ALA A 1443 0.93 -23.15 10.26
C ALA A 1443 1.07 -23.90 11.59
N PHE A 1444 1.25 -23.18 12.69
CA PHE A 1444 1.41 -23.79 14.01
C PHE A 1444 1.16 -22.71 15.06
N ASP A 1445 1.32 -23.10 16.32
CA ASP A 1445 1.20 -22.18 17.44
C ASP A 1445 2.40 -22.37 18.37
N VAL A 1446 2.78 -21.28 19.03
CA VAL A 1446 3.94 -21.27 19.92
C VAL A 1446 3.43 -21.21 21.36
N MET A 1447 3.77 -22.23 22.15
CA MET A 1447 3.41 -22.28 23.55
C MET A 1447 4.56 -21.73 24.39
N ILE A 1448 4.42 -21.82 25.71
CA ILE A 1448 5.44 -21.40 26.65
C ILE A 1448 5.96 -22.64 27.37
N ASP A 1449 7.28 -22.77 27.45
CA ASP A 1449 7.92 -23.94 28.05
C ASP A 1449 8.00 -23.72 29.55
N GLU A 1450 6.96 -24.17 30.27
CA GLU A 1450 6.94 -24.02 31.71
C GLU A 1450 8.01 -24.88 32.38
N LYS A 1451 8.22 -26.09 31.86
CA LYS A 1451 9.17 -27.01 32.49
C LYS A 1451 10.59 -26.47 32.46
N LEU A 1452 11.02 -25.94 31.31
CA LEU A 1452 12.39 -25.44 31.21
C LEU A 1452 12.58 -24.19 32.06
N LEU A 1453 11.57 -23.31 32.09
CA LEU A 1453 11.64 -22.12 32.94
C LEU A 1453 11.72 -22.50 34.41
N THR A 1454 10.95 -23.52 34.82
CA THR A 1454 11.03 -23.99 36.20
C THR A 1454 12.38 -24.63 36.50
N SER A 1455 12.97 -25.32 35.51
CA SER A 1455 14.24 -25.98 35.69
C SER A 1455 15.40 -25.01 35.93
N LEU A 1456 15.21 -23.72 35.68
CA LEU A 1456 16.24 -22.72 35.92
C LEU A 1456 16.56 -22.61 37.41
N ASP B 9 19.11 18.70 -72.07
CA ASP B 9 20.29 19.10 -71.30
C ASP B 9 20.92 17.91 -70.59
N ASP B 10 20.30 17.50 -69.48
CA ASP B 10 20.81 16.40 -68.69
C ASP B 10 19.63 15.74 -67.97
N THR B 11 19.86 14.52 -67.50
CA THR B 11 18.81 13.79 -66.79
C THR B 11 18.54 14.45 -65.44
N ILE B 12 17.36 14.15 -64.89
CA ILE B 12 16.95 14.71 -63.61
C ILE B 12 17.78 14.06 -62.49
N THR B 13 18.46 14.89 -61.71
CA THR B 13 19.29 14.41 -60.63
C THR B 13 18.50 14.40 -59.32
N THR B 14 19.16 14.00 -58.24
CA THR B 14 18.52 14.01 -56.92
C THR B 14 18.27 15.43 -56.42
N GLU B 15 19.15 16.36 -56.77
CA GLU B 15 18.96 17.75 -56.37
C GLU B 15 17.71 18.32 -57.00
N ASP B 16 17.40 17.93 -58.24
CA ASP B 16 16.16 18.37 -58.86
C ASP B 16 14.94 17.81 -58.14
N CYS B 17 15.01 16.56 -57.70
CA CYS B 17 13.92 15.98 -56.92
C CYS B 17 13.73 16.73 -55.61
N TRP B 18 14.84 17.10 -54.96
CA TRP B 18 14.73 17.85 -53.72
C TRP B 18 14.20 19.26 -53.96
N THR B 19 14.53 19.86 -55.10
CA THR B 19 13.94 21.15 -55.47
C THR B 19 12.43 21.02 -55.65
N VAL B 20 11.98 19.95 -56.30
CA VAL B 20 10.55 19.72 -56.48
C VAL B 20 9.87 19.54 -55.12
N ILE B 21 10.49 18.77 -54.23
CA ILE B 21 9.92 18.56 -52.90
C ILE B 21 9.87 19.87 -52.11
N SER B 22 10.91 20.70 -52.25
CA SER B 22 10.92 22.00 -51.59
C SER B 22 9.80 22.89 -52.11
N ALA B 23 9.56 22.88 -53.42
CA ALA B 23 8.44 23.63 -53.97
C ALA B 23 7.11 23.11 -53.43
N PHE B 24 6.97 21.78 -53.34
CA PHE B 24 5.76 21.19 -52.78
C PHE B 24 5.51 21.68 -51.36
N PHE B 25 6.54 21.60 -50.51
CA PHE B 25 6.38 21.99 -49.11
C PHE B 25 6.22 23.50 -48.95
N GLU B 26 6.74 24.28 -49.90
CA GLU B 26 6.56 25.73 -49.83
C GLU B 26 5.14 26.12 -50.20
N GLU B 27 4.56 25.48 -51.21
CA GLU B 27 3.22 25.86 -51.65
C GLU B 27 2.16 25.39 -50.65
N LYS B 28 2.25 24.16 -50.18
CA LYS B 28 1.20 23.56 -49.38
C LYS B 28 1.48 23.60 -47.88
N GLY B 29 2.68 23.22 -47.46
CA GLY B 29 3.01 23.16 -46.06
C GLY B 29 2.83 21.77 -45.48
N LEU B 30 2.77 21.73 -44.15
CA LEU B 30 2.66 20.46 -43.43
C LEU B 30 1.25 20.17 -42.91
N VAL B 31 0.44 21.21 -42.69
CA VAL B 31 -0.91 21.02 -42.15
C VAL B 31 -1.93 21.48 -43.18
N SER B 32 -1.60 21.31 -44.47
CA SER B 32 -2.46 21.80 -45.53
C SER B 32 -3.81 21.09 -45.56
N GLN B 33 -3.85 19.81 -45.18
CA GLN B 33 -5.11 19.08 -45.24
C GLN B 33 -6.12 19.63 -44.24
N GLN B 34 -5.68 19.97 -43.03
CA GLN B 34 -6.57 20.53 -42.02
C GLN B 34 -7.18 21.84 -42.50
N LEU B 35 -6.32 22.76 -42.97
CA LEU B 35 -6.79 24.07 -43.41
C LEU B 35 -7.70 23.94 -44.63
N ASP B 36 -7.35 23.07 -45.57
CA ASP B 36 -8.18 22.90 -46.76
C ASP B 36 -9.55 22.33 -46.40
N SER B 37 -9.58 21.33 -45.51
CA SER B 37 -10.86 20.76 -45.10
C SER B 37 -11.73 21.79 -44.38
N PHE B 38 -11.13 22.57 -43.46
CA PHE B 38 -11.91 23.56 -42.74
C PHE B 38 -12.40 24.67 -43.67
N ASP B 39 -11.56 25.09 -44.63
CA ASP B 39 -11.97 26.12 -45.57
C ASP B 39 -13.11 25.64 -46.45
N GLU B 40 -13.02 24.40 -46.94
CA GLU B 40 -14.11 23.85 -47.73
C GLU B 40 -15.40 23.76 -46.91
N PHE B 41 -15.29 23.34 -45.66
CA PHE B 41 -16.45 23.30 -44.77
C PHE B 41 -17.09 24.67 -44.66
N MET B 42 -16.33 25.65 -44.17
CA MET B 42 -16.87 26.99 -43.94
C MET B 42 -17.31 27.69 -45.22
N GLU B 43 -16.83 27.23 -46.37
CA GLU B 43 -17.20 27.87 -47.63
C GLU B 43 -18.43 27.25 -48.28
N THR B 44 -18.64 25.94 -48.13
CA THR B 44 -19.72 25.28 -48.85
C THR B 44 -20.70 24.55 -47.95
N SER B 45 -20.22 23.87 -46.91
CA SER B 45 -21.07 22.94 -46.17
C SER B 45 -22.15 23.67 -45.39
N ILE B 46 -21.85 24.84 -44.83
CA ILE B 46 -22.85 25.57 -44.05
C ILE B 46 -23.99 26.02 -44.96
N GLN B 47 -23.65 26.57 -46.13
CA GLN B 47 -24.68 26.98 -47.08
C GLN B 47 -25.49 25.78 -47.58
N ASP B 48 -24.81 24.66 -47.85
CA ASP B 48 -25.54 23.47 -48.29
C ASP B 48 -26.49 22.97 -47.21
N LEU B 49 -26.06 22.97 -45.95
CA LEU B 49 -26.91 22.51 -44.87
C LEU B 49 -28.11 23.44 -44.67
N VAL B 50 -27.89 24.75 -44.75
CA VAL B 50 -29.01 25.66 -44.54
C VAL B 50 -29.96 25.65 -45.73
N TRP B 51 -29.48 25.32 -46.93
CA TRP B 51 -30.36 25.23 -48.09
C TRP B 51 -30.94 23.83 -48.28
N GLU B 52 -30.50 22.84 -47.51
CA GLU B 52 -31.06 21.49 -47.62
C GLU B 52 -32.54 21.48 -47.26
N GLU B 53 -32.92 22.16 -46.18
CA GLU B 53 -34.30 22.23 -45.72
C GLU B 53 -34.68 23.69 -45.49
N PRO B 54 -34.90 24.45 -46.57
CA PRO B 54 -35.25 25.87 -46.44
C PRO B 54 -36.73 26.15 -46.28
N ARG B 55 -37.56 25.13 -46.04
CA ARG B 55 -39.00 25.29 -45.96
C ARG B 55 -39.48 24.81 -44.58
N LEU B 56 -39.85 25.76 -43.73
CA LEU B 56 -40.44 25.47 -42.42
C LEU B 56 -41.93 25.77 -42.51
N ILE B 57 -42.75 24.77 -42.21
CA ILE B 57 -44.18 24.86 -42.39
C ILE B 57 -44.87 24.75 -41.04
N LEU B 58 -46.10 25.26 -40.98
CA LEU B 58 -46.92 25.18 -39.77
C LEU B 58 -48.39 25.40 -40.11
N ILE B 71 -58.04 32.64 -48.85
CA ILE B 71 -56.77 32.58 -48.15
C ILE B 71 -56.77 31.45 -47.15
N ASN B 72 -55.59 30.86 -46.92
CA ASN B 72 -55.43 29.77 -45.97
C ASN B 72 -54.27 30.02 -45.01
N LYS B 73 -53.97 31.29 -44.78
CA LYS B 73 -52.91 31.76 -43.86
C LYS B 73 -51.65 30.89 -43.92
N ARG B 74 -51.08 30.84 -45.12
CA ARG B 74 -49.87 30.06 -45.37
C ARG B 74 -48.66 30.83 -44.84
N TYR B 75 -48.24 30.49 -43.61
CA TYR B 75 -47.08 31.12 -43.00
C TYR B 75 -45.82 30.45 -43.55
N GLU B 76 -45.02 31.21 -44.30
CA GLU B 76 -43.81 30.70 -44.93
C GLU B 76 -42.59 31.48 -44.47
N ILE B 77 -41.45 30.80 -44.43
CA ILE B 77 -40.19 31.40 -44.06
C ILE B 77 -39.15 31.08 -45.14
N ARG B 78 -38.12 31.91 -45.21
CA ARG B 78 -37.07 31.78 -46.21
C ARG B 78 -35.71 31.87 -45.54
N PHE B 79 -34.83 30.94 -45.86
CA PHE B 79 -33.45 30.96 -45.40
C PHE B 79 -32.57 31.49 -46.53
N GLY B 80 -31.84 32.56 -46.25
CA GLY B 80 -31.06 33.22 -47.29
C GLY B 80 -29.57 32.99 -47.19
N LYS B 81 -28.80 34.00 -47.56
CA LYS B 81 -27.35 33.90 -47.57
C LYS B 81 -26.79 33.78 -46.17
N ILE B 82 -25.66 33.09 -46.05
CA ILE B 82 -24.95 32.93 -44.78
C ILE B 82 -23.79 33.91 -44.77
N TYR B 83 -23.71 34.71 -43.71
CA TYR B 83 -22.70 35.75 -43.59
C TYR B 83 -21.79 35.44 -42.42
N LEU B 84 -20.48 35.57 -42.65
CA LEU B 84 -19.45 35.35 -41.65
C LEU B 84 -18.71 36.65 -41.40
N SER B 85 -18.51 36.99 -40.13
CA SER B 85 -17.69 38.12 -39.74
C SER B 85 -16.39 37.61 -39.13
N ARG B 86 -15.47 38.54 -38.89
CA ARG B 86 -14.23 38.18 -38.24
C ARG B 86 -14.50 37.76 -36.79
N PRO B 87 -13.66 36.90 -36.22
CA PRO B 87 -13.86 36.50 -34.81
C PRO B 87 -13.83 37.67 -33.86
N THR B 88 -14.97 37.95 -33.23
CA THR B 88 -15.13 39.09 -32.34
C THR B 88 -15.38 38.64 -30.92
N MET B 89 -14.99 39.49 -29.97
CA MET B 89 -15.12 39.24 -28.55
C MET B 89 -16.11 40.24 -27.98
N THR B 90 -17.15 39.73 -27.31
CA THR B 90 -18.18 40.54 -26.68
C THR B 90 -18.16 40.27 -25.18
N GLU B 91 -18.24 41.34 -24.39
CA GLU B 91 -18.03 41.26 -22.95
C GLU B 91 -19.30 41.67 -22.21
N ALA B 92 -19.20 41.71 -20.88
CA ALA B 92 -20.36 42.07 -20.06
C ALA B 92 -20.76 43.52 -20.25
N ASP B 93 -19.81 44.39 -20.62
CA ASP B 93 -20.12 45.78 -20.90
C ASP B 93 -20.86 45.96 -22.22
N GLY B 94 -20.94 44.92 -23.05
CA GLY B 94 -21.60 45.00 -24.33
C GLY B 94 -20.70 45.43 -25.47
N THR B 95 -19.48 45.87 -25.19
CA THR B 95 -18.57 46.27 -26.26
C THR B 95 -18.05 45.04 -27.00
N THR B 96 -17.98 45.16 -28.33
CA THR B 96 -17.47 44.10 -29.19
C THR B 96 -16.20 44.59 -29.86
N HIS B 97 -15.14 43.78 -29.77
CA HIS B 97 -13.86 44.17 -30.35
C HIS B 97 -13.23 42.99 -31.07
N ALA B 98 -12.34 43.29 -32.00
CA ALA B 98 -11.64 42.24 -32.73
C ALA B 98 -10.75 41.43 -31.77
N MET B 99 -10.85 40.11 -31.85
CA MET B 99 -10.16 39.21 -30.95
C MET B 99 -9.15 38.38 -31.72
N PHE B 100 -7.97 38.19 -31.12
CA PHE B 100 -6.88 37.45 -31.70
C PHE B 100 -6.58 36.21 -30.86
N PRO B 101 -5.99 35.17 -31.44
CA PRO B 101 -5.80 33.91 -30.69
C PRO B 101 -5.00 34.05 -29.41
N GLN B 102 -4.03 34.98 -29.36
CA GLN B 102 -3.26 35.16 -28.15
C GLN B 102 -4.14 35.63 -27.00
N GLU B 103 -5.04 36.57 -27.26
CA GLU B 103 -5.94 37.05 -26.23
C GLU B 103 -6.89 35.95 -25.77
N ALA B 104 -7.37 35.12 -26.69
CA ALA B 104 -8.23 34.01 -26.32
C ALA B 104 -7.49 33.00 -25.46
N ARG B 105 -6.23 32.70 -25.80
CA ARG B 105 -5.43 31.78 -25.00
C ARG B 105 -5.17 32.35 -23.61
N LEU B 106 -4.85 33.65 -23.52
CA LEU B 106 -4.53 34.24 -22.23
C LEU B 106 -5.75 34.31 -21.32
N ARG B 107 -6.91 34.65 -21.86
CA ARG B 107 -8.11 34.89 -21.07
C ARG B 107 -9.06 33.71 -21.04
N ASN B 108 -8.60 32.53 -21.50
CA ASN B 108 -9.41 31.31 -21.50
C ASN B 108 -10.71 31.50 -22.27
N LEU B 109 -10.64 32.19 -23.40
CA LEU B 109 -11.80 32.42 -24.25
C LEU B 109 -11.83 31.40 -25.38
N THR B 110 -12.84 31.52 -26.25
CA THR B 110 -13.02 30.63 -27.38
C THR B 110 -12.89 31.44 -28.66
N TYR B 111 -11.99 31.02 -29.53
CA TYR B 111 -11.77 31.69 -30.82
C TYR B 111 -12.87 31.26 -31.77
N SER B 112 -13.89 32.11 -31.91
CA SER B 112 -15.04 31.78 -32.74
C SER B 112 -15.55 33.05 -33.40
N SER B 113 -16.30 32.86 -34.49
CA SER B 113 -16.89 33.97 -35.22
C SER B 113 -18.41 33.79 -35.34
N PRO B 114 -19.17 34.87 -35.26
CA PRO B 114 -20.63 34.76 -35.39
C PRO B 114 -21.05 34.43 -36.81
N VAL B 115 -22.21 33.79 -36.92
CA VAL B 115 -22.80 33.42 -38.20
C VAL B 115 -24.17 34.09 -38.30
N TYR B 116 -24.43 34.75 -39.43
CA TYR B 116 -25.68 35.46 -39.65
C TYR B 116 -26.45 34.79 -40.77
N LEU B 117 -27.74 34.56 -40.55
CA LEU B 117 -28.61 33.92 -41.53
C LEU B 117 -29.75 34.85 -41.88
N ASP B 118 -30.07 34.94 -43.18
CA ASP B 118 -31.15 35.80 -43.67
C ASP B 118 -32.47 35.05 -43.54
N MET B 119 -33.02 35.07 -42.33
CA MET B 119 -34.33 34.49 -42.07
C MET B 119 -35.39 35.53 -42.40
N GLU B 120 -36.10 35.33 -43.51
CA GLU B 120 -37.05 36.29 -44.02
C GLU B 120 -38.47 35.75 -43.93
N LYS B 121 -39.39 36.60 -43.47
CA LYS B 121 -40.79 36.24 -43.40
C LYS B 121 -41.46 36.54 -44.73
N SER B 122 -42.22 35.57 -45.24
CA SER B 122 -42.87 35.64 -46.55
C SER B 122 -44.34 35.29 -46.41
N MET B 123 -45.01 35.95 -45.45
CA MET B 123 -46.43 35.69 -45.19
C MET B 123 -47.26 35.89 -46.45
N PHE B 124 -47.30 37.14 -46.94
CA PHE B 124 -47.85 37.48 -48.26
C PHE B 124 -49.31 37.06 -48.44
N THR B 125 -50.07 37.07 -47.36
CA THR B 125 -51.51 36.78 -47.38
C THR B 125 -51.80 35.44 -48.06
N SER B 126 -50.97 34.45 -47.74
CA SER B 126 -51.12 33.06 -48.19
C SER B 126 -50.98 33.01 -49.71
N ILE B 127 -51.64 32.04 -50.35
CA ILE B 127 -51.54 31.89 -51.80
C ILE B 127 -52.22 33.04 -52.52
N ASP B 128 -53.36 33.50 -51.99
CA ASP B 128 -54.09 34.60 -52.62
C ASP B 128 -54.56 35.61 -51.58
N GLY B 153 -33.23 40.35 -45.46
CA GLY B 153 -32.21 41.23 -44.92
C GLY B 153 -32.25 41.36 -43.41
N ASN B 154 -32.84 40.35 -42.75
CA ASN B 154 -32.93 40.37 -41.30
C ASN B 154 -31.56 40.19 -40.65
N LYS B 155 -30.70 39.38 -41.26
CA LYS B 155 -29.37 39.07 -40.74
C LYS B 155 -29.46 38.52 -39.31
N VAL B 156 -30.18 37.41 -39.19
CA VAL B 156 -30.44 36.79 -37.89
C VAL B 156 -29.20 36.03 -37.44
N HIS B 157 -28.76 36.30 -36.21
CA HIS B 157 -27.63 35.58 -35.64
C HIS B 157 -28.08 34.20 -35.18
N ILE B 158 -27.35 33.17 -35.63
CA ILE B 158 -27.73 31.79 -35.36
C ILE B 158 -26.72 31.06 -34.48
N GLY B 159 -25.52 31.59 -34.30
CA GLY B 159 -24.54 30.94 -33.44
C GLY B 159 -23.15 31.48 -33.71
N LYS B 160 -22.19 30.85 -33.02
CA LYS B 160 -20.78 31.17 -33.18
C LYS B 160 -20.04 29.89 -33.54
N VAL B 161 -19.34 29.92 -34.67
CA VAL B 161 -18.58 28.77 -35.16
C VAL B 161 -17.12 28.98 -34.78
N PRO B 162 -16.49 28.04 -34.09
CA PRO B 162 -15.05 28.17 -33.80
C PRO B 162 -14.24 28.21 -35.08
N ILE B 163 -13.18 29.02 -35.06
CA ILE B 163 -12.36 29.26 -36.24
C ILE B 163 -11.02 28.56 -36.07
N MET B 164 -10.67 27.72 -37.03
CA MET B 164 -9.35 27.08 -37.03
C MET B 164 -8.29 28.12 -37.37
N LEU B 165 -7.19 28.09 -36.62
CA LEU B 165 -6.12 29.06 -36.83
C LEU B 165 -5.45 28.85 -38.18
N ARG B 166 -5.01 29.96 -38.79
CA ARG B 166 -4.35 29.99 -40.09
C ARG B 166 -5.26 29.47 -41.21
N SER B 167 -6.56 29.45 -40.99
CA SER B 167 -7.54 29.13 -42.02
C SER B 167 -8.03 30.42 -42.67
N LYS B 168 -8.68 30.28 -43.82
CA LYS B 168 -8.99 31.43 -44.66
C LYS B 168 -9.82 32.49 -43.93
N PHE B 169 -10.59 32.08 -42.93
CA PHE B 169 -11.39 33.01 -42.15
C PHE B 169 -10.72 33.45 -40.85
N CYS B 170 -9.49 33.01 -40.61
CA CYS B 170 -8.75 33.48 -39.45
C CYS B 170 -8.12 34.83 -39.74
N SER B 171 -7.75 35.54 -38.68
CA SER B 171 -7.18 36.87 -38.80
C SER B 171 -5.68 36.85 -39.06
N LEU B 172 -5.06 35.67 -39.09
CA LEU B 172 -3.60 35.55 -39.23
C LEU B 172 -3.19 35.08 -40.61
N ARG B 173 -4.00 35.33 -41.64
CA ARG B 173 -3.68 34.88 -42.99
C ARG B 173 -2.83 35.90 -43.73
N THR B 174 -3.36 37.11 -43.93
CA THR B 174 -2.66 38.15 -44.67
C THR B 174 -1.68 38.93 -43.82
N LEU B 175 -1.59 38.62 -42.53
CA LEU B 175 -0.76 39.41 -41.62
C LEU B 175 0.70 39.12 -41.91
N ASP B 176 1.51 40.17 -42.03
CA ASP B 176 2.91 40.00 -42.37
C ASP B 176 3.73 39.64 -41.13
N GLU B 177 5.05 39.53 -41.32
CA GLU B 177 5.93 39.10 -40.23
C GLU B 177 5.97 40.10 -39.09
N VAL B 178 6.05 41.39 -39.42
CA VAL B 178 6.16 42.43 -38.39
C VAL B 178 4.92 42.45 -37.53
N ASP B 179 3.74 42.40 -38.15
CA ASP B 179 2.50 42.42 -37.39
C ASP B 179 2.25 41.10 -36.68
N LEU B 180 2.74 39.99 -37.23
CA LEU B 180 2.67 38.71 -36.51
C LEU B 180 3.49 38.78 -35.22
N TYR B 181 4.67 39.39 -35.30
CA TYR B 181 5.46 39.61 -34.09
C TYR B 181 4.75 40.59 -33.15
N LYS B 182 4.05 41.56 -33.72
CA LYS B 182 3.33 42.54 -32.92
C LYS B 182 2.18 41.90 -32.14
N MET B 183 1.56 40.86 -32.69
CA MET B 183 0.41 40.22 -32.07
C MET B 183 0.80 39.06 -31.17
N LYS B 184 2.08 38.97 -30.79
CA LYS B 184 2.58 37.92 -29.90
C LYS B 184 2.29 36.52 -30.44
N GLU B 185 2.44 36.37 -31.76
CA GLU B 185 2.23 35.10 -32.43
C GLU B 185 3.53 34.67 -33.09
N CYS B 186 3.91 33.42 -32.87
CA CYS B 186 5.16 32.91 -33.42
C CYS B 186 5.02 32.70 -34.93
N PRO B 187 5.93 33.26 -35.73
CA PRO B 187 5.86 33.00 -37.19
C PRO B 187 6.06 31.55 -37.56
N TYR B 188 6.73 30.76 -36.74
CA TYR B 188 6.91 29.33 -37.02
C TYR B 188 5.65 28.52 -36.76
N ASP B 189 4.63 29.10 -36.16
CA ASP B 189 3.38 28.38 -35.93
C ASP B 189 2.72 28.02 -37.25
N MET B 190 2.15 26.82 -37.31
CA MET B 190 1.55 26.31 -38.53
C MET B 190 0.03 26.36 -38.54
N GLY B 191 -0.61 26.54 -37.38
CA GLY B 191 -2.05 26.54 -37.31
C GLY B 191 -2.63 25.15 -37.42
N GLY B 192 -3.89 25.09 -37.85
CA GLY B 192 -4.59 23.83 -37.98
C GLY B 192 -5.27 23.34 -36.73
N TYR B 193 -5.45 24.20 -35.72
CA TYR B 193 -6.07 23.81 -34.47
C TYR B 193 -7.03 24.91 -34.03
N PHE B 194 -8.00 24.53 -33.21
CA PHE B 194 -8.97 25.46 -32.65
C PHE B 194 -8.54 25.85 -31.24
N VAL B 195 -9.15 26.93 -30.74
CA VAL B 195 -8.93 27.40 -29.38
C VAL B 195 -10.28 27.41 -28.67
N ILE B 196 -10.44 26.55 -27.68
CA ILE B 196 -11.66 26.45 -26.88
C ILE B 196 -11.28 26.65 -25.43
N ASN B 197 -11.85 27.68 -24.80
CA ASN B 197 -11.60 28.01 -23.40
C ASN B 197 -10.11 28.17 -23.12
N GLY B 198 -9.39 28.76 -24.08
CA GLY B 198 -7.96 28.96 -23.93
C GLY B 198 -7.13 27.72 -24.12
N SER B 199 -7.72 26.62 -24.58
CA SER B 199 -7.01 25.37 -24.78
C SER B 199 -6.95 25.05 -26.27
N GLU B 200 -5.78 24.65 -26.75
CA GLU B 200 -5.60 24.30 -28.15
C GLU B 200 -6.10 22.88 -28.39
N LYS B 201 -7.05 22.74 -29.31
CA LYS B 201 -7.68 21.47 -29.62
C LYS B 201 -7.41 21.10 -31.07
N VAL B 202 -7.01 19.86 -31.30
CA VAL B 202 -6.73 19.33 -32.63
C VAL B 202 -7.66 18.15 -32.88
N LEU B 203 -8.18 18.09 -34.10
CA LEU B 203 -9.12 17.03 -34.49
C LEU B 203 -8.35 15.93 -35.20
N ILE B 204 -8.24 14.77 -34.56
CA ILE B 204 -7.59 13.61 -35.16
C ILE B 204 -8.44 13.11 -36.32
N ALA B 205 -7.78 12.74 -37.42
CA ALA B 205 -8.51 12.21 -38.56
C ALA B 205 -9.13 10.86 -38.19
N GLN B 206 -10.32 10.60 -38.71
CA GLN B 206 -11.07 9.37 -38.39
C GLN B 206 -11.10 8.47 -39.61
N GLU B 207 -10.60 7.25 -39.48
CA GLU B 207 -10.51 6.33 -40.61
C GLU B 207 -11.73 5.42 -40.62
N ARG B 208 -12.40 5.34 -41.77
CA ARG B 208 -13.62 4.57 -41.91
C ARG B 208 -13.61 3.83 -43.24
N SER B 209 -14.53 2.89 -43.39
CA SER B 209 -14.68 2.18 -44.65
C SER B 209 -15.43 3.04 -45.66
N ALA B 210 -15.03 2.94 -46.92
CA ALA B 210 -15.66 3.72 -47.97
C ALA B 210 -17.08 3.23 -48.21
N ALA B 211 -17.98 4.15 -48.53
CA ALA B 211 -19.37 3.86 -48.79
C ALA B 211 -19.64 3.79 -50.29
N ASN B 212 -20.86 3.36 -50.63
CA ASN B 212 -21.31 3.24 -52.01
C ASN B 212 -20.44 2.28 -52.81
N ILE B 213 -19.91 1.25 -52.16
CA ILE B 213 -19.12 0.21 -52.81
C ILE B 213 -19.63 -1.15 -52.38
N VAL B 214 -19.40 -2.15 -53.21
CA VAL B 214 -19.84 -3.52 -52.96
C VAL B 214 -18.65 -4.35 -52.53
N GLN B 215 -18.75 -5.01 -51.37
CA GLN B 215 -17.68 -5.84 -50.85
C GLN B 215 -18.22 -7.22 -50.51
N VAL B 216 -17.53 -8.26 -50.96
CA VAL B 216 -17.96 -9.64 -50.77
C VAL B 216 -16.97 -10.33 -49.86
N PHE B 217 -17.48 -11.00 -48.83
CA PHE B 217 -16.66 -11.69 -47.84
C PHE B 217 -17.18 -13.11 -47.66
N LYS B 218 -16.37 -13.94 -47.01
CA LYS B 218 -16.74 -15.30 -46.68
C LYS B 218 -17.28 -15.34 -45.25
N LYS B 219 -17.61 -16.55 -44.78
CA LYS B 219 -18.15 -16.74 -43.44
C LYS B 219 -17.54 -17.97 -42.81
N ALA B 220 -17.65 -18.05 -41.49
CA ALA B 220 -17.10 -19.18 -40.75
C ALA B 220 -17.89 -20.45 -41.04
N ALA B 221 -17.27 -21.59 -40.71
CA ALA B 221 -17.89 -22.88 -40.95
C ALA B 221 -19.22 -23.07 -40.21
N PRO B 222 -19.33 -22.77 -38.89
CA PRO B 222 -20.65 -23.01 -38.27
C PRO B 222 -21.65 -21.88 -38.55
N SER B 223 -22.07 -21.78 -39.81
CA SER B 223 -23.04 -20.76 -40.21
C SER B 223 -23.69 -21.19 -41.50
N PRO B 224 -25.01 -21.09 -41.63
CA PRO B 224 -25.66 -21.42 -42.91
C PRO B 224 -25.22 -20.54 -44.07
N ILE B 225 -24.87 -19.29 -43.80
CA ILE B 225 -24.43 -18.38 -44.85
C ILE B 225 -23.02 -18.74 -45.28
N SER B 226 -22.82 -18.90 -46.59
CA SER B 226 -21.50 -19.23 -47.11
C SER B 226 -20.72 -17.98 -47.51
N HIS B 227 -21.34 -17.11 -48.32
CA HIS B 227 -20.72 -15.86 -48.74
C HIS B 227 -21.72 -14.73 -48.55
N VAL B 228 -21.19 -13.53 -48.31
CA VAL B 228 -22.02 -12.37 -48.01
C VAL B 228 -21.55 -11.19 -48.86
N ALA B 229 -22.51 -10.40 -49.35
CA ALA B 229 -22.23 -9.19 -50.11
C ALA B 229 -22.83 -8.01 -49.37
N GLU B 230 -22.02 -6.98 -49.12
CA GLU B 230 -22.43 -5.85 -48.32
C GLU B 230 -22.14 -4.54 -49.03
N ILE B 231 -23.05 -3.58 -48.89
CA ILE B 231 -22.88 -2.23 -49.43
C ILE B 231 -23.37 -1.24 -48.38
N ARG B 232 -22.62 -0.16 -48.19
CA ARG B 232 -23.03 0.94 -47.34
C ARG B 232 -23.40 2.12 -48.23
N SER B 233 -24.65 2.56 -48.14
CA SER B 233 -25.19 3.57 -49.03
C SER B 233 -25.12 4.94 -48.37
N ALA B 234 -24.60 5.92 -49.11
CA ALA B 234 -24.52 7.29 -48.64
C ALA B 234 -24.56 8.21 -49.85
N LEU B 235 -25.47 9.18 -49.84
CA LEU B 235 -25.61 10.08 -50.96
C LEU B 235 -24.41 11.03 -51.04
N GLU B 236 -24.15 11.52 -52.25
CA GLU B 236 -23.01 12.42 -52.45
C GLU B 236 -23.19 13.72 -51.69
N LYS B 237 -24.40 14.26 -51.68
CA LYS B 237 -24.68 15.53 -51.01
C LYS B 237 -24.67 15.32 -49.50
N GLY B 238 -23.56 15.69 -48.86
CA GLY B 238 -23.41 15.58 -47.43
C GLY B 238 -22.61 14.37 -46.98
N SER B 239 -22.56 13.31 -47.79
CA SER B 239 -21.78 12.11 -47.50
C SER B 239 -22.14 11.51 -46.15
N ARG B 240 -23.45 11.41 -45.89
CA ARG B 240 -23.97 10.84 -44.66
C ARG B 240 -24.57 9.47 -44.95
N LEU B 241 -24.30 8.52 -44.05
CA LEU B 241 -24.83 7.16 -44.21
C LEU B 241 -26.31 7.14 -43.88
N ILE B 242 -27.10 6.49 -44.74
CA ILE B 242 -28.54 6.38 -44.52
C ILE B 242 -28.83 5.00 -43.96
N SER B 243 -28.50 3.96 -44.74
CA SER B 243 -28.81 2.59 -44.35
C SER B 243 -27.87 1.66 -45.11
N THR B 244 -27.83 0.41 -44.68
CA THR B 244 -27.02 -0.62 -45.31
C THR B 244 -27.91 -1.76 -45.78
N MET B 245 -27.48 -2.41 -46.87
CA MET B 245 -28.18 -3.53 -47.46
C MET B 245 -27.22 -4.69 -47.58
N GLN B 246 -27.71 -5.92 -47.32
CA GLN B 246 -26.82 -7.07 -47.27
C GLN B 246 -27.44 -8.25 -48.00
N ILE B 247 -26.70 -8.83 -48.94
CA ILE B 247 -27.14 -10.01 -49.68
C ILE B 247 -26.38 -11.22 -49.16
N LYS B 248 -27.11 -12.26 -48.76
CA LYS B 248 -26.54 -13.45 -48.18
C LYS B 248 -26.83 -14.66 -49.08
N LEU B 249 -25.90 -15.61 -49.09
CA LEU B 249 -26.04 -16.86 -49.82
C LEU B 249 -26.14 -17.97 -48.77
N TYR B 250 -27.37 -18.31 -48.40
CA TYR B 250 -27.59 -19.36 -47.43
C TYR B 250 -27.25 -20.73 -48.02
N GLY B 251 -26.72 -21.61 -47.18
CA GLY B 251 -26.42 -22.97 -47.59
C GLY B 251 -24.94 -23.30 -47.63
N ARG B 252 -24.48 -24.01 -46.61
CA ARG B 252 -23.13 -24.54 -46.60
C ARG B 252 -23.00 -25.66 -47.62
N GLU B 253 -21.75 -25.98 -47.98
CA GLU B 253 -21.51 -27.07 -48.91
C GLU B 253 -22.02 -28.39 -48.35
N ASP B 254 -22.78 -29.12 -49.16
CA ASP B 254 -23.41 -30.39 -48.77
C ASP B 254 -24.31 -30.20 -47.55
N LYS B 255 -24.98 -29.05 -47.47
CA LYS B 255 -25.86 -28.73 -46.35
C LYS B 255 -26.77 -27.58 -46.76
N GLY B 256 -27.67 -27.21 -45.85
CA GLY B 256 -28.52 -26.05 -46.04
C GLY B 256 -29.73 -26.28 -46.92
N THR B 257 -29.96 -27.51 -47.41
CA THR B 257 -31.06 -27.86 -48.30
C THR B 257 -31.01 -26.93 -49.50
N GLY B 258 -31.98 -26.06 -49.72
CA GLY B 258 -31.93 -25.15 -50.86
C GLY B 258 -30.90 -24.07 -50.65
N ARG B 259 -30.11 -23.80 -51.70
CA ARG B 259 -29.07 -22.78 -51.63
C ARG B 259 -29.60 -21.43 -52.13
N THR B 260 -30.59 -20.93 -51.40
CA THR B 260 -31.23 -19.68 -51.79
C THR B 260 -30.33 -18.48 -51.51
N ILE B 261 -30.59 -17.40 -52.24
CA ILE B 261 -29.90 -16.13 -52.06
C ILE B 261 -30.94 -15.12 -51.59
N LYS B 262 -30.70 -14.53 -50.42
CA LYS B 262 -31.70 -13.69 -49.77
C LYS B 262 -31.13 -12.30 -49.53
N ALA B 263 -31.92 -11.28 -49.85
CA ALA B 263 -31.56 -9.90 -49.60
C ALA B 263 -32.08 -9.44 -48.24
N THR B 264 -31.39 -8.46 -47.67
CA THR B 264 -31.74 -7.89 -46.38
C THR B 264 -31.69 -6.38 -46.52
N LEU B 265 -32.86 -5.76 -46.45
CA LEU B 265 -33.07 -4.34 -46.63
C LEU B 265 -33.26 -3.66 -45.28
N PRO B 266 -33.20 -2.33 -45.23
CA PRO B 266 -33.58 -1.62 -44.01
C PRO B 266 -35.10 -1.62 -43.83
N TYR B 267 -35.52 -1.32 -42.60
CA TYR B 267 -36.93 -1.19 -42.23
C TYR B 267 -37.70 -2.49 -42.48
N VAL B 268 -37.01 -3.63 -42.29
CA VAL B 268 -37.61 -4.93 -42.55
C VAL B 268 -36.75 -6.00 -41.90
N LYS B 269 -37.40 -7.03 -41.38
CA LYS B 269 -36.75 -8.28 -41.00
C LYS B 269 -37.35 -9.41 -41.83
N GLN B 270 -36.99 -10.65 -41.50
CA GLN B 270 -37.40 -11.83 -42.25
C GLN B 270 -36.99 -11.70 -43.72
N ASP B 271 -35.66 -11.72 -43.91
CA ASP B 271 -35.02 -11.43 -45.19
C ASP B 271 -35.69 -12.15 -46.34
N ILE B 272 -35.89 -11.41 -47.43
CA ILE B 272 -36.65 -11.87 -48.59
C ILE B 272 -35.69 -12.46 -49.62
N PRO B 273 -36.02 -13.60 -50.22
CA PRO B 273 -35.18 -14.12 -51.31
C PRO B 273 -35.12 -13.16 -52.50
N ILE B 274 -34.01 -13.23 -53.22
CA ILE B 274 -33.66 -12.18 -54.17
C ILE B 274 -34.55 -12.22 -55.41
N VAL B 275 -35.09 -13.39 -55.75
CA VAL B 275 -35.94 -13.49 -56.94
C VAL B 275 -37.25 -12.73 -56.74
N ILE B 276 -37.80 -12.78 -55.51
CA ILE B 276 -39.04 -12.05 -55.25
C ILE B 276 -38.81 -10.55 -55.33
N VAL B 277 -37.68 -10.05 -54.83
CA VAL B 277 -37.45 -8.61 -54.93
C VAL B 277 -37.17 -8.22 -56.38
N PHE B 278 -36.50 -9.07 -57.16
CA PHE B 278 -36.42 -8.86 -58.60
C PHE B 278 -37.79 -8.68 -59.22
N ARG B 279 -38.71 -9.59 -58.91
CA ARG B 279 -40.06 -9.47 -59.46
C ARG B 279 -40.77 -8.23 -58.92
N ALA B 280 -40.44 -7.80 -57.71
CA ALA B 280 -41.08 -6.64 -57.10
C ALA B 280 -40.66 -5.34 -57.75
N LEU B 281 -39.38 -5.22 -58.14
CA LEU B 281 -38.93 -4.01 -58.83
C LEU B 281 -39.59 -3.83 -60.20
N GLY B 282 -40.16 -4.88 -60.76
CA GLY B 282 -40.93 -4.73 -61.98
C GLY B 282 -40.46 -5.56 -63.15
N VAL B 283 -39.69 -6.61 -62.89
CA VAL B 283 -39.19 -7.50 -63.94
C VAL B 283 -39.80 -8.87 -63.66
N VAL B 284 -40.89 -9.18 -64.34
CA VAL B 284 -41.66 -10.39 -64.09
C VAL B 284 -41.02 -11.63 -64.71
N PRO B 285 -40.72 -11.68 -66.01
CA PRO B 285 -40.23 -12.94 -66.59
C PRO B 285 -38.84 -13.31 -66.07
N ASP B 286 -38.62 -14.62 -65.96
CA ASP B 286 -37.37 -15.13 -65.41
C ASP B 286 -36.22 -15.04 -66.40
N GLY B 287 -36.51 -15.04 -67.70
CA GLY B 287 -35.45 -14.87 -68.69
C GLY B 287 -34.74 -13.54 -68.55
N GLU B 288 -35.51 -12.47 -68.32
CA GLU B 288 -34.90 -11.17 -68.05
C GLU B 288 -34.13 -11.19 -66.74
N ILE B 289 -34.59 -11.95 -65.75
CA ILE B 289 -33.85 -12.08 -64.50
C ILE B 289 -32.47 -12.67 -64.75
N LEU B 290 -32.41 -13.79 -65.48
CA LEU B 290 -31.14 -14.41 -65.77
C LEU B 290 -30.26 -13.55 -66.66
N GLN B 291 -30.87 -12.78 -67.58
CA GLN B 291 -30.09 -11.85 -68.39
C GLN B 291 -29.48 -10.75 -67.53
N HIS B 292 -30.23 -10.26 -66.54
CA HIS B 292 -29.69 -9.26 -65.61
C HIS B 292 -28.56 -9.83 -64.77
N ILE B 293 -28.72 -11.07 -64.29
CA ILE B 293 -27.70 -11.65 -63.41
C ILE B 293 -26.49 -12.11 -64.21
N CYS B 294 -26.68 -13.04 -65.13
CA CYS B 294 -25.58 -13.66 -65.88
C CYS B 294 -25.46 -12.99 -67.24
N TYR B 295 -24.29 -12.42 -67.52
CA TYR B 295 -24.03 -11.74 -68.78
C TYR B 295 -23.38 -12.64 -69.82
N ASP B 296 -23.16 -13.91 -69.49
CA ASP B 296 -22.57 -14.86 -70.42
C ASP B 296 -23.35 -16.16 -70.37
N GLU B 297 -23.98 -16.52 -71.49
CA GLU B 297 -24.79 -17.74 -71.53
C GLU B 297 -23.94 -19.00 -71.44
N ASN B 298 -22.64 -18.91 -71.71
CA ASN B 298 -21.77 -20.08 -71.64
C ASN B 298 -21.49 -20.50 -70.20
N ASP B 299 -21.76 -19.64 -69.23
CA ASP B 299 -21.50 -19.95 -67.82
C ASP B 299 -22.67 -20.79 -67.29
N TRP B 300 -22.56 -22.10 -67.53
CA TRP B 300 -23.60 -23.01 -67.08
C TRP B 300 -23.55 -23.23 -65.57
N GLN B 301 -22.38 -23.06 -64.95
CA GLN B 301 -22.27 -23.21 -63.50
C GLN B 301 -23.09 -22.15 -62.78
N MET B 302 -23.04 -20.91 -63.27
CA MET B 302 -23.83 -19.84 -62.66
C MET B 302 -25.32 -20.11 -62.78
N LEU B 303 -25.76 -20.59 -63.94
CA LEU B 303 -27.17 -20.93 -64.12
C LEU B 303 -27.59 -22.09 -63.21
N GLU B 304 -26.72 -23.09 -63.08
CA GLU B 304 -27.02 -24.22 -62.20
C GLU B 304 -27.13 -23.77 -60.75
N MET B 305 -26.26 -22.84 -60.33
CA MET B 305 -26.36 -22.31 -58.98
C MET B 305 -27.60 -21.46 -58.80
N LEU B 306 -28.04 -20.76 -59.86
CA LEU B 306 -29.23 -19.92 -59.77
C LEU B 306 -30.53 -20.70 -59.86
N LYS B 307 -30.48 -21.94 -60.34
CA LYS B 307 -31.71 -22.73 -60.45
C LYS B 307 -32.48 -22.88 -59.14
N PRO B 308 -31.86 -23.12 -57.97
CA PRO B 308 -32.65 -23.14 -56.73
C PRO B 308 -33.42 -21.86 -56.48
N CYS B 309 -32.86 -20.70 -56.86
CA CYS B 309 -33.59 -19.44 -56.68
C CYS B 309 -34.87 -19.43 -57.51
N ILE B 310 -34.80 -19.90 -58.76
CA ILE B 310 -35.99 -19.99 -59.60
C ILE B 310 -37.00 -20.97 -59.02
N GLU B 311 -36.51 -22.12 -58.54
CA GLU B 311 -37.41 -23.12 -57.96
C GLU B 311 -38.13 -22.57 -56.75
N GLU B 312 -37.42 -21.81 -55.90
CA GLU B 312 -38.04 -21.25 -54.71
C GLU B 312 -38.99 -20.11 -55.07
N GLY B 313 -38.64 -19.28 -56.05
CA GLY B 313 -39.44 -18.14 -56.43
C GLY B 313 -40.57 -18.42 -57.40
N PHE B 314 -40.69 -19.66 -57.89
CA PHE B 314 -41.81 -19.99 -58.76
C PHE B 314 -43.17 -19.81 -58.09
N VAL B 315 -43.22 -19.82 -56.75
CA VAL B 315 -44.49 -19.60 -56.05
C VAL B 315 -45.01 -18.19 -56.30
N ILE B 316 -44.11 -17.24 -56.57
CA ILE B 316 -44.49 -15.87 -56.91
C ILE B 316 -44.44 -15.71 -58.42
N GLN B 317 -45.52 -15.19 -59.00
CA GLN B 317 -45.66 -15.11 -60.45
C GLN B 317 -45.70 -13.69 -60.97
N ASP B 318 -46.40 -12.77 -60.30
CA ASP B 318 -46.59 -11.42 -60.79
C ASP B 318 -45.94 -10.42 -59.84
N LYS B 319 -45.87 -9.17 -60.31
CA LYS B 319 -45.28 -8.10 -59.50
C LYS B 319 -46.13 -7.78 -58.28
N GLU B 320 -47.45 -7.79 -58.44
CA GLU B 320 -48.34 -7.41 -57.34
C GLU B 320 -48.26 -8.39 -56.18
N VAL B 321 -48.22 -9.69 -56.47
CA VAL B 321 -48.14 -10.67 -55.39
C VAL B 321 -46.78 -10.59 -54.69
N ALA B 322 -45.71 -10.30 -55.43
CA ALA B 322 -44.41 -10.10 -54.79
C ALA B 322 -44.42 -8.87 -53.89
N LEU B 323 -45.06 -7.79 -54.35
CA LEU B 323 -45.16 -6.59 -53.54
C LEU B 323 -45.96 -6.86 -52.27
N ASP B 324 -47.05 -7.61 -52.39
CA ASP B 324 -47.86 -7.97 -51.22
C ASP B 324 -47.09 -8.85 -50.25
N PHE B 325 -46.30 -9.79 -50.78
CA PHE B 325 -45.46 -10.63 -49.92
C PHE B 325 -44.43 -9.81 -49.18
N ILE B 326 -43.82 -8.84 -49.86
CA ILE B 326 -42.86 -7.96 -49.21
C ILE B 326 -43.55 -7.14 -48.13
N GLY B 327 -44.75 -6.62 -48.42
CA GLY B 327 -45.47 -5.84 -47.44
C GLY B 327 -45.84 -6.65 -46.20
N ARG B 328 -46.28 -7.90 -46.40
CA ARG B 328 -46.55 -8.78 -45.27
C ARG B 328 -45.29 -9.07 -44.48
N ARG B 329 -44.16 -9.29 -45.15
CA ARG B 329 -42.90 -9.52 -44.46
C ARG B 329 -42.15 -8.24 -44.16
N GLY B 330 -42.69 -7.08 -44.51
CA GLY B 330 -42.00 -5.81 -44.37
C GLY B 330 -42.07 -5.15 -43.02
N SER B 331 -42.76 -5.77 -42.05
CA SER B 331 -42.93 -5.21 -40.71
C SER B 331 -43.60 -3.83 -40.76
N ALA B 332 -43.46 -3.07 -39.68
CA ALA B 332 -44.05 -1.73 -39.56
C ALA B 332 -45.55 -1.73 -39.82
N ALA B 333 -46.18 -2.89 -39.64
CA ALA B 333 -47.61 -3.09 -39.90
C ALA B 333 -48.02 -4.43 -39.32
N LEU B 334 -49.30 -4.52 -38.93
CA LEU B 334 -49.84 -5.77 -38.40
C LEU B 334 -51.31 -5.82 -38.78
N GLY B 335 -51.62 -6.53 -39.86
CA GLY B 335 -52.98 -6.62 -40.35
C GLY B 335 -53.54 -5.29 -40.80
N ILE B 336 -52.75 -4.55 -41.57
CA ILE B 336 -53.12 -3.20 -41.99
C ILE B 336 -53.64 -3.19 -43.43
N ARG B 337 -54.09 -4.35 -43.92
CA ARG B 337 -54.79 -4.52 -45.19
C ARG B 337 -53.88 -4.27 -46.38
N ARG B 338 -54.29 -4.75 -47.57
CA ARG B 338 -53.39 -4.89 -48.71
C ARG B 338 -52.88 -3.56 -49.24
N GLU B 339 -53.73 -2.52 -49.24
CA GLU B 339 -53.34 -1.23 -49.80
C GLU B 339 -52.15 -0.64 -49.04
N LYS B 340 -52.18 -0.72 -47.70
CA LYS B 340 -51.03 -0.25 -46.94
C LYS B 340 -49.81 -1.10 -47.18
N ARG B 341 -49.99 -2.41 -47.38
CA ARG B 341 -48.85 -3.27 -47.71
C ARG B 341 -48.18 -2.83 -49.00
N ILE B 342 -48.97 -2.60 -50.05
CA ILE B 342 -48.39 -2.23 -51.34
C ILE B 342 -47.81 -0.82 -51.28
N GLN B 343 -48.42 0.08 -50.50
CA GLN B 343 -47.86 1.41 -50.36
C GLN B 343 -46.52 1.37 -49.63
N TYR B 344 -46.42 0.57 -48.56
CA TYR B 344 -45.17 0.43 -47.84
C TYR B 344 -44.10 -0.21 -48.72
N ALA B 345 -44.49 -1.20 -49.53
CA ALA B 345 -43.54 -1.82 -50.44
C ALA B 345 -43.06 -0.83 -51.49
N LYS B 346 -43.96 -0.01 -52.03
CA LYS B 346 -43.55 1.02 -52.97
C LYS B 346 -42.58 2.00 -52.34
N ASP B 347 -42.86 2.42 -51.10
CA ASP B 347 -41.96 3.33 -50.40
C ASP B 347 -40.59 2.69 -50.14
N ILE B 348 -40.57 1.42 -49.76
CA ILE B 348 -39.31 0.78 -49.42
C ILE B 348 -38.51 0.39 -50.67
N LEU B 349 -39.15 0.28 -51.83
CA LEU B 349 -38.38 0.08 -53.05
C LEU B 349 -37.93 1.39 -53.68
N GLN B 350 -38.77 2.43 -53.66
CA GLN B 350 -38.36 3.72 -54.20
C GLN B 350 -37.35 4.40 -53.30
N LYS B 351 -37.58 4.36 -51.99
CA LYS B 351 -36.67 4.95 -51.01
C LYS B 351 -36.11 3.86 -50.12
N GLU B 352 -34.91 4.12 -49.58
CA GLU B 352 -34.16 3.26 -48.66
C GLU B 352 -33.62 2.00 -49.34
N LEU B 353 -33.90 1.77 -50.61
CA LEU B 353 -33.30 0.68 -51.37
C LEU B 353 -32.24 1.29 -52.28
N LEU B 354 -30.99 1.21 -51.84
CA LEU B 354 -29.87 1.87 -52.50
C LEU B 354 -30.17 3.34 -52.77
N PRO B 355 -30.35 4.16 -51.73
CA PRO B 355 -30.67 5.58 -51.96
C PRO B 355 -29.56 6.35 -52.65
N HIS B 356 -28.32 5.86 -52.63
CA HIS B 356 -27.23 6.58 -53.28
C HIS B 356 -27.37 6.61 -54.79
N ILE B 357 -28.18 5.72 -55.38
CA ILE B 357 -28.40 5.75 -56.82
C ILE B 357 -29.45 6.79 -57.18
N THR B 358 -30.67 6.61 -56.68
CA THR B 358 -31.76 7.53 -56.93
C THR B 358 -32.83 7.33 -55.87
N GLN B 359 -33.72 8.33 -55.76
CA GLN B 359 -34.80 8.29 -54.78
C GLN B 359 -36.13 8.71 -55.39
N GLU B 360 -36.33 8.42 -56.68
CA GLU B 360 -37.55 8.80 -57.38
C GLU B 360 -38.04 7.62 -58.22
N GLU B 361 -39.35 7.59 -58.45
CA GLU B 361 -39.95 6.52 -59.23
C GLU B 361 -39.66 6.69 -60.71
N GLY B 362 -39.88 5.61 -61.47
CA GLY B 362 -39.63 5.62 -62.89
C GLY B 362 -38.19 5.41 -63.29
N PHE B 363 -37.29 5.18 -62.33
CA PHE B 363 -35.87 5.01 -62.59
C PHE B 363 -35.34 3.76 -61.88
N GLU B 364 -36.12 2.69 -61.91
CA GLU B 364 -35.74 1.43 -61.26
C GLU B 364 -34.88 0.55 -62.15
N THR B 365 -34.68 0.92 -63.41
CA THR B 365 -33.85 0.12 -64.30
C THR B 365 -32.41 0.06 -63.80
N ARG B 366 -31.83 1.21 -63.48
CA ARG B 366 -30.47 1.21 -62.96
C ARG B 366 -30.38 0.56 -61.58
N LYS B 367 -31.44 0.67 -60.78
CA LYS B 367 -31.45 0.02 -59.48
C LYS B 367 -31.39 -1.49 -59.63
N THR B 368 -32.24 -2.06 -60.49
CA THR B 368 -32.23 -3.51 -60.66
C THR B 368 -30.98 -3.97 -61.40
N PHE B 369 -30.40 -3.12 -62.26
CA PHE B 369 -29.14 -3.48 -62.90
C PHE B 369 -28.00 -3.53 -61.89
N PHE B 370 -27.93 -2.56 -60.98
CA PHE B 370 -26.92 -2.60 -59.93
C PHE B 370 -27.12 -3.80 -59.00
N LEU B 371 -28.37 -4.12 -58.69
CA LEU B 371 -28.64 -5.28 -57.85
C LEU B 371 -28.23 -6.57 -58.54
N GLY B 372 -28.48 -6.68 -59.86
CA GLY B 372 -28.02 -7.83 -60.61
C GLY B 372 -26.51 -7.92 -60.67
N TYR B 373 -25.84 -6.77 -60.82
CA TYR B 373 -24.38 -6.76 -60.79
C TYR B 373 -23.85 -7.22 -59.44
N MET B 374 -24.50 -6.78 -58.35
CA MET B 374 -24.10 -7.21 -57.02
C MET B 374 -24.25 -8.71 -56.86
N VAL B 375 -25.37 -9.27 -57.34
CA VAL B 375 -25.58 -10.71 -57.28
C VAL B 375 -24.53 -11.44 -58.12
N ASN B 376 -24.20 -10.89 -59.28
CA ASN B 376 -23.18 -11.51 -60.13
C ASN B 376 -21.82 -11.51 -59.45
N ARG B 377 -21.47 -10.41 -58.78
CA ARG B 377 -20.21 -10.37 -58.04
C ARG B 377 -20.20 -11.38 -56.90
N LEU B 378 -21.32 -11.50 -56.18
CA LEU B 378 -21.40 -12.48 -55.10
C LEU B 378 -21.23 -13.90 -55.63
N LEU B 379 -21.87 -14.21 -56.76
CA LEU B 379 -21.75 -15.55 -57.32
C LEU B 379 -20.36 -15.81 -57.90
N LEU B 380 -19.72 -14.78 -58.45
CA LEU B 380 -18.34 -14.93 -58.91
C LEU B 380 -17.41 -15.24 -57.75
N CYS B 381 -17.60 -14.56 -56.62
CA CYS B 381 -16.79 -14.86 -55.45
C CYS B 381 -17.10 -16.25 -54.90
N ALA B 382 -18.37 -16.66 -54.96
CA ALA B 382 -18.74 -17.98 -54.46
C ALA B 382 -18.23 -19.10 -55.35
N LEU B 383 -18.10 -18.85 -56.66
CA LEU B 383 -17.61 -19.84 -57.61
C LEU B 383 -16.09 -20.02 -57.56
N GLU B 384 -15.43 -19.44 -56.56
CA GLU B 384 -13.98 -19.51 -56.41
C GLU B 384 -13.24 -18.99 -57.64
N ARG B 385 -13.78 -17.94 -58.25
CA ARG B 385 -13.11 -17.28 -59.37
C ARG B 385 -12.43 -15.98 -58.96
N LYS B 386 -13.00 -15.23 -58.03
CA LYS B 386 -12.41 -14.01 -57.54
C LYS B 386 -12.21 -14.12 -56.03
N ASP B 387 -11.05 -13.69 -55.56
CA ASP B 387 -10.78 -13.71 -54.13
C ASP B 387 -11.65 -12.70 -53.41
N GLN B 388 -11.93 -13.00 -52.13
CA GLN B 388 -12.75 -12.09 -51.33
C GLN B 388 -12.04 -10.77 -51.12
N ASP B 389 -12.83 -9.70 -51.04
CA ASP B 389 -12.26 -8.36 -50.91
C ASP B 389 -11.55 -8.21 -49.57
N ASP B 390 -10.39 -7.55 -49.61
CA ASP B 390 -9.59 -7.34 -48.41
C ASP B 390 -10.14 -6.15 -47.63
N ARG B 391 -10.41 -6.36 -46.34
CA ARG B 391 -10.89 -5.27 -45.49
C ARG B 391 -9.78 -4.32 -45.11
N ASP B 392 -8.51 -4.72 -45.25
CA ASP B 392 -7.38 -3.90 -44.90
C ASP B 392 -6.84 -3.08 -46.07
N HIS B 393 -7.45 -3.20 -47.24
CA HIS B 393 -6.99 -2.44 -48.40
C HIS B 393 -7.20 -0.95 -48.14
N PHE B 394 -6.10 -0.19 -48.11
CA PHE B 394 -6.17 1.22 -47.77
C PHE B 394 -6.85 2.05 -48.86
N GLY B 395 -6.96 1.52 -50.08
CA GLY B 395 -7.67 2.22 -51.13
C GLY B 395 -9.18 2.18 -51.01
N LYS B 396 -9.71 1.31 -50.15
CA LYS B 396 -11.14 1.22 -49.90
C LYS B 396 -11.54 1.90 -48.60
N LYS B 397 -10.74 2.84 -48.13
CA LYS B 397 -10.98 3.52 -46.87
C LYS B 397 -10.92 5.02 -47.06
N ARG B 398 -11.61 5.75 -46.18
CA ARG B 398 -11.69 7.19 -46.24
C ARG B 398 -11.27 7.79 -44.90
N LEU B 399 -10.76 9.02 -44.96
CA LEU B 399 -10.34 9.76 -43.78
C LEU B 399 -11.24 10.97 -43.61
N ASP B 400 -12.03 10.98 -42.53
CA ASP B 400 -12.86 12.12 -42.17
C ASP B 400 -11.99 13.11 -41.41
N LEU B 401 -11.80 14.29 -41.98
CA LEU B 401 -11.09 15.39 -41.36
C LEU B 401 -12.10 16.29 -40.66
N ALA B 402 -11.66 17.50 -40.27
CA ALA B 402 -12.53 18.44 -39.56
C ALA B 402 -13.77 18.80 -40.38
N GLY B 403 -13.64 18.82 -41.71
CA GLY B 403 -14.72 19.22 -42.58
C GLY B 403 -15.98 18.40 -42.45
N PRO B 404 -15.92 17.11 -42.81
CA PRO B 404 -17.13 16.27 -42.72
C PRO B 404 -17.69 16.14 -41.32
N LEU B 405 -16.83 16.04 -40.30
CA LEU B 405 -17.32 15.91 -38.93
C LEU B 405 -18.04 17.19 -38.49
N LEU B 406 -17.46 18.35 -38.80
CA LEU B 406 -18.12 19.60 -38.50
C LEU B 406 -19.42 19.75 -39.29
N ALA B 407 -19.46 19.24 -40.51
CA ALA B 407 -20.68 19.31 -41.31
C ALA B 407 -21.79 18.47 -40.68
N ASN B 408 -21.47 17.25 -40.26
CA ASN B 408 -22.48 16.41 -39.60
C ASN B 408 -22.94 17.04 -38.29
N LEU B 409 -22.00 17.58 -37.51
CA LEU B 409 -22.37 18.23 -36.25
C LEU B 409 -23.26 19.43 -36.49
N PHE B 410 -22.93 20.25 -37.49
CA PHE B 410 -23.76 21.42 -37.79
C PHE B 410 -25.13 21.01 -38.29
N ARG B 411 -25.21 19.92 -39.06
CA ARG B 411 -26.52 19.42 -39.49
C ARG B 411 -27.37 19.01 -38.30
N ILE B 412 -26.78 18.29 -37.34
CA ILE B 412 -27.52 17.87 -36.15
C ILE B 412 -27.96 19.09 -35.34
N LEU B 413 -27.06 20.05 -35.15
CA LEU B 413 -27.39 21.23 -34.37
C LEU B 413 -28.44 22.09 -35.06
N PHE B 414 -28.39 22.19 -36.38
CA PHE B 414 -29.41 22.93 -37.11
C PHE B 414 -30.76 22.24 -37.04
N ARG B 415 -30.77 20.91 -37.08
CA ARG B 415 -32.02 20.18 -36.88
C ARG B 415 -32.61 20.46 -35.50
N LYS B 416 -31.76 20.45 -34.48
CA LYS B 416 -32.23 20.75 -33.12
C LYS B 416 -32.76 22.16 -33.02
N LEU B 417 -32.05 23.13 -33.64
CA LEU B 417 -32.50 24.51 -33.61
C LEU B 417 -33.84 24.69 -34.34
N THR B 418 -34.01 24.00 -35.48
CA THR B 418 -35.27 24.08 -36.19
C THR B 418 -36.41 23.48 -35.37
N ARG B 419 -36.15 22.37 -34.68
CA ARG B 419 -37.17 21.79 -33.80
C ARG B 419 -37.53 22.76 -32.68
N GLU B 420 -36.54 23.39 -32.07
CA GLU B 420 -36.79 24.32 -30.97
C GLU B 420 -37.57 25.54 -31.45
N ILE B 421 -37.21 26.08 -32.63
CA ILE B 421 -37.92 27.25 -33.13
C ILE B 421 -39.33 26.88 -33.57
N TYR B 422 -39.53 25.66 -34.08
CA TYR B 422 -40.88 25.20 -34.39
C TYR B 422 -41.73 25.12 -33.14
N ARG B 423 -41.16 24.58 -32.05
CA ARG B 423 -41.88 24.56 -30.78
C ARG B 423 -42.21 25.96 -30.32
N TYR B 424 -41.26 26.89 -30.45
CA TYR B 424 -41.51 28.26 -30.01
C TYR B 424 -42.61 28.92 -30.83
N MET B 425 -42.60 28.75 -32.15
CA MET B 425 -43.62 29.41 -32.96
C MET B 425 -44.99 28.78 -32.76
N GLN B 426 -45.05 27.45 -32.55
CA GLN B 426 -46.35 26.85 -32.29
C GLN B 426 -46.89 27.27 -30.92
N ARG B 427 -46.00 27.44 -29.93
CA ARG B 427 -46.43 27.95 -28.63
C ARG B 427 -46.92 29.40 -28.76
N CYS B 428 -46.22 30.21 -29.55
CA CYS B 428 -46.65 31.59 -29.75
C CYS B 428 -48.00 31.65 -30.44
N ILE B 429 -48.23 30.76 -31.40
CA ILE B 429 -49.52 30.74 -32.11
C ILE B 429 -50.63 30.30 -31.16
N GLU B 430 -50.39 29.25 -30.37
CA GLU B 430 -51.45 28.77 -29.48
C GLU B 430 -51.69 29.71 -28.31
N THR B 431 -50.72 30.58 -27.99
CA THR B 431 -50.94 31.62 -26.99
C THR B 431 -51.50 32.90 -27.60
N ASP B 432 -51.68 32.95 -28.92
CA ASP B 432 -52.23 34.09 -29.64
C ASP B 432 -51.41 35.36 -29.38
N ARG B 433 -50.15 35.30 -29.79
CA ARG B 433 -49.24 36.43 -29.67
C ARG B 433 -48.39 36.52 -30.93
N ASP B 434 -47.79 37.69 -31.13
CA ASP B 434 -46.95 37.95 -32.29
C ASP B 434 -45.48 37.92 -31.89
N PHE B 435 -44.69 37.10 -32.57
CA PHE B 435 -43.27 36.99 -32.30
C PHE B 435 -42.49 37.99 -33.14
N ASN B 436 -41.34 38.40 -32.62
CA ASN B 436 -40.47 39.36 -33.30
C ASN B 436 -39.46 38.69 -34.21
N LEU B 437 -39.46 37.36 -34.29
CA LEU B 437 -38.62 36.56 -35.18
C LEU B 437 -37.16 36.58 -34.74
N ASN B 438 -36.84 37.39 -33.72
CA ASN B 438 -35.49 37.48 -33.20
C ASN B 438 -35.31 36.79 -31.85
N LEU B 439 -36.35 36.76 -31.02
CA LEU B 439 -36.29 36.05 -29.74
C LEU B 439 -36.57 34.56 -29.90
N ALA B 440 -37.05 34.12 -31.06
CA ALA B 440 -37.32 32.71 -31.28
C ALA B 440 -36.04 31.92 -31.50
N VAL B 441 -35.07 32.51 -32.18
CA VAL B 441 -33.82 31.82 -32.50
C VAL B 441 -32.93 31.78 -31.26
N LYS B 442 -32.38 30.60 -30.98
CA LYS B 442 -31.46 30.40 -29.85
C LYS B 442 -30.10 30.03 -30.42
N SER B 443 -29.19 31.01 -30.47
CA SER B 443 -27.81 30.73 -30.85
C SER B 443 -27.08 29.94 -29.77
N THR B 444 -27.61 29.94 -28.54
CA THR B 444 -26.93 29.29 -27.44
C THR B 444 -26.80 27.78 -27.64
N THR B 445 -27.82 27.13 -28.24
CA THR B 445 -27.73 25.69 -28.43
C THR B 445 -26.60 25.32 -29.40
N ILE B 446 -26.49 26.04 -30.52
CA ILE B 446 -25.43 25.75 -31.48
C ILE B 446 -24.07 26.05 -30.87
N THR B 447 -23.94 27.21 -30.23
CA THR B 447 -22.65 27.59 -29.64
C THR B 447 -22.21 26.60 -28.58
N SER B 448 -23.11 26.25 -27.67
CA SER B 448 -22.78 25.32 -26.59
C SER B 448 -22.48 23.93 -27.13
N GLY B 449 -23.25 23.46 -28.12
CA GLY B 449 -22.99 22.15 -28.68
C GLY B 449 -21.62 22.06 -29.33
N LEU B 450 -21.28 23.06 -30.16
CA LEU B 450 -19.98 23.05 -30.81
C LEU B 450 -18.85 23.14 -29.78
N LYS B 451 -19.00 24.04 -28.80
CA LYS B 451 -17.96 24.22 -27.80
C LYS B 451 -17.76 22.95 -26.98
N TYR B 452 -18.85 22.33 -26.53
CA TYR B 452 -18.74 21.13 -25.71
C TYR B 452 -18.17 19.97 -26.51
N SER B 453 -18.61 19.79 -27.76
CA SER B 453 -18.09 18.70 -28.58
C SER B 453 -16.60 18.88 -28.84
N LEU B 454 -16.16 20.11 -29.11
CA LEU B 454 -14.73 20.32 -29.36
C LEU B 454 -13.91 20.21 -28.09
N ALA B 455 -14.44 20.66 -26.95
CA ALA B 455 -13.67 20.64 -25.71
C ALA B 455 -13.55 19.25 -25.12
N THR B 456 -14.63 18.47 -25.10
CA THR B 456 -14.60 17.17 -24.46
C THR B 456 -14.10 16.07 -25.38
N GLY B 457 -14.44 16.14 -26.67
CA GLY B 457 -14.10 15.11 -27.62
C GLY B 457 -15.20 14.10 -27.88
N ASN B 458 -16.20 14.04 -27.00
CA ASN B 458 -17.36 13.18 -27.23
C ASN B 458 -18.18 13.74 -28.38
N TRP B 459 -18.17 13.05 -29.52
CA TRP B 459 -18.79 13.57 -30.74
C TRP B 459 -20.29 13.28 -30.70
N GLY B 460 -20.99 14.09 -29.92
CA GLY B 460 -22.42 13.94 -29.78
C GLY B 460 -22.96 14.94 -28.78
N GLU B 461 -24.26 14.83 -28.52
CA GLU B 461 -24.90 15.74 -27.58
C GLU B 461 -24.53 15.38 -26.15
N GLN B 462 -24.80 16.31 -25.24
CA GLN B 462 -24.49 16.09 -23.82
C GLN B 462 -25.33 14.96 -23.25
N LYS B 463 -26.59 14.86 -23.67
CA LYS B 463 -27.48 13.82 -23.14
C LYS B 463 -26.98 12.42 -23.50
N LYS B 464 -26.51 12.24 -24.74
CA LYS B 464 -26.02 10.94 -25.18
C LYS B 464 -24.49 10.88 -25.03
N ALA B 465 -24.08 10.76 -23.76
CA ALA B 465 -22.65 10.64 -23.47
C ALA B 465 -22.08 9.35 -24.05
N MET B 466 -22.80 8.24 -23.90
CA MET B 466 -22.39 6.98 -24.47
C MET B 466 -22.88 6.85 -25.91
N SER B 467 -22.48 5.75 -26.56
CA SER B 467 -22.84 5.47 -27.95
C SER B 467 -22.40 6.60 -28.88
N SER B 468 -21.26 7.21 -28.55
CA SER B 468 -20.70 8.29 -29.34
C SER B 468 -19.18 8.16 -29.37
N ARG B 469 -18.58 8.61 -30.47
CA ARG B 469 -17.13 8.52 -30.61
C ARG B 469 -16.44 9.46 -29.62
N ALA B 470 -15.40 8.96 -28.97
CA ALA B 470 -14.64 9.72 -27.99
C ALA B 470 -13.19 9.83 -28.44
N GLY B 471 -12.52 10.89 -28.00
CA GLY B 471 -11.15 11.13 -28.39
C GLY B 471 -10.97 11.73 -29.75
N VAL B 472 -12.03 12.24 -30.38
CA VAL B 472 -11.90 12.87 -31.68
C VAL B 472 -11.06 14.14 -31.58
N SER B 473 -11.30 14.95 -30.55
CA SER B 473 -10.56 16.18 -30.32
C SER B 473 -9.65 16.00 -29.12
N GLN B 474 -8.38 16.37 -29.27
CA GLN B 474 -7.38 16.20 -28.23
C GLN B 474 -6.63 17.50 -27.99
N VAL B 475 -6.07 17.63 -26.79
CA VAL B 475 -5.26 18.80 -26.48
C VAL B 475 -3.97 18.73 -27.26
N LEU B 476 -3.64 19.83 -27.95
CA LEU B 476 -2.47 19.85 -28.82
C LEU B 476 -1.19 19.73 -28.01
N ASN B 477 -0.26 18.92 -28.51
CA ASN B 477 1.04 18.72 -27.86
C ASN B 477 1.98 19.85 -28.22
N ARG B 478 2.61 20.44 -27.20
CA ARG B 478 3.57 21.51 -27.42
C ARG B 478 4.90 21.20 -26.74
N TYR B 479 5.24 19.91 -26.62
CA TYR B 479 6.54 19.55 -26.07
C TYR B 479 7.67 19.98 -26.99
N THR B 480 7.50 19.81 -28.29
CA THR B 480 8.48 20.24 -29.27
C THR B 480 7.77 20.41 -30.61
N TYR B 481 8.48 21.02 -31.57
CA TYR B 481 7.90 21.30 -32.87
C TYR B 481 7.53 20.02 -33.61
N SER B 482 8.43 19.03 -33.58
CA SER B 482 8.17 17.77 -34.29
C SER B 482 6.97 17.04 -33.69
N SER B 483 6.86 17.04 -32.36
CA SER B 483 5.72 16.40 -31.72
C SER B 483 4.42 17.11 -32.08
N THR B 484 4.45 18.43 -32.16
CA THR B 484 3.27 19.19 -32.57
C THR B 484 2.85 18.83 -33.99
N LEU B 485 3.82 18.75 -34.91
CA LEU B 485 3.50 18.38 -36.29
C LEU B 485 2.94 16.96 -36.36
N SER B 486 3.54 16.03 -35.61
CA SER B 486 3.07 14.66 -35.62
C SER B 486 1.65 14.56 -35.08
N HIS B 487 1.36 15.31 -34.01
CA HIS B 487 -0.01 15.33 -33.48
C HIS B 487 -0.98 15.92 -34.49
N LEU B 488 -0.57 16.97 -35.20
CA LEU B 488 -1.43 17.57 -36.21
C LEU B 488 -1.61 16.69 -37.43
N ARG B 489 -0.77 15.66 -37.60
CA ARG B 489 -0.91 14.77 -38.75
C ARG B 489 -1.26 13.35 -38.33
N ARG B 490 -2.22 13.19 -37.42
CA ARG B 490 -2.54 11.91 -36.83
C ARG B 490 -3.91 11.40 -37.28
N THR B 491 -3.99 10.09 -37.53
CA THR B 491 -5.22 9.42 -37.89
C THR B 491 -5.47 8.26 -36.93
N ASN B 492 -6.74 8.01 -36.64
CA ASN B 492 -7.14 6.97 -35.70
C ASN B 492 -8.35 6.24 -36.26
N THR B 493 -8.48 4.96 -35.88
CA THR B 493 -9.62 4.15 -36.30
C THR B 493 -10.47 3.76 -35.10
N PRO B 494 -11.79 3.90 -35.20
CA PRO B 494 -12.68 3.54 -34.08
C PRO B 494 -13.04 2.05 -34.08
N ILE B 495 -12.04 1.20 -33.86
CA ILE B 495 -12.27 -0.23 -33.79
C ILE B 495 -11.88 -0.74 -32.41
N GLY B 496 -11.07 0.05 -31.71
CA GLY B 496 -10.64 -0.31 -30.37
C GLY B 496 -9.70 -1.50 -30.32
N LEU B 501 -8.12 -9.40 -32.21
CA LEU B 501 -8.03 -9.33 -33.66
C LEU B 501 -6.85 -8.47 -34.10
N ALA B 502 -5.83 -9.13 -34.67
CA ALA B 502 -4.63 -8.46 -35.14
C ALA B 502 -4.68 -8.10 -36.61
N LYS B 503 -5.79 -8.39 -37.30
CA LYS B 503 -5.89 -8.09 -38.72
C LYS B 503 -5.79 -6.60 -39.04
N PRO B 504 -6.51 -5.69 -38.39
CA PRO B 504 -6.37 -4.27 -38.73
C PRO B 504 -5.11 -3.61 -38.17
N ARG B 505 -4.42 -4.25 -37.23
CA ARG B 505 -3.23 -3.66 -36.63
C ARG B 505 -1.97 -3.87 -37.47
N GLN B 506 -2.04 -4.67 -38.53
CA GLN B 506 -0.86 -4.96 -39.32
C GLN B 506 -0.57 -3.82 -40.30
N LEU B 507 0.65 -3.81 -40.82
CA LEU B 507 1.07 -2.85 -41.82
C LEU B 507 0.81 -3.45 -43.19
N HIS B 508 -0.26 -3.01 -43.85
CA HIS B 508 -0.65 -3.56 -45.13
C HIS B 508 0.28 -3.06 -46.23
N ASN B 509 0.31 -3.81 -47.33
CA ASN B 509 1.12 -3.42 -48.48
C ASN B 509 0.64 -2.13 -49.10
N THR B 510 -0.67 -1.86 -49.01
CA THR B 510 -1.25 -0.66 -49.62
C THR B 510 -0.89 0.61 -48.84
N HIS B 511 -0.26 0.49 -47.68
CA HIS B 511 0.14 1.65 -46.88
C HIS B 511 1.41 2.31 -47.41
N TRP B 512 1.95 1.85 -48.53
CA TRP B 512 3.20 2.39 -49.05
C TRP B 512 3.00 3.83 -49.51
N GLY B 513 3.73 4.76 -48.90
CA GLY B 513 3.73 6.14 -49.31
C GLY B 513 2.56 6.98 -48.83
N LEU B 514 1.63 6.38 -48.07
CA LEU B 514 0.48 7.11 -47.56
C LEU B 514 0.50 7.31 -46.06
N VAL B 515 0.97 6.32 -45.30
CA VAL B 515 1.14 6.45 -43.86
C VAL B 515 2.55 5.98 -43.49
N CYS B 516 3.02 6.46 -42.35
CA CYS B 516 4.38 6.15 -41.93
C CYS B 516 4.48 4.68 -41.53
N PRO B 517 5.42 3.92 -42.12
CA PRO B 517 5.54 2.51 -41.74
C PRO B 517 6.19 2.28 -40.39
N ALA B 518 6.88 3.27 -39.83
CA ALA B 518 7.62 3.10 -38.60
C ALA B 518 6.92 3.69 -37.38
N GLU B 519 6.29 4.85 -37.52
CA GLU B 519 5.71 5.54 -36.37
C GLU B 519 4.35 4.94 -36.03
N THR B 520 4.24 4.40 -34.82
CA THR B 520 2.98 3.88 -34.31
C THR B 520 3.09 3.77 -32.79
N PRO B 521 2.00 3.97 -32.06
CA PRO B 521 2.07 3.83 -30.60
C PRO B 521 2.24 2.39 -30.15
N GLU B 522 2.40 2.18 -28.85
CA GLU B 522 2.59 0.86 -28.28
C GLU B 522 1.51 0.59 -27.25
N GLY B 523 0.96 -0.63 -27.29
CA GLY B 523 -0.10 -0.99 -26.37
C GLY B 523 -1.42 -1.27 -27.07
N GLN B 524 -2.52 -0.76 -26.50
CA GLN B 524 -3.83 -0.97 -27.10
C GLN B 524 -4.01 -0.18 -28.39
N ALA B 525 -3.18 0.84 -28.62
CA ALA B 525 -3.27 1.65 -29.82
C ALA B 525 -2.24 1.27 -30.87
N CYS B 526 -1.55 0.16 -30.69
CA CYS B 526 -0.53 -0.26 -31.65
C CYS B 526 -1.17 -0.71 -32.95
N GLY B 527 -0.86 0.00 -34.04
CA GLY B 527 -1.40 -0.30 -35.34
C GLY B 527 -2.72 0.36 -35.66
N LEU B 528 -3.43 0.86 -34.65
CA LEU B 528 -4.70 1.54 -34.88
C LEU B 528 -4.55 3.05 -34.99
N VAL B 529 -3.36 3.59 -34.71
CA VAL B 529 -3.08 5.01 -34.84
C VAL B 529 -1.94 5.17 -35.83
N LYS B 530 -2.17 5.96 -36.87
CA LYS B 530 -1.22 6.13 -37.95
C LYS B 530 -0.86 7.61 -38.12
N ASN B 531 0.25 7.84 -38.82
CA ASN B 531 0.73 9.18 -39.12
C ASN B 531 0.91 9.30 -40.63
N LEU B 532 0.39 10.39 -41.20
CA LEU B 532 0.47 10.60 -42.63
C LEU B 532 1.91 10.81 -43.08
N SER B 533 2.20 10.38 -44.30
CA SER B 533 3.52 10.58 -44.88
C SER B 533 3.70 12.05 -45.25
N LEU B 534 4.95 12.40 -45.57
CA LEU B 534 5.28 13.80 -45.84
C LEU B 534 4.57 14.32 -47.08
N LEU B 535 4.50 13.52 -48.14
CA LEU B 535 3.86 13.92 -49.38
C LEU B 535 2.39 13.55 -49.44
N SER B 536 1.85 12.93 -48.38
CA SER B 536 0.48 12.45 -48.40
C SER B 536 -0.50 13.62 -48.35
N GLY B 537 -1.66 13.42 -48.99
CA GLY B 537 -2.72 14.41 -48.98
C GLY B 537 -4.08 13.75 -48.87
N ILE B 538 -5.09 14.57 -48.58
CA ILE B 538 -6.46 14.11 -48.42
C ILE B 538 -7.33 14.83 -49.43
N SER B 539 -8.17 14.08 -50.13
CA SER B 539 -9.05 14.66 -51.13
C SER B 539 -10.12 15.51 -50.48
N ILE B 540 -10.49 16.60 -51.14
CA ILE B 540 -11.51 17.51 -50.63
C ILE B 540 -12.89 17.17 -51.17
N GLY B 541 -12.99 16.86 -52.46
CA GLY B 541 -14.30 16.53 -53.03
C GLY B 541 -14.64 17.53 -54.14
N SER B 542 -15.01 16.98 -55.28
CA SER B 542 -15.37 17.77 -56.45
C SER B 542 -16.69 17.30 -57.02
N PRO B 543 -17.46 18.18 -57.66
CA PRO B 543 -18.72 17.77 -58.27
C PRO B 543 -18.49 16.76 -59.39
N SER B 544 -19.44 15.83 -59.51
CA SER B 544 -19.35 14.77 -60.50
C SER B 544 -20.09 15.08 -61.80
N GLU B 545 -20.83 16.20 -61.86
CA GLU B 545 -21.55 16.55 -63.08
C GLU B 545 -20.64 16.78 -64.28
N PRO B 546 -19.52 17.50 -64.17
CA PRO B 546 -18.63 17.60 -65.36
C PRO B 546 -18.10 16.26 -65.83
N ILE B 547 -17.86 15.31 -64.91
CA ILE B 547 -17.39 13.99 -65.32
C ILE B 547 -18.45 13.30 -66.16
N ILE B 548 -19.71 13.37 -65.72
CA ILE B 548 -20.80 12.74 -66.46
C ILE B 548 -20.97 13.42 -67.82
N ASN B 549 -20.87 14.74 -67.85
CA ASN B 549 -20.99 15.47 -69.12
C ASN B 549 -19.89 15.07 -70.09
N PHE B 550 -18.65 14.97 -69.61
CA PHE B 550 -17.55 14.55 -70.47
C PHE B 550 -17.74 13.13 -70.97
N LEU B 551 -18.19 12.22 -70.09
CA LEU B 551 -18.41 10.85 -70.50
C LEU B 551 -19.50 10.76 -71.56
N GLU B 552 -20.60 11.49 -71.38
CA GLU B 552 -21.68 11.48 -72.36
C GLU B 552 -21.22 12.09 -73.68
N GLU B 553 -20.41 13.15 -73.63
CA GLU B 553 -19.89 13.75 -74.85
C GLU B 553 -18.93 12.81 -75.57
N TRP B 554 -18.24 11.94 -74.84
CA TRP B 554 -17.26 11.03 -75.43
C TRP B 554 -17.86 9.66 -75.74
N GLY B 555 -19.17 9.59 -75.97
CA GLY B 555 -19.78 8.39 -76.50
C GLY B 555 -20.23 7.35 -75.49
N MET B 556 -20.40 7.71 -74.22
CA MET B 556 -20.89 6.75 -73.25
C MET B 556 -22.37 6.47 -73.48
N GLU B 557 -22.73 5.19 -73.45
CA GLU B 557 -24.12 4.80 -73.66
C GLU B 557 -24.81 4.55 -72.32
N PRO B 558 -26.05 4.99 -72.16
CA PRO B 558 -26.75 4.81 -70.89
C PRO B 558 -27.20 3.37 -70.70
N LEU B 559 -27.71 3.10 -69.49
CA LEU B 559 -28.21 1.77 -69.15
C LEU B 559 -29.63 1.53 -69.65
N GLU B 560 -30.34 2.57 -70.08
CA GLU B 560 -31.70 2.38 -70.56
C GLU B 560 -31.74 1.53 -71.82
N ASP B 561 -30.81 1.76 -72.74
CA ASP B 561 -30.74 1.03 -74.01
C ASP B 561 -29.64 -0.02 -74.00
N TYR B 562 -29.44 -0.68 -72.87
CA TYR B 562 -28.41 -1.71 -72.74
C TYR B 562 -28.99 -3.05 -73.21
N ASP B 563 -28.38 -3.62 -74.23
CA ASP B 563 -28.76 -4.94 -74.73
C ASP B 563 -27.64 -5.93 -74.43
N PRO B 564 -27.79 -6.80 -73.44
CA PRO B 564 -26.70 -7.74 -73.10
C PRO B 564 -26.37 -8.73 -74.20
N ALA B 565 -27.29 -8.97 -75.14
CA ALA B 565 -27.00 -9.88 -76.23
C ALA B 565 -25.90 -9.35 -77.14
N GLN B 566 -25.91 -8.06 -77.42
CA GLN B 566 -24.91 -7.44 -78.29
C GLN B 566 -23.77 -6.79 -77.53
N HIS B 567 -24.00 -6.35 -76.29
CA HIS B 567 -22.95 -5.73 -75.49
C HIS B 567 -22.29 -6.77 -74.58
N THR B 568 -21.75 -7.81 -75.21
CA THR B 568 -21.04 -8.85 -74.48
C THR B 568 -19.58 -8.50 -74.23
N LYS B 569 -19.05 -7.48 -74.91
CA LYS B 569 -17.69 -7.03 -74.70
C LYS B 569 -17.59 -5.60 -74.21
N SER B 570 -18.72 -4.89 -74.11
CA SER B 570 -18.70 -3.51 -73.64
C SER B 570 -18.31 -3.44 -72.17
N THR B 571 -17.47 -2.46 -71.84
CA THR B 571 -17.00 -2.28 -70.48
C THR B 571 -17.95 -1.39 -69.69
N ARG B 572 -18.19 -1.75 -68.44
CA ARG B 572 -19.05 -0.97 -67.57
C ARG B 572 -18.28 0.22 -67.01
N ILE B 573 -18.99 1.33 -66.81
CA ILE B 573 -18.39 2.56 -66.30
C ILE B 573 -19.04 2.88 -64.97
N PHE B 574 -18.22 3.00 -63.93
CA PHE B 574 -18.67 3.31 -62.59
C PHE B 574 -18.18 4.69 -62.18
N VAL B 575 -19.09 5.55 -61.75
CA VAL B 575 -18.75 6.88 -61.26
C VAL B 575 -19.27 6.99 -59.84
N ASN B 576 -18.35 7.19 -58.89
CA ASN B 576 -18.67 7.30 -57.46
C ASN B 576 -19.39 6.05 -56.95
N GLY B 577 -19.05 4.90 -57.51
CA GLY B 577 -19.57 3.63 -57.03
C GLY B 577 -20.87 3.16 -57.66
N VAL B 578 -21.48 3.95 -58.55
CA VAL B 578 -22.71 3.56 -59.20
C VAL B 578 -22.44 3.30 -60.67
N TRP B 579 -23.19 2.35 -61.24
CA TRP B 579 -23.06 2.00 -62.64
C TRP B 579 -23.87 2.99 -63.47
N THR B 580 -23.18 3.78 -64.29
CA THR B 580 -23.83 4.82 -65.09
C THR B 580 -24.04 4.42 -66.54
N GLY B 581 -23.28 3.46 -67.05
CA GLY B 581 -23.46 3.04 -68.43
C GLY B 581 -22.33 2.14 -68.89
N ILE B 582 -22.22 2.01 -70.22
CA ILE B 582 -21.26 1.12 -70.85
C ILE B 582 -20.52 1.89 -71.94
N HIS B 583 -19.38 1.34 -72.34
CA HIS B 583 -18.59 1.90 -73.44
C HIS B 583 -18.01 0.77 -74.27
N ARG B 584 -17.69 1.08 -75.52
CA ARG B 584 -17.15 0.11 -76.46
C ARG B 584 -15.65 0.26 -76.71
N ASP B 585 -15.08 1.42 -76.42
CA ASP B 585 -13.65 1.68 -76.63
C ASP B 585 -13.07 2.22 -75.33
N PRO B 586 -12.79 1.34 -74.36
CA PRO B 586 -12.27 1.80 -73.07
C PRO B 586 -10.92 2.50 -73.15
N SER B 587 -10.06 2.09 -74.08
CA SER B 587 -8.71 2.65 -74.14
C SER B 587 -8.73 4.13 -74.51
N MET B 588 -9.49 4.48 -75.55
CA MET B 588 -9.56 5.87 -75.99
C MET B 588 -10.18 6.75 -74.90
N LEU B 589 -11.24 6.27 -74.26
CA LEU B 589 -11.89 7.04 -73.21
C LEU B 589 -10.96 7.24 -72.02
N VAL B 590 -10.24 6.19 -71.62
CA VAL B 590 -9.32 6.29 -70.50
C VAL B 590 -8.21 7.29 -70.81
N SER B 591 -7.64 7.20 -72.03
CA SER B 591 -6.59 8.12 -72.41
C SER B 591 -7.09 9.56 -72.44
N THR B 592 -8.29 9.77 -72.97
CA THR B 592 -8.84 11.13 -73.05
C THR B 592 -9.09 11.71 -71.67
N MET B 593 -9.69 10.91 -70.76
CA MET B 593 -9.95 11.42 -69.42
C MET B 593 -8.65 11.67 -68.65
N ARG B 594 -7.65 10.81 -68.82
CA ARG B 594 -6.37 11.04 -68.17
C ARG B 594 -5.70 12.30 -68.69
N ASP B 595 -5.77 12.54 -70.00
CA ASP B 595 -5.20 13.77 -70.57
C ASP B 595 -5.95 14.99 -70.06
N LEU B 596 -7.28 14.91 -69.95
CA LEU B 596 -8.06 16.04 -69.45
C LEU B 596 -7.72 16.32 -68.00
N ARG B 597 -7.53 15.28 -67.20
CA ARG B 597 -7.13 15.49 -65.80
C ARG B 597 -5.73 16.08 -65.71
N ARG B 598 -4.82 15.64 -66.56
CA ARG B 598 -3.45 16.15 -66.52
C ARG B 598 -3.35 17.59 -67.02
N SER B 599 -4.33 18.06 -67.79
CA SER B 599 -4.32 19.42 -68.30
C SER B 599 -4.97 20.43 -67.36
N GLY B 600 -5.51 19.97 -66.24
CA GLY B 600 -6.13 20.84 -65.27
C GLY B 600 -7.61 21.08 -65.45
N ALA B 601 -8.20 20.60 -66.55
CA ALA B 601 -9.64 20.74 -66.75
C ALA B 601 -10.42 19.96 -65.70
N ILE B 602 -9.97 18.76 -65.40
CA ILE B 602 -10.53 17.95 -64.32
C ILE B 602 -9.67 18.14 -63.09
N SER B 603 -10.31 18.10 -61.92
CA SER B 603 -9.57 18.28 -60.68
C SER B 603 -8.54 17.18 -60.51
N PRO B 604 -7.31 17.52 -60.10
CA PRO B 604 -6.24 16.51 -60.01
C PRO B 604 -6.52 15.41 -58.98
N GLU B 605 -7.41 15.65 -58.01
CA GLU B 605 -7.71 14.67 -56.99
C GLU B 605 -8.81 13.70 -57.41
N VAL B 606 -9.06 13.56 -58.71
CA VAL B 606 -10.05 12.62 -59.23
C VAL B 606 -9.35 11.31 -59.56
N SER B 607 -9.87 10.21 -59.02
CA SER B 607 -9.28 8.89 -59.23
C SER B 607 -9.87 8.25 -60.48
N ILE B 608 -9.00 7.84 -61.40
CA ILE B 608 -9.39 7.19 -62.65
C ILE B 608 -8.73 5.82 -62.69
N ILE B 609 -9.55 4.77 -62.75
CA ILE B 609 -9.08 3.39 -62.68
C ILE B 609 -9.65 2.62 -63.85
N ARG B 610 -8.80 1.82 -64.49
CA ARG B 610 -9.22 0.95 -65.59
C ARG B 610 -8.85 -0.48 -65.24
N ASP B 611 -9.85 -1.29 -64.91
CA ASP B 611 -9.64 -2.71 -64.60
C ASP B 611 -9.81 -3.49 -65.90
N ILE B 612 -8.68 -3.83 -66.53
CA ILE B 612 -8.72 -4.52 -67.82
C ILE B 612 -9.22 -5.95 -67.66
N ARG B 613 -8.78 -6.64 -66.60
CA ARG B 613 -9.19 -8.02 -66.39
C ARG B 613 -10.69 -8.12 -66.13
N GLU B 614 -11.24 -7.23 -65.31
CA GLU B 614 -12.65 -7.22 -65.02
C GLU B 614 -13.46 -6.38 -65.99
N ARG B 615 -12.80 -5.64 -66.89
CA ARG B 615 -13.44 -4.78 -67.87
C ARG B 615 -14.35 -3.74 -67.18
N GLU B 616 -13.71 -2.91 -66.36
CA GLU B 616 -14.43 -1.88 -65.61
C GLU B 616 -13.69 -0.56 -65.71
N PHE B 617 -14.44 0.52 -65.60
CA PHE B 617 -13.89 1.88 -65.62
C PHE B 617 -14.46 2.64 -64.44
N LYS B 618 -13.63 2.88 -63.43
CA LYS B 618 -14.05 3.48 -62.17
C LYS B 618 -13.56 4.92 -62.09
N ILE B 619 -14.46 5.83 -61.72
CA ILE B 619 -14.13 7.23 -61.50
C ILE B 619 -14.60 7.61 -60.10
N PHE B 620 -13.70 8.18 -59.31
CA PHE B 620 -13.98 8.54 -57.93
C PHE B 620 -13.68 10.01 -57.70
N THR B 621 -14.67 10.74 -57.16
CA THR B 621 -14.52 12.13 -56.75
C THR B 621 -14.93 12.30 -55.30
N ASP B 622 -14.76 11.27 -54.50
CA ASP B 622 -15.25 11.28 -53.12
C ASP B 622 -14.33 12.14 -52.24
N VAL B 623 -14.72 12.25 -50.97
CA VAL B 623 -13.96 12.99 -49.97
C VAL B 623 -13.34 11.99 -49.00
N GLY B 624 -12.08 12.22 -48.64
CA GLY B 624 -11.37 11.36 -47.72
C GLY B 624 -10.40 10.40 -48.34
N ARG B 625 -10.22 10.44 -49.67
CA ARG B 625 -9.27 9.56 -50.33
C ARG B 625 -7.85 10.08 -50.11
N VAL B 626 -6.95 9.19 -49.73
CA VAL B 626 -5.57 9.55 -49.46
C VAL B 626 -4.75 9.32 -50.72
N TYR B 627 -4.02 10.35 -51.15
CA TYR B 627 -3.27 10.30 -52.39
C TYR B 627 -1.87 10.87 -52.17
N ARG B 628 -0.96 10.46 -53.06
CA ARG B 628 0.41 10.96 -53.07
C ARG B 628 0.80 11.33 -54.49
N PRO B 629 1.72 12.29 -54.65
CA PRO B 629 2.17 12.68 -55.98
C PRO B 629 3.28 11.81 -56.52
N LEU B 630 3.30 11.69 -57.84
CA LEU B 630 4.31 10.89 -58.54
C LEU B 630 4.66 11.54 -59.87
N PHE B 631 5.90 11.33 -60.30
CA PHE B 631 6.32 11.76 -61.62
C PHE B 631 5.60 10.96 -62.70
N ILE B 632 5.51 11.53 -63.88
CA ILE B 632 4.85 10.91 -65.01
C ILE B 632 5.89 10.54 -66.06
N VAL B 633 5.91 9.28 -66.45
CA VAL B 633 6.80 8.77 -67.50
C VAL B 633 6.01 8.70 -68.79
N GLU B 634 6.63 9.13 -69.89
CA GLU B 634 5.97 9.10 -71.19
C GLU B 634 5.58 7.69 -71.57
N ASP B 635 4.34 7.51 -72.01
CA ASP B 635 3.78 6.19 -72.28
C ASP B 635 3.51 5.96 -73.74
N ASP B 636 3.10 6.99 -74.49
CA ASP B 636 2.75 6.82 -75.90
C ASP B 636 3.96 6.38 -76.71
N GLU B 637 3.74 5.43 -77.63
CA GLU B 637 4.84 4.89 -78.42
C GLU B 637 5.29 5.88 -79.48
N SER B 638 4.39 6.74 -79.97
CA SER B 638 4.77 7.69 -81.02
C SER B 638 5.76 8.72 -80.52
N LYS B 639 5.69 9.09 -79.24
CA LYS B 639 6.60 10.09 -78.70
C LYS B 639 8.03 9.56 -78.65
N ASP B 640 8.97 10.43 -78.99
CA ASP B 640 10.38 10.04 -78.97
C ASP B 640 10.91 9.92 -77.56
N ASN B 641 10.32 10.63 -76.61
CA ASN B 641 10.76 10.61 -75.21
C ASN B 641 10.11 9.49 -74.41
N LYS B 642 9.67 8.42 -75.05
CA LYS B 642 9.04 7.32 -74.35
C LYS B 642 10.03 6.67 -73.39
N GLY B 643 9.55 6.35 -72.19
CA GLY B 643 10.41 5.78 -71.17
C GLY B 643 11.22 6.78 -70.38
N GLU B 644 10.99 8.08 -70.56
CA GLU B 644 11.72 9.11 -69.86
C GLU B 644 10.75 10.03 -69.13
N LEU B 645 11.27 10.72 -68.12
CA LEU B 645 10.45 11.65 -67.36
C LEU B 645 10.03 12.83 -68.22
N ARG B 646 8.77 13.24 -68.07
CA ARG B 646 8.28 14.41 -68.78
C ARG B 646 8.91 15.69 -68.26
N ILE B 647 9.24 15.74 -66.98
CA ILE B 647 9.86 16.90 -66.38
C ILE B 647 11.33 16.97 -66.80
N THR B 648 11.75 18.13 -67.28
CA THR B 648 13.12 18.36 -67.75
C THR B 648 13.78 19.44 -66.89
N LYS B 649 14.99 19.83 -67.28
CA LYS B 649 15.71 20.87 -66.57
C LYS B 649 15.05 22.24 -66.73
N GLU B 650 14.25 22.43 -67.78
CA GLU B 650 13.52 23.68 -67.95
C GLU B 650 12.53 23.88 -66.82
N HIS B 651 11.82 22.82 -66.42
CA HIS B 651 10.89 22.93 -65.31
C HIS B 651 11.61 23.26 -64.00
N ILE B 652 12.77 22.66 -63.78
CA ILE B 652 13.55 22.95 -62.57
C ILE B 652 14.02 24.40 -62.58
N ARG B 653 14.47 24.88 -63.75
CA ARG B 653 14.90 26.27 -63.85
C ARG B 653 13.74 27.23 -63.60
N LYS B 654 12.56 26.91 -64.14
CA LYS B 654 11.39 27.76 -63.92
C LYS B 654 10.99 27.76 -62.44
N ILE B 655 11.07 26.60 -61.79
CA ILE B 655 10.75 26.52 -60.36
C ILE B 655 11.73 27.36 -59.55
N GLN B 656 13.03 27.25 -59.86
CA GLN B 656 14.03 28.02 -59.13
C GLN B 656 13.84 29.52 -59.37
N GLN B 657 13.51 29.91 -60.60
CA GLN B 657 13.26 31.31 -60.88
C GLN B 657 12.02 31.82 -60.13
N GLY B 658 10.98 31.01 -60.08
CA GLY B 658 9.72 31.41 -59.47
C GLY B 658 8.70 31.96 -60.43
N TYR B 659 9.00 32.02 -61.72
CA TYR B 659 8.07 32.54 -62.71
C TYR B 659 8.34 31.86 -64.04
N ASP B 660 7.35 31.93 -64.92
CA ASP B 660 7.45 31.32 -66.24
C ASP B 660 8.02 32.30 -67.24
N ASP B 661 8.89 31.81 -68.13
CA ASP B 661 9.53 32.63 -69.14
C ASP B 661 8.65 32.64 -70.39
N ASP B 662 8.00 33.77 -70.64
CA ASP B 662 7.11 33.90 -71.79
C ASP B 662 7.53 35.06 -72.68
N GLU B 672 6.34 37.48 -62.26
CA GLU B 672 5.54 38.54 -61.66
C GLU B 672 4.06 38.36 -61.98
N GLN B 673 3.77 38.07 -63.26
CA GLN B 673 2.39 37.91 -63.69
C GLN B 673 1.74 36.70 -63.01
N ASP B 674 2.49 35.61 -62.85
CA ASP B 674 2.03 34.43 -62.12
C ASP B 674 3.19 33.87 -61.32
N VAL B 675 2.95 32.75 -60.65
CA VAL B 675 3.98 32.04 -59.89
C VAL B 675 4.07 30.62 -60.43
N TYR B 676 5.29 30.16 -60.66
CA TYR B 676 5.53 28.79 -61.14
C TYR B 676 5.90 27.95 -59.93
N GLY B 677 4.90 27.31 -59.33
CA GLY B 677 5.12 26.48 -58.16
C GLY B 677 4.68 25.05 -58.35
N TRP B 678 4.18 24.44 -57.27
CA TRP B 678 3.73 23.05 -57.33
C TRP B 678 2.53 22.88 -58.25
N SER B 679 1.58 23.82 -58.18
CA SER B 679 0.38 23.71 -59.01
C SER B 679 0.72 23.84 -60.49
N SER B 680 1.69 24.68 -60.85
CA SER B 680 2.11 24.78 -62.23
C SER B 680 2.70 23.47 -62.73
N LEU B 681 3.49 22.79 -61.89
CA LEU B 681 4.01 21.48 -62.26
C LEU B 681 2.89 20.47 -62.41
N VAL B 682 1.90 20.50 -61.50
CA VAL B 682 0.81 19.53 -61.57
C VAL B 682 -0.02 19.73 -62.83
N THR B 683 -0.35 20.98 -63.16
CA THR B 683 -1.19 21.26 -64.32
C THR B 683 -0.43 21.14 -65.64
N SER B 684 0.89 21.04 -65.61
CA SER B 684 1.68 20.88 -66.83
C SER B 684 1.80 19.43 -67.26
N GLY B 685 1.27 18.48 -66.49
CA GLY B 685 1.30 17.09 -66.88
C GLY B 685 2.58 16.35 -66.56
N VAL B 686 3.38 16.85 -65.62
CA VAL B 686 4.62 16.18 -65.23
C VAL B 686 4.53 15.50 -63.88
N ILE B 687 3.60 15.91 -63.01
CA ILE B 687 3.40 15.29 -61.70
C ILE B 687 1.90 15.11 -61.51
N GLU B 688 1.49 13.92 -61.07
CA GLU B 688 0.08 13.63 -60.89
C GLU B 688 -0.14 12.89 -59.58
N TYR B 689 -1.34 13.04 -59.03
CA TYR B 689 -1.71 12.41 -57.77
C TYR B 689 -2.34 11.05 -58.01
N VAL B 690 -1.94 10.06 -57.22
CA VAL B 690 -2.50 8.71 -57.29
C VAL B 690 -2.85 8.26 -55.87
N ASP B 691 -3.97 7.58 -55.74
CA ASP B 691 -4.42 7.04 -54.47
C ASP B 691 -4.15 5.54 -54.43
N GLY B 692 -4.63 4.88 -53.36
CA GLY B 692 -4.37 3.46 -53.20
C GLY B 692 -5.06 2.61 -54.25
N GLU B 693 -6.29 2.99 -54.63
CA GLU B 693 -7.03 2.21 -55.61
C GLU B 693 -6.40 2.30 -57.00
N GLU B 694 -5.91 3.48 -57.38
CA GLU B 694 -5.30 3.64 -58.69
C GLU B 694 -3.91 3.02 -58.74
N GLU B 695 -3.25 2.88 -57.58
CA GLU B 695 -1.89 2.36 -57.55
C GLU B 695 -1.80 0.92 -58.06
N GLU B 696 -2.90 0.18 -58.05
CA GLU B 696 -2.91 -1.18 -58.58
C GLU B 696 -2.83 -1.22 -60.09
N THR B 697 -3.00 -0.09 -60.78
CA THR B 697 -3.03 -0.05 -62.23
C THR B 697 -1.84 0.67 -62.84
N ILE B 698 -0.80 0.95 -62.06
CA ILE B 698 0.36 1.69 -62.54
C ILE B 698 1.63 0.93 -62.19
N MET B 699 2.68 1.20 -62.95
CA MET B 699 4.02 0.63 -62.71
C MET B 699 4.95 1.77 -62.34
N ILE B 700 5.58 1.66 -61.17
CA ILE B 700 6.35 2.74 -60.57
C ILE B 700 7.81 2.32 -60.48
N ALA B 701 8.71 3.23 -60.87
CA ALA B 701 10.14 3.04 -60.70
C ALA B 701 10.59 3.76 -59.44
N MET B 702 11.38 3.08 -58.61
CA MET B 702 11.78 3.64 -57.32
C MET B 702 12.65 4.89 -57.51
N THR B 703 13.58 4.86 -58.45
CA THR B 703 14.49 5.97 -58.68
C THR B 703 14.53 6.31 -60.16
N PRO B 704 14.81 7.57 -60.51
CA PRO B 704 14.95 7.91 -61.93
C PRO B 704 16.02 7.12 -62.65
N GLU B 705 17.11 6.76 -61.96
CA GLU B 705 18.14 5.92 -62.56
C GLU B 705 17.61 4.55 -62.94
N ASP B 706 16.52 4.10 -62.30
CA ASP B 706 15.91 2.82 -62.68
C ASP B 706 15.13 2.94 -63.98
N LEU B 707 14.83 4.16 -64.44
CA LEU B 707 14.12 4.32 -65.70
C LEU B 707 14.98 3.96 -66.90
N GLN B 708 16.30 3.97 -66.75
CA GLN B 708 17.22 3.56 -67.80
C GLN B 708 17.90 2.26 -67.39
N THR B 709 17.84 1.27 -68.27
CA THR B 709 18.43 -0.04 -67.98
C THR B 709 19.95 0.10 -67.93
N ARG B 710 20.51 0.02 -66.73
CA ARG B 710 21.95 0.15 -66.57
C ARG B 710 22.68 -1.03 -67.20
N SER B 711 23.78 -0.73 -67.87
CA SER B 711 24.58 -1.76 -68.55
C SER B 711 25.43 -2.53 -67.56
N LEU B 719 32.45 -3.63 -62.59
CA LEU B 719 32.27 -2.82 -61.38
C LEU B 719 32.66 -3.63 -60.15
N ASN B 720 31.70 -4.39 -59.62
CA ASN B 720 31.88 -5.23 -58.43
C ASN B 720 32.34 -4.41 -57.24
N ASP B 721 31.49 -3.45 -56.85
CA ASP B 721 31.77 -2.61 -55.69
C ASP B 721 31.32 -3.31 -54.42
N THR B 722 32.21 -3.38 -53.43
CA THR B 722 31.96 -4.07 -52.19
C THR B 722 31.42 -3.16 -51.08
N ALA B 723 31.20 -1.88 -51.38
CA ALA B 723 30.72 -0.93 -50.38
C ALA B 723 29.25 -0.58 -50.56
N LYS B 724 28.83 -0.28 -51.78
CA LYS B 724 27.45 0.11 -52.03
C LYS B 724 26.52 -1.09 -51.91
N ARG B 725 25.25 -0.81 -51.65
CA ARG B 725 24.25 -1.87 -51.55
C ARG B 725 23.94 -2.42 -52.93
N ILE B 726 23.33 -3.60 -52.95
CA ILE B 726 23.02 -4.32 -54.18
C ILE B 726 21.55 -4.11 -54.52
N LYS B 727 21.29 -3.53 -55.68
CA LYS B 727 19.92 -3.34 -56.13
C LYS B 727 19.32 -4.68 -56.57
N PRO B 728 18.00 -4.82 -56.52
CA PRO B 728 17.37 -6.05 -57.00
C PRO B 728 17.61 -6.25 -58.49
N GLU B 729 17.74 -7.51 -58.89
CA GLU B 729 18.01 -7.84 -60.28
C GLU B 729 16.85 -7.45 -61.19
N MET B 730 15.63 -7.76 -60.78
CA MET B 730 14.42 -7.48 -61.56
C MET B 730 14.53 -8.09 -62.96
N SER B 731 15.03 -9.32 -63.03
CA SER B 731 15.25 -10.02 -64.28
C SER B 731 14.09 -10.92 -64.69
N THR B 732 13.00 -10.91 -63.93
CA THR B 732 11.86 -11.77 -64.25
C THR B 732 11.08 -11.28 -65.46
N SER B 733 11.31 -10.06 -65.92
CA SER B 733 10.63 -9.51 -67.09
C SER B 733 11.68 -9.08 -68.11
N SER B 734 11.47 -9.46 -69.37
CA SER B 734 12.41 -9.09 -70.43
C SER B 734 12.44 -7.59 -70.64
N HIS B 735 11.28 -6.94 -70.64
CA HIS B 735 11.18 -5.51 -70.82
C HIS B 735 10.28 -4.92 -69.74
N HIS B 736 10.57 -3.67 -69.37
CA HIS B 736 9.81 -2.96 -68.34
C HIS B 736 9.23 -1.68 -68.93
N THR B 737 7.97 -1.42 -68.60
CA THR B 737 7.26 -0.24 -69.09
C THR B 737 6.74 0.53 -67.87
N PHE B 738 7.58 1.41 -67.34
CA PHE B 738 7.21 2.21 -66.19
C PHE B 738 6.33 3.38 -66.61
N THR B 739 5.26 3.61 -65.86
CA THR B 739 4.36 4.73 -66.10
C THR B 739 4.56 5.86 -65.11
N HIS B 740 5.24 5.62 -63.99
CA HIS B 740 5.46 6.64 -62.98
C HIS B 740 6.81 6.40 -62.32
N CYS B 741 7.31 7.43 -61.64
CA CYS B 741 8.56 7.35 -60.91
C CYS B 741 8.41 8.07 -59.58
N GLU B 742 8.98 7.48 -58.53
CA GLU B 742 8.95 8.09 -57.22
C GLU B 742 9.83 9.34 -57.19
N ILE B 743 9.34 10.39 -56.53
CA ILE B 743 10.15 11.60 -56.37
C ILE B 743 11.34 11.32 -55.46
N HIS B 744 11.09 10.68 -54.32
CA HIS B 744 12.14 10.19 -53.43
C HIS B 744 11.55 9.17 -52.46
N PRO B 745 12.18 8.01 -52.32
CA PRO B 745 11.64 6.99 -51.41
C PRO B 745 11.57 7.44 -49.95
N SER B 746 12.49 8.29 -49.51
CA SER B 746 12.51 8.72 -48.12
C SER B 746 11.27 9.52 -47.75
N MET B 747 10.48 9.96 -48.73
CA MET B 747 9.22 10.64 -48.47
C MET B 747 8.14 9.71 -47.95
N ILE B 748 8.35 8.40 -47.97
CA ILE B 748 7.34 7.48 -47.42
C ILE B 748 7.29 7.51 -45.91
N LEU B 749 8.25 8.14 -45.25
CA LEU B 749 8.29 8.22 -43.80
C LEU B 749 7.44 9.38 -43.30
N GLY B 750 7.14 9.36 -42.00
CA GLY B 750 6.36 10.39 -41.36
C GLY B 750 7.22 11.53 -40.84
N VAL B 751 6.59 12.40 -40.06
CA VAL B 751 7.30 13.54 -39.50
C VAL B 751 8.32 13.09 -38.46
N ALA B 752 7.90 12.21 -37.54
CA ALA B 752 8.79 11.77 -36.48
C ALA B 752 9.90 10.87 -37.03
N ALA B 753 9.59 10.04 -38.02
CA ALA B 753 10.59 9.15 -38.60
C ALA B 753 11.59 9.87 -39.49
N SER B 754 11.31 11.12 -39.89
CA SER B 754 12.24 11.89 -40.69
C SER B 754 13.40 12.45 -39.88
N ILE B 755 13.33 12.37 -38.56
CA ILE B 755 14.42 12.86 -37.71
C ILE B 755 15.53 11.82 -37.58
N ILE B 756 15.22 10.54 -37.74
CA ILE B 756 16.18 9.47 -37.53
C ILE B 756 17.27 9.52 -38.61
N PRO B 757 18.54 9.63 -38.24
CA PRO B 757 19.61 9.57 -39.24
C PRO B 757 19.91 8.13 -39.61
N PHE B 758 20.00 7.88 -40.92
CA PHE B 758 20.21 6.53 -41.46
C PHE B 758 19.21 5.51 -40.92
N PRO B 759 17.91 5.72 -41.14
CA PRO B 759 16.93 4.74 -40.64
C PRO B 759 17.00 3.40 -41.36
N ASP B 760 17.60 3.36 -42.55
CA ASP B 760 17.72 2.11 -43.29
C ASP B 760 18.82 1.19 -42.76
N HIS B 761 19.68 1.69 -41.88
CA HIS B 761 20.72 0.89 -41.24
C HIS B 761 20.31 0.37 -39.88
N ASN B 762 19.07 0.62 -39.46
CA ASN B 762 18.57 0.26 -38.15
C ASN B 762 17.60 -0.90 -38.25
N GLN B 763 17.14 -1.36 -37.10
CA GLN B 763 16.06 -2.33 -37.02
C GLN B 763 14.75 -1.58 -36.85
N SER B 764 13.69 -2.10 -37.48
CA SER B 764 12.39 -1.42 -37.44
C SER B 764 11.85 -1.19 -36.03
N PRO B 765 11.95 -2.11 -35.07
CA PRO B 765 11.52 -1.76 -33.71
C PRO B 765 12.26 -0.58 -33.13
N ARG B 766 13.54 -0.41 -33.46
CA ARG B 766 14.28 0.76 -32.97
C ARG B 766 13.74 2.04 -33.58
N ASN B 767 13.36 2.01 -34.87
CA ASN B 767 12.75 3.16 -35.50
C ASN B 767 11.41 3.51 -34.84
N THR B 768 10.61 2.48 -34.54
CA THR B 768 9.34 2.71 -33.84
C THR B 768 9.58 3.30 -32.45
N TYR B 769 10.58 2.79 -31.73
CA TYR B 769 10.89 3.31 -30.41
C TYR B 769 11.32 4.76 -30.47
N GLN B 770 12.16 5.11 -31.45
CA GLN B 770 12.58 6.50 -31.60
C GLN B 770 11.41 7.40 -31.96
N SER B 771 10.52 6.93 -32.85
CA SER B 771 9.34 7.72 -33.19
C SER B 771 8.46 7.94 -31.96
N ALA B 772 8.34 6.93 -31.10
CA ALA B 772 7.55 7.10 -29.88
C ALA B 772 8.21 8.07 -28.90
N MET B 773 9.53 7.95 -28.71
CA MET B 773 10.21 8.78 -27.73
C MET B 773 10.57 10.17 -28.24
N GLY B 774 10.36 10.45 -29.52
CA GLY B 774 10.59 11.80 -30.00
C GLY B 774 9.63 12.83 -29.43
N LYS B 775 8.50 12.39 -28.90
CA LYS B 775 7.53 13.29 -28.29
C LYS B 775 7.89 13.65 -26.86
N GLN B 776 8.92 13.02 -26.29
CA GLN B 776 9.32 13.27 -24.91
C GLN B 776 10.52 14.19 -24.80
N ALA B 777 11.27 14.40 -25.88
CA ALA B 777 12.41 15.30 -25.83
C ALA B 777 11.95 16.75 -25.68
N MET B 778 12.75 17.53 -24.95
CA MET B 778 12.43 18.93 -24.72
C MET B 778 13.25 19.82 -25.65
N GLY B 779 12.73 21.01 -25.88
CA GLY B 779 13.38 21.96 -26.75
C GLY B 779 12.52 23.19 -26.93
N VAL B 780 12.95 24.07 -27.83
CA VAL B 780 12.22 25.30 -28.11
C VAL B 780 11.06 24.94 -29.03
N PHE B 781 9.87 24.74 -28.46
CA PHE B 781 8.71 24.42 -29.26
C PHE B 781 8.17 25.63 -30.01
N LEU B 782 8.28 26.82 -29.42
CA LEU B 782 7.84 28.05 -30.07
C LEU B 782 8.75 29.18 -29.62
N THR B 783 8.81 30.22 -30.45
CA THR B 783 9.63 31.39 -30.11
C THR B 783 8.90 32.38 -29.20
N ASN B 784 7.61 32.20 -28.97
CA ASN B 784 6.84 33.08 -28.10
C ASN B 784 6.49 32.40 -26.77
N TYR B 785 7.37 31.52 -26.28
CA TYR B 785 7.14 30.85 -25.01
C TYR B 785 7.17 31.82 -23.84
N ASN B 786 7.80 32.99 -24.01
CA ASN B 786 7.86 33.96 -22.93
C ASN B 786 6.53 34.65 -22.71
N VAL B 787 5.71 34.78 -23.76
CA VAL B 787 4.42 35.47 -23.68
C VAL B 787 3.26 34.48 -23.58
N ARG B 788 3.54 33.19 -23.44
CA ARG B 788 2.50 32.18 -23.35
C ARG B 788 2.39 31.68 -21.92
N MET B 789 1.16 31.30 -21.54
CA MET B 789 0.86 30.77 -20.21
C MET B 789 0.37 29.34 -20.38
N ASP B 790 1.31 28.39 -20.42
CA ASP B 790 0.99 26.98 -20.56
C ASP B 790 1.09 26.29 -19.20
N THR B 791 0.36 25.19 -19.07
CA THR B 791 0.38 24.42 -17.82
C THR B 791 1.77 23.88 -17.54
N MET B 792 2.43 23.35 -18.56
CA MET B 792 3.79 22.85 -18.44
C MET B 792 4.60 23.28 -19.65
N ALA B 793 5.89 23.49 -19.45
CA ALA B 793 6.79 23.90 -20.53
C ALA B 793 8.22 23.59 -20.13
N ASN B 794 8.98 22.99 -21.05
CA ASN B 794 10.38 22.68 -20.83
C ASN B 794 11.20 23.28 -21.97
N ILE B 795 12.16 24.13 -21.63
CA ILE B 795 13.00 24.81 -22.62
C ILE B 795 14.45 24.54 -22.30
N LEU B 796 15.20 24.06 -23.30
CA LEU B 796 16.62 23.83 -23.16
C LEU B 796 17.37 25.15 -23.33
N TYR B 797 18.42 25.35 -22.53
CA TYR B 797 19.19 26.59 -22.62
C TYR B 797 19.88 26.73 -23.97
N TYR B 798 20.61 25.70 -24.40
CA TYR B 798 21.47 25.78 -25.57
C TYR B 798 21.15 24.64 -26.52
N PRO B 799 20.06 24.77 -27.28
CA PRO B 799 19.79 23.78 -28.33
C PRO B 799 20.82 23.89 -29.44
N GLN B 800 21.12 22.76 -30.06
CA GLN B 800 22.07 22.70 -31.16
C GLN B 800 21.49 21.87 -32.29
N LYS B 801 21.74 22.31 -33.53
CA LYS B 801 21.32 21.53 -34.67
C LYS B 801 22.22 20.30 -34.81
N PRO B 802 21.67 19.15 -35.19
CA PRO B 802 22.47 17.93 -35.24
C PRO B 802 23.54 18.00 -36.31
N LEU B 803 24.67 17.34 -36.03
CA LEU B 803 25.76 17.28 -37.00
C LEU B 803 25.42 16.36 -38.17
N ALA B 804 24.66 15.29 -37.92
CA ALA B 804 24.15 14.43 -38.97
C ALA B 804 22.65 14.69 -39.13
N LYS B 805 22.25 15.10 -40.32
CA LYS B 805 20.88 15.51 -40.58
C LYS B 805 20.37 14.89 -41.86
N THR B 806 19.06 14.84 -41.98
CA THR B 806 18.39 14.38 -43.19
C THR B 806 17.90 15.58 -43.99
N GLN B 807 17.65 15.34 -45.28
CA GLN B 807 17.20 16.41 -46.15
C GLN B 807 15.78 16.88 -45.82
N ALA B 808 14.97 16.04 -45.17
CA ALA B 808 13.61 16.43 -44.84
C ALA B 808 13.56 17.41 -43.66
N MET B 809 14.61 17.46 -42.85
CA MET B 809 14.61 18.35 -41.69
C MET B 809 14.47 19.81 -42.09
N GLU B 810 14.95 20.17 -43.29
CA GLU B 810 14.80 21.54 -43.76
C GLU B 810 13.34 21.95 -43.84
N TYR B 811 12.45 21.00 -44.14
CA TYR B 811 11.02 21.27 -44.17
C TYR B 811 10.35 21.08 -42.83
N LEU B 812 11.07 20.55 -41.84
CA LEU B 812 10.53 20.38 -40.49
C LEU B 812 10.99 21.46 -39.53
N LYS B 813 11.80 22.42 -40.02
CA LYS B 813 12.33 23.52 -39.20
C LYS B 813 13.11 23.00 -38.01
N PHE B 814 13.81 21.89 -38.19
CA PHE B 814 14.61 21.31 -37.11
C PHE B 814 15.92 22.08 -36.89
N ARG B 815 16.52 22.59 -37.97
CA ARG B 815 17.74 23.37 -37.84
C ARG B 815 17.50 24.73 -37.19
N GLU B 816 16.25 25.18 -37.12
CA GLU B 816 15.91 26.46 -36.51
C GLU B 816 15.28 26.33 -35.14
N LEU B 817 14.64 25.20 -34.84
CA LEU B 817 14.09 24.92 -33.51
C LEU B 817 14.51 23.51 -33.10
N PRO B 818 15.79 23.29 -32.80
CA PRO B 818 16.25 21.95 -32.46
C PRO B 818 15.88 21.55 -31.05
N ALA B 819 15.96 20.25 -30.80
CA ALA B 819 15.53 19.65 -29.53
C ALA B 819 16.58 18.68 -29.01
N GLY B 820 17.83 19.11 -29.00
CA GLY B 820 18.89 18.26 -28.48
C GLY B 820 20.23 18.96 -28.59
N GLN B 821 21.27 18.22 -28.19
CA GLN B 821 22.64 18.73 -28.22
C GLN B 821 23.58 17.65 -28.70
N ASN B 822 24.69 18.07 -29.31
CA ASN B 822 25.72 17.15 -29.79
C ASN B 822 26.71 16.92 -28.66
N ALA B 823 26.67 15.75 -28.04
CA ALA B 823 27.56 15.40 -26.95
C ALA B 823 28.65 14.47 -27.45
N ILE B 824 29.86 14.65 -26.93
CA ILE B 824 31.00 13.82 -27.31
C ILE B 824 30.88 12.51 -26.55
N VAL B 825 30.40 11.46 -27.23
CA VAL B 825 30.13 10.17 -26.62
C VAL B 825 31.33 9.26 -26.85
N ALA B 826 31.75 8.56 -25.80
CA ALA B 826 32.74 7.50 -25.86
C ALA B 826 32.07 6.20 -25.48
N ILE B 827 32.15 5.21 -26.37
CA ILE B 827 31.56 3.89 -26.12
C ILE B 827 32.64 3.03 -25.47
N ALA B 828 32.56 2.86 -24.15
CA ALA B 828 33.56 2.11 -23.43
C ALA B 828 32.97 1.54 -22.14
N CYS B 829 33.65 0.51 -21.62
CA CYS B 829 33.35 -0.05 -20.31
C CYS B 829 34.34 0.56 -19.32
N TYR B 830 33.98 1.73 -18.78
CA TYR B 830 34.94 2.46 -17.96
C TYR B 830 35.00 1.90 -16.54
N SER B 831 33.89 1.99 -15.78
CA SER B 831 33.93 1.65 -14.38
C SER B 831 32.77 0.77 -13.93
N GLY B 832 31.95 0.30 -14.86
CA GLY B 832 30.82 -0.54 -14.50
C GLY B 832 29.61 0.21 -13.99
N TYR B 833 29.62 1.54 -14.05
CA TYR B 833 28.47 2.33 -13.65
C TYR B 833 27.54 2.67 -14.81
N ASN B 834 27.85 2.17 -16.02
CA ASN B 834 27.00 2.37 -17.18
C ASN B 834 26.39 1.06 -17.68
N GLN B 835 26.41 0.02 -16.85
CA GLN B 835 25.84 -1.26 -17.25
C GLN B 835 24.32 -1.18 -17.26
N GLU B 836 23.71 -2.03 -18.09
CA GLU B 836 22.27 -2.19 -18.18
C GLU B 836 21.59 -0.86 -18.51
N ASP B 837 21.98 -0.30 -19.66
CA ASP B 837 21.45 0.91 -20.28
C ASP B 837 21.79 2.18 -19.51
N SER B 838 22.57 2.10 -18.43
CA SER B 838 22.98 3.31 -17.73
C SER B 838 24.07 4.03 -18.53
N MET B 839 24.33 5.28 -18.13
CA MET B 839 25.34 6.08 -18.80
C MET B 839 26.01 7.00 -17.79
N ILE B 840 27.25 7.37 -18.09
CA ILE B 840 28.05 8.24 -17.23
C ILE B 840 28.18 9.59 -17.91
N MET B 841 27.85 10.65 -17.18
CA MET B 841 27.91 12.01 -17.70
C MET B 841 29.02 12.78 -17.01
N ASN B 842 29.68 13.66 -17.76
CA ASN B 842 30.74 14.48 -17.21
C ASN B 842 30.16 15.52 -16.26
N GLN B 843 30.69 15.59 -15.04
CA GLN B 843 30.22 16.57 -14.07
C GLN B 843 30.64 17.97 -14.47
N SER B 844 31.83 18.12 -15.03
CA SER B 844 32.29 19.43 -15.48
C SER B 844 31.44 19.94 -16.64
N SER B 845 31.02 19.05 -17.54
CA SER B 845 30.12 19.45 -18.62
C SER B 845 28.77 19.90 -18.07
N ILE B 846 28.26 19.21 -17.05
CA ILE B 846 27.00 19.61 -16.42
C ILE B 846 27.16 20.99 -15.77
N ASP B 847 28.30 21.23 -15.13
CA ASP B 847 28.56 22.53 -14.52
C ASP B 847 28.66 23.64 -15.55
N ARG B 848 28.97 23.31 -16.80
CA ARG B 848 29.11 24.30 -17.86
C ARG B 848 27.82 24.55 -18.63
N GLY B 849 26.72 23.90 -18.24
CA GLY B 849 25.44 24.14 -18.86
C GLY B 849 24.96 23.07 -19.82
N LEU B 850 25.56 21.89 -19.80
CA LEU B 850 25.14 20.84 -20.72
C LEU B 850 23.80 20.25 -20.28
N PHE B 851 22.83 20.27 -21.20
CA PHE B 851 21.50 19.68 -21.01
C PHE B 851 20.72 20.34 -19.86
N ARG B 852 21.09 21.55 -19.45
CA ARG B 852 20.32 22.29 -18.48
C ARG B 852 19.04 22.83 -19.12
N SER B 853 17.97 22.86 -18.35
CA SER B 853 16.67 23.21 -18.92
C SER B 853 15.87 24.09 -17.97
N LEU B 854 14.87 24.76 -18.52
CA LEU B 854 13.90 25.54 -17.76
C LEU B 854 12.62 24.72 -17.58
N PHE B 855 11.81 25.15 -16.61
CA PHE B 855 10.51 24.52 -16.38
C PHE B 855 9.54 25.60 -15.93
N PHE B 856 8.46 25.78 -16.68
CA PHE B 856 7.42 26.75 -16.36
C PHE B 856 6.14 26.03 -16.00
N ARG B 857 5.50 26.49 -14.92
CA ARG B 857 4.21 25.96 -14.52
C ARG B 857 3.26 27.10 -14.20
N SER B 858 2.03 27.00 -14.69
CA SER B 858 1.03 28.05 -14.55
C SER B 858 -0.12 27.57 -13.67
N TYR B 859 -0.54 28.43 -12.74
CA TYR B 859 -1.68 28.18 -11.88
C TYR B 859 -2.77 29.17 -12.23
N MET B 860 -3.99 28.68 -12.41
CA MET B 860 -5.12 29.50 -12.83
C MET B 860 -6.15 29.59 -11.70
N ASP B 861 -6.76 30.76 -11.56
CA ASP B 861 -7.84 30.92 -10.60
C ASP B 861 -8.78 32.03 -11.07
N GLN B 862 -10.00 31.99 -10.55
CA GLN B 862 -11.01 32.99 -10.90
C GLN B 862 -12.06 33.02 -9.81
N GLU B 863 -12.86 34.08 -9.82
CA GLU B 863 -13.94 34.26 -8.86
C GLU B 863 -15.26 33.81 -9.47
N LYS B 864 -16.03 33.07 -8.68
CA LYS B 864 -17.31 32.53 -9.11
C LYS B 864 -18.44 33.21 -8.36
N ARG B 865 -19.54 33.49 -9.07
CA ARG B 865 -20.69 34.15 -8.48
C ARG B 865 -21.67 33.11 -7.94
N PHE B 866 -22.11 33.32 -6.70
CA PHE B 866 -23.02 32.40 -6.04
C PHE B 866 -24.35 33.05 -5.68
N GLY B 867 -24.65 34.23 -6.21
CA GLY B 867 -25.90 34.89 -5.89
C GLY B 867 -25.88 36.33 -6.35
N ILE B 868 -26.78 37.13 -5.78
CA ILE B 868 -26.86 38.54 -6.11
C ILE B 868 -25.59 39.27 -5.67
N SER B 869 -25.12 38.98 -4.46
CA SER B 869 -23.91 39.63 -3.94
C SER B 869 -22.98 38.65 -3.25
N ILE B 870 -23.10 37.35 -3.52
CA ILE B 870 -22.25 36.34 -2.92
C ILE B 870 -21.21 35.97 -3.98
N VAL B 871 -20.06 36.63 -3.92
CA VAL B 871 -18.98 36.40 -4.87
C VAL B 871 -17.66 36.26 -4.09
N GLU B 872 -16.72 35.55 -4.70
CA GLU B 872 -15.40 35.40 -4.11
C GLU B 872 -14.59 36.67 -4.31
N GLU B 873 -13.59 36.85 -3.43
CA GLU B 873 -12.76 38.04 -3.45
C GLU B 873 -11.30 37.65 -3.45
N PHE B 874 -10.51 38.36 -4.26
CA PHE B 874 -9.06 38.17 -4.31
C PHE B 874 -8.43 39.16 -3.34
N GLU B 875 -8.08 38.69 -2.14
CA GLU B 875 -7.51 39.54 -1.13
C GLU B 875 -6.68 38.70 -0.17
N LYS B 876 -5.82 39.37 0.58
CA LYS B 876 -5.00 38.68 1.58
C LYS B 876 -5.87 38.34 2.79
N PRO B 877 -6.02 37.06 3.14
CA PRO B 877 -6.88 36.70 4.26
C PRO B 877 -6.14 36.75 5.59
N THR B 878 -6.90 37.07 6.64
CA THR B 878 -6.40 37.15 8.00
C THR B 878 -7.27 36.29 8.91
N ARG B 879 -6.69 35.83 10.02
CA ARG B 879 -7.42 34.99 10.95
C ARG B 879 -8.55 35.73 11.65
N ALA B 880 -8.52 37.07 11.65
CA ALA B 880 -9.56 37.83 12.34
C ALA B 880 -10.88 37.82 11.58
N THR B 881 -10.83 37.74 10.25
CA THR B 881 -12.04 37.81 9.44
C THR B 881 -12.23 36.64 8.49
N THR B 882 -11.31 35.67 8.49
CA THR B 882 -11.39 34.53 7.59
C THR B 882 -11.12 33.25 8.36
N LEU B 883 -11.81 32.18 7.98
CA LEU B 883 -11.67 30.87 8.61
C LEU B 883 -11.08 29.88 7.61
N ARG B 884 -10.71 28.71 8.13
CA ARG B 884 -10.19 27.59 7.34
C ARG B 884 -8.94 27.99 6.56
N LEU B 885 -8.07 28.76 7.20
CA LEU B 885 -6.81 29.14 6.58
C LEU B 885 -5.87 27.95 6.48
N LYS B 886 -5.09 27.92 5.41
CA LYS B 886 -4.09 26.87 5.24
C LYS B 886 -2.92 27.08 6.19
N HIS B 887 -2.09 26.05 6.32
CA HIS B 887 -0.92 26.11 7.18
C HIS B 887 0.29 26.74 6.50
N GLY B 888 0.17 27.15 5.24
CA GLY B 888 1.28 27.71 4.51
C GLY B 888 1.55 29.16 4.87
N THR B 889 2.50 29.74 4.14
CA THR B 889 2.93 31.11 4.39
C THR B 889 2.05 32.07 3.60
N TYR B 890 1.46 33.05 4.30
CA TYR B 890 0.63 34.07 3.67
C TYR B 890 1.34 35.42 3.59
N GLU B 891 2.57 35.52 4.09
CA GLU B 891 3.28 36.80 4.12
C GLU B 891 3.89 37.18 2.78
N LYS B 892 3.87 36.29 1.79
CA LYS B 892 4.39 36.60 0.47
C LYS B 892 3.36 37.25 -0.44
N LEU B 893 2.13 37.41 0.03
CA LEU B 893 1.07 38.03 -0.76
C LEU B 893 1.09 39.54 -0.61
N ASP B 894 0.50 40.21 -1.59
CA ASP B 894 0.32 41.66 -1.56
C ASP B 894 -1.08 41.97 -1.03
N GLU B 895 -1.46 43.25 -1.09
CA GLU B 895 -2.78 43.66 -0.63
C GLU B 895 -3.90 43.19 -1.55
N ASP B 896 -3.58 42.80 -2.79
CA ASP B 896 -4.57 42.29 -3.73
C ASP B 896 -4.71 40.78 -3.69
N GLY B 897 -3.97 40.10 -2.81
CA GLY B 897 -4.00 38.65 -2.76
C GLY B 897 -3.18 37.96 -3.82
N LEU B 898 -2.32 38.69 -4.53
CA LEU B 898 -1.49 38.13 -5.58
C LEU B 898 -0.02 38.42 -5.28
N ILE B 899 0.81 37.40 -5.44
CA ILE B 899 2.23 37.51 -5.13
C ILE B 899 2.94 38.23 -6.27
N ALA B 900 3.86 39.11 -5.92
CA ALA B 900 4.59 39.87 -6.92
C ALA B 900 5.56 38.96 -7.68
N PRO B 901 5.76 39.19 -8.97
CA PRO B 901 6.72 38.38 -9.73
C PRO B 901 8.15 38.67 -9.29
N GLY B 902 9.03 37.68 -9.50
CA GLY B 902 10.41 37.80 -9.11
C GLY B 902 10.69 37.49 -7.66
N VAL B 903 9.77 36.83 -6.97
CA VAL B 903 9.92 36.49 -5.57
C VAL B 903 10.15 34.98 -5.46
N ARG B 904 11.25 34.59 -4.82
CA ARG B 904 11.57 33.18 -4.64
C ARG B 904 10.61 32.56 -3.64
N VAL B 905 10.00 31.44 -4.03
CA VAL B 905 8.97 30.77 -3.23
C VAL B 905 9.30 29.28 -3.14
N SER B 906 8.98 28.70 -1.99
CA SER B 906 9.11 27.26 -1.78
C SER B 906 7.74 26.61 -1.84
N GLY B 907 7.72 25.28 -1.65
CA GLY B 907 6.48 24.56 -1.71
C GLY B 907 5.57 24.84 -0.53
N ASP B 908 4.30 24.48 -0.71
CA ASP B 908 3.26 24.66 0.31
C ASP B 908 3.13 26.11 0.75
N ASP B 909 3.28 27.04 -0.18
CA ASP B 909 3.12 28.47 0.08
C ASP B 909 1.98 29.02 -0.75
N ILE B 910 1.29 30.02 -0.20
CA ILE B 910 0.13 30.60 -0.86
C ILE B 910 0.61 31.59 -1.92
N ILE B 911 0.16 31.38 -3.16
CA ILE B 911 0.49 32.28 -4.25
C ILE B 911 -0.70 33.14 -4.67
N ILE B 912 -1.92 32.63 -4.58
CA ILE B 912 -3.12 33.38 -4.90
C ILE B 912 -4.06 33.28 -3.70
N GLY B 913 -4.48 34.44 -3.19
CA GLY B 913 -5.35 34.46 -2.03
C GLY B 913 -6.80 34.79 -2.37
N LYS B 914 -7.68 33.80 -2.23
CA LYS B 914 -9.10 33.98 -2.53
C LYS B 914 -9.93 33.59 -1.31
N THR B 915 -10.91 34.41 -0.99
CA THR B 915 -11.81 34.18 0.13
C THR B 915 -13.25 34.15 -0.37
N THR B 916 -14.06 33.27 0.22
CA THR B 916 -15.46 33.19 -0.18
C THR B 916 -16.38 33.36 1.02
N PRO B 917 -17.47 34.13 0.87
CA PRO B 917 -18.38 34.34 1.99
C PRO B 917 -19.20 33.10 2.30
N ILE B 918 -19.69 33.05 3.53
CA ILE B 918 -20.52 31.94 3.99
C ILE B 918 -21.99 32.31 3.80
N PRO B 919 -22.88 31.34 3.54
CA PRO B 919 -24.30 31.62 3.37
C PRO B 919 -25.03 31.73 4.71
N HIS B 932 -16.30 36.77 11.22
CA HIS B 932 -15.88 35.61 10.45
C HIS B 932 -16.95 35.22 9.44
N THR B 933 -17.21 36.11 8.49
CA THR B 933 -18.20 35.86 7.45
C THR B 933 -17.60 35.29 6.17
N LYS B 934 -16.30 35.00 6.16
CA LYS B 934 -15.62 34.47 4.98
C LYS B 934 -14.72 33.31 5.39
N ARG B 935 -14.47 32.43 4.43
CA ARG B 935 -13.57 31.31 4.62
C ARG B 935 -12.55 31.27 3.50
N ASP B 936 -11.38 30.70 3.80
CA ASP B 936 -10.26 30.71 2.88
C ASP B 936 -10.46 29.69 1.77
N ALA B 937 -10.15 30.11 0.54
CA ALA B 937 -10.16 29.23 -0.62
C ALA B 937 -8.90 29.44 -1.46
N SER B 938 -7.81 29.84 -0.82
CA SER B 938 -6.59 30.17 -1.54
C SER B 938 -5.92 28.92 -2.08
N THR B 939 -5.35 29.03 -3.28
CA THR B 939 -4.62 27.93 -3.89
C THR B 939 -3.14 28.05 -3.57
N PRO B 940 -2.52 27.04 -2.95
CA PRO B 940 -1.11 27.12 -2.62
C PRO B 940 -0.23 26.53 -3.72
N LEU B 941 1.08 26.65 -3.53
CA LEU B 941 2.02 25.99 -4.41
C LEU B 941 1.99 24.48 -4.18
N ARG B 942 2.51 23.75 -5.17
CA ARG B 942 2.62 22.30 -5.03
C ARG B 942 3.60 21.96 -3.91
N SER B 943 3.31 20.85 -3.23
CA SER B 943 4.07 20.49 -2.03
C SER B 943 5.52 20.17 -2.36
N THR B 944 5.76 19.49 -3.48
CA THR B 944 7.09 19.03 -3.85
C THR B 944 7.67 19.83 -5.01
N GLU B 945 7.41 21.14 -5.03
CA GLU B 945 7.85 21.98 -6.13
C GLU B 945 8.32 23.33 -5.60
N ASN B 946 9.47 23.79 -6.09
CA ASN B 946 10.04 25.09 -5.75
C ASN B 946 10.37 25.84 -7.03
N GLY B 947 10.55 27.15 -6.90
CA GLY B 947 10.86 27.97 -8.04
C GLY B 947 10.70 29.45 -7.72
N ILE B 948 10.70 30.24 -8.78
CA ILE B 948 10.62 31.70 -8.70
C ILE B 948 9.42 32.16 -9.51
N VAL B 949 8.62 33.06 -8.94
CA VAL B 949 7.45 33.59 -9.64
C VAL B 949 7.91 34.40 -10.84
N ASP B 950 7.56 33.94 -12.04
CA ASP B 950 8.03 34.55 -13.28
C ASP B 950 7.07 35.63 -13.78
N GLN B 951 5.77 35.34 -13.82
CA GLN B 951 4.81 36.28 -14.37
C GLN B 951 3.49 36.16 -13.63
N VAL B 952 2.76 37.27 -13.55
CA VAL B 952 1.43 37.32 -12.96
C VAL B 952 0.52 38.06 -13.93
N LEU B 953 -0.61 37.44 -14.28
CA LEU B 953 -1.55 37.98 -15.25
C LEU B 953 -2.90 38.14 -14.59
N LEU B 954 -3.49 39.32 -14.71
CA LEU B 954 -4.81 39.62 -14.18
C LEU B 954 -5.70 40.15 -15.29
N THR B 955 -6.90 39.60 -15.42
CA THR B 955 -7.83 39.99 -16.46
C THR B 955 -9.25 39.67 -15.99
N THR B 956 -10.21 39.71 -16.91
CA THR B 956 -11.60 39.43 -16.62
C THR B 956 -12.11 38.33 -17.55
N ASN B 957 -13.02 37.52 -17.03
CA ASN B 957 -13.58 36.39 -17.77
C ASN B 957 -14.86 36.81 -18.48
N GLN B 958 -15.59 35.83 -19.01
CA GLN B 958 -16.85 36.12 -19.68
C GLN B 958 -17.88 36.71 -18.72
N GLU B 959 -17.98 36.14 -17.52
CA GLU B 959 -18.99 36.61 -16.57
C GLU B 959 -18.73 38.06 -16.14
N GLY B 960 -17.46 38.41 -15.91
CA GLY B 960 -17.11 39.77 -15.57
C GLY B 960 -16.30 39.91 -14.29
N LEU B 961 -15.91 38.79 -13.70
CA LEU B 961 -15.14 38.79 -12.47
C LEU B 961 -13.65 38.64 -12.78
N LYS B 962 -12.84 38.60 -11.72
CA LYS B 962 -11.40 38.57 -11.88
C LYS B 962 -10.93 37.20 -12.36
N PHE B 963 -9.73 37.19 -12.94
CA PHE B 963 -9.16 35.99 -13.54
C PHE B 963 -7.65 36.12 -13.48
N VAL B 964 -6.98 35.26 -12.71
CA VAL B 964 -5.56 35.38 -12.44
C VAL B 964 -4.83 34.13 -12.90
N LYS B 965 -3.63 34.34 -13.45
CA LYS B 965 -2.75 33.26 -13.88
C LYS B 965 -1.34 33.57 -13.41
N VAL B 966 -0.76 32.68 -12.61
CA VAL B 966 0.57 32.87 -12.04
C VAL B 966 1.49 31.83 -12.64
N ARG B 967 2.52 32.28 -13.37
CA ARG B 967 3.49 31.40 -13.99
C ARG B 967 4.79 31.47 -13.21
N MET B 968 5.26 30.31 -12.76
CA MET B 968 6.49 30.18 -11.99
C MET B 968 7.51 29.41 -12.82
N ARG B 969 8.78 29.79 -12.68
CA ARG B 969 9.87 29.24 -13.46
C ARG B 969 10.95 28.67 -12.54
N THR B 970 11.46 27.50 -12.89
CA THR B 970 12.53 26.84 -12.14
C THR B 970 13.52 26.26 -13.13
N THR B 971 14.68 25.84 -12.61
CA THR B 971 15.77 25.34 -13.43
C THR B 971 16.04 23.88 -13.09
N LYS B 972 16.08 23.03 -14.11
CA LYS B 972 16.39 21.62 -13.95
C LYS B 972 17.79 21.38 -14.49
N VAL B 973 18.66 20.84 -13.64
CA VAL B 973 20.05 20.53 -13.98
C VAL B 973 20.19 19.01 -13.98
N PRO B 974 20.85 18.41 -14.97
CA PRO B 974 20.96 16.95 -15.02
C PRO B 974 21.68 16.40 -13.80
N GLN B 975 21.19 15.24 -13.33
CA GLN B 975 21.75 14.58 -12.16
C GLN B 975 21.56 13.08 -12.32
N ILE B 976 21.87 12.33 -11.27
CA ILE B 976 21.73 10.88 -11.32
C ILE B 976 20.25 10.52 -11.37
N GLY B 977 19.88 9.71 -12.37
CA GLY B 977 18.50 9.29 -12.54
C GLY B 977 17.76 9.97 -13.66
N ASP B 978 18.30 11.05 -14.22
CA ASP B 978 17.65 11.72 -15.33
C ASP B 978 17.75 10.87 -16.60
N LYS B 979 16.70 10.94 -17.43
CA LYS B 979 16.57 10.09 -18.60
C LYS B 979 17.05 10.82 -19.84
N PHE B 980 17.94 10.18 -20.60
CA PHE B 980 18.47 10.70 -21.84
C PHE B 980 18.41 9.62 -22.91
N ALA B 981 18.07 10.02 -24.14
CA ALA B 981 17.95 9.08 -25.23
C ALA B 981 18.59 9.66 -26.48
N SER B 982 19.05 8.77 -27.36
CA SER B 982 19.60 9.15 -28.65
C SER B 982 18.50 9.06 -29.70
N ARG B 983 18.87 9.26 -30.97
CA ARG B 983 17.92 9.23 -32.06
C ARG B 983 17.74 7.83 -32.65
N HIS B 984 18.19 6.80 -31.95
CA HIS B 984 18.09 5.43 -32.45
C HIS B 984 17.48 4.50 -31.42
N GLY B 985 16.70 5.02 -30.47
CA GLY B 985 16.06 4.19 -29.48
C GLY B 985 16.95 3.75 -28.34
N GLN B 986 18.11 4.38 -28.16
CA GLN B 986 19.04 4.00 -27.09
C GLN B 986 18.84 4.91 -25.88
N LYS B 987 17.73 4.67 -25.18
CA LYS B 987 17.43 5.43 -23.99
C LYS B 987 18.19 4.88 -22.79
N GLY B 988 18.33 5.71 -21.76
CA GLY B 988 19.02 5.31 -20.56
C GLY B 988 18.96 6.40 -19.52
N THR B 989 19.60 6.14 -18.38
CA THR B 989 19.62 7.06 -17.26
C THR B 989 21.05 7.25 -16.77
N ILE B 990 21.28 8.38 -16.11
CA ILE B 990 22.59 8.68 -15.56
C ILE B 990 22.81 7.81 -14.32
N GLY B 991 23.95 7.12 -14.29
CA GLY B 991 24.31 6.29 -13.16
C GLY B 991 25.23 6.97 -12.18
N VAL B 992 26.19 7.74 -12.71
CA VAL B 992 27.14 8.47 -11.88
C VAL B 992 27.71 9.60 -12.72
N THR B 993 28.21 10.64 -12.06
CA THR B 993 28.84 11.77 -12.71
C THR B 993 30.29 11.87 -12.28
N TYR B 994 31.18 12.00 -13.25
CA TYR B 994 32.60 12.15 -13.01
C TYR B 994 33.08 13.54 -13.40
N ARG B 995 34.05 14.05 -12.67
CA ARG B 995 34.60 15.37 -12.97
C ARG B 995 35.54 15.30 -14.17
N HIS B 996 36.12 16.45 -14.52
CA HIS B 996 36.99 16.52 -15.70
C HIS B 996 38.23 15.66 -15.54
N GLU B 997 38.85 15.69 -14.37
CA GLU B 997 40.11 14.97 -14.16
C GLU B 997 39.92 13.47 -13.99
N ASP B 998 38.68 13.00 -13.78
CA ASP B 998 38.43 11.57 -13.61
C ASP B 998 38.02 10.87 -14.90
N MET B 999 37.48 11.61 -15.87
CA MET B 999 37.08 11.00 -17.13
C MET B 999 38.32 10.60 -17.93
N PRO B 1000 38.20 9.56 -18.77
CA PRO B 1000 39.32 9.21 -19.66
C PRO B 1000 39.55 10.31 -20.69
N PHE B 1001 40.81 10.45 -21.08
CA PHE B 1001 41.20 11.50 -22.01
C PHE B 1001 42.07 10.93 -23.11
N SER B 1002 41.99 11.54 -24.29
CA SER B 1002 42.82 11.15 -25.42
C SER B 1002 44.12 11.96 -25.39
N ALA B 1003 44.99 11.71 -26.36
CA ALA B 1003 46.26 12.42 -26.44
C ALA B 1003 46.06 13.89 -26.76
N GLU B 1004 44.94 14.27 -27.36
CA GLU B 1004 44.64 15.67 -27.65
C GLU B 1004 44.02 16.40 -26.46
N GLY B 1005 43.66 15.67 -25.40
CA GLY B 1005 43.07 16.28 -24.22
C GLY B 1005 41.55 16.32 -24.20
N ILE B 1006 40.90 15.76 -25.20
CA ILE B 1006 39.44 15.78 -25.27
C ILE B 1006 38.88 14.71 -24.34
N VAL B 1007 37.96 15.11 -23.47
CA VAL B 1007 37.27 14.18 -22.57
C VAL B 1007 35.82 14.04 -23.03
N PRO B 1008 35.23 12.85 -22.94
CA PRO B 1008 33.84 12.71 -23.38
C PRO B 1008 32.87 13.39 -22.43
N ASP B 1009 31.75 13.85 -22.99
CA ASP B 1009 30.65 14.35 -22.18
C ASP B 1009 29.72 13.22 -21.73
N LEU B 1010 29.86 12.03 -22.30
CA LEU B 1010 28.96 10.93 -22.00
C LEU B 1010 29.65 9.62 -22.36
N ILE B 1011 29.47 8.61 -21.51
CA ILE B 1011 30.02 7.28 -21.72
C ILE B 1011 28.88 6.29 -21.68
N ILE B 1012 28.79 5.43 -22.70
CA ILE B 1012 27.74 4.43 -22.79
C ILE B 1012 28.38 3.05 -22.91
N ASN B 1013 27.63 2.04 -22.49
CA ASN B 1013 28.13 0.68 -22.48
C ASN B 1013 28.09 0.09 -23.89
N PRO B 1014 29.17 -0.54 -24.35
CA PRO B 1014 29.12 -1.23 -25.65
C PRO B 1014 28.11 -2.36 -25.70
N HIS B 1015 27.75 -2.95 -24.55
CA HIS B 1015 26.86 -4.09 -24.53
C HIS B 1015 25.46 -3.77 -25.05
N ALA B 1016 25.11 -2.50 -25.14
CA ALA B 1016 23.82 -2.11 -25.71
C ALA B 1016 23.82 -2.11 -27.23
N ILE B 1017 24.98 -2.16 -27.87
CA ILE B 1017 25.09 -2.06 -29.32
C ILE B 1017 24.67 -3.35 -30.03
N PRO B 1018 25.31 -4.51 -29.78
CA PRO B 1018 25.06 -5.67 -30.66
C PRO B 1018 23.68 -6.28 -30.49
N SER B 1019 23.02 -6.09 -29.36
CA SER B 1019 21.70 -6.69 -29.16
C SER B 1019 20.65 -6.01 -30.03
N ARG B 1020 20.68 -4.69 -30.12
CA ARG B 1020 19.67 -3.94 -30.85
C ARG B 1020 20.04 -3.68 -32.31
N MET B 1021 21.24 -4.07 -32.73
CA MET B 1021 21.68 -3.93 -34.11
C MET B 1021 21.59 -2.48 -34.59
N THR B 1022 21.96 -1.54 -33.72
CA THR B 1022 21.90 -0.12 -34.05
C THR B 1022 23.20 0.31 -34.72
N VAL B 1023 23.40 -0.18 -35.94
CA VAL B 1023 24.55 0.23 -36.74
C VAL B 1023 24.44 1.70 -37.11
N ALA B 1024 23.21 2.20 -37.25
CA ALA B 1024 23.01 3.61 -37.59
C ALA B 1024 23.59 4.54 -36.53
N HIS B 1025 23.61 4.09 -35.27
CA HIS B 1025 24.22 4.91 -34.22
C HIS B 1025 25.71 5.12 -34.49
N LEU B 1026 26.43 4.05 -34.79
CA LEU B 1026 27.86 4.16 -35.08
C LEU B 1026 28.12 4.93 -36.36
N ILE B 1027 27.30 4.71 -37.39
CA ILE B 1027 27.47 5.44 -38.63
C ILE B 1027 27.24 6.93 -38.42
N GLU B 1028 26.22 7.28 -37.63
CA GLU B 1028 25.95 8.68 -37.32
C GLU B 1028 27.09 9.29 -36.51
N CYS B 1029 27.66 8.53 -35.58
CA CYS B 1029 28.80 9.03 -34.80
C CYS B 1029 29.99 9.33 -35.72
N LEU B 1030 30.29 8.41 -36.64
CA LEU B 1030 31.39 8.62 -37.57
C LEU B 1030 31.14 9.83 -38.46
N LEU B 1031 29.93 9.95 -38.99
CA LEU B 1031 29.61 11.08 -39.86
C LEU B 1031 29.66 12.39 -39.11
N SER B 1032 29.19 12.40 -37.86
CA SER B 1032 29.25 13.61 -37.05
C SER B 1032 30.69 14.00 -36.76
N LYS B 1033 31.54 13.03 -36.47
CA LYS B 1033 32.96 13.32 -36.26
C LYS B 1033 33.59 13.93 -37.50
N VAL B 1034 33.31 13.33 -38.67
CA VAL B 1034 33.87 13.85 -39.91
C VAL B 1034 33.37 15.26 -40.19
N GLY B 1035 32.07 15.51 -39.99
CA GLY B 1035 31.53 16.83 -40.23
C GLY B 1035 32.06 17.87 -39.26
N SER B 1036 32.25 17.48 -38.00
CA SER B 1036 32.80 18.41 -37.01
C SER B 1036 34.24 18.76 -37.34
N ILE B 1037 35.04 17.78 -37.78
CA ILE B 1037 36.42 18.06 -38.13
C ILE B 1037 36.49 18.95 -39.37
N ARG B 1038 35.72 18.59 -40.41
CA ARG B 1038 35.76 19.34 -41.65
C ARG B 1038 34.99 20.66 -41.58
N GLY B 1039 33.93 20.71 -40.78
CA GLY B 1039 33.21 21.95 -40.59
C GLY B 1039 31.93 22.10 -41.41
N TYR B 1040 31.11 21.05 -41.43
CA TYR B 1040 29.79 21.13 -42.06
C TYR B 1040 28.88 20.10 -41.39
N GLU B 1041 27.66 20.00 -41.90
CA GLU B 1041 26.68 19.05 -41.41
C GLU B 1041 26.58 17.88 -42.37
N GLY B 1042 26.76 16.66 -41.84
CA GLY B 1042 26.70 15.49 -42.68
C GLY B 1042 25.28 15.18 -43.13
N ASP B 1043 25.18 14.56 -44.29
CA ASP B 1043 23.90 14.16 -44.86
C ASP B 1043 23.62 12.72 -44.49
N ALA B 1044 22.53 12.50 -43.76
CA ALA B 1044 22.12 11.17 -43.30
C ALA B 1044 20.77 10.78 -43.88
N THR B 1045 20.52 11.20 -45.12
CA THR B 1045 19.26 10.85 -45.77
C THR B 1045 19.27 9.37 -46.13
N PRO B 1046 18.21 8.63 -45.85
CA PRO B 1046 18.17 7.22 -46.21
C PRO B 1046 18.08 7.02 -47.71
N PHE B 1047 18.46 5.81 -48.14
CA PHE B 1047 18.40 5.40 -49.54
C PHE B 1047 19.22 6.32 -50.44
N THR B 1048 20.42 6.65 -50.00
CA THR B 1048 21.37 7.44 -50.78
C THR B 1048 22.56 6.58 -51.17
N ASP B 1049 23.51 7.19 -51.86
CA ASP B 1049 24.72 6.49 -52.29
C ASP B 1049 25.84 6.57 -51.26
N LEU B 1050 25.60 7.21 -50.11
CA LEU B 1050 26.62 7.33 -49.09
C LEU B 1050 26.89 5.97 -48.44
N THR B 1051 28.17 5.63 -48.31
CA THR B 1051 28.59 4.38 -47.71
C THR B 1051 29.54 4.65 -46.56
N VAL B 1052 29.76 3.62 -45.73
CA VAL B 1052 30.65 3.74 -44.60
C VAL B 1052 32.09 3.93 -45.07
N ASP B 1053 32.47 3.30 -46.18
CA ASP B 1053 33.85 3.39 -46.66
C ASP B 1053 34.21 4.82 -47.05
N ALA B 1054 33.29 5.56 -47.66
CA ALA B 1054 33.57 6.94 -48.02
C ALA B 1054 33.79 7.80 -46.79
N VAL B 1055 32.95 7.62 -45.76
CA VAL B 1055 33.13 8.37 -44.53
C VAL B 1055 34.45 8.00 -43.85
N SER B 1056 34.81 6.72 -43.91
CA SER B 1056 36.08 6.29 -43.34
C SER B 1056 37.26 6.91 -44.08
N ASN B 1057 37.17 6.99 -45.41
CA ASN B 1057 38.23 7.65 -46.18
C ASN B 1057 38.32 9.13 -45.82
N LEU B 1058 37.17 9.79 -45.68
CA LEU B 1058 37.17 11.20 -45.29
C LEU B 1058 37.80 11.40 -43.91
N LEU B 1059 37.49 10.51 -42.97
CA LEU B 1059 38.08 10.61 -41.63
C LEU B 1059 39.57 10.35 -41.67
N ARG B 1060 40.01 9.39 -42.48
CA ARG B 1060 41.44 9.08 -42.58
C ARG B 1060 42.20 10.25 -43.20
N ASP B 1061 41.58 10.93 -44.16
CA ASP B 1061 42.22 12.09 -44.78
C ASP B 1061 42.40 13.25 -43.82
N ASN B 1062 41.71 13.23 -42.67
CA ASN B 1062 41.78 14.30 -41.69
C ASN B 1062 42.75 14.01 -40.56
N GLY B 1063 43.57 12.97 -40.68
CA GLY B 1063 44.56 12.65 -39.68
C GLY B 1063 44.06 11.78 -38.53
N TYR B 1064 42.84 11.27 -38.60
CA TYR B 1064 42.30 10.39 -37.57
C TYR B 1064 42.20 8.97 -38.09
N GLN B 1065 41.98 8.04 -37.17
CA GLN B 1065 41.81 6.65 -37.54
C GLN B 1065 40.51 6.48 -38.32
N SER B 1066 40.55 5.64 -39.37
CA SER B 1066 39.45 5.57 -40.31
C SER B 1066 38.17 5.04 -39.67
N ARG B 1067 38.28 4.14 -38.70
CA ARG B 1067 37.11 3.53 -38.08
C ARG B 1067 36.61 4.29 -36.86
N GLY B 1068 37.23 5.42 -36.52
CA GLY B 1068 36.79 6.22 -35.40
C GLY B 1068 37.41 5.87 -34.07
N PHE B 1069 38.25 4.83 -34.01
CA PHE B 1069 38.90 4.47 -32.76
C PHE B 1069 39.96 5.51 -32.38
N GLU B 1070 40.08 5.74 -31.08
CA GLU B 1070 41.08 6.67 -30.55
C GLU B 1070 41.77 6.03 -29.36
N VAL B 1071 43.06 6.36 -29.20
CA VAL B 1071 43.82 5.88 -28.05
C VAL B 1071 43.51 6.78 -26.86
N MET B 1072 42.99 6.19 -25.79
CA MET B 1072 42.58 6.93 -24.61
C MET B 1072 43.43 6.54 -23.42
N TYR B 1073 43.45 7.41 -22.42
CA TYR B 1073 44.24 7.22 -21.22
C TYR B 1073 43.32 7.18 -20.01
N ASN B 1074 43.69 6.36 -19.03
CA ASN B 1074 42.91 6.27 -17.80
C ASN B 1074 43.07 7.55 -16.98
N GLY B 1075 41.95 8.05 -16.46
CA GLY B 1075 41.98 9.29 -15.71
C GLY B 1075 42.58 9.15 -14.33
N HIS B 1076 42.44 7.97 -13.71
CA HIS B 1076 42.92 7.78 -12.35
C HIS B 1076 44.44 7.71 -12.29
N THR B 1077 45.04 6.95 -13.20
CA THR B 1077 46.48 6.70 -13.15
C THR B 1077 47.27 7.32 -14.29
N GLY B 1078 46.61 7.73 -15.38
CA GLY B 1078 47.31 8.26 -16.53
C GLY B 1078 47.88 7.22 -17.45
N LYS B 1079 47.69 5.93 -17.17
CA LYS B 1079 48.22 4.87 -17.99
C LYS B 1079 47.39 4.71 -19.27
N LYS B 1080 48.04 4.22 -20.32
CA LYS B 1080 47.35 3.94 -21.57
C LYS B 1080 46.33 2.83 -21.39
N LEU B 1081 45.18 2.98 -22.03
CA LEU B 1081 44.19 1.91 -22.05
C LEU B 1081 44.60 0.86 -23.08
N MET B 1082 44.45 -0.41 -22.70
CA MET B 1082 44.85 -1.50 -23.59
C MET B 1082 43.97 -1.54 -24.83
N ALA B 1083 42.69 -1.26 -24.69
CA ALA B 1083 41.74 -1.28 -25.79
C ALA B 1083 41.38 0.14 -26.20
N GLN B 1084 41.42 0.40 -27.50
CA GLN B 1084 41.02 1.70 -28.02
C GLN B 1084 39.51 1.87 -27.94
N VAL B 1085 39.08 3.13 -27.88
CA VAL B 1085 37.70 3.47 -27.56
C VAL B 1085 37.08 4.21 -28.73
N PHE B 1086 35.90 3.77 -29.16
CA PHE B 1086 35.10 4.54 -30.10
C PHE B 1086 34.70 5.86 -29.46
N PHE B 1087 34.97 6.96 -30.17
CA PHE B 1087 34.94 8.28 -29.56
C PHE B 1087 34.51 9.30 -30.61
N GLY B 1088 33.40 9.98 -30.38
CA GLY B 1088 32.96 10.99 -31.33
C GLY B 1088 31.67 11.67 -30.93
N PRO B 1089 31.35 12.78 -31.61
CA PRO B 1089 30.09 13.47 -31.30
C PRO B 1089 28.88 12.67 -31.75
N THR B 1090 27.79 12.83 -31.00
CA THR B 1090 26.53 12.18 -31.31
C THR B 1090 25.39 13.02 -30.74
N TYR B 1091 24.29 13.10 -31.47
CA TYR B 1091 23.14 13.88 -31.04
C TYR B 1091 22.40 13.14 -29.93
N TYR B 1092 22.13 13.83 -28.83
CA TYR B 1092 21.37 13.29 -27.72
C TYR B 1092 20.32 14.32 -27.30
N GLN B 1093 19.19 13.81 -26.80
CA GLN B 1093 18.09 14.66 -26.39
C GLN B 1093 17.65 14.28 -24.99
N ARG B 1094 17.23 15.29 -24.22
CA ARG B 1094 16.81 15.11 -22.84
C ARG B 1094 15.32 14.86 -22.79
N LEU B 1095 14.92 13.79 -22.09
CA LEU B 1095 13.53 13.41 -22.00
C LEU B 1095 12.86 13.99 -20.76
N ARG B 1096 11.54 14.03 -20.78
CA ARG B 1096 10.75 14.57 -19.68
C ARG B 1096 10.47 13.51 -18.61
N HIS B 1097 11.53 12.86 -18.13
CA HIS B 1097 11.41 11.83 -17.09
C HIS B 1097 12.55 12.09 -16.10
N MET B 1098 12.24 12.82 -15.04
CA MET B 1098 13.23 13.27 -14.08
C MET B 1098 13.00 12.56 -12.75
N VAL B 1099 14.10 12.19 -12.09
CA VAL B 1099 13.99 11.43 -10.85
C VAL B 1099 13.34 12.24 -9.74
N ASP B 1100 13.60 13.55 -9.70
CA ASP B 1100 13.01 14.39 -8.67
C ASP B 1100 11.50 14.55 -8.83
N ASP B 1101 10.97 14.28 -10.03
CA ASP B 1101 9.54 14.32 -10.27
C ASP B 1101 8.88 12.96 -10.10
N LYS B 1102 9.63 11.94 -9.72
CA LYS B 1102 9.09 10.60 -9.55
C LYS B 1102 9.38 9.98 -8.19
N ILE B 1103 10.27 10.55 -7.39
CA ILE B 1103 10.56 10.00 -6.07
C ILE B 1103 9.36 10.22 -5.16
N HIS B 1104 9.00 9.18 -4.41
CA HIS B 1104 7.83 9.23 -3.55
C HIS B 1104 8.07 8.38 -2.31
N ALA B 1105 7.61 8.88 -1.17
CA ALA B 1105 7.69 8.15 0.09
C ALA B 1105 6.55 8.60 0.99
N ARG B 1106 6.08 7.69 1.84
CA ARG B 1106 5.00 8.00 2.76
C ARG B 1106 5.09 7.12 3.99
N ALA B 1107 5.00 7.74 5.17
CA ALA B 1107 4.88 7.00 6.43
C ALA B 1107 3.43 6.98 6.90
N ARG B 1108 2.82 8.15 7.07
CA ARG B 1108 1.41 8.25 7.41
C ARG B 1108 0.88 9.58 6.91
N GLY B 1109 -0.30 9.55 6.30
CA GLY B 1109 -0.90 10.74 5.74
C GLY B 1109 -2.40 10.64 5.62
N PRO B 1110 -2.96 11.35 4.63
CA PRO B 1110 -4.41 11.34 4.45
C PRO B 1110 -4.91 9.97 4.01
N VAL B 1111 -6.16 9.68 4.37
CA VAL B 1111 -6.81 8.42 4.03
C VAL B 1111 -8.13 8.72 3.33
N GLN B 1112 -8.61 7.73 2.57
CA GLN B 1112 -9.88 7.86 1.88
C GLN B 1112 -11.04 7.92 2.87
N VAL B 1113 -12.08 8.64 2.49
CA VAL B 1113 -13.24 8.78 3.37
C VAL B 1113 -14.01 7.47 3.47
N LEU B 1114 -14.16 6.76 2.36
CA LEU B 1114 -14.99 5.56 2.34
C LEU B 1114 -14.29 4.37 2.97
N THR B 1115 -13.15 3.95 2.40
CA THR B 1115 -12.47 2.74 2.82
C THR B 1115 -11.44 2.97 3.92
N ARG B 1116 -11.16 4.22 4.28
CA ARG B 1116 -10.15 4.56 5.28
C ARG B 1116 -8.78 3.99 4.91
N GLN B 1117 -8.48 3.97 3.62
CA GLN B 1117 -7.21 3.51 3.09
C GLN B 1117 -6.40 4.69 2.55
N PRO B 1118 -5.09 4.55 2.45
CA PRO B 1118 -4.27 5.67 1.94
C PRO B 1118 -4.69 6.09 0.54
N VAL B 1119 -4.64 7.39 0.29
CA VAL B 1119 -5.10 7.98 -0.96
C VAL B 1119 -4.17 7.59 -2.11
N GLU B 1120 -4.60 7.87 -3.33
CA GLU B 1120 -3.81 7.57 -4.52
C GLU B 1120 -3.26 8.86 -5.12
N GLY B 1121 -1.96 8.88 -5.40
CA GLY B 1121 -1.35 10.03 -6.02
C GLY B 1121 -0.10 10.51 -5.30
N ARG B 1122 0.99 10.72 -6.05
CA ARG B 1122 2.22 11.20 -5.46
C ARG B 1122 2.06 12.61 -4.90
N SER B 1123 1.35 13.49 -5.62
CA SER B 1123 1.17 14.85 -5.17
C SER B 1123 0.33 14.92 -3.91
N ARG B 1124 -0.70 14.07 -3.81
CA ARG B 1124 -1.61 14.07 -2.67
C ARG B 1124 -1.06 13.30 -1.48
N ASP B 1125 0.24 13.00 -1.47
CA ASP B 1125 0.89 12.19 -0.43
C ASP B 1125 0.15 10.85 -0.30
N GLY B 1126 0.18 10.10 -1.40
CA GLY B 1126 -0.51 8.83 -1.48
C GLY B 1126 0.34 7.66 -1.01
N GLY B 1127 -0.29 6.50 -0.98
CA GLY B 1127 0.36 5.27 -0.55
C GLY B 1127 0.47 4.28 -1.70
N LEU B 1128 1.56 3.51 -1.69
CA LEU B 1128 1.76 2.50 -2.71
C LEU B 1128 0.80 1.34 -2.53
N ARG B 1129 0.50 0.66 -3.64
CA ARG B 1129 -0.49 -0.41 -3.65
C ARG B 1129 0.20 -1.76 -3.50
N PHE B 1130 -0.35 -2.58 -2.60
CA PHE B 1130 0.10 -3.95 -2.39
C PHE B 1130 -0.92 -4.86 -3.07
N GLY B 1131 -0.69 -5.14 -4.35
CA GLY B 1131 -1.67 -5.83 -5.17
C GLY B 1131 -1.74 -7.32 -4.87
N GLU B 1132 -2.53 -8.01 -5.72
CA GLU B 1132 -2.74 -9.43 -5.52
C GLU B 1132 -1.49 -10.24 -5.79
N MET B 1133 -0.68 -9.83 -6.77
CA MET B 1133 0.56 -10.55 -7.05
C MET B 1133 1.56 -10.42 -5.91
N GLU B 1134 1.61 -9.28 -5.24
CA GLU B 1134 2.44 -9.15 -4.06
C GLU B 1134 1.96 -10.09 -2.96
N ARG B 1135 0.64 -10.22 -2.80
CA ARG B 1135 0.10 -11.17 -1.83
C ARG B 1135 0.49 -12.61 -2.19
N ASP B 1136 0.45 -12.95 -3.48
CA ASP B 1136 0.85 -14.28 -3.91
C ASP B 1136 2.33 -14.53 -3.63
N CYS B 1137 3.17 -13.51 -3.87
CA CYS B 1137 4.59 -13.65 -3.58
C CYS B 1137 4.86 -13.84 -2.10
N MET B 1138 4.14 -13.09 -1.25
CA MET B 1138 4.25 -13.29 0.19
C MET B 1138 3.75 -14.66 0.63
N ILE B 1139 2.68 -15.16 0.01
CA ILE B 1139 2.22 -16.51 0.32
C ILE B 1139 3.27 -17.54 -0.05
N ALA B 1140 3.89 -17.38 -1.23
CA ALA B 1140 4.96 -18.29 -1.64
C ALA B 1140 6.15 -18.22 -0.69
N HIS B 1141 6.49 -17.01 -0.24
CA HIS B 1141 7.60 -16.85 0.70
C HIS B 1141 7.30 -17.45 2.07
N GLY B 1142 6.03 -17.62 2.42
CA GLY B 1142 5.67 -18.17 3.71
C GLY B 1142 5.63 -17.18 4.86
N ALA B 1143 5.77 -15.89 4.58
CA ALA B 1143 5.78 -14.86 5.62
C ALA B 1143 4.34 -14.44 5.89
N ALA B 1144 3.68 -15.15 6.81
CA ALA B 1144 2.30 -14.82 7.14
C ALA B 1144 2.21 -13.56 7.98
N GLY B 1145 3.13 -13.39 8.94
CA GLY B 1145 3.08 -12.23 9.81
C GLY B 1145 3.31 -10.92 9.07
N PHE B 1146 4.26 -10.91 8.13
CA PHE B 1146 4.50 -9.71 7.35
C PHE B 1146 3.28 -9.34 6.51
N LEU B 1147 2.64 -10.33 5.89
CA LEU B 1147 1.44 -10.05 5.11
C LEU B 1147 0.32 -9.52 6.01
N LYS B 1148 0.16 -10.11 7.19
CA LYS B 1148 -0.87 -9.64 8.12
C LYS B 1148 -0.62 -8.20 8.54
N GLU B 1149 0.63 -7.86 8.87
CA GLU B 1149 0.91 -6.50 9.30
C GLU B 1149 0.80 -5.51 8.14
N ARG B 1150 1.20 -5.94 6.94
CA ARG B 1150 1.11 -5.06 5.78
C ARG B 1150 -0.34 -4.76 5.42
N LEU B 1151 -1.22 -5.75 5.55
CA LEU B 1151 -2.61 -5.54 5.16
C LEU B 1151 -3.50 -5.08 6.31
N MET B 1152 -3.02 -5.08 7.54
CA MET B 1152 -3.81 -4.58 8.66
C MET B 1152 -3.20 -3.35 9.32
N GLU B 1153 -1.97 -3.45 9.83
CA GLU B 1153 -1.38 -2.33 10.57
C GLU B 1153 -0.93 -1.21 9.65
N ALA B 1154 -0.49 -1.53 8.44
CA ALA B 1154 -0.13 -0.52 7.45
C ALA B 1154 -1.31 -0.10 6.59
N SER B 1155 -2.52 -0.45 6.99
CA SER B 1155 -3.72 -0.16 6.21
C SER B 1155 -4.89 0.04 7.16
N ASP B 1156 -6.11 -0.06 6.64
CA ASP B 1156 -7.31 0.30 7.37
C ASP B 1156 -7.69 -0.71 8.45
N ALA B 1157 -6.90 -0.80 9.52
CA ALA B 1157 -7.32 -1.59 10.67
C ALA B 1157 -8.49 -0.93 11.38
N PHE B 1158 -9.36 -1.75 11.96
CA PHE B 1158 -10.53 -1.23 12.65
C PHE B 1158 -10.97 -2.24 13.69
N ARG B 1159 -11.66 -1.75 14.73
CA ARG B 1159 -12.17 -2.58 15.80
C ARG B 1159 -13.70 -2.57 15.76
N VAL B 1160 -14.29 -3.76 15.74
CA VAL B 1160 -15.74 -3.92 15.71
C VAL B 1160 -16.17 -4.79 16.87
N HIS B 1161 -17.47 -4.75 17.16
CA HIS B 1161 -18.06 -5.55 18.23
C HIS B 1161 -19.14 -6.44 17.64
N VAL B 1162 -19.15 -7.71 18.08
CA VAL B 1162 -20.10 -8.69 17.59
C VAL B 1162 -20.80 -9.34 18.78
N CYS B 1163 -21.97 -9.89 18.52
CA CYS B 1163 -22.74 -10.54 19.55
C CYS B 1163 -22.55 -12.03 19.49
N GLY B 1164 -22.47 -12.67 20.63
CA GLY B 1164 -22.25 -14.11 20.68
C GLY B 1164 -23.46 -14.95 20.37
N ILE B 1165 -24.60 -14.33 20.07
CA ILE B 1165 -25.77 -15.07 19.66
C ILE B 1165 -26.05 -14.89 18.17
N CYS B 1166 -26.40 -13.67 17.76
CA CYS B 1166 -26.75 -13.42 16.36
C CYS B 1166 -25.55 -13.47 15.46
N GLY B 1167 -24.40 -13.16 16.01
CA GLY B 1167 -23.18 -13.17 15.23
C GLY B 1167 -23.12 -11.94 14.38
N LEU B 1168 -24.12 -11.07 14.47
CA LEU B 1168 -24.13 -9.91 13.58
C LEU B 1168 -23.44 -8.72 14.24
N MET B 1169 -23.10 -7.75 13.41
CA MET B 1169 -22.43 -6.53 13.86
C MET B 1169 -23.42 -5.43 14.20
N SER B 1170 -24.40 -5.77 15.04
CA SER B 1170 -25.44 -4.83 15.46
C SER B 1170 -25.31 -4.47 16.94
N VAL B 1171 -24.15 -4.69 17.53
CA VAL B 1171 -23.94 -4.42 18.96
C VAL B 1171 -23.71 -2.92 19.15
N ILE B 1172 -24.53 -2.31 19.99
CA ILE B 1172 -24.34 -0.91 20.38
C ILE B 1172 -23.40 -0.87 21.57
N ALA B 1173 -22.28 -0.15 21.41
CA ALA B 1173 -21.22 -0.11 22.40
C ALA B 1173 -20.95 1.34 22.79
N ASN B 1174 -20.87 1.58 24.11
CA ASN B 1174 -20.51 2.89 24.65
C ASN B 1174 -19.36 2.65 25.63
N LEU B 1175 -18.14 2.92 25.16
CA LEU B 1175 -16.94 2.68 25.96
C LEU B 1175 -16.73 3.73 27.04
N LYS B 1176 -17.34 4.91 26.91
CA LYS B 1176 -17.20 5.94 27.94
C LYS B 1176 -17.82 5.48 29.26
N LYS B 1177 -18.99 4.85 29.19
CA LYS B 1177 -19.68 4.35 30.37
C LYS B 1177 -19.74 2.82 30.40
N ASN B 1178 -19.07 2.15 29.46
CA ASN B 1178 -18.91 0.69 29.46
C ASN B 1178 -20.27 -0.01 29.42
N GLN B 1179 -21.00 0.23 28.33
CA GLN B 1179 -22.30 -0.41 28.13
C GLN B 1179 -22.33 -1.06 26.75
N PHE B 1180 -22.49 -2.38 26.72
CA PHE B 1180 -22.61 -3.14 25.49
C PHE B 1180 -23.99 -3.79 25.46
N GLU B 1181 -24.71 -3.60 24.34
CA GLU B 1181 -26.07 -4.12 24.26
C GLU B 1181 -26.37 -4.58 22.85
N CYS B 1182 -27.19 -5.63 22.73
CA CYS B 1182 -27.66 -6.12 21.43
C CYS B 1182 -29.18 -6.06 21.47
N ARG B 1183 -29.78 -5.21 20.66
CA ARG B 1183 -31.23 -5.02 20.65
C ARG B 1183 -31.96 -6.30 20.25
N SER B 1184 -31.49 -6.98 19.24
CA SER B 1184 -32.20 -8.14 18.75
C SER B 1184 -32.24 -9.26 19.78
N CYS B 1185 -31.08 -9.70 20.24
CA CYS B 1185 -31.04 -10.84 21.15
C CYS B 1185 -31.03 -10.45 22.61
N LYS B 1186 -31.29 -9.19 22.92
CA LYS B 1186 -31.40 -8.75 24.31
C LYS B 1186 -30.17 -9.19 25.12
N ASN B 1187 -29.01 -9.08 24.46
CA ASN B 1187 -27.77 -9.53 25.08
C ASN B 1187 -26.93 -8.39 25.55
N LYS B 1188 -26.30 -8.56 26.70
CA LYS B 1188 -25.42 -7.55 27.26
C LYS B 1188 -24.12 -8.12 27.81
N THR B 1189 -23.95 -9.44 27.80
CA THR B 1189 -22.76 -10.08 28.35
C THR B 1189 -21.95 -10.83 27.30
N ASN B 1190 -22.61 -11.65 26.48
CA ASN B 1190 -21.91 -12.48 25.48
C ASN B 1190 -21.64 -11.64 24.22
N ILE B 1191 -20.72 -10.69 24.36
CA ILE B 1191 -20.34 -9.79 23.28
C ILE B 1191 -18.81 -9.77 23.18
N TYR B 1192 -18.30 -9.94 21.97
CA TYR B 1192 -16.86 -9.98 21.73
C TYR B 1192 -16.46 -8.81 20.85
N GLN B 1193 -15.14 -8.60 20.75
CA GLN B 1193 -14.57 -7.57 19.89
C GLN B 1193 -13.55 -8.19 18.95
N LEU B 1194 -13.49 -7.65 17.74
CA LEU B 1194 -12.62 -8.18 16.69
C LEU B 1194 -11.84 -7.03 16.03
N HIS B 1195 -10.66 -7.38 15.53
CA HIS B 1195 -9.83 -6.46 14.74
C HIS B 1195 -9.89 -6.92 13.30
N ILE B 1196 -10.53 -6.12 12.45
CA ILE B 1196 -10.72 -6.49 11.05
C ILE B 1196 -10.39 -5.28 10.18
N PRO B 1197 -10.09 -5.51 8.89
CA PRO B 1197 -9.95 -4.37 7.97
C PRO B 1197 -11.26 -3.61 7.86
N TYR B 1198 -11.13 -2.29 7.65
CA TYR B 1198 -12.31 -1.45 7.46
C TYR B 1198 -13.05 -1.82 6.19
N ALA B 1199 -12.32 -2.28 5.16
CA ALA B 1199 -12.97 -2.74 3.94
C ALA B 1199 -13.83 -3.97 4.21
N ALA B 1200 -13.39 -4.86 5.11
CA ALA B 1200 -14.22 -6.00 5.49
C ALA B 1200 -15.50 -5.54 6.19
N LYS B 1201 -15.38 -4.53 7.05
CA LYS B 1201 -16.56 -3.97 7.71
C LYS B 1201 -17.53 -3.39 6.68
N LEU B 1202 -17.00 -2.66 5.70
CA LEU B 1202 -17.85 -2.09 4.66
C LEU B 1202 -18.51 -3.17 3.82
N LEU B 1203 -17.78 -4.23 3.50
CA LEU B 1203 -18.35 -5.35 2.76
C LEU B 1203 -19.48 -6.01 3.53
N PHE B 1204 -19.27 -6.24 4.83
CA PHE B 1204 -20.31 -6.86 5.64
C PHE B 1204 -21.53 -5.96 5.75
N GLN B 1205 -21.32 -4.65 5.88
CA GLN B 1205 -22.44 -3.73 5.96
C GLN B 1205 -23.22 -3.69 4.64
N GLU B 1206 -22.52 -3.72 3.51
CA GLU B 1206 -23.19 -3.76 2.22
C GLU B 1206 -23.97 -5.07 2.04
N LEU B 1207 -23.39 -6.18 2.48
CA LEU B 1207 -24.10 -7.46 2.42
C LEU B 1207 -25.37 -7.43 3.27
N MET B 1208 -25.28 -6.82 4.45
CA MET B 1208 -26.48 -6.64 5.27
C MET B 1208 -27.50 -5.75 4.56
N ALA B 1209 -27.02 -4.71 3.86
CA ALA B 1209 -27.92 -3.85 3.11
C ALA B 1209 -28.60 -4.59 1.96
N MET B 1210 -27.96 -5.63 1.43
CA MET B 1210 -28.53 -6.42 0.34
C MET B 1210 -29.26 -7.67 0.85
N ASN B 1211 -29.79 -7.62 2.07
CA ASN B 1211 -30.58 -8.70 2.65
C ASN B 1211 -29.79 -10.01 2.75
N ILE B 1212 -28.49 -9.91 2.99
CA ILE B 1212 -27.62 -11.05 3.24
C ILE B 1212 -27.04 -10.90 4.64
N ALA B 1213 -27.03 -11.98 5.41
CA ALA B 1213 -26.61 -11.94 6.81
C ALA B 1213 -25.35 -12.77 7.00
N PRO B 1214 -24.16 -12.17 6.88
CA PRO B 1214 -22.92 -12.88 7.22
C PRO B 1214 -22.65 -12.77 8.72
N ARG B 1215 -22.71 -13.89 9.41
CA ARG B 1215 -22.55 -13.93 10.85
C ARG B 1215 -21.14 -14.39 11.19
N LEU B 1216 -20.42 -13.59 11.96
CA LEU B 1216 -19.06 -13.89 12.38
C LEU B 1216 -19.10 -14.56 13.76
N TYR B 1217 -18.68 -15.81 13.82
CA TYR B 1217 -18.67 -16.57 15.06
C TYR B 1217 -17.23 -16.91 15.43
N THR B 1218 -16.88 -16.68 16.68
CA THR B 1218 -15.53 -16.89 17.17
C THR B 1218 -15.30 -18.31 17.69
N GLU B 1219 -16.30 -19.18 17.60
CA GLU B 1219 -16.19 -20.56 18.03
C GLU B 1219 -16.76 -21.48 16.96
N ARG B 1220 -16.19 -22.68 16.87
CA ARG B 1220 -16.63 -23.66 15.89
C ARG B 1220 -17.75 -24.51 16.48
N SER B 1221 -18.92 -24.49 15.83
CA SER B 1221 -20.05 -25.27 16.31
C SER B 1221 -19.76 -26.77 16.26
N GLY B 1222 -19.13 -27.22 15.19
CA GLY B 1222 -18.82 -28.63 15.02
C GLY B 1222 -20.04 -29.49 14.73
N GLU C 4 67.31 15.15 -10.46
CA GLU C 4 67.04 14.09 -11.43
C GLU C 4 65.92 14.41 -12.43
N PRO C 5 64.77 14.93 -11.98
CA PRO C 5 63.74 15.34 -12.95
C PRO C 5 64.25 16.46 -13.85
N LYS C 6 63.84 16.40 -15.12
CA LYS C 6 64.24 17.39 -16.11
C LYS C 6 63.02 17.92 -16.84
N VAL C 7 63.05 19.20 -17.18
CA VAL C 7 61.95 19.87 -17.88
C VAL C 7 62.50 20.46 -19.17
N ASN C 8 61.82 20.20 -20.28
CA ASN C 8 62.17 20.77 -21.58
C ASN C 8 60.93 21.42 -22.15
N ILE C 9 61.04 22.72 -22.47
CA ILE C 9 59.92 23.50 -22.97
C ILE C 9 60.04 23.58 -24.48
N ILE C 10 59.03 23.07 -25.19
CA ILE C 10 59.02 23.11 -26.65
C ILE C 10 58.43 24.41 -27.16
N ASN C 11 57.25 24.78 -26.66
CA ASN C 11 56.61 26.03 -27.04
C ASN C 11 56.06 26.72 -25.80
N ALA C 12 56.07 28.04 -25.81
CA ALA C 12 55.62 28.82 -24.67
C ALA C 12 54.93 30.09 -25.13
N GLN C 13 53.77 30.37 -24.54
CA GLN C 13 53.08 31.63 -24.73
C GLN C 13 52.10 31.80 -23.59
N ASP C 14 51.66 33.05 -23.39
CA ASP C 14 50.82 33.39 -22.24
C ASP C 14 49.54 32.58 -22.20
N ASP C 15 49.10 32.04 -23.33
CA ASP C 15 47.89 31.23 -23.36
C ASP C 15 48.16 29.74 -23.14
N GLU C 16 49.34 29.24 -23.53
CA GLU C 16 49.57 27.81 -23.44
C GLU C 16 51.06 27.50 -23.46
N VAL C 17 51.44 26.40 -22.82
CA VAL C 17 52.80 25.91 -22.84
C VAL C 17 52.80 24.44 -23.23
N GLU C 18 53.62 24.09 -24.21
CA GLU C 18 53.82 22.71 -24.64
C GLU C 18 55.21 22.31 -24.19
N LEU C 19 55.30 21.40 -23.22
CA LEU C 19 56.55 21.06 -22.58
C LEU C 19 56.68 19.54 -22.47
N MET C 20 57.82 19.10 -21.95
CA MET C 20 58.18 17.69 -21.88
C MET C 20 58.84 17.41 -20.54
N LEU C 21 58.40 16.34 -19.88
CA LEU C 21 58.94 15.89 -18.61
C LEU C 21 59.67 14.57 -18.80
N SER C 22 60.76 14.40 -18.05
CA SER C 22 61.55 13.19 -18.13
C SER C 22 62.09 12.85 -16.76
N ASP C 23 62.48 11.57 -16.59
CA ASP C 23 63.02 11.05 -15.34
C ASP C 23 62.07 11.26 -14.17
N VAL C 24 60.78 11.08 -14.42
CA VAL C 24 59.75 11.15 -13.39
C VAL C 24 58.81 9.96 -13.56
N ASN C 25 58.14 9.62 -12.46
CA ASN C 25 57.15 8.54 -12.50
C ASN C 25 55.90 9.01 -13.23
N LEU C 26 55.15 8.04 -13.78
CA LEU C 26 53.91 8.37 -14.47
C LEU C 26 52.88 8.95 -13.50
N SER C 27 52.85 8.42 -12.28
CA SER C 27 51.90 8.93 -11.29
C SER C 27 52.16 10.39 -10.95
N LEU C 28 53.43 10.80 -10.93
CA LEU C 28 53.74 12.20 -10.65
C LEU C 28 53.18 13.11 -11.73
N ALA C 29 53.38 12.75 -13.01
CA ALA C 29 52.86 13.56 -14.10
C ALA C 29 51.33 13.58 -14.10
N ASN C 30 50.71 12.41 -13.85
CA ASN C 30 49.25 12.37 -13.81
C ASN C 30 48.70 13.19 -12.66
N SER C 31 49.33 13.14 -11.49
CA SER C 31 48.90 13.94 -10.35
C SER C 31 49.07 15.42 -10.63
N LEU C 32 50.18 15.80 -11.29
CA LEU C 32 50.37 17.20 -11.65
C LEU C 32 49.29 17.67 -12.61
N ARG C 33 48.95 16.85 -13.61
CA ARG C 33 47.89 17.21 -14.54
C ARG C 33 46.55 17.34 -13.83
N ARG C 34 46.23 16.40 -12.93
CA ARG C 34 44.97 16.47 -12.20
C ARG C 34 44.91 17.70 -11.30
N THR C 35 46.02 18.02 -10.64
CA THR C 35 46.06 19.19 -9.76
C THR C 35 45.88 20.48 -10.54
N MET C 36 46.55 20.60 -11.70
CA MET C 36 46.36 21.78 -12.53
C MET C 36 44.94 21.84 -13.09
N LEU C 37 44.32 20.69 -13.32
CA LEU C 37 42.97 20.68 -13.86
C LEU C 37 41.93 21.07 -12.81
N ALA C 38 42.10 20.64 -11.57
CA ALA C 38 41.03 20.74 -10.59
C ALA C 38 41.39 21.36 -9.25
N GLU C 39 42.67 21.51 -8.91
CA GLU C 39 43.03 21.93 -7.55
C GLU C 39 43.92 23.17 -7.54
N VAL C 40 43.79 24.03 -8.53
CA VAL C 40 44.50 25.31 -8.56
C VAL C 40 43.48 26.41 -8.27
N PRO C 41 43.59 27.13 -7.15
CA PRO C 41 42.57 28.12 -6.82
C PRO C 41 42.59 29.31 -7.78
N THR C 42 41.41 29.79 -8.13
CA THR C 42 41.22 30.99 -8.94
C THR C 42 40.10 31.82 -8.34
N LEU C 43 39.75 32.91 -9.03
CA LEU C 43 38.70 33.81 -8.60
C LEU C 43 37.57 33.77 -9.62
N ALA C 44 36.34 33.59 -9.14
CA ALA C 44 35.20 33.52 -10.04
C ALA C 44 33.96 34.06 -9.32
N ILE C 45 32.99 34.50 -10.10
CA ILE C 45 31.77 35.06 -9.54
C ILE C 45 30.93 33.94 -8.94
N ASP C 46 30.62 34.06 -7.65
CA ASP C 46 29.85 33.05 -6.94
C ASP C 46 28.56 33.60 -6.32
N LEU C 47 28.27 34.88 -6.51
CA LEU C 47 27.06 35.47 -5.95
C LEU C 47 26.61 36.61 -6.86
N VAL C 48 25.38 36.55 -7.32
CA VAL C 48 24.83 37.54 -8.25
C VAL C 48 23.60 38.16 -7.62
N GLU C 49 23.59 39.49 -7.51
CA GLU C 49 22.46 40.24 -7.01
C GLU C 49 21.86 41.03 -8.16
N ILE C 50 20.63 40.71 -8.52
CA ILE C 50 19.96 41.31 -9.68
C ILE C 50 19.01 42.37 -9.16
N LYS C 51 19.36 43.64 -9.36
CA LYS C 51 18.47 44.73 -8.97
C LYS C 51 17.27 44.82 -9.90
N MET C 52 17.50 44.69 -11.21
CA MET C 52 16.41 44.63 -12.17
C MET C 52 16.91 43.93 -13.43
N ASN C 53 16.00 43.20 -14.08
CA ASN C 53 16.33 42.48 -15.30
C ASN C 53 15.08 42.40 -16.16
N THR C 54 15.04 43.21 -17.22
CA THR C 54 13.92 43.23 -18.14
C THR C 54 14.23 42.55 -19.47
N SER C 55 15.39 41.90 -19.58
CA SER C 55 15.75 41.22 -20.82
C SER C 55 14.96 39.93 -20.96
N VAL C 56 15.00 39.37 -22.17
CA VAL C 56 14.29 38.13 -22.43
C VAL C 56 14.96 36.93 -21.76
N LEU C 57 16.23 37.06 -21.38
CA LEU C 57 16.92 35.97 -20.72
C LEU C 57 16.46 35.85 -19.27
N ALA C 58 16.42 34.62 -18.78
CA ALA C 58 16.03 34.37 -17.40
C ALA C 58 17.12 34.84 -16.45
N ASP C 59 16.72 35.07 -15.19
CA ASP C 59 17.66 35.54 -14.18
C ASP C 59 18.76 34.52 -13.92
N GLU C 60 18.38 33.25 -13.74
CA GLU C 60 19.37 32.22 -13.52
C GLU C 60 20.23 31.99 -14.76
N PHE C 61 19.66 32.20 -15.94
CA PHE C 61 20.44 32.13 -17.18
C PHE C 61 21.58 33.13 -17.16
N ILE C 62 21.27 34.40 -16.85
CA ILE C 62 22.29 35.43 -16.82
C ILE C 62 23.27 35.19 -15.68
N SER C 63 22.79 34.70 -14.54
CA SER C 63 23.70 34.43 -13.43
C SER C 63 24.69 33.33 -13.78
N HIS C 64 24.22 32.26 -14.43
CA HIS C 64 25.10 31.18 -14.86
C HIS C 64 26.08 31.66 -15.91
N ARG C 65 25.63 32.52 -16.83
CA ARG C 65 26.54 33.07 -17.83
C ARG C 65 27.61 33.94 -17.18
N LEU C 66 27.23 34.72 -16.16
CA LEU C 66 28.19 35.57 -15.47
C LEU C 66 29.18 34.75 -14.65
N GLY C 67 28.75 33.61 -14.11
CA GLY C 67 29.63 32.79 -13.31
C GLY C 67 30.74 32.12 -14.11
N LEU C 68 30.57 31.98 -15.42
CA LEU C 68 31.56 31.33 -16.26
C LEU C 68 32.55 32.31 -16.89
N ILE C 69 32.47 33.59 -16.58
CA ILE C 69 33.38 34.58 -17.13
C ILE C 69 34.70 34.54 -16.36
N PRO C 70 35.82 34.26 -17.03
CA PRO C 70 37.11 34.25 -16.33
C PRO C 70 37.50 35.63 -15.84
N LEU C 71 38.19 35.66 -14.70
CA LEU C 71 38.66 36.89 -14.08
C LEU C 71 40.14 36.75 -13.76
N VAL C 72 40.82 37.89 -13.70
CA VAL C 72 42.25 37.88 -13.40
C VAL C 72 42.46 37.41 -11.96
N SER C 73 43.24 36.35 -11.79
CA SER C 73 43.52 35.76 -10.49
C SER C 73 45.02 35.68 -10.23
N GLU C 74 45.74 36.74 -10.60
CA GLU C 74 47.20 36.74 -10.45
C GLU C 74 47.59 36.71 -8.97
N ASP C 75 46.89 37.47 -8.14
CA ASP C 75 47.19 37.56 -6.71
C ASP C 75 46.12 36.87 -5.86
N VAL C 76 45.55 35.77 -6.38
CA VAL C 76 44.52 35.06 -5.66
C VAL C 76 45.10 34.26 -4.50
N GLU C 77 46.39 33.95 -4.51
CA GLU C 77 47.01 33.21 -3.42
C GLU C 77 46.98 34.00 -2.13
N GLU C 78 47.21 35.32 -2.21
CA GLU C 78 47.18 36.16 -1.03
C GLU C 78 45.76 36.39 -0.52
N MET C 79 44.75 36.13 -1.35
CA MET C 79 43.37 36.29 -0.92
C MET C 79 42.98 35.19 0.06
N LYS C 80 41.93 35.46 0.83
CA LYS C 80 41.47 34.55 1.87
C LYS C 80 40.15 33.90 1.46
N TYR C 81 39.97 32.65 1.85
CA TYR C 81 38.74 31.94 1.59
C TYR C 81 37.59 32.53 2.40
N SER C 82 36.38 32.39 1.87
CA SER C 82 35.21 32.90 2.57
C SER C 82 34.98 32.16 3.89
N ARG C 83 35.20 30.84 3.89
CA ARG C 83 35.03 30.06 5.12
C ARG C 83 36.08 30.46 6.16
N ASP C 84 37.32 30.69 5.74
CA ASP C 84 38.36 31.06 6.68
C ASP C 84 38.18 32.48 7.21
N CYS C 85 37.53 33.34 6.43
CA CYS C 85 37.31 34.72 6.86
C CYS C 85 36.35 34.78 8.03
N THR C 86 36.64 35.63 9.00
CA THR C 86 35.84 35.79 10.20
C THR C 86 34.77 36.87 10.07
N CYS C 87 34.70 37.54 8.94
CA CYS C 87 33.70 38.59 8.74
C CYS C 87 32.33 37.99 8.47
N GLU C 88 31.30 38.81 8.71
CA GLU C 88 29.94 38.42 8.39
C GLU C 88 29.69 38.57 6.89
N ASP C 89 28.95 37.60 6.33
CA ASP C 89 28.65 37.57 4.90
C ASP C 89 29.93 37.61 4.07
N TYR C 90 30.32 38.79 3.60
CA TYR C 90 31.57 38.96 2.88
C TYR C 90 32.13 40.35 3.19
N CYS C 91 33.45 40.47 3.11
CA CYS C 91 34.10 41.76 3.36
C CYS C 91 35.00 42.13 2.20
N ASP C 92 35.79 43.20 2.37
CA ASP C 92 36.60 43.70 1.28
C ASP C 92 37.77 42.77 0.95
N GLU C 93 38.33 42.10 1.96
CA GLU C 93 39.53 41.29 1.76
C GLU C 93 39.23 39.84 1.46
N CYS C 94 37.96 39.45 1.33
CA CYS C 94 37.61 38.08 1.00
C CYS C 94 36.71 37.98 -0.23
N SER C 95 36.44 39.08 -0.91
CA SER C 95 35.59 39.07 -2.09
C SER C 95 35.88 40.31 -2.93
N VAL C 96 35.45 40.25 -4.19
CA VAL C 96 35.58 41.37 -5.12
C VAL C 96 34.20 41.70 -5.64
N VAL C 97 33.84 42.98 -5.62
CA VAL C 97 32.50 43.42 -6.02
C VAL C 97 32.58 44.01 -7.43
N LEU C 98 31.72 43.52 -8.32
CA LEU C 98 31.63 44.00 -9.68
C LEU C 98 30.24 44.56 -9.93
N GLU C 99 30.16 45.58 -10.76
CA GLU C 99 28.90 46.25 -11.07
C GLU C 99 28.71 46.29 -12.57
N LEU C 100 27.52 45.90 -13.03
CA LEU C 100 27.16 45.97 -14.44
C LEU C 100 25.86 46.73 -14.58
N SER C 101 25.83 47.71 -15.48
CA SER C 101 24.65 48.51 -15.75
C SER C 101 24.57 48.74 -17.24
N ALA C 102 23.55 48.19 -17.88
CA ALA C 102 23.40 48.27 -19.33
C ALA C 102 21.98 48.70 -19.68
N ARG C 103 21.87 49.52 -20.72
CA ARG C 103 20.57 49.98 -21.20
C ARG C 103 20.70 50.35 -22.67
N HIS C 104 19.61 50.14 -23.41
CA HIS C 104 19.59 50.45 -24.84
C HIS C 104 19.06 51.86 -25.05
N GLU C 105 19.82 52.66 -25.78
CA GLU C 105 19.45 54.05 -26.09
C GLU C 105 18.90 54.10 -27.51
N GLY C 106 17.69 54.63 -27.64
CA GLY C 106 17.01 54.71 -28.92
C GLY C 106 15.93 53.64 -29.06
N GLU C 107 15.07 53.85 -30.05
CA GLU C 107 13.97 52.94 -30.34
C GLU C 107 14.29 51.96 -31.45
N GLU C 108 15.50 51.99 -32.00
CA GLU C 108 15.89 51.10 -33.08
C GLU C 108 17.25 50.49 -32.79
N GLY C 109 17.44 49.27 -33.25
CA GLY C 109 18.68 48.56 -33.05
C GLY C 109 18.69 47.71 -31.78
N THR C 110 19.76 46.93 -31.65
CA THR C 110 19.95 46.04 -30.52
C THR C 110 21.31 46.32 -29.89
N THR C 111 21.32 46.48 -28.57
CA THR C 111 22.55 46.78 -27.83
C THR C 111 23.13 45.48 -27.29
N ASP C 112 24.39 45.21 -27.62
CA ASP C 112 25.06 43.99 -27.19
C ASP C 112 25.85 44.29 -25.91
N VAL C 113 25.55 43.55 -24.85
CA VAL C 113 26.21 43.71 -23.56
C VAL C 113 27.26 42.62 -23.43
N TYR C 114 28.53 43.02 -23.33
CA TYR C 114 29.65 42.12 -23.24
C TYR C 114 30.17 42.06 -21.81
N SER C 115 31.27 41.32 -21.62
CA SER C 115 31.89 41.18 -20.32
C SER C 115 32.77 42.37 -19.94
N SER C 116 33.09 43.25 -20.89
CA SER C 116 33.89 44.43 -20.60
C SER C 116 33.10 45.50 -19.84
N SER C 117 31.77 45.39 -19.78
CA SER C 117 30.96 46.36 -19.06
C SER C 117 31.05 46.20 -17.55
N LEU C 118 31.64 45.10 -17.07
CA LEU C 118 31.80 44.92 -15.63
C LEU C 118 32.84 45.88 -15.08
N ILE C 119 32.52 46.50 -13.95
CA ILE C 119 33.39 47.48 -13.30
C ILE C 119 33.73 46.96 -11.91
N LYS C 120 35.01 46.91 -11.60
CA LYS C 120 35.48 46.46 -10.29
C LYS C 120 35.40 47.63 -9.33
N VAL C 121 34.25 47.76 -8.67
CA VAL C 121 34.03 48.89 -7.77
C VAL C 121 34.88 48.76 -6.50
N SER C 122 35.02 47.55 -5.97
CA SER C 122 35.77 47.37 -4.74
C SER C 122 36.39 45.98 -4.72
N GLY C 123 37.50 45.87 -3.99
CA GLY C 123 38.22 44.63 -3.85
C GLY C 123 39.35 44.75 -2.85
N PRO C 124 40.02 43.64 -2.57
CA PRO C 124 41.13 43.69 -1.59
C PRO C 124 42.36 44.37 -2.16
N GLY C 125 42.36 45.69 -2.16
CA GLY C 125 43.50 46.43 -2.70
C GLY C 125 44.73 46.25 -1.85
N ASN C 126 45.90 46.37 -2.49
CA ASN C 126 45.98 46.70 -3.92
C ASN C 126 46.30 45.47 -4.74
N LEU C 127 45.72 44.34 -4.36
CA LEU C 127 45.96 43.08 -5.07
C LEU C 127 45.42 43.17 -6.50
N ASN C 128 46.14 42.54 -7.43
CA ASN C 128 45.77 42.56 -8.84
C ASN C 128 44.85 41.38 -9.15
N VAL C 129 43.61 41.49 -8.67
CA VAL C 129 42.59 40.48 -8.89
C VAL C 129 41.26 41.17 -9.20
N GLY C 130 40.34 40.39 -9.77
CA GLY C 130 38.98 40.86 -9.95
C GLY C 130 38.63 41.33 -11.35
N GLU C 131 39.58 41.97 -12.03
CA GLU C 131 39.29 42.53 -13.34
C GLU C 131 39.07 41.41 -14.36
N PRO C 132 38.03 41.51 -15.19
CA PRO C 132 37.79 40.45 -16.19
C PRO C 132 38.92 40.39 -17.21
N VAL C 133 39.17 39.19 -17.71
CA VAL C 133 40.28 38.94 -18.62
C VAL C 133 39.93 39.49 -20.00
N ARG C 134 40.85 40.26 -20.58
CA ARG C 134 40.70 40.81 -21.92
C ARG C 134 41.82 40.27 -22.80
N ARG C 135 41.44 39.76 -23.98
CA ARG C 135 42.44 39.26 -24.92
C ARG C 135 43.36 40.36 -25.38
N ASP C 136 42.81 41.53 -25.70
CA ASP C 136 43.58 42.69 -26.12
C ASP C 136 43.09 43.91 -25.35
N ASP C 137 43.69 45.07 -25.65
CA ASP C 137 43.24 46.31 -25.02
C ASP C 137 41.90 46.76 -25.58
N TYR C 138 41.60 46.40 -26.83
CA TYR C 138 40.36 46.79 -27.50
C TYR C 138 39.41 45.62 -27.68
N ASP C 139 39.65 44.50 -27.00
CA ASP C 139 38.77 43.35 -27.13
C ASP C 139 37.43 43.61 -26.45
N GLN C 140 36.34 43.33 -27.16
CA GLN C 140 35.01 43.53 -26.60
C GLN C 140 34.75 42.61 -25.42
N GLY C 141 35.20 41.38 -25.50
CA GLY C 141 35.04 40.41 -24.44
C GLY C 141 33.97 39.37 -24.76
N ILE C 142 33.55 38.66 -23.73
CA ILE C 142 32.57 37.60 -23.86
C ILE C 142 31.18 38.23 -23.97
N LEU C 143 30.43 37.84 -25.00
CA LEU C 143 29.08 38.34 -25.18
C LEU C 143 28.18 37.81 -24.08
N LEU C 144 27.59 38.72 -23.30
CA LEU C 144 26.74 38.36 -22.18
C LEU C 144 25.26 38.35 -22.54
N CYS C 145 24.76 39.41 -23.16
CA CYS C 145 23.34 39.51 -23.43
C CYS C 145 23.10 40.47 -24.59
N LYS C 146 21.84 40.55 -25.00
CA LYS C 146 21.38 41.50 -26.01
C LYS C 146 20.11 42.17 -25.53
N LEU C 147 20.00 43.48 -25.77
CA LEU C 147 18.92 44.28 -25.22
C LEU C 147 18.22 45.04 -26.34
N ARG C 148 16.88 45.03 -26.30
CA ARG C 148 16.06 45.85 -27.17
C ARG C 148 15.76 47.18 -26.45
N ASN C 149 14.92 48.01 -27.05
CA ASN C 149 14.57 49.28 -26.44
C ASN C 149 13.78 49.06 -25.15
N HIS C 150 13.99 49.97 -24.19
CA HIS C 150 13.33 49.93 -22.88
C HIS C 150 13.65 48.64 -22.14
N GLN C 151 14.84 48.09 -22.36
CA GLN C 151 15.30 46.90 -21.64
C GLN C 151 16.59 47.25 -20.91
N GLU C 152 16.62 46.96 -19.61
CA GLU C 152 17.72 47.38 -18.76
C GLU C 152 18.23 46.20 -17.94
N LEU C 153 19.54 46.21 -17.67
CA LEU C 153 20.19 45.21 -16.85
C LEU C 153 20.98 45.93 -15.76
N ASN C 154 20.79 45.51 -14.50
CA ASN C 154 21.48 46.12 -13.36
C ASN C 154 21.88 44.98 -12.42
N ILE C 155 23.16 44.61 -12.44
CA ILE C 155 23.64 43.43 -11.73
C ILE C 155 24.79 43.84 -10.80
N ARG C 156 24.78 43.30 -9.59
CA ARG C 156 25.90 43.40 -8.66
C ARG C 156 26.41 42.00 -8.40
N CYS C 157 27.66 41.74 -8.76
CA CYS C 157 28.25 40.41 -8.68
C CYS C 157 29.31 40.37 -7.60
N ILE C 158 29.42 39.24 -6.92
CA ILE C 158 30.44 39.02 -5.89
C ILE C 158 31.31 37.86 -6.37
N ALA C 159 32.61 38.10 -6.43
CA ALA C 159 33.58 37.11 -6.88
C ALA C 159 34.39 36.64 -5.69
N LYS C 160 34.51 35.31 -5.56
CA LYS C 160 35.23 34.69 -4.46
C LYS C 160 36.26 33.72 -5.03
N LYS C 161 37.12 33.25 -4.14
CA LYS C 161 38.21 32.34 -4.50
C LYS C 161 37.78 30.90 -4.28
N GLY C 162 38.04 30.06 -5.27
CA GLY C 162 37.65 28.66 -5.17
C GLY C 162 38.43 27.80 -6.15
N ILE C 163 38.21 26.50 -6.05
CA ILE C 163 38.88 25.52 -6.89
C ILE C 163 37.84 24.83 -7.76
N ALA C 164 38.33 24.14 -8.80
CA ALA C 164 37.47 23.50 -9.78
C ALA C 164 36.72 22.29 -9.23
N LYS C 165 37.11 21.77 -8.07
CA LYS C 165 36.39 20.65 -7.48
C LYS C 165 34.97 21.06 -7.09
N GLU C 166 34.79 22.26 -6.54
CA GLU C 166 33.47 22.72 -6.16
C GLU C 166 32.62 23.00 -7.38
N HIS C 167 33.17 23.70 -8.38
CA HIS C 167 32.47 23.99 -9.61
C HIS C 167 33.49 24.21 -10.71
N ALA C 168 33.11 23.84 -11.93
CA ALA C 168 34.02 23.93 -13.07
C ALA C 168 34.36 25.36 -13.45
N LYS C 169 33.66 26.35 -12.90
CA LYS C 169 33.91 27.74 -13.26
C LYS C 169 35.21 28.27 -12.67
N TRP C 170 35.75 27.63 -11.63
CA TRP C 170 37.04 28.04 -11.07
C TRP C 170 38.22 27.33 -11.74
N SER C 171 37.99 26.53 -12.77
CA SER C 171 39.09 25.82 -13.41
C SER C 171 39.98 26.81 -14.15
N PRO C 172 41.29 26.83 -13.87
CA PRO C 172 42.17 27.79 -14.56
C PRO C 172 42.57 27.38 -15.96
N CYS C 173 42.47 26.10 -16.30
CA CYS C 173 42.89 25.60 -17.59
C CYS C 173 41.71 24.93 -18.29
N SER C 174 41.77 24.91 -19.63
CA SER C 174 40.69 24.35 -20.43
C SER C 174 40.90 22.86 -20.71
N ALA C 175 41.99 22.52 -21.38
CA ALA C 175 42.28 21.13 -21.70
C ALA C 175 43.79 20.92 -21.63
N ILE C 176 44.20 19.80 -21.03
CA ILE C 176 45.60 19.44 -20.89
C ILE C 176 45.87 18.20 -21.72
N ALA C 177 46.57 18.39 -22.84
CA ALA C 177 46.99 17.26 -23.65
C ALA C 177 48.16 16.56 -22.96
N PHE C 178 48.10 15.24 -22.90
CA PHE C 178 49.09 14.47 -22.15
C PHE C 178 49.30 13.14 -22.84
N GLU C 179 50.55 12.80 -23.15
CA GLU C 179 50.82 11.53 -23.81
C GLU C 179 52.25 11.09 -23.51
N TYR C 180 52.51 9.83 -23.82
CA TYR C 180 53.84 9.26 -23.66
C TYR C 180 53.96 8.04 -24.57
N ASP C 181 55.20 7.67 -24.88
CA ASP C 181 55.53 6.52 -25.71
C ASP C 181 54.78 6.55 -27.03
N PRO C 182 55.14 7.45 -27.96
CA PRO C 182 54.42 7.54 -29.23
C PRO C 182 54.58 6.32 -30.12
N HIS C 183 55.62 5.51 -29.93
CA HIS C 183 55.90 4.38 -30.79
C HIS C 183 55.46 3.05 -30.18
N ASN C 184 54.79 3.08 -29.03
CA ASN C 184 54.27 1.88 -28.36
C ASN C 184 55.37 0.87 -28.09
N LYS C 185 56.55 1.36 -27.68
CA LYS C 185 57.64 0.46 -27.33
C LYS C 185 57.33 -0.36 -26.09
N LEU C 186 56.69 0.26 -25.10
CA LEU C 186 56.32 -0.44 -23.88
C LEU C 186 55.17 -1.42 -24.07
N LYS C 187 54.50 -1.37 -25.22
CA LYS C 187 53.35 -2.24 -25.53
C LYS C 187 52.26 -2.09 -24.47
N HIS C 188 52.01 -0.85 -24.05
CA HIS C 188 50.95 -0.56 -23.09
C HIS C 188 49.57 -0.60 -23.70
N THR C 189 49.46 -0.68 -25.03
CA THR C 189 48.17 -0.77 -25.70
C THR C 189 48.27 -1.77 -26.84
N ASP C 190 47.13 -2.36 -27.18
CA ASP C 190 47.02 -3.28 -28.30
C ASP C 190 46.21 -2.61 -29.40
N PHE C 191 46.75 -2.61 -30.61
CA PHE C 191 46.19 -1.81 -31.70
C PHE C 191 45.16 -2.62 -32.47
N TRP C 192 43.91 -2.14 -32.47
CA TRP C 192 42.87 -2.72 -33.30
C TRP C 192 43.18 -2.45 -34.77
N PHE C 193 42.97 -3.47 -35.61
CA PHE C 193 43.29 -3.33 -37.02
C PHE C 193 42.48 -4.34 -37.83
N GLU C 194 42.43 -4.11 -39.13
CA GLU C 194 41.78 -5.00 -40.08
C GLU C 194 42.77 -5.75 -40.97
N VAL C 195 43.78 -5.06 -41.49
CA VAL C 195 44.79 -5.69 -42.34
C VAL C 195 46.16 -5.53 -41.70
N ASP C 196 46.59 -4.29 -41.51
CA ASP C 196 47.87 -3.98 -40.91
C ASP C 196 47.69 -2.90 -39.86
N ALA C 197 48.28 -3.12 -38.68
CA ALA C 197 48.15 -2.15 -37.59
C ALA C 197 48.98 -0.90 -37.81
N LYS C 198 50.17 -1.04 -38.42
CA LYS C 198 51.04 0.11 -38.62
C LYS C 198 50.45 1.09 -39.63
N LYS C 199 49.84 0.57 -40.70
CA LYS C 199 49.33 1.44 -41.75
C LYS C 199 48.03 2.13 -41.36
N GLU C 200 47.19 1.47 -40.57
CA GLU C 200 45.85 1.97 -40.27
C GLU C 200 45.80 2.96 -39.13
N TRP C 201 46.92 3.21 -38.46
CA TRP C 201 46.95 4.10 -37.29
C TRP C 201 47.84 5.30 -37.57
N PRO C 202 47.32 6.52 -37.45
CA PRO C 202 48.15 7.70 -37.72
C PRO C 202 49.26 7.86 -36.70
N ASP C 203 50.38 8.42 -37.16
CA ASP C 203 51.51 8.67 -36.27
C ASP C 203 51.21 9.82 -35.32
N SER C 204 51.74 9.72 -34.11
CA SER C 204 51.59 10.78 -33.14
C SER C 204 52.42 11.99 -33.55
N LYS C 205 52.02 13.16 -33.03
CA LYS C 205 52.73 14.40 -33.35
C LYS C 205 54.12 14.45 -32.74
N TYR C 206 54.44 13.56 -31.80
CA TYR C 206 55.77 13.47 -31.21
C TYR C 206 56.50 12.21 -31.64
N ALA C 207 56.10 11.61 -32.77
CA ALA C 207 56.73 10.38 -33.24
C ALA C 207 58.16 10.62 -33.70
N THR C 208 58.45 11.80 -34.25
CA THR C 208 59.80 12.11 -34.70
C THR C 208 60.74 12.39 -33.55
N TRP C 209 60.21 12.66 -32.36
CA TRP C 209 61.06 12.96 -31.21
C TRP C 209 61.75 11.71 -30.68
N GLU C 210 61.13 10.55 -30.84
CA GLU C 210 61.66 9.29 -30.36
C GLU C 210 62.02 8.40 -31.55
N GLU C 211 63.13 7.66 -31.40
CA GLU C 211 63.57 6.79 -32.48
C GLU C 211 62.57 5.66 -32.70
N PRO C 212 62.23 5.36 -33.95
CA PRO C 212 61.29 4.27 -34.21
C PRO C 212 61.92 2.93 -33.85
N PRO C 213 61.10 1.96 -33.41
CA PRO C 213 61.67 0.66 -33.05
C PRO C 213 62.12 -0.12 -34.27
N LYS C 214 63.29 -0.74 -34.16
CA LYS C 214 63.82 -1.54 -35.24
C LYS C 214 63.00 -2.83 -35.38
N PRO C 215 62.85 -3.33 -36.61
CA PRO C 215 62.09 -4.59 -36.80
C PRO C 215 62.71 -5.77 -36.08
N GLY C 216 64.03 -5.83 -35.96
CA GLY C 216 64.71 -6.91 -35.29
C GLY C 216 64.88 -6.74 -33.79
N GLU C 217 64.34 -5.67 -33.22
CA GLU C 217 64.49 -5.44 -31.79
C GLU C 217 63.69 -6.44 -30.98
N VAL C 218 64.20 -6.77 -29.81
CA VAL C 218 63.52 -7.67 -28.87
C VAL C 218 62.83 -6.81 -27.82
N PHE C 219 61.74 -7.34 -27.26
CA PHE C 219 60.96 -6.59 -26.28
C PHE C 219 61.76 -6.39 -25.00
N ASP C 220 61.71 -5.17 -24.48
CA ASP C 220 62.39 -4.80 -23.24
C ASP C 220 61.36 -4.84 -22.11
N TYR C 221 61.39 -5.89 -21.30
CA TYR C 221 60.41 -6.05 -20.24
C TYR C 221 60.68 -5.15 -19.04
N LYS C 222 61.90 -4.65 -18.89
CA LYS C 222 62.25 -3.81 -17.75
C LYS C 222 62.09 -2.33 -18.05
N ALA C 223 61.62 -1.96 -19.23
CA ALA C 223 61.44 -0.56 -19.57
C ALA C 223 60.22 0.02 -18.87
N LYS C 224 60.29 1.31 -18.55
CA LYS C 224 59.22 2.03 -17.89
C LYS C 224 58.98 3.35 -18.62
N PRO C 225 57.76 3.89 -18.56
CA PRO C 225 57.50 5.20 -19.15
C PRO C 225 58.30 6.28 -18.45
N ASN C 226 59.13 6.98 -19.22
CA ASN C 226 60.04 7.98 -18.67
C ASN C 226 60.07 9.28 -19.45
N ARG C 227 59.22 9.45 -20.45
CA ARG C 227 59.22 10.64 -21.29
C ARG C 227 57.77 11.01 -21.59
N PHE C 228 57.29 12.12 -21.01
CA PHE C 228 55.92 12.55 -21.17
C PHE C 228 55.88 13.90 -21.87
N TYR C 229 54.96 14.03 -22.83
CA TYR C 229 54.76 15.29 -23.55
C TYR C 229 53.39 15.83 -23.18
N MET C 230 53.35 17.07 -22.70
CA MET C 230 52.11 17.62 -22.20
C MET C 230 51.99 19.10 -22.56
N THR C 231 50.78 19.47 -22.99
CA THR C 231 50.45 20.83 -23.38
C THR C 231 49.34 21.33 -22.48
N VAL C 232 49.58 22.47 -21.82
CA VAL C 232 48.63 23.07 -20.89
C VAL C 232 48.12 24.36 -21.53
N GLU C 233 46.79 24.45 -21.68
CA GLU C 233 46.13 25.63 -22.22
C GLU C 233 45.27 26.26 -21.14
N THR C 234 45.39 27.57 -20.96
CA THR C 234 44.66 28.28 -19.93
C THR C 234 43.56 29.13 -20.54
N THR C 235 42.64 29.57 -19.69
CA THR C 235 41.51 30.39 -20.09
C THR C 235 41.79 31.88 -19.99
N GLY C 236 43.01 32.27 -19.65
CA GLY C 236 43.39 33.65 -19.51
C GLY C 236 43.36 34.18 -18.09
N SER C 237 42.73 33.46 -17.16
CA SER C 237 42.74 33.89 -15.77
C SER C 237 44.14 33.83 -15.19
N LEU C 238 44.91 32.81 -15.54
CA LEU C 238 46.28 32.66 -15.10
C LEU C 238 47.17 32.30 -16.28
N LYS C 239 48.44 32.71 -16.20
CA LYS C 239 49.40 32.32 -17.22
C LYS C 239 49.72 30.83 -17.10
N ALA C 240 50.20 30.26 -18.20
CA ALA C 240 50.50 28.83 -18.22
C ALA C 240 51.62 28.48 -17.24
N ASN C 241 52.68 29.30 -17.20
CA ASN C 241 53.74 29.08 -16.23
C ASN C 241 53.22 29.24 -14.80
N GLN C 242 52.34 30.22 -14.58
CA GLN C 242 51.74 30.39 -13.27
C GLN C 242 50.91 29.18 -12.89
N VAL C 243 50.15 28.63 -13.86
CA VAL C 243 49.35 27.43 -13.58
C VAL C 243 50.24 26.26 -13.20
N PHE C 244 51.33 26.06 -13.93
CA PHE C 244 52.26 24.97 -13.63
C PHE C 244 52.86 25.13 -12.24
N SER C 245 53.36 26.33 -11.94
CA SER C 245 54.00 26.58 -10.65
C SER C 245 53.00 26.42 -9.51
N ARG C 246 51.78 26.91 -9.68
CA ARG C 246 50.79 26.81 -8.61
C ARG C 246 50.29 25.38 -8.43
N GLY C 247 50.23 24.60 -9.50
CA GLY C 247 49.92 23.18 -9.34
C GLY C 247 50.99 22.45 -8.57
N ILE C 248 52.26 22.72 -8.88
CA ILE C 248 53.36 22.12 -8.13
C ILE C 248 53.29 22.54 -6.66
N LYS C 249 53.00 23.82 -6.41
CA LYS C 249 52.91 24.31 -5.04
C LYS C 249 51.75 23.66 -4.29
N THR C 250 50.61 23.48 -4.96
CA THR C 250 49.46 22.83 -4.33
C THR C 250 49.77 21.39 -3.98
N LEU C 251 50.44 20.66 -4.88
CA LEU C 251 50.83 19.29 -4.57
C LEU C 251 51.80 19.25 -3.38
N GLN C 252 52.76 20.17 -3.36
CA GLN C 252 53.70 20.24 -2.25
C GLN C 252 52.98 20.54 -0.94
N GLU C 253 52.02 21.46 -0.96
CA GLU C 253 51.27 21.79 0.25
C GLU C 253 50.45 20.62 0.74
N LYS C 254 49.83 19.86 -0.19
CA LYS C 254 49.08 18.68 0.21
C LYS C 254 49.98 17.64 0.86
N LEU C 255 51.16 17.40 0.27
CA LEU C 255 52.09 16.45 0.86
C LEU C 255 52.59 16.93 2.22
N ALA C 256 52.84 18.23 2.35
CA ALA C 256 53.28 18.78 3.64
C ALA C 256 52.18 18.63 4.69
N ASN C 257 50.92 18.83 4.30
CA ASN C 257 49.81 18.64 5.24
C ASN C 257 49.72 17.18 5.69
N VAL C 258 49.90 16.25 4.76
CA VAL C 258 49.90 14.83 5.12
C VAL C 258 51.04 14.53 6.09
N LEU C 259 52.22 15.08 5.81
CA LEU C 259 53.37 14.88 6.69
C LEU C 259 53.12 15.45 8.08
N PHE C 260 52.51 16.63 8.15
CA PHE C 260 52.20 17.25 9.44
C PHE C 260 51.18 16.42 10.21
N GLU C 261 50.17 15.90 9.52
CA GLU C 261 49.19 15.03 10.19
C GLU C 261 49.85 13.76 10.72
N LEU C 262 50.76 13.18 9.93
CA LEU C 262 51.48 12.00 10.39
C LEU C 262 52.33 12.31 11.62
N GLU C 263 53.00 13.46 11.61
CA GLU C 263 53.83 13.85 12.75
C GLU C 263 52.98 14.09 13.99
N ASN C 264 51.83 14.74 13.84
CA ASN C 264 50.97 15.02 14.98
C ASN C 264 50.22 13.78 15.45
N SER C 265 50.11 12.75 14.63
CA SER C 265 49.44 11.52 15.03
C SER C 265 50.19 10.76 16.11
N ARG C 266 51.45 11.09 16.37
CA ARG C 266 52.23 10.44 17.41
C ARG C 266 52.15 11.21 18.72
N VAL D 3 -16.72 -10.97 33.00
CA VAL D 3 -15.33 -11.27 32.67
C VAL D 3 -15.12 -12.78 32.63
N SER D 4 -15.54 -13.45 33.70
CA SER D 4 -15.39 -14.90 33.79
C SER D 4 -16.43 -15.61 32.93
N THR D 5 -16.13 -16.84 32.57
CA THR D 5 -17.02 -17.67 31.77
C THR D 5 -17.11 -19.06 32.39
N SER D 6 -18.23 -19.73 32.11
CA SER D 6 -18.51 -21.05 32.64
C SER D 6 -18.51 -22.08 31.51
N THR D 7 -18.77 -23.32 31.88
CA THR D 7 -18.76 -24.40 30.89
C THR D 7 -19.95 -24.29 29.94
N VAL D 8 -21.11 -23.88 30.45
CA VAL D 8 -22.31 -23.78 29.63
C VAL D 8 -22.23 -22.51 28.80
N GLY D 9 -22.38 -22.66 27.49
CA GLY D 9 -22.33 -21.53 26.57
C GLY D 9 -23.12 -21.81 25.32
N ALA D 10 -22.59 -21.37 24.17
CA ALA D 10 -23.21 -21.54 22.86
C ALA D 10 -24.59 -20.89 22.89
N ARG D 11 -25.67 -21.62 22.59
CA ARG D 11 -27.04 -21.08 22.60
C ARG D 11 -27.16 -19.87 21.68
N ARG D 12 -26.81 -20.08 20.41
CA ARG D 12 -26.85 -19.02 19.42
C ARG D 12 -28.30 -18.73 19.02
N ARG D 13 -28.47 -17.70 18.19
CA ARG D 13 -29.80 -17.25 17.81
C ARG D 13 -30.53 -18.28 16.98
N ARG D 14 -31.83 -18.41 17.23
CA ARG D 14 -32.70 -19.31 16.47
C ARG D 14 -33.84 -18.50 15.86
N ALA D 15 -34.50 -19.12 14.88
CA ALA D 15 -35.59 -18.45 14.18
C ALA D 15 -36.76 -18.16 15.12
N LYS D 16 -37.10 -19.11 16.00
CA LYS D 16 -38.20 -18.96 16.93
C LYS D 16 -37.66 -18.62 18.32
N GLN D 17 -38.14 -17.53 18.89
CA GLN D 17 -37.69 -17.09 20.21
C GLN D 17 -38.34 -17.94 21.30
N GLN D 18 -37.71 -17.94 22.47
CA GLN D 18 -38.17 -18.68 23.63
C GLN D 18 -38.75 -17.71 24.65
N VAL D 19 -39.92 -18.05 25.19
CA VAL D 19 -40.59 -17.19 26.15
C VAL D 19 -40.12 -17.47 27.57
N ASP D 20 -39.92 -18.73 27.93
CA ASP D 20 -39.52 -19.11 29.28
C ASP D 20 -38.04 -18.78 29.46
N ASP D 21 -37.78 -17.51 29.79
CA ASP D 21 -36.41 -17.05 29.98
C ASP D 21 -36.25 -16.37 31.34
N GLU D 22 -37.29 -15.68 31.80
CA GLU D 22 -37.23 -14.98 33.07
C GLU D 22 -37.16 -15.97 34.23
N GLU D 23 -36.52 -15.52 35.32
CA GLU D 23 -36.26 -16.38 36.47
C GLU D 23 -37.36 -16.21 37.52
N ASN D 24 -37.77 -17.32 38.12
CA ASN D 24 -38.76 -17.30 39.18
C ASN D 24 -38.63 -18.58 39.99
N ALA D 25 -38.38 -18.44 41.30
CA ALA D 25 -38.23 -19.60 42.16
C ALA D 25 -39.55 -20.29 42.46
N THR D 26 -40.67 -19.57 42.33
CA THR D 26 -41.98 -20.19 42.56
C THR D 26 -42.26 -21.29 41.54
N LEU D 27 -41.88 -21.06 40.28
CA LEU D 27 -42.02 -22.06 39.24
C LEU D 27 -40.82 -22.99 39.13
N LEU D 28 -39.86 -22.87 40.05
CA LEU D 28 -38.68 -23.73 40.11
C LEU D 28 -37.87 -23.65 38.82
N ARG D 29 -37.78 -22.45 38.24
CA ARG D 29 -36.98 -22.20 37.06
C ARG D 29 -35.74 -21.41 37.45
N LEU D 30 -34.57 -21.90 37.04
CA LEU D 30 -33.31 -21.34 37.49
C LEU D 30 -32.47 -20.75 36.35
N GLY D 31 -32.96 -20.80 35.12
CA GLY D 31 -32.22 -20.26 33.99
C GLY D 31 -31.22 -21.25 33.45
N PRO D 32 -30.65 -20.96 32.27
CA PRO D 32 -29.68 -21.88 31.67
C PRO D 32 -28.38 -21.98 32.46
N GLU D 33 -28.00 -20.94 33.20
CA GLU D 33 -26.74 -20.97 33.93
C GLU D 33 -26.79 -21.92 35.12
N PHE D 34 -27.95 -22.06 35.76
CA PHE D 34 -28.05 -22.87 36.96
C PHE D 34 -29.08 -23.98 36.77
N ALA D 35 -29.02 -24.67 35.64
CA ALA D 35 -30.00 -25.68 35.31
C ALA D 35 -29.80 -26.92 36.18
N LEU D 36 -30.63 -27.94 35.93
CA LEU D 36 -30.56 -29.18 36.70
C LEU D 36 -29.22 -29.88 36.50
N LYS D 37 -28.72 -29.90 35.26
CA LYS D 37 -27.49 -30.61 34.93
C LYS D 37 -26.43 -29.60 34.49
N GLN D 38 -25.23 -29.73 35.06
CA GLN D 38 -24.07 -28.92 34.72
C GLN D 38 -22.97 -29.83 34.18
N TYR D 39 -21.87 -29.22 33.75
CA TYR D 39 -20.76 -29.93 33.15
C TYR D 39 -19.48 -29.67 33.94
N ASP D 40 -18.72 -30.73 34.18
CA ASP D 40 -17.48 -30.65 34.94
C ASP D 40 -16.32 -30.32 33.99
N HIS D 41 -15.10 -30.48 34.47
CA HIS D 41 -13.91 -30.21 33.65
C HIS D 41 -13.87 -31.10 32.42
N ASP D 42 -14.21 -32.37 32.57
CA ASP D 42 -14.19 -33.31 31.47
C ASP D 42 -15.47 -33.30 30.65
N GLY D 43 -16.45 -32.48 31.02
CA GLY D 43 -17.70 -32.39 30.29
C GLY D 43 -18.74 -33.42 30.67
N ASN D 44 -18.51 -34.22 31.70
CA ASN D 44 -19.49 -35.19 32.14
C ASN D 44 -20.65 -34.50 32.84
N GLU D 45 -21.85 -35.02 32.65
CA GLU D 45 -23.04 -34.45 33.28
C GLU D 45 -22.98 -34.65 34.79
N HIS D 46 -23.34 -33.60 35.53
CA HIS D 46 -23.35 -33.65 36.98
C HIS D 46 -24.58 -32.90 37.50
N ASP D 47 -25.02 -33.27 38.70
CA ASP D 47 -26.16 -32.61 39.31
C ASP D 47 -25.76 -31.23 39.83
N LEU D 48 -26.75 -30.33 39.88
CA LEU D 48 -26.51 -28.99 40.40
C LEU D 48 -26.19 -29.05 41.88
N ILE D 49 -25.18 -28.30 42.31
CA ILE D 49 -24.72 -28.30 43.68
C ILE D 49 -25.24 -27.03 44.35
N ALA D 50 -26.11 -27.19 45.34
CA ALA D 50 -26.64 -26.09 46.13
C ALA D 50 -26.11 -26.18 47.54
N LEU D 51 -25.57 -25.08 48.05
CA LEU D 51 -24.93 -25.05 49.36
C LEU D 51 -25.83 -24.34 50.36
N SER D 52 -26.23 -25.05 51.41
CA SER D 52 -26.98 -24.44 52.49
C SER D 52 -26.06 -23.57 53.35
N LEU D 53 -26.67 -22.71 54.18
CA LEU D 53 -25.89 -21.76 54.96
C LEU D 53 -24.92 -22.44 55.91
N SER D 54 -25.33 -23.56 56.52
CA SER D 54 -24.39 -24.34 57.33
C SER D 54 -23.31 -24.96 56.46
N GLU D 55 -23.71 -25.57 55.34
CA GLU D 55 -22.74 -26.13 54.40
C GLU D 55 -21.86 -25.03 53.81
N SER D 56 -22.46 -23.88 53.49
CA SER D 56 -21.67 -22.77 52.98
C SER D 56 -20.66 -22.30 54.03
N ARG D 57 -21.08 -22.25 55.29
CA ARG D 57 -20.17 -21.86 56.36
C ARG D 57 -19.00 -22.82 56.45
N LEU D 58 -19.28 -24.13 56.40
CA LEU D 58 -18.22 -25.12 56.47
C LEU D 58 -17.25 -24.99 55.30
N LEU D 59 -17.78 -24.83 54.08
CA LEU D 59 -16.91 -24.73 52.91
C LEU D 59 -16.10 -23.43 52.91
N ILE D 60 -16.69 -22.31 53.34
CA ILE D 60 -15.93 -21.07 53.42
C ILE D 60 -14.82 -21.18 54.47
N ARG D 61 -15.11 -21.78 55.62
CA ARG D 61 -14.08 -21.97 56.64
C ARG D 61 -12.96 -22.87 56.12
N GLU D 62 -13.33 -23.94 55.41
CA GLU D 62 -12.32 -24.83 54.84
C GLU D 62 -11.46 -24.12 53.80
N ALA D 63 -12.10 -23.32 52.93
CA ALA D 63 -11.35 -22.60 51.90
C ALA D 63 -10.41 -21.57 52.53
N LEU D 64 -10.89 -20.86 53.55
CA LEU D 64 -10.04 -19.88 54.22
C LEU D 64 -8.88 -20.54 54.95
N LYS D 65 -9.11 -21.69 55.59
CA LYS D 65 -8.01 -22.38 56.24
C LYS D 65 -7.02 -22.94 55.23
N ALA D 66 -7.50 -23.37 54.06
CA ALA D 66 -6.59 -23.82 53.00
C ALA D 66 -5.76 -22.66 52.47
N ARG D 67 -6.38 -21.49 52.30
CA ARG D 67 -5.63 -20.31 51.88
C ARG D 67 -4.60 -19.92 52.93
N SER D 68 -4.95 -20.02 54.22
CA SER D 68 -4.00 -19.74 55.28
C SER D 68 -2.84 -20.73 55.27
N ARG D 69 -3.12 -22.02 55.01
CA ARG D 69 -2.04 -23.00 54.89
C ARG D 69 -1.14 -22.67 53.71
N ALA D 70 -1.74 -22.25 52.59
CA ALA D 70 -0.95 -21.93 51.40
C ALA D 70 -0.07 -20.70 51.61
N ARG D 71 -0.59 -19.69 52.30
CA ARG D 71 0.13 -18.43 52.43
C ARG D 71 1.01 -18.38 53.67
N ASN D 72 0.44 -18.55 54.86
CA ASN D 72 1.21 -18.45 56.10
C ASN D 72 2.00 -19.73 56.38
N GLY D 73 1.38 -20.89 56.22
CA GLY D 73 2.12 -22.13 56.29
C GLY D 73 1.99 -22.92 57.57
N GLY D 74 0.77 -23.18 58.02
CA GLY D 74 0.56 -24.14 59.10
C GLY D 74 0.24 -23.58 60.47
N VAL D 75 -0.61 -22.56 60.52
CA VAL D 75 -1.01 -21.98 61.79
C VAL D 75 -2.43 -22.42 62.14
N ILE D 84 -9.81 -18.81 62.75
CA ILE D 84 -10.23 -18.80 64.14
C ILE D 84 -11.19 -17.63 64.38
N ASP D 85 -10.97 -16.52 63.67
CA ASP D 85 -11.78 -15.32 63.82
C ASP D 85 -12.21 -14.82 62.44
N ASP D 86 -13.39 -14.22 62.40
CA ASP D 86 -13.89 -13.67 61.14
C ASP D 86 -12.98 -12.55 60.63
N ASP D 87 -12.50 -11.69 61.53
CA ASP D 87 -11.59 -10.63 61.13
C ASP D 87 -10.29 -11.19 60.57
N GLU D 88 -9.76 -12.25 61.19
CA GLU D 88 -8.55 -12.87 60.68
C GLU D 88 -8.77 -13.45 59.28
N LEU D 89 -9.90 -14.14 59.07
CA LEU D 89 -10.19 -14.69 57.76
C LEU D 89 -10.37 -13.61 56.71
N ALA D 90 -10.99 -12.48 57.10
CA ALA D 90 -11.08 -11.35 56.18
C ALA D 90 -9.71 -10.77 55.85
N LYS D 91 -8.82 -10.75 56.84
CA LYS D 91 -7.47 -10.23 56.62
C LYS D 91 -6.60 -11.21 55.84
N VAL D 92 -7.00 -12.47 55.73
CA VAL D 92 -6.21 -13.44 54.98
C VAL D 92 -6.11 -13.03 53.52
N THR D 93 -7.24 -12.64 52.92
CA THR D 93 -7.24 -12.24 51.52
C THR D 93 -6.76 -10.79 51.39
N SER D 94 -6.50 -10.39 50.15
CA SER D 94 -5.98 -9.06 49.84
C SER D 94 -6.94 -8.34 48.89
N GLY D 95 -6.82 -7.01 48.87
CA GLY D 95 -7.68 -6.20 48.04
C GLY D 95 -8.84 -5.61 48.83
N ALA D 96 -9.05 -4.30 48.71
CA ALA D 96 -10.08 -3.64 49.51
C ALA D 96 -11.46 -4.16 49.20
N VAL D 97 -11.79 -4.32 47.91
CA VAL D 97 -13.11 -4.81 47.52
C VAL D 97 -13.30 -6.24 47.98
N ALA D 98 -12.30 -7.10 47.74
CA ALA D 98 -12.41 -8.49 48.16
C ALA D 98 -12.48 -8.61 49.67
N ASN D 99 -11.68 -7.82 50.39
CA ASN D 99 -11.73 -7.85 51.86
C ASN D 99 -13.09 -7.41 52.37
N GLY D 100 -13.64 -6.33 51.80
CA GLY D 100 -14.97 -5.89 52.23
C GLY D 100 -16.03 -6.93 51.96
N VAL D 101 -15.98 -7.55 50.78
CA VAL D 101 -16.96 -8.58 50.43
C VAL D 101 -16.86 -9.77 51.39
N VAL D 102 -15.63 -10.19 51.72
CA VAL D 102 -15.48 -11.38 52.55
C VAL D 102 -15.92 -11.08 53.99
N LYS D 103 -15.60 -9.88 54.52
CA LYS D 103 -16.08 -9.60 55.87
C LYS D 103 -17.61 -9.47 55.89
N LYS D 104 -18.19 -8.88 54.84
CA LYS D 104 -19.64 -8.76 54.79
C LYS D 104 -20.30 -10.14 54.76
N THR D 105 -19.79 -11.05 53.92
CA THR D 105 -20.41 -12.36 53.83
C THR D 105 -20.17 -13.19 55.09
N LEU D 106 -19.01 -13.06 55.73
CA LEU D 106 -18.79 -13.77 57.00
C LEU D 106 -19.70 -13.24 58.09
N ASP D 107 -19.88 -11.92 58.17
CA ASP D 107 -20.76 -11.34 59.18
C ASP D 107 -22.21 -11.72 58.93
N TYR D 108 -22.61 -11.85 57.66
CA TYR D 108 -23.95 -12.33 57.36
C TYR D 108 -24.11 -13.81 57.68
N LEU D 109 -23.06 -14.59 57.47
CA LEU D 109 -23.22 -16.04 57.51
C LEU D 109 -23.06 -16.61 58.92
N ASN D 110 -22.16 -16.06 59.72
CA ASN D 110 -21.94 -16.62 61.06
C ASN D 110 -23.15 -16.43 61.96
N THR D 111 -23.84 -15.28 61.84
CA THR D 111 -24.99 -15.03 62.70
C THR D 111 -26.21 -15.85 62.28
N PHE D 112 -26.32 -16.20 60.99
CA PHE D 112 -27.49 -16.90 60.49
C PHE D 112 -27.22 -18.37 60.19
N ALA D 113 -26.06 -18.89 60.57
CA ALA D 113 -25.75 -20.30 60.35
C ALA D 113 -26.48 -21.13 61.40
N ARG D 114 -27.37 -22.01 60.94
CA ARG D 114 -28.16 -22.82 61.87
C ARG D 114 -27.29 -23.88 62.54
N PHE D 115 -26.46 -24.56 61.77
CA PHE D 115 -25.57 -25.61 62.28
C PHE D 115 -24.14 -25.10 62.13
N LYS D 116 -23.54 -24.68 63.25
CA LYS D 116 -22.22 -24.07 63.26
C LYS D 116 -21.13 -25.05 63.68
N ASP D 117 -21.46 -26.32 63.87
CA ASP D 117 -20.50 -27.32 64.32
C ASP D 117 -20.46 -28.49 63.35
N GLU D 118 -19.30 -29.14 63.28
CA GLU D 118 -19.06 -30.14 62.25
C GLU D 118 -19.83 -31.44 62.50
N GLU D 119 -20.04 -31.82 63.77
CA GLU D 119 -20.79 -33.03 64.06
C GLU D 119 -22.25 -32.90 63.64
N THR D 120 -22.88 -31.76 63.97
CA THR D 120 -24.24 -31.53 63.48
C THR D 120 -24.28 -31.41 61.97
N CYS D 121 -23.23 -30.85 61.37
CA CYS D 121 -23.16 -30.79 59.91
C CYS D 121 -23.12 -32.18 59.30
N THR D 122 -22.34 -33.09 59.90
CA THR D 122 -22.30 -34.47 59.41
C THR D 122 -23.63 -35.17 59.62
N ALA D 123 -24.30 -34.89 60.75
CA ALA D 123 -25.63 -35.45 60.97
C ALA D 123 -26.63 -34.98 59.92
N VAL D 124 -26.58 -33.68 59.58
CA VAL D 124 -27.45 -33.16 58.53
C VAL D 124 -27.12 -33.79 57.19
N ASP D 125 -25.84 -33.98 56.92
CA ASP D 125 -25.49 -34.65 55.70
C ASP D 125 -26.31 -35.91 55.67
N GLN D 126 -26.17 -36.73 56.70
CA GLN D 126 -26.87 -38.00 56.75
C GLN D 126 -28.38 -37.84 56.73
N LEU D 127 -28.90 -36.88 57.49
CA LEU D 127 -30.34 -36.71 57.56
C LEU D 127 -30.84 -36.29 56.20
N LEU D 128 -30.11 -35.40 55.55
CA LEU D 128 -30.53 -34.93 54.24
C LEU D 128 -30.54 -36.09 53.27
N HIS D 129 -29.53 -36.94 53.37
CA HIS D 129 -29.45 -38.09 52.48
C HIS D 129 -30.76 -38.88 52.50
N LEU D 137 -35.47 -34.97 43.88
CA LEU D 137 -35.39 -33.88 44.85
C LEU D 137 -34.50 -32.76 44.35
N HIS D 138 -35.09 -31.59 44.12
CA HIS D 138 -34.33 -30.44 43.66
C HIS D 138 -33.38 -29.97 44.77
N PRO D 139 -32.11 -29.70 44.45
CA PRO D 139 -31.19 -29.20 45.47
C PRO D 139 -31.62 -27.88 46.09
N PHE D 140 -32.42 -27.07 45.39
CA PHE D 140 -32.96 -25.86 45.99
C PHE D 140 -33.84 -26.19 47.18
N GLU D 141 -34.58 -27.30 47.13
CA GLU D 141 -35.45 -27.67 48.24
C GLU D 141 -34.65 -28.04 49.48
N ILE D 142 -33.61 -28.86 49.33
CA ILE D 142 -32.81 -29.21 50.50
C ILE D 142 -32.03 -27.99 51.00
N ALA D 143 -31.59 -27.12 50.09
CA ALA D 143 -30.89 -25.91 50.50
C ALA D 143 -31.81 -24.99 51.31
N GLN D 144 -33.06 -24.83 50.87
CA GLN D 144 -33.98 -23.94 51.58
C GLN D 144 -34.47 -24.57 52.88
N LEU D 145 -34.50 -25.91 52.96
CA LEU D 145 -34.87 -26.57 54.20
C LEU D 145 -33.74 -26.47 55.22
N SER D 146 -32.49 -26.58 54.78
CA SER D 146 -31.35 -26.47 55.67
C SER D 146 -30.82 -25.05 55.80
N SER D 147 -31.51 -24.08 55.20
CA SER D 147 -31.08 -22.68 55.19
C SER D 147 -31.90 -21.79 56.09
N LEU D 148 -33.23 -21.84 55.98
CA LEU D 148 -34.12 -20.96 56.73
C LEU D 148 -34.94 -21.79 57.70
N GLY D 149 -35.22 -21.21 58.88
CA GLY D 149 -35.89 -21.94 59.93
C GLY D 149 -37.31 -22.31 59.55
N CYS D 150 -37.69 -23.55 59.83
CA CYS D 150 -39.04 -24.05 59.59
C CYS D 150 -39.55 -24.73 60.85
N GLU D 151 -40.76 -24.37 61.28
CA GLU D 151 -41.35 -24.95 62.48
C GLU D 151 -42.71 -25.57 62.25
N ASP D 152 -43.47 -25.14 61.24
CA ASP D 152 -44.79 -25.67 60.97
C ASP D 152 -44.93 -25.97 59.48
N VAL D 153 -45.80 -26.94 59.17
CA VAL D 153 -46.02 -27.30 57.77
C VAL D 153 -46.65 -26.14 57.01
N ASP D 154 -47.62 -25.47 57.63
CA ASP D 154 -48.30 -24.35 56.97
C ASP D 154 -47.33 -23.24 56.62
N GLU D 155 -46.47 -22.87 57.58
CA GLU D 155 -45.49 -21.81 57.29
C GLU D 155 -44.43 -22.29 56.32
N ALA D 156 -44.09 -23.58 56.34
CA ALA D 156 -43.11 -24.11 55.41
C ALA D 156 -43.62 -24.03 53.98
N ILE D 157 -44.89 -24.35 53.76
CA ILE D 157 -45.44 -24.25 52.41
C ILE D 157 -45.82 -22.83 52.04
N THR D 158 -46.09 -21.95 53.02
CA THR D 158 -46.42 -20.57 52.72
C THR D 158 -45.19 -19.76 52.35
N LEU D 159 -44.05 -20.03 53.01
CA LEU D 159 -42.83 -19.29 52.70
C LEU D 159 -42.38 -19.53 51.27
N ILE D 160 -42.33 -20.79 50.85
CA ILE D 160 -41.95 -21.15 49.48
C ILE D 160 -42.84 -22.29 49.02
N PRO D 161 -43.48 -22.16 47.85
CA PRO D 161 -44.44 -23.18 47.40
C PRO D 161 -43.82 -24.47 46.88
N SER D 162 -42.50 -24.65 47.01
CA SER D 162 -41.89 -25.90 46.56
C SER D 162 -42.38 -27.08 47.38
N LEU D 163 -42.50 -26.90 48.70
CA LEU D 163 -42.99 -27.98 49.55
C LEU D 163 -44.49 -28.20 49.41
N ALA D 164 -45.22 -27.24 48.84
CA ALA D 164 -46.67 -27.36 48.74
C ALA D 164 -47.08 -28.45 47.76
N ALA D 165 -46.37 -28.56 46.64
CA ALA D 165 -46.70 -29.51 45.58
C ALA D 165 -45.50 -30.41 45.32
N LYS D 166 -45.50 -31.59 45.93
CA LYS D 166 -44.44 -32.57 45.72
C LYS D 166 -45.02 -33.94 45.38
N LYS D 167 -46.23 -34.21 45.89
CA LYS D 167 -46.95 -35.48 45.82
C LYS D 167 -46.30 -36.57 46.67
N GLU D 168 -45.11 -36.32 47.23
CA GLU D 168 -44.51 -37.12 48.30
C GLU D 168 -43.97 -36.10 49.30
N VAL D 169 -44.82 -35.66 50.22
CA VAL D 169 -44.50 -34.51 51.04
C VAL D 169 -43.97 -34.93 52.41
N ASN D 170 -44.80 -35.60 53.21
CA ASN D 170 -44.41 -36.10 54.54
C ASN D 170 -43.71 -35.01 55.36
N LEU D 171 -44.23 -33.78 55.29
CA LEU D 171 -43.60 -32.67 55.98
C LEU D 171 -43.63 -32.80 57.49
N GLN D 172 -44.58 -33.56 58.04
CA GLN D 172 -44.66 -33.73 59.49
C GLN D 172 -43.39 -34.37 60.03
N ARG D 173 -42.99 -35.50 59.46
CA ARG D 173 -41.83 -36.22 60.00
C ARG D 173 -40.52 -35.48 59.72
N ILE D 174 -40.39 -34.89 58.53
CA ILE D 174 -39.14 -34.19 58.21
C ILE D 174 -39.00 -32.93 59.05
N LEU D 175 -40.12 -32.23 59.32
CA LEU D 175 -40.04 -31.05 60.18
C LEU D 175 -39.83 -31.43 61.63
N ASP D 176 -40.40 -32.55 62.08
CA ASP D 176 -40.10 -33.03 63.42
C ASP D 176 -38.61 -33.37 63.56
N GLU D 177 -38.04 -33.99 62.53
CA GLU D 177 -36.60 -34.24 62.53
C GLU D 177 -35.82 -32.93 62.57
N LEU D 178 -36.21 -31.96 61.74
CA LEU D 178 -35.53 -30.68 61.69
C LEU D 178 -35.61 -29.95 63.03
N ASN D 179 -36.68 -30.16 63.78
CA ASN D 179 -36.86 -29.48 65.06
C ASN D 179 -36.20 -30.21 66.22
N ARG D 180 -36.06 -31.54 66.16
CA ARG D 180 -35.51 -32.30 67.27
C ARG D 180 -34.13 -32.88 66.99
N LEU D 181 -33.97 -33.65 65.91
CA LEU D 181 -32.68 -34.23 65.58
C LEU D 181 -31.68 -33.15 65.19
N GLU D 182 -32.07 -32.24 64.30
CA GLU D 182 -31.23 -31.08 64.01
C GLU D 182 -31.46 -29.99 65.06
N ASP D 183 -30.84 -28.84 64.83
CA ASP D 183 -30.89 -27.75 65.79
C ASP D 183 -32.27 -27.10 65.77
N PRO D 184 -32.99 -27.06 66.91
CA PRO D 184 -34.29 -26.40 66.98
C PRO D 184 -34.19 -24.89 66.79
N ASP E 3 -15.29 -60.52 -44.33
CA ASP E 3 -15.94 -59.84 -43.22
C ASP E 3 -16.33 -60.83 -42.11
N ASN E 4 -16.71 -62.04 -42.51
CA ASN E 4 -17.07 -63.06 -41.53
C ASN E 4 -15.88 -63.43 -40.65
N ASN E 5 -14.69 -63.57 -41.26
CA ASN E 5 -13.50 -63.86 -40.47
C ASN E 5 -13.17 -62.73 -39.52
N ARG E 6 -13.33 -61.48 -39.98
CA ARG E 6 -13.10 -60.33 -39.11
C ARG E 6 -14.06 -60.31 -37.93
N ILE E 7 -15.34 -60.62 -38.19
CA ILE E 7 -16.34 -60.66 -37.12
C ILE E 7 -15.99 -61.76 -36.12
N ILE E 8 -15.60 -62.93 -36.63
CA ILE E 8 -15.26 -64.05 -35.75
C ILE E 8 -14.04 -63.70 -34.90
N SER E 9 -13.02 -63.08 -35.50
CA SER E 9 -11.83 -62.71 -34.75
C SER E 9 -12.14 -61.67 -33.68
N ARG E 10 -12.98 -60.68 -34.02
CA ARG E 10 -13.37 -59.68 -33.03
C ARG E 10 -14.16 -60.31 -31.89
N LEU E 11 -15.04 -61.25 -32.21
CA LEU E 11 -15.81 -61.95 -31.18
C LEU E 11 -14.89 -62.76 -30.28
N TRP E 12 -13.90 -63.44 -30.86
CA TRP E 12 -12.95 -64.20 -30.06
C TRP E 12 -12.13 -63.29 -29.16
N ARG E 13 -11.70 -62.14 -29.67
CA ARG E 13 -10.96 -61.19 -28.85
C ARG E 13 -11.82 -60.67 -27.70
N SER E 14 -13.09 -60.38 -27.98
CA SER E 14 -13.98 -59.94 -26.92
C SER E 14 -14.18 -61.02 -25.86
N PHE E 15 -14.32 -62.28 -26.30
CA PHE E 15 -14.45 -63.38 -25.35
C PHE E 15 -13.21 -63.52 -24.49
N ARG E 16 -12.03 -63.38 -25.10
CA ARG E 16 -10.79 -63.44 -24.33
C ARG E 16 -10.71 -62.30 -23.32
N THR E 17 -11.13 -61.10 -23.73
CA THR E 17 -11.12 -59.96 -22.82
C THR E 17 -12.07 -60.19 -21.64
N VAL E 18 -13.25 -60.75 -21.91
CA VAL E 18 -14.21 -61.04 -20.83
C VAL E 18 -13.64 -62.08 -19.88
N LYS E 19 -12.98 -63.11 -20.43
CA LYS E 19 -12.36 -64.11 -19.57
C LYS E 19 -11.26 -63.51 -18.71
N GLU E 20 -10.45 -62.63 -19.28
CA GLU E 20 -9.40 -61.97 -18.51
C GLU E 20 -9.99 -61.08 -17.43
N MET E 21 -11.08 -60.37 -17.74
CA MET E 21 -11.74 -59.53 -16.74
C MET E 21 -12.30 -60.37 -15.60
N ALA E 22 -12.90 -61.52 -15.92
CA ALA E 22 -13.42 -62.40 -14.89
C ALA E 22 -12.29 -62.95 -14.02
N ALA E 23 -11.15 -63.28 -14.64
CA ALA E 23 -10.00 -63.76 -13.88
C ALA E 23 -9.46 -62.67 -12.96
N ASP E 24 -9.43 -61.43 -13.43
CA ASP E 24 -8.90 -60.33 -12.62
C ASP E 24 -9.81 -60.03 -11.43
N ARG E 25 -11.11 -60.26 -11.56
CA ARG E 25 -12.03 -60.02 -10.47
C ARG E 25 -11.92 -61.03 -9.34
N GLY E 26 -11.17 -62.12 -9.55
CA GLY E 26 -11.01 -63.15 -8.54
C GLY E 26 -11.74 -64.44 -8.82
N TYR E 27 -12.44 -64.55 -9.94
CA TYR E 27 -13.14 -65.77 -10.28
C TYR E 27 -12.19 -66.76 -10.95
N PHE E 28 -12.43 -68.04 -10.70
CA PHE E 28 -11.55 -69.09 -11.20
C PHE E 28 -11.88 -69.41 -12.65
N ILE E 29 -10.88 -69.25 -13.52
CA ILE E 29 -10.99 -69.61 -14.93
C ILE E 29 -9.91 -70.64 -15.23
N SER E 30 -10.31 -71.74 -15.88
CA SER E 30 -9.36 -72.80 -16.17
C SER E 30 -8.28 -72.32 -17.14
N GLN E 31 -7.08 -72.89 -17.00
CA GLN E 31 -5.95 -72.47 -17.81
C GLN E 31 -6.19 -72.75 -19.29
N GLU E 32 -6.82 -73.89 -19.61
CA GLU E 32 -7.07 -74.23 -21.00
C GLU E 32 -8.07 -73.27 -21.65
N GLU E 33 -9.05 -72.79 -20.89
CA GLU E 33 -10.01 -71.83 -21.43
C GLU E 33 -9.37 -70.47 -21.68
N MET E 34 -8.44 -70.06 -20.81
CA MET E 34 -7.78 -68.77 -20.99
C MET E 34 -6.95 -68.73 -22.26
N ASP E 35 -6.23 -69.82 -22.56
CA ASP E 35 -5.38 -69.90 -23.75
C ASP E 35 -6.10 -70.55 -24.92
N GLN E 36 -7.41 -70.37 -25.02
CA GLN E 36 -8.17 -70.91 -26.13
C GLN E 36 -7.80 -70.20 -27.43
N SER E 37 -7.51 -70.96 -28.47
CA SER E 37 -7.10 -70.39 -29.74
C SER E 37 -8.32 -69.99 -30.58
N LEU E 38 -8.05 -69.22 -31.63
CA LEU E 38 -9.12 -68.79 -32.53
C LEU E 38 -9.75 -69.97 -33.27
N GLU E 39 -8.91 -70.92 -33.69
CA GLU E 39 -9.42 -72.09 -34.42
C GLU E 39 -10.35 -72.91 -33.54
N GLU E 40 -9.97 -73.13 -32.28
CA GLU E 40 -10.83 -73.88 -31.36
C GLU E 40 -12.15 -73.15 -31.12
N PHE E 41 -12.08 -71.83 -30.96
CA PHE E 41 -13.29 -71.03 -30.75
C PHE E 41 -14.23 -71.13 -31.94
N ARG E 42 -13.69 -71.01 -33.15
CA ARG E 42 -14.51 -71.13 -34.35
C ARG E 42 -15.06 -72.54 -34.50
N SER E 43 -14.30 -73.55 -34.09
CA SER E 43 -14.77 -74.93 -34.20
C SER E 43 -15.92 -75.21 -33.23
N LYS E 44 -15.82 -74.69 -32.01
CA LYS E 44 -16.81 -75.03 -30.99
C LYS E 44 -17.98 -74.04 -30.93
N ILE E 45 -17.90 -72.91 -31.62
CA ILE E 45 -18.94 -71.89 -31.58
C ILE E 45 -19.59 -71.70 -32.93
N CYS E 46 -18.81 -71.41 -33.96
CA CYS E 46 -19.36 -71.16 -35.28
C CYS E 46 -19.89 -72.46 -35.89
N ASP E 47 -20.96 -72.33 -36.67
CA ASP E 47 -21.60 -73.46 -37.32
C ASP E 47 -20.99 -73.67 -38.71
N SER E 48 -21.64 -74.51 -39.52
CA SER E 48 -21.14 -74.76 -40.87
C SER E 48 -21.20 -73.51 -41.73
N MET E 49 -22.26 -72.71 -41.58
CA MET E 49 -22.41 -71.48 -42.34
C MET E 49 -21.60 -70.32 -41.78
N GLY E 50 -20.93 -70.51 -40.66
CA GLY E 50 -20.14 -69.46 -40.05
C GLY E 50 -20.90 -68.52 -39.14
N ASN E 51 -22.20 -68.75 -38.94
CA ASN E 51 -23.00 -67.90 -38.07
C ASN E 51 -22.59 -68.12 -36.61
N PRO E 52 -22.20 -67.08 -35.88
CA PRO E 52 -21.81 -67.29 -34.48
C PRO E 52 -22.99 -67.67 -33.61
N GLN E 53 -22.70 -68.39 -32.53
CA GLN E 53 -23.70 -68.83 -31.57
C GLN E 53 -23.46 -68.05 -30.27
N ARG E 54 -24.19 -66.95 -30.11
CA ARG E 54 -24.02 -66.11 -28.92
C ARG E 54 -24.47 -66.82 -27.66
N LYS E 55 -25.51 -67.66 -27.75
CA LYS E 55 -26.01 -68.36 -26.57
C LYS E 55 -25.00 -69.36 -26.03
N LEU E 56 -24.19 -69.95 -26.91
CA LEU E 56 -23.22 -70.95 -26.47
C LEU E 56 -22.06 -70.34 -25.70
N MET E 57 -21.78 -69.05 -25.89
CA MET E 57 -20.67 -68.41 -25.20
C MET E 57 -20.97 -68.09 -23.74
N SER E 58 -22.25 -68.05 -23.36
CA SER E 58 -22.61 -67.78 -21.98
C SER E 58 -22.06 -68.87 -21.07
N PHE E 59 -21.46 -68.46 -19.95
CA PHE E 59 -20.79 -69.41 -19.08
C PHE E 59 -20.88 -68.92 -17.64
N LEU E 60 -20.33 -69.71 -16.73
CA LEU E 60 -20.39 -69.47 -15.29
C LEU E 60 -19.00 -69.57 -14.70
N ALA E 61 -18.77 -68.80 -13.65
CA ALA E 61 -17.48 -68.79 -12.96
C ALA E 61 -17.72 -68.63 -11.46
N ASN E 62 -16.77 -69.13 -10.68
CA ASN E 62 -16.82 -69.09 -9.22
C ASN E 62 -15.52 -68.51 -8.68
N PRO E 63 -15.59 -67.82 -7.54
CA PRO E 63 -14.39 -67.19 -7.00
C PRO E 63 -13.38 -68.21 -6.49
N THR E 64 -12.10 -67.85 -6.59
CA THR E 64 -11.03 -68.66 -6.05
C THR E 64 -11.03 -68.58 -4.52
N PRO E 65 -10.48 -69.59 -3.85
CA PRO E 65 -10.38 -69.51 -2.38
C PRO E 65 -9.57 -68.32 -1.90
N GLU E 66 -8.52 -67.93 -2.64
CA GLU E 66 -7.77 -66.74 -2.29
C GLU E 66 -8.65 -65.49 -2.39
N ALA E 67 -9.45 -65.38 -3.44
CA ALA E 67 -10.39 -64.28 -3.54
C ALA E 67 -11.51 -64.40 -2.51
N LEU E 68 -11.86 -65.64 -2.13
CA LEU E 68 -12.88 -65.82 -1.11
C LEU E 68 -12.42 -65.30 0.25
N GLU E 69 -11.17 -65.58 0.62
CA GLU E 69 -10.66 -65.07 1.89
C GLU E 69 -10.30 -63.60 1.81
N LYS E 70 -9.86 -63.11 0.64
CA LYS E 70 -9.54 -61.70 0.50
C LYS E 70 -10.80 -60.84 0.51
N TYR E 71 -11.81 -61.24 -0.26
CA TYR E 71 -13.08 -60.51 -0.34
C TYR E 71 -14.21 -61.45 0.06
N SER E 72 -15.02 -61.02 1.02
CA SER E 72 -16.13 -61.82 1.52
C SER E 72 -17.45 -61.51 0.82
N ASP E 73 -17.44 -60.64 -0.18
CA ASP E 73 -18.66 -60.25 -0.89
C ASP E 73 -18.72 -60.81 -2.31
N LEU E 74 -17.96 -61.86 -2.59
CA LEU E 74 -17.94 -62.47 -3.92
C LEU E 74 -18.83 -63.70 -3.95
N GLY E 75 -19.65 -63.80 -4.98
CA GLY E 75 -20.52 -64.94 -5.19
C GLY E 75 -20.30 -65.54 -6.57
N THR E 76 -21.36 -66.15 -7.10
CA THR E 76 -21.30 -66.75 -8.42
C THR E 76 -21.37 -65.68 -9.50
N LEU E 77 -20.74 -65.98 -10.64
CA LEU E 77 -20.71 -65.06 -11.78
C LEU E 77 -21.28 -65.76 -13.00
N TRP E 78 -22.16 -65.07 -13.72
CA TRP E 78 -22.75 -65.59 -14.94
C TRP E 78 -22.56 -64.57 -16.05
N VAL E 79 -21.99 -64.99 -17.17
CA VAL E 79 -21.73 -64.12 -18.31
C VAL E 79 -22.62 -64.59 -19.46
N GLU E 80 -23.43 -63.67 -19.98
CA GLU E 80 -24.39 -63.96 -21.04
C GLU E 80 -24.17 -63.02 -22.22
N PHE E 81 -24.24 -63.58 -23.43
CA PHE E 81 -24.11 -62.81 -24.66
C PHE E 81 -25.47 -62.75 -25.34
N CYS E 82 -25.91 -61.54 -25.68
CA CYS E 82 -27.21 -61.36 -26.31
C CYS E 82 -27.15 -61.78 -27.77
N ASP E 83 -28.11 -62.60 -28.20
CA ASP E 83 -28.14 -63.08 -29.57
C ASP E 83 -28.47 -61.96 -30.55
N GLU E 84 -29.52 -61.20 -30.27
CA GLU E 84 -29.95 -60.13 -31.15
C GLU E 84 -29.13 -58.86 -30.90
N PRO E 85 -28.99 -58.00 -31.92
CA PRO E 85 -28.20 -56.78 -31.74
C PRO E 85 -28.80 -55.80 -30.75
N SER E 86 -30.07 -55.46 -30.92
CA SER E 86 -30.73 -54.56 -30.00
C SER E 86 -31.13 -55.30 -28.72
N VAL E 87 -31.49 -54.53 -27.70
CA VAL E 87 -31.87 -55.08 -26.40
C VAL E 87 -33.20 -54.44 -26.00
N GLY E 88 -34.29 -55.18 -26.15
CA GLY E 88 -35.57 -54.70 -25.70
C GLY E 88 -35.79 -54.90 -24.22
N ILE E 89 -36.90 -54.35 -23.73
CA ILE E 89 -37.22 -54.47 -22.31
C ILE E 89 -37.59 -55.90 -21.96
N LYS E 90 -38.21 -56.63 -22.89
CA LYS E 90 -38.62 -58.02 -22.61
C LYS E 90 -37.42 -58.92 -22.38
N THR E 91 -36.36 -58.76 -23.17
CA THR E 91 -35.17 -59.57 -23.00
C THR E 91 -34.50 -59.28 -21.66
N MET E 92 -34.45 -58.00 -21.27
CA MET E 92 -33.87 -57.66 -19.97
C MET E 92 -34.71 -58.21 -18.83
N ARG E 93 -36.04 -58.18 -18.95
CA ARG E 93 -36.88 -58.78 -17.93
C ARG E 93 -36.65 -60.28 -17.84
N ASN E 94 -36.50 -60.95 -18.98
CA ASN E 94 -36.21 -62.38 -18.98
C ASN E 94 -34.87 -62.67 -18.31
N PHE E 95 -33.85 -61.86 -18.62
CA PHE E 95 -32.53 -62.05 -18.01
C PHE E 95 -32.58 -61.82 -16.51
N CYS E 96 -33.32 -60.80 -16.06
CA CYS E 96 -33.46 -60.54 -14.63
C CYS E 96 -34.18 -61.68 -13.94
N LEU E 97 -35.23 -62.22 -14.57
CA LEU E 97 -35.93 -63.36 -13.99
C LEU E 97 -35.01 -64.57 -13.90
N ARG E 98 -34.19 -64.81 -14.92
CA ARG E 98 -33.24 -65.92 -14.88
C ARG E 98 -32.22 -65.72 -13.77
N ILE E 99 -31.74 -64.49 -13.59
CA ILE E 99 -30.78 -64.20 -12.53
C ILE E 99 -31.42 -64.44 -11.16
N GLN E 100 -32.66 -63.99 -10.97
CA GLN E 100 -33.34 -64.19 -9.71
C GLN E 100 -33.57 -65.67 -9.43
N GLU E 101 -33.99 -66.43 -10.44
CA GLU E 101 -34.29 -67.85 -10.24
C GLU E 101 -33.03 -68.71 -10.12
N LYS E 102 -31.88 -68.23 -10.61
CA LYS E 102 -30.64 -68.97 -10.54
C LYS E 102 -29.67 -68.38 -9.51
N ASN E 103 -30.20 -67.65 -8.52
CA ASN E 103 -29.53 -67.07 -7.36
C ASN E 103 -28.09 -66.66 -7.64
N PHE E 104 -27.87 -65.93 -8.73
CA PHE E 104 -26.55 -65.44 -9.10
C PHE E 104 -26.27 -64.12 -8.39
N SER E 105 -25.13 -64.04 -7.71
CA SER E 105 -24.76 -62.81 -7.03
C SER E 105 -24.53 -61.67 -8.01
N THR E 106 -23.88 -61.94 -9.13
CA THR E 106 -23.61 -60.93 -10.14
C THR E 106 -23.78 -61.53 -11.52
N GLY E 107 -24.07 -60.67 -12.49
CA GLY E 107 -24.25 -61.11 -13.86
C GLY E 107 -23.85 -60.04 -14.87
N ILE E 108 -23.15 -60.44 -15.92
CA ILE E 108 -22.65 -59.52 -16.93
C ILE E 108 -23.44 -59.75 -18.22
N PHE E 109 -24.06 -58.69 -18.71
CA PHE E 109 -24.83 -58.72 -19.96
C PHE E 109 -24.09 -57.92 -21.02
N ILE E 110 -23.87 -58.53 -22.18
CA ILE E 110 -23.13 -57.92 -23.26
C ILE E 110 -24.03 -57.83 -24.49
N TYR E 111 -24.14 -56.63 -25.05
CA TYR E 111 -24.93 -56.40 -26.25
C TYR E 111 -24.01 -56.06 -27.43
N GLN E 112 -24.62 -55.99 -28.62
CA GLN E 112 -23.87 -55.77 -29.85
C GLN E 112 -23.93 -54.32 -30.31
N ASN E 113 -25.13 -53.79 -30.55
CA ASN E 113 -25.30 -52.45 -31.10
C ASN E 113 -25.63 -51.42 -30.04
N ASN E 114 -26.73 -51.60 -29.32
CA ASN E 114 -27.17 -50.62 -28.33
C ASN E 114 -28.16 -51.29 -27.38
N ILE E 115 -28.58 -50.54 -26.37
CA ILE E 115 -29.54 -51.00 -25.37
C ILE E 115 -30.60 -49.91 -25.19
N THR E 116 -31.85 -50.33 -25.04
CA THR E 116 -32.93 -49.37 -24.89
C THR E 116 -32.85 -48.66 -23.55
N PRO E 117 -33.26 -47.39 -23.49
CA PRO E 117 -33.29 -46.69 -22.19
C PRO E 117 -34.23 -47.32 -21.18
N SER E 118 -35.33 -47.92 -21.64
CA SER E 118 -36.24 -48.60 -20.71
C SER E 118 -35.55 -49.78 -20.04
N ALA E 119 -34.61 -50.42 -20.74
CA ALA E 119 -33.82 -51.49 -20.13
C ALA E 119 -32.96 -50.94 -18.99
N ASN E 120 -32.36 -49.77 -19.19
CA ASN E 120 -31.57 -49.13 -18.13
C ASN E 120 -32.44 -48.52 -17.04
N LYS E 121 -33.75 -48.36 -17.29
CA LYS E 121 -34.64 -47.82 -16.25
C LYS E 121 -34.74 -48.76 -15.06
N MET E 122 -34.79 -50.07 -15.31
CA MET E 122 -35.11 -51.04 -14.27
C MET E 122 -33.89 -51.78 -13.74
N ILE E 123 -32.68 -51.34 -14.07
CA ILE E 123 -31.47 -52.00 -13.59
C ILE E 123 -31.26 -51.91 -12.07
N PRO E 124 -31.76 -50.90 -11.34
CA PRO E 124 -31.63 -50.97 -9.88
C PRO E 124 -32.65 -51.87 -9.19
N THR E 125 -33.51 -52.56 -9.95
CA THR E 125 -34.55 -53.40 -9.40
C THR E 125 -34.17 -54.88 -9.44
N VAL E 126 -32.89 -55.20 -9.22
CA VAL E 126 -32.42 -56.58 -9.29
C VAL E 126 -31.77 -56.96 -7.96
N SER E 127 -32.14 -56.27 -6.90
CA SER E 127 -31.56 -56.53 -5.59
C SER E 127 -31.89 -57.96 -5.13
N PRO E 128 -30.98 -58.64 -4.43
CA PRO E 128 -29.64 -58.17 -4.06
C PRO E 128 -28.60 -58.35 -5.16
N ALA E 129 -28.99 -58.93 -6.29
CA ALA E 129 -28.04 -59.19 -7.36
C ALA E 129 -27.63 -57.89 -8.04
N ILE E 130 -26.50 -57.94 -8.74
CA ILE E 130 -25.95 -56.81 -9.46
C ILE E 130 -25.78 -57.21 -10.92
N ILE E 131 -26.30 -56.39 -11.83
CA ILE E 131 -26.18 -56.62 -13.27
C ILE E 131 -25.39 -55.47 -13.88
N GLU E 132 -24.46 -55.82 -14.78
CA GLU E 132 -23.64 -54.84 -15.48
C GLU E 132 -23.82 -55.02 -16.98
N THR E 133 -23.91 -53.90 -17.69
CA THR E 133 -24.09 -53.90 -19.13
C THR E 133 -22.79 -53.51 -19.81
N PHE E 134 -22.39 -54.28 -20.81
CA PHE E 134 -21.16 -54.05 -21.55
C PHE E 134 -21.46 -54.05 -23.04
N GLN E 135 -20.66 -53.30 -23.79
CA GLN E 135 -20.73 -53.30 -25.25
C GLN E 135 -19.63 -54.19 -25.80
N GLU E 136 -20.00 -55.08 -26.72
CA GLU E 136 -19.02 -56.01 -27.29
C GLU E 136 -17.93 -55.27 -28.05
N SER E 137 -18.31 -54.23 -28.81
CA SER E 137 -17.33 -53.46 -29.56
C SER E 137 -16.34 -52.76 -28.65
N ASP E 138 -16.75 -52.45 -27.42
CA ASP E 138 -15.86 -51.84 -26.44
C ASP E 138 -14.96 -52.87 -25.74
N LEU E 139 -15.22 -54.16 -25.92
CA LEU E 139 -14.45 -55.21 -25.27
C LEU E 139 -13.43 -55.85 -26.21
N VAL E 140 -13.23 -55.29 -27.40
CA VAL E 140 -12.28 -55.86 -28.35
C VAL E 140 -10.86 -55.76 -27.81
N VAL E 141 -10.51 -54.61 -27.23
CA VAL E 141 -9.16 -54.34 -26.73
C VAL E 141 -9.24 -54.20 -25.21
N ASN E 142 -8.39 -54.96 -24.52
CA ASN E 142 -8.31 -54.87 -23.06
C ASN E 142 -7.60 -53.58 -22.67
N ILE E 143 -8.32 -52.70 -21.97
CA ILE E 143 -7.73 -51.41 -21.60
C ILE E 143 -6.65 -51.57 -20.55
N THR E 144 -6.76 -52.59 -19.69
CA THR E 144 -5.80 -52.76 -18.60
C THR E 144 -4.42 -53.18 -19.09
N HIS E 145 -4.30 -53.60 -20.35
CA HIS E 145 -3.00 -53.94 -20.93
C HIS E 145 -2.31 -52.75 -21.56
N HIS E 146 -2.94 -51.58 -21.56
CA HIS E 146 -2.32 -50.38 -22.12
C HIS E 146 -1.16 -49.93 -21.24
N GLU E 147 -0.15 -49.34 -21.88
CA GLU E 147 1.02 -48.86 -21.16
C GLU E 147 0.68 -47.67 -20.25
N LEU E 148 -0.26 -46.83 -20.69
CA LEU E 148 -0.63 -45.66 -19.90
C LEU E 148 -1.53 -45.98 -18.72
N VAL E 149 -2.06 -47.21 -18.64
CA VAL E 149 -2.98 -47.60 -17.58
C VAL E 149 -2.19 -48.41 -16.54
N PRO E 150 -1.96 -47.88 -15.35
CA PRO E 150 -1.27 -48.65 -14.31
C PRO E 150 -2.19 -49.67 -13.68
N LYS E 151 -1.59 -50.53 -12.86
CA LYS E 151 -2.32 -51.62 -12.23
C LYS E 151 -3.19 -51.09 -11.09
N HIS E 152 -4.46 -51.50 -11.09
CA HIS E 152 -5.41 -51.18 -10.03
C HIS E 152 -5.71 -52.45 -9.25
N ILE E 153 -5.67 -52.35 -7.91
CA ILE E 153 -5.99 -53.48 -7.05
C ILE E 153 -7.05 -53.02 -6.05
N ARG E 154 -8.18 -53.72 -6.03
CA ARG E 154 -9.25 -53.36 -5.11
C ARG E 154 -8.85 -53.70 -3.67
N LEU E 155 -9.03 -52.74 -2.77
CA LEU E 155 -8.68 -52.95 -1.37
C LEU E 155 -9.84 -53.60 -0.61
N SER E 156 -9.48 -54.44 0.36
CA SER E 156 -10.48 -55.05 1.22
C SER E 156 -10.97 -54.03 2.25
N ASP E 157 -12.02 -54.41 2.97
CA ASP E 157 -12.57 -53.52 3.99
C ASP E 157 -11.56 -53.23 5.09
N GLY E 158 -10.83 -54.27 5.53
CA GLY E 158 -9.80 -54.05 6.54
C GLY E 158 -8.68 -53.17 6.04
N GLU E 159 -8.25 -53.37 4.80
CA GLU E 159 -7.20 -52.53 4.23
C GLU E 159 -7.66 -51.08 4.09
N LYS E 160 -8.91 -50.88 3.66
CA LYS E 160 -9.45 -49.53 3.57
C LYS E 160 -9.49 -48.86 4.93
N SER E 161 -9.94 -49.61 5.95
CA SER E 161 -9.98 -49.07 7.30
C SER E 161 -8.59 -48.70 7.78
N GLN E 162 -7.62 -49.59 7.56
CA GLN E 162 -6.25 -49.34 8.00
C GLN E 162 -5.67 -48.11 7.32
N LEU E 163 -5.96 -47.95 6.03
CA LEU E 163 -5.56 -46.72 5.34
C LEU E 163 -6.21 -45.50 5.99
N LEU E 164 -7.48 -45.62 6.38
CA LEU E 164 -8.19 -44.49 6.95
C LEU E 164 -7.59 -44.05 8.29
N GLN E 165 -7.28 -45.00 9.19
CA GLN E 165 -6.60 -44.58 10.42
C GLN E 165 -5.15 -44.19 10.18
N ARG E 166 -4.49 -44.76 9.18
CA ARG E 166 -3.10 -44.36 8.93
C ARG E 166 -3.01 -42.92 8.48
N TYR E 167 -3.92 -42.48 7.61
CA TYR E 167 -3.89 -41.11 7.11
C TYR E 167 -4.84 -40.19 7.87
N LYS E 168 -5.57 -40.71 8.87
CA LYS E 168 -6.53 -39.93 9.66
C LYS E 168 -7.54 -39.23 8.74
N LEU E 169 -8.07 -39.98 7.79
CA LEU E 169 -8.89 -39.44 6.72
C LEU E 169 -10.37 -39.70 6.94
N LYS E 170 -11.18 -38.93 6.23
CA LYS E 170 -12.59 -39.24 6.02
C LYS E 170 -12.75 -39.88 4.64
N GLU E 171 -13.93 -40.47 4.41
CA GLU E 171 -14.17 -41.13 3.15
C GLU E 171 -14.22 -40.15 1.99
N SER E 172 -14.62 -38.91 2.25
CA SER E 172 -14.72 -37.90 1.19
C SER E 172 -13.41 -37.16 0.95
N GLN E 173 -12.40 -37.36 1.78
CA GLN E 173 -11.13 -36.64 1.62
C GLN E 173 -10.15 -37.36 0.72
N LEU E 174 -10.43 -38.60 0.31
CA LEU E 174 -9.58 -39.31 -0.62
C LEU E 174 -9.79 -38.82 -2.04
N PRO E 175 -8.80 -39.00 -2.92
CA PRO E 175 -9.05 -38.79 -4.34
C PRO E 175 -10.12 -39.73 -4.85
N ARG E 176 -10.91 -39.25 -5.81
CA ARG E 176 -12.11 -39.94 -6.23
C ARG E 176 -11.96 -40.51 -7.64
N ILE E 177 -12.59 -41.65 -7.87
CA ILE E 177 -12.65 -42.30 -9.17
C ILE E 177 -14.11 -42.50 -9.53
N GLN E 178 -14.47 -42.17 -10.76
CA GLN E 178 -15.87 -42.21 -11.16
C GLN E 178 -16.36 -43.64 -11.34
N ARG E 179 -17.67 -43.82 -11.21
CA ARG E 179 -18.27 -45.13 -11.44
C ARG E 179 -18.25 -45.50 -12.92
N GLU E 180 -18.34 -44.51 -13.80
CA GLU E 180 -18.32 -44.75 -15.24
C GLU E 180 -16.90 -44.84 -15.80
N ASP E 181 -15.89 -44.74 -14.94
CA ASP E 181 -14.52 -44.91 -15.40
C ASP E 181 -14.34 -46.32 -15.96
N PRO E 182 -13.83 -46.46 -17.19
CA PRO E 182 -13.71 -47.81 -17.77
C PRO E 182 -12.88 -48.78 -16.94
N VAL E 183 -11.88 -48.29 -16.20
CA VAL E 183 -11.16 -49.18 -15.29
C VAL E 183 -12.06 -49.64 -14.15
N ALA E 184 -12.86 -48.72 -13.60
CA ALA E 184 -13.79 -49.09 -12.54
C ALA E 184 -14.84 -50.08 -13.03
N ARG E 185 -15.34 -49.87 -14.25
CA ARG E 185 -16.29 -50.83 -14.83
C ARG E 185 -15.62 -52.17 -15.11
N TYR E 186 -14.35 -52.15 -15.49
CA TYR E 186 -13.61 -53.39 -15.68
C TYR E 186 -13.49 -54.16 -14.37
N LEU E 187 -13.20 -53.47 -13.27
CA LEU E 187 -13.05 -54.10 -11.97
C LEU E 187 -14.38 -54.30 -11.25
N GLY E 188 -15.48 -53.80 -11.81
CA GLY E 188 -16.77 -53.92 -11.14
C GLY E 188 -16.84 -53.17 -9.84
N LEU E 189 -16.32 -51.95 -9.80
CA LEU E 189 -16.28 -51.18 -8.56
C LEU E 189 -17.68 -50.73 -8.15
N LYS E 190 -17.93 -50.74 -6.86
CA LYS E 190 -19.15 -50.21 -6.27
C LYS E 190 -18.84 -48.98 -5.44
N ARG E 191 -19.89 -48.29 -5.01
CA ARG E 191 -19.72 -47.06 -4.25
C ARG E 191 -19.06 -47.35 -2.90
N GLY E 192 -18.13 -46.47 -2.52
CA GLY E 192 -17.45 -46.60 -1.25
C GLY E 192 -16.28 -47.56 -1.22
N GLN E 193 -15.82 -48.02 -2.38
CA GLN E 193 -14.71 -48.95 -2.47
C GLN E 193 -13.45 -48.23 -2.93
N VAL E 194 -12.32 -48.57 -2.32
CA VAL E 194 -11.05 -47.91 -2.57
C VAL E 194 -10.13 -48.86 -3.34
N VAL E 195 -9.45 -48.33 -4.34
CA VAL E 195 -8.49 -49.07 -5.14
C VAL E 195 -7.11 -48.44 -4.97
N LYS E 196 -6.10 -49.31 -4.85
CA LYS E 196 -4.71 -48.90 -4.76
C LYS E 196 -4.06 -49.02 -6.13
N ILE E 197 -3.29 -48.01 -6.51
CA ILE E 197 -2.66 -47.93 -7.81
C ILE E 197 -1.16 -47.79 -7.61
N ILE E 198 -0.40 -48.69 -8.22
CA ILE E 198 1.06 -48.65 -8.20
C ILE E 198 1.52 -48.03 -9.51
N ARG E 199 2.31 -46.96 -9.41
CA ARG E 199 2.65 -46.13 -10.55
C ARG E 199 4.17 -45.94 -10.61
N ARG E 200 4.69 -45.85 -11.84
CA ARG E 200 6.07 -45.49 -12.04
C ARG E 200 6.26 -43.99 -11.85
N SER E 201 7.37 -43.60 -11.23
CA SER E 201 7.67 -42.21 -10.94
C SER E 201 9.13 -41.93 -11.25
N GLU E 202 9.39 -40.81 -11.90
CA GLU E 202 10.74 -40.43 -12.29
C GLU E 202 11.50 -39.74 -11.16
N THR E 203 10.87 -39.51 -10.01
CA THR E 203 11.55 -38.91 -8.87
C THR E 203 11.82 -39.89 -7.75
N SER E 204 11.07 -40.99 -7.64
CA SER E 204 11.28 -41.96 -6.59
C SER E 204 11.18 -43.41 -7.04
N GLY E 205 10.99 -43.67 -8.33
CA GLY E 205 10.86 -45.03 -8.80
C GLY E 205 9.44 -45.55 -8.74
N ARG E 206 8.94 -45.82 -7.54
CA ARG E 206 7.60 -46.36 -7.34
C ARG E 206 6.78 -45.39 -6.51
N TYR E 207 5.48 -45.31 -6.82
CA TYR E 207 4.55 -44.46 -6.09
C TYR E 207 3.26 -45.23 -5.89
N ALA E 208 2.60 -44.97 -4.76
CA ALA E 208 1.34 -45.62 -4.42
C ALA E 208 0.26 -44.57 -4.23
N SER E 209 -0.86 -44.75 -4.94
CA SER E 209 -1.99 -43.85 -4.85
C SER E 209 -3.24 -44.63 -4.47
N TYR E 210 -4.24 -43.94 -3.96
CA TYR E 210 -5.51 -44.55 -3.58
C TYR E 210 -6.66 -43.70 -4.09
N ARG E 211 -7.65 -44.37 -4.68
CA ARG E 211 -8.82 -43.68 -5.22
C ARG E 211 -10.08 -44.37 -4.73
N ILE E 212 -11.03 -43.59 -4.22
CA ILE E 212 -12.29 -44.09 -3.70
C ILE E 212 -13.37 -43.92 -4.76
N CYS E 213 -14.19 -44.95 -4.95
CA CYS E 213 -15.21 -44.91 -5.98
C CYS E 213 -16.35 -43.99 -5.60
N LEU E 214 -16.83 -43.24 -6.59
CA LEU E 214 -17.95 -42.32 -6.40
C LEU E 214 -19.28 -43.08 -6.41
N GLU F 71 -7.39 -35.26 24.73
CA GLU F 71 -8.02 -35.97 23.62
C GLU F 71 -7.27 -35.70 22.32
N LEU F 72 -7.20 -34.42 21.93
CA LEU F 72 -6.52 -34.05 20.69
C LEU F 72 -5.00 -34.11 20.83
N ALA F 73 -4.48 -34.11 22.04
CA ALA F 73 -3.04 -34.15 22.23
C ALA F 73 -2.48 -35.51 21.85
N ILE F 74 -1.21 -35.52 21.45
CA ILE F 74 -0.51 -36.74 21.06
C ILE F 74 0.61 -36.98 22.06
N LEU F 75 0.73 -38.22 22.52
CA LEU F 75 1.73 -38.56 23.53
C LEU F 75 3.14 -38.38 22.98
N LYS F 76 4.08 -38.17 23.90
CA LYS F 76 5.46 -37.90 23.51
C LYS F 76 6.10 -39.10 22.81
N GLU F 77 5.72 -40.32 23.22
CA GLU F 77 6.28 -41.52 22.62
C GLU F 77 5.62 -41.89 21.29
N GLU F 78 4.55 -41.19 20.90
CA GLU F 78 3.84 -41.48 19.66
C GLU F 78 3.98 -40.37 18.63
N ARG F 79 4.93 -39.44 18.83
CA ARG F 79 5.12 -38.35 17.88
C ARG F 79 5.80 -38.85 16.62
N THR F 80 5.24 -38.49 15.47
CA THR F 80 5.75 -38.95 14.18
C THR F 80 6.30 -37.83 13.31
N THR F 81 6.18 -36.57 13.74
CA THR F 81 6.70 -35.46 12.96
C THR F 81 8.23 -35.47 13.00
N THR F 82 8.82 -34.70 12.09
CA THR F 82 10.27 -34.66 11.98
C THR F 82 10.87 -34.00 13.22
N PRO F 83 12.02 -34.49 13.70
CA PRO F 83 12.65 -33.89 14.88
C PRO F 83 13.50 -32.66 14.59
N TYR F 84 13.49 -32.16 13.35
CA TYR F 84 14.27 -31.00 12.97
C TYR F 84 13.41 -29.74 13.01
N LEU F 85 14.08 -28.60 13.10
CA LEU F 85 13.42 -27.30 13.15
C LEU F 85 13.30 -26.76 11.73
N THR F 86 12.07 -26.54 11.28
CA THR F 86 11.85 -26.02 9.93
C THR F 86 12.22 -24.54 9.87
N LYS F 87 12.36 -24.03 8.64
CA LYS F 87 12.71 -22.63 8.45
C LYS F 87 11.62 -21.71 8.98
N TYR F 88 10.37 -22.06 8.75
CA TYR F 88 9.26 -21.23 9.23
C TYR F 88 9.21 -21.25 10.75
N GLU F 89 9.39 -22.42 11.35
CA GLU F 89 9.41 -22.51 12.82
C GLU F 89 10.58 -21.72 13.38
N ARG F 90 11.76 -21.82 12.74
CA ARG F 90 12.92 -21.08 13.20
C ARG F 90 12.68 -19.57 13.13
N ALA F 91 12.10 -19.09 12.03
CA ALA F 91 11.82 -17.67 11.89
C ALA F 91 10.80 -17.19 12.92
N ARG F 92 9.75 -17.99 13.15
CA ARG F 92 8.73 -17.59 14.12
C ARG F 92 9.30 -17.55 15.53
N ILE F 93 10.09 -18.55 15.92
CA ILE F 93 10.70 -18.55 17.24
C ILE F 93 11.69 -17.40 17.39
N LEU F 94 12.48 -17.12 16.36
CA LEU F 94 13.43 -16.02 16.45
C LEU F 94 12.71 -14.68 16.61
N GLY F 95 11.63 -14.47 15.85
CA GLY F 95 10.88 -13.24 15.98
C GLY F 95 10.22 -13.09 17.33
N THR F 96 9.58 -14.16 17.81
CA THR F 96 8.93 -14.11 19.12
C THR F 96 9.93 -13.87 20.24
N ARG F 97 11.07 -14.54 20.20
CA ARG F 97 12.09 -14.36 21.22
C ARG F 97 12.68 -12.96 21.18
N ALA F 98 12.91 -12.42 19.97
CA ALA F 98 13.41 -11.05 19.86
C ALA F 98 12.41 -10.06 20.42
N LEU F 99 11.12 -10.23 20.12
CA LEU F 99 10.11 -9.32 20.66
C LEU F 99 10.04 -9.42 22.18
N GLN F 100 10.10 -10.65 22.72
CA GLN F 100 10.03 -10.82 24.16
C GLN F 100 11.25 -10.20 24.84
N ILE F 101 12.44 -10.38 24.27
CA ILE F 101 13.64 -9.77 24.83
C ILE F 101 13.54 -8.26 24.79
N SER F 102 13.05 -7.71 23.67
CA SER F 102 12.82 -6.28 23.58
C SER F 102 11.78 -5.80 24.59
N MET F 103 10.89 -6.68 25.05
CA MET F 103 9.93 -6.36 26.09
C MET F 103 10.43 -6.71 27.48
N ASN F 104 11.74 -6.68 27.70
CA ASN F 104 12.35 -6.89 29.02
C ASN F 104 12.03 -8.28 29.58
N ALA F 105 12.46 -9.29 28.84
CA ALA F 105 12.31 -10.65 29.34
C ALA F 105 13.64 -11.20 29.82
N PRO F 106 13.64 -12.12 30.80
CA PRO F 106 14.89 -12.70 31.26
C PRO F 106 15.62 -13.44 30.14
N VAL F 107 16.94 -13.34 30.15
CA VAL F 107 17.80 -13.96 29.14
C VAL F 107 18.50 -15.15 29.78
N LEU F 108 18.45 -16.29 29.11
CA LEU F 108 19.02 -17.53 29.63
C LEU F 108 20.48 -17.73 29.23
N VAL F 109 21.08 -16.80 28.49
CA VAL F 109 22.46 -16.89 28.08
C VAL F 109 23.16 -15.58 28.43
N ASP F 110 24.49 -15.64 28.50
CA ASP F 110 25.26 -14.45 28.80
C ASP F 110 25.27 -13.48 27.61
N ILE F 111 25.39 -12.19 27.93
CA ILE F 111 25.44 -11.13 26.93
C ILE F 111 26.82 -10.49 27.03
N GLU F 112 27.63 -10.64 25.98
CA GLU F 112 28.98 -10.09 26.01
C GLU F 112 29.06 -8.71 25.38
N GLY F 113 28.72 -8.60 24.09
CA GLY F 113 28.80 -7.33 23.41
C GLY F 113 27.62 -7.02 22.52
N GLU F 114 26.77 -8.02 22.27
CA GLU F 114 25.66 -7.84 21.35
C GLU F 114 24.55 -7.02 21.97
N THR F 115 23.97 -6.13 21.15
CA THR F 115 22.88 -5.27 21.58
C THR F 115 21.58 -5.51 20.82
N ASP F 116 21.62 -6.18 19.69
CA ASP F 116 20.41 -6.45 18.92
C ASP F 116 19.64 -7.60 19.57
N PRO F 117 18.35 -7.42 19.88
CA PRO F 117 17.57 -8.54 20.41
C PRO F 117 17.52 -9.75 19.49
N LEU F 118 17.58 -9.54 18.18
CA LEU F 118 17.61 -10.67 17.25
C LEU F 118 18.88 -11.48 17.43
N GLN F 119 20.02 -10.80 17.63
CA GLN F 119 21.27 -11.52 17.87
C GLN F 119 21.23 -12.31 19.18
N ILE F 120 20.60 -11.73 20.21
CA ILE F 120 20.45 -12.45 21.48
C ILE F 120 19.58 -13.68 21.29
N ALA F 121 18.48 -13.54 20.53
CA ALA F 121 17.62 -14.68 20.26
C ALA F 121 18.36 -15.76 19.47
N MET F 122 19.16 -15.37 18.50
CA MET F 122 19.94 -16.35 17.73
C MET F 122 20.96 -17.06 18.62
N LYS F 123 21.60 -16.32 19.52
CA LYS F 123 22.54 -16.94 20.45
C LYS F 123 21.83 -17.92 21.37
N GLU F 124 20.63 -17.56 21.84
CA GLU F 124 19.86 -18.48 22.66
C GLU F 124 19.46 -19.73 21.87
N LEU F 125 19.07 -19.55 20.61
CA LEU F 125 18.69 -20.69 19.78
C LEU F 125 19.88 -21.62 19.54
N SER F 126 21.07 -21.06 19.33
CA SER F 126 22.25 -21.87 19.09
C SER F 126 22.56 -22.75 20.30
N GLN F 127 22.40 -22.20 21.50
CA GLN F 127 22.64 -22.95 22.73
C GLN F 127 21.43 -23.74 23.18
N ARG F 128 20.33 -23.67 22.45
CA ARG F 128 19.11 -24.44 22.74
C ARG F 128 18.56 -24.10 24.13
N LYS F 129 18.33 -22.82 24.36
CA LYS F 129 17.84 -22.33 25.66
C LYS F 129 16.56 -21.53 25.55
N ILE F 130 15.94 -21.46 24.37
CA ILE F 130 14.71 -20.69 24.18
C ILE F 130 13.56 -21.42 24.86
N PRO F 131 12.82 -20.77 25.76
CA PRO F 131 11.72 -21.42 26.48
C PRO F 131 10.39 -21.32 25.73
N LEU F 132 10.31 -21.96 24.56
CA LEU F 132 9.10 -21.97 23.76
C LEU F 132 8.82 -23.38 23.29
N VAL F 133 7.54 -23.65 23.02
CA VAL F 133 7.07 -24.96 22.58
C VAL F 133 6.29 -24.79 21.29
N ILE F 134 6.64 -25.59 20.28
CA ILE F 134 5.96 -25.57 18.99
C ILE F 134 4.81 -26.58 19.04
N ARG F 135 3.62 -26.13 18.67
CA ARG F 135 2.42 -26.97 18.61
C ARG F 135 2.11 -27.22 17.13
N ARG F 136 2.65 -28.31 16.59
CA ARG F 136 2.42 -28.66 15.20
C ARG F 136 1.06 -29.31 15.04
N TYR F 137 0.25 -28.78 14.12
CA TYR F 137 -1.14 -29.19 13.97
C TYR F 137 -1.26 -30.19 12.82
N LEU F 138 -1.77 -31.37 13.15
CA LEU F 138 -2.09 -32.35 12.12
C LEU F 138 -3.34 -31.91 11.36
N PRO F 139 -3.50 -32.37 10.11
CA PRO F 139 -4.67 -31.94 9.33
C PRO F 139 -6.01 -32.30 9.95
N ASP F 140 -6.08 -33.40 10.69
CA ASP F 140 -7.36 -33.80 11.29
C ASP F 140 -7.76 -32.86 12.44
N GLY F 141 -6.78 -32.33 13.17
CA GLY F 141 -7.08 -31.46 14.30
C GLY F 141 -6.18 -31.74 15.49
N SER F 142 -5.60 -32.93 15.54
CA SER F 142 -4.69 -33.28 16.62
C SER F 142 -3.38 -32.50 16.49
N TYR F 143 -2.67 -32.38 17.60
CA TYR F 143 -1.45 -31.59 17.63
C TYR F 143 -0.36 -32.35 18.38
N GLU F 144 0.88 -32.00 18.05
CA GLU F 144 2.06 -32.53 18.71
C GLU F 144 2.86 -31.36 19.29
N ASP F 145 3.27 -31.48 20.55
CA ASP F 145 4.01 -30.44 21.24
C ASP F 145 5.49 -30.83 21.26
N TRP F 146 6.33 -29.99 20.67
CA TRP F 146 7.77 -30.20 20.62
C TRP F 146 8.46 -29.05 21.31
N GLY F 147 9.30 -29.35 22.30
CA GLY F 147 10.07 -28.31 22.94
C GLY F 147 11.16 -27.78 22.04
N CYS F 148 11.52 -26.51 22.25
CA CYS F 148 12.60 -25.92 21.48
C CYS F 148 13.96 -26.47 21.88
N ASP F 149 14.06 -27.11 23.04
CA ASP F 149 15.31 -27.71 23.50
C ASP F 149 15.51 -29.13 23.01
N GLU F 150 14.52 -29.71 22.31
CA GLU F 150 14.64 -31.05 21.78
C GLU F 150 14.57 -31.11 20.25
N LEU F 151 14.30 -30.00 19.58
CA LEU F 151 14.29 -29.95 18.13
C LEU F 151 15.69 -29.67 17.61
N ILE F 152 16.15 -30.49 16.67
CA ILE F 152 17.50 -30.34 16.14
C ILE F 152 17.57 -29.08 15.27
N VAL F 153 18.56 -28.24 15.53
CA VAL F 153 18.76 -26.99 14.80
C VAL F 153 20.03 -27.14 13.97
N ASP F 154 19.90 -26.91 12.67
CA ASP F 154 21.03 -27.01 11.76
C ASP F 154 21.98 -25.82 11.90
N MET G 1 -28.41 -16.76 46.36
CA MET G 1 -27.75 -17.33 47.53
C MET G 1 -26.59 -18.25 47.12
N PHE G 2 -26.03 -18.95 48.10
CA PHE G 2 -24.76 -19.63 47.90
C PHE G 2 -24.91 -20.84 46.97
N PHE G 3 -24.13 -20.82 45.88
CA PHE G 3 -24.07 -21.90 44.90
C PHE G 3 -22.61 -22.24 44.62
N LEU G 4 -22.40 -23.44 44.12
CA LEU G 4 -21.08 -23.90 43.68
C LEU G 4 -21.05 -23.90 42.16
N LYS G 5 -20.04 -23.25 41.58
CA LYS G 5 -19.96 -23.04 40.15
C LYS G 5 -18.60 -23.42 39.61
N ASP G 6 -18.57 -23.69 38.30
CA ASP G 6 -17.36 -24.04 37.57
C ASP G 6 -17.07 -22.89 36.61
N LEU G 7 -15.96 -22.20 36.83
CA LEU G 7 -15.65 -21.01 36.06
C LEU G 7 -14.32 -21.17 35.34
N SER G 8 -14.15 -20.38 34.28
CA SER G 8 -12.92 -20.34 33.51
C SER G 8 -12.55 -18.88 33.26
N LEU G 9 -11.27 -18.58 33.38
CA LEU G 9 -10.77 -17.21 33.24
C LEU G 9 -9.59 -17.18 32.28
N ILE G 10 -9.56 -16.15 31.43
CA ILE G 10 -8.45 -15.93 30.51
C ILE G 10 -7.56 -14.85 31.11
N LEU G 11 -6.30 -15.19 31.34
CA LEU G 11 -5.34 -14.30 31.98
C LEU G 11 -4.18 -14.00 31.05
N THR G 12 -3.79 -12.73 30.99
CA THR G 12 -2.70 -12.28 30.14
C THR G 12 -1.48 -12.00 30.99
N LEU G 13 -0.34 -12.60 30.61
CA LEU G 13 0.92 -12.46 31.33
C LEU G 13 1.92 -11.73 30.44
N HIS G 14 2.50 -10.67 31.00
CA HIS G 14 3.51 -9.90 30.29
C HIS G 14 4.80 -10.73 30.16
N PRO G 15 5.56 -10.52 29.08
CA PRO G 15 6.84 -11.22 28.95
C PRO G 15 7.85 -10.90 30.04
N SER G 16 7.68 -9.79 30.75
CA SER G 16 8.62 -9.44 31.81
C SER G 16 8.54 -10.37 33.00
N TYR G 17 7.47 -11.14 33.14
CA TYR G 17 7.29 -12.06 34.26
C TYR G 17 7.55 -13.50 33.88
N PHE G 18 8.19 -13.77 32.74
CA PHE G 18 8.47 -15.13 32.30
C PHE G 18 9.63 -15.68 33.13
N GLY G 19 9.29 -16.15 34.33
CA GLY G 19 10.28 -16.69 35.23
C GLY G 19 9.83 -17.99 35.86
N PRO G 20 10.69 -18.58 36.70
CA PRO G 20 10.33 -19.84 37.35
C PRO G 20 9.16 -19.72 38.33
N GLN G 21 8.85 -18.52 38.81
CA GLN G 21 7.75 -18.31 39.75
C GLN G 21 6.48 -17.83 39.06
N MET G 22 6.34 -18.11 37.76
CA MET G 22 5.21 -17.59 37.00
C MET G 22 3.91 -18.27 37.39
N ASN G 23 3.95 -19.53 37.81
CA ASN G 23 2.72 -20.22 38.24
C ASN G 23 2.13 -19.55 39.46
N GLN G 24 2.97 -19.22 40.45
CA GLN G 24 2.48 -18.53 41.64
C GLN G 24 1.94 -17.15 41.30
N TYR G 25 2.57 -16.46 40.35
CA TYR G 25 2.10 -15.14 39.95
C TYR G 25 0.74 -15.23 39.27
N LEU G 26 0.54 -16.26 38.43
CA LEU G 26 -0.76 -16.47 37.82
C LEU G 26 -1.81 -16.82 38.87
N ARG G 27 -1.44 -17.63 39.87
CA ARG G 27 -2.36 -17.94 40.96
C ARG G 27 -2.74 -16.68 41.73
N GLU G 28 -1.77 -15.80 41.97
CA GLU G 28 -2.07 -14.54 42.65
C GLU G 28 -3.00 -13.67 41.83
N LYS G 29 -2.79 -13.61 40.52
CA LYS G 29 -3.69 -12.86 39.66
C LYS G 29 -5.11 -13.43 39.72
N LEU G 30 -5.24 -14.76 39.69
CA LEU G 30 -6.55 -15.38 39.77
C LEU G 30 -7.22 -15.06 41.10
N LEU G 31 -6.49 -15.18 42.20
CA LEU G 31 -7.05 -14.88 43.51
C LEU G 31 -7.49 -13.42 43.61
N THR G 32 -6.71 -12.51 43.02
CA THR G 32 -7.07 -11.10 43.06
C THR G 32 -8.31 -10.82 42.21
N ASP G 33 -8.39 -11.42 41.02
CA ASP G 33 -9.38 -11.02 40.04
C ASP G 33 -10.66 -11.84 40.05
N VAL G 34 -10.74 -12.91 40.85
CA VAL G 34 -12.00 -13.65 40.92
C VAL G 34 -12.83 -13.22 42.12
N GLU G 35 -12.29 -13.38 43.33
CA GLU G 35 -13.07 -13.13 44.53
C GLU G 35 -13.40 -11.65 44.68
N GLY G 36 -14.59 -11.37 45.22
CA GLY G 36 -15.07 -10.02 45.41
C GLY G 36 -15.71 -9.38 44.19
N THR G 37 -15.75 -10.07 43.06
CA THR G 37 -16.31 -9.52 41.83
C THR G 37 -17.74 -10.02 41.63
N CYS G 38 -18.44 -9.37 40.70
CA CYS G 38 -19.80 -9.70 40.36
C CYS G 38 -19.97 -9.77 38.85
N THR G 39 -20.83 -10.66 38.40
CA THR G 39 -21.14 -10.82 36.99
C THR G 39 -22.65 -10.98 36.82
N GLY G 40 -23.14 -10.58 35.64
CA GLY G 40 -24.57 -10.68 35.39
C GLY G 40 -25.07 -12.12 35.31
N GLN G 41 -24.31 -12.99 34.63
CA GLN G 41 -24.74 -14.37 34.44
C GLN G 41 -24.55 -15.22 35.70
N PHE G 42 -23.51 -14.95 36.47
CA PHE G 42 -23.17 -15.78 37.62
C PHE G 42 -23.56 -15.16 38.96
N GLY G 43 -23.59 -13.84 39.06
CA GLY G 43 -23.87 -13.18 40.32
C GLY G 43 -22.61 -12.84 41.08
N TYR G 44 -22.80 -12.49 42.34
CA TYR G 44 -21.66 -12.19 43.21
C TYR G 44 -20.83 -13.44 43.43
N ILE G 45 -19.51 -13.28 43.35
CA ILE G 45 -18.57 -14.37 43.56
C ILE G 45 -18.11 -14.30 45.01
N VAL G 46 -18.36 -15.37 45.77
CA VAL G 46 -17.95 -15.38 47.16
C VAL G 46 -16.44 -15.60 47.27
N THR G 47 -15.96 -16.75 46.81
CA THR G 47 -14.52 -17.05 46.83
C THR G 47 -14.27 -18.27 45.97
N VAL G 48 -13.01 -18.72 45.99
CA VAL G 48 -12.57 -19.89 45.24
C VAL G 48 -12.00 -20.90 46.21
N LEU G 49 -12.10 -22.18 45.85
CA LEU G 49 -11.62 -23.27 46.67
C LEU G 49 -10.50 -24.02 45.94
N ASP G 50 -9.57 -24.56 46.72
CA ASP G 50 -8.43 -25.34 46.21
C ASP G 50 -7.61 -24.53 45.22
N GLY G 51 -7.45 -23.24 45.50
CA GLY G 51 -6.67 -22.36 44.64
C GLY G 51 -5.18 -22.41 44.83
N MET G 52 -4.69 -23.21 45.79
CA MET G 52 -3.25 -23.28 46.04
C MET G 52 -2.52 -24.08 44.96
N ASN G 53 -3.19 -25.04 44.33
CA ASN G 53 -2.57 -25.88 43.31
C ASN G 53 -3.49 -26.04 42.11
N ILE G 54 -4.13 -24.96 41.69
CA ILE G 54 -4.99 -25.02 40.52
C ILE G 54 -4.14 -25.17 39.26
N ASP G 55 -4.70 -25.84 38.26
CA ASP G 55 -3.99 -26.08 37.01
C ASP G 55 -4.14 -24.88 36.10
N VAL G 56 -3.01 -24.21 35.82
CA VAL G 56 -3.05 -23.04 34.94
C VAL G 56 -2.96 -23.41 33.48
N GLY G 57 -2.56 -24.64 33.15
CA GLY G 57 -2.44 -25.05 31.77
C GLY G 57 -1.19 -24.51 31.11
N LYS G 58 -1.24 -24.46 29.78
CA LYS G 58 -0.14 -23.97 28.97
C LYS G 58 -0.52 -22.66 28.32
N GLY G 59 0.44 -21.74 28.26
CA GLY G 59 0.16 -20.40 27.77
C GLY G 59 0.04 -20.32 26.25
N ARG G 60 -0.61 -19.26 25.81
CA ARG G 60 -0.85 -18.99 24.39
C ARG G 60 -0.10 -17.70 24.04
N ILE G 61 0.95 -17.83 23.23
CA ILE G 61 1.73 -16.66 22.83
C ILE G 61 0.95 -15.92 21.75
N ILE G 62 0.50 -14.71 22.09
CA ILE G 62 -0.29 -13.89 21.16
C ILE G 62 0.64 -13.40 20.05
N PRO G 63 0.31 -13.63 18.78
CA PRO G 63 1.18 -13.16 17.71
C PRO G 63 1.21 -11.64 17.63
N GLY G 64 2.42 -11.08 17.58
CA GLY G 64 2.61 -9.66 17.45
C GLY G 64 2.67 -8.89 18.75
N SER G 65 2.42 -9.54 19.89
CA SER G 65 2.48 -8.85 21.17
C SER G 65 3.42 -9.56 22.14
N GLY G 66 3.47 -10.89 22.07
CA GLY G 66 4.37 -11.67 22.88
C GLY G 66 3.86 -12.02 24.27
N SER G 67 2.70 -11.51 24.67
CA SER G 67 2.12 -11.87 25.95
C SER G 67 1.54 -13.28 25.89
N ALA G 68 1.42 -13.90 27.06
CA ALA G 68 0.96 -15.28 27.17
C ALA G 68 -0.47 -15.31 27.67
N GLU G 69 -1.32 -16.08 27.00
CA GLU G 69 -2.72 -16.22 27.39
C GLU G 69 -2.92 -17.58 28.05
N PHE G 70 -3.45 -17.58 29.26
CA PHE G 70 -3.71 -18.80 30.03
C PHE G 70 -5.21 -18.93 30.27
N GLU G 71 -5.74 -20.12 30.03
CA GLU G 71 -7.14 -20.44 30.30
C GLU G 71 -7.17 -21.30 31.57
N VAL G 72 -7.54 -20.68 32.70
CA VAL G 72 -7.53 -21.34 33.99
C VAL G 72 -8.95 -21.77 34.32
N LYS G 73 -9.13 -23.06 34.57
CA LYS G 73 -10.42 -23.64 34.94
C LYS G 73 -10.42 -23.94 36.43
N TYR G 74 -11.46 -23.52 37.13
CA TYR G 74 -11.47 -23.63 38.58
C TYR G 74 -12.90 -23.81 39.10
N ARG G 75 -12.98 -24.23 40.35
CA ARG G 75 -14.23 -24.46 41.06
C ARG G 75 -14.35 -23.41 42.15
N ALA G 76 -15.45 -22.65 42.14
CA ALA G 76 -15.62 -21.55 43.07
C ALA G 76 -17.00 -21.60 43.70
N VAL G 77 -17.18 -20.79 44.74
CA VAL G 77 -18.47 -20.60 45.39
C VAL G 77 -18.91 -19.16 45.18
N VAL G 78 -20.16 -18.99 44.75
CA VAL G 78 -20.71 -17.71 44.34
C VAL G 78 -22.04 -17.48 45.05
N TRP G 79 -22.57 -16.28 44.90
CA TRP G 79 -23.82 -15.88 45.53
C TRP G 79 -24.67 -15.15 44.50
N LYS G 80 -25.89 -15.64 44.26
CA LYS G 80 -26.75 -15.05 43.24
C LYS G 80 -28.17 -14.90 43.75
N PRO G 81 -28.76 -13.71 43.65
CA PRO G 81 -30.15 -13.51 44.08
C PRO G 81 -31.12 -14.22 43.16
N PHE G 82 -32.27 -14.58 43.73
CA PHE G 82 -33.33 -15.26 43.00
C PHE G 82 -34.65 -14.54 43.16
N LYS G 83 -35.45 -14.56 42.10
CA LYS G 83 -36.79 -13.98 42.15
C LYS G 83 -37.71 -14.87 42.99
N GLY G 84 -38.43 -14.23 43.92
CA GLY G 84 -39.40 -14.96 44.73
C GLY G 84 -38.82 -15.78 45.84
N GLU G 85 -37.52 -15.68 46.11
CA GLU G 85 -36.89 -16.45 47.17
C GLU G 85 -36.89 -15.65 48.46
N VAL G 86 -37.42 -16.26 49.53
CA VAL G 86 -37.42 -15.61 50.83
C VAL G 86 -36.06 -15.81 51.50
N VAL G 87 -35.67 -14.84 52.31
CA VAL G 87 -34.35 -14.85 52.94
C VAL G 87 -34.40 -13.99 54.21
N ASP G 88 -33.55 -14.34 55.16
CA ASP G 88 -33.39 -13.58 56.39
C ASP G 88 -32.30 -12.53 56.20
N ALA G 89 -32.48 -11.38 56.84
CA ALA G 89 -31.55 -10.27 56.67
C ALA G 89 -31.49 -9.46 57.95
N ILE G 90 -30.49 -8.57 58.02
CA ILE G 90 -30.37 -7.59 59.09
C ILE G 90 -30.46 -6.21 58.45
N VAL G 91 -31.37 -5.40 58.95
CA VAL G 91 -31.64 -4.09 58.36
C VAL G 91 -30.57 -3.09 58.81
N SER G 92 -30.32 -2.10 57.97
CA SER G 92 -29.30 -1.10 58.24
C SER G 92 -29.88 0.29 58.44
N ASN G 93 -30.65 0.80 57.48
CA ASN G 93 -31.22 2.14 57.55
C ASN G 93 -32.74 2.05 57.46
N VAL G 94 -33.43 2.87 58.24
CA VAL G 94 -34.88 2.90 58.27
C VAL G 94 -35.33 4.33 57.95
N SER G 95 -36.13 4.48 56.92
CA SER G 95 -36.63 5.76 56.47
C SER G 95 -38.11 5.63 56.14
N PRO G 96 -38.87 6.73 56.18
CA PRO G 96 -40.29 6.66 55.81
C PRO G 96 -40.52 6.18 54.40
N ILE G 97 -39.61 6.47 53.47
CA ILE G 97 -39.75 6.02 52.09
C ILE G 97 -39.36 4.56 51.90
N GLY G 98 -38.81 3.93 52.93
CA GLY G 98 -38.42 2.54 52.84
C GLY G 98 -37.23 2.27 53.71
N PHE G 99 -36.84 1.00 53.77
CA PHE G 99 -35.72 0.59 54.60
C PHE G 99 -34.87 -0.45 53.86
N PHE G 100 -33.59 -0.46 54.19
CA PHE G 100 -32.63 -1.37 53.57
C PHE G 100 -32.37 -2.58 54.46
N ALA G 101 -31.88 -3.64 53.83
CA ALA G 101 -31.48 -4.85 54.53
C ALA G 101 -30.27 -5.44 53.84
N ASP G 102 -29.47 -6.20 54.59
CA ASP G 102 -28.22 -6.75 54.09
C ASP G 102 -28.33 -8.27 54.01
N VAL G 103 -28.08 -8.81 52.83
CA VAL G 103 -27.90 -10.25 52.63
C VAL G 103 -26.54 -10.45 51.98
N GLY G 104 -25.55 -10.81 52.79
CA GLY G 104 -24.18 -10.85 52.34
C GLY G 104 -23.74 -9.48 51.86
N PRO G 105 -23.06 -9.43 50.72
CA PRO G 105 -22.73 -8.14 50.11
C PRO G 105 -23.92 -7.44 49.47
N LEU G 106 -25.05 -8.11 49.32
CA LEU G 106 -26.19 -7.55 48.60
C LEU G 106 -27.03 -6.68 49.53
N ASN G 107 -27.48 -5.54 48.99
CA ASN G 107 -28.39 -4.64 49.68
C ASN G 107 -29.76 -4.75 49.04
N VAL G 108 -30.76 -5.10 49.84
CA VAL G 108 -32.13 -5.28 49.37
C VAL G 108 -32.97 -4.16 49.97
N PHE G 109 -33.67 -3.42 49.10
CA PHE G 109 -34.46 -2.27 49.54
C PHE G 109 -35.94 -2.64 49.56
N VAL G 110 -36.61 -2.30 50.65
CA VAL G 110 -38.05 -2.55 50.81
C VAL G 110 -38.73 -1.20 50.89
N SER G 111 -39.61 -0.92 49.91
CA SER G 111 -40.32 0.34 49.86
C SER G 111 -41.51 0.32 50.80
N THR G 112 -41.97 1.53 51.16
CA THR G 112 -43.04 1.67 52.13
C THR G 112 -44.31 0.95 51.70
N ARG G 113 -44.56 0.88 50.40
CA ARG G 113 -45.73 0.17 49.88
C ARG G 113 -45.71 -1.31 50.25
N LEU G 114 -44.54 -1.88 50.55
CA LEU G 114 -44.40 -3.30 50.80
C LEU G 114 -44.33 -3.66 52.28
N ILE G 115 -44.64 -2.72 53.18
CA ILE G 115 -44.81 -3.04 54.60
C ILE G 115 -46.31 -3.07 54.91
N PRO G 116 -46.78 -4.05 55.68
CA PRO G 116 -48.19 -4.05 56.08
C PRO G 116 -48.54 -2.82 56.89
N ASP G 117 -49.82 -2.41 56.79
CA ASP G 117 -50.26 -1.16 57.38
C ASP G 117 -50.16 -1.15 58.91
N ASN G 118 -50.03 -2.31 59.54
CA ASN G 118 -49.92 -2.34 61.00
C ASN G 118 -48.65 -1.64 61.48
N LEU G 119 -47.53 -1.89 60.81
CA LEU G 119 -46.27 -1.26 61.20
C LEU G 119 -46.26 0.20 60.74
N VAL G 120 -45.90 1.10 61.67
CA VAL G 120 -45.87 2.53 61.40
C VAL G 120 -44.49 3.06 61.77
N TYR G 121 -43.91 3.85 60.88
CA TYR G 121 -42.64 4.51 61.16
C TYR G 121 -42.82 5.57 62.23
N ASN G 122 -41.81 5.73 63.09
CA ASN G 122 -41.86 6.80 64.08
C ASN G 122 -40.47 7.42 64.28
N PRO G 123 -40.26 8.66 63.84
CA PRO G 123 -38.98 9.31 64.08
C PRO G 123 -38.68 9.57 65.55
N SER G 124 -39.69 9.60 66.41
CA SER G 124 -39.47 9.90 67.82
C SER G 124 -38.81 8.75 68.57
N ASN G 125 -38.90 7.53 68.05
CA ASN G 125 -38.27 6.39 68.70
C ASN G 125 -36.76 6.50 68.63
N SER G 126 -36.09 5.94 69.64
CA SER G 126 -34.63 5.93 69.72
C SER G 126 -34.12 4.51 69.76
N PRO G 127 -33.59 3.96 68.66
CA PRO G 127 -33.45 4.57 67.32
C PRO G 127 -34.78 4.64 66.58
N PRO G 128 -34.86 5.42 65.50
CA PRO G 128 -36.09 5.44 64.70
C PRO G 128 -36.44 4.05 64.20
N ALA G 129 -37.74 3.73 64.23
CA ALA G 129 -38.14 2.35 64.06
C ALA G 129 -39.56 2.27 63.51
N TYR G 130 -39.88 1.10 62.97
CA TYR G 130 -41.24 0.74 62.60
C TYR G 130 -41.84 -0.06 63.75
N MET G 131 -42.88 0.48 64.38
CA MET G 131 -43.50 -0.22 65.49
C MET G 131 -44.97 -0.51 65.20
N SER G 132 -45.46 -1.54 65.89
CA SER G 132 -46.85 -1.95 65.84
C SER G 132 -47.13 -2.74 67.11
N ASN G 133 -48.38 -3.21 67.25
CA ASN G 133 -48.76 -3.96 68.43
C ASN G 133 -47.93 -5.23 68.54
N ASP G 134 -47.03 -5.27 69.51
CA ASP G 134 -46.08 -6.37 69.70
C ASP G 134 -45.23 -6.60 68.46
N GLU G 135 -44.85 -5.51 67.79
CA GLU G 135 -43.99 -5.57 66.62
C GLU G 135 -42.99 -4.42 66.68
N LEU G 136 -41.72 -4.72 66.43
CA LEU G 136 -40.66 -3.73 66.53
C LEU G 136 -39.57 -4.04 65.51
N ILE G 137 -39.24 -3.05 64.69
CA ILE G 137 -38.16 -3.16 63.72
C ILE G 137 -37.30 -1.91 63.85
N THR G 138 -36.15 -2.04 64.50
CA THR G 138 -35.15 -0.99 64.63
C THR G 138 -34.03 -1.25 63.61
N LYS G 139 -32.96 -0.46 63.70
CA LYS G 139 -31.77 -0.77 62.91
C LYS G 139 -31.06 -1.98 63.50
N GLY G 140 -30.55 -2.84 62.63
CA GLY G 140 -29.83 -4.02 63.07
C GLY G 140 -30.70 -5.12 63.62
N SER G 141 -31.98 -5.18 63.24
CA SER G 141 -32.89 -6.20 63.70
C SER G 141 -33.12 -7.25 62.62
N LYS G 142 -33.20 -8.51 63.04
CA LYS G 142 -33.40 -9.61 62.10
C LYS G 142 -34.80 -9.55 61.51
N VAL G 143 -34.89 -9.65 60.19
CA VAL G 143 -36.15 -9.58 59.46
C VAL G 143 -36.16 -10.64 58.38
N ARG G 144 -37.36 -11.01 57.94
CA ARG G 144 -37.55 -11.92 56.82
C ARG G 144 -38.15 -11.16 55.66
N LEU G 145 -37.62 -11.38 54.46
CA LEU G 145 -38.10 -10.68 53.27
C LEU G 145 -38.17 -11.66 52.11
N LYS G 146 -38.84 -11.23 51.05
CA LYS G 146 -38.96 -12.02 49.82
C LYS G 146 -38.52 -11.15 48.64
N VAL G 147 -37.55 -11.63 47.88
CA VAL G 147 -37.04 -10.85 46.75
C VAL G 147 -38.08 -10.80 45.64
N VAL G 148 -38.41 -9.60 45.19
CA VAL G 148 -39.41 -9.41 44.15
C VAL G 148 -38.84 -8.59 43.00
N GLY G 149 -37.52 -8.66 42.82
CA GLY G 149 -36.87 -7.96 41.72
C GLY G 149 -35.36 -7.91 41.84
N THR G 150 -34.67 -8.12 40.73
CA THR G 150 -33.21 -8.10 40.68
C THR G 150 -32.75 -7.41 39.42
N ARG G 151 -31.67 -6.63 39.52
CA ARG G 151 -31.18 -5.90 38.36
C ARG G 151 -29.66 -5.76 38.48
N THR G 152 -28.99 -5.83 37.34
CA THR G 152 -27.54 -5.97 37.29
C THR G 152 -26.90 -4.74 36.64
N ASP G 153 -25.82 -4.26 37.24
CA ASP G 153 -25.00 -3.20 36.66
C ASP G 153 -23.58 -3.69 36.40
N VAL G 154 -23.44 -4.98 36.10
CA VAL G 154 -22.17 -5.66 35.90
C VAL G 154 -21.37 -5.67 37.21
N ASN G 155 -21.11 -4.50 37.79
CA ASN G 155 -20.31 -4.43 39.00
C ASN G 155 -21.10 -4.84 40.24
N GLU G 156 -22.41 -4.62 40.25
CA GLU G 156 -23.20 -4.86 41.46
C GLU G 156 -24.59 -5.36 41.08
N ILE G 157 -25.25 -5.96 42.07
CA ILE G 157 -26.63 -6.42 41.95
C ILE G 157 -27.49 -5.57 42.89
N TYR G 158 -28.67 -5.17 42.42
CA TYR G 158 -29.61 -4.41 43.23
C TYR G 158 -30.95 -5.13 43.27
N ALA G 159 -31.51 -5.25 44.47
CA ALA G 159 -32.70 -6.07 44.68
C ALA G 159 -33.71 -5.34 45.55
N ILE G 160 -34.98 -5.67 45.32
CA ILE G 160 -36.10 -5.11 46.08
C ILE G 160 -36.87 -6.25 46.71
N GLY G 161 -37.22 -6.10 47.98
CA GLY G 161 -37.95 -7.14 48.69
C GLY G 161 -39.26 -6.68 49.28
N SER G 162 -40.17 -7.63 49.55
CA SER G 162 -41.49 -7.32 50.07
C SER G 162 -41.79 -8.19 51.28
N ILE G 163 -42.51 -7.62 52.24
CA ILE G 163 -42.88 -8.33 53.47
C ILE G 163 -44.40 -8.31 53.56
N LYS G 164 -45.06 -8.33 52.40
CA LYS G 164 -46.52 -8.27 52.35
C LYS G 164 -47.16 -9.64 52.23
N GLU G 165 -46.53 -10.67 52.80
CA GLU G 165 -47.06 -12.02 52.77
C GLU G 165 -47.05 -12.61 54.19
N ASP G 166 -47.70 -13.75 54.33
CA ASP G 166 -47.81 -14.41 55.62
C ASP G 166 -46.46 -14.98 56.05
N PHE G 167 -46.27 -15.04 57.37
CA PHE G 167 -45.05 -15.60 57.99
C PHE G 167 -43.80 -14.88 57.50
N LEU G 168 -43.91 -13.57 57.31
CA LEU G 168 -42.77 -12.74 56.93
C LEU G 168 -42.73 -11.51 57.83
N GLY G 169 -41.57 -11.22 58.38
CA GLY G 169 -41.42 -10.09 59.29
C GLY G 169 -40.24 -10.30 60.20
N ALA G 170 -40.22 -9.52 61.28
CA ALA G 170 -39.14 -9.58 62.24
C ALA G 170 -39.17 -10.90 63.01
N ILE G 171 -37.98 -11.41 63.33
CA ILE G 171 -37.86 -12.64 64.10
C ILE G 171 -36.97 -12.42 65.31
N SER H 3 68.85 -31.71 -4.77
CA SER H 3 68.19 -30.42 -4.75
C SER H 3 67.19 -30.29 -5.91
N ALA H 4 67.50 -30.95 -7.01
CA ALA H 4 66.65 -30.95 -8.20
C ALA H 4 66.04 -32.33 -8.38
N LEU H 5 64.71 -32.38 -8.43
CA LEU H 5 64.02 -33.66 -8.60
C LEU H 5 64.29 -34.26 -9.97
N PHE H 6 64.29 -33.44 -11.01
CA PHE H 6 64.49 -33.90 -12.37
C PHE H 6 65.29 -32.86 -13.13
N ASP H 7 66.10 -33.33 -14.09
CA ASP H 7 66.84 -32.44 -14.96
C ASP H 7 67.19 -33.17 -16.25
N ASP H 8 67.13 -32.46 -17.37
CA ASP H 8 67.39 -33.07 -18.67
C ASP H 8 67.63 -31.96 -19.68
N ILE H 9 67.94 -32.37 -20.91
CA ILE H 9 68.14 -31.47 -22.04
C ILE H 9 67.17 -31.87 -23.14
N PHE H 10 66.40 -30.91 -23.65
CA PHE H 10 65.36 -31.17 -24.62
C PHE H 10 65.64 -30.41 -25.91
N THR H 11 65.44 -31.08 -27.04
CA THR H 11 65.53 -30.47 -28.35
C THR H 11 64.12 -30.12 -28.81
N VAL H 12 63.88 -28.85 -29.12
CA VAL H 12 62.54 -28.39 -29.47
C VAL H 12 62.20 -28.86 -30.87
N GLN H 13 61.05 -29.52 -31.01
CA GLN H 13 60.55 -29.92 -32.32
C GLN H 13 59.49 -28.97 -32.85
N THR H 14 58.45 -28.68 -32.06
CA THR H 14 57.32 -27.92 -32.56
C THR H 14 57.09 -26.70 -31.68
N VAL H 15 56.90 -25.55 -32.31
CA VAL H 15 56.53 -24.31 -31.63
C VAL H 15 55.23 -23.82 -32.28
N ASP H 16 54.18 -23.71 -31.48
CA ASP H 16 52.87 -23.29 -31.96
C ASP H 16 52.47 -22.02 -31.22
N ASN H 17 52.30 -20.93 -31.98
CA ASN H 17 51.83 -19.68 -31.37
C ASN H 17 50.33 -19.75 -31.09
N GLY H 18 49.58 -20.44 -31.95
CA GLY H 18 48.15 -20.55 -31.74
C GLY H 18 47.44 -19.23 -31.97
N ARG H 19 46.44 -18.96 -31.12
CA ARG H 19 45.66 -17.73 -31.21
C ARG H 19 46.13 -16.68 -30.20
N TYR H 20 47.25 -16.93 -29.52
CA TYR H 20 47.77 -16.02 -28.51
C TYR H 20 48.96 -15.25 -29.06
N ASN H 21 49.04 -13.97 -28.70
CA ASN H 21 50.16 -13.13 -29.12
C ASN H 21 51.32 -13.15 -28.12
N LYS H 22 51.17 -13.84 -26.99
CA LYS H 22 52.20 -13.86 -25.97
C LYS H 22 52.57 -15.26 -25.48
N VAL H 23 51.77 -16.28 -25.78
CA VAL H 23 51.97 -17.62 -25.26
C VAL H 23 52.24 -18.56 -26.42
N SER H 24 53.31 -19.34 -26.32
CA SER H 24 53.67 -20.34 -27.32
C SER H 24 53.78 -21.71 -26.67
N ARG H 25 53.27 -22.72 -27.35
CA ARG H 25 53.36 -24.10 -26.89
C ARG H 25 54.51 -24.79 -27.59
N ILE H 26 55.43 -25.34 -26.81
CA ILE H 26 56.63 -26.00 -27.33
C ILE H 26 56.56 -27.48 -27.00
N ILE H 27 56.83 -28.31 -28.01
CA ILE H 27 56.85 -29.76 -27.88
C ILE H 27 58.24 -30.25 -28.28
N GLY H 28 58.88 -31.03 -27.40
CA GLY H 28 60.20 -31.54 -27.66
C GLY H 28 60.43 -32.85 -26.93
N ILE H 29 61.60 -33.45 -27.18
CA ILE H 29 61.99 -34.70 -26.55
C ILE H 29 63.40 -34.57 -26.00
N SER H 30 63.74 -35.45 -25.06
CA SER H 30 65.06 -35.46 -24.46
C SER H 30 66.08 -36.10 -25.40
N THR H 31 67.26 -35.49 -25.47
CA THR H 31 68.30 -35.99 -26.36
C THR H 31 68.94 -37.26 -25.82
N THR H 32 69.22 -37.31 -24.52
CA THR H 32 69.94 -38.43 -23.94
C THR H 32 69.08 -39.69 -23.82
N ASN H 33 67.75 -39.56 -23.89
CA ASN H 33 66.88 -40.71 -23.78
C ASN H 33 65.55 -40.38 -24.45
N SER H 34 65.06 -41.29 -25.28
CA SER H 34 63.76 -41.12 -25.92
C SER H 34 62.66 -41.47 -24.94
N ALA H 35 61.42 -41.53 -25.44
CA ALA H 35 60.22 -41.85 -24.66
C ALA H 35 60.00 -40.87 -23.50
N ILE H 36 60.60 -39.68 -23.57
CA ILE H 36 60.38 -38.61 -22.61
C ILE H 36 59.99 -37.39 -23.42
N LYS H 37 58.70 -37.06 -23.44
CA LYS H 37 58.18 -35.98 -24.28
C LYS H 37 57.68 -34.86 -23.38
N LEU H 38 58.14 -33.64 -23.66
CA LEU H 38 57.77 -32.45 -22.89
C LEU H 38 56.99 -31.51 -23.78
N THR H 39 55.77 -31.17 -23.36
CA THR H 39 55.02 -30.09 -23.98
C THR H 39 54.72 -29.03 -22.92
N LEU H 40 54.87 -27.77 -23.29
CA LEU H 40 54.84 -26.73 -22.27
C LEU H 40 54.44 -25.39 -22.88
N ASP H 41 53.62 -24.63 -22.15
CA ASP H 41 53.26 -23.27 -22.55
C ASP H 41 54.23 -22.28 -21.92
N ILE H 42 54.78 -21.39 -22.74
CA ILE H 42 55.75 -20.40 -22.28
C ILE H 42 55.35 -19.01 -22.80
N ASN H 43 55.93 -18.00 -22.17
CA ASN H 43 55.71 -16.61 -22.57
C ASN H 43 56.66 -16.25 -23.70
N ASN H 44 56.12 -15.65 -24.76
CA ASN H 44 56.93 -15.30 -25.92
C ASN H 44 57.87 -14.14 -25.62
N GLU H 45 57.35 -13.08 -25.00
CA GLU H 45 58.18 -11.92 -24.73
C GLU H 45 59.21 -12.20 -23.65
N MET H 46 58.82 -12.96 -22.63
CA MET H 46 59.74 -13.25 -21.53
C MET H 46 60.84 -14.21 -21.94
N PHE H 47 60.52 -15.17 -22.80
CA PHE H 47 61.47 -16.20 -23.21
C PHE H 47 61.17 -16.62 -24.65
N PRO H 48 61.68 -15.87 -25.63
CA PRO H 48 61.43 -16.20 -27.03
C PRO H 48 62.30 -17.37 -27.47
N VAL H 49 61.67 -18.45 -27.91
CA VAL H 49 62.37 -19.62 -28.41
C VAL H 49 61.98 -19.84 -29.86
N SER H 50 62.82 -20.59 -30.56
CA SER H 50 62.62 -20.92 -31.96
C SER H 50 62.64 -22.43 -32.14
N GLN H 51 62.44 -22.88 -33.37
CA GLN H 51 62.46 -24.30 -33.67
C GLN H 51 63.89 -24.83 -33.63
N ASP H 52 64.01 -26.11 -33.25
CA ASP H 52 65.30 -26.82 -33.19
C ASP H 52 66.28 -26.12 -32.26
N ASP H 53 65.83 -25.84 -31.04
CA ASP H 53 66.68 -25.29 -30.00
C ASP H 53 67.09 -26.40 -29.03
N SER H 54 67.86 -26.01 -28.01
CA SER H 54 68.31 -26.95 -26.99
C SER H 54 68.14 -26.28 -25.64
N LEU H 55 67.20 -26.77 -24.84
CA LEU H 55 66.86 -26.19 -23.55
C LEU H 55 67.18 -27.16 -22.42
N THR H 56 67.94 -26.68 -21.43
CA THR H 56 68.17 -27.44 -20.21
C THR H 56 67.00 -27.17 -19.28
N VAL H 57 66.22 -28.22 -18.98
CA VAL H 57 65.01 -28.11 -18.19
C VAL H 57 65.20 -28.84 -16.87
N THR H 58 64.94 -28.15 -15.77
CA THR H 58 65.09 -28.70 -14.42
C THR H 58 63.78 -28.49 -13.66
N LEU H 59 63.26 -29.58 -13.10
CA LEU H 59 62.08 -29.54 -12.24
C LEU H 59 62.52 -29.77 -10.80
N ALA H 60 62.14 -28.87 -9.92
CA ALA H 60 62.57 -28.91 -8.52
C ALA H 60 61.37 -28.65 -7.61
N ASN H 61 61.58 -28.92 -6.33
CA ASN H 61 60.56 -28.69 -5.31
C ASN H 61 60.74 -27.35 -4.60
N SER H 62 61.98 -26.97 -4.28
CA SER H 62 62.27 -25.70 -3.64
C SER H 62 63.50 -25.08 -4.30
N LEU H 63 63.56 -23.75 -4.24
CA LEU H 63 64.70 -23.01 -4.78
C LEU H 63 65.77 -22.71 -3.74
N SER H 64 65.58 -23.14 -2.50
CA SER H 64 66.56 -22.86 -1.45
C SER H 64 67.84 -23.65 -1.70
N LEU H 65 68.97 -23.01 -1.41
CA LEU H 65 70.27 -23.64 -1.59
C LEU H 65 70.82 -24.11 -0.26
N LYS H 76 54.91 -17.37 4.20
CA LYS H 76 54.29 -17.95 3.02
C LYS H 76 53.94 -16.88 2.00
N SER H 77 53.77 -15.65 2.48
CA SER H 77 53.44 -14.53 1.60
C SER H 77 54.64 -14.18 0.73
N TRP H 78 54.39 -14.05 -0.57
CA TRP H 78 55.46 -13.70 -1.50
C TRP H 78 55.88 -12.25 -1.32
N ARG H 79 57.18 -12.01 -1.38
CA ARG H 79 57.76 -10.67 -1.30
C ARG H 79 58.85 -10.55 -2.35
N PRO H 80 59.11 -9.34 -2.84
CA PRO H 80 60.17 -9.15 -3.83
C PRO H 80 61.52 -9.58 -3.28
N PRO H 81 62.36 -10.20 -4.10
CA PRO H 81 63.65 -10.68 -3.59
C PRO H 81 64.69 -9.58 -3.54
N LYS H 82 65.44 -9.55 -2.45
CA LYS H 82 66.53 -8.60 -2.32
C LYS H 82 67.72 -9.05 -3.18
N PRO H 83 68.55 -8.10 -3.64
CA PRO H 83 69.74 -8.50 -4.40
C PRO H 83 70.76 -9.28 -3.59
N THR H 84 70.71 -9.20 -2.26
CA THR H 84 71.76 -9.80 -1.44
C THR H 84 71.70 -11.33 -1.47
N ASP H 85 70.50 -11.91 -1.26
CA ASP H 85 70.42 -13.35 -1.12
C ASP H 85 70.51 -14.04 -2.47
N LYS H 86 70.76 -15.35 -2.43
CA LYS H 86 70.93 -16.16 -3.63
C LYS H 86 69.99 -17.36 -3.58
N SER H 87 69.63 -17.83 -4.77
CA SER H 87 68.76 -19.00 -4.89
C SER H 87 69.20 -19.78 -6.12
N LEU H 88 68.55 -20.93 -6.34
CA LEU H 88 68.88 -21.75 -7.50
C LEU H 88 68.48 -21.05 -8.80
N ALA H 89 67.45 -20.22 -8.76
CA ALA H 89 66.97 -19.53 -9.96
C ALA H 89 68.02 -18.59 -10.54
N ASP H 90 69.05 -18.24 -9.78
CA ASP H 90 70.14 -17.44 -10.32
C ASP H 90 70.93 -18.17 -11.40
N ASP H 91 70.80 -19.50 -11.48
CA ASP H 91 71.56 -20.29 -12.45
C ASP H 91 70.79 -20.56 -13.73
N TYR H 92 69.58 -20.02 -13.87
CA TYR H 92 68.74 -20.30 -15.04
C TYR H 92 68.19 -19.00 -15.59
N ASP H 93 67.52 -19.10 -16.73
CA ASP H 93 66.98 -17.94 -17.44
C ASP H 93 65.48 -17.79 -17.32
N TYR H 94 64.72 -18.87 -17.39
CA TYR H 94 63.27 -18.84 -17.28
C TYR H 94 62.85 -19.68 -16.08
N VAL H 95 62.08 -19.10 -15.18
CA VAL H 95 61.63 -19.79 -13.97
C VAL H 95 60.13 -19.63 -13.85
N MET H 96 59.43 -20.75 -13.61
CA MET H 96 57.99 -20.74 -13.38
C MET H 96 57.67 -21.65 -12.20
N PHE H 97 56.55 -21.35 -11.54
CA PHE H 97 56.08 -22.11 -10.39
C PHE H 97 54.63 -22.50 -10.60
N GLY H 98 54.29 -23.74 -10.27
CA GLY H 98 52.95 -24.19 -10.53
C GLY H 98 52.54 -25.37 -9.67
N THR H 99 51.30 -25.81 -9.89
CA THR H 99 50.69 -26.88 -9.12
C THR H 99 50.51 -28.11 -10.01
N VAL H 100 50.86 -29.28 -9.46
CA VAL H 100 50.65 -30.54 -10.17
C VAL H 100 49.20 -30.96 -9.97
N TYR H 101 48.47 -31.16 -11.08
CA TYR H 101 47.06 -31.50 -10.99
C TYR H 101 46.72 -32.87 -11.56
N LYS H 102 47.71 -33.65 -11.98
CA LYS H 102 47.46 -35.01 -12.45
C LYS H 102 48.76 -35.78 -12.48
N PHE H 103 48.73 -37.00 -11.93
CA PHE H 103 49.87 -37.93 -11.97
C PHE H 103 49.32 -39.26 -12.47
N GLU H 104 49.26 -39.41 -13.80
CA GLU H 104 48.61 -40.57 -14.40
C GLU H 104 49.58 -41.76 -14.40
N GLU H 105 49.19 -42.82 -13.68
CA GLU H 105 49.96 -44.06 -13.65
C GLU H 105 49.29 -45.05 -14.61
N GLY H 106 49.59 -44.88 -15.89
CA GLY H 106 48.95 -45.64 -16.94
C GLY H 106 49.58 -47.01 -17.15
N ASP H 107 49.31 -47.57 -18.32
CA ASP H 107 49.86 -48.87 -18.67
C ASP H 107 51.38 -48.80 -18.79
N GLU H 108 52.02 -49.96 -18.52
CA GLU H 108 53.47 -50.13 -18.48
C GLU H 108 54.18 -48.95 -17.82
N ASP H 109 55.30 -48.52 -18.39
CA ASP H 109 56.09 -47.43 -17.83
C ASP H 109 55.64 -46.06 -18.32
N LYS H 110 54.63 -45.98 -19.19
CA LYS H 110 54.17 -44.70 -19.71
C LYS H 110 53.45 -43.93 -18.61
N ILE H 111 54.09 -42.86 -18.13
CA ILE H 111 53.57 -42.06 -17.02
C ILE H 111 53.60 -40.60 -17.43
N LYS H 112 52.49 -39.91 -17.23
CA LYS H 112 52.34 -38.50 -17.59
C LYS H 112 52.14 -37.67 -16.33
N VAL H 113 52.79 -36.50 -16.30
CA VAL H 113 52.66 -35.55 -15.20
C VAL H 113 52.15 -34.24 -15.79
N TYR H 114 51.07 -33.72 -15.19
CA TYR H 114 50.41 -32.49 -15.65
C TYR H 114 50.57 -31.42 -14.60
N VAL H 115 51.18 -30.30 -14.97
CA VAL H 115 51.42 -29.18 -14.07
C VAL H 115 50.88 -27.91 -14.70
N SER H 116 50.15 -27.14 -13.90
CA SER H 116 49.58 -25.87 -14.34
C SER H 116 50.29 -24.73 -13.61
N PHE H 117 50.89 -23.82 -14.37
CA PHE H 117 51.51 -22.62 -13.83
C PHE H 117 50.56 -21.46 -14.15
N GLY H 118 49.62 -21.23 -13.23
CA GLY H 118 48.69 -20.12 -13.38
C GLY H 118 47.87 -20.16 -14.66
N GLY H 119 47.61 -21.35 -15.18
CA GLY H 119 46.90 -21.51 -16.43
C GLY H 119 47.78 -21.89 -17.60
N LEU H 120 49.10 -21.80 -17.46
CA LEU H 120 50.01 -22.27 -18.50
C LEU H 120 50.31 -23.75 -18.26
N LEU H 121 49.94 -24.59 -19.20
CA LEU H 121 49.94 -26.03 -18.97
C LEU H 121 51.24 -26.66 -19.45
N MET H 122 51.66 -27.71 -18.73
CA MET H 122 52.82 -28.49 -19.11
C MET H 122 52.54 -29.96 -18.85
N CYS H 123 52.85 -30.81 -19.83
CA CYS H 123 52.72 -32.25 -19.69
C CYS H 123 54.05 -32.90 -20.00
N LEU H 124 54.51 -33.74 -19.08
CA LEU H 124 55.79 -34.45 -19.21
C LEU H 124 55.51 -35.94 -19.18
N GLU H 125 55.95 -36.65 -20.23
CA GLU H 125 55.73 -38.08 -20.36
C GLU H 125 57.06 -38.82 -20.27
N GLY H 126 57.09 -39.84 -19.43
CA GLY H 126 58.31 -40.60 -19.24
C GLY H 126 58.06 -41.84 -18.41
N GLY H 127 59.16 -42.43 -17.92
CA GLY H 127 59.09 -43.63 -17.13
C GLY H 127 59.07 -43.36 -15.63
N TYR H 128 58.82 -44.44 -14.87
CA TYR H 128 58.79 -44.33 -13.42
C TYR H 128 60.15 -43.96 -12.85
N LYS H 129 61.23 -44.55 -13.38
CA LYS H 129 62.56 -44.32 -12.84
C LYS H 129 63.01 -42.87 -12.99
N SER H 130 62.36 -42.10 -13.86
CA SER H 130 62.70 -40.70 -14.06
C SER H 130 61.68 -39.73 -13.46
N LEU H 131 60.42 -40.13 -13.33
CA LEU H 131 59.38 -39.25 -12.85
C LEU H 131 58.79 -39.69 -11.51
N ALA H 132 59.46 -40.59 -10.79
CA ALA H 132 58.95 -41.01 -9.49
C ALA H 132 59.05 -39.90 -8.46
N SER H 133 60.05 -39.03 -8.57
CA SER H 133 60.25 -37.96 -7.61
C SER H 133 59.42 -36.72 -7.90
N LEU H 134 58.74 -36.67 -9.04
CA LEU H 134 57.95 -35.50 -9.44
C LEU H 134 56.54 -35.51 -8.87
N LYS H 135 56.18 -36.53 -8.09
CA LYS H 135 54.82 -36.66 -7.57
C LYS H 135 54.73 -35.81 -6.30
N GLN H 136 54.58 -34.50 -6.51
CA GLN H 136 54.47 -33.52 -5.43
C GLN H 136 53.25 -32.64 -5.68
N ASP H 137 52.97 -31.76 -4.73
CA ASP H 137 51.87 -30.82 -4.86
C ASP H 137 52.25 -29.57 -5.63
N ASN H 138 53.50 -29.12 -5.52
CA ASN H 138 53.96 -27.91 -6.19
C ASN H 138 55.30 -28.18 -6.84
N LEU H 139 55.59 -27.45 -7.92
CA LEU H 139 56.81 -27.65 -8.66
C LEU H 139 57.34 -26.32 -9.21
N TYR H 140 58.65 -26.26 -9.39
CA TYR H 140 59.34 -25.17 -10.06
C TYR H 140 59.99 -25.72 -11.31
N ILE H 141 59.81 -25.05 -12.44
CA ILE H 141 60.43 -25.43 -13.70
C ILE H 141 61.39 -24.33 -14.11
N LEU H 142 62.61 -24.72 -14.48
CA LEU H 142 63.66 -23.78 -14.83
C LEU H 142 64.25 -24.18 -16.18
N ILE H 143 64.27 -23.24 -17.12
CA ILE H 143 64.74 -23.47 -18.47
C ILE H 143 65.94 -22.57 -18.72
N ARG H 144 67.02 -23.15 -19.24
CA ARG H 144 68.25 -22.43 -19.51
C ARG H 144 68.73 -22.74 -20.93
N ARG H 145 69.20 -21.73 -21.64
CA ARG H 145 69.78 -21.92 -22.97
C ARG H 145 70.66 -20.73 -23.35
N SER I 3 -27.12 -24.67 -69.54
CA SER I 3 -27.95 -23.83 -70.38
C SER I 3 -29.28 -24.51 -70.68
N PHE I 4 -30.35 -24.02 -70.07
CA PHE I 4 -31.68 -24.56 -70.24
C PHE I 4 -32.52 -23.61 -71.08
N ARG I 5 -33.24 -24.16 -72.05
CA ARG I 5 -34.04 -23.36 -72.97
C ARG I 5 -35.18 -22.66 -72.23
N PHE I 6 -35.52 -21.47 -72.70
CA PHE I 6 -36.58 -20.65 -72.13
C PHE I 6 -37.83 -20.71 -72.99
N CYS I 7 -38.94 -20.25 -72.42
CA CYS I 7 -40.22 -20.29 -73.12
C CYS I 7 -40.29 -19.19 -74.17
N LEU I 8 -41.40 -19.14 -74.90
CA LEU I 8 -41.58 -18.20 -76.00
C LEU I 8 -42.59 -17.10 -75.71
N GLU I 9 -43.65 -17.38 -74.97
CA GLU I 9 -44.69 -16.39 -74.70
C GLU I 9 -44.61 -15.78 -73.31
N CYS I 10 -44.20 -16.55 -72.30
CA CYS I 10 -44.00 -16.02 -70.96
C CYS I 10 -42.53 -15.89 -70.56
N ASN I 11 -41.62 -16.40 -71.38
CA ASN I 11 -40.17 -16.26 -71.20
C ASN I 11 -39.74 -16.84 -69.84
N ASN I 12 -39.95 -18.14 -69.72
CA ASN I 12 -39.56 -18.89 -68.53
C ASN I 12 -38.79 -20.14 -68.96
N MET I 13 -37.79 -20.50 -68.14
CA MET I 13 -36.99 -21.67 -68.45
C MET I 13 -37.81 -22.95 -68.28
N LEU I 14 -37.51 -23.94 -69.10
CA LEU I 14 -38.28 -25.18 -69.17
C LEU I 14 -37.63 -26.27 -68.32
N TYR I 15 -38.39 -27.35 -68.12
CA TYR I 15 -37.96 -28.44 -67.26
C TYR I 15 -38.13 -29.76 -67.98
N PRO I 16 -37.23 -30.72 -67.72
CA PRO I 16 -37.40 -32.06 -68.30
C PRO I 16 -38.67 -32.73 -67.79
N LYS I 17 -39.28 -33.52 -68.65
CA LYS I 17 -40.45 -34.31 -68.28
C LYS I 17 -40.55 -35.53 -69.19
N GLU I 18 -41.10 -36.60 -68.64
CA GLU I 18 -41.24 -37.87 -69.35
C GLU I 18 -42.65 -38.01 -69.90
N ASP I 19 -42.75 -38.41 -71.16
CA ASP I 19 -44.03 -38.60 -71.84
C ASP I 19 -44.16 -40.07 -72.18
N LYS I 20 -45.31 -40.66 -71.83
CA LYS I 20 -45.46 -42.10 -71.77
C LYS I 20 -45.92 -42.76 -73.06
N GLU I 21 -46.84 -42.14 -73.81
CA GLU I 21 -47.33 -42.78 -75.03
C GLU I 21 -46.26 -42.86 -76.10
N ASN I 22 -45.26 -41.97 -76.05
CA ASN I 22 -44.11 -42.05 -76.94
C ASN I 22 -42.79 -42.15 -76.16
N GLN I 23 -42.87 -42.30 -74.84
CA GLN I 23 -41.73 -42.41 -73.92
C GLN I 23 -40.59 -41.46 -74.27
N ARG I 24 -40.92 -40.18 -74.50
CA ARG I 24 -39.95 -39.18 -74.90
C ARG I 24 -39.68 -38.19 -73.77
N LEU I 25 -38.44 -37.71 -73.71
CA LEU I 25 -38.09 -36.61 -72.84
C LEU I 25 -38.39 -35.29 -73.54
N LEU I 26 -39.06 -34.39 -72.83
CA LEU I 26 -39.49 -33.12 -73.41
C LEU I 26 -39.29 -31.99 -72.41
N TYR I 27 -38.97 -30.81 -72.94
CA TYR I 27 -38.89 -29.60 -72.14
C TYR I 27 -40.29 -28.99 -72.03
N SER I 28 -40.74 -28.75 -70.81
CA SER I 28 -42.09 -28.30 -70.54
C SER I 28 -42.07 -27.04 -69.68
N CYS I 29 -43.17 -26.30 -69.75
CA CYS I 29 -43.38 -25.07 -69.00
C CYS I 29 -44.61 -25.25 -68.11
N ARG I 30 -44.50 -24.79 -66.85
CA ARG I 30 -45.67 -24.82 -65.97
C ARG I 30 -46.43 -23.51 -65.94
N ASN I 31 -45.81 -22.40 -66.34
CA ASN I 31 -46.52 -21.13 -66.41
C ASN I 31 -47.60 -21.18 -67.49
N CYS I 32 -47.34 -21.91 -68.56
CA CYS I 32 -48.27 -22.00 -69.69
C CYS I 32 -48.28 -23.45 -70.16
N ASP I 33 -48.80 -23.68 -71.37
CA ASP I 33 -48.92 -25.03 -71.94
C ASP I 33 -48.03 -25.19 -73.15
N TYR I 34 -46.80 -24.69 -73.08
CA TYR I 34 -45.83 -24.80 -74.17
C TYR I 34 -44.83 -25.90 -73.86
N THR I 35 -44.68 -26.84 -74.78
CA THR I 35 -43.73 -27.93 -74.65
C THR I 35 -42.96 -28.11 -75.95
N GLU I 36 -41.76 -28.68 -75.85
CA GLU I 36 -40.96 -28.98 -77.03
C GLU I 36 -40.16 -30.25 -76.79
N LEU I 37 -39.71 -30.85 -77.87
CA LEU I 37 -38.96 -32.10 -77.79
C LEU I 37 -37.57 -31.85 -77.22
N ALA I 38 -37.10 -32.81 -76.42
CA ALA I 38 -35.76 -32.76 -75.84
C ALA I 38 -34.96 -33.94 -76.38
N GLU I 39 -33.87 -33.65 -77.09
CA GLU I 39 -33.05 -34.66 -77.71
C GLU I 39 -31.77 -34.96 -76.93
N ASP I 40 -31.56 -34.32 -75.79
CA ASP I 40 -30.33 -34.49 -75.02
C ASP I 40 -30.62 -35.11 -73.66
N PRO I 41 -30.22 -36.36 -73.41
CA PRO I 41 -30.32 -36.90 -72.05
C PRO I 41 -29.41 -36.21 -71.05
N LYS I 42 -28.39 -35.50 -71.52
CA LYS I 42 -27.48 -34.75 -70.67
C LYS I 42 -28.22 -33.57 -70.06
N VAL I 43 -28.55 -33.65 -68.77
CA VAL I 43 -29.33 -32.63 -68.09
C VAL I 43 -28.62 -32.06 -66.87
N TYR I 44 -27.99 -32.90 -66.05
CA TYR I 44 -27.37 -32.47 -64.80
C TYR I 44 -25.86 -32.72 -64.87
N ARG I 45 -25.08 -31.70 -64.51
CA ARG I 45 -23.63 -31.82 -64.44
C ARG I 45 -23.16 -31.26 -63.11
N HIS I 46 -22.36 -32.04 -62.39
CA HIS I 46 -21.74 -31.58 -61.15
C HIS I 46 -20.39 -32.28 -61.03
N GLU I 47 -19.31 -31.52 -61.20
CA GLU I 47 -17.96 -32.07 -61.14
C GLU I 47 -17.33 -31.67 -59.80
N LEU I 48 -16.66 -32.63 -59.16
CA LEU I 48 -16.02 -32.35 -57.87
C LEU I 48 -14.76 -31.52 -58.07
N ILE I 49 -13.94 -31.86 -59.06
CA ILE I 49 -12.71 -31.16 -59.35
C ILE I 49 -12.71 -30.79 -60.83
N THR I 50 -12.48 -29.51 -61.11
CA THR I 50 -12.49 -29.01 -62.48
C THR I 50 -11.31 -28.08 -62.71
N ASN I 51 -10.91 -27.97 -63.96
CA ASN I 51 -9.85 -27.05 -64.40
C ASN I 51 -10.38 -26.04 -65.41
N ILE I 52 -11.69 -25.79 -65.38
CA ILE I 52 -12.33 -24.87 -66.32
C ILE I 52 -12.30 -23.47 -65.74
N GLY I 53 -11.87 -22.50 -66.55
CA GLY I 53 -11.75 -21.12 -66.12
C GLY I 53 -10.32 -20.63 -65.99
N GLU I 54 -9.33 -21.47 -66.32
CA GLU I 54 -7.93 -21.04 -66.25
C GLU I 54 -7.58 -20.04 -67.34
N THR I 55 -8.38 -19.97 -68.40
CA THR I 55 -8.08 -19.04 -69.50
C THR I 55 -8.28 -17.59 -69.10
N ALA I 56 -9.16 -17.34 -68.11
CA ALA I 56 -9.46 -16.01 -67.58
C ALA I 56 -10.14 -15.12 -68.62
N GLY I 57 -10.60 -13.96 -68.18
CA GLY I 57 -11.29 -13.03 -69.06
C GLY I 57 -10.35 -12.16 -69.86
N ILE I 58 -9.67 -12.77 -70.82
CA ILE I 58 -8.71 -12.05 -71.66
C ILE I 58 -9.47 -11.22 -72.68
N VAL I 59 -9.07 -9.96 -72.83
CA VAL I 59 -9.70 -9.03 -73.75
C VAL I 59 -8.61 -8.49 -74.66
N ASP I 60 -9.04 -7.95 -75.81
CA ASP I 60 -8.09 -7.39 -76.77
C ASP I 60 -7.31 -6.20 -76.22
N ASP I 61 -7.77 -5.62 -75.11
CA ASP I 61 -7.11 -4.49 -74.49
C ASP I 61 -6.10 -4.92 -73.43
N ILE I 62 -5.84 -6.23 -73.29
CA ILE I 62 -4.88 -6.71 -72.30
C ILE I 62 -3.44 -6.46 -72.72
N GLY I 63 -3.19 -6.09 -73.98
CA GLY I 63 -1.83 -5.95 -74.45
C GLY I 63 -1.11 -4.72 -73.92
N GLN I 64 -1.85 -3.70 -73.49
CA GLN I 64 -1.25 -2.47 -72.99
C GLN I 64 -1.27 -2.38 -71.47
N ASP I 65 -1.49 -3.49 -70.78
CA ASP I 65 -1.43 -3.48 -69.32
C ASP I 65 0.03 -3.42 -68.91
N PRO I 66 0.47 -2.38 -68.19
CA PRO I 66 1.89 -2.27 -67.83
C PRO I 66 2.31 -3.20 -66.69
N THR I 67 1.38 -3.65 -65.85
CA THR I 67 1.75 -4.49 -64.72
C THR I 67 2.11 -5.91 -65.14
N LEU I 68 1.56 -6.38 -66.25
CA LEU I 68 1.83 -7.74 -66.70
C LEU I 68 3.29 -7.88 -67.15
N PRO I 69 3.98 -8.94 -66.72
CA PRO I 69 5.36 -9.12 -67.16
C PRO I 69 5.45 -9.47 -68.64
N ARG I 70 6.59 -9.15 -69.24
CA ARG I 70 6.82 -9.36 -70.65
C ARG I 70 7.92 -10.41 -70.85
N SER I 71 7.74 -11.27 -71.84
CA SER I 71 8.71 -12.30 -72.15
C SER I 71 9.00 -12.33 -73.65
N ASP I 72 9.76 -13.33 -74.10
CA ASP I 72 10.13 -13.49 -75.50
C ASP I 72 9.92 -14.93 -75.95
N LYS I 73 8.77 -15.49 -75.59
CA LYS I 73 8.45 -16.86 -75.97
C LYS I 73 8.06 -16.93 -77.44
N GLU I 74 8.15 -18.14 -77.99
CA GLU I 74 7.88 -18.36 -79.41
C GLU I 74 6.39 -18.54 -79.63
N CYS I 75 5.79 -17.67 -80.44
CA CYS I 75 4.38 -17.80 -80.78
C CYS I 75 4.19 -18.93 -81.79
N PRO I 76 3.09 -19.68 -81.68
CA PRO I 76 2.86 -20.80 -82.61
C PRO I 76 2.83 -20.42 -84.09
N GLU I 77 1.99 -19.45 -84.46
CA GLU I 77 1.73 -19.19 -85.87
C GLU I 77 2.51 -18.00 -86.43
N CYS I 78 2.70 -16.93 -85.66
CA CYS I 78 3.41 -15.75 -86.17
C CYS I 78 4.84 -15.65 -85.64
N HIS I 79 5.22 -16.49 -84.68
CA HIS I 79 6.59 -16.56 -84.17
C HIS I 79 7.09 -15.21 -83.66
N SER I 80 6.19 -14.46 -83.02
CA SER I 80 6.55 -13.15 -82.50
C SER I 80 7.45 -13.28 -81.28
N ARG I 81 8.35 -12.31 -81.13
CA ARG I 81 9.27 -12.27 -80.00
C ARG I 81 8.73 -11.42 -78.85
N ASP I 82 7.55 -10.86 -78.97
CA ASP I 82 6.95 -10.03 -77.93
C ASP I 82 5.66 -10.68 -77.44
N CYS I 83 5.58 -10.94 -76.15
CA CYS I 83 4.41 -11.55 -75.55
C CYS I 83 4.41 -11.28 -74.05
N VAL I 84 3.25 -11.49 -73.43
CA VAL I 84 3.10 -11.35 -71.99
C VAL I 84 2.67 -12.69 -71.42
N PHE I 85 2.83 -12.85 -70.12
CA PHE I 85 2.45 -14.09 -69.46
C PHE I 85 1.88 -13.80 -68.08
N PHE I 86 1.07 -14.73 -67.61
CA PHE I 86 0.43 -14.65 -66.30
C PHE I 86 0.07 -16.06 -65.84
N GLN I 87 -0.70 -16.17 -64.77
CA GLN I 87 -1.14 -17.45 -64.25
C GLN I 87 -2.66 -17.55 -64.28
N SER I 88 -3.16 -18.70 -63.82
CA SER I 88 -4.59 -18.96 -63.86
C SER I 88 -5.35 -18.05 -62.90
N GLN I 89 -6.52 -17.59 -63.33
CA GLN I 89 -7.35 -16.73 -62.51
C GLN I 89 -8.06 -17.50 -61.41
N GLN I 90 -8.15 -18.83 -61.50
CA GLN I 90 -8.90 -19.61 -60.53
C GLN I 90 -8.29 -19.49 -59.13
N ARG I 91 -9.14 -19.24 -58.15
CA ARG I 91 -8.72 -19.12 -56.76
C ARG I 91 -8.81 -20.44 -56.00
N ARG I 92 -8.80 -21.56 -56.70
CA ARG I 92 -8.82 -22.86 -56.05
C ARG I 92 -7.53 -23.08 -55.28
N LYS I 93 -7.64 -23.85 -54.18
CA LYS I 93 -6.49 -24.12 -53.34
C LYS I 93 -5.42 -24.91 -54.10
N ASP I 94 -5.85 -25.90 -54.88
CA ASP I 94 -4.95 -26.82 -55.57
C ASP I 94 -4.69 -26.40 -57.02
N THR I 95 -4.69 -25.10 -57.30
CA THR I 95 -4.44 -24.62 -58.65
C THR I 95 -2.96 -24.79 -59.01
N ASN I 96 -2.71 -25.35 -60.19
CA ASN I 96 -1.34 -25.51 -60.65
C ASN I 96 -0.74 -24.16 -61.04
N MET I 97 0.59 -24.14 -61.18
CA MET I 97 1.33 -22.92 -61.49
C MET I 97 1.74 -22.84 -62.96
N THR I 98 1.02 -23.52 -63.84
CA THR I 98 1.33 -23.46 -65.26
C THR I 98 1.07 -22.07 -65.81
N LEU I 99 1.95 -21.61 -66.69
CA LEU I 99 1.92 -20.24 -67.18
C LEU I 99 1.05 -20.14 -68.43
N PHE I 100 0.38 -19.00 -68.57
CA PHE I 100 -0.43 -18.69 -69.74
C PHE I 100 0.22 -17.52 -70.48
N TYR I 101 0.45 -17.70 -71.78
CA TYR I 101 1.13 -16.73 -72.61
C TYR I 101 0.17 -16.15 -73.63
N VAL I 102 0.23 -14.84 -73.82
CA VAL I 102 -0.58 -14.12 -74.81
C VAL I 102 0.34 -13.30 -75.69
N CYS I 103 0.22 -13.47 -77.00
CA CYS I 103 1.04 -12.73 -77.95
C CYS I 103 0.49 -11.31 -78.13
N LEU I 104 1.20 -10.52 -78.92
CA LEU I 104 0.82 -9.12 -79.16
C LEU I 104 0.44 -8.83 -80.60
N ASN I 105 1.10 -9.47 -81.57
CA ASN I 105 0.75 -9.23 -82.97
C ASN I 105 -0.60 -9.84 -83.32
N CYS I 106 -0.88 -11.05 -82.83
CA CYS I 106 -2.16 -11.69 -83.06
C CYS I 106 -3.08 -11.67 -81.86
N LYS I 107 -2.55 -11.41 -80.66
CA LYS I 107 -3.32 -11.27 -79.43
C LYS I 107 -4.17 -12.51 -79.15
N LYS I 108 -3.53 -13.68 -79.24
CA LYS I 108 -4.16 -14.94 -78.91
C LYS I 108 -3.30 -15.70 -77.92
N THR I 109 -3.91 -16.65 -77.24
CA THR I 109 -3.28 -17.38 -76.14
C THR I 109 -2.61 -18.65 -76.66
N PHE I 110 -1.60 -19.09 -75.92
CA PHE I 110 -0.94 -20.36 -76.19
C PHE I 110 -0.21 -20.81 -74.94
N ARG I 111 -0.33 -22.09 -74.62
CA ARG I 111 0.32 -22.67 -73.46
C ARG I 111 1.67 -23.26 -73.86
N ASP I 112 2.34 -23.93 -72.93
CA ASP I 112 3.62 -24.56 -73.22
C ASP I 112 3.48 -25.93 -73.86
N GLU I 113 2.26 -26.46 -73.94
CA GLU I 113 2.04 -27.77 -74.55
C GLU I 113 2.20 -27.69 -76.08
N MET J 1 19.27 29.79 -27.75
CA MET J 1 19.32 31.05 -27.03
C MET J 1 20.47 31.91 -27.51
N ILE J 2 21.58 31.87 -26.77
CA ILE J 2 22.77 32.65 -27.07
C ILE J 2 23.98 31.73 -26.99
N ILE J 3 25.09 32.20 -27.53
CA ILE J 3 26.31 31.38 -27.60
C ILE J 3 26.79 31.06 -26.19
N PRO J 4 27.12 29.80 -25.88
CA PRO J 4 27.64 29.48 -24.55
C PRO J 4 29.00 30.11 -24.30
N VAL J 5 29.27 30.40 -23.03
CA VAL J 5 30.53 31.04 -22.66
C VAL J 5 31.69 30.08 -22.87
N ARG J 6 31.56 28.84 -22.39
CA ARG J 6 32.64 27.87 -22.41
C ARG J 6 32.21 26.63 -23.19
N CYS J 7 33.22 25.96 -23.76
CA CYS J 7 32.97 24.67 -24.41
C CYS J 7 32.52 23.65 -23.37
N PHE J 8 31.52 22.84 -23.75
CA PHE J 8 30.95 21.88 -22.80
C PHE J 8 31.96 20.80 -22.43
N SER J 9 32.80 20.38 -23.38
CA SER J 9 33.70 19.26 -23.13
C SER J 9 34.94 19.68 -22.35
N CYS J 10 35.75 20.56 -22.94
CA CYS J 10 37.01 20.96 -22.30
C CYS J 10 36.84 22.17 -21.39
N GLY J 11 36.23 23.23 -21.90
CA GLY J 11 36.04 24.43 -21.10
C GLY J 11 36.68 25.66 -21.72
N LYS J 12 37.08 25.55 -22.98
CA LYS J 12 37.67 26.68 -23.69
C LYS J 12 36.62 27.77 -23.90
N VAL J 13 37.04 29.02 -23.75
CA VAL J 13 36.13 30.15 -23.93
C VAL J 13 35.80 30.29 -25.41
N VAL J 14 34.53 30.13 -25.75
CA VAL J 14 34.04 30.30 -27.11
C VAL J 14 32.97 31.36 -27.22
N GLY J 15 32.64 32.04 -26.12
CA GLY J 15 31.59 33.03 -26.14
C GLY J 15 31.96 34.37 -26.74
N ASP J 16 33.24 34.60 -26.99
CA ASP J 16 33.71 35.85 -27.57
C ASP J 16 34.03 35.74 -29.06
N LYS J 17 33.81 34.57 -29.67
CA LYS J 17 34.15 34.35 -31.06
C LYS J 17 32.93 34.30 -31.97
N TRP J 18 31.74 34.60 -31.45
CA TRP J 18 30.53 34.53 -32.27
C TRP J 18 30.52 35.64 -33.31
N ASP J 19 30.83 36.87 -32.89
CA ASP J 19 30.85 37.99 -33.82
C ASP J 19 31.92 37.81 -34.89
N ALA J 20 33.10 37.33 -34.50
CA ALA J 20 34.15 37.08 -35.47
C ALA J 20 33.76 35.96 -36.44
N TYR J 21 33.10 34.92 -35.93
CA TYR J 21 32.64 33.85 -36.80
C TYR J 21 31.61 34.35 -37.80
N LEU J 22 30.67 35.19 -37.35
CA LEU J 22 29.67 35.74 -38.27
C LEU J 22 30.33 36.66 -39.30
N ARG J 23 31.30 37.45 -38.88
CA ARG J 23 32.00 38.32 -39.81
C ARG J 23 32.77 37.52 -40.86
N LEU J 24 33.42 36.44 -40.42
CA LEU J 24 34.13 35.57 -41.37
C LEU J 24 33.17 34.90 -42.34
N LEU J 25 32.02 34.44 -41.85
CA LEU J 25 31.04 33.82 -42.73
C LEU J 25 30.42 34.84 -43.69
N GLU J 26 30.38 36.11 -43.29
CA GLU J 26 29.78 37.13 -44.14
C GLU J 26 30.65 37.41 -45.37
N GLU J 27 31.97 37.34 -45.21
CA GLU J 27 32.89 37.67 -46.30
C GLU J 27 33.22 36.46 -47.18
N GLY J 28 32.37 35.44 -47.18
CA GLY J 28 32.52 34.32 -48.10
C GLY J 28 33.42 33.20 -47.63
N LYS J 29 34.02 33.31 -46.44
CA LYS J 29 34.87 32.25 -45.94
C LYS J 29 34.04 31.01 -45.60
N GLN J 30 34.60 29.84 -45.87
CA GLN J 30 33.92 28.59 -45.56
C GLN J 30 33.89 28.38 -44.04
N GLU J 31 32.94 27.54 -43.60
CA GLU J 31 32.78 27.30 -42.17
C GLU J 31 34.02 26.65 -41.57
N GLY J 32 34.58 25.66 -42.27
CA GLY J 32 35.82 25.05 -41.78
C GLY J 32 36.98 26.03 -41.76
N ASP J 33 37.11 26.84 -42.80
CA ASP J 33 38.17 27.85 -42.84
C ASP J 33 37.98 28.88 -41.73
N ALA J 34 36.75 29.31 -41.49
CA ALA J 34 36.50 30.26 -40.42
C ALA J 34 36.82 29.66 -39.05
N LEU J 35 36.45 28.39 -38.84
CA LEU J 35 36.75 27.73 -37.58
C LEU J 35 38.26 27.58 -37.39
N ASP J 36 38.99 27.28 -38.47
CA ASP J 36 40.44 27.20 -38.39
C ASP J 36 41.05 28.57 -38.07
N GLU J 37 40.52 29.63 -38.68
CA GLU J 37 41.03 30.97 -38.42
C GLU J 37 40.67 31.46 -37.02
N LEU J 38 39.64 30.87 -36.40
CA LEU J 38 39.30 31.21 -35.02
C LEU J 38 40.16 30.45 -34.01
N LYS J 39 41.16 29.70 -34.47
CA LYS J 39 42.07 28.95 -33.61
C LYS J 39 41.31 27.93 -32.74
N LEU J 40 40.38 27.21 -33.37
CA LEU J 40 39.63 26.15 -32.72
C LEU J 40 40.14 24.81 -33.27
N LYS J 41 41.00 24.15 -32.49
CA LYS J 41 41.65 22.91 -32.96
C LYS J 41 40.81 21.67 -32.63
N ARG J 42 40.50 21.47 -31.35
CA ARG J 42 39.71 20.31 -30.95
C ARG J 42 38.31 20.42 -31.51
N TYR J 43 37.77 19.28 -31.95
CA TYR J 43 36.45 19.31 -32.60
C TYR J 43 35.32 19.53 -31.61
N CYS J 44 35.56 19.46 -30.30
CA CYS J 44 34.53 19.79 -29.35
C CYS J 44 34.14 21.27 -29.45
N CYS J 45 35.13 22.16 -29.46
CA CYS J 45 34.84 23.57 -29.68
C CYS J 45 34.30 23.82 -31.09
N ARG J 46 34.75 23.02 -32.06
CA ARG J 46 34.26 23.18 -33.42
C ARG J 46 32.77 22.90 -33.50
N ARG J 47 32.29 21.84 -32.85
CA ARG J 47 30.86 21.58 -32.82
C ARG J 47 30.12 22.53 -31.89
N MET J 48 30.79 23.07 -30.87
CA MET J 48 30.15 24.09 -30.04
C MET J 48 29.83 25.34 -30.84
N VAL J 49 30.74 25.76 -31.71
CA VAL J 49 30.53 26.99 -32.47
C VAL J 49 29.70 26.73 -33.71
N LEU J 50 29.97 25.62 -34.42
CA LEU J 50 29.34 25.38 -35.71
C LEU J 50 27.86 25.05 -35.55
N THR J 51 27.49 24.25 -34.55
CA THR J 51 26.13 23.77 -34.41
C THR J 51 25.25 24.69 -33.57
N HIS J 52 25.76 25.82 -33.11
CA HIS J 52 24.96 26.74 -32.32
C HIS J 52 23.93 27.44 -33.18
N VAL J 53 22.70 27.55 -32.66
CA VAL J 53 21.61 28.26 -33.32
C VAL J 53 21.27 29.48 -32.49
N ASP J 54 21.15 30.64 -33.16
CA ASP J 54 20.94 31.92 -32.48
C ASP J 54 19.44 32.19 -32.41
N LEU J 55 18.83 31.81 -31.29
CA LEU J 55 17.42 32.06 -31.05
C LEU J 55 17.16 33.35 -30.30
N ILE J 56 18.21 34.08 -29.91
CA ILE J 56 18.04 35.32 -29.16
C ILE J 56 17.38 36.38 -30.03
N GLU J 57 17.69 36.42 -31.33
CA GLU J 57 17.10 37.42 -32.22
C GLU J 57 15.60 37.23 -32.34
N LYS J 58 15.13 35.99 -32.41
CA LYS J 58 13.70 35.73 -32.49
C LYS J 58 12.96 36.25 -31.26
N PHE J 59 13.55 36.04 -30.08
CA PHE J 59 12.94 36.56 -28.86
C PHE J 59 13.01 38.08 -28.82
N LEU J 60 14.09 38.66 -29.34
CA LEU J 60 14.21 40.12 -29.38
C LEU J 60 13.24 40.76 -30.35
N ARG J 61 12.77 40.01 -31.35
CA ARG J 61 11.83 40.57 -32.31
C ARG J 61 10.50 40.94 -31.66
N TYR J 62 10.16 40.34 -30.54
CA TYR J 62 8.92 40.65 -29.85
C TYR J 62 9.02 41.97 -29.12
N ASN J 63 7.87 42.63 -28.94
CA ASN J 63 7.84 43.90 -28.25
C ASN J 63 8.16 43.71 -26.77
N PRO J 64 8.82 44.69 -26.15
CA PRO J 64 9.16 44.56 -24.73
C PRO J 64 7.93 44.44 -23.86
N LEU J 65 8.04 43.61 -22.81
CA LEU J 65 6.91 43.39 -21.91
C LEU J 65 6.67 44.57 -20.98
N GLU J 66 7.67 45.44 -20.79
CA GLU J 66 7.53 46.58 -19.90
C GLU J 66 8.32 47.78 -20.41
N MET K 1 17.84 17.76 -4.78
CA MET K 1 17.12 17.40 -3.56
C MET K 1 18.02 16.67 -2.58
N ASN K 2 18.53 15.51 -3.00
CA ASN K 2 19.45 14.71 -2.19
C ASN K 2 20.90 14.91 -2.60
N ALA K 3 21.19 15.89 -3.43
CA ALA K 3 22.56 16.11 -3.88
C ALA K 3 23.41 16.66 -2.73
N PRO K 4 24.55 16.04 -2.44
CA PRO K 4 25.40 16.55 -1.37
C PRO K 4 26.09 17.83 -1.78
N ASP K 5 26.53 18.58 -0.78
CA ASP K 5 27.22 19.84 -1.02
C ASP K 5 28.60 19.57 -1.64
N ARG K 6 28.98 20.41 -2.60
CA ARG K 6 30.22 20.18 -3.33
C ARG K 6 31.45 20.37 -2.46
N PHE K 7 31.44 21.38 -1.59
CA PHE K 7 32.62 21.67 -0.78
C PHE K 7 32.94 20.54 0.19
N GLU K 8 32.01 19.62 0.44
CA GLU K 8 32.30 18.46 1.26
C GLU K 8 33.31 17.52 0.60
N LEU K 9 33.60 17.70 -0.69
CA LEU K 9 34.61 16.87 -1.34
C LEU K 9 36.02 17.17 -0.81
N PHE K 10 36.25 18.39 -0.32
CA PHE K 10 37.58 18.78 0.11
C PHE K 10 37.64 19.46 1.47
N ILE K 11 36.50 19.84 2.05
CA ILE K 11 36.49 20.47 3.36
C ILE K 11 36.30 19.39 4.42
N LEU K 12 37.27 19.27 5.32
CA LEU K 12 37.24 18.24 6.33
C LEU K 12 36.37 18.68 7.50
N PRO K 13 35.36 17.91 7.89
CA PRO K 13 34.57 18.25 9.08
C PRO K 13 35.44 18.22 10.33
N ASP K 14 35.09 19.08 11.29
CA ASP K 14 35.89 19.21 12.50
C ASP K 14 35.86 17.97 13.37
N ASP K 15 34.75 17.23 13.37
CA ASP K 15 34.61 16.07 14.23
C ASP K 15 35.34 14.83 13.72
N VAL K 16 35.75 14.83 12.46
CA VAL K 16 36.43 13.66 11.89
C VAL K 16 37.90 13.99 11.65
N PRO K 17 38.80 13.02 11.75
CA PRO K 17 40.22 13.30 11.49
C PRO K 17 40.56 13.13 10.02
N LYS K 18 41.57 13.89 9.59
CA LYS K 18 42.07 13.76 8.22
C LYS K 18 42.70 12.39 7.99
N LEU K 19 43.44 11.90 8.98
CA LEU K 19 44.18 10.65 8.85
C LEU K 19 43.78 9.70 9.97
N LYS K 20 43.53 8.44 9.61
CA LYS K 20 43.28 7.39 10.60
C LYS K 20 44.24 6.25 10.35
N ILE K 21 44.77 5.67 11.42
CA ILE K 21 45.74 4.57 11.31
C ILE K 21 45.29 3.43 12.22
N THR K 22 45.22 2.22 11.67
CA THR K 22 44.85 1.04 12.43
C THR K 22 45.83 -0.09 12.09
N PRO K 23 46.43 -0.74 13.08
CA PRO K 23 47.33 -1.85 12.78
C PRO K 23 46.59 -3.05 12.21
N ASP K 24 47.31 -3.81 11.38
CA ASP K 24 46.80 -5.04 10.78
C ASP K 24 47.52 -6.21 11.43
N SER K 25 46.76 -7.11 12.05
CA SER K 25 47.32 -8.24 12.77
C SER K 25 47.44 -9.49 11.93
N ARG K 26 46.95 -9.48 10.69
CA ARG K 26 47.06 -10.66 9.84
C ARG K 26 48.51 -10.96 9.48
N VAL K 27 49.27 -9.92 9.15
CA VAL K 27 50.71 -10.07 8.85
C VAL K 27 51.47 -9.03 9.66
N PRO K 28 52.72 -9.30 10.03
CA PRO K 28 53.46 -8.33 10.85
C PRO K 28 53.84 -7.08 10.07
N ASN K 29 53.99 -5.97 10.81
CA ASN K 29 54.46 -4.70 10.27
C ASN K 29 53.58 -4.18 9.14
N CYS K 30 52.27 -4.35 9.28
CA CYS K 30 51.30 -3.90 8.29
C CYS K 30 50.27 -3.00 8.96
N ILE K 31 49.95 -1.89 8.30
CA ILE K 31 48.98 -0.93 8.82
C ILE K 31 48.01 -0.55 7.71
N ILE K 32 46.85 -0.04 8.15
CA ILE K 32 45.80 0.45 7.28
C ILE K 32 45.59 1.93 7.60
N ILE K 33 45.67 2.78 6.58
CA ILE K 33 45.52 4.21 6.75
C ILE K 33 44.30 4.67 5.97
N LYS K 34 43.36 5.29 6.66
CA LYS K 34 42.18 5.90 6.06
C LYS K 34 42.47 7.37 5.82
N PHE K 35 42.47 7.78 4.55
CA PHE K 35 42.62 9.16 4.15
C PHE K 35 41.23 9.73 3.87
N GLU K 36 40.91 10.83 4.54
CA GLU K 36 39.62 11.49 4.39
C GLU K 36 39.76 12.73 3.53
N ARG K 37 38.73 13.00 2.72
CA ARG K 37 38.68 14.16 1.84
C ARG K 37 39.85 14.18 0.87
N GLU K 38 40.19 13.02 0.31
CA GLU K 38 41.24 12.88 -0.67
C GLU K 38 40.75 12.00 -1.81
N ASP K 39 41.58 11.87 -2.84
CA ASP K 39 41.21 11.14 -4.04
C ASP K 39 42.46 10.50 -4.64
N HIS K 40 42.37 10.09 -5.90
CA HIS K 40 43.47 9.38 -6.55
C HIS K 40 44.72 10.24 -6.72
N THR K 41 44.58 11.57 -6.70
CA THR K 41 45.69 12.46 -7.02
C THR K 41 46.86 12.26 -6.07
N LEU K 42 46.57 12.18 -4.78
CA LEU K 42 47.61 11.90 -3.78
C LEU K 42 47.85 10.40 -3.62
N ALA K 43 46.80 9.60 -3.77
CA ALA K 43 46.89 8.17 -3.49
C ALA K 43 47.83 7.47 -4.46
N ASN K 44 47.63 7.70 -5.76
CA ASN K 44 48.47 7.02 -6.76
C ASN K 44 49.91 7.48 -6.65
N LEU K 45 50.13 8.77 -6.41
CA LEU K 45 51.48 9.31 -6.25
C LEU K 45 52.19 8.64 -5.08
N LEU K 46 51.53 8.59 -3.92
CA LEU K 46 52.13 7.95 -2.75
C LEU K 46 52.37 6.46 -3.00
N ARG K 47 51.43 5.79 -3.66
CA ARG K 47 51.56 4.35 -3.88
C ARG K 47 52.75 4.04 -4.77
N GLU K 48 52.89 4.77 -5.88
CA GLU K 48 54.01 4.46 -6.77
C GLU K 48 55.33 4.96 -6.21
N GLU K 49 55.32 5.97 -5.34
CA GLU K 49 56.56 6.34 -4.66
C GLU K 49 56.98 5.25 -3.67
N LEU K 50 56.02 4.69 -2.93
CA LEU K 50 56.35 3.67 -1.94
C LEU K 50 56.70 2.34 -2.57
N ALA K 51 56.17 2.06 -3.77
CA ALA K 51 56.41 0.77 -4.41
C ALA K 51 57.87 0.58 -4.79
N LEU K 52 58.59 1.67 -5.05
CA LEU K 52 59.98 1.59 -5.47
C LEU K 52 60.95 1.49 -4.30
N TYR K 53 60.48 1.59 -3.07
CA TYR K 53 61.37 1.50 -1.92
C TYR K 53 61.73 0.05 -1.65
N PRO K 54 63.02 -0.28 -1.51
CA PRO K 54 63.40 -1.67 -1.25
C PRO K 54 62.86 -2.23 0.06
N ASP K 55 62.64 -1.39 1.06
CA ASP K 55 62.20 -1.84 2.37
C ASP K 55 60.68 -1.94 2.49
N VAL K 56 59.94 -1.64 1.44
CA VAL K 56 58.48 -1.75 1.42
C VAL K 56 58.11 -3.04 0.72
N THR K 57 57.40 -3.93 1.42
CA THR K 57 57.03 -5.22 0.87
C THR K 57 55.63 -5.26 0.29
N PHE K 58 54.75 -4.35 0.69
CA PHE K 58 53.39 -4.31 0.16
C PHE K 58 52.85 -2.90 0.28
N VAL K 59 52.25 -2.40 -0.79
CA VAL K 59 51.57 -1.11 -0.76
C VAL K 59 50.40 -1.16 -1.73
N ALA K 60 49.24 -0.69 -1.28
CA ALA K 60 48.06 -0.68 -2.13
C ALA K 60 47.09 0.38 -1.63
N TYR K 61 46.18 0.78 -2.51
CA TYR K 61 45.14 1.72 -2.13
C TYR K 61 43.87 1.39 -2.90
N LYS K 62 42.74 1.84 -2.35
CA LYS K 62 41.47 1.65 -3.01
C LYS K 62 40.49 2.73 -2.57
N VAL K 63 39.64 3.14 -3.50
CA VAL K 63 38.53 4.06 -3.22
C VAL K 63 37.27 3.21 -3.19
N GLU K 64 36.64 3.12 -2.02
CA GLU K 64 35.50 2.21 -1.85
C GLU K 64 34.32 2.63 -2.72
N HIS K 65 34.04 3.92 -2.80
CA HIS K 65 32.90 4.40 -3.56
C HIS K 65 33.24 5.77 -4.15
N PRO K 66 32.97 6.00 -5.43
CA PRO K 66 33.24 7.32 -6.02
C PRO K 66 32.39 8.43 -5.43
N LEU K 67 31.26 8.10 -4.81
CA LEU K 67 30.40 9.13 -4.22
C LEU K 67 30.91 9.63 -2.87
N PHE K 68 31.89 8.97 -2.29
CA PHE K 68 32.47 9.37 -1.00
C PHE K 68 33.94 9.72 -1.21
N ALA K 69 34.34 10.88 -0.69
CA ALA K 69 35.70 11.39 -0.89
C ALA K 69 36.60 10.89 0.23
N ASN K 70 37.08 9.66 0.05
CA ASN K 70 38.05 9.06 0.96
C ASN K 70 38.69 7.87 0.25
N PHE K 71 39.79 7.39 0.81
CA PHE K 71 40.39 6.16 0.31
C PHE K 71 41.13 5.45 1.43
N VAL K 72 41.44 4.17 1.18
CA VAL K 72 42.06 3.29 2.16
C VAL K 72 43.35 2.77 1.58
N MET K 73 44.43 2.86 2.35
CA MET K 73 45.75 2.42 1.94
C MET K 73 46.26 1.34 2.88
N ARG K 74 46.81 0.28 2.31
CA ARG K 74 47.44 -0.80 3.06
C ARG K 74 48.94 -0.74 2.82
N LEU K 75 49.72 -0.67 3.90
CA LEU K 75 51.17 -0.54 3.79
C LEU K 75 51.85 -1.51 4.75
N GLN K 76 52.76 -2.32 4.21
CA GLN K 76 53.53 -3.26 4.99
C GLN K 76 54.99 -3.20 4.57
N THR K 77 55.88 -3.01 5.54
CA THR K 77 57.32 -2.97 5.32
C THR K 77 57.96 -4.19 5.98
N GLU K 78 59.29 -4.22 5.94
CA GLU K 78 60.04 -5.32 6.53
C GLU K 78 60.19 -5.09 8.03
N GLU K 79 61.01 -5.93 8.69
CA GLU K 79 61.14 -5.85 10.14
C GLU K 79 61.92 -4.62 10.57
N GLY K 80 62.93 -4.22 9.81
CA GLY K 80 63.78 -3.12 10.22
C GLY K 80 63.07 -1.78 10.21
N THR K 81 62.21 -1.55 9.23
CA THR K 81 61.59 -0.24 9.00
C THR K 81 60.12 -0.28 9.37
N ARG K 82 59.68 0.68 10.17
CA ARG K 82 58.27 0.85 10.45
C ARG K 82 57.56 1.51 9.28
N PRO K 83 56.29 1.16 9.03
CA PRO K 83 55.59 1.74 7.88
C PRO K 83 55.46 3.26 7.92
N LYS K 84 55.29 3.83 9.10
CA LYS K 84 55.14 5.29 9.20
C LYS K 84 56.39 6.02 8.75
N GLN K 85 57.57 5.49 9.13
CA GLN K 85 58.82 6.10 8.69
C GLN K 85 58.95 6.05 7.17
N ALA K 86 58.56 4.93 6.57
CA ALA K 86 58.57 4.82 5.12
C ALA K 86 57.62 5.83 4.47
N LEU K 87 56.44 6.02 5.07
CA LEU K 87 55.49 6.99 4.54
C LEU K 87 56.05 8.41 4.59
N GLU K 88 56.67 8.78 5.72
CA GLU K 88 57.27 10.11 5.82
C GLU K 88 58.43 10.27 4.84
N ARG K 89 59.24 9.22 4.66
CA ARG K 89 60.33 9.28 3.69
C ARG K 89 59.78 9.49 2.29
N ALA K 90 58.70 8.79 1.94
CA ALA K 90 58.10 8.96 0.62
C ALA K 90 57.58 10.38 0.43
N CYS K 91 56.91 10.92 1.46
CA CYS K 91 56.40 12.28 1.36
C CYS K 91 57.52 13.29 1.16
N ALA K 92 58.61 13.13 1.93
CA ALA K 92 59.75 14.04 1.78
C ALA K 92 60.39 13.91 0.41
N SER K 93 60.51 12.68 -0.09
CA SER K 93 61.11 12.47 -1.40
C SER K 93 60.28 13.12 -2.50
N ILE K 94 58.95 12.97 -2.44
CA ILE K 94 58.12 13.60 -3.46
C ILE K 94 58.18 15.12 -3.35
N ILE K 95 58.25 15.64 -2.12
CA ILE K 95 58.36 17.10 -1.95
C ILE K 95 59.66 17.61 -2.58
N ASN K 96 60.76 16.90 -2.33
CA ASN K 96 62.04 17.31 -2.91
C ASN K 96 62.02 17.22 -4.43
N LYS K 97 61.42 16.16 -4.97
CA LYS K 97 61.32 16.02 -6.43
C LYS K 97 60.49 17.15 -7.04
N LEU K 98 59.38 17.50 -6.39
CA LEU K 98 58.55 18.60 -6.89
C LEU K 98 59.29 19.93 -6.82
N LYS K 99 60.07 20.15 -5.75
CA LYS K 99 60.86 21.36 -5.65
C LYS K 99 61.88 21.46 -6.77
N THR K 100 62.58 20.35 -7.05
CA THR K 100 63.55 20.35 -8.14
C THR K 100 62.88 20.58 -9.49
N LEU K 101 61.72 19.96 -9.70
CA LEU K 101 60.99 20.15 -10.95
C LEU K 101 60.56 21.60 -11.13
N ASP K 102 60.05 22.22 -10.07
CA ASP K 102 59.63 23.62 -10.14
C ASP K 102 60.82 24.53 -10.42
N HIS K 103 61.95 24.27 -9.77
CA HIS K 103 63.15 25.08 -10.00
C HIS K 103 63.60 24.98 -11.45
N LYS K 104 63.63 23.76 -11.99
CA LYS K 104 64.10 23.59 -13.37
C LYS K 104 63.11 24.18 -14.37
N PHE K 105 61.81 24.06 -14.10
CA PHE K 105 60.83 24.68 -14.99
C PHE K 105 60.95 26.19 -14.99
N ASN K 106 61.16 26.79 -13.81
CA ASN K 106 61.36 28.23 -13.75
C ASN K 106 62.62 28.65 -14.48
N GLU K 107 63.69 27.87 -14.35
CA GLU K 107 64.93 28.17 -15.07
C GLU K 107 64.72 28.10 -16.57
N GLU K 108 64.02 27.08 -17.05
CA GLU K 108 63.76 26.96 -18.49
C GLU K 108 62.89 28.11 -18.99
N TRP K 109 61.87 28.49 -18.21
CA TRP K 109 61.01 29.60 -18.61
C TRP K 109 61.77 30.91 -18.64
N ASN K 110 62.74 31.09 -17.74
CA ASN K 110 63.57 32.29 -17.77
C ASN K 110 64.52 32.28 -18.96
N ILE K 111 65.08 31.11 -19.28
CA ILE K 111 66.06 31.02 -20.36
C ILE K 111 65.39 31.23 -21.72
N LYS K 112 64.15 30.82 -21.88
CA LYS K 112 63.54 30.92 -23.21
C LYS K 112 62.08 31.31 -23.23
N ASN K 113 61.81 32.60 -23.26
CA ASN K 113 60.44 33.09 -23.31
C ASN K 113 60.43 34.60 -23.31
N GLY L 28 -1.82 51.45 -4.29
CA GLY L 28 -1.74 50.04 -4.61
C GLY L 28 -0.38 49.62 -5.13
N VAL L 29 -0.37 48.55 -5.92
CA VAL L 29 0.87 48.04 -6.50
C VAL L 29 0.88 48.37 -7.99
N LYS L 30 2.09 48.41 -8.54
CA LYS L 30 2.25 48.81 -9.93
C LYS L 30 1.77 47.71 -10.88
N TYR L 31 1.16 48.14 -11.99
CA TYR L 31 0.69 47.24 -13.03
C TYR L 31 1.15 47.77 -14.38
N THR L 32 1.35 46.86 -15.33
CA THR L 32 1.74 47.22 -16.69
C THR L 32 0.72 46.65 -17.68
N CYS L 33 0.52 47.37 -18.77
CA CYS L 33 -0.43 46.94 -19.79
C CYS L 33 0.23 45.98 -20.77
N GLY L 34 -0.58 45.06 -21.30
CA GLY L 34 -0.10 44.09 -22.27
C GLY L 34 -0.07 44.58 -23.70
N ALA L 35 -0.49 45.81 -23.96
CA ALA L 35 -0.49 46.36 -25.32
C ALA L 35 0.47 47.53 -25.47
N CYS L 36 0.32 48.57 -24.65
CA CYS L 36 1.17 49.75 -24.73
C CYS L 36 2.26 49.79 -23.68
N ALA L 37 2.32 48.78 -22.80
CA ALA L 37 3.35 48.68 -21.76
C ALA L 37 3.39 49.93 -20.89
N HIS L 38 2.21 50.41 -20.49
CA HIS L 38 2.08 51.59 -19.65
C HIS L 38 1.94 51.19 -18.19
N ASN L 39 2.65 51.89 -17.31
CA ASN L 39 2.63 51.60 -15.89
C ASN L 39 1.59 52.46 -15.19
N PHE L 40 0.81 51.83 -14.32
CA PHE L 40 -0.21 52.53 -13.54
C PHE L 40 -0.41 51.79 -12.22
N SER L 41 -1.47 52.16 -11.50
CA SER L 41 -1.76 51.54 -10.22
C SER L 41 -3.27 51.34 -10.08
N LEU L 42 -3.64 50.39 -9.22
CA LEU L 42 -5.02 50.09 -8.91
C LEU L 42 -5.19 49.97 -7.40
N ASN L 43 -6.41 50.21 -6.93
CA ASN L 43 -6.71 50.23 -5.50
C ASN L 43 -7.87 49.30 -5.18
N LYS L 44 -7.93 48.15 -5.86
CA LYS L 44 -8.92 47.10 -5.67
C LYS L 44 -10.35 47.56 -5.91
N SER L 45 -10.54 48.76 -6.45
CA SER L 45 -11.86 49.27 -6.78
C SER L 45 -12.03 49.58 -8.26
N ASP L 46 -10.98 50.03 -8.94
CA ASP L 46 -11.07 50.28 -10.36
C ASP L 46 -11.19 48.97 -11.12
N PRO L 47 -11.87 48.98 -12.27
CA PRO L 47 -11.97 47.75 -13.07
C PRO L 47 -10.62 47.39 -13.69
N VAL L 48 -10.51 46.14 -14.13
CA VAL L 48 -9.28 45.65 -14.73
C VAL L 48 -9.21 46.14 -16.16
N ARG L 49 -8.58 47.31 -16.34
CA ARG L 49 -8.51 47.97 -17.63
C ARG L 49 -7.22 48.80 -17.68
N CYS L 50 -6.77 49.09 -18.89
CA CYS L 50 -5.67 50.04 -19.04
C CYS L 50 -6.20 51.46 -18.86
N LYS L 51 -5.27 52.37 -18.55
CA LYS L 51 -5.68 53.74 -18.25
C LYS L 51 -6.05 54.51 -19.52
N GLU L 52 -5.42 54.21 -20.65
CA GLU L 52 -5.71 54.95 -21.88
C GLU L 52 -6.22 54.08 -23.02
N CYS L 53 -5.63 52.90 -23.23
CA CYS L 53 -6.04 52.07 -24.35
C CYS L 53 -7.11 51.06 -23.99
N GLY L 54 -7.47 50.94 -22.71
CA GLY L 54 -8.55 50.07 -22.31
C GLY L 54 -8.31 48.60 -22.49
N HIS L 55 -7.06 48.16 -22.51
CA HIS L 55 -6.75 46.75 -22.65
C HIS L 55 -7.11 46.00 -21.37
N ARG L 56 -7.65 44.79 -21.53
CA ARG L 56 -8.08 43.98 -20.40
C ARG L 56 -6.99 43.05 -19.89
N VAL L 57 -5.83 43.03 -20.53
CA VAL L 57 -4.73 42.16 -20.14
C VAL L 57 -3.65 43.03 -19.50
N ILE L 58 -3.44 42.84 -18.20
CA ILE L 58 -2.42 43.58 -17.46
C ILE L 58 -1.60 42.58 -16.66
N TYR L 59 -0.40 43.01 -16.28
CA TYR L 59 0.55 42.18 -15.55
C TYR L 59 1.08 42.92 -14.33
N LYS L 60 1.37 42.17 -13.28
CA LYS L 60 1.98 42.75 -12.10
C LYS L 60 3.43 43.13 -12.40
N ALA L 61 3.84 44.31 -11.93
CA ALA L 61 5.20 44.76 -12.17
C ALA L 61 6.19 43.98 -11.31
N ARG L 62 7.44 43.95 -11.77
CA ARG L 62 8.49 43.27 -11.03
C ARG L 62 8.75 43.98 -9.71
N THR L 63 8.90 43.19 -8.65
CA THR L 63 9.15 43.75 -7.33
C THR L 63 10.52 44.42 -7.28
N LYS L 64 10.64 45.44 -6.43
CA LYS L 64 11.88 46.18 -6.28
C LYS L 64 12.89 45.48 -5.38
N ARG L 65 12.50 44.37 -4.75
CA ARG L 65 13.40 43.68 -3.83
C ARG L 65 14.50 42.95 -4.61
N MET L 66 15.74 43.13 -4.16
CA MET L 66 16.87 42.43 -4.74
C MET L 66 16.81 40.95 -4.39
N ILE L 67 17.16 40.10 -5.35
CA ILE L 67 17.13 38.66 -5.18
C ILE L 67 18.53 38.10 -5.43
N GLN L 68 18.97 37.19 -4.58
CA GLN L 68 20.29 36.59 -4.69
C GLN L 68 20.27 35.38 -5.61
N PHE L 69 21.44 35.06 -6.16
CA PHE L 69 21.59 33.90 -7.03
C PHE L 69 22.97 33.31 -6.82
N ASP L 70 23.03 31.96 -6.83
CA ASP L 70 24.30 31.29 -6.58
C ASP L 70 25.25 31.38 -7.77
N ALA L 71 24.72 31.58 -8.98
CA ALA L 71 25.51 31.69 -10.21
C ALA L 71 26.40 30.46 -10.42
N ARG L 72 25.87 29.29 -10.09
CA ARG L 72 26.62 28.04 -10.22
C ARG L 72 25.93 27.10 -11.19
N GLY P 2 -24.21 29.88 25.75
CA GLY P 2 -22.91 30.53 25.60
C GLY P 2 -22.17 30.70 26.90
N VAL P 3 -20.92 30.26 26.92
CA VAL P 3 -20.09 30.37 28.12
C VAL P 3 -19.79 31.84 28.38
N PRO P 4 -19.86 32.31 29.62
CA PRO P 4 -19.54 33.70 29.93
C PRO P 4 -18.03 33.90 30.02
N ALA P 5 -17.61 35.16 29.98
CA ALA P 5 -16.21 35.49 30.19
C ALA P 5 -15.86 35.33 31.66
N LEU P 6 -14.55 35.42 31.95
CA LEU P 6 -13.93 35.15 33.24
C LEU P 6 -13.99 33.67 33.59
N PHE P 7 -14.68 32.87 32.78
CA PHE P 7 -14.78 31.42 32.97
C PHE P 7 -14.33 30.67 31.72
N ARG P 8 -14.68 31.17 30.53
CA ARG P 8 -14.10 30.66 29.30
C ARG P 8 -12.58 30.82 29.28
N TRP P 9 -12.06 31.91 29.84
CA TRP P 9 -10.62 32.12 29.87
C TRP P 9 -9.93 31.08 30.73
N LEU P 10 -10.50 30.74 31.89
CA LEU P 10 -9.90 29.70 32.71
C LEU P 10 -10.14 28.32 32.11
N SER P 11 -11.16 28.16 31.27
CA SER P 11 -11.27 26.95 30.47
C SER P 11 -10.15 26.86 29.45
N ARG P 12 -9.77 28.01 28.86
CA ARG P 12 -8.72 28.00 27.85
C ARG P 12 -7.34 27.80 28.47
N LYS P 13 -7.05 28.54 29.54
CA LYS P 13 -5.72 28.54 30.15
C LYS P 13 -5.52 27.41 31.15
N TYR P 14 -6.59 27.03 31.86
CA TYR P 14 -6.53 25.94 32.83
C TYR P 14 -7.67 24.95 32.52
N PRO P 15 -7.58 24.24 31.38
CA PRO P 15 -8.67 23.33 31.01
C PRO P 15 -8.76 22.09 31.88
N LYS P 16 -7.76 21.85 32.70
CA LYS P 16 -7.60 20.60 33.42
C LYS P 16 -8.19 20.64 34.83
N ILE P 17 -8.63 21.80 35.30
CA ILE P 17 -9.25 21.87 36.61
C ILE P 17 -10.74 21.54 36.55
N ILE P 18 -11.37 21.77 35.41
CA ILE P 18 -12.81 21.56 35.28
C ILE P 18 -13.09 20.08 35.08
N SER P 19 -13.96 19.54 35.92
CA SER P 19 -14.33 18.13 35.87
C SER P 19 -15.83 17.98 35.90
N PRO P 20 -16.37 16.93 35.29
CA PRO P 20 -17.83 16.71 35.34
C PRO P 20 -18.26 16.13 36.67
N VAL P 21 -19.53 15.78 36.79
CA VAL P 21 -20.07 15.24 38.03
C VAL P 21 -20.72 13.90 37.75
N ILE P 22 -20.68 13.02 38.75
CA ILE P 22 -21.38 11.74 38.70
C ILE P 22 -22.78 12.00 39.27
N GLN P 23 -23.76 12.14 38.38
CA GLN P 23 -25.07 12.67 38.75
C GLN P 23 -25.80 11.81 39.77
N ASP P 24 -26.23 10.63 39.37
CA ASP P 24 -27.07 9.75 40.20
C ASP P 24 -27.16 8.39 39.50
N GLU P 25 -27.98 7.52 40.05
CA GLU P 25 -28.34 6.25 39.43
C GLU P 25 -29.83 6.11 39.18
N ASP P 26 -30.67 6.77 39.97
CA ASP P 26 -32.12 6.89 39.76
C ASP P 26 -32.75 5.50 39.85
N VAL P 27 -33.47 5.03 38.84
CA VAL P 27 -34.28 3.81 38.93
C VAL P 27 -33.55 2.68 38.22
N ASP P 28 -33.42 1.55 38.91
CA ASP P 28 -32.79 0.35 38.38
C ASP P 28 -33.79 -0.78 38.14
N ILE P 29 -34.55 -1.15 39.16
CA ILE P 29 -35.54 -2.21 39.04
C ILE P 29 -36.86 -1.60 38.56
N ASP P 30 -37.72 -2.43 37.98
CA ASP P 30 -38.99 -1.96 37.46
C ASP P 30 -39.87 -1.43 38.58
N GLY P 31 -40.73 -0.47 38.24
CA GLY P 31 -41.51 0.19 39.26
C GLY P 31 -40.64 1.11 40.10
N GLU P 32 -40.98 1.23 41.38
CA GLU P 32 -40.16 2.02 42.29
C GLU P 32 -38.82 1.34 42.51
N SER P 33 -37.80 2.15 42.82
CA SER P 33 -36.46 1.62 42.99
C SER P 33 -35.79 2.18 44.24
N ARG P 34 -34.51 1.86 44.42
CA ARG P 34 -33.79 2.31 45.61
C ARG P 34 -33.55 3.82 45.56
N PRO P 35 -33.53 4.48 46.71
CA PRO P 35 -33.29 5.93 46.76
C PRO P 35 -31.83 6.34 46.86
N THR P 36 -30.88 5.43 46.67
CA THR P 36 -29.43 5.72 46.74
C THR P 36 -29.08 6.32 48.10
N ARG P 37 -29.18 5.46 49.11
CA ARG P 37 -29.00 5.85 50.50
C ARG P 37 -27.69 6.63 50.71
N TYR P 38 -27.70 7.47 51.75
CA TYR P 38 -26.64 8.47 51.94
C TYR P 38 -25.29 7.83 52.27
N GLU P 39 -25.30 6.68 52.94
CA GLU P 39 -24.07 6.12 53.50
C GLU P 39 -23.13 5.55 52.45
N ASP P 40 -23.54 5.44 51.19
CA ASP P 40 -22.63 4.97 50.16
C ASP P 40 -21.52 5.98 49.95
N PRO P 41 -20.29 5.52 49.67
CA PRO P 41 -19.20 6.46 49.41
C PRO P 41 -19.49 7.33 48.19
N ASN P 42 -19.07 8.59 48.28
CA ASN P 42 -19.31 9.53 47.20
C ASN P 42 -18.38 9.25 46.04
N PRO P 43 -18.89 8.99 44.83
CA PRO P 43 -18.00 8.80 43.67
C PRO P 43 -17.21 10.05 43.31
N ASN P 44 -17.62 11.23 43.77
CA ASN P 44 -16.91 12.47 43.52
C ASN P 44 -15.84 12.77 44.55
N GLY P 45 -15.63 11.88 45.51
CA GLY P 45 -14.68 12.10 46.58
C GLY P 45 -15.36 12.53 47.86
N GLU P 46 -14.77 12.14 48.99
CA GLU P 46 -15.35 12.45 50.28
C GLU P 46 -15.27 13.95 50.56
N LEU P 47 -16.34 14.49 51.13
CA LEU P 47 -16.44 15.92 51.42
C LEU P 47 -16.94 16.11 52.84
N ASP P 48 -16.35 17.06 53.55
CA ASP P 48 -16.69 17.32 54.96
C ASP P 48 -17.61 18.52 55.10
N ASN P 49 -17.19 19.69 54.64
CA ASN P 49 -17.94 20.93 54.79
C ASN P 49 -18.50 21.34 53.45
N LEU P 50 -19.79 21.66 53.43
CA LEU P 50 -20.46 22.18 52.23
C LEU P 50 -21.12 23.51 52.60
N TYR P 51 -20.71 24.57 51.92
CA TYR P 51 -21.28 25.90 52.13
C TYR P 51 -22.16 26.26 50.94
N LEU P 52 -23.43 26.54 51.20
CA LEU P 52 -24.41 26.81 50.16
C LEU P 52 -24.71 28.30 50.10
N ASP P 53 -24.55 28.89 48.92
CA ASP P 53 -25.02 30.25 48.65
C ASP P 53 -26.49 30.14 48.30
N MET P 54 -27.34 30.22 49.34
CA MET P 54 -28.75 29.87 49.17
C MET P 54 -29.48 30.84 48.26
N ASN P 55 -29.03 32.09 48.17
CA ASN P 55 -29.70 33.06 47.31
C ASN P 55 -29.57 32.66 45.85
N GLY P 56 -28.41 32.17 45.45
CA GLY P 56 -28.23 31.69 44.09
C GLY P 56 -28.97 30.41 43.80
N ILE P 57 -29.46 29.74 44.84
CA ILE P 57 -30.36 28.60 44.65
C ILE P 57 -31.82 29.03 44.57
N VAL P 58 -32.21 30.07 45.31
CA VAL P 58 -33.61 30.46 45.42
C VAL P 58 -34.02 31.41 44.31
N HIS P 59 -33.07 32.16 43.73
CA HIS P 59 -33.44 33.18 42.75
C HIS P 59 -33.77 32.58 41.38
N PRO P 60 -32.89 31.76 40.76
CA PRO P 60 -33.28 31.14 39.49
C PRO P 60 -34.46 30.19 39.64
N CYS P 61 -34.57 29.49 40.77
CA CYS P 61 -35.81 28.79 41.06
C CYS P 61 -36.74 29.72 41.81
N SER P 62 -36.87 30.96 41.33
CA SER P 62 -37.97 31.85 41.63
C SER P 62 -38.47 32.40 40.31
N HIS P 63 -37.56 32.65 39.38
CA HIS P 63 -37.92 32.95 37.99
C HIS P 63 -36.96 32.24 37.04
N PRO P 64 -37.25 30.99 36.69
CA PRO P 64 -36.43 30.29 35.70
C PRO P 64 -36.48 30.98 34.35
N GLU P 65 -35.34 30.98 33.65
CA GLU P 65 -35.28 31.63 32.35
C GLU P 65 -35.97 30.79 31.28
N HIS P 66 -35.70 29.49 31.28
CA HIS P 66 -36.20 28.59 30.23
C HIS P 66 -37.26 27.64 30.76
N LYS P 67 -37.03 27.02 31.92
CA LYS P 67 -38.03 26.18 32.54
C LYS P 67 -39.29 27.01 32.81
N PRO P 68 -40.48 26.51 32.47
CA PRO P 68 -41.70 27.31 32.69
C PRO P 68 -41.88 27.71 34.15
N VAL P 69 -42.33 28.94 34.34
CA VAL P 69 -42.28 29.59 35.66
C VAL P 69 -43.26 28.91 36.61
N PRO P 70 -42.82 28.49 37.79
CA PRO P 70 -43.76 27.96 38.78
C PRO P 70 -44.72 29.04 39.25
N GLU P 71 -45.93 28.64 39.60
CA GLU P 71 -46.97 29.53 40.07
C GLU P 71 -47.03 29.51 41.60
N THR P 72 -47.65 30.56 42.15
CA THR P 72 -47.86 30.73 43.59
C THR P 72 -46.48 30.79 44.26
N GLU P 73 -46.41 30.65 45.59
CA GLU P 73 -45.15 30.63 46.30
C GLU P 73 -44.88 29.32 47.02
N ASP P 74 -45.92 28.55 47.35
CA ASP P 74 -45.72 27.24 47.97
C ASP P 74 -44.96 26.32 47.03
N GLU P 75 -45.33 26.32 45.74
CA GLU P 75 -44.60 25.55 44.75
C GLU P 75 -43.16 26.04 44.61
N MET P 76 -42.94 27.36 44.74
CA MET P 76 -41.58 27.89 44.71
C MET P 76 -40.75 27.33 45.86
N MET P 77 -41.33 27.32 47.08
CA MET P 77 -40.60 26.79 48.23
C MET P 77 -40.33 25.31 48.08
N LEU P 78 -41.30 24.55 47.56
CA LEU P 78 -41.09 23.12 47.34
C LEU P 78 -40.01 22.88 46.30
N ASP P 79 -39.97 23.71 45.25
CA ASP P 79 -38.93 23.58 44.23
C ASP P 79 -37.56 23.89 44.82
N VAL P 80 -37.47 24.90 45.68
CA VAL P 80 -36.22 25.21 46.36
C VAL P 80 -35.79 24.03 47.23
N PHE P 81 -36.74 23.42 47.94
CA PHE P 81 -36.43 22.25 48.75
C PHE P 81 -35.86 21.12 47.89
N ALA P 82 -36.52 20.84 46.76
CA ALA P 82 -36.08 19.76 45.89
C ALA P 82 -34.69 20.03 45.32
N TYR P 83 -34.43 21.27 44.89
CA TYR P 83 -33.12 21.59 44.32
C TYR P 83 -32.03 21.51 45.38
N THR P 84 -32.30 22.00 46.59
CA THR P 84 -31.32 21.91 47.66
C THR P 84 -31.03 20.46 48.02
N GLU P 85 -32.08 19.64 48.07
CA GLU P 85 -31.88 18.22 48.36
C GLU P 85 -31.04 17.55 47.28
N ASN P 86 -31.30 17.87 46.01
CA ASN P 86 -30.51 17.30 44.92
C ASN P 86 -29.06 17.73 45.02
N VAL P 87 -28.81 19.02 45.30
CA VAL P 87 -27.44 19.50 45.40
C VAL P 87 -26.71 18.85 46.56
N ILE P 88 -27.38 18.71 47.71
CA ILE P 88 -26.76 18.08 48.87
C ILE P 88 -26.46 16.61 48.59
N MET P 89 -27.40 15.90 47.97
CA MET P 89 -27.17 14.50 47.64
C MET P 89 -26.04 14.35 46.62
N MET P 90 -25.87 15.34 45.74
CA MET P 90 -24.77 15.29 44.78
C MET P 90 -23.43 15.52 45.46
N ALA P 91 -23.34 16.53 46.32
CA ALA P 91 -22.08 16.83 47.00
C ALA P 91 -21.82 15.85 48.14
N ARG P 92 -22.87 15.44 48.85
CA ARG P 92 -22.82 14.52 49.99
C ARG P 92 -21.85 14.99 51.07
N PRO P 93 -22.11 16.13 51.73
CA PRO P 93 -21.29 16.49 52.89
C PRO P 93 -21.59 15.60 54.07
N ARG P 94 -20.59 15.44 54.94
CA ARG P 94 -20.72 14.56 56.09
C ARG P 94 -20.47 15.25 57.42
N LYS P 95 -20.06 16.53 57.42
CA LYS P 95 -19.83 17.25 58.67
C LYS P 95 -20.77 18.43 58.83
N VAL P 96 -20.80 19.38 57.89
CA VAL P 96 -21.53 20.63 58.06
C VAL P 96 -22.13 21.05 56.73
N ILE P 97 -23.41 21.45 56.78
CA ILE P 97 -24.03 22.24 55.70
C ILE P 97 -24.26 23.64 56.23
N TYR P 98 -23.70 24.63 55.54
CA TYR P 98 -23.86 26.04 55.89
C TYR P 98 -24.84 26.66 54.92
N ILE P 99 -26.05 26.94 55.39
CA ILE P 99 -27.08 27.57 54.58
C ILE P 99 -26.97 29.07 54.83
N ALA P 100 -26.37 29.78 53.86
CA ALA P 100 -26.12 31.22 53.98
C ALA P 100 -27.01 31.96 53.00
N VAL P 101 -27.80 32.89 53.51
CA VAL P 101 -28.69 33.73 52.70
C VAL P 101 -28.17 35.16 52.78
N ASP P 102 -28.11 35.82 51.63
CA ASP P 102 -27.58 37.18 51.57
C ASP P 102 -28.42 38.12 52.43
N GLY P 103 -27.79 38.71 53.44
CA GLY P 103 -28.44 39.63 54.35
C GLY P 103 -28.33 41.07 53.90
N VAL P 104 -28.29 41.98 54.87
CA VAL P 104 -28.23 43.41 54.58
C VAL P 104 -26.85 43.73 54.01
N ALA P 105 -26.82 44.20 52.76
CA ALA P 105 -25.56 44.48 52.10
C ALA P 105 -24.94 45.76 52.66
N PRO P 106 -23.61 45.88 52.61
CA PRO P 106 -22.96 47.14 53.01
C PRO P 106 -23.27 48.26 52.03
N ARG P 107 -22.83 49.46 52.41
CA ARG P 107 -23.13 50.63 51.59
C ARG P 107 -22.40 50.60 50.26
N ALA P 108 -21.24 49.94 50.20
CA ALA P 108 -20.47 49.92 48.96
C ALA P 108 -21.25 49.24 47.84
N LYS P 109 -21.92 48.14 48.14
CA LYS P 109 -22.72 47.44 47.14
C LYS P 109 -24.12 48.02 47.00
N MET P 110 -24.50 48.97 47.85
CA MET P 110 -25.89 49.44 47.90
C MET P 110 -26.30 50.13 46.60
N ASN P 111 -25.41 50.91 45.99
CA ASN P 111 -25.75 51.58 44.75
C ASN P 111 -25.99 50.56 43.63
N GLN P 112 -25.20 49.51 43.57
CA GLN P 112 -25.40 48.50 42.55
C GLN P 112 -26.69 47.77 42.82
N GLN P 113 -26.95 47.46 44.09
CA GLN P 113 -28.20 46.80 44.42
C GLN P 113 -29.39 47.64 43.99
N ARG P 114 -29.34 48.96 44.25
CA ARG P 114 -30.43 49.84 43.87
C ARG P 114 -30.60 49.87 42.34
N SER P 115 -29.49 49.93 41.61
CA SER P 115 -29.57 49.91 40.15
C SER P 115 -30.17 48.62 39.64
N ARG P 116 -29.73 47.49 40.19
CA ARG P 116 -30.26 46.19 39.75
C ARG P 116 -31.74 46.07 40.05
N ARG P 117 -32.17 46.50 41.24
CA ARG P 117 -33.58 46.44 41.58
C ARG P 117 -34.42 47.36 40.71
N PHE P 118 -33.91 48.57 40.43
CA PHE P 118 -34.64 49.49 39.55
C PHE P 118 -34.79 48.92 38.16
N ARG P 119 -33.73 48.33 37.61
CA ARG P 119 -33.83 47.76 36.26
C ARG P 119 -34.77 46.56 36.27
N SER P 120 -34.72 45.74 37.33
CA SER P 120 -35.62 44.60 37.41
C SER P 120 -37.08 45.05 37.46
N ALA P 121 -37.38 46.07 38.27
CA ALA P 121 -38.73 46.58 38.31
C ALA P 121 -39.14 47.17 36.96
N GLN P 122 -38.25 47.92 36.32
CA GLN P 122 -38.59 48.58 35.07
C GLN P 122 -38.86 47.59 33.95
N ASP P 123 -37.97 46.62 33.75
CA ASP P 123 -38.18 45.69 32.65
C ASP P 123 -39.27 44.67 32.98
N ALA P 124 -39.49 44.36 34.26
CA ALA P 124 -40.66 43.55 34.60
C ALA P 124 -41.95 44.28 34.29
N LYS P 125 -42.00 45.58 34.60
CA LYS P 125 -43.19 46.37 34.27
C LYS P 125 -43.41 46.44 32.77
N ASP P 126 -42.33 46.68 32.01
CA ASP P 126 -42.46 46.72 30.55
C ASP P 126 -42.88 45.37 30.00
N ALA P 127 -42.32 44.28 30.53
CA ALA P 127 -42.66 42.96 30.05
C ALA P 127 -44.11 42.61 30.33
N ASN P 128 -44.62 42.92 31.52
CA ASN P 128 -46.01 42.60 31.81
C ASN P 128 -46.96 43.54 31.09
N GLU P 129 -46.55 44.78 30.84
CA GLU P 129 -47.37 45.67 30.02
C GLU P 129 -47.49 45.15 28.58
N LYS P 130 -46.37 44.73 28.00
CA LYS P 130 -46.41 44.13 26.66
C LYS P 130 -47.20 42.83 26.66
N LYS P 131 -47.08 42.05 27.74
CA LYS P 131 -47.85 40.82 27.86
C LYS P 131 -49.35 41.09 27.91
N ALA P 132 -49.77 42.10 28.68
CA ALA P 132 -51.18 42.47 28.73
C ALA P 132 -51.65 43.02 27.39
N ALA P 133 -50.81 43.78 26.70
CA ALA P 133 -51.15 44.26 25.37
C ALA P 133 -51.38 43.11 24.40
N GLU P 134 -50.50 42.10 24.45
CA GLU P 134 -50.68 40.92 23.60
C GLU P 134 -51.92 40.14 24.00
N LEU P 135 -52.20 40.06 25.31
CA LEU P 135 -53.41 39.39 25.78
C LEU P 135 -54.66 40.05 25.20
N LYS P 136 -54.71 41.38 25.26
CA LYS P 136 -55.84 42.10 24.69
C LYS P 136 -55.89 41.94 23.17
N GLU P 137 -54.73 41.94 22.51
CA GLU P 137 -54.68 41.83 21.05
C GLU P 137 -55.25 40.49 20.59
N MET P 138 -54.88 39.40 21.26
CA MET P 138 -55.45 38.11 20.88
C MET P 138 -56.82 37.86 21.51
N GLU P 139 -57.23 38.66 22.50
CA GLU P 139 -58.63 38.68 22.89
C GLU P 139 -59.49 39.26 21.78
N LYS P 140 -58.99 40.29 21.10
CA LYS P 140 -59.66 40.78 19.90
C LYS P 140 -59.69 39.71 18.81
N LYS P 141 -58.69 38.83 18.79
CA LYS P 141 -58.64 37.72 17.84
C LYS P 141 -59.47 36.52 18.29
N GLY P 142 -59.95 36.51 19.53
CA GLY P 142 -60.79 35.44 20.02
C GLY P 142 -60.11 34.39 20.89
N GLU P 143 -58.84 34.60 21.25
CA GLU P 143 -58.15 33.65 22.11
C GLU P 143 -58.70 33.68 23.54
N ILE P 144 -58.69 32.53 24.19
CA ILE P 144 -59.23 32.36 25.53
C ILE P 144 -58.07 32.39 26.53
N ILE P 145 -58.19 33.23 27.55
CA ILE P 145 -57.17 33.39 28.58
C ILE P 145 -57.79 33.05 29.93
N ASP P 146 -57.10 32.22 30.70
CA ASP P 146 -57.59 31.79 32.01
C ASP P 146 -57.33 32.88 33.05
N ASP P 147 -58.03 32.75 34.19
CA ASP P 147 -57.88 33.70 35.28
C ASP P 147 -56.53 33.59 35.98
N ALA P 148 -55.87 32.43 35.87
CA ALA P 148 -54.55 32.27 36.48
C ALA P 148 -53.47 33.04 35.73
N ILE P 149 -53.78 33.59 34.56
CA ILE P 149 -52.81 34.34 33.77
C ILE P 149 -53.11 35.84 33.78
N LYS P 150 -54.36 36.25 33.96
CA LYS P 150 -54.71 37.67 33.96
C LYS P 150 -54.37 38.32 35.29
N ASN P 151 -55.01 37.85 36.38
CA ASN P 151 -54.81 38.48 37.69
C ASN P 151 -53.39 38.24 38.22
N LYS P 152 -52.82 37.08 37.95
CA LYS P 152 -51.48 36.76 38.42
C LYS P 152 -50.46 37.40 37.49
N LYS P 153 -49.81 38.47 37.94
CA LYS P 153 -48.77 39.12 37.16
C LYS P 153 -47.45 38.38 37.34
N THR P 154 -46.41 38.90 36.70
CA THR P 154 -45.08 38.34 36.87
C THR P 154 -44.60 38.54 38.29
N TRP P 155 -43.98 37.51 38.86
CA TRP P 155 -43.48 37.61 40.23
C TRP P 155 -42.37 38.64 40.31
N ASP P 156 -42.41 39.49 41.33
CA ASP P 156 -41.42 40.54 41.50
C ASP P 156 -40.13 39.94 42.02
N SER P 157 -39.08 40.00 41.21
CA SER P 157 -37.76 39.55 41.65
C SER P 157 -37.19 40.46 42.74
N ASN P 158 -37.76 41.66 42.92
CA ASN P 158 -37.35 42.54 44.00
C ASN P 158 -37.72 41.96 45.37
N ALA P 159 -38.59 40.95 45.40
CA ALA P 159 -38.95 40.30 46.67
C ALA P 159 -37.79 39.50 47.25
N ILE P 160 -36.72 39.30 46.50
CA ILE P 160 -35.51 38.64 47.04
C ILE P 160 -34.68 39.76 47.67
N THR P 161 -35.03 40.11 48.90
CA THR P 161 -34.43 41.21 49.63
C THR P 161 -34.75 41.06 51.11
N PRO P 162 -33.78 41.22 52.00
CA PRO P 162 -34.06 41.07 53.44
C PRO P 162 -35.08 42.09 53.92
N GLY P 163 -35.93 41.65 54.85
CA GLY P 163 -36.96 42.46 55.42
C GLY P 163 -38.35 42.23 54.87
N THR P 164 -38.45 41.62 53.69
CA THR P 164 -39.75 41.32 53.11
C THR P 164 -40.36 40.09 53.78
N PRO P 165 -41.69 39.97 53.76
CA PRO P 165 -42.31 38.75 54.30
C PRO P 165 -41.88 37.48 53.60
N PHE P 166 -41.54 37.56 52.32
CA PHE P 166 -41.09 36.37 51.60
C PHE P 166 -39.81 35.82 52.19
N MET P 167 -38.90 36.70 52.61
CA MET P 167 -37.66 36.24 53.25
C MET P 167 -37.96 35.58 54.59
N HIS P 168 -38.93 36.10 55.35
CA HIS P 168 -39.32 35.45 56.60
C HIS P 168 -39.89 34.07 56.35
N ARG P 169 -40.75 33.94 55.33
CA ARG P 169 -41.31 32.64 54.99
C ARG P 169 -40.22 31.68 54.53
N LEU P 170 -39.27 32.17 53.74
CA LEU P 170 -38.17 31.33 53.28
C LEU P 170 -37.31 30.86 54.44
N ALA P 171 -37.04 31.75 55.40
CA ALA P 171 -36.25 31.36 56.57
C ALA P 171 -36.97 30.30 57.39
N ASP P 172 -38.27 30.48 57.61
CA ASP P 172 -39.04 29.49 58.36
C ASP P 172 -39.08 28.15 57.63
N SER P 173 -39.27 28.18 56.31
CA SER P 173 -39.29 26.96 55.53
C SER P 173 -37.95 26.26 55.56
N LEU P 174 -36.85 27.02 55.47
CA LEU P 174 -35.53 26.43 55.53
C LEU P 174 -35.26 25.78 56.88
N ARG P 175 -35.69 26.45 57.96
CA ARG P 175 -35.53 25.87 59.30
C ARG P 175 -36.32 24.57 59.40
N TYR P 176 -37.57 24.56 58.92
CA TYR P 176 -38.36 23.34 58.97
C TYR P 176 -37.74 22.23 58.15
N TRP P 177 -37.25 22.55 56.96
CA TRP P 177 -36.66 21.54 56.10
C TRP P 177 -35.39 20.97 56.70
N ALA P 178 -34.55 21.82 57.29
CA ALA P 178 -33.35 21.33 57.95
C ALA P 178 -33.70 20.42 59.12
N ALA P 179 -34.68 20.82 59.94
CA ALA P 179 -35.08 19.99 61.06
C ALA P 179 -35.63 18.65 60.59
N TYR P 180 -36.47 18.66 59.55
CA TYR P 180 -37.04 17.43 59.03
C TYR P 180 -35.96 16.51 58.50
N LYS P 181 -35.04 17.05 57.69
CA LYS P 181 -33.98 16.23 57.12
C LYS P 181 -33.08 15.66 58.20
N LEU P 182 -32.80 16.44 59.25
CA LEU P 182 -31.99 15.93 60.33
C LEU P 182 -32.71 14.84 61.12
N THR P 183 -34.03 14.96 61.26
CA THR P 183 -34.77 14.01 62.09
C THR P 183 -35.27 12.78 61.32
N THR P 184 -35.18 12.75 59.99
CA THR P 184 -35.65 11.59 59.25
C THR P 184 -34.57 10.85 58.46
N ASP P 185 -33.42 11.47 58.23
CA ASP P 185 -32.40 10.84 57.40
C ASP P 185 -31.34 10.20 58.27
N PRO P 186 -31.17 8.87 58.22
CA PRO P 186 -30.14 8.23 59.04
C PRO P 186 -28.73 8.67 58.71
N GLY P 187 -28.48 9.16 57.49
CA GLY P 187 -27.15 9.63 57.13
C GLY P 187 -26.81 11.02 57.60
N TRP P 188 -27.76 11.72 58.21
CA TRP P 188 -27.55 13.07 58.71
C TRP P 188 -27.34 13.10 60.22
N SER P 189 -27.10 11.95 60.85
CA SER P 189 -26.99 11.90 62.30
C SER P 189 -25.81 12.71 62.81
N GLY P 190 -24.66 12.60 62.13
CA GLY P 190 -23.47 13.29 62.59
C GLY P 190 -23.20 14.59 61.87
N ILE P 191 -24.25 15.37 61.62
CA ILE P 191 -24.14 16.61 60.86
C ILE P 191 -24.86 17.72 61.62
N GLU P 192 -24.21 18.88 61.74
CA GLU P 192 -24.79 20.08 62.31
C GLU P 192 -25.06 21.06 61.19
N VAL P 193 -26.28 21.61 61.15
CA VAL P 193 -26.70 22.48 60.05
C VAL P 193 -26.76 23.91 60.56
N ILE P 194 -26.01 24.80 59.93
CA ILE P 194 -25.95 26.21 60.31
C ILE P 194 -26.76 27.01 59.30
N ILE P 195 -27.74 27.76 59.80
CA ILE P 195 -28.59 28.61 58.97
C ILE P 195 -28.30 30.06 59.33
N SER P 196 -27.96 30.86 58.32
CA SER P 196 -27.77 32.30 58.44
C SER P 196 -28.70 32.95 57.42
N ASP P 197 -29.93 33.21 57.84
CA ASP P 197 -30.96 33.72 56.94
C ASP P 197 -30.73 35.20 56.65
N ALA P 198 -31.68 35.83 55.96
CA ALA P 198 -31.55 37.22 55.57
C ALA P 198 -31.57 38.19 56.75
N SER P 199 -31.98 37.72 57.94
CA SER P 199 -31.97 38.59 59.11
C SER P 199 -30.54 38.91 59.55
N VAL P 200 -29.64 37.95 59.44
CA VAL P 200 -28.25 38.16 59.85
C VAL P 200 -27.56 39.10 58.86
N PRO P 201 -26.96 40.19 59.32
CA PRO P 201 -26.25 41.09 58.39
C PRO P 201 -25.06 40.39 57.76
N GLY P 202 -24.73 40.81 56.54
CA GLY P 202 -23.67 40.24 55.74
C GLY P 202 -24.17 39.97 54.34
N GLN P 203 -23.34 39.28 53.55
CA GLN P 203 -23.75 38.95 52.19
C GLN P 203 -23.09 37.62 51.80
N GLY P 204 -23.80 36.53 52.05
CA GLY P 204 -23.53 35.26 51.38
C GLY P 204 -22.11 34.76 51.48
N GLN P 205 -21.40 34.89 50.35
CA GLN P 205 -20.00 34.50 50.28
C GLN P 205 -19.16 35.18 51.35
N HIS P 206 -19.51 36.42 51.72
CA HIS P 206 -18.79 37.07 52.82
C HIS P 206 -19.01 36.33 54.14
N LYS P 207 -20.25 35.88 54.38
CA LYS P 207 -20.51 35.08 55.59
C LYS P 207 -19.73 33.78 55.55
N ILE P 208 -19.66 33.13 54.39
CA ILE P 208 -18.92 31.88 54.26
C ILE P 208 -17.44 32.11 54.54
N MET P 209 -16.87 33.19 53.97
CA MET P 209 -15.47 33.50 54.20
C MET P 209 -15.21 33.80 55.67
N SER P 210 -16.11 34.54 56.32
CA SER P 210 -15.94 34.85 57.73
C SER P 210 -16.00 33.58 58.58
N TYR P 211 -16.91 32.66 58.25
CA TYR P 211 -16.99 31.41 58.99
C TYR P 211 -15.73 30.58 58.82
N VAL P 212 -15.21 30.50 57.59
CA VAL P 212 -13.98 29.76 57.36
C VAL P 212 -12.81 30.40 58.12
N ARG P 213 -12.75 31.73 58.12
CA ARG P 213 -11.71 32.43 58.87
C ARG P 213 -11.81 32.16 60.36
N SER P 214 -13.03 32.16 60.90
CA SER P 214 -13.21 31.86 62.32
C SER P 214 -12.81 30.42 62.63
N LEU P 215 -13.10 29.49 61.72
CA LEU P 215 -12.66 28.11 61.91
C LEU P 215 -11.15 28.02 61.93
N ARG P 216 -10.47 28.75 61.05
CA ARG P 216 -9.01 28.69 60.98
C ARG P 216 -8.35 29.34 62.20
N SER P 217 -9.08 30.12 62.98
CA SER P 217 -8.50 30.79 64.14
C SER P 217 -8.36 29.89 65.35
N SER P 218 -8.93 28.70 65.33
CA SER P 218 -8.78 27.78 66.44
C SER P 218 -7.51 26.96 66.28
N PRO P 219 -6.63 26.94 67.29
CA PRO P 219 -5.38 26.17 67.16
C PRO P 219 -5.60 24.68 67.00
N LYS P 220 -6.76 24.16 67.41
CA LYS P 220 -7.05 22.73 67.29
C LYS P 220 -7.74 22.37 65.98
N HIS P 221 -7.95 23.34 65.09
CA HIS P 221 -8.65 23.09 63.85
C HIS P 221 -7.85 22.13 62.96
N ASP P 222 -8.56 21.17 62.37
CA ASP P 222 -7.91 20.22 61.48
C ASP P 222 -7.61 20.88 60.14
N PRO P 223 -6.35 20.93 59.70
CA PRO P 223 -6.04 21.56 58.40
C PRO P 223 -6.34 20.66 57.21
N ASN P 224 -6.69 19.41 57.42
CA ASN P 224 -6.96 18.48 56.33
C ASN P 224 -8.43 18.43 55.94
N THR P 225 -9.27 19.27 56.52
CA THR P 225 -10.68 19.28 56.19
C THR P 225 -10.89 19.79 54.77
N THR P 226 -11.91 19.25 54.11
CA THR P 226 -12.23 19.58 52.73
C THR P 226 -13.49 20.42 52.67
N HIS P 227 -13.46 21.49 51.90
CA HIS P 227 -14.58 22.41 51.77
C HIS P 227 -15.09 22.45 50.35
N CYS P 228 -16.39 22.67 50.21
CA CYS P 228 -17.01 22.88 48.91
C CYS P 228 -17.97 24.07 49.00
N ILE P 229 -18.00 24.86 47.93
CA ILE P 229 -18.92 25.98 47.83
C ILE P 229 -19.78 25.81 46.58
N TYR P 230 -21.09 25.96 46.73
CA TYR P 230 -22.00 26.01 45.60
C TYR P 230 -22.42 27.45 45.36
N GLY P 231 -22.33 27.90 44.12
CA GLY P 231 -22.72 29.25 43.80
C GLY P 231 -22.61 29.58 42.32
N LEU P 232 -23.55 30.39 41.83
CA LEU P 232 -23.53 30.78 40.43
C LEU P 232 -22.49 31.86 40.12
N ASN P 233 -22.01 32.55 41.14
CA ASN P 233 -21.02 33.60 40.94
C ASN P 233 -19.66 32.99 40.63
N ALA P 234 -19.01 33.48 39.58
CA ALA P 234 -17.67 33.02 39.23
C ALA P 234 -16.60 33.56 40.17
N ASN P 235 -16.89 34.68 40.86
CA ASN P 235 -15.91 35.29 41.75
C ASN P 235 -15.49 34.35 42.88
N LEU P 236 -16.33 33.37 43.21
CA LEU P 236 -15.96 32.39 44.23
C LEU P 236 -14.67 31.66 43.88
N ILE P 237 -14.36 31.56 42.58
CA ILE P 237 -13.12 30.94 42.16
C ILE P 237 -11.92 31.67 42.75
N PHE P 238 -11.99 32.99 42.81
CA PHE P 238 -10.95 33.77 43.48
C PHE P 238 -11.14 33.83 44.98
N LEU P 239 -12.34 33.53 45.47
CA LEU P 239 -12.58 33.59 46.92
C LEU P 239 -11.96 32.42 47.66
N GLY P 240 -12.07 31.20 47.10
CA GLY P 240 -11.50 30.05 47.78
C GLY P 240 -10.00 30.15 47.93
N LEU P 241 -9.31 30.67 46.91
CA LEU P 241 -7.88 30.90 47.00
C LEU P 241 -7.53 31.91 48.08
N ALA P 242 -8.48 32.74 48.50
CA ALA P 242 -8.24 33.65 49.61
C ALA P 242 -8.25 32.91 50.95
N THR P 243 -8.99 31.80 51.03
CA THR P 243 -9.03 31.03 52.28
C THR P 243 -7.71 30.32 52.56
N HIS P 244 -6.89 30.10 51.54
CA HIS P 244 -5.62 29.38 51.67
C HIS P 244 -5.83 27.99 52.26
N GLU P 245 -6.94 27.35 51.88
CA GLU P 245 -7.19 25.96 52.23
C GLU P 245 -7.09 25.14 50.95
N PRO P 246 -6.02 24.36 50.77
CA PRO P 246 -5.84 23.64 49.50
C PRO P 246 -6.96 22.66 49.20
N HIS P 247 -7.51 21.98 50.20
CA HIS P 247 -8.59 21.01 49.99
C HIS P 247 -9.90 21.79 49.86
N PHE P 248 -10.17 22.24 48.64
CA PHE P 248 -11.27 23.16 48.40
C PHE P 248 -11.80 22.92 47.00
N LYS P 249 -13.12 23.01 46.83
CA LYS P 249 -13.71 22.84 45.51
C LYS P 249 -15.01 23.62 45.40
N ILE P 250 -15.44 23.83 44.16
CA ILE P 250 -16.66 24.57 43.86
C ILE P 250 -17.56 23.70 42.99
N LEU P 251 -18.82 23.58 43.41
CA LEU P 251 -19.84 22.90 42.62
C LEU P 251 -20.65 23.94 41.87
N ARG P 252 -20.72 23.82 40.56
CA ARG P 252 -21.40 24.81 39.74
C ARG P 252 -22.34 24.11 38.77
N GLU P 253 -23.33 24.86 38.29
CA GLU P 253 -24.16 24.35 37.20
C GLU P 253 -23.35 24.31 35.91
N ASP P 254 -23.48 23.23 35.16
CA ASP P 254 -22.70 23.06 33.94
C ASP P 254 -23.08 24.11 32.92
N VAL P 255 -22.08 24.59 32.17
CA VAL P 255 -22.25 25.64 31.20
C VAL P 255 -21.98 25.15 29.78
N PHE P 256 -20.96 24.32 29.60
CA PHE P 256 -20.63 23.78 28.28
C PHE P 256 -21.75 22.91 27.72
N ALA P 257 -22.05 21.81 28.41
CA ALA P 257 -23.02 20.84 27.89
C ALA P 257 -24.46 21.29 28.09
N GLN P 258 -24.71 22.34 28.87
CA GLN P 258 -26.06 22.86 29.05
C GLN P 258 -26.49 23.63 27.82
N ASP P 259 -27.06 22.93 26.84
CA ASP P 259 -27.52 23.56 25.60
C ASP P 259 -28.80 24.34 25.91
N LYS P 260 -28.60 25.54 26.45
CA LYS P 260 -29.72 26.39 26.86
C LYS P 260 -30.45 26.91 25.63
N LYS P 261 -31.69 26.46 25.45
CA LYS P 261 -32.51 26.86 24.31
C LYS P 261 -33.56 27.86 24.77
N SER P 262 -33.66 28.97 24.06
CA SER P 262 -34.60 30.02 24.42
C SER P 262 -36.03 29.53 24.24
N TYR P 263 -36.87 29.78 25.25
CA TYR P 263 -38.26 29.37 25.23
C TYR P 263 -39.16 30.57 25.46
N SER P 264 -40.29 30.60 24.77
CA SER P 264 -41.25 31.69 24.87
C SER P 264 -42.36 31.33 25.86
N LEU P 265 -43.34 32.24 25.96
CA LEU P 265 -44.45 32.02 26.89
C LEU P 265 -45.33 30.85 26.46
N GLN P 266 -45.36 30.55 25.17
CA GLN P 266 -46.09 29.37 24.70
C GLN P 266 -45.45 28.09 25.23
N ASP P 267 -44.11 28.08 25.32
CA ASP P 267 -43.39 26.96 25.92
C ASP P 267 -43.50 26.93 27.44
N GLN P 268 -44.27 27.83 28.04
CA GLN P 268 -44.48 27.87 29.48
C GLN P 268 -45.92 27.62 29.89
N LEU P 269 -46.89 28.14 29.14
CA LEU P 269 -48.29 28.08 29.58
C LEU P 269 -48.98 26.80 29.14
N ARG P 270 -49.05 26.55 27.83
CA ARG P 270 -49.88 25.47 27.29
C ARG P 270 -49.12 24.17 27.09
N MET P 271 -47.85 24.11 27.47
CA MET P 271 -47.10 22.86 27.34
C MET P 271 -47.55 21.84 28.39
N THR P 272 -47.42 20.56 28.03
CA THR P 272 -48.15 19.48 28.69
C THR P 272 -47.58 19.15 30.06
N ASP P 273 -48.37 18.43 30.84
CA ASP P 273 -47.96 18.04 32.19
C ASP P 273 -46.94 16.90 32.17
N ILE P 274 -47.03 16.01 31.18
CA ILE P 274 -46.00 14.97 31.03
C ILE P 274 -44.66 15.61 30.74
N GLU P 275 -44.65 16.60 29.84
CA GLU P 275 -43.42 17.35 29.60
C GLU P 275 -43.03 18.19 30.82
N ARG P 276 -44.00 18.62 31.62
CA ARG P 276 -43.68 19.28 32.88
C ARG P 276 -42.87 18.37 33.79
N GLN P 277 -43.32 17.12 33.94
CA GLN P 277 -42.60 16.16 34.78
C GLN P 277 -41.25 15.82 34.18
N GLU P 278 -41.19 15.72 32.84
CA GLU P 278 -39.92 15.43 32.18
C GLU P 278 -38.91 16.55 32.41
N LEU P 279 -39.35 17.81 32.32
CA LEU P 279 -38.46 18.93 32.58
C LEU P 279 -38.08 19.00 34.06
N LYS P 280 -39.01 18.64 34.95
CA LYS P 280 -38.69 18.57 36.37
C LYS P 280 -37.62 17.52 36.63
N ASP P 281 -37.74 16.36 35.99
CA ASP P 281 -36.81 15.25 36.18
C ASP P 281 -35.62 15.31 35.24
N LYS P 282 -35.52 16.35 34.40
CA LYS P 282 -34.38 16.51 33.51
C LYS P 282 -33.14 16.78 34.35
N LYS P 283 -32.21 15.82 34.38
CA LYS P 283 -31.01 15.93 35.20
C LYS P 283 -30.07 16.96 34.58
N THR P 284 -30.04 18.15 35.16
CA THR P 284 -29.11 19.17 34.70
C THR P 284 -27.70 18.79 35.08
N PRO P 285 -26.76 18.79 34.14
CA PRO P 285 -25.37 18.45 34.49
C PRO P 285 -24.74 19.51 35.38
N PHE P 286 -23.73 19.09 36.14
CA PHE P 286 -23.01 19.96 37.05
C PHE P 286 -21.51 19.79 36.85
N LEU P 287 -20.77 20.82 37.24
CA LEU P 287 -19.32 20.87 37.08
C LEU P 287 -18.65 20.93 38.44
N TRP P 288 -17.63 20.10 38.62
CA TRP P 288 -16.71 20.21 39.74
C TRP P 288 -15.52 21.06 39.31
N LEU P 289 -15.23 22.11 40.07
CA LEU P 289 -14.11 23.00 39.78
C LEU P 289 -13.18 22.92 40.97
N HIS P 290 -12.07 22.20 40.81
CA HIS P 290 -11.15 21.97 41.92
C HIS P 290 -10.17 23.14 42.02
N LEU P 291 -9.95 23.61 43.25
CA LEU P 291 -9.05 24.73 43.48
C LEU P 291 -7.63 24.30 43.84
N ASN P 292 -7.45 23.07 44.32
CA ASN P 292 -6.09 22.58 44.54
C ASN P 292 -5.34 22.45 43.22
N ILE P 293 -6.02 22.00 42.16
CA ILE P 293 -5.39 21.94 40.85
C ILE P 293 -5.05 23.33 40.34
N LEU P 294 -5.92 24.31 40.64
CA LEU P 294 -5.62 25.69 40.27
C LEU P 294 -4.39 26.21 41.01
N ARG P 295 -4.28 25.87 42.30
CA ARG P 295 -3.08 26.25 43.06
C ARG P 295 -1.84 25.59 42.47
N GLU P 296 -1.97 24.33 42.04
CA GLU P 296 -0.86 23.65 41.39
C GLU P 296 -0.45 24.36 40.10
N TYR P 297 -1.43 24.79 39.30
CA TYR P 297 -1.12 25.53 38.08
C TYR P 297 -0.41 26.84 38.39
N LEU P 298 -0.92 27.58 39.37
CA LEU P 298 -0.36 28.89 39.69
C LEU P 298 0.98 28.81 40.41
N GLN P 299 1.29 27.67 41.02
CA GLN P 299 2.61 27.48 41.60
C GLN P 299 3.70 27.48 40.52
N ILE P 300 3.40 26.92 39.36
CA ILE P 300 4.36 26.89 38.25
C ILE P 300 4.27 28.15 37.40
N GLU P 301 3.05 28.66 37.18
CA GLU P 301 2.89 29.83 36.32
C GLU P 301 3.54 31.07 36.92
N LEU P 302 3.38 31.28 38.22
CA LEU P 302 3.83 32.50 38.87
C LEU P 302 5.28 32.42 39.35
N ASN P 303 5.97 31.30 39.12
CA ASN P 303 7.35 31.13 39.59
C ASN P 303 8.33 31.78 38.60
N VAL P 304 8.23 33.09 38.49
CA VAL P 304 9.12 33.85 37.60
C VAL P 304 10.52 33.86 38.20
N PRO P 305 11.56 33.59 37.42
CA PRO P 305 12.92 33.58 37.97
C PRO P 305 13.48 35.00 38.11
N GLY P 306 14.64 35.08 38.75
CA GLY P 306 15.31 36.35 38.94
C GLY P 306 14.62 37.27 39.91
N LEU P 307 14.55 36.87 41.18
CA LEU P 307 13.90 37.64 42.23
C LEU P 307 14.88 37.92 43.35
N SER P 308 14.83 39.14 43.87
CA SER P 308 15.71 39.53 44.98
C SER P 308 15.23 38.99 46.33
N PHE P 309 14.04 38.41 46.38
CA PHE P 309 13.46 37.88 47.61
C PHE P 309 12.98 36.46 47.37
N PRO P 310 12.92 35.63 48.41
CA PRO P 310 12.46 34.25 48.23
C PRO P 310 11.03 34.19 47.71
N PHE P 311 10.78 33.22 46.83
CA PHE P 311 9.45 33.05 46.26
C PHE P 311 8.51 32.44 47.26
N ASP P 312 7.33 33.03 47.41
CA ASP P 312 6.28 32.52 48.28
C ASP P 312 5.00 32.36 47.46
N LEU P 313 4.48 31.14 47.38
CA LEU P 313 3.30 30.89 46.56
C LEU P 313 2.06 31.53 47.18
N GLU P 314 2.02 31.70 48.49
CA GLU P 314 0.83 32.25 49.14
C GLU P 314 0.69 33.73 48.83
N LYS P 315 1.78 34.48 48.94
CA LYS P 315 1.72 35.91 48.60
C LYS P 315 1.52 36.13 47.12
N SER P 316 2.05 35.23 46.28
CA SER P 316 1.76 35.30 44.84
C SER P 316 0.29 35.04 44.56
N ILE P 317 -0.31 34.10 45.27
CA ILE P 317 -1.75 33.85 45.16
C ILE P 317 -2.53 35.09 45.57
N ASP P 318 -2.11 35.73 46.67
CA ASP P 318 -2.77 36.95 47.12
C ASP P 318 -2.66 38.06 46.08
N ASP P 319 -1.48 38.22 45.47
CA ASP P 319 -1.30 39.24 44.45
C ASP P 319 -2.17 38.95 43.22
N TRP P 320 -2.24 37.69 42.81
CA TRP P 320 -3.07 37.31 41.68
C TRP P 320 -4.54 37.59 41.95
N VAL P 321 -5.01 37.26 43.16
CA VAL P 321 -6.39 37.53 43.53
C VAL P 321 -6.65 39.03 43.58
N PHE P 322 -5.68 39.81 44.07
CA PHE P 322 -5.84 41.26 44.10
C PHE P 322 -5.94 41.83 42.69
N ILE P 323 -5.12 41.32 41.76
CA ILE P 323 -5.19 41.78 40.38
C ILE P 323 -6.55 41.43 39.77
N CYS P 324 -7.03 40.21 40.03
CA CYS P 324 -8.33 39.80 39.50
C CYS P 324 -9.45 40.68 40.05
N PHE P 325 -9.37 41.04 41.33
CA PHE P 325 -10.37 41.94 41.91
C PHE P 325 -10.25 43.35 41.36
N PHE P 326 -9.03 43.80 41.08
CA PHE P 326 -8.82 45.11 40.49
C PHE P 326 -9.43 45.19 39.10
N CYS P 327 -9.31 44.11 38.32
CA CYS P 327 -9.86 44.12 36.97
C CYS P 327 -11.38 44.24 36.96
N GLY P 328 -12.05 43.56 37.89
CA GLY P 328 -13.49 43.63 37.93
C GLY P 328 -14.10 43.24 39.26
N ASN P 329 -14.99 44.09 39.78
CA ASN P 329 -15.68 43.82 41.03
C ASN P 329 -17.00 44.58 41.05
N ASN P 330 -17.90 44.16 41.93
CA ASN P 330 -19.21 44.80 42.02
C ASN P 330 -19.13 46.15 42.71
N PHE P 331 -18.22 46.31 43.67
CA PHE P 331 -18.18 47.54 44.46
C PHE P 331 -17.64 48.72 43.66
N LEU P 332 -16.57 48.51 42.91
CA LEU P 332 -15.96 49.62 42.19
C LEU P 332 -16.13 49.45 40.69
N PRO P 333 -16.39 50.53 39.95
CA PRO P 333 -16.45 50.43 38.49
C PRO P 333 -15.09 50.13 37.90
N HIS P 334 -15.10 49.46 36.75
CA HIS P 334 -13.86 49.09 36.08
C HIS P 334 -13.16 50.32 35.51
N LEU P 335 -11.83 50.20 35.37
CA LEU P 335 -11.02 51.28 34.84
C LEU P 335 -11.36 51.50 33.36
N PRO P 336 -11.12 52.68 32.82
CA PRO P 336 -11.35 52.88 31.38
C PRO P 336 -10.37 52.08 30.53
N SER P 337 -9.09 52.11 30.89
CA SER P 337 -8.06 51.40 30.13
C SER P 337 -8.30 49.90 30.15
N LEU P 338 -8.28 49.30 31.34
CA LEU P 338 -8.55 47.86 31.45
C LEU P 338 -10.04 47.64 31.30
N ASP P 339 -10.43 46.97 30.22
CA ASP P 339 -11.82 46.71 29.92
C ASP P 339 -11.84 45.46 29.05
N VAL P 340 -12.97 45.16 28.40
CA VAL P 340 -13.23 43.86 27.80
C VAL P 340 -12.86 42.81 28.86
N ARG P 341 -13.48 42.97 30.04
CA ARG P 341 -13.49 42.01 31.13
C ARG P 341 -12.15 41.31 31.34
N ASP P 342 -12.17 39.99 31.14
CA ASP P 342 -11.11 39.15 31.64
C ASP P 342 -9.84 39.33 30.80
N ASN P 343 -9.93 39.96 29.63
CA ASN P 343 -8.69 40.14 28.88
C ASN P 343 -7.77 41.07 29.67
N SER P 344 -8.37 41.95 30.47
CA SER P 344 -7.59 42.80 31.36
C SER P 344 -6.75 41.97 32.33
N ILE P 345 -7.32 40.90 32.86
CA ILE P 345 -6.60 39.99 33.76
C ILE P 345 -5.43 39.40 32.97
N THR P 346 -5.66 39.13 31.69
CA THR P 346 -4.58 38.61 30.84
C THR P 346 -3.44 39.61 30.74
N THR P 347 -3.74 40.90 30.75
CA THR P 347 -2.72 41.92 30.59
C THR P 347 -1.90 42.11 31.86
N LEU P 348 -2.56 42.55 32.93
CA LEU P 348 -1.88 43.00 34.15
C LEU P 348 -0.94 41.95 34.73
N VAL P 349 -1.34 40.67 34.67
CA VAL P 349 -0.49 39.61 35.18
C VAL P 349 0.87 39.65 34.49
N THR P 350 0.88 39.73 33.15
CA THR P 350 2.14 39.88 32.43
C THR P 350 2.86 41.15 32.86
N ILE P 351 2.12 42.23 33.02
CA ILE P 351 2.70 43.46 33.56
C ILE P 351 3.35 43.19 34.90
N TRP P 352 2.66 42.46 35.78
CA TRP P 352 3.25 42.07 37.05
C TRP P 352 4.51 41.25 36.83
N LYS P 353 4.47 40.31 35.89
CA LYS P 353 5.66 39.53 35.58
C LYS P 353 6.77 40.41 35.01
N GLN P 354 6.40 41.51 34.37
CA GLN P 354 7.42 42.42 33.85
C GLN P 354 7.95 43.34 34.93
N ILE P 355 7.25 43.45 36.07
CA ILE P 355 7.64 44.41 37.10
C ILE P 355 8.03 43.74 38.41
N LEU P 356 7.74 42.45 38.59
CA LEU P 356 8.05 41.78 39.85
C LEU P 356 9.55 41.73 40.15
N PRO P 357 10.43 41.35 39.20
CA PRO P 357 11.87 41.31 39.55
C PRO P 357 12.43 42.64 40.03
N THR P 358 11.97 43.76 39.48
CA THR P 358 12.50 45.05 39.90
C THR P 358 12.00 45.44 41.27
N MET P 359 10.73 45.17 41.57
CA MET P 359 10.16 45.53 42.87
C MET P 359 10.68 44.60 43.96
N LYS P 360 10.89 45.15 45.15
CA LYS P 360 11.38 44.39 46.29
C LYS P 360 10.26 43.80 47.13
N GLY P 361 9.10 44.46 47.19
CA GLY P 361 8.02 43.99 48.03
C GLY P 361 6.81 43.50 47.27
N TYR P 362 6.02 42.63 47.90
CA TYR P 362 4.80 42.13 47.28
C TYR P 362 3.74 43.22 47.24
N LEU P 363 2.75 43.03 46.37
CA LEU P 363 1.69 44.01 46.22
C LEU P 363 0.83 44.11 47.47
N THR P 364 0.37 42.97 47.98
CA THR P 364 -0.50 42.93 49.15
C THR P 364 0.10 42.03 50.22
N THR P 365 -0.18 42.35 51.47
CA THR P 365 0.31 41.59 52.62
C THR P 365 -0.87 41.34 53.56
N ASP P 366 -1.38 40.12 53.54
CA ASP P 366 -2.53 39.72 54.37
C ASP P 366 -3.72 40.64 54.15
N GLY P 367 -3.95 41.02 52.90
CA GLY P 367 -5.05 41.90 52.56
C GLY P 367 -4.76 43.38 52.66
N TYR P 368 -3.54 43.76 53.06
CA TYR P 368 -3.16 45.16 53.19
C TYR P 368 -2.30 45.55 52.00
N LEU P 369 -2.66 46.65 51.34
CA LEU P 369 -1.94 47.08 50.15
C LEU P 369 -0.57 47.66 50.50
N ASN P 370 0.40 47.42 49.63
CA ASN P 370 1.70 48.08 49.69
C ASN P 370 1.67 49.19 48.65
N LEU P 371 1.64 50.44 49.11
CA LEU P 371 1.40 51.56 48.21
C LEU P 371 2.46 51.74 47.13
N PRO P 372 3.77 51.71 47.41
CA PRO P 372 4.73 51.89 46.31
C PRO P 372 4.67 50.82 45.24
N ALA P 373 4.42 49.57 45.63
CA ALA P 373 4.40 48.48 44.65
C ALA P 373 3.23 48.62 43.69
N VAL P 374 2.02 48.81 44.23
CA VAL P 374 0.87 49.00 43.36
C VAL P 374 0.98 50.31 42.60
N GLU P 375 1.66 51.30 43.18
CA GLU P 375 1.85 52.57 42.48
C GLU P 375 2.71 52.38 41.23
N ARG P 376 3.81 51.63 41.35
CA ARG P 376 4.66 51.42 40.19
C ARG P 376 4.01 50.45 39.19
N LEU P 377 3.20 49.50 39.68
CA LEU P 377 2.45 48.65 38.77
C LEU P 377 1.47 49.48 37.94
N LEU P 378 0.75 50.40 38.59
CA LEU P 378 -0.17 51.26 37.86
C LEU P 378 0.58 52.25 36.97
N ALA P 379 1.78 52.66 37.37
CA ALA P 379 2.59 53.52 36.50
C ALA P 379 2.99 52.78 35.22
N GLU P 380 3.40 51.52 35.35
CA GLU P 380 3.72 50.74 34.15
C GLU P 380 2.48 50.47 33.31
N LEU P 381 1.34 50.24 33.96
CA LEU P 381 0.08 50.12 33.24
C LEU P 381 -0.22 51.40 32.47
N ALA P 382 0.06 52.55 33.08
CA ALA P 382 -0.12 53.83 32.39
C ALA P 382 0.82 53.96 31.20
N LYS P 383 2.07 53.50 31.38
CA LYS P 383 3.02 53.53 30.27
C LYS P 383 2.54 52.69 29.10
N LYS P 384 1.92 51.55 29.39
CA LYS P 384 1.34 50.71 28.34
C LYS P 384 -0.06 51.15 27.93
N GLU P 385 -0.66 52.11 28.63
CA GLU P 385 -2.01 52.56 28.30
C GLU P 385 -2.11 53.12 26.90
N ASP P 386 -1.04 53.75 26.41
CA ASP P 386 -1.04 54.23 25.03
C ASP P 386 -1.28 53.08 24.05
N TYR P 387 -0.52 51.99 24.24
CA TYR P 387 -0.68 50.82 23.35
C TYR P 387 -2.02 50.14 23.58
N ILE P 388 -2.50 50.09 24.82
CA ILE P 388 -3.78 49.42 25.09
C ILE P 388 -4.93 50.20 24.44
N PHE P 389 -4.93 51.53 24.61
CA PHE P 389 -5.95 52.35 23.97
C PHE P 389 -5.84 52.27 22.45
N ARG P 390 -4.61 52.25 21.92
CA ARG P 390 -4.42 52.09 20.48
C ARG P 390 -5.00 50.77 20.01
N LYS P 391 -4.75 49.68 20.75
CA LYS P 391 -5.24 48.37 20.36
C LYS P 391 -6.77 48.31 20.41
N ARG P 392 -7.38 48.86 21.45
CA ARG P 392 -8.84 48.73 21.56
C ARG P 392 -9.54 49.64 20.55
N TYR P 393 -9.01 50.85 20.33
CA TYR P 393 -9.60 51.71 19.31
C TYR P 393 -9.35 51.16 17.91
N GLU P 394 -8.21 50.47 17.71
CA GLU P 394 -7.96 49.79 16.45
C GLU P 394 -8.94 48.65 16.24
N ASP P 395 -9.25 47.91 17.30
CA ASP P 395 -10.27 46.86 17.19
C ASP P 395 -11.63 47.45 16.84
N GLU P 396 -11.99 48.56 17.47
CA GLU P 396 -13.27 49.21 17.16
C GLU P 396 -13.30 49.69 15.71
N LYS P 397 -12.22 50.32 15.26
CA LYS P 397 -12.17 50.84 13.89
C LYS P 397 -12.12 49.71 12.87
N ARG P 398 -11.45 48.60 13.20
CA ARG P 398 -11.43 47.47 12.29
C ARG P 398 -12.79 46.80 12.21
N SER P 399 -13.52 46.75 13.34
CA SER P 399 -14.89 46.28 13.30
C SER P 399 -15.75 47.19 12.42
N LEU P 400 -15.55 48.51 12.53
CA LEU P 400 -16.29 49.44 11.67
C LEU P 400 -15.96 49.24 10.21
N GLU P 401 -14.67 49.05 9.89
CA GLU P 401 -14.26 48.81 8.51
C GLU P 401 -14.82 47.50 7.97
N ASN P 402 -14.81 46.45 8.80
CA ASN P 402 -15.37 45.17 8.37
C ASN P 402 -16.88 45.29 8.15
N GLN P 403 -17.56 46.04 9.00
CA GLN P 403 -19.00 46.27 8.80
C GLN P 403 -19.24 47.03 7.50
N LYS P 404 -18.41 48.05 7.22
CA LYS P 404 -18.55 48.79 5.98
C LYS P 404 -18.31 47.90 4.77
N ARG P 405 -17.35 46.98 4.87
CA ARG P 405 -17.04 46.10 3.75
C ARG P 405 -18.13 45.05 3.55
N ARG P 406 -18.69 44.50 4.63
CA ARG P 406 -19.63 43.40 4.53
C ARG P 406 -21.09 43.86 4.47
N LYS P 407 -21.35 45.15 4.63
CA LYS P 407 -22.73 45.65 4.57
C LYS P 407 -22.76 47.14 4.25
N LYS P 531 -22.36 63.64 28.19
CA LYS P 531 -23.47 62.77 27.86
C LYS P 531 -23.62 62.59 26.35
N ASN P 532 -22.91 63.42 25.60
CA ASN P 532 -22.97 63.39 24.14
C ASN P 532 -21.89 62.50 23.53
N GLU P 533 -21.10 61.81 24.35
CA GLU P 533 -19.99 60.97 23.89
C GLU P 533 -19.04 61.77 23.00
N GLU P 534 -18.88 61.34 21.75
CA GLU P 534 -18.03 61.96 20.72
C GLU P 534 -16.68 62.39 21.28
N ILE P 535 -16.15 61.61 22.22
CA ILE P 535 -14.92 62.01 22.90
C ILE P 535 -13.72 61.91 21.95
N ARG P 536 -13.68 60.86 21.13
CA ARG P 536 -12.56 60.60 20.21
C ARG P 536 -11.25 60.45 20.99
N LEU P 537 -11.19 59.36 21.76
CA LEU P 537 -10.05 59.10 22.64
C LEU P 537 -8.73 58.98 21.88
N TRP P 538 -8.78 58.69 20.57
CA TRP P 538 -7.55 58.55 19.79
C TRP P 538 -6.78 59.84 19.66
N GLU P 539 -7.45 60.98 19.75
CA GLU P 539 -6.75 62.27 19.69
C GLU P 539 -5.92 62.48 20.95
N PRO P 540 -4.79 63.18 20.84
CA PRO P 540 -3.99 63.48 22.04
C PRO P 540 -4.72 64.40 22.99
N GLY P 541 -4.34 64.32 24.26
CA GLY P 541 -5.03 65.06 25.29
C GLY P 541 -6.46 64.62 25.54
N TYR P 542 -6.70 63.31 25.49
CA TYR P 542 -8.05 62.79 25.65
C TYR P 542 -8.54 62.88 27.09
N ARG P 543 -7.63 63.05 28.05
CA ARG P 543 -8.02 63.03 29.46
C ARG P 543 -8.91 64.21 29.80
N LYS P 544 -8.51 65.42 29.39
CA LYS P 544 -9.31 66.60 29.70
C LYS P 544 -10.67 66.53 29.04
N ARG P 545 -10.71 66.14 27.76
CA ARG P 545 -11.98 66.07 27.04
C ARG P 545 -12.90 65.03 27.63
N TYR P 546 -12.34 63.87 28.05
CA TYR P 546 -13.13 62.89 28.78
C TYR P 546 -13.64 63.46 30.09
N TYR P 547 -12.83 64.29 30.75
CA TYR P 547 -13.23 64.86 32.04
C TYR P 547 -14.41 65.81 31.90
N GLU P 548 -14.37 66.70 30.90
CA GLU P 548 -15.56 67.53 30.71
C GLU P 548 -16.70 66.81 30.02
N THR P 549 -16.46 65.64 29.41
CA THR P 549 -17.57 64.85 28.90
C THR P 549 -18.31 64.18 30.05
N LYS P 550 -17.59 63.72 31.07
CA LYS P 550 -18.20 63.02 32.18
C LYS P 550 -18.59 63.93 33.35
N PHE P 551 -18.10 65.18 33.37
CA PHE P 551 -18.38 66.07 34.49
C PHE P 551 -18.96 67.42 34.08
N HIS P 552 -18.92 67.78 32.79
CA HIS P 552 -19.45 69.05 32.29
C HIS P 552 -18.80 70.24 33.01
N THR P 553 -17.50 70.14 33.25
CA THR P 553 -16.73 71.19 33.89
C THR P 553 -15.49 71.49 33.05
N LYS P 554 -15.29 72.78 32.74
CA LYS P 554 -14.17 73.21 31.91
C LYS P 554 -13.05 73.86 32.70
N ASP P 555 -13.21 74.01 34.01
CA ASP P 555 -12.16 74.64 34.82
C ASP P 555 -11.02 73.66 35.04
N PRO P 556 -9.79 73.98 34.60
CA PRO P 556 -8.68 73.03 34.81
C PRO P 556 -8.39 72.75 36.27
N GLN P 557 -8.50 73.75 37.15
CA GLN P 557 -8.24 73.52 38.57
C GLN P 557 -9.31 72.61 39.17
N LYS P 558 -10.58 72.85 38.85
CA LYS P 558 -11.65 71.99 39.35
C LYS P 558 -11.51 70.58 38.82
N VAL P 559 -11.14 70.44 37.54
CA VAL P 559 -10.94 69.12 36.95
C VAL P 559 -9.80 68.38 37.65
N LYS P 560 -8.69 69.08 37.91
CA LYS P 560 -7.57 68.45 38.59
C LYS P 560 -7.95 68.03 40.01
N LYS P 561 -8.68 68.89 40.73
CA LYS P 561 -9.10 68.54 42.08
C LYS P 561 -10.04 67.35 42.08
N ILE P 562 -10.97 67.31 41.13
CA ILE P 562 -11.90 66.18 41.02
C ILE P 562 -11.15 64.90 40.70
N ALA P 563 -10.16 64.98 39.79
CA ALA P 563 -9.37 63.80 39.46
C ALA P 563 -8.57 63.31 40.65
N ARG P 564 -7.98 64.22 41.43
CA ARG P 564 -7.23 63.81 42.61
C ARG P 564 -8.14 63.16 43.65
N ASN P 565 -9.33 63.75 43.86
CA ASN P 565 -10.27 63.15 44.80
C ASN P 565 -10.74 61.79 44.33
N MET P 566 -10.96 61.64 43.03
CA MET P 566 -11.38 60.36 42.48
C MET P 566 -10.28 59.32 42.64
N VAL P 567 -9.02 59.71 42.44
CA VAL P 567 -7.91 58.78 42.63
C VAL P 567 -7.82 58.33 44.08
N GLN P 568 -7.93 59.28 45.01
CA GLN P 568 -7.87 58.93 46.42
C GLN P 568 -9.02 58.02 46.81
N LYS P 569 -10.22 58.32 46.32
CA LYS P 569 -11.38 57.50 46.65
C LYS P 569 -11.31 56.12 46.00
N TYR P 570 -10.72 56.01 44.82
CA TYR P 570 -10.57 54.70 44.18
C TYR P 570 -9.52 53.85 44.89
N ILE P 571 -8.45 54.49 45.37
CA ILE P 571 -7.47 53.77 46.18
C ILE P 571 -8.14 53.27 47.47
N GLU P 572 -8.91 54.13 48.11
CA GLU P 572 -9.66 53.72 49.29
C GLU P 572 -10.62 52.59 48.96
N GLY P 573 -11.25 52.64 47.78
CA GLY P 573 -12.20 51.61 47.40
C GLY P 573 -11.56 50.26 47.15
N VAL P 574 -10.43 50.23 46.46
CA VAL P 574 -9.75 48.95 46.25
C VAL P 574 -9.21 48.42 47.57
N SER P 575 -8.75 49.31 48.46
CA SER P 575 -8.38 48.85 49.80
C SER P 575 -9.56 48.25 50.53
N TRP P 576 -10.73 48.89 50.44
CA TRP P 576 -11.94 48.40 51.09
C TRP P 576 -12.34 47.04 50.54
N VAL P 577 -12.26 46.87 49.22
CA VAL P 577 -12.62 45.61 48.59
C VAL P 577 -11.66 44.51 49.03
N LEU P 578 -10.35 44.80 49.06
CA LEU P 578 -9.40 43.76 49.42
C LEU P 578 -9.52 43.38 50.90
N LEU P 579 -9.77 44.36 51.77
CA LEU P 579 -10.00 44.04 53.18
C LEU P 579 -11.32 43.33 53.40
N TYR P 580 -12.30 43.57 52.53
CA TYR P 580 -13.64 43.00 52.73
C TYR P 580 -13.61 41.47 52.65
N TYR P 581 -12.86 40.92 51.72
CA TYR P 581 -12.79 39.48 51.52
C TYR P 581 -11.62 38.83 52.24
N TYR P 582 -10.86 39.59 53.03
CA TYR P 582 -9.67 39.06 53.69
C TYR P 582 -9.68 39.23 55.20
N GLN P 583 -10.27 40.30 55.72
CA GLN P 583 -10.28 40.54 57.16
C GLN P 583 -11.64 41.00 57.66
N GLY P 584 -12.70 40.60 56.97
CA GLY P 584 -14.03 41.05 57.33
C GLY P 584 -14.32 42.44 56.78
N CYS P 585 -15.56 42.87 56.95
CA CYS P 585 -15.98 44.16 56.45
C CYS P 585 -15.33 45.28 57.27
N PRO P 586 -14.54 46.16 56.68
CA PRO P 586 -13.88 47.20 57.47
C PRO P 586 -14.77 48.40 57.74
N SER P 587 -15.72 48.67 56.86
CA SER P 587 -16.59 49.83 57.00
C SER P 587 -17.91 49.54 56.31
N TRP P 588 -19.01 49.67 57.04
CA TRP P 588 -20.34 49.43 56.50
C TRP P 588 -20.98 50.68 55.92
N ASN P 589 -20.26 51.80 55.88
CA ASN P 589 -20.81 53.06 55.41
C ASN P 589 -20.13 53.62 54.17
N TRP P 590 -18.99 53.06 53.75
CA TRP P 590 -18.29 53.59 52.60
C TRP P 590 -19.06 53.31 51.31
N TYR P 591 -18.99 54.26 50.38
CA TYR P 591 -19.61 54.10 49.07
C TYR P 591 -18.88 54.98 48.07
N TYR P 592 -18.79 54.49 46.85
CA TYR P 592 -18.13 55.24 45.79
C TYR P 592 -19.02 56.40 45.35
N PRO P 593 -18.56 57.64 45.43
CA PRO P 593 -19.45 58.78 45.15
C PRO P 593 -19.45 59.21 43.69
N TYR P 594 -18.92 58.39 42.80
CA TYR P 594 -18.84 58.72 41.38
C TYR P 594 -19.38 57.56 40.56
N HIS P 595 -19.42 57.75 39.24
CA HIS P 595 -19.90 56.74 38.31
C HIS P 595 -18.80 56.14 37.45
N TYR P 596 -17.61 56.73 37.43
CA TYR P 596 -16.52 56.28 36.58
C TYR P 596 -15.24 56.23 37.40
N ALA P 597 -14.15 55.82 36.75
CA ALA P 597 -12.84 55.70 37.39
C ALA P 597 -11.79 56.37 36.53
N PRO P 598 -10.73 56.90 37.14
CA PRO P 598 -9.67 57.53 36.35
C PRO P 598 -8.71 56.51 35.76
N PHE P 599 -7.95 56.97 34.77
CA PHE P 599 -6.97 56.11 34.12
C PHE P 599 -5.78 55.86 35.05
N ALA P 600 -4.81 55.08 34.55
CA ALA P 600 -3.72 54.62 35.41
C ALA P 600 -2.77 55.75 35.80
N ALA P 601 -2.40 56.61 34.84
CA ALA P 601 -1.44 57.68 35.14
C ALA P 601 -2.00 58.72 36.09
N ASP P 602 -3.32 58.72 36.33
CA ASP P 602 -3.87 59.55 37.40
C ASP P 602 -3.44 59.04 38.77
N PHE P 603 -3.08 57.77 38.89
CA PHE P 603 -2.61 57.19 40.15
C PHE P 603 -1.12 57.47 40.28
N VAL P 604 -0.80 58.69 40.71
CA VAL P 604 0.58 59.09 40.97
C VAL P 604 0.67 59.63 42.41
N ASN P 605 1.85 59.47 43.00
CA ASN P 605 2.11 59.87 44.38
C ASN P 605 1.10 59.21 45.32
N LEU P 606 0.92 57.90 45.14
CA LEU P 606 -0.09 57.18 45.91
C LEU P 606 0.32 56.97 47.36
N SER P 607 1.62 57.05 47.66
CA SER P 607 2.07 56.88 49.05
C SER P 607 1.64 58.04 49.94
N GLU P 608 1.33 59.20 49.36
CA GLU P 608 0.87 60.33 50.14
C GLU P 608 -0.57 60.17 50.62
N LEU P 609 -1.37 59.39 49.91
CA LEU P 609 -2.77 59.21 50.28
C LEU P 609 -2.89 58.46 51.60
N LYS P 610 -3.95 58.77 52.34
CA LYS P 610 -4.25 58.12 53.61
C LYS P 610 -5.64 57.50 53.55
N ILE P 611 -5.76 56.28 54.06
CA ILE P 611 -7.00 55.54 54.05
C ILE P 611 -7.39 55.19 55.48
N GLU P 612 -8.62 55.49 55.85
CA GLU P 612 -9.15 55.18 57.18
C GLU P 612 -10.59 54.72 57.04
N PHE P 613 -10.99 53.83 57.93
CA PHE P 613 -12.33 53.27 57.92
C PHE P 613 -12.93 53.30 59.32
N VAL P 614 -14.25 53.47 59.37
CA VAL P 614 -15.01 53.40 60.61
C VAL P 614 -15.99 52.24 60.47
N GLU P 615 -15.99 51.34 61.46
CA GLU P 615 -16.82 50.15 61.38
C GLU P 615 -18.30 50.49 61.29
N GLY P 616 -18.75 51.43 62.12
CA GLY P 616 -20.14 51.82 62.10
C GLY P 616 -21.06 50.68 62.51
N THR P 617 -22.30 50.75 62.03
CA THR P 617 -23.29 49.72 62.26
C THR P 617 -23.98 49.37 60.96
N PRO P 618 -24.26 48.09 60.72
CA PRO P 618 -25.04 47.72 59.53
C PRO P 618 -26.46 48.25 59.62
N PHE P 619 -27.03 48.58 58.47
CA PHE P 619 -28.38 49.11 58.44
C PHE P 619 -29.41 48.05 58.82
N ARG P 620 -30.52 48.53 59.34
CA ARG P 620 -31.64 47.66 59.67
C ARG P 620 -32.25 47.11 58.39
N PRO P 621 -32.93 45.96 58.47
CA PRO P 621 -33.56 45.41 57.25
C PRO P 621 -34.52 46.37 56.57
N TYR P 622 -35.28 47.14 57.36
CA TYR P 622 -36.20 48.11 56.76
C TYR P 622 -35.45 49.26 56.09
N GLU P 623 -34.29 49.64 56.62
CA GLU P 623 -33.51 50.70 55.99
C GLU P 623 -32.99 50.28 54.63
N GLN P 624 -32.43 49.07 54.54
CA GLN P 624 -31.98 48.55 53.25
C GLN P 624 -33.17 48.33 52.31
N LEU P 625 -34.30 47.88 52.86
CA LEU P 625 -35.51 47.71 52.06
C LEU P 625 -35.95 49.04 51.46
N MET P 626 -35.88 50.12 52.25
CA MET P 626 -36.13 51.47 51.74
C MET P 626 -35.11 51.86 50.68
N SER P 627 -33.84 51.50 50.89
CA SER P 627 -32.78 51.99 50.01
C SER P 627 -32.84 51.34 48.63
N VAL P 628 -33.12 50.05 48.56
CA VAL P 628 -32.95 49.33 47.30
C VAL P 628 -34.27 49.11 46.57
N LEU P 629 -35.39 49.07 47.30
CA LEU P 629 -36.65 48.83 46.60
C LEU P 629 -37.10 50.10 45.87
N PRO P 630 -37.71 49.95 44.69
CA PRO P 630 -38.26 51.11 43.99
C PRO P 630 -39.69 51.41 44.41
N ALA P 631 -40.29 52.45 43.84
CA ALA P 631 -41.68 52.80 44.14
C ALA P 631 -42.68 51.86 43.49
N ALA P 632 -42.31 51.22 42.38
CA ALA P 632 -43.23 50.34 41.67
C ALA P 632 -43.28 48.94 42.26
N SER P 633 -42.42 48.62 43.22
CA SER P 633 -42.38 47.31 43.86
C SER P 633 -42.50 47.46 45.38
N SER P 634 -43.43 48.29 45.81
CA SER P 634 -43.66 48.54 47.22
C SER P 634 -44.76 47.69 47.83
N HIS P 635 -45.34 46.76 47.05
CA HIS P 635 -46.42 45.94 47.57
C HIS P 635 -45.93 45.03 48.70
N ASN P 636 -44.74 44.46 48.55
CA ASN P 636 -44.19 43.62 49.62
C ASN P 636 -43.82 44.45 50.84
N LEU P 637 -43.36 45.67 50.63
CA LEU P 637 -42.98 46.53 51.74
C LEU P 637 -44.23 46.96 52.52
N PRO P 638 -44.12 47.10 53.84
CA PRO P 638 -45.30 47.43 54.66
C PRO P 638 -45.89 48.78 54.30
N ASP P 639 -47.20 48.90 54.53
CA ASP P 639 -47.96 50.08 54.12
C ASP P 639 -47.59 51.34 54.89
N VAL P 640 -46.86 51.22 56.00
CA VAL P 640 -46.47 52.40 56.77
C VAL P 640 -45.56 53.30 55.94
N PHE P 641 -44.61 52.71 55.23
CA PHE P 641 -43.64 53.46 54.45
C PHE P 641 -44.04 53.62 52.99
N ARG P 642 -45.23 53.16 52.60
CA ARG P 642 -45.64 53.26 51.20
C ARG P 642 -45.86 54.71 50.79
N SER P 643 -46.37 55.54 51.70
CA SER P 643 -46.55 56.95 51.41
C SER P 643 -45.21 57.66 51.19
N LEU P 644 -44.12 57.12 51.71
CA LEU P 644 -42.80 57.71 51.46
C LEU P 644 -42.35 57.52 50.02
N MET P 645 -43.01 56.64 49.24
CA MET P 645 -42.76 56.53 47.82
C MET P 645 -43.90 57.03 46.94
N SER P 646 -45.14 56.93 47.42
CA SER P 646 -46.30 57.26 46.60
C SER P 646 -46.74 58.71 46.74
N ASP P 647 -46.70 59.27 47.94
CA ASP P 647 -47.16 60.63 48.14
C ASP P 647 -46.18 61.63 47.53
N ALA P 648 -46.71 62.59 46.77
CA ALA P 648 -45.88 63.63 46.16
C ALA P 648 -45.41 64.65 47.18
N ASN P 649 -46.06 64.72 48.34
CA ASN P 649 -45.67 65.66 49.39
C ASN P 649 -44.61 65.09 50.31
N SER P 650 -44.16 63.85 50.07
CA SER P 650 -43.11 63.26 50.88
C SER P 650 -41.79 63.98 50.68
N GLU P 651 -41.01 64.10 51.75
CA GLU P 651 -39.72 64.78 51.68
C GLU P 651 -38.64 63.95 51.02
N ILE P 652 -38.89 62.67 50.76
CA ILE P 652 -37.87 61.80 50.17
C ILE P 652 -38.38 61.25 48.84
N ILE P 653 -39.25 62.01 48.18
CA ILE P 653 -39.84 61.60 46.91
C ILE P 653 -38.80 61.57 45.78
N ASP P 654 -37.70 62.29 45.93
CA ASP P 654 -36.75 62.48 44.84
C ASP P 654 -35.81 61.31 44.61
N PHE P 655 -35.69 60.38 45.57
CA PHE P 655 -34.79 59.25 45.36
C PHE P 655 -35.37 58.20 44.43
N TYR P 656 -36.65 58.25 44.11
CA TYR P 656 -37.30 57.26 43.25
C TYR P 656 -38.00 57.97 42.09
N PRO P 657 -37.25 58.44 41.09
CA PRO P 657 -37.88 58.96 39.88
C PRO P 657 -38.47 57.85 39.05
N GLU P 658 -39.49 58.19 38.27
CA GLU P 658 -40.11 57.22 37.38
C GLU P 658 -39.15 56.79 36.27
N GLU P 659 -38.42 57.73 35.70
CA GLU P 659 -37.45 57.46 34.64
C GLU P 659 -36.13 58.14 34.96
N PHE P 660 -35.04 57.49 34.58
CA PHE P 660 -33.70 57.98 34.83
C PHE P 660 -32.84 57.85 33.58
N PRO P 661 -31.88 58.76 33.38
CA PRO P 661 -31.02 58.66 32.21
C PRO P 661 -30.08 57.46 32.29
N LEU P 662 -29.65 56.99 31.12
CA LEU P 662 -28.69 55.90 31.01
C LEU P 662 -27.53 56.35 30.13
N ASP P 663 -26.31 56.15 30.62
CA ASP P 663 -25.11 56.42 29.85
C ASP P 663 -24.57 55.11 29.30
N MET P 664 -24.55 54.99 27.97
CA MET P 664 -24.14 53.73 27.35
C MET P 664 -22.64 53.47 27.56
N ASN P 665 -21.81 54.49 27.39
CA ASN P 665 -20.35 54.43 27.41
C ASN P 665 -19.79 53.65 26.23
N GLY P 666 -20.64 53.07 25.40
CA GLY P 666 -20.27 52.32 24.22
C GLY P 666 -20.31 50.83 24.46
N LYS P 667 -21.43 50.21 24.09
CA LYS P 667 -21.71 48.78 24.23
C LYS P 667 -22.99 48.49 23.45
N LYS P 668 -23.53 47.29 23.62
CA LYS P 668 -24.82 46.94 23.04
C LYS P 668 -25.81 46.33 24.03
N VAL P 669 -25.34 45.76 25.15
CA VAL P 669 -26.26 45.22 26.14
C VAL P 669 -26.96 46.35 26.86
N ILE P 670 -28.27 46.21 27.06
CA ILE P 670 -29.07 47.29 27.63
C ILE P 670 -28.68 47.55 29.08
N TRP P 671 -28.57 46.49 29.89
CA TRP P 671 -28.29 46.67 31.31
C TRP P 671 -26.82 46.88 31.60
N GLN P 672 -25.93 46.66 30.64
CA GLN P 672 -24.51 46.90 30.86
C GLN P 672 -24.15 48.38 30.84
N ALA P 673 -25.08 49.25 30.47
CA ALA P 673 -24.84 50.69 30.40
C ALA P 673 -24.80 51.28 31.81
N ILE P 674 -24.15 52.44 31.92
CA ILE P 674 -24.04 53.15 33.19
C ILE P 674 -25.42 53.66 33.60
N PRO P 675 -25.90 53.29 34.78
CA PRO P 675 -27.23 53.72 35.25
C PRO P 675 -27.19 55.07 35.95
N LEU P 676 -27.18 56.14 35.16
CA LEU P 676 -27.18 57.50 35.70
C LEU P 676 -28.38 57.70 36.63
N LEU P 677 -28.10 57.87 37.92
CA LEU P 677 -29.14 58.00 38.93
C LEU P 677 -28.64 58.98 39.98
N PRO P 678 -29.55 59.68 40.66
CA PRO P 678 -29.13 60.54 41.78
C PRO P 678 -28.61 59.70 42.94
N PHE P 679 -27.40 60.02 43.39
CA PHE P 679 -26.82 59.29 44.50
C PHE P 679 -27.68 59.48 45.73
N ILE P 680 -27.78 58.45 46.55
CA ILE P 680 -28.59 58.49 47.76
C ILE P 680 -27.93 59.40 48.79
N ASP P 681 -28.76 60.16 49.51
CA ASP P 681 -28.31 60.98 50.62
C ASP P 681 -28.67 60.26 51.91
N GLU P 682 -27.65 59.91 52.69
CA GLU P 682 -27.84 58.98 53.81
C GLU P 682 -28.54 59.64 55.00
N ASN P 683 -28.17 60.88 55.31
CA ASN P 683 -28.64 61.52 56.54
C ASN P 683 -30.16 61.72 56.56
N ARG P 684 -30.69 62.35 55.52
CA ARG P 684 -32.13 62.61 55.51
C ARG P 684 -32.94 61.35 55.25
N LEU P 685 -32.37 60.38 54.51
CA LEU P 685 -33.01 59.08 54.39
C LEU P 685 -33.14 58.41 55.75
N LEU P 686 -32.06 58.44 56.54
CA LEU P 686 -32.12 57.93 57.91
C LEU P 686 -33.23 58.64 58.68
N LYS P 687 -33.18 59.97 58.73
CA LYS P 687 -34.15 60.75 59.48
C LYS P 687 -35.59 60.38 59.11
N ALA P 688 -35.86 60.27 57.81
CA ALA P 688 -37.20 59.87 57.36
C ALA P 688 -37.55 58.47 57.84
N VAL P 689 -36.59 57.56 57.82
CA VAL P 689 -36.87 56.19 58.24
C VAL P 689 -37.17 56.12 59.74
N GLN P 690 -36.32 56.74 60.56
CA GLN P 690 -36.55 56.72 62.00
C GLN P 690 -37.73 57.58 62.42
N SER P 691 -38.24 58.43 61.54
CA SER P 691 -39.44 59.19 61.88
C SER P 691 -40.71 58.33 61.89
N LYS P 692 -40.64 57.09 61.41
CA LYS P 692 -41.82 56.25 61.26
C LYS P 692 -41.58 54.85 61.81
N TYR P 693 -41.03 54.75 63.02
CA TYR P 693 -40.97 53.46 63.71
C TYR P 693 -42.13 53.23 64.66
N ASP P 694 -42.90 54.26 65.00
CA ASP P 694 -43.97 54.13 65.98
C ASP P 694 -45.24 53.54 65.40
N GLN P 695 -45.35 53.43 64.08
CA GLN P 695 -46.55 52.89 63.46
C GLN P 695 -46.44 51.40 63.17
N LEU P 696 -45.27 50.80 63.36
CA LEU P 696 -45.07 49.39 63.06
C LEU P 696 -45.63 48.51 64.18
N THR P 697 -46.10 47.32 63.80
CA THR P 697 -46.64 46.36 64.75
C THR P 697 -45.51 45.55 65.37
N GLU P 698 -45.87 44.59 66.21
CA GLU P 698 -44.87 43.75 66.87
C GLU P 698 -44.13 42.87 65.87
N ASP P 699 -44.86 42.27 64.92
CA ASP P 699 -44.21 41.43 63.91
C ASP P 699 -43.31 42.25 63.00
N GLU P 700 -43.76 43.44 62.62
CA GLU P 700 -42.92 44.30 61.77
C GLU P 700 -41.66 44.73 62.50
N LYS P 701 -41.76 45.04 63.79
CA LYS P 701 -40.58 45.39 64.58
C LYS P 701 -39.65 44.19 64.72
N PHE P 702 -40.21 42.99 64.88
CA PHE P 702 -39.39 41.79 64.95
C PHE P 702 -38.72 41.50 63.61
N ARG P 703 -39.33 41.94 62.51
CA ARG P 703 -38.70 41.81 61.20
C ARG P 703 -37.71 42.93 60.91
N ASN P 704 -37.63 43.95 61.77
CA ASN P 704 -36.72 45.07 61.58
C ASN P 704 -35.56 45.01 62.57
N THR P 705 -35.08 43.81 62.87
CA THR P 705 -33.96 43.63 63.78
C THR P 705 -32.97 42.64 63.19
N ASN P 706 -31.73 42.73 63.66
CA ASN P 706 -30.65 41.85 63.23
C ASN P 706 -30.31 40.88 64.34
N ARG P 707 -30.20 39.59 63.99
CA ARG P 707 -29.92 38.57 64.99
C ARG P 707 -28.70 37.75 64.60
N SER P 708 -28.45 36.66 65.32
CA SER P 708 -27.29 35.82 65.09
C SER P 708 -27.68 34.57 64.30
N GLU P 709 -26.68 33.75 63.99
CA GLU P 709 -26.90 32.53 63.23
C GLU P 709 -27.62 31.49 64.09
N ILE P 710 -28.14 30.47 63.42
CA ILE P 710 -28.88 29.39 64.08
C ILE P 710 -28.16 28.08 63.81
N LEU P 711 -27.95 27.29 64.85
CA LEU P 711 -27.35 25.97 64.74
C LEU P 711 -28.41 24.93 65.07
N VAL P 712 -28.62 24.00 64.15
CA VAL P 712 -29.59 22.92 64.30
C VAL P 712 -28.84 21.61 64.40
N LEU P 713 -29.21 20.81 65.39
CA LEU P 713 -28.46 19.64 65.82
C LEU P 713 -29.41 18.46 65.99
N GLY P 714 -28.98 17.29 65.52
CA GLY P 714 -29.81 16.12 65.60
C GLY P 714 -29.90 15.55 67.00
N ARG P 715 -30.90 14.70 67.20
CA ARG P 715 -31.07 14.05 68.50
C ARG P 715 -30.01 12.98 68.74
N SER P 716 -29.62 12.27 67.68
CA SER P 716 -28.63 11.20 67.80
C SER P 716 -27.20 11.69 67.63
N HIS P 717 -27.00 12.99 67.48
CA HIS P 717 -25.66 13.54 67.36
C HIS P 717 -24.87 13.36 68.65
N SER P 718 -23.55 13.22 68.50
CA SER P 718 -22.69 13.01 69.66
C SER P 718 -22.64 14.25 70.54
N HIS P 719 -22.73 15.44 69.94
CA HIS P 719 -22.68 16.69 70.69
C HIS P 719 -24.01 17.02 71.36
N TYR P 720 -25.08 16.30 71.04
CA TYR P 720 -26.39 16.63 71.59
C TYR P 720 -26.47 16.50 73.11
N PRO P 721 -26.05 15.40 73.74
CA PRO P 721 -26.14 15.34 75.21
C PRO P 721 -25.32 16.41 75.90
N THR P 722 -24.14 16.74 75.38
CA THR P 722 -23.31 17.77 75.99
C THR P 722 -23.98 19.13 75.91
N LEU P 723 -24.53 19.47 74.74
CA LEU P 723 -25.21 20.76 74.59
C LEU P 723 -26.44 20.83 75.47
N VAL P 724 -27.22 19.76 75.54
CA VAL P 724 -28.41 19.75 76.38
C VAL P 724 -28.02 19.93 77.84
N LYS P 725 -26.99 19.20 78.30
CA LYS P 725 -26.56 19.31 79.68
C LYS P 725 -26.05 20.72 80.01
N GLU P 726 -25.30 21.32 79.09
CA GLU P 726 -24.70 22.62 79.37
C GLU P 726 -25.64 23.79 79.14
N LEU P 727 -26.78 23.58 78.48
CA LEU P 727 -27.71 24.68 78.22
C LEU P 727 -29.03 24.51 78.97
N TYR P 728 -29.72 23.39 78.79
CA TYR P 728 -31.05 23.21 79.35
C TYR P 728 -31.05 22.51 80.70
N GLU P 729 -29.89 22.06 81.17
CA GLU P 729 -29.80 21.36 82.45
C GLU P 729 -28.99 22.13 83.48
N GLU P 730 -27.78 22.55 83.14
CA GLU P 730 -26.95 23.31 84.08
C GLU P 730 -27.41 24.75 84.21
N GLY P 731 -28.30 25.22 83.34
CA GLY P 731 -28.79 26.59 83.43
C GLY P 731 -27.82 27.64 82.95
N LYS P 732 -26.74 27.26 82.28
CA LYS P 732 -25.78 28.24 81.79
C LYS P 732 -26.36 29.04 80.63
N ASP P 733 -25.92 30.28 80.52
CA ASP P 733 -26.37 31.17 79.44
C ASP P 733 -25.60 30.98 78.15
N SER P 734 -24.37 30.49 78.22
CA SER P 734 -23.53 30.32 77.04
C SER P 734 -22.68 29.08 77.20
N TYR P 735 -22.25 28.53 76.06
CA TYR P 735 -21.35 27.38 76.07
C TYR P 735 -20.33 27.53 74.96
N GLU P 736 -19.05 27.35 75.30
CA GLU P 736 -17.97 27.49 74.34
C GLU P 736 -17.67 26.15 73.67
N PHE P 737 -17.47 26.20 72.35
CA PHE P 737 -17.29 24.99 71.56
C PHE P 737 -15.83 24.62 71.37
N GLN P 738 -15.04 25.52 70.79
CA GLN P 738 -13.74 25.19 70.17
C GLN P 738 -14.01 24.09 69.14
N VAL P 739 -13.05 23.20 68.92
CA VAL P 739 -13.21 22.14 67.94
C VAL P 739 -14.04 21.01 68.53
N ASP P 740 -14.99 20.50 67.75
CA ASP P 740 -15.86 19.43 68.21
C ASP P 740 -16.00 18.35 67.13
N SER P 741 -16.97 17.46 67.30
CA SER P 741 -17.11 16.32 66.38
C SER P 741 -17.42 16.79 64.96
N SER P 742 -18.30 17.77 64.81
CA SER P 742 -18.69 18.26 63.50
C SER P 742 -17.70 19.26 62.91
N GLY P 743 -16.69 19.67 63.67
CA GLY P 743 -15.70 20.62 63.19
C GLY P 743 -16.08 22.07 63.32
N VAL P 744 -17.22 22.39 63.93
CA VAL P 744 -17.63 23.77 64.12
C VAL P 744 -16.85 24.38 65.28
N SER P 745 -16.92 25.70 65.42
CA SER P 745 -16.27 26.39 66.53
C SER P 745 -17.00 27.70 66.76
N GLY P 746 -17.38 27.95 68.01
CA GLY P 746 -18.10 29.17 68.33
C GLY P 746 -18.69 29.10 69.73
N VAL P 747 -19.75 29.88 69.92
CA VAL P 747 -20.45 29.98 71.20
C VAL P 747 -21.92 29.65 70.94
N ALA P 748 -22.47 28.76 71.77
CA ALA P 748 -23.87 28.37 71.69
C ALA P 748 -24.66 29.06 72.79
N ILE P 749 -25.81 29.61 72.44
CA ILE P 749 -26.68 30.35 73.33
C ILE P 749 -28.05 29.70 73.33
N LYS P 750 -28.63 29.54 74.52
CA LYS P 750 -29.98 29.02 74.63
C LYS P 750 -30.97 29.98 73.97
N LEU P 751 -31.83 29.44 73.12
CA LEU P 751 -32.80 30.25 72.38
C LEU P 751 -34.15 30.12 73.09
N GLN P 752 -34.72 31.26 73.47
CA GLN P 752 -35.88 31.25 74.36
C GLN P 752 -37.13 30.75 73.66
N SER P 753 -37.37 31.19 72.43
CA SER P 753 -38.62 30.86 71.74
C SER P 753 -38.71 29.40 71.34
N PHE P 754 -37.61 28.64 71.43
CA PHE P 754 -37.62 27.23 71.07
C PHE P 754 -38.14 26.43 72.25
N ASP P 755 -39.36 25.91 72.12
CA ASP P 755 -39.98 25.09 73.16
C ASP P 755 -39.81 23.63 72.78
N ARG P 756 -39.21 22.84 73.68
CA ARG P 756 -38.90 21.45 73.36
C ARG P 756 -40.15 20.58 73.26
N SER P 757 -41.25 20.97 73.90
CA SER P 757 -42.48 20.19 73.89
C SER P 757 -43.39 20.54 72.71
N GLY P 758 -43.00 21.49 71.87
CA GLY P 758 -43.82 21.92 70.76
C GLY P 758 -43.68 21.01 69.55
N VAL P 759 -44.34 21.43 68.47
CA VAL P 759 -44.32 20.71 67.20
C VAL P 759 -43.96 21.71 66.10
N LEU P 760 -42.96 21.37 65.30
CA LEU P 760 -42.55 22.21 64.17
C LEU P 760 -43.31 21.79 62.93
N ARG P 761 -44.22 22.63 62.47
CA ARG P 761 -45.05 22.34 61.31
C ARG P 761 -44.52 23.05 60.07
N LEU P 762 -44.89 22.50 58.91
CA LEU P 762 -44.47 23.08 57.64
C LEU P 762 -45.23 24.37 57.37
N PRO P 763 -44.55 25.50 57.17
CA PRO P 763 -45.24 26.75 56.85
C PRO P 763 -45.70 26.88 55.41
N VAL P 764 -45.71 25.79 54.66
CA VAL P 764 -46.05 25.79 53.24
C VAL P 764 -47.22 24.83 53.04
N LYS P 765 -48.27 25.32 52.36
CA LYS P 765 -49.41 24.46 52.05
C LYS P 765 -48.96 23.34 51.13
N GLN P 766 -49.33 22.12 51.46
CA GLN P 766 -48.87 20.95 50.72
C GLN P 766 -49.61 20.82 49.40
N LEU P 767 -48.86 20.65 48.31
CA LEU P 767 -49.44 20.42 47.00
C LEU P 767 -49.43 18.92 46.69
N GLU P 768 -49.87 18.59 45.48
CA GLU P 768 -50.08 17.20 45.11
C GLU P 768 -48.77 16.54 44.67
N GLY P 769 -48.41 15.45 45.35
CA GLY P 769 -47.26 14.65 44.96
C GLY P 769 -45.91 15.33 45.07
N TYR P 770 -45.66 15.97 46.21
CA TYR P 770 -44.39 16.65 46.43
C TYR P 770 -43.72 16.15 47.71
N ARG P 771 -43.77 14.85 47.96
CA ARG P 771 -43.08 14.22 49.10
C ARG P 771 -43.62 14.75 50.42
N HIS P 772 -44.86 14.35 50.71
CA HIS P 772 -45.62 14.77 51.89
C HIS P 772 -44.76 14.86 53.14
N TYR P 773 -44.76 16.05 53.76
CA TYR P 773 -43.92 16.33 54.91
C TYR P 773 -44.74 16.19 56.18
N PRO P 774 -44.37 15.31 57.10
CA PRO P 774 -45.11 15.16 58.35
C PRO P 774 -44.79 16.31 59.31
N ASP P 775 -45.41 16.26 60.48
CA ASP P 775 -45.16 17.23 61.53
C ASP P 775 -44.00 16.76 62.39
N ILE P 776 -43.00 17.62 62.55
CA ILE P 776 -41.79 17.28 63.28
C ILE P 776 -41.92 17.75 64.72
N SER P 777 -41.80 16.82 65.66
CA SER P 777 -41.81 17.19 67.07
C SER P 777 -40.51 17.88 67.43
N ASN P 778 -40.57 18.73 68.46
CA ASN P 778 -39.40 19.50 68.88
C ASN P 778 -38.48 18.72 69.80
N ARG P 779 -38.85 17.51 70.20
CA ARG P 779 -37.99 16.69 71.05
C ARG P 779 -36.92 15.95 70.26
N ASP P 780 -36.98 15.97 68.94
CA ASP P 780 -36.08 15.19 68.10
C ASP P 780 -34.94 16.01 67.52
N PHE P 781 -34.83 17.28 67.86
CA PHE P 781 -33.73 18.11 67.39
C PHE P 781 -33.58 19.30 68.32
N LEU P 782 -32.43 19.97 68.21
CA LEU P 782 -32.11 21.12 69.05
C LEU P 782 -31.74 22.31 68.17
N MET P 783 -32.22 23.49 68.54
CA MET P 783 -31.92 24.72 67.82
C MET P 783 -31.37 25.73 68.81
N VAL P 784 -30.16 26.23 68.53
CA VAL P 784 -29.48 27.16 69.43
C VAL P 784 -28.99 28.36 68.64
N GLU P 785 -28.76 29.46 69.36
CA GLU P 785 -28.17 30.65 68.75
C GLU P 785 -26.66 30.44 68.63
N PHE P 786 -26.11 30.73 67.47
CA PHE P 786 -24.71 30.46 67.17
C PHE P 786 -23.94 31.76 67.01
N LYS P 787 -22.76 31.82 67.61
CA LYS P 787 -21.83 32.92 67.42
C LYS P 787 -20.49 32.36 67.02
N GLN P 788 -19.74 33.13 66.24
CA GLN P 788 -18.42 32.70 65.82
C GLN P 788 -17.38 33.10 66.86
N LEU P 789 -16.16 32.61 66.67
CA LEU P 789 -15.06 32.98 67.54
C LEU P 789 -14.72 34.46 67.37
N PRO P 790 -14.12 35.08 68.39
CA PRO P 790 -13.80 36.51 68.27
C PRO P 790 -12.87 36.79 67.10
N LYS P 791 -13.09 37.94 66.47
CA LYS P 791 -12.34 38.29 65.27
C LYS P 791 -10.86 38.49 65.59
N SER P 792 -10.01 38.03 64.66
CA SER P 792 -8.58 38.14 64.81
C SER P 792 -7.96 38.45 63.46
N HIS P 793 -6.75 39.01 63.48
CA HIS P 793 -6.03 39.32 62.26
C HIS P 793 -5.59 38.02 61.59
N ALA P 794 -6.25 37.67 60.49
CA ALA P 794 -5.98 36.41 59.82
C ALA P 794 -4.75 36.54 58.92
N LYS P 795 -3.84 35.58 59.02
CA LYS P 795 -2.67 35.54 58.16
C LYS P 795 -2.99 34.77 56.88
N SER P 796 -2.05 34.83 55.93
CA SER P 796 -2.20 34.16 54.64
C SER P 796 -1.06 33.16 54.49
N MET P 797 -1.25 31.97 55.04
CA MET P 797 -0.27 30.90 54.95
C MET P 797 -0.93 29.59 55.33
N ILE P 798 -0.31 28.49 54.93
CA ILE P 798 -0.84 27.16 55.20
C ILE P 798 -0.48 26.73 56.60
N LEU P 799 -1.37 25.97 57.23
CA LEU P 799 -1.16 25.48 58.58
C LEU P 799 -0.26 24.25 58.57
N SER P 800 0.31 23.94 59.73
CA SER P 800 1.12 22.74 59.87
C SER P 800 0.24 21.50 59.84
N GLY P 801 0.82 20.39 59.39
CA GLY P 801 0.10 19.15 59.30
C GLY P 801 -0.70 18.96 58.03
N LEU P 802 -0.62 19.90 57.09
CA LEU P 802 -1.34 19.77 55.83
C LEU P 802 -0.72 18.66 54.99
N ILE P 803 -1.56 17.77 54.48
CA ILE P 803 -1.13 16.68 53.61
C ILE P 803 -1.50 17.05 52.18
N PRO P 804 -0.53 17.26 51.29
CA PRO P 804 -0.86 17.69 49.93
C PRO P 804 -1.58 16.60 49.15
N HIS P 805 -2.40 17.04 48.19
CA HIS P 805 -3.08 16.10 47.31
C HIS P 805 -2.09 15.48 46.35
N LEU P 806 -2.49 14.36 45.75
CA LEU P 806 -1.62 13.64 44.83
C LEU P 806 -1.37 14.50 43.59
N ARG P 807 -0.10 14.54 43.16
CA ARG P 807 0.30 15.46 42.10
C ARG P 807 -0.40 15.10 40.79
N ARG P 808 -0.95 16.10 40.11
CA ARG P 808 -1.85 15.83 39.00
C ARG P 808 -1.30 16.31 37.66
N LEU P 809 -0.35 17.23 37.65
CA LEU P 809 0.27 17.74 36.44
C LEU P 809 1.54 16.94 36.15
N THR P 810 1.65 16.44 34.92
CA THR P 810 2.73 15.51 34.55
C THR P 810 3.43 16.02 33.28
N GLN P 811 4.38 16.93 33.47
CA GLN P 811 5.44 17.27 32.52
C GLN P 811 4.93 17.72 31.16
N GLU P 812 3.64 17.99 31.00
CA GLU P 812 3.11 18.48 29.74
C GLU P 812 2.58 19.91 29.86
N ASP P 813 1.60 20.13 30.73
CA ASP P 813 1.14 21.50 30.95
C ASP P 813 2.14 22.30 31.76
N LYS P 814 3.01 21.63 32.52
CA LYS P 814 4.03 22.32 33.30
C LYS P 814 4.94 23.16 32.41
N ASP P 815 5.34 22.61 31.26
CA ASP P 815 6.11 23.38 30.28
C ASP P 815 5.24 24.02 29.20
N SER P 816 3.98 23.59 29.05
CA SER P 816 3.09 24.30 28.13
C SER P 816 2.75 25.70 28.65
N ILE P 817 2.57 25.84 29.97
CA ILE P 817 2.28 27.14 30.54
C ILE P 817 3.50 28.04 30.55
N LEU P 818 4.70 27.47 30.38
CA LEU P 818 5.93 28.25 30.37
C LEU P 818 6.35 28.64 28.96
N TYR P 819 6.57 27.65 28.10
CA TYR P 819 7.01 27.88 26.73
C TYR P 819 5.82 27.88 25.78
N GLY P 820 6.09 27.90 24.48
CA GLY P 820 5.05 27.90 23.48
C GLY P 820 4.76 26.51 22.93
N GLY P 821 5.17 25.48 23.66
CA GLY P 821 4.96 24.11 23.22
C GLY P 821 3.59 23.58 23.57
N THR P 822 2.71 23.52 22.56
CA THR P 822 1.33 23.07 22.71
C THR P 822 0.62 23.89 23.80
N ASN P 823 0.53 25.19 23.56
CA ASN P 823 -0.21 26.11 24.41
C ASN P 823 -1.19 26.96 23.63
N PHE P 824 -0.85 27.36 22.41
CA PHE P 824 -1.75 28.13 21.55
C PHE P 824 -2.55 27.24 20.61
N TYR P 825 -2.34 25.93 20.65
CA TYR P 825 -3.10 25.00 19.81
C TYR P 825 -4.54 24.96 20.30
N GLY P 826 -5.42 25.62 19.58
CA GLY P 826 -6.80 25.78 20.02
C GLY P 826 -7.64 24.53 19.90
N ARG P 827 -8.02 23.94 21.03
CA ARG P 827 -8.96 22.83 21.08
C ARG P 827 -10.31 23.42 21.50
N ASN P 828 -11.18 23.93 20.58
CA ASN P 828 -12.38 24.69 20.89
C ASN P 828 -13.56 23.77 21.20
N ARG P 829 -13.27 22.80 21.93
CA ARG P 829 -14.39 22.04 22.49
C ARG P 829 -14.44 22.16 24.01
N PHE P 830 -13.31 21.90 24.68
CA PHE P 830 -13.17 22.09 26.12
C PHE P 830 -14.23 21.34 26.91
N SER P 831 -14.66 20.20 26.40
CA SER P 831 -15.59 19.35 27.13
C SER P 831 -14.89 18.77 28.35
N PRO P 832 -15.49 18.85 29.54
CA PRO P 832 -14.78 18.38 30.75
C PRO P 832 -14.61 16.88 30.83
N GLU P 833 -15.12 16.12 29.86
CA GLU P 833 -15.12 14.66 29.96
C GLU P 833 -13.75 14.02 29.74
N GLU P 834 -12.73 14.79 29.37
CA GLU P 834 -11.44 14.18 29.07
C GLU P 834 -10.74 13.63 30.31
N ASN P 835 -11.04 14.19 31.50
CA ASN P 835 -10.54 13.58 32.72
C ASN P 835 -11.44 12.43 33.17
N ALA P 836 -12.69 12.75 33.53
CA ALA P 836 -13.75 11.79 33.80
C ALA P 836 -13.51 10.96 35.05
N ASP P 837 -12.35 11.10 35.69
CA ASP P 837 -12.07 10.37 36.92
C ASP P 837 -12.20 11.26 38.15
N PHE P 838 -11.37 12.32 38.25
CA PHE P 838 -11.37 13.32 39.31
C PHE P 838 -11.63 12.74 40.71
N LYS P 839 -11.12 11.54 40.97
CA LYS P 839 -11.40 10.84 42.22
C LYS P 839 -10.20 10.75 43.14
N GLN P 840 -9.08 10.23 42.64
CA GLN P 840 -7.87 10.13 43.45
C GLN P 840 -7.22 11.49 43.68
N TYR P 841 -7.70 12.54 43.02
CA TYR P 841 -7.05 13.85 43.06
C TYR P 841 -7.79 14.82 43.97
N ILE P 842 -8.50 14.31 44.98
CA ILE P 842 -9.34 15.14 45.83
C ILE P 842 -8.83 15.13 47.25
N GLY P 843 -8.80 13.94 47.86
CA GLY P 843 -8.39 13.81 49.24
C GLY P 843 -6.91 14.00 49.43
N PRO P 844 -6.49 14.17 50.68
CA PRO P 844 -5.05 14.34 50.97
C PRO P 844 -4.29 13.04 50.84
N HIS P 845 -3.89 12.69 49.61
CA HIS P 845 -3.15 11.46 49.37
C HIS P 845 -1.82 11.47 50.10
N GLY P 846 -1.51 10.36 50.77
CA GLY P 846 -0.30 10.23 51.54
C GLY P 846 -0.55 10.35 53.03
N LYS P 847 0.50 10.04 53.80
CA LYS P 847 0.44 10.11 55.26
C LYS P 847 1.52 10.98 55.85
N SER P 848 2.31 11.67 55.02
CA SER P 848 3.37 12.54 55.48
C SER P 848 3.13 13.96 54.98
N GLN P 849 3.29 14.93 55.86
CA GLN P 849 3.12 16.33 55.48
C GLN P 849 4.19 16.75 54.45
N TYR P 850 5.42 16.31 54.65
CA TYR P 850 6.52 16.63 53.74
C TYR P 850 6.72 15.48 52.77
N LEU P 851 6.62 15.78 51.47
CA LEU P 851 6.84 14.77 50.47
C LEU P 851 8.33 14.40 50.39
N PRO P 852 8.66 13.17 50.00
CA PRO P 852 10.07 12.79 49.89
C PRO P 852 10.78 13.62 48.83
N ARG P 853 12.04 13.95 49.10
CA ARG P 853 12.81 14.80 48.20
C ARG P 853 14.29 14.64 48.48
N GLN P 854 15.08 14.64 47.41
CA GLN P 854 16.54 14.70 47.46
C GLN P 854 17.17 13.59 48.30
N GLY P 855 17.59 13.91 49.52
CA GLY P 855 18.39 12.99 50.29
C GLY P 855 17.87 12.65 51.67
N GLY P 856 16.55 12.62 51.84
CA GLY P 856 15.97 12.13 53.06
C GLY P 856 16.11 10.63 53.18
N TYR P 857 16.10 10.14 54.43
CA TYR P 857 16.32 8.72 54.67
C TYR P 857 15.22 7.87 54.04
N LYS P 858 13.96 8.21 54.30
CA LYS P 858 12.86 7.48 53.68
C LYS P 858 12.87 7.67 52.17
N ALA P 859 13.19 8.88 51.71
CA ALA P 859 13.32 9.11 50.26
C ALA P 859 14.44 8.28 49.68
N PHE P 860 15.57 8.19 50.39
CA PHE P 860 16.70 7.38 49.93
C PHE P 860 16.29 5.92 49.80
N ILE P 861 15.58 5.41 50.81
CA ILE P 861 15.10 4.02 50.78
C ILE P 861 14.16 3.82 49.60
N GLN P 862 13.22 4.74 49.40
CA GLN P 862 12.25 4.60 48.33
C GLN P 862 12.92 4.62 46.96
N ILE P 863 13.86 5.54 46.75
CA ILE P 863 14.45 5.69 45.42
C ILE P 863 15.35 4.50 45.11
N HIS P 864 16.13 4.01 46.07
CA HIS P 864 16.94 2.84 45.76
C HIS P 864 16.13 1.55 45.73
N SER P 865 15.02 1.47 46.45
CA SER P 865 14.12 0.33 46.27
C SER P 865 13.54 0.32 44.86
N ASP P 866 13.12 1.50 44.37
CA ASP P 866 12.62 1.60 43.01
C ASP P 866 13.70 1.24 41.99
N GLU P 867 14.94 1.70 42.23
CA GLU P 867 16.04 1.39 41.32
C GLU P 867 16.33 -0.11 41.30
N ALA P 868 16.31 -0.75 42.47
CA ALA P 868 16.53 -2.20 42.53
C ALA P 868 15.41 -2.96 41.84
N LYS P 869 14.17 -2.53 42.03
CA LYS P 869 13.05 -3.19 41.35
C LYS P 869 13.13 -3.01 39.85
N GLY P 870 13.47 -1.82 39.38
CA GLY P 870 13.54 -1.56 37.95
C GLY P 870 14.96 -1.32 37.46
N MET Q 4 40.77 -2.39 98.80
CA MET Q 4 39.72 -2.05 97.85
C MET Q 4 38.33 -2.26 98.45
N SER Q 5 37.35 -1.51 97.96
CA SER Q 5 35.99 -1.66 98.42
C SER Q 5 35.28 -2.78 97.66
N LYS Q 6 34.05 -3.08 98.08
CA LYS Q 6 33.25 -4.10 97.41
C LYS Q 6 32.83 -3.56 96.05
N GLU Q 7 33.50 -4.04 95.00
CA GLU Q 7 33.28 -3.54 93.65
C GLU Q 7 32.24 -4.39 92.94
N LYS Q 8 31.29 -3.74 92.30
CA LYS Q 8 30.22 -4.41 91.57
C LYS Q 8 30.50 -4.34 90.08
N ILE Q 9 30.43 -5.50 89.43
CA ILE Q 9 30.64 -5.62 87.98
C ILE Q 9 29.29 -5.88 87.35
N LEU Q 10 28.91 -5.04 86.39
CA LEU Q 10 27.69 -5.27 85.62
C LEU Q 10 28.07 -5.72 84.22
N PRO Q 11 27.88 -7.00 83.87
CA PRO Q 11 28.23 -7.45 82.52
C PRO Q 11 27.35 -6.82 81.47
N LEU Q 12 27.93 -6.60 80.29
CA LEU Q 12 27.20 -6.00 79.18
C LEU Q 12 26.16 -6.95 78.60
N ALA Q 13 26.32 -8.25 78.79
CA ALA Q 13 25.39 -9.24 78.27
C ALA Q 13 24.27 -9.59 79.23
N ALA Q 14 24.23 -8.95 80.40
CA ALA Q 14 23.17 -9.23 81.37
C ALA Q 14 21.84 -8.71 80.84
N ARG Q 15 20.82 -9.57 80.86
CA ARG Q 15 19.50 -9.21 80.36
C ARG Q 15 18.45 -9.71 81.34
N SER Q 16 17.30 -9.03 81.32
CA SER Q 16 16.13 -9.42 82.10
C SER Q 16 14.96 -9.58 81.15
N LYS Q 17 14.56 -10.83 80.89
CA LYS Q 17 13.54 -11.10 79.90
C LYS Q 17 12.16 -10.61 80.31
N LYS Q 18 11.91 -10.43 81.61
CA LYS Q 18 10.62 -10.00 82.11
C LYS Q 18 10.56 -8.50 82.38
N ALA Q 19 11.28 -7.71 81.60
CA ALA Q 19 11.33 -6.26 81.77
C ALA Q 19 10.53 -5.59 80.68
N MET Q 20 9.63 -4.69 81.08
CA MET Q 20 8.83 -3.92 80.14
C MET Q 20 8.62 -2.52 80.71
N LEU Q 21 8.44 -1.55 79.81
CA LEU Q 21 8.23 -0.16 80.19
C LEU Q 21 6.76 0.08 80.53
N ARG Q 22 6.51 0.66 81.69
CA ARG Q 22 5.19 1.15 82.01
C ARG Q 22 4.94 2.46 81.27
N GLN Q 23 3.67 2.82 81.14
CA GLN Q 23 3.30 4.01 80.39
C GLN Q 23 3.72 5.26 81.15
N PRO Q 24 4.58 6.11 80.59
CA PRO Q 24 4.95 7.35 81.29
C PRO Q 24 3.80 8.32 81.37
N LYS Q 25 3.76 9.08 82.46
CA LYS Q 25 2.75 10.10 82.68
C LYS Q 25 3.42 11.36 83.23
N GLN Q 26 3.15 12.49 82.59
CA GLN Q 26 3.78 13.74 83.00
C GLN Q 26 3.24 14.21 84.34
N VAL Q 27 4.14 14.59 85.24
CA VAL Q 27 3.74 15.10 86.54
C VAL Q 27 4.14 16.55 86.78
N ALA Q 28 5.09 17.10 86.04
CA ALA Q 28 5.45 18.49 86.25
C ALA Q 28 6.06 19.07 84.98
N TYR Q 29 6.09 20.39 84.91
CA TYR Q 29 6.78 21.11 83.85
C TYR Q 29 7.50 22.31 84.44
N PHE Q 30 8.54 22.76 83.75
CA PHE Q 30 9.35 23.87 84.23
C PHE Q 30 9.99 24.58 83.06
N SER Q 31 10.41 25.82 83.31
CA SER Q 31 11.12 26.62 82.33
C SER Q 31 12.40 27.15 82.94
N ARG Q 32 13.52 26.89 82.29
CA ARG Q 32 14.83 27.36 82.74
C ARG Q 32 15.21 28.59 81.92
N ASP Q 33 15.39 29.71 82.61
CA ASP Q 33 15.67 31.00 81.99
C ASP Q 33 17.17 31.25 81.95
N LEU Q 34 17.55 32.49 81.61
CA LEU Q 34 18.96 32.82 81.42
C LEU Q 34 19.76 32.68 82.70
N ASN Q 35 19.20 33.13 83.83
CA ASN Q 35 19.91 33.10 85.10
C ASN Q 35 19.69 31.79 85.86
N TYR Q 36 19.31 30.73 85.15
CA TYR Q 36 19.15 29.38 85.73
C TYR Q 36 18.14 29.37 86.87
N LYS Q 37 17.12 30.22 86.80
CA LYS Q 37 16.07 30.28 87.82
C LYS Q 37 14.86 29.50 87.31
N THR Q 38 14.66 28.31 87.87
CA THR Q 38 13.56 27.46 87.44
C THR Q 38 12.23 28.02 87.91
N HIS Q 39 11.26 28.05 87.00
CA HIS Q 39 9.91 28.49 87.32
C HIS Q 39 8.91 27.42 86.89
N PRO Q 40 7.89 27.16 87.70
CA PRO Q 40 6.89 26.11 87.37
C PRO Q 40 5.75 26.63 86.50
N ASP Q 41 6.06 26.91 85.24
CA ASP Q 41 5.07 27.39 84.29
C ASP Q 41 5.45 26.90 82.90
N ARG Q 42 4.79 27.45 81.89
CA ARG Q 42 5.02 27.07 80.50
C ARG Q 42 5.46 28.29 79.68
N SER Q 43 6.34 29.10 80.25
CA SER Q 43 6.79 30.31 79.56
C SER Q 43 7.65 29.98 78.35
N ASN Q 44 8.45 28.93 78.42
CA ASN Q 44 9.37 28.57 77.35
C ASN Q 44 8.85 27.48 76.44
N LEU Q 45 7.61 27.05 76.62
CA LEU Q 45 7.03 26.04 75.73
C LEU Q 45 6.82 26.66 74.35
N SER Q 46 7.28 25.97 73.32
CA SER Q 46 7.17 26.43 71.94
C SER Q 46 6.23 25.52 71.15
N TYR Q 47 5.89 25.97 69.95
CA TYR Q 47 4.91 25.28 69.11
C TYR Q 47 5.49 25.08 67.72
N TYR Q 48 5.23 23.90 67.14
CA TYR Q 48 5.85 23.52 65.89
C TYR Q 48 5.09 24.09 64.71
N TYR Q 49 5.83 24.66 63.75
CA TYR Q 49 5.22 25.17 62.52
C TYR Q 49 6.31 25.26 61.45
N LEU Q 50 6.21 24.44 60.41
CA LEU Q 50 7.15 24.51 59.30
C LEU Q 50 6.49 23.98 58.03
N PRO Q 51 6.11 24.85 57.10
CA PRO Q 51 5.51 24.37 55.84
C PRO Q 51 6.57 23.90 54.84
N ASP Q 52 6.14 23.53 53.63
CA ASP Q 52 7.08 23.07 52.61
C ASP Q 52 7.87 24.22 52.01
N GLY Q 53 7.35 25.45 52.10
CA GLY Q 53 8.04 26.58 51.51
C GLY Q 53 9.39 26.86 52.16
N ASP Q 54 9.46 26.65 53.48
CA ASP Q 54 10.74 26.84 54.16
C ASP Q 54 11.78 25.83 53.69
N ILE Q 55 11.36 24.59 53.47
CA ILE Q 55 12.29 23.57 52.97
C ILE Q 55 12.71 23.89 51.54
N ASP Q 56 11.76 24.32 50.71
CA ASP Q 56 12.07 24.62 49.32
C ASP Q 56 12.99 25.83 49.20
N ASN Q 57 12.95 26.76 50.17
CA ASN Q 57 13.73 27.98 50.09
C ASN Q 57 15.21 27.78 50.42
N SER Q 58 15.61 26.59 50.84
CA SER Q 58 16.99 26.28 51.19
C SER Q 58 17.51 27.22 52.28
N ILE Q 59 16.88 27.11 53.44
CA ILE Q 59 17.21 27.98 54.57
C ILE Q 59 18.58 27.60 55.12
N ASP Q 60 19.47 28.57 55.23
CA ASP Q 60 20.79 28.33 55.80
C ASP Q 60 20.68 28.07 57.30
N LEU Q 61 21.56 27.22 57.80
CA LEU Q 61 21.55 26.83 59.20
C LEU Q 61 22.78 27.29 59.97
N SER Q 62 23.82 27.75 59.30
CA SER Q 62 25.04 28.20 59.95
C SER Q 62 25.09 29.70 60.17
N VAL Q 63 24.05 30.43 59.79
CA VAL Q 63 24.07 31.89 59.91
C VAL Q 63 23.91 32.27 61.38
N GLY Q 64 24.74 33.21 61.83
CA GLY Q 64 24.70 33.66 63.20
C GLY Q 64 25.52 32.84 64.17
N SER Q 65 26.42 31.98 63.67
CA SER Q 65 27.22 31.13 64.56
C SER Q 65 28.26 31.92 65.35
N LYS Q 66 28.56 33.15 64.93
CA LYS Q 66 29.57 33.94 65.62
C LYS Q 66 29.14 34.30 67.04
N HIS Q 67 27.87 34.64 67.23
CA HIS Q 67 27.35 35.09 68.52
C HIS Q 67 26.52 34.01 69.20
N PHE Q 68 26.91 32.75 69.03
CA PHE Q 68 26.23 31.65 69.69
C PHE Q 68 26.64 31.58 71.16
N LEU Q 69 25.65 31.45 72.04
CA LEU Q 69 25.89 31.42 73.48
C LEU Q 69 25.93 29.97 73.97
N LEU Q 70 26.82 29.71 74.92
CA LEU Q 70 26.97 28.39 75.52
C LEU Q 70 26.60 28.45 76.99
N GLY Q 71 26.17 27.30 77.51
CA GLY Q 71 25.79 27.16 78.91
C GLY Q 71 26.77 26.29 79.66
N ASP Q 72 26.92 26.58 80.96
CA ASP Q 72 27.82 25.80 81.80
C ASP Q 72 27.29 24.39 81.98
N SER Q 73 28.20 23.41 81.88
CA SER Q 73 27.80 22.02 82.04
C SER Q 73 27.29 21.73 83.45
N VAL Q 74 27.96 22.29 84.46
CA VAL Q 74 27.57 22.02 85.84
C VAL Q 74 26.18 22.59 86.13
N GLU Q 75 25.93 23.83 85.69
CA GLU Q 75 24.64 24.46 85.96
C GLU Q 75 23.50 23.75 85.24
N LEU Q 76 23.72 23.35 83.99
CA LEU Q 76 22.68 22.66 83.23
C LEU Q 76 22.46 21.23 83.70
N SER Q 77 23.49 20.60 84.27
CA SER Q 77 23.40 19.22 84.73
C SER Q 77 22.90 19.11 86.17
N LYS Q 78 22.70 20.22 86.86
CA LYS Q 78 22.23 20.17 88.24
C LYS Q 78 20.77 19.73 88.29
N LEU Q 79 20.41 19.06 89.38
CA LEU Q 79 19.06 18.56 89.60
C LEU Q 79 18.16 19.58 90.29
N ASP Q 80 18.47 20.87 90.16
CA ASP Q 80 17.64 21.89 90.78
C ASP Q 80 16.19 21.90 90.29
N PRO Q 81 15.89 21.83 88.99
CA PRO Q 81 14.47 21.87 88.59
C PRO Q 81 13.69 20.64 89.02
N ILE Q 82 14.27 19.45 88.89
CA ILE Q 82 13.57 18.24 89.28
C ILE Q 82 13.29 18.24 90.78
N LEU Q 83 14.30 18.60 91.58
CA LEU Q 83 14.10 18.67 93.03
C LEU Q 83 13.10 19.75 93.41
N LEU Q 84 13.11 20.87 92.68
CA LEU Q 84 12.12 21.90 92.94
C LEU Q 84 10.71 21.40 92.68
N ALA Q 85 10.47 20.83 91.50
CA ALA Q 85 9.15 20.29 91.18
C ALA Q 85 8.75 19.21 92.16
N LEU Q 86 9.73 18.44 92.66
CA LEU Q 86 9.47 17.54 93.77
C LEU Q 86 8.99 18.31 94.99
N LYS Q 87 9.57 19.48 95.26
CA LYS Q 87 9.14 20.26 96.42
C LYS Q 87 7.69 20.72 96.29
N GLU Q 88 7.31 21.22 95.11
CA GLU Q 88 5.89 21.60 94.96
C GLU Q 88 4.97 20.38 94.98
N ILE Q 89 5.34 19.28 94.34
CA ILE Q 89 4.41 18.14 94.37
C ILE Q 89 4.32 17.58 95.79
N GLU Q 90 5.39 17.70 96.58
CA GLU Q 90 5.34 17.29 97.98
C GLU Q 90 4.48 18.23 98.81
N LYS Q 91 4.59 19.54 98.55
CA LYS Q 91 3.82 20.51 99.31
C LYS Q 91 2.33 20.37 99.06
N GLU Q 92 1.93 20.30 97.79
CA GLU Q 92 0.52 20.13 97.44
C GLU Q 92 0.10 18.66 97.33
N SER Q 93 0.93 17.72 97.80
CA SER Q 93 0.51 16.33 97.96
C SER Q 93 0.32 15.92 99.40
N GLY Q 94 1.19 16.38 100.31
CA GLY Q 94 1.06 16.08 101.72
C GLY Q 94 1.63 14.75 102.17
N ALA Q 95 2.15 13.94 101.25
CA ALA Q 95 2.72 12.65 101.60
C ALA Q 95 3.82 12.31 100.61
N LYS Q 96 4.75 11.47 101.06
CA LYS Q 96 5.91 11.12 100.24
C LYS Q 96 5.48 10.35 99.00
N THR Q 97 6.23 10.56 97.92
CA THR Q 97 5.89 9.97 96.63
C THR Q 97 6.32 8.50 96.58
N LYS Q 98 5.96 7.83 95.49
CA LYS Q 98 6.22 6.41 95.29
C LYS Q 98 7.35 6.14 94.31
N ASP Q 99 8.04 7.18 93.85
CA ASP Q 99 9.15 7.02 92.93
C ASP Q 99 10.39 6.50 93.65
N ARG Q 100 11.28 5.84 92.90
CA ARG Q 100 12.43 5.16 93.48
C ARG Q 100 13.75 5.77 93.04
N ILE Q 101 13.99 5.94 91.74
CA ILE Q 101 15.17 6.63 91.24
C ILE Q 101 14.76 7.96 90.62
N ILE Q 102 15.49 9.02 90.95
CA ILE Q 102 15.19 10.38 90.51
C ILE Q 102 16.38 10.88 89.70
N THR Q 103 16.14 11.26 88.45
CA THR Q 103 17.28 11.60 87.59
C THR Q 103 16.83 12.40 86.38
N TRP Q 104 17.81 12.79 85.58
CA TRP Q 104 17.61 13.46 84.29
C TRP Q 104 17.35 12.43 83.20
N ARG Q 105 16.99 12.95 82.01
CA ARG Q 105 16.74 12.07 80.87
C ARG Q 105 18.05 11.61 80.23
N GLY Q 106 19.06 12.48 80.18
CA GLY Q 106 20.29 12.14 79.50
C GLY Q 106 21.06 11.01 80.16
N ILE Q 107 21.02 10.96 81.49
CA ILE Q 107 21.71 9.90 82.23
C ILE Q 107 21.17 8.53 81.84
N MET Q 108 19.84 8.38 81.88
CA MET Q 108 19.23 7.12 81.50
C MET Q 108 19.38 6.85 80.01
N ARG Q 109 19.38 7.89 79.18
CA ARG Q 109 19.62 7.70 77.76
C ARG Q 109 20.98 7.06 77.51
N LYS Q 110 22.03 7.64 78.10
CA LYS Q 110 23.37 7.08 77.92
C LYS Q 110 23.48 5.70 78.54
N LEU Q 111 22.92 5.51 79.74
CA LEU Q 111 23.02 4.24 80.43
C LEU Q 111 22.23 3.13 79.75
N LEU Q 112 21.22 3.47 78.95
CA LEU Q 112 20.50 2.48 78.16
C LEU Q 112 21.16 2.24 76.81
N THR Q 113 21.74 3.29 76.21
CA THR Q 113 22.34 3.21 74.89
C THR Q 113 23.75 2.63 74.93
N LEU Q 114 24.35 2.53 76.12
CA LEU Q 114 25.73 2.09 76.28
C LEU Q 114 26.09 0.78 75.57
N PRO Q 115 25.32 -0.31 75.68
CA PRO Q 115 25.82 -1.60 75.14
C PRO Q 115 26.14 -1.57 73.65
N TYR Q 116 25.46 -0.76 72.86
CA TYR Q 116 25.65 -0.76 71.41
C TYR Q 116 26.22 0.52 70.85
N ASP Q 117 26.20 1.63 71.60
CA ASP Q 117 26.70 2.92 71.13
C ASP Q 117 27.49 3.48 72.31
N SER Q 118 28.78 3.14 72.38
CA SER Q 118 29.58 3.41 73.57
C SER Q 118 30.87 4.16 73.30
N GLU Q 119 30.84 5.20 72.46
CA GLU Q 119 32.01 6.05 72.22
C GLU Q 119 32.10 7.22 73.19
N GLU Q 120 31.57 7.08 74.40
CA GLU Q 120 31.64 8.14 75.40
C GLU Q 120 31.77 7.51 76.78
N ASP Q 121 32.78 7.94 77.53
CA ASP Q 121 33.00 7.49 78.89
C ASP Q 121 32.18 8.33 79.85
N PHE Q 122 31.63 7.69 80.88
CA PHE Q 122 30.84 8.43 81.85
C PHE Q 122 31.09 7.90 83.26
N VAL Q 123 31.22 8.82 84.20
CA VAL Q 123 31.30 8.52 85.62
C VAL Q 123 30.17 9.29 86.30
N LEU Q 124 29.33 8.57 87.05
CA LEU Q 124 28.14 9.14 87.66
C LEU Q 124 28.15 8.88 89.16
N ASP Q 125 27.67 9.87 89.92
CA ASP Q 125 27.54 9.80 91.36
C ASP Q 125 26.10 9.45 91.72
N VAL Q 126 25.94 8.51 92.66
CA VAL Q 126 24.65 8.02 93.12
C VAL Q 126 24.55 8.32 94.60
N VAL Q 127 23.47 8.99 95.00
CA VAL Q 127 23.22 9.35 96.39
C VAL Q 127 21.92 8.72 96.83
N SER Q 128 21.96 7.96 97.92
CA SER Q 128 20.78 7.31 98.48
C SER Q 128 20.34 8.12 99.69
N PHE Q 129 19.27 8.90 99.52
CA PHE Q 129 18.77 9.78 100.57
C PHE Q 129 17.29 9.52 100.78
N ASP Q 130 16.92 9.18 102.02
CA ASP Q 130 15.53 8.98 102.43
C ASP Q 130 14.83 7.93 101.56
N GLY Q 131 15.57 6.90 101.18
CA GLY Q 131 15.02 5.84 100.37
C GLY Q 131 14.92 6.15 98.89
N GLN Q 132 15.34 7.33 98.47
CA GLN Q 132 15.30 7.74 97.07
C GLN Q 132 16.71 7.84 96.51
N LEU Q 133 16.80 7.74 95.20
CA LEU Q 133 18.09 7.72 94.49
C LEU Q 133 18.24 8.98 93.66
N PHE Q 134 19.38 9.65 93.83
CA PHE Q 134 19.72 10.83 93.05
C PHE Q 134 20.96 10.51 92.22
N ILE Q 135 20.83 10.63 90.90
CA ILE Q 135 21.90 10.30 89.96
C ILE Q 135 22.37 11.59 89.32
N GLN Q 136 23.67 11.84 89.33
CA GLN Q 136 24.20 13.05 88.73
C GLN Q 136 25.53 12.74 88.06
N PHE Q 137 25.91 13.58 87.09
CA PHE Q 137 27.25 13.51 86.53
C PHE Q 137 28.28 13.88 87.59
N ASN Q 138 29.43 13.23 87.55
CA ASN Q 138 30.49 13.49 88.51
C ASN Q 138 31.12 14.86 88.24
N VAL Q 139 31.21 15.68 89.30
CA VAL Q 139 31.71 17.06 89.12
C VAL Q 139 33.15 17.09 88.61
N PRO Q 140 34.09 16.31 89.16
CA PRO Q 140 35.41 16.23 88.49
C PRO Q 140 35.31 15.79 87.05
N TYR Q 141 34.42 14.83 86.75
CA TYR Q 141 34.20 14.44 85.37
C TYR Q 141 33.61 15.59 84.56
N LEU Q 142 32.76 16.42 85.18
CA LEU Q 142 32.22 17.59 84.50
C LEU Q 142 33.32 18.58 84.12
N LYS Q 143 34.22 18.89 85.05
CA LYS Q 143 35.26 19.85 84.70
C LYS Q 143 36.28 19.26 83.73
N SER Q 144 36.56 17.97 83.82
CA SER Q 144 37.41 17.33 82.82
C SER Q 144 36.78 17.38 81.43
N LYS Q 145 35.46 17.13 81.37
CA LYS Q 145 34.75 17.20 80.10
C LYS Q 145 34.75 18.61 79.54
N ASP Q 146 34.57 19.61 80.41
CA ASP Q 146 34.63 21.00 79.95
C ASP Q 146 36.02 21.35 79.43
N VAL Q 147 37.07 20.90 80.13
CA VAL Q 147 38.43 21.19 79.69
C VAL Q 147 38.71 20.56 78.34
N GLN Q 148 38.30 19.29 78.15
CA GLN Q 148 38.57 18.63 76.87
C GLN Q 148 37.66 19.16 75.76
N LYS Q 149 36.48 19.68 76.11
CA LYS Q 149 35.58 20.23 75.12
C LYS Q 149 36.02 21.63 74.66
N GLN Q 150 36.71 22.37 75.53
CA GLN Q 150 37.16 23.71 75.18
C GLN Q 150 38.10 23.71 73.97
N GLY Q 151 38.73 22.59 73.67
CA GLY Q 151 39.61 22.49 72.52
C GLY Q 151 39.09 21.57 71.43
N ASP Q 152 37.78 21.63 71.16
CA ASP Q 152 37.13 20.74 70.20
C ASP Q 152 37.00 21.37 68.83
N THR Q 153 37.96 22.20 68.43
CA THR Q 153 38.02 22.84 67.11
C THR Q 153 36.74 23.67 66.90
N GLU Q 154 36.25 23.74 65.66
CA GLU Q 154 35.08 24.56 65.35
C GLU Q 154 33.99 23.82 64.58
N PHE Q 155 34.24 22.58 64.12
CA PHE Q 155 33.21 21.89 63.37
C PHE Q 155 32.10 21.37 64.27
N HIS Q 156 32.46 20.83 65.44
CA HIS Q 156 31.46 20.29 66.34
C HIS Q 156 30.53 21.37 66.88
N LYS Q 157 31.09 22.52 67.27
CA LYS Q 157 30.24 23.63 67.68
C LYS Q 157 29.42 24.17 66.53
N LYS Q 158 29.95 24.11 65.31
CA LYS Q 158 29.17 24.50 64.14
C LYS Q 158 27.96 23.60 63.96
N LEU Q 159 28.14 22.29 64.11
CA LEU Q 159 27.02 21.37 63.99
C LEU Q 159 26.01 21.57 65.12
N GLN Q 160 26.50 21.79 66.33
CA GLN Q 160 25.61 22.04 67.46
C GLN Q 160 24.78 23.30 67.24
N PHE Q 161 25.42 24.37 66.76
CA PHE Q 161 24.67 25.59 66.46
C PHE Q 161 23.72 25.39 65.30
N SER Q 162 24.08 24.54 64.32
CA SER Q 162 23.16 24.25 63.23
C SER Q 162 21.90 23.57 63.76
N GLY Q 163 22.07 22.61 64.67
CA GLY Q 163 20.91 21.97 65.26
C GLY Q 163 20.06 22.94 66.06
N TYR Q 164 20.70 23.80 66.86
CA TYR Q 164 19.95 24.77 67.64
C TYR Q 164 19.23 25.78 66.74
N LYS Q 165 19.87 26.17 65.63
CA LYS Q 165 19.25 27.09 64.69
C LYS Q 165 18.06 26.45 63.99
N PHE Q 166 18.17 25.17 63.66
CA PHE Q 166 17.02 24.47 63.10
C PHE Q 166 15.87 24.43 64.10
N GLU Q 167 16.19 24.16 65.37
CA GLU Q 167 15.16 24.15 66.41
C GLU Q 167 14.51 25.52 66.55
N LYS Q 168 15.31 26.59 66.49
CA LYS Q 168 14.75 27.93 66.62
C LYS Q 168 13.92 28.32 65.41
N MET Q 169 14.35 27.93 64.21
CA MET Q 169 13.65 28.31 62.99
C MET Q 169 12.38 27.51 62.78
N ALA Q 170 12.31 26.27 63.26
CA ALA Q 170 11.16 25.43 62.99
C ALA Q 170 10.01 25.62 63.96
N THR Q 171 10.18 26.39 65.02
CA THR Q 171 9.17 26.52 66.06
C THR Q 171 8.74 27.98 66.24
N LEU Q 172 7.67 28.17 67.01
CA LEU Q 172 7.10 29.47 67.31
C LEU Q 172 6.91 29.62 68.81
N PRO Q 173 7.08 30.83 69.35
CA PRO Q 173 6.88 31.02 70.79
C PRO Q 173 5.43 30.98 71.21
N LYS Q 174 4.50 31.21 70.30
CA LYS Q 174 3.06 31.19 70.55
C LYS Q 174 2.40 30.33 69.49
N PRO Q 175 1.19 29.84 69.73
CA PRO Q 175 0.47 29.12 68.69
C PRO Q 175 0.24 30.01 67.48
N TRP Q 176 0.17 29.38 66.31
CA TRP Q 176 0.07 30.11 65.04
C TRP Q 176 -1.09 31.10 64.98
N PRO Q 177 -2.31 30.79 65.41
CA PRO Q 177 -3.38 31.81 65.33
C PRO Q 177 -3.10 33.08 66.12
N GLU Q 178 -2.37 32.99 67.23
CA GLU Q 178 -2.07 34.16 68.04
C GLU Q 178 -0.74 34.83 67.68
N CYS Q 179 -0.02 34.31 66.70
CA CYS Q 179 1.24 34.90 66.29
C CYS Q 179 1.02 35.96 65.23
N THR Q 180 1.93 36.94 65.19
CA THR Q 180 1.90 37.99 64.19
C THR Q 180 2.93 37.70 63.10
N ARG Q 181 2.86 38.49 62.03
CA ARG Q 181 3.81 38.33 60.94
C ARG Q 181 5.22 38.77 61.31
N LYS Q 182 5.36 39.65 62.31
CA LYS Q 182 6.68 40.04 62.76
C LYS Q 182 7.38 38.90 63.49
N GLU Q 183 6.62 38.11 64.25
CA GLU Q 183 7.21 37.03 65.04
C GLU Q 183 7.52 35.80 64.20
N ILE Q 184 7.12 35.76 62.94
CA ILE Q 184 7.38 34.63 62.06
C ILE Q 184 8.56 34.91 61.14
N ASP Q 185 8.66 36.11 60.59
CA ASP Q 185 9.75 36.45 59.69
C ASP Q 185 11.03 36.85 60.42
N SER Q 186 10.98 36.99 61.74
CA SER Q 186 12.15 37.37 62.52
C SER Q 186 12.79 36.18 63.24
N ARG Q 187 12.40 34.95 62.89
CA ARG Q 187 12.99 33.78 63.53
C ARG Q 187 14.47 33.67 63.21
N ALA Q 188 14.87 33.98 61.98
CA ALA Q 188 16.27 33.90 61.59
C ALA Q 188 17.13 35.01 62.17
N LYS Q 189 16.50 36.06 62.72
CA LYS Q 189 17.22 37.19 63.29
C LYS Q 189 17.27 37.15 64.82
N SER Q 190 16.90 36.03 65.43
CA SER Q 190 16.86 35.92 66.88
C SER Q 190 18.20 35.41 67.43
N LYS Q 191 18.25 35.22 68.73
CA LYS Q 191 19.44 34.74 69.41
C LYS Q 191 19.23 33.29 69.84
N CYS Q 192 20.23 32.45 69.57
CA CYS Q 192 20.15 31.03 69.87
C CYS Q 192 21.09 30.69 71.03
N ASN Q 193 20.57 29.95 72.01
CA ASN Q 193 21.35 29.53 73.16
C ASN Q 193 20.74 28.27 73.74
N ASN Q 194 21.52 27.57 74.57
CA ASN Q 194 21.07 26.35 75.21
C ASN Q 194 20.59 26.57 76.64
N ILE Q 195 20.84 27.74 77.23
CA ILE Q 195 20.39 28.00 78.59
C ILE Q 195 18.87 28.16 78.62
N GLU Q 196 18.32 28.90 77.67
CA GLU Q 196 16.88 29.13 77.59
C GLU Q 196 16.19 27.84 77.14
N GLN Q 197 15.43 27.21 78.03
CA GLN Q 197 14.83 25.93 77.68
C GLN Q 197 13.56 25.69 78.48
N TYR Q 198 12.78 24.71 78.02
CA TYR Q 198 11.59 24.23 78.70
C TYR Q 198 11.70 22.73 78.88
N GLY Q 199 11.35 22.24 80.06
CA GLY Q 199 11.49 20.83 80.36
C GLY Q 199 10.24 20.28 81.04
N ALA Q 200 10.11 18.96 80.96
CA ALA Q 200 9.03 18.24 81.58
C ALA Q 200 9.60 17.14 82.47
N ILE Q 201 8.92 16.89 83.60
CA ILE Q 201 9.30 15.87 84.55
C ILE Q 201 8.19 14.85 84.59
N VAL Q 202 8.53 13.59 84.31
CA VAL Q 202 7.58 12.52 84.02
C VAL Q 202 7.91 11.32 84.89
N ARG Q 203 6.87 10.68 85.43
CA ARG Q 203 7.03 9.46 86.21
C ARG Q 203 6.87 8.25 85.29
N THR Q 204 7.90 7.42 85.20
CA THR Q 204 7.89 6.19 84.43
C THR Q 204 8.12 5.01 85.36
N GLY Q 205 7.90 3.81 84.82
CA GLY Q 205 8.07 2.60 85.60
C GLY Q 205 8.60 1.46 84.76
N ILE Q 206 9.36 0.58 85.40
CA ILE Q 206 9.88 -0.61 84.74
C ILE Q 206 10.17 -1.66 85.79
N SER Q 207 9.79 -2.91 85.48
CA SER Q 207 9.91 -4.06 86.40
C SER Q 207 9.14 -3.71 87.66
N ARG Q 208 9.78 -3.58 88.82
CA ARG Q 208 9.09 -3.16 90.03
C ARG Q 208 9.77 -1.89 90.54
N ILE Q 209 10.02 -0.96 89.62
CA ILE Q 209 10.84 0.23 89.90
C ILE Q 209 10.14 1.45 89.31
N LYS Q 210 10.13 2.54 90.07
CA LYS Q 210 9.56 3.81 89.62
C LYS Q 210 10.66 4.85 89.51
N ILE Q 211 10.68 5.57 88.40
CA ILE Q 211 11.72 6.54 88.08
C ILE Q 211 11.07 7.88 87.76
N LEU Q 212 11.66 8.95 88.25
CA LEU Q 212 11.21 10.31 87.99
C LEU Q 212 12.26 10.95 87.07
N ILE Q 213 11.90 11.07 85.79
CA ILE Q 213 12.82 11.49 84.75
C ILE Q 213 12.53 12.93 84.37
N GLY Q 214 13.56 13.79 84.44
CA GLY Q 214 13.45 15.15 83.96
C GLY Q 214 14.14 15.28 82.61
N GLY Q 215 13.46 15.94 81.66
CA GLY Q 215 14.02 16.10 80.34
C GLY Q 215 13.48 17.27 79.57
N ALA Q 216 14.33 17.93 78.78
CA ALA Q 216 13.90 19.08 78.00
C ALA Q 216 13.03 18.65 76.84
N VAL Q 217 12.02 19.45 76.54
CA VAL Q 217 11.10 19.21 75.43
C VAL Q 217 11.24 20.35 74.44
N ALA Q 218 11.49 20.00 73.17
CA ALA Q 218 11.74 21.02 72.16
C ALA Q 218 10.52 21.91 71.94
N CYS Q 219 9.37 21.30 71.68
CA CYS Q 219 8.13 22.03 71.40
C CYS Q 219 6.99 21.03 71.43
N THR Q 220 5.79 21.50 71.10
CA THR Q 220 4.60 20.66 71.01
C THR Q 220 3.97 20.84 69.63
N ALA Q 221 3.07 19.92 69.28
CA ALA Q 221 2.53 19.85 67.93
C ALA Q 221 1.75 21.10 67.56
N ASP Q 222 0.61 21.34 68.22
CA ASP Q 222 -0.19 22.53 67.94
C ASP Q 222 -0.69 23.26 69.17
N TYR Q 223 -0.80 22.60 70.32
CA TYR Q 223 -1.31 23.22 71.54
C TYR Q 223 -0.96 22.32 72.71
N TYR Q 224 -1.19 22.82 73.91
CA TYR Q 224 -0.94 22.06 75.13
C TYR Q 224 -2.19 21.27 75.48
N ASP Q 225 -2.06 19.94 75.52
CA ASP Q 225 -3.17 19.05 75.85
C ASP Q 225 -3.17 18.83 77.35
N GLU Q 226 -4.18 19.37 78.05
CA GLU Q 226 -4.25 19.19 79.49
C GLU Q 226 -4.64 17.76 79.86
N ASN Q 227 -5.35 17.07 78.99
CA ASN Q 227 -5.75 15.69 79.28
C ASN Q 227 -4.55 14.74 79.21
N ASP Q 228 -3.74 14.88 78.16
CA ASP Q 228 -2.55 14.04 78.00
C ASP Q 228 -1.46 14.87 77.35
N PRO Q 229 -0.65 15.56 78.13
CA PRO Q 229 0.40 16.43 77.55
C PRO Q 229 1.41 15.69 76.71
N LEU Q 230 1.74 14.44 77.05
CA LEU Q 230 2.76 13.71 76.33
C LEU Q 230 2.32 13.28 74.93
N SER Q 231 1.03 13.38 74.62
CA SER Q 231 0.55 12.95 73.31
C SER Q 231 0.93 13.92 72.20
N ARG Q 232 1.05 15.21 72.52
CA ARG Q 232 1.32 16.24 71.52
C ARG Q 232 2.79 16.67 71.48
N TYR Q 233 3.65 16.04 72.27
CA TYR Q 233 5.05 16.44 72.30
C TYR Q 233 5.75 16.01 71.01
N ILE Q 234 6.94 16.58 70.78
CA ILE Q 234 7.64 16.39 69.52
C ILE Q 234 9.10 16.80 69.74
N GLU Q 235 10.01 16.09 69.07
CA GLU Q 235 11.44 16.32 69.22
C GLU Q 235 12.07 16.53 67.85
N LEU Q 236 13.04 17.45 67.78
CA LEU Q 236 13.68 17.84 66.53
C LEU Q 236 15.17 17.57 66.61
N LYS Q 237 15.72 16.98 65.55
CA LYS Q 237 17.15 16.67 65.48
C LYS Q 237 17.64 16.92 64.06
N THR Q 238 18.96 17.10 63.93
CA THR Q 238 19.60 17.37 62.65
C THR Q 238 20.65 16.31 62.36
N THR Q 239 20.64 15.78 61.14
CA THR Q 239 21.65 14.83 60.68
C THR Q 239 22.08 15.22 59.27
N ARG Q 240 23.22 14.67 58.86
CA ARG Q 240 23.72 14.92 57.51
C ARG Q 240 22.87 14.16 56.48
N THR Q 241 22.91 14.64 55.24
CA THR Q 241 22.14 14.02 54.17
C THR Q 241 22.64 12.61 53.89
N ILE Q 242 21.71 11.74 53.52
CA ILE Q 242 22.02 10.33 53.30
C ILE Q 242 22.25 10.11 51.80
N ASN Q 243 23.39 9.51 51.46
CA ASN Q 243 23.72 9.29 50.06
C ASN Q 243 24.30 7.92 49.75
N GLN Q 244 24.65 7.11 50.73
CA GLN Q 244 25.24 5.80 50.46
C GLN Q 244 25.04 4.90 51.67
N TYR Q 245 25.62 3.71 51.59
CA TYR Q 245 25.43 2.70 52.64
C TYR Q 245 26.02 3.16 53.97
N LYS Q 246 27.19 3.81 53.92
CA LYS Q 246 27.80 4.32 55.16
C LYS Q 246 26.91 5.35 55.83
N ASP Q 247 26.29 6.23 55.04
CA ASP Q 247 25.33 7.18 55.57
C ASP Q 247 24.13 6.44 56.18
N MET Q 248 23.70 5.35 55.54
CA MET Q 248 22.62 4.55 56.10
C MET Q 248 22.97 4.00 57.47
N ILE Q 249 24.16 3.43 57.61
CA ILE Q 249 24.59 2.82 58.88
C ILE Q 249 24.69 3.89 59.96
N ALA Q 250 25.30 5.03 59.61
CA ALA Q 250 25.45 6.13 60.56
C ALA Q 250 24.09 6.63 61.01
N PHE Q 251 23.16 6.79 60.07
CA PHE Q 251 21.84 7.30 60.43
C PHE Q 251 21.05 6.28 61.25
N GLU Q 252 21.23 4.98 60.99
CA GLU Q 252 20.56 3.98 61.82
C GLU Q 252 21.09 3.99 63.24
N LYS Q 253 22.41 4.16 63.41
CA LYS Q 253 22.97 4.26 64.75
C LYS Q 253 22.45 5.50 65.47
N LYS Q 254 22.41 6.64 64.76
CA LYS Q 254 21.87 7.86 65.35
C LYS Q 254 20.39 7.70 65.69
N LEU Q 255 19.65 6.99 64.83
CA LEU Q 255 18.25 6.72 65.07
C LEU Q 255 18.05 5.90 66.34
N PHE Q 256 18.87 4.87 66.54
CA PHE Q 256 18.77 4.07 67.75
C PHE Q 256 19.07 4.91 68.99
N ARG Q 257 20.12 5.74 68.91
CA ARG Q 257 20.47 6.59 70.06
C ARG Q 257 19.33 7.55 70.41
N THR Q 258 18.83 8.28 69.42
CA THR Q 258 17.80 9.26 69.72
C THR Q 258 16.44 8.61 70.01
N TRP Q 259 16.20 7.39 69.53
CA TRP Q 259 15.00 6.67 69.93
C TRP Q 259 15.08 6.28 71.39
N ALA Q 260 16.27 5.87 71.84
CA ALA Q 260 16.46 5.62 73.27
C ALA Q 260 16.26 6.90 74.07
N GLN Q 261 16.74 8.03 73.53
CA GLN Q 261 16.55 9.31 74.20
C GLN Q 261 15.07 9.69 74.31
N CYS Q 262 14.32 9.48 73.23
CA CYS Q 262 12.95 9.96 73.15
C CYS Q 262 11.94 9.04 73.81
N PHE Q 263 12.18 7.71 73.76
CA PHE Q 263 11.23 6.75 74.28
C PHE Q 263 11.07 6.82 75.79
N LEU Q 264 12.07 7.36 76.49
CA LEU Q 264 11.97 7.48 77.94
C LEU Q 264 10.85 8.44 78.34
N LEU Q 265 10.72 9.55 77.63
CA LEU Q 265 9.68 10.55 77.94
C LEU Q 265 8.36 10.27 77.24
N GLY Q 266 8.30 9.24 76.40
CA GLY Q 266 7.04 8.91 75.75
C GLY Q 266 6.61 9.84 74.66
N ILE Q 267 7.53 10.60 74.07
CA ILE Q 267 7.19 11.51 72.97
C ILE Q 267 6.90 10.70 71.73
N PRO Q 268 5.74 10.88 71.08
CA PRO Q 268 5.38 9.99 69.97
C PRO Q 268 6.03 10.33 68.64
N LYS Q 269 6.23 11.61 68.34
CA LYS Q 269 6.68 12.02 67.02
C LYS Q 269 8.03 12.72 67.09
N ILE Q 270 8.84 12.49 66.06
CA ILE Q 270 10.18 13.07 65.97
C ILE Q 270 10.34 13.63 64.56
N ILE Q 271 11.09 14.73 64.43
CA ILE Q 271 11.29 15.40 63.16
C ILE Q 271 12.79 15.53 62.89
N TYR Q 272 13.22 15.25 61.67
CA TYR Q 272 14.64 15.28 61.35
C TYR Q 272 14.96 16.10 60.12
N GLY Q 273 15.74 17.17 60.24
CA GLY Q 273 16.16 18.01 59.14
C GLY Q 273 17.52 17.61 58.61
N PHE Q 274 17.54 17.00 57.41
CA PHE Q 274 18.77 16.58 56.78
C PHE Q 274 19.40 17.74 56.03
N ARG Q 275 20.67 17.99 56.33
CA ARG Q 275 21.44 19.09 55.77
C ARG Q 275 22.70 18.55 55.09
N ASP Q 276 23.27 19.37 54.21
CA ASP Q 276 24.47 19.00 53.50
C ASP Q 276 25.70 19.48 54.25
N ASP Q 277 26.88 19.37 53.64
CA ASP Q 277 28.11 19.81 54.27
C ASP Q 277 28.24 21.32 54.36
N ASN Q 278 27.38 22.07 53.67
CA ASN Q 278 27.38 23.52 53.71
C ASN Q 278 26.43 24.08 54.77
N CYS Q 279 25.88 23.22 55.62
CA CYS Q 279 24.91 23.61 56.65
C CYS Q 279 23.70 24.30 56.03
N ILE Q 280 23.16 23.69 54.98
CA ILE Q 280 21.95 24.15 54.32
C ILE Q 280 20.91 23.06 54.47
N LEU Q 281 19.72 23.42 54.98
CA LEU Q 281 18.67 22.44 55.21
C LEU Q 281 18.19 21.87 53.89
N ARG Q 282 18.56 20.61 53.62
CA ARG Q 282 18.23 20.01 52.33
C ARG Q 282 16.82 19.43 52.33
N THR Q 283 16.43 18.73 53.39
CA THR Q 283 15.09 18.15 53.45
C THR Q 283 14.68 17.97 54.91
N VAL Q 284 13.44 17.54 55.11
CA VAL Q 284 12.90 17.30 56.44
C VAL Q 284 11.91 16.15 56.34
N GLU Q 285 11.78 15.39 57.42
CA GLU Q 285 10.84 14.28 57.42
C GLU Q 285 10.47 13.91 58.86
N GLU Q 286 9.41 13.12 58.98
CA GLU Q 286 8.83 12.73 60.25
C GLU Q 286 9.12 11.26 60.56
N PHE Q 287 9.03 10.95 61.85
CA PHE Q 287 9.17 9.58 62.35
C PHE Q 287 8.29 9.41 63.57
N SER Q 288 7.88 8.17 63.81
CA SER Q 288 7.09 7.82 64.99
C SER Q 288 7.90 6.91 65.88
N THR Q 289 7.90 7.21 67.19
CA THR Q 289 8.75 6.48 68.12
C THR Q 289 8.40 5.00 68.17
N ASN Q 290 7.11 4.67 68.17
CA ASN Q 290 6.71 3.27 68.16
C ASN Q 290 7.03 2.60 66.83
N ASP Q 291 7.09 3.36 65.74
CA ASP Q 291 7.30 2.79 64.42
C ASP Q 291 8.76 2.68 64.01
N ILE Q 292 9.69 3.22 64.81
CA ILE Q 292 11.10 3.14 64.46
C ILE Q 292 11.61 1.70 64.42
N PRO Q 293 11.39 0.85 65.44
CA PRO Q 293 11.96 -0.51 65.37
C PRO Q 293 11.48 -1.33 64.18
N LEU Q 294 10.19 -1.24 63.84
CA LEU Q 294 9.65 -2.04 62.76
C LEU Q 294 10.23 -1.62 61.40
N MET Q 295 10.37 -0.31 61.18
CA MET Q 295 10.92 0.16 59.91
C MET Q 295 12.43 -0.04 59.85
N VAL Q 296 13.11 -0.01 61.00
CA VAL Q 296 14.55 -0.27 61.02
C VAL Q 296 14.82 -1.73 60.69
N LYS Q 297 14.07 -2.64 61.32
CA LYS Q 297 14.26 -4.06 61.05
C LYS Q 297 13.86 -4.41 59.62
N ASN Q 298 12.67 -3.97 59.20
CA ASN Q 298 12.16 -4.30 57.86
C ASN Q 298 12.63 -3.26 56.84
N ASN Q 299 13.95 -3.21 56.66
CA ASN Q 299 14.56 -2.31 55.70
C ASN Q 299 14.82 -3.07 54.41
N PRO Q 300 14.22 -2.67 53.28
CA PRO Q 300 14.40 -3.45 52.05
C PRO Q 300 15.84 -3.56 51.58
N LEU Q 301 16.65 -2.51 51.76
CA LEU Q 301 18.02 -2.55 51.28
C LEU Q 301 18.86 -3.53 52.11
N ASN Q 302 18.64 -3.56 53.43
CA ASN Q 302 19.36 -4.45 54.34
C ASN Q 302 18.30 -5.17 55.18
N GLU Q 303 17.76 -6.26 54.64
CA GLU Q 303 16.64 -6.93 55.31
C GLU Q 303 17.12 -7.76 56.49
N GLN Q 304 18.28 -8.41 56.39
CA GLN Q 304 18.78 -9.31 57.41
C GLN Q 304 20.24 -8.98 57.73
N PRO Q 305 20.50 -7.89 58.45
CA PRO Q 305 21.85 -7.67 58.97
C PRO Q 305 22.10 -8.45 60.24
N LYS Q 306 21.06 -8.62 61.04
CA LYS Q 306 21.15 -9.26 62.34
C LYS Q 306 19.79 -9.84 62.72
N LYS Q 307 19.79 -11.06 63.23
CA LYS Q 307 18.57 -11.73 63.69
C LYS Q 307 18.12 -11.22 65.04
N GLU Q 308 18.91 -10.37 65.70
CA GLU Q 308 18.65 -9.94 67.06
C GLU Q 308 18.39 -8.43 67.03
N ASN Q 309 17.14 -8.06 67.29
CA ASN Q 309 16.76 -6.64 67.35
C ASN Q 309 17.41 -5.93 68.53
N CYS Q 310 18.12 -4.85 68.26
CA CYS Q 310 18.83 -4.12 69.30
C CYS Q 310 17.88 -3.50 70.32
N TYR Q 311 16.67 -3.13 69.88
CA TYR Q 311 15.77 -2.37 70.74
C TYR Q 311 15.26 -3.21 71.92
N MET Q 312 14.83 -4.45 71.64
CA MET Q 312 14.30 -5.29 72.69
C MET Q 312 15.37 -5.63 73.73
N SER Q 313 16.58 -5.95 73.27
CA SER Q 313 17.66 -6.22 74.21
C SER Q 313 18.09 -4.97 74.94
N SER Q 314 17.97 -3.81 74.31
CA SER Q 314 18.25 -2.56 75.02
C SER Q 314 17.26 -2.34 76.16
N ILE Q 315 15.98 -2.63 75.91
CA ILE Q 315 14.98 -2.58 76.97
C ILE Q 315 15.31 -3.57 78.09
N ASN Q 316 15.70 -4.80 77.70
CA ASN Q 316 16.03 -5.82 78.69
C ASN Q 316 17.24 -5.40 79.52
N PHE Q 317 18.26 -4.83 78.87
CA PHE Q 317 19.44 -4.36 79.59
C PHE Q 317 19.08 -3.19 80.51
N TYR Q 318 18.19 -2.31 80.07
CA TYR Q 318 17.75 -1.21 80.92
C TYR Q 318 17.05 -1.74 82.16
N GLY Q 319 16.19 -2.73 82.00
CA GLY Q 319 15.57 -3.35 83.16
C GLY Q 319 16.58 -4.01 84.08
N ALA Q 320 17.56 -4.71 83.50
CA ALA Q 320 18.57 -5.38 84.32
C ALA Q 320 19.39 -4.36 85.11
N VAL Q 321 19.82 -3.27 84.46
CA VAL Q 321 20.63 -2.29 85.16
C VAL Q 321 19.81 -1.52 86.18
N VAL Q 322 18.53 -1.24 85.91
CA VAL Q 322 17.75 -0.49 86.89
C VAL Q 322 17.47 -1.35 88.12
N GLU Q 323 17.22 -2.66 87.94
CA GLU Q 323 17.06 -3.51 89.12
C GLU Q 323 18.39 -3.73 89.83
N TRP Q 324 19.50 -3.75 89.07
CA TRP Q 324 20.83 -3.81 89.69
C TRP Q 324 21.06 -2.60 90.58
N LEU Q 325 20.69 -1.42 90.11
CA LEU Q 325 20.77 -0.23 90.96
C LEU Q 325 19.77 -0.28 92.10
N ASN Q 326 18.61 -0.91 91.89
CA ASN Q 326 17.60 -0.98 92.93
C ASN Q 326 18.09 -1.77 94.14
N GLU Q 327 18.60 -2.99 93.90
CA GLU Q 327 19.13 -3.81 94.98
C GLU Q 327 20.66 -3.95 94.93
N SER Q 328 21.35 -2.86 94.59
CA SER Q 328 22.79 -2.78 94.73
C SER Q 328 23.26 -1.67 95.65
N VAL Q 329 22.38 -0.77 96.07
CA VAL Q 329 22.74 0.34 96.95
C VAL Q 329 21.80 0.33 98.15
N LYS Q 330 22.37 0.53 99.33
CA LYS Q 330 21.61 0.60 100.56
C LYS Q 330 21.36 2.06 100.95
N ASP Q 331 20.56 2.23 102.00
CA ASP Q 331 20.18 3.58 102.44
C ASP Q 331 21.38 4.31 103.02
N ASP Q 332 21.37 5.64 102.85
CA ASP Q 332 22.41 6.53 103.36
C ASP Q 332 23.79 6.13 102.86
N GLN Q 333 23.89 5.85 101.56
CA GLN Q 333 25.13 5.45 100.93
C GLN Q 333 25.36 6.28 99.66
N VAL Q 334 26.63 6.54 99.38
CA VAL Q 334 27.04 7.26 98.17
C VAL Q 334 27.94 6.34 97.37
N TRP Q 335 27.64 6.17 96.08
CA TRP Q 335 28.37 5.27 95.20
C TRP Q 335 28.79 6.02 93.94
N LYS Q 336 29.75 5.44 93.23
CA LYS Q 336 30.22 5.97 91.95
C LYS Q 336 30.27 4.85 90.93
N LEU Q 337 29.57 5.02 89.82
CA LEU Q 337 29.63 4.05 88.74
C LEU Q 337 30.30 4.68 87.52
N SER Q 338 30.89 3.83 86.68
CA SER Q 338 31.70 4.33 85.59
C SER Q 338 31.75 3.33 84.45
N TYR Q 339 32.02 3.87 83.26
CA TYR Q 339 32.29 3.10 82.06
C TYR Q 339 33.24 3.90 81.18
N ALA Q 340 34.26 3.22 80.65
CA ALA Q 340 35.30 3.86 79.85
C ALA Q 340 35.75 2.89 78.75
N LYS Q 341 36.80 3.27 78.02
CA LYS Q 341 37.31 2.43 76.95
C LYS Q 341 37.89 1.13 77.47
N ARG Q 342 38.58 1.17 78.61
CA ARG Q 342 39.38 0.04 79.05
C ARG Q 342 38.54 -1.21 79.36
N ASN Q 343 37.26 -1.03 79.69
CA ASN Q 343 36.45 -2.19 80.07
C ASN Q 343 35.92 -2.93 78.84
N ARG Q 344 35.07 -2.29 78.05
CA ARG Q 344 34.44 -2.83 76.85
C ARG Q 344 33.65 -4.11 77.11
N GLN Q 345 33.48 -4.50 78.37
CA GLN Q 345 32.77 -5.74 78.68
C GLN Q 345 31.77 -5.54 79.82
N TYR Q 346 32.03 -4.56 80.69
CA TYR Q 346 31.23 -4.41 81.89
C TYR Q 346 31.31 -2.98 82.39
N LEU Q 347 30.35 -2.64 83.25
CA LEU Q 347 30.31 -1.36 83.95
C LEU Q 347 30.77 -1.55 85.39
N VAL Q 348 31.54 -0.59 85.90
CA VAL Q 348 32.14 -0.70 87.22
C VAL Q 348 31.34 0.14 88.20
N LEU Q 349 31.17 -0.37 89.43
CA LEU Q 349 30.52 0.37 90.49
C LEU Q 349 31.33 0.22 91.77
N LYS Q 350 31.57 1.33 92.46
CA LYS Q 350 32.36 1.33 93.68
C LYS Q 350 31.67 2.17 94.74
N GLU Q 351 32.02 1.91 96.00
CA GLU Q 351 31.50 2.65 97.14
C GLU Q 351 32.62 3.52 97.70
N VAL Q 352 32.30 4.78 97.96
CA VAL Q 352 33.27 5.73 98.50
C VAL Q 352 33.15 5.77 100.02
N THR Q 353 34.30 5.71 100.70
CA THR Q 353 34.34 5.71 102.15
C THR Q 353 34.94 6.98 102.74
N ASP Q 354 35.51 7.86 101.92
CA ASP Q 354 36.08 9.10 102.42
C ASP Q 354 34.98 10.02 102.93
N GLU Q 355 35.14 10.52 104.15
CA GLU Q 355 34.12 11.39 104.74
C GLU Q 355 34.07 12.73 104.03
N ASN Q 356 35.23 13.33 103.76
CA ASN Q 356 35.26 14.63 103.09
C ASN Q 356 34.73 14.53 101.67
N GLU Q 357 35.12 13.47 100.94
CA GLU Q 357 34.63 13.29 99.57
C GLU Q 357 33.13 13.06 99.55
N LYS Q 358 32.62 12.23 100.47
CA LYS Q 358 31.18 12.00 100.55
C LYS Q 358 30.43 13.30 100.87
N GLN Q 359 30.95 14.07 101.82
CA GLN Q 359 30.30 15.32 102.20
C GLN Q 359 30.28 16.32 101.04
N GLN Q 360 31.40 16.45 100.33
CA GLN Q 360 31.44 17.39 99.22
C GLN Q 360 30.57 16.92 98.05
N ILE Q 361 30.49 15.60 97.82
CA ILE Q 361 29.60 15.09 96.78
C ILE Q 361 28.15 15.38 97.13
N VAL Q 362 27.77 15.16 98.39
CA VAL Q 362 26.41 15.45 98.83
C VAL Q 362 26.10 16.93 98.70
N ASP Q 363 27.04 17.78 99.12
CA ASP Q 363 26.82 19.23 99.05
C ASP Q 363 26.69 19.71 97.61
N SER Q 364 27.54 19.21 96.72
CA SER Q 364 27.47 19.61 95.31
C SER Q 364 26.35 18.91 94.55
N ALA Q 365 25.71 17.90 95.15
CA ALA Q 365 24.64 17.17 94.49
C ALA Q 365 23.25 17.61 94.94
N ILE Q 366 23.07 17.92 96.22
CA ILE Q 366 21.77 18.26 96.78
C ILE Q 366 21.86 19.68 97.34
N PRO Q 367 20.99 20.60 96.91
CA PRO Q 367 21.03 21.96 97.45
C PRO Q 367 20.51 22.01 98.88
N ALA Q 368 20.86 23.11 99.56
CA ALA Q 368 20.51 23.26 100.97
C ALA Q 368 19.00 23.36 101.18
N TRP Q 369 18.31 24.07 100.29
CA TRP Q 369 16.87 24.26 100.47
C TRP Q 369 16.11 22.94 100.36
N PHE Q 370 16.53 22.06 99.45
CA PHE Q 370 15.88 20.76 99.36
C PHE Q 370 16.11 19.94 100.64
N LYS Q 371 17.32 19.99 101.19
CA LYS Q 371 17.60 19.26 102.42
C LYS Q 371 16.77 19.79 103.58
N GLU Q 372 16.68 21.12 103.71
CA GLU Q 372 15.89 21.67 104.82
C GLU Q 372 14.40 21.41 104.64
N TRP Q 373 13.91 21.43 103.40
CA TRP Q 373 12.50 21.11 103.17
C TRP Q 373 12.22 19.64 103.48
N ARG Q 374 13.15 18.76 103.10
CA ARG Q 374 13.00 17.35 103.45
C ARG Q 374 13.00 17.14 104.96
N SER Q 375 13.86 17.85 105.67
CA SER Q 375 13.88 17.76 107.13
C SER Q 375 12.56 18.27 107.72
N GLU Q 376 12.02 19.36 107.17
CA GLU Q 376 10.73 19.87 107.64
C GLU Q 376 9.62 18.87 107.39
N LEU Q 377 9.64 18.21 106.23
CA LEU Q 377 8.62 17.20 105.91
C LEU Q 377 8.73 16.01 106.85
N ARG Q 378 9.96 15.58 107.14
CA ARG Q 378 10.15 14.47 108.08
C ARG Q 378 9.66 14.84 109.48
N ASN Q 379 9.92 16.08 109.91
CA ASN Q 379 9.43 16.53 111.21
C ASN Q 379 7.90 16.58 111.23
N SER Q 380 7.29 17.06 110.15
CA SER Q 380 5.85 17.16 110.07
C SER Q 380 5.22 15.84 109.60
ZN ZN R . -22.58 5.27 16.71
ZN ZN S . -51.62 -28.67 -4.35
MG MG T . 13.18 -0.98 -18.51
ZN ZN U . -27.38 -10.31 19.04
ZN ZN V . 35.60 38.73 4.72
ZN ZN W . 1.51 -14.24 -82.14
ZN ZN X . -44.22 -20.79 -70.84
ZN ZN Y . 36.33 22.29 -26.49
ZN ZN Z . -2.61 49.87 -22.46
#